data_7W1D
#
_entry.id   7W1D
#
_cell.length_a   363.945
_cell.length_b   239.626
_cell.length_c   121.632
_cell.angle_alpha   90.000
_cell.angle_beta   100.130
_cell.angle_gamma   90.000
#
_symmetry.space_group_name_H-M   'C 1 2 1'
#
loop_
_entity.id
_entity.type
_entity.pdbx_description
1 polymer 'K1 LYASE'
2 non-polymer 'CITRIC ACID'
3 non-polymer 'CARBONATE ION'
4 water water
#
_entity_poly.entity_id   1
_entity_poly.type   'polypeptide(L)'
_entity_poly.pdbx_seq_one_letter_code
;MGSSHHHHHHSSGLVPRGSHMALIRLVAPERVFSDLASMVAYPNFQVQDKITLLGSAGGDFTFTTTASVVDNGTVFAVPG
GYLLRKFVGPAYSSWFSNWTGIVTFMSAPNRHLVVDTVLQATSVLNIKSNSTLEFTDTGRILPDAAVARQVLNITGSAPS
VFVPLAADAAAGSKVITVAAGALSAVKGTYLYLRSNKLCDGGPNTYGVKISQIRKVVGVSTSGGVTSIRLDKTLHYNYYL
SDAAEVGIPTMVENVTLVSPYINEFGYDDLNRFFTIGISANFAADLHIQDGVIIGNKRPGASDIEGRSAIKFNNCVDSTV
KGTCFYNIGWYGVEVLGCSEDTEVHDIHAMDVRHAISLNWQSTADGDKWGEPIEFLGVNCEAYSTTQAGFDTHDIGKRVK
FVRCVSYDSAAAGFQARTNGVEYLNCRAYRAAMDGFASNTGVAFPIYRECLAYDNVRSGFNCSYGGGYVYDCEAHGSQNG
VRINGGRVKGGRYTRNSSSHIFVTKDVAETAQTSLEIDGVSMRYDGTGRAVYFHGTVGIDPTLVSMSNNDMTGHGLFWAL
LSGYTVQPTPPRMSRNLLDDTGIRGVATLVAGEATVNARVRGNFGSVANSFKWVSEVKLTRLTFPSSAGALTVTSVAQNQ
DVPTPNPDLNSFVIRSSNAADVSQVAWEVYL
;
_entity_poly.pdbx_strand_id   A,B,C,D,E,F,G,H,I,J,K,L
#
loop_
_chem_comp.id
_chem_comp.type
_chem_comp.name
_chem_comp.formula
CIT non-polymer 'CITRIC ACID' 'C6 H8 O7'
CO3 non-polymer 'CARBONATE ION' 'C O3 -2'
#
# COMPACT_ATOMS: atom_id res chain seq x y z
N GLU A 30 20.49 28.99 19.24
CA GLU A 30 19.50 28.50 18.24
C GLU A 30 20.19 28.43 16.87
N ARG A 31 20.85 27.30 16.61
CA ARG A 31 21.74 27.14 15.46
C ARG A 31 20.88 26.99 14.19
N VAL A 32 20.52 28.12 13.58
CA VAL A 32 19.58 28.14 12.46
C VAL A 32 20.17 28.77 11.20
N PHE A 33 20.25 27.97 10.14
CA PHE A 33 20.88 28.39 8.88
C PHE A 33 19.89 28.61 7.75
N SER A 34 20.25 29.52 6.85
CA SER A 34 19.39 29.92 5.74
C SER A 34 19.46 28.99 4.52
N ASP A 35 20.51 28.18 4.43
CA ASP A 35 20.67 27.23 3.31
C ASP A 35 21.75 26.16 3.64
N LEU A 36 22.15 25.38 2.66
CA LEU A 36 23.11 24.32 2.90
C LEU A 36 24.50 24.87 3.24
N ALA A 37 25.23 25.34 2.22
CA ALA A 37 26.61 25.85 2.37
C ALA A 37 26.91 26.40 3.77
N SER A 38 26.02 27.25 4.27
CA SER A 38 26.12 27.82 5.63
C SER A 38 26.27 26.75 6.70
N MET A 39 25.36 25.79 6.71
CA MET A 39 25.31 24.77 7.77
C MET A 39 26.61 23.92 7.83
N VAL A 40 27.36 23.92 6.73
CA VAL A 40 28.55 23.07 6.57
C VAL A 40 29.89 23.85 6.73
N ALA A 41 29.79 25.14 7.05
CA ALA A 41 30.97 25.98 7.31
C ALA A 41 31.12 26.39 8.82
N TYR A 42 30.16 26.02 9.65
CA TYR A 42 30.13 26.41 11.06
C TYR A 42 31.07 25.52 11.89
N PRO A 43 32.20 26.09 12.36
CA PRO A 43 33.16 25.30 13.15
C PRO A 43 32.71 24.97 14.58
N ASN A 44 31.66 25.62 15.04
CA ASN A 44 31.29 25.54 16.45
C ASN A 44 30.35 24.41 16.91
N PHE A 45 29.87 23.59 15.99
CA PHE A 45 28.91 22.56 16.39
C PHE A 45 29.43 21.83 17.61
N GLN A 46 28.53 21.52 18.52
CA GLN A 46 28.89 20.88 19.77
C GLN A 46 27.90 19.78 20.11
N VAL A 47 28.45 18.62 20.45
CA VAL A 47 27.73 17.42 20.98
C VAL A 47 26.18 17.47 21.18
N GLN A 48 25.63 18.57 21.70
CA GLN A 48 24.18 18.63 22.02
C GLN A 48 23.50 19.99 21.74
N ASP A 49 23.37 20.38 20.48
CA ASP A 49 22.69 21.64 20.17
C ASP A 49 21.41 21.40 19.40
N LYS A 50 20.78 22.50 19.00
CA LYS A 50 19.59 22.52 18.15
C LYS A 50 19.98 23.22 16.83
N ILE A 51 20.11 22.39 15.80
CA ILE A 51 20.51 22.81 14.47
C ILE A 51 19.27 22.67 13.62
N THR A 52 19.01 23.68 12.78
CA THR A 52 17.85 23.68 11.90
C THR A 52 18.24 24.25 10.55
N LEU A 53 17.69 23.65 9.50
CA LEU A 53 17.95 24.10 8.13
C LEU A 53 16.66 24.47 7.46
N LEU A 54 16.65 25.69 6.91
CA LEU A 54 15.54 26.21 6.12
C LEU A 54 15.87 26.00 4.65
N GLY A 55 14.87 26.14 3.81
CA GLY A 55 15.07 26.05 2.38
C GLY A 55 14.72 24.66 1.90
N SER A 56 14.96 24.43 0.61
CA SER A 56 14.50 23.20 -0.08
C SER A 56 14.99 21.88 0.52
N ALA A 57 16.12 21.86 1.22
CA ALA A 57 16.64 20.61 1.79
C ALA A 57 16.26 20.45 3.25
N GLY A 58 15.48 21.42 3.73
CA GLY A 58 15.04 21.55 5.14
C GLY A 58 15.02 20.36 6.08
N GLY A 59 15.21 20.62 7.36
CA GLY A 59 15.20 19.58 8.40
C GLY A 59 15.90 20.02 9.67
N ASP A 60 15.93 19.10 10.63
CA ASP A 60 16.59 19.30 11.93
C ASP A 60 17.76 18.32 12.07
N PHE A 61 18.86 18.79 12.69
CA PHE A 61 20.06 17.97 12.88
C PHE A 61 20.69 17.96 14.27
N THR A 62 21.43 16.87 14.50
CA THR A 62 22.21 16.64 15.68
C THR A 62 23.71 16.73 15.27
N PHE A 63 24.62 16.95 16.21
CA PHE A 63 26.08 16.92 15.90
C PHE A 63 26.73 15.71 16.55
N THR A 64 27.82 15.22 15.95
CA THR A 64 28.58 14.09 16.54
C THR A 64 29.92 13.88 15.84
N THR A 65 30.84 13.19 16.51
CA THR A 65 32.15 12.84 15.92
C THR A 65 32.28 11.37 15.57
N THR A 66 31.28 10.58 15.97
CA THR A 66 31.26 9.17 15.60
C THR A 66 31.23 8.98 14.07
N ALA A 67 32.10 8.08 13.57
CA ALA A 67 32.21 7.83 12.14
C ALA A 67 30.80 7.56 11.59
N SER A 68 30.51 8.28 10.53
CA SER A 68 29.24 8.21 9.82
C SER A 68 29.57 8.26 8.34
N VAL A 69 28.70 7.68 7.53
CA VAL A 69 28.94 7.62 6.09
C VAL A 69 28.26 8.78 5.31
N VAL A 70 29.03 9.75 4.87
CA VAL A 70 28.41 10.94 4.30
C VAL A 70 27.59 10.61 3.05
N ASP A 71 26.50 11.33 2.85
CA ASP A 71 25.68 11.17 1.65
C ASP A 71 24.99 12.46 1.28
N ASN A 72 25.34 13.53 1.96
CA ASN A 72 24.71 14.82 1.73
C ASN A 72 23.17 14.81 1.58
N GLY A 73 22.56 14.04 2.46
CA GLY A 73 21.12 13.91 2.54
C GLY A 73 20.80 13.71 4.00
N THR A 74 21.21 12.58 4.58
CA THR A 74 21.00 12.27 5.97
C THR A 74 22.27 12.44 6.80
N VAL A 75 23.43 12.41 6.14
CA VAL A 75 24.71 12.51 6.88
C VAL A 75 25.58 13.57 6.22
N PHE A 76 25.99 14.53 7.01
CA PHE A 76 26.78 15.65 6.49
C PHE A 76 28.13 15.82 7.16
N ALA A 77 29.15 16.11 6.34
CA ALA A 77 30.51 16.33 6.84
C ALA A 77 30.64 17.79 7.18
N VAL A 78 31.15 18.08 8.37
CA VAL A 78 31.40 19.46 8.78
C VAL A 78 32.61 19.57 9.67
N PRO A 79 33.21 20.78 9.69
CA PRO A 79 34.38 21.04 10.54
C PRO A 79 34.10 20.56 11.95
N GLY A 80 34.77 19.48 12.36
CA GLY A 80 34.64 18.91 13.70
C GLY A 80 34.04 17.52 13.74
N GLY A 81 33.32 17.15 12.69
CA GLY A 81 32.68 15.84 12.60
C GLY A 81 31.55 15.85 11.59
N TYR A 82 30.38 15.36 12.04
CA TYR A 82 29.23 15.35 11.16
C TYR A 82 27.91 15.77 11.78
N LEU A 83 27.01 16.21 10.90
CA LEU A 83 25.62 16.49 11.22
C LEU A 83 24.64 15.37 10.76
N LEU A 84 23.84 14.86 11.69
CA LEU A 84 22.89 13.79 11.38
C LEU A 84 21.49 14.37 11.29
N ARG A 85 20.77 14.06 10.21
CA ARG A 85 19.41 14.51 10.07
C ARG A 85 18.65 13.64 11.04
N LYS A 86 17.64 14.24 11.65
CA LYS A 86 16.76 13.53 12.59
C LYS A 86 15.41 13.35 11.92
N PHE A 87 14.94 12.09 11.98
CA PHE A 87 13.71 11.65 11.34
C PHE A 87 13.31 10.22 11.74
N VAL A 88 12.02 9.93 11.73
CA VAL A 88 11.58 8.55 11.79
C VAL A 88 10.93 8.31 10.44
N GLY A 89 10.56 7.08 10.18
CA GLY A 89 9.99 6.78 8.87
C GLY A 89 11.03 6.87 7.75
N PRO A 90 10.53 7.04 6.51
CA PRO A 90 11.42 6.92 5.41
C PRO A 90 12.19 8.21 5.17
N ALA A 91 13.18 8.14 4.31
CA ALA A 91 13.93 9.28 3.89
C ALA A 91 13.44 9.71 2.52
N TYR A 92 13.72 10.95 2.19
CA TYR A 92 13.18 11.48 0.97
C TYR A 92 14.30 11.88 -0.01
N SER A 93 14.14 11.61 -1.29
CA SER A 93 15.13 12.10 -2.23
C SER A 93 15.33 13.64 -2.16
N SER A 94 14.30 14.40 -1.87
CA SER A 94 14.46 15.85 -1.90
C SER A 94 15.43 16.30 -0.83
N TRP A 95 15.79 15.40 0.06
CA TRP A 95 16.70 15.77 1.13
C TRP A 95 18.16 15.83 0.65
N PHE A 96 18.42 15.20 -0.48
CA PHE A 96 19.80 14.91 -0.98
C PHE A 96 20.34 15.94 -1.97
N SER A 97 21.59 16.30 -1.81
CA SER A 97 22.29 17.21 -2.75
C SER A 97 22.46 16.69 -4.19
N ASN A 98 22.65 15.38 -4.37
CA ASN A 98 22.83 14.82 -5.72
C ASN A 98 22.71 13.34 -5.83
N TRP A 99 22.56 12.88 -7.05
CA TRP A 99 22.41 11.45 -7.36
C TRP A 99 23.39 10.56 -6.57
N THR A 100 24.60 11.07 -6.41
CA THR A 100 25.66 10.34 -5.71
C THR A 100 25.38 9.96 -4.23
N GLY A 101 24.81 10.87 -3.45
CA GLY A 101 24.43 10.59 -2.06
C GLY A 101 23.31 9.57 -2.01
N ILE A 102 22.44 9.62 -2.99
CA ILE A 102 21.32 8.73 -3.02
C ILE A 102 21.92 7.37 -3.13
N VAL A 103 22.84 7.25 -4.07
CA VAL A 103 23.50 5.98 -4.29
C VAL A 103 24.25 5.47 -3.05
N THR A 104 24.94 6.38 -2.41
CA THR A 104 25.54 6.05 -1.15
C THR A 104 24.48 5.60 -0.13
N PHE A 105 23.40 6.38 -0.02
CA PHE A 105 22.39 6.11 0.97
C PHE A 105 21.86 4.67 0.78
N MET A 106 21.47 4.35 -0.46
CA MET A 106 20.87 3.02 -0.76
C MET A 106 21.84 1.82 -0.75
N SER A 107 23.13 2.10 -0.70
CA SER A 107 24.15 1.05 -0.74
C SER A 107 24.31 0.30 0.61
N ALA A 108 23.57 0.71 1.64
CA ALA A 108 23.46 -0.06 2.89
C ALA A 108 22.12 -0.76 2.98
N PRO A 109 22.06 -1.86 3.71
CA PRO A 109 20.78 -2.56 3.81
C PRO A 109 19.87 -1.79 4.76
N ASN A 110 18.63 -2.24 4.90
CA ASN A 110 17.66 -1.62 5.79
C ASN A 110 17.46 -0.15 5.52
N ARG A 111 17.20 0.21 4.27
CA ARG A 111 16.93 1.57 3.89
C ARG A 111 15.58 1.72 3.28
N HIS A 112 14.88 2.80 3.61
CA HIS A 112 13.58 3.12 2.98
C HIS A 112 13.76 4.51 2.43
N LEU A 113 13.65 4.66 1.12
CA LEU A 113 13.74 5.97 0.45
C LEU A 113 12.51 6.34 -0.43
N VAL A 114 12.03 7.56 -0.31
CA VAL A 114 10.95 7.96 -1.13
C VAL A 114 11.53 8.95 -2.13
N VAL A 115 11.42 8.58 -3.41
CA VAL A 115 11.83 9.42 -4.53
C VAL A 115 10.70 10.36 -4.87
N ASP A 116 10.79 11.56 -4.31
CA ASP A 116 9.76 12.58 -4.46
C ASP A 116 10.26 13.71 -5.33
N THR A 117 11.26 13.41 -6.15
CA THR A 117 11.91 14.43 -6.96
C THR A 117 12.29 13.79 -8.24
N VAL A 118 12.77 14.56 -9.20
CA VAL A 118 13.22 13.95 -10.43
C VAL A 118 14.75 13.81 -10.35
N LEU A 119 15.22 12.60 -10.18
CA LEU A 119 16.60 12.29 -10.07
C LEU A 119 17.22 12.07 -11.41
N GLN A 120 18.42 12.60 -11.55
CA GLN A 120 19.16 12.49 -12.80
C GLN A 120 20.33 11.53 -12.54
N ALA A 121 20.23 10.29 -13.02
CA ALA A 121 21.28 9.29 -12.76
C ALA A 121 22.51 9.39 -13.65
N THR A 122 23.65 9.11 -13.04
CA THR A 122 24.93 9.06 -13.69
C THR A 122 25.69 7.79 -13.30
N SER A 123 25.06 6.90 -12.55
CA SER A 123 25.67 5.67 -12.15
C SER A 123 24.56 4.68 -11.93
N VAL A 124 24.93 3.44 -11.67
CA VAL A 124 23.98 2.45 -11.27
C VAL A 124 23.68 2.61 -9.80
N LEU A 125 22.40 2.45 -9.44
CA LEU A 125 21.94 2.49 -8.05
C LEU A 125 21.80 1.05 -7.64
N ASN A 126 22.47 0.64 -6.58
CA ASN A 126 22.34 -0.72 -6.06
C ASN A 126 21.55 -0.70 -4.79
N ILE A 127 20.64 -1.68 -4.70
CA ILE A 127 19.72 -1.76 -3.60
C ILE A 127 20.12 -2.99 -2.81
N LYS A 128 20.02 -2.87 -1.49
CA LYS A 128 20.39 -3.97 -0.65
C LYS A 128 19.23 -4.57 0.17
N SER A 129 19.53 -5.59 0.93
CA SER A 129 18.52 -6.33 1.64
C SER A 129 17.66 -5.44 2.49
N ASN A 130 16.43 -5.88 2.69
CA ASN A 130 15.50 -5.17 3.51
C ASN A 130 15.43 -3.71 3.19
N SER A 131 15.30 -3.42 1.92
CA SER A 131 15.11 -2.06 1.51
C SER A 131 13.85 -1.84 0.70
N THR A 132 13.47 -0.58 0.59
CA THR A 132 12.29 -0.17 -0.16
C THR A 132 12.60 1.15 -0.86
N LEU A 133 12.39 1.17 -2.14
CA LEU A 133 12.47 2.38 -2.91
C LEU A 133 11.07 2.66 -3.37
N GLU A 134 10.57 3.81 -2.98
CA GLU A 134 9.18 4.17 -3.23
C GLU A 134 9.11 5.49 -3.97
N PHE A 135 8.43 5.56 -5.12
CA PHE A 135 8.29 6.82 -5.86
C PHE A 135 6.94 7.49 -5.63
N THR A 136 6.89 8.81 -5.50
CA THR A 136 5.60 9.51 -5.41
C THR A 136 5.17 9.74 -6.82
N ASP A 137 3.98 10.28 -7.07
CA ASP A 137 3.49 10.41 -8.49
C ASP A 137 4.42 11.31 -9.36
N THR A 138 5.20 12.12 -8.64
CA THR A 138 6.16 13.07 -9.13
C THR A 138 7.59 12.48 -9.35
N GLY A 139 7.96 11.48 -8.57
CA GLY A 139 9.35 10.98 -8.60
C GLY A 139 9.75 10.25 -9.86
N ARG A 140 10.98 10.47 -10.28
CA ARG A 140 11.48 9.84 -11.50
C ARG A 140 12.98 9.51 -11.36
N ILE A 141 13.42 8.54 -12.09
CA ILE A 141 14.83 8.37 -12.20
C ILE A 141 15.06 8.48 -13.67
N LEU A 142 15.72 9.56 -14.08
CA LEU A 142 16.08 9.77 -15.51
C LEU A 142 17.50 9.25 -15.82
N PRO A 143 17.61 8.35 -16.77
CA PRO A 143 18.88 7.74 -17.03
C PRO A 143 19.88 8.73 -17.60
N ASP A 144 21.18 8.42 -17.49
CA ASP A 144 22.28 9.24 -18.03
C ASP A 144 22.19 9.33 -19.54
N ALA A 145 22.17 10.53 -20.07
CA ALA A 145 22.06 10.67 -21.53
C ALA A 145 23.43 10.51 -22.23
N ALA A 146 24.49 10.68 -21.45
CA ALA A 146 25.87 10.54 -21.88
C ALA A 146 26.34 9.11 -22.02
N VAL A 147 25.76 8.20 -21.25
CA VAL A 147 26.14 6.79 -21.27
C VAL A 147 24.90 5.96 -21.06
N ALA A 148 24.72 4.96 -21.91
CA ALA A 148 23.63 4.03 -21.72
C ALA A 148 24.11 2.94 -20.77
N ARG A 149 23.50 2.83 -19.60
CA ARG A 149 23.93 1.83 -18.64
C ARG A 149 22.70 1.26 -17.93
N GLN A 150 22.88 0.67 -16.75
CA GLN A 150 21.84 0.00 -16.06
C GLN A 150 21.40 0.99 -15.09
N VAL A 151 20.17 0.83 -14.61
CA VAL A 151 19.61 1.82 -13.74
C VAL A 151 19.56 1.31 -12.33
N LEU A 152 18.83 0.21 -12.08
CA LEU A 152 18.79 -0.33 -10.72
C LEU A 152 19.36 -1.71 -10.70
N ASN A 153 20.18 -1.98 -9.71
CA ASN A 153 20.65 -3.33 -9.51
C ASN A 153 20.28 -3.86 -8.11
N ILE A 154 19.81 -5.12 -8.09
CA ILE A 154 19.54 -5.84 -6.85
C ILE A 154 20.33 -7.10 -7.03
N THR A 155 21.54 -7.07 -6.52
CA THR A 155 22.44 -8.22 -6.78
C THR A 155 23.15 -8.83 -5.62
N GLY A 156 22.97 -10.12 -5.54
CA GLY A 156 23.71 -10.97 -4.62
C GLY A 156 24.78 -11.68 -5.44
N SER A 157 25.22 -12.82 -4.98
CA SER A 157 26.32 -13.51 -5.66
C SER A 157 26.38 -14.98 -5.40
N ALA A 158 26.95 -15.71 -6.32
CA ALA A 158 26.93 -17.15 -6.22
C ALA A 158 27.86 -17.59 -5.13
N PRO A 159 27.75 -18.83 -4.70
CA PRO A 159 28.62 -19.23 -3.63
C PRO A 159 30.08 -19.33 -4.08
N SER A 160 30.98 -18.88 -3.20
CA SER A 160 32.42 -18.80 -3.51
C SER A 160 33.02 -20.19 -3.47
N VAL A 161 32.45 -21.07 -2.66
CA VAL A 161 32.88 -22.45 -2.59
C VAL A 161 31.70 -23.39 -2.48
N PHE A 162 31.79 -24.55 -3.11
CA PHE A 162 30.81 -25.62 -2.91
C PHE A 162 31.33 -26.83 -2.09
N VAL A 163 30.47 -27.58 -1.44
CA VAL A 163 30.93 -28.86 -0.89
C VAL A 163 30.01 -29.85 -1.49
N PRO A 164 30.46 -31.09 -1.67
CA PRO A 164 29.60 -32.11 -2.25
C PRO A 164 28.58 -32.64 -1.27
N LEU A 165 27.50 -33.21 -1.81
CA LEU A 165 26.49 -33.85 -0.95
C LEU A 165 27.07 -35.17 -0.41
N ALA A 166 26.68 -35.52 0.80
CA ALA A 166 27.17 -36.72 1.40
C ALA A 166 26.46 -37.89 0.82
N ALA A 167 25.20 -37.72 0.46
CA ALA A 167 24.43 -38.82 -0.16
C ALA A 167 23.49 -38.29 -1.22
N ASP A 168 23.05 -39.16 -2.13
CA ASP A 168 22.04 -38.75 -3.11
C ASP A 168 20.78 -38.25 -2.46
N ALA A 169 20.21 -37.21 -3.08
CA ALA A 169 18.96 -36.58 -2.64
C ALA A 169 17.99 -36.60 -3.78
N ALA A 170 16.97 -37.42 -3.66
CA ALA A 170 16.01 -37.60 -4.73
C ALA A 170 14.96 -36.46 -4.79
N ALA A 171 14.37 -36.28 -5.96
CA ALA A 171 13.27 -35.32 -6.09
C ALA A 171 12.25 -35.57 -5.00
N GLY A 172 11.72 -34.52 -4.39
CA GLY A 172 10.89 -34.64 -3.24
C GLY A 172 11.61 -34.58 -1.91
N SER A 173 12.94 -34.57 -1.87
CA SER A 173 13.65 -34.54 -0.56
C SER A 173 13.41 -33.26 0.20
N LYS A 174 13.14 -33.41 1.48
CA LYS A 174 13.00 -32.29 2.40
C LYS A 174 14.38 -31.93 2.96
N VAL A 175 15.34 -32.79 2.72
CA VAL A 175 16.61 -32.70 3.40
C VAL A 175 17.70 -33.00 2.44
N ILE A 176 18.85 -32.39 2.70
CA ILE A 176 20.13 -32.78 2.09
C ILE A 176 21.18 -32.99 3.18
N THR A 177 22.18 -33.82 2.87
CA THR A 177 23.28 -34.11 3.84
C THR A 177 24.64 -33.78 3.34
N VAL A 178 25.45 -33.22 4.20
CA VAL A 178 26.83 -32.98 3.86
C VAL A 178 27.67 -33.43 5.00
N ALA A 179 28.95 -33.65 4.72
CA ALA A 179 29.88 -34.04 5.77
C ALA A 179 29.91 -32.98 6.92
N ALA A 180 29.90 -33.47 8.17
CA ALA A 180 29.95 -32.60 9.32
C ALA A 180 31.12 -31.62 9.27
N GLY A 181 30.89 -30.40 9.68
CA GLY A 181 31.91 -29.39 9.53
C GLY A 181 31.98 -28.87 8.11
N ALA A 182 31.42 -29.57 7.12
CA ALA A 182 31.73 -29.21 5.72
C ALA A 182 31.41 -27.75 5.39
N LEU A 183 30.27 -27.25 5.86
CA LEU A 183 29.87 -25.84 5.63
C LEU A 183 28.99 -25.44 6.79
N SER A 184 28.88 -24.16 7.08
CA SER A 184 28.00 -23.80 8.18
C SER A 184 26.61 -23.43 7.61
N ALA A 185 25.57 -24.22 7.94
CA ALA A 185 24.21 -23.92 7.46
C ALA A 185 23.48 -23.13 8.55
N VAL A 186 23.29 -21.85 8.37
CA VAL A 186 22.64 -21.02 9.38
C VAL A 186 21.17 -20.97 9.05
N LYS A 187 20.33 -21.23 10.03
CA LYS A 187 18.91 -21.26 9.81
C LYS A 187 18.39 -19.91 9.38
N GLY A 188 17.61 -19.89 8.30
CA GLY A 188 17.11 -18.64 7.76
C GLY A 188 17.87 -18.10 6.56
N THR A 189 18.88 -18.83 6.12
CA THR A 189 19.70 -18.35 5.06
C THR A 189 19.51 -19.29 3.91
N TYR A 190 20.20 -19.09 2.79
CA TYR A 190 19.96 -19.93 1.64
C TYR A 190 21.10 -20.86 1.28
N LEU A 191 20.78 -21.77 0.39
CA LEU A 191 21.72 -22.64 -0.18
C LEU A 191 21.49 -22.64 -1.68
N TYR A 192 22.57 -22.83 -2.44
CA TYR A 192 22.51 -22.99 -3.87
C TYR A 192 23.02 -24.40 -4.13
N LEU A 193 22.18 -25.25 -4.70
CA LEU A 193 22.53 -26.62 -5.00
C LEU A 193 22.62 -26.75 -6.49
N ARG A 194 23.52 -27.63 -6.98
CA ARG A 194 23.67 -27.89 -8.41
C ARG A 194 24.31 -29.20 -8.62
N SER A 195 24.26 -29.67 -9.85
CA SER A 195 24.75 -30.97 -10.22
C SER A 195 25.03 -30.86 -11.70
N ASN A 196 25.56 -31.89 -12.32
CA ASN A 196 25.83 -31.84 -13.74
C ASN A 196 24.67 -32.38 -14.51
N LYS A 197 23.55 -32.61 -13.84
CA LYS A 197 22.39 -33.14 -14.55
C LYS A 197 21.92 -32.03 -15.43
N LEU A 198 21.43 -32.38 -16.62
CA LEU A 198 20.88 -31.37 -17.53
C LEU A 198 19.46 -31.06 -17.15
N CYS A 199 19.13 -29.76 -17.23
CA CYS A 199 17.79 -29.28 -17.04
C CYS A 199 16.92 -30.06 -17.98
N ASP A 200 15.71 -30.34 -17.52
CA ASP A 200 14.79 -31.30 -18.16
C ASP A 200 13.43 -30.76 -18.57
N GLY A 201 13.15 -29.50 -18.29
CA GLY A 201 11.93 -28.80 -18.75
C GLY A 201 11.62 -28.80 -20.25
N GLY A 202 12.65 -28.66 -21.05
CA GLY A 202 12.43 -28.67 -22.49
C GLY A 202 13.69 -29.17 -23.16
N PRO A 203 13.76 -29.01 -24.47
CA PRO A 203 14.90 -29.52 -25.25
C PRO A 203 16.32 -29.11 -24.74
N ASN A 204 16.43 -27.99 -24.05
CA ASN A 204 17.69 -27.60 -23.45
C ASN A 204 18.85 -27.88 -24.38
N THR A 205 18.84 -27.19 -25.53
CA THR A 205 19.93 -27.39 -26.50
C THR A 205 21.28 -26.83 -26.05
N TYR A 206 21.31 -25.75 -25.31
CA TYR A 206 22.60 -25.28 -24.84
C TYR A 206 23.20 -26.22 -23.72
N GLY A 207 22.41 -27.22 -23.28
CA GLY A 207 22.84 -28.14 -22.24
C GLY A 207 23.13 -27.46 -20.93
N VAL A 208 22.24 -26.59 -20.53
CA VAL A 208 22.27 -25.97 -19.20
C VAL A 208 22.08 -26.98 -18.05
N LYS A 209 22.77 -26.78 -16.94
CA LYS A 209 22.70 -27.79 -15.89
C LYS A 209 21.79 -27.34 -14.74
N ILE A 210 21.39 -28.27 -13.90
CA ILE A 210 20.38 -27.94 -12.87
C ILE A 210 20.97 -27.29 -11.67
N SER A 211 20.21 -26.40 -11.10
CA SER A 211 20.52 -25.79 -9.84
C SER A 211 19.21 -25.39 -9.19
N GLN A 212 19.27 -25.02 -7.92
CA GLN A 212 18.12 -24.56 -7.22
C GLN A 212 18.51 -23.84 -5.96
N ILE A 213 17.74 -22.87 -5.54
CA ILE A 213 18.05 -22.17 -4.34
C ILE A 213 17.02 -22.48 -3.29
N ARG A 214 17.49 -22.79 -2.09
CA ARG A 214 16.64 -23.24 -1.00
C ARG A 214 16.97 -22.59 0.29
N LYS A 215 15.99 -22.46 1.18
CA LYS A 215 16.18 -21.82 2.48
C LYS A 215 16.35 -22.90 3.56
N VAL A 216 17.29 -22.70 4.49
CA VAL A 216 17.54 -23.67 5.55
C VAL A 216 16.56 -23.39 6.62
N VAL A 217 15.84 -24.41 7.01
CA VAL A 217 14.88 -24.23 8.08
C VAL A 217 15.13 -25.13 9.29
N GLY A 218 16.06 -26.08 9.14
CA GLY A 218 16.35 -27.04 10.19
C GLY A 218 17.73 -27.61 9.92
N VAL A 219 18.51 -27.78 10.99
CA VAL A 219 19.83 -28.33 10.87
C VAL A 219 20.09 -29.29 12.02
N SER A 220 20.60 -30.46 11.71
CA SER A 220 20.98 -31.38 12.74
C SER A 220 22.18 -32.27 12.31
N THR A 221 23.14 -32.43 13.22
CA THR A 221 24.35 -33.22 12.97
C THR A 221 24.43 -34.52 13.75
N SER A 222 24.84 -35.59 13.11
CA SER A 222 24.94 -36.82 13.82
C SER A 222 25.73 -37.91 13.07
N GLY A 223 26.74 -38.49 13.71
CA GLY A 223 27.52 -39.55 13.07
C GLY A 223 28.32 -39.00 11.92
N GLY A 224 28.90 -37.82 12.12
CA GLY A 224 29.75 -37.20 11.10
C GLY A 224 28.99 -36.67 9.90
N VAL A 225 27.65 -36.68 9.97
CA VAL A 225 26.86 -36.13 8.88
C VAL A 225 25.81 -35.14 9.33
N THR A 226 25.89 -33.95 8.74
CA THR A 226 24.90 -32.91 8.91
C THR A 226 23.72 -33.03 7.94
N SER A 227 22.52 -32.95 8.50
CA SER A 227 21.28 -33.01 7.73
C SER A 227 20.65 -31.64 7.73
N ILE A 228 20.51 -31.10 6.54
CA ILE A 228 19.92 -29.78 6.44
C ILE A 228 18.48 -29.89 5.97
N ARG A 229 17.56 -29.29 6.71
CA ARG A 229 16.19 -29.27 6.24
C ARG A 229 15.87 -28.02 5.48
N LEU A 230 15.20 -28.24 4.37
CA LEU A 230 14.86 -27.17 3.50
C LEU A 230 13.40 -26.70 3.66
N ASP A 231 13.18 -25.43 3.35
CA ASP A 231 11.86 -24.90 3.25
C ASP A 231 11.05 -25.67 2.19
N LYS A 232 11.55 -25.83 0.99
CA LYS A 232 10.77 -26.47 -0.02
C LYS A 232 11.56 -27.65 -0.48
N THR A 233 10.90 -28.58 -1.09
CA THR A 233 11.53 -29.79 -1.50
C THR A 233 12.35 -29.58 -2.78
N LEU A 234 13.13 -30.59 -3.16
CA LEU A 234 14.00 -30.59 -4.29
C LEU A 234 13.24 -31.04 -5.53
N HIS A 235 13.45 -30.41 -6.69
CA HIS A 235 12.64 -30.79 -7.83
C HIS A 235 13.36 -31.56 -8.84
N TYR A 236 14.56 -31.96 -8.48
CA TYR A 236 15.34 -32.84 -9.33
C TYR A 236 16.02 -33.90 -8.48
N ASN A 237 16.64 -34.85 -9.17
CA ASN A 237 17.53 -35.77 -8.54
C ASN A 237 18.93 -35.22 -8.46
N TYR A 238 19.37 -34.98 -7.23
CA TYR A 238 20.77 -34.64 -6.97
C TYR A 238 21.59 -35.88 -6.63
N TYR A 239 22.23 -36.42 -7.64
CA TYR A 239 23.04 -37.60 -7.49
C TYR A 239 24.54 -37.27 -7.32
N LEU A 240 25.25 -38.17 -6.63
CA LEU A 240 26.70 -38.11 -6.42
C LEU A 240 27.42 -38.38 -7.72
N SER A 241 26.89 -39.35 -8.47
CA SER A 241 27.38 -39.60 -9.79
C SER A 241 27.33 -38.34 -10.68
N ASP A 242 26.59 -37.32 -10.25
CA ASP A 242 26.48 -36.07 -11.01
C ASP A 242 27.23 -34.97 -10.29
N ALA A 243 27.97 -35.30 -9.25
CA ALA A 243 28.81 -34.25 -8.62
C ALA A 243 27.94 -33.24 -7.94
N ALA A 244 26.81 -33.73 -7.44
CA ALA A 244 25.90 -32.87 -6.68
C ALA A 244 26.65 -32.19 -5.60
N GLU A 245 26.53 -30.88 -5.55
CA GLU A 245 27.23 -30.08 -4.59
C GLU A 245 26.34 -28.92 -4.14
N VAL A 246 26.76 -28.20 -3.13
CA VAL A 246 25.90 -27.18 -2.56
C VAL A 246 26.77 -26.13 -1.94
N GLY A 247 26.32 -24.90 -1.97
CA GLY A 247 27.12 -23.80 -1.43
C GLY A 247 26.27 -22.68 -0.89
N ILE A 248 26.90 -21.74 -0.23
CA ILE A 248 26.16 -20.67 0.38
C ILE A 248 26.18 -19.33 -0.42
N PRO A 249 25.14 -19.08 -1.23
CA PRO A 249 25.11 -17.87 -2.01
C PRO A 249 24.89 -16.75 -1.10
N THR A 250 25.21 -15.55 -1.54
CA THR A 250 24.92 -14.35 -0.83
C THR A 250 23.70 -13.75 -1.47
N MET A 251 22.58 -13.72 -0.77
CA MET A 251 21.31 -13.25 -1.40
C MET A 251 21.02 -11.82 -0.98
N VAL A 252 20.29 -11.13 -1.84
CA VAL A 252 19.71 -9.82 -1.41
C VAL A 252 18.23 -10.01 -1.21
N GLU A 253 17.79 -9.81 0.03
CA GLU A 253 16.42 -10.19 0.40
C GLU A 253 15.47 -9.07 0.85
N ASN A 254 14.21 -9.20 0.45
CA ASN A 254 13.13 -8.28 0.86
C ASN A 254 13.28 -6.90 0.35
N VAL A 255 13.22 -6.80 -0.95
CA VAL A 255 13.31 -5.54 -1.56
C VAL A 255 12.04 -5.28 -2.25
N THR A 256 11.59 -4.09 -2.02
CA THR A 256 10.32 -3.68 -2.57
C THR A 256 10.52 -2.39 -3.36
N LEU A 257 10.05 -2.41 -4.60
CA LEU A 257 10.08 -1.24 -5.42
C LEU A 257 8.63 -0.92 -5.65
N VAL A 258 8.27 0.23 -5.16
CA VAL A 258 6.94 0.72 -5.30
C VAL A 258 6.79 1.82 -6.38
N SER A 259 6.13 1.52 -7.49
CA SER A 259 5.89 2.49 -8.60
C SER A 259 7.12 3.08 -9.19
N PRO A 260 8.06 2.27 -9.62
CA PRO A 260 9.23 2.89 -10.13
C PRO A 260 8.93 3.56 -11.52
N TYR A 261 9.41 4.81 -11.69
CA TYR A 261 9.33 5.56 -12.94
C TYR A 261 10.73 5.73 -13.45
N ILE A 262 11.06 4.96 -14.46
CA ILE A 262 12.34 4.98 -15.09
C ILE A 262 12.21 5.52 -16.49
N ASN A 263 12.80 6.68 -16.68
CA ASN A 263 12.78 7.46 -17.89
C ASN A 263 11.46 8.17 -17.99
N GLU A 264 11.21 8.87 -19.09
CA GLU A 264 9.99 9.63 -19.32
C GLU A 264 9.82 9.85 -20.81
N PHE A 265 8.59 10.08 -21.25
CA PHE A 265 8.30 10.26 -22.66
C PHE A 265 9.01 11.50 -23.10
N GLY A 266 9.37 11.54 -24.39
CA GLY A 266 10.35 12.52 -24.87
C GLY A 266 11.84 12.12 -24.79
N TYR A 267 12.13 11.01 -24.11
CA TYR A 267 13.50 10.53 -23.96
C TYR A 267 14.24 10.43 -25.30
N ASP A 268 13.54 10.09 -26.35
CA ASP A 268 14.19 9.84 -27.61
C ASP A 268 14.67 11.07 -28.30
N ASP A 269 14.06 12.21 -27.98
CA ASP A 269 14.49 13.48 -28.57
C ASP A 269 15.70 14.02 -27.82
N LEU A 270 16.02 13.46 -26.64
CA LEU A 270 17.20 13.83 -25.86
C LEU A 270 18.24 12.76 -25.97
N ASN A 271 17.96 11.77 -26.82
CA ASN A 271 18.81 10.56 -26.95
C ASN A 271 19.20 9.93 -25.61
N ARG A 272 18.22 9.76 -24.72
CA ARG A 272 18.46 9.33 -23.35
C ARG A 272 17.98 7.89 -23.22
N PHE A 273 18.89 6.95 -23.01
CA PHE A 273 18.50 5.60 -22.87
C PHE A 273 19.17 4.93 -21.73
N PHE A 274 18.99 3.63 -21.65
CA PHE A 274 19.60 2.84 -20.62
C PHE A 274 19.67 1.47 -21.24
N THR A 275 20.28 0.52 -20.52
CA THR A 275 20.44 -0.87 -21.00
C THR A 275 19.37 -1.73 -20.38
N ILE A 276 19.53 -2.07 -19.12
CA ILE A 276 18.61 -2.88 -18.38
C ILE A 276 18.02 -2.01 -17.31
N GLY A 277 16.72 -2.05 -17.14
CA GLY A 277 16.11 -1.08 -16.23
C GLY A 277 16.32 -1.47 -14.79
N ILE A 278 15.94 -2.71 -14.49
CA ILE A 278 16.01 -3.23 -13.14
C ILE A 278 16.52 -4.63 -13.30
N SER A 279 17.68 -4.86 -12.73
CA SER A 279 18.34 -6.12 -12.97
C SER A 279 18.66 -6.76 -11.66
N ALA A 280 18.16 -7.98 -11.52
CA ALA A 280 18.32 -8.71 -10.29
C ALA A 280 18.93 -10.04 -10.49
N ASN A 281 19.75 -10.36 -9.52
CA ASN A 281 20.44 -11.63 -9.49
C ASN A 281 20.63 -12.07 -8.01
N PHE A 282 20.28 -13.34 -7.78
CA PHE A 282 20.34 -13.90 -6.42
C PHE A 282 19.58 -13.01 -5.50
N ALA A 283 18.35 -12.72 -5.88
CA ALA A 283 17.44 -12.02 -4.99
C ALA A 283 16.32 -12.94 -4.57
N ALA A 284 15.87 -12.72 -3.32
CA ALA A 284 14.75 -13.44 -2.72
C ALA A 284 13.71 -12.45 -2.23
N ASP A 285 12.45 -12.71 -2.56
CA ASP A 285 11.36 -11.79 -2.19
C ASP A 285 11.52 -10.39 -2.71
N LEU A 286 11.82 -10.29 -3.99
CA LEU A 286 11.93 -9.02 -4.64
C LEU A 286 10.58 -8.76 -5.19
N HIS A 287 10.02 -7.63 -4.84
CA HIS A 287 8.70 -7.29 -5.38
C HIS A 287 8.65 -5.91 -6.03
N ILE A 288 8.28 -5.87 -7.30
CA ILE A 288 8.06 -4.62 -7.99
C ILE A 288 6.56 -4.40 -8.18
N GLN A 289 6.06 -3.29 -7.67
CA GLN A 289 4.65 -2.94 -7.78
C GLN A 289 4.36 -1.75 -8.76
N ASP A 290 3.51 -1.99 -9.74
CA ASP A 290 3.11 -0.91 -10.66
C ASP A 290 4.35 -0.24 -11.33
N GLY A 291 4.30 1.06 -11.51
CA GLY A 291 5.40 1.81 -12.13
C GLY A 291 5.42 1.85 -13.63
N VAL A 292 6.24 2.70 -14.20
CA VAL A 292 6.43 2.76 -15.66
C VAL A 292 7.91 2.70 -16.07
N ILE A 293 8.22 1.91 -17.11
CA ILE A 293 9.55 1.87 -17.65
C ILE A 293 9.50 2.08 -19.14
N ILE A 294 10.16 3.16 -19.58
CA ILE A 294 10.16 3.58 -20.99
C ILE A 294 11.55 3.76 -21.64
N GLY A 295 11.64 3.36 -22.91
CA GLY A 295 12.66 3.90 -23.82
C GLY A 295 14.09 3.56 -23.49
N ASN A 296 14.41 2.30 -23.73
CA ASN A 296 15.77 1.88 -23.81
C ASN A 296 16.01 1.57 -25.30
N LYS A 297 15.04 1.99 -26.11
CA LYS A 297 15.06 1.91 -27.58
C LYS A 297 14.22 3.02 -28.20
N ARG A 298 14.47 3.37 -29.43
CA ARG A 298 13.73 4.45 -30.04
C ARG A 298 12.40 3.86 -30.37
N PRO A 299 11.38 4.70 -30.43
CA PRO A 299 10.03 4.25 -30.68
C PRO A 299 9.86 3.48 -31.93
N GLY A 300 9.34 2.27 -31.87
CA GLY A 300 9.21 1.44 -33.10
C GLY A 300 10.49 0.90 -33.67
N ALA A 301 11.64 1.20 -33.02
CA ALA A 301 12.92 0.90 -33.57
C ALA A 301 13.13 -0.57 -33.50
N SER A 302 14.23 -1.07 -34.10
CA SER A 302 14.56 -2.51 -33.98
C SER A 302 15.14 -2.82 -32.61
N ASP A 303 15.27 -4.11 -32.31
CA ASP A 303 15.79 -4.60 -31.04
C ASP A 303 17.30 -4.54 -30.78
N ILE A 304 17.63 -4.49 -29.52
CA ILE A 304 18.97 -4.42 -29.01
C ILE A 304 19.14 -5.56 -27.94
N GLU A 305 20.02 -6.52 -28.22
CA GLU A 305 20.18 -7.69 -27.37
C GLU A 305 20.50 -7.40 -25.95
N GLY A 306 19.79 -8.05 -25.05
CA GLY A 306 19.95 -7.89 -23.60
C GLY A 306 19.34 -6.68 -22.91
N ARG A 307 18.75 -5.79 -23.70
CA ARG A 307 18.14 -4.59 -23.14
C ARG A 307 16.73 -4.85 -22.59
N SER A 308 16.62 -5.74 -21.62
CA SER A 308 15.34 -6.07 -21.03
C SER A 308 15.00 -5.05 -19.96
N ALA A 309 13.74 -4.68 -19.85
CA ALA A 309 13.33 -3.68 -18.83
C ALA A 309 13.55 -4.17 -17.39
N ILE A 310 13.11 -5.41 -17.11
CA ILE A 310 13.28 -6.05 -15.81
C ILE A 310 13.88 -7.42 -16.06
N LYS A 311 14.89 -7.75 -15.28
CA LYS A 311 15.54 -9.06 -15.44
C LYS A 311 15.72 -9.82 -14.14
N PHE A 312 15.22 -11.05 -14.07
CA PHE A 312 15.28 -11.83 -12.84
C PHE A 312 16.15 -13.01 -13.12
N ASN A 313 17.29 -13.01 -12.45
CA ASN A 313 18.22 -14.10 -12.59
C ASN A 313 18.47 -14.73 -11.24
N ASN A 314 18.20 -16.03 -11.16
CA ASN A 314 18.30 -16.80 -9.92
C ASN A 314 17.62 -16.06 -8.79
N CYS A 315 16.37 -15.72 -9.03
CA CYS A 315 15.59 -15.03 -8.02
C CYS A 315 14.53 -15.94 -7.53
N VAL A 316 14.23 -15.88 -6.26
CA VAL A 316 13.22 -16.76 -5.69
C VAL A 316 12.08 -15.98 -5.05
N ASP A 317 10.87 -16.46 -5.30
CA ASP A 317 9.69 -15.88 -4.66
C ASP A 317 9.57 -14.38 -4.96
N SER A 318 9.74 -14.01 -6.22
CA SER A 318 9.77 -12.61 -6.53
C SER A 318 8.74 -12.39 -7.59
N THR A 319 8.31 -11.14 -7.73
CA THR A 319 7.15 -10.87 -8.57
C THR A 319 7.13 -9.49 -9.19
N VAL A 320 6.38 -9.38 -10.26
CA VAL A 320 6.17 -8.05 -10.84
C VAL A 320 4.71 -7.88 -11.04
N LYS A 321 4.13 -6.83 -10.51
CA LYS A 321 2.67 -6.62 -10.62
C LYS A 321 2.33 -5.27 -11.07
N GLY A 322 1.57 -5.19 -12.15
CA GLY A 322 1.01 -3.95 -12.67
C GLY A 322 1.86 -2.94 -13.41
N THR A 323 3.13 -3.25 -13.64
CA THR A 323 4.07 -2.32 -14.20
C THR A 323 3.78 -2.12 -15.69
N CYS A 324 4.01 -0.93 -16.21
CA CYS A 324 3.76 -0.65 -17.61
C CYS A 324 5.12 -0.55 -18.33
N PHE A 325 5.23 -1.11 -19.52
CA PHE A 325 6.46 -1.06 -20.34
C PHE A 325 6.24 -0.41 -21.70
N TYR A 326 7.08 0.58 -22.03
CA TYR A 326 7.02 1.18 -23.35
C TYR A 326 8.37 1.24 -24.03
N ASN A 327 8.42 0.82 -25.29
CA ASN A 327 9.60 1.06 -26.12
C ASN A 327 10.83 0.45 -25.50
N ILE A 328 10.87 -0.88 -25.54
CA ILE A 328 11.87 -1.65 -24.88
C ILE A 328 12.65 -2.43 -25.94
N GLY A 329 13.95 -2.35 -25.86
CA GLY A 329 14.75 -3.01 -26.89
C GLY A 329 14.72 -4.53 -26.84
N TRP A 330 14.58 -5.08 -25.64
CA TRP A 330 14.63 -6.53 -25.52
C TRP A 330 13.31 -7.02 -24.94
N TYR A 331 13.34 -7.66 -23.77
CA TYR A 331 12.18 -8.19 -23.17
C TYR A 331 11.68 -7.32 -22.02
N GLY A 332 10.37 -7.42 -21.78
CA GLY A 332 9.72 -6.65 -20.72
C GLY A 332 10.21 -7.20 -19.42
N VAL A 333 9.84 -8.47 -19.17
CA VAL A 333 10.33 -9.23 -18.02
C VAL A 333 11.03 -10.47 -18.50
N GLU A 334 12.31 -10.56 -18.14
CA GLU A 334 13.15 -11.66 -18.49
C GLU A 334 13.35 -12.46 -17.24
N VAL A 335 13.11 -13.75 -17.33
CA VAL A 335 13.30 -14.59 -16.17
C VAL A 335 14.25 -15.68 -16.56
N LEU A 336 15.38 -15.74 -15.88
CA LEU A 336 16.38 -16.77 -16.22
C LEU A 336 17.08 -17.35 -15.00
N GLY A 337 17.76 -18.46 -15.19
CA GLY A 337 18.53 -19.05 -14.11
C GLY A 337 17.63 -19.98 -13.36
N CYS A 338 17.87 -20.17 -12.07
CA CYS A 338 16.98 -21.09 -11.39
C CYS A 338 15.95 -20.29 -10.62
N SER A 339 15.40 -19.31 -11.27
CA SER A 339 14.37 -18.50 -10.64
C SER A 339 13.18 -19.42 -10.38
N GLU A 340 12.76 -19.51 -9.15
CA GLU A 340 11.69 -20.40 -8.76
C GLU A 340 10.60 -19.58 -8.06
N ASP A 341 9.35 -19.89 -8.43
CA ASP A 341 8.19 -19.28 -7.82
C ASP A 341 8.12 -17.84 -8.20
N THR A 342 8.26 -17.57 -9.47
CA THR A 342 8.14 -16.21 -9.97
C THR A 342 6.78 -15.95 -10.55
N GLU A 343 6.27 -14.77 -10.30
CA GLU A 343 4.96 -14.45 -10.81
C GLU A 343 4.95 -13.07 -11.41
N VAL A 344 4.24 -12.91 -12.50
CA VAL A 344 4.04 -11.60 -13.13
C VAL A 344 2.54 -11.40 -13.34
N HIS A 345 2.03 -10.32 -12.76
CA HIS A 345 0.59 -9.97 -12.89
C HIS A 345 0.30 -8.59 -13.47
N ASP A 346 -0.75 -8.56 -14.28
CA ASP A 346 -1.36 -7.32 -14.73
C ASP A 346 -0.36 -6.34 -15.35
N ILE A 347 0.55 -6.78 -16.20
CA ILE A 347 1.47 -5.82 -16.81
C ILE A 347 0.95 -5.48 -18.18
N HIS A 348 1.37 -4.31 -18.64
CA HIS A 348 1.02 -3.82 -19.96
C HIS A 348 2.29 -3.40 -20.67
N ALA A 349 2.57 -4.07 -21.78
CA ALA A 349 3.78 -3.89 -22.54
C ALA A 349 3.42 -3.53 -23.99
N MET A 350 3.99 -2.43 -24.45
CA MET A 350 3.75 -1.87 -25.77
C MET A 350 5.12 -1.63 -26.46
N ASP A 351 5.38 -2.22 -27.63
CA ASP A 351 6.59 -1.96 -28.42
C ASP A 351 7.79 -2.53 -27.67
N VAL A 352 7.79 -3.86 -27.56
CA VAL A 352 8.81 -4.56 -26.81
C VAL A 352 9.05 -5.83 -27.59
N ARG A 353 10.11 -6.55 -27.28
CA ARG A 353 10.43 -7.73 -28.08
C ARG A 353 9.48 -8.88 -27.70
N HIS A 354 9.39 -9.10 -26.41
CA HIS A 354 8.57 -10.10 -25.79
C HIS A 354 8.14 -9.40 -24.49
N ALA A 355 6.86 -9.46 -24.19
CA ALA A 355 6.39 -8.90 -22.93
C ALA A 355 6.93 -9.69 -21.78
N ILE A 356 6.92 -11.00 -21.90
CA ILE A 356 7.58 -11.85 -20.92
C ILE A 356 8.41 -12.94 -21.57
N SER A 357 9.62 -13.17 -21.11
CA SER A 357 10.33 -14.30 -21.66
C SER A 357 11.08 -15.10 -20.67
N LEU A 358 10.95 -16.41 -20.73
CA LEU A 358 11.74 -17.23 -19.84
C LEU A 358 12.91 -17.60 -20.72
N ASN A 359 14.10 -17.38 -20.22
CA ASN A 359 15.24 -17.56 -21.05
C ASN A 359 16.09 -18.79 -20.73
N TRP A 360 16.90 -19.15 -21.72
CA TRP A 360 18.03 -20.04 -21.53
C TRP A 360 19.33 -19.26 -21.24
N GLN A 361 20.45 -19.98 -21.22
CA GLN A 361 21.76 -19.39 -20.97
C GLN A 361 22.66 -20.01 -22.00
N SER A 362 23.39 -19.16 -22.71
CA SER A 362 24.31 -19.70 -23.70
C SER A 362 25.52 -20.27 -22.98
N THR A 363 25.86 -21.47 -23.46
CA THR A 363 27.02 -22.20 -22.95
C THR A 363 28.24 -22.12 -23.86
N ALA A 364 28.16 -21.29 -24.90
CA ALA A 364 29.25 -21.14 -25.82
C ALA A 364 30.54 -20.80 -25.06
N ASP A 365 30.41 -20.01 -24.01
CA ASP A 365 31.59 -19.65 -23.23
C ASP A 365 31.67 -20.33 -21.91
N GLY A 366 31.06 -21.49 -21.80
CA GLY A 366 31.26 -22.34 -20.63
C GLY A 366 29.95 -22.75 -20.00
N ASP A 367 30.03 -23.55 -18.95
CA ASP A 367 28.87 -24.12 -18.28
C ASP A 367 27.97 -23.10 -17.63
N LYS A 368 26.69 -23.47 -17.61
CA LYS A 368 25.63 -22.64 -17.10
C LYS A 368 24.66 -23.48 -16.28
N TRP A 369 24.15 -22.87 -15.23
CA TRP A 369 23.18 -23.55 -14.38
C TRP A 369 21.87 -22.83 -14.25
N GLY A 370 20.76 -23.54 -14.38
CA GLY A 370 19.45 -23.00 -13.90
C GLY A 370 18.37 -22.76 -14.93
N GLU A 371 17.25 -23.44 -14.76
CA GLU A 371 16.05 -23.15 -15.57
C GLU A 371 14.97 -22.65 -14.67
N PRO A 372 14.09 -21.83 -15.21
CA PRO A 372 13.02 -21.41 -14.31
C PRO A 372 12.09 -22.57 -13.98
N ILE A 373 11.57 -22.49 -12.77
CA ILE A 373 10.70 -23.50 -12.23
C ILE A 373 9.56 -22.80 -11.54
N GLU A 374 8.34 -23.14 -11.96
CA GLU A 374 7.13 -22.60 -11.39
C GLU A 374 7.02 -21.15 -11.75
N PHE A 375 6.46 -20.88 -12.92
CA PHE A 375 6.26 -19.51 -13.31
C PHE A 375 4.84 -19.24 -13.63
N LEU A 376 4.32 -18.14 -13.11
CA LEU A 376 2.95 -17.70 -13.38
C LEU A 376 2.85 -16.36 -14.04
N GLY A 377 2.26 -16.37 -15.24
CA GLY A 377 1.88 -15.12 -15.90
C GLY A 377 0.37 -15.00 -15.84
N VAL A 378 -0.15 -13.89 -15.36
CA VAL A 378 -1.60 -13.80 -15.31
C VAL A 378 -2.18 -12.42 -15.54
N ASN A 379 -3.12 -12.36 -16.49
CA ASN A 379 -3.85 -11.14 -16.84
C ASN A 379 -2.88 -10.09 -17.40
N CYS A 380 -1.95 -10.53 -18.23
CA CYS A 380 -0.95 -9.65 -18.81
C CYS A 380 -1.35 -9.27 -20.24
N GLU A 381 -1.01 -8.06 -20.61
CA GLU A 381 -1.43 -7.56 -21.90
C GLU A 381 -0.15 -7.15 -22.70
N ALA A 382 0.03 -7.73 -23.89
CA ALA A 382 1.10 -7.25 -24.77
C ALA A 382 0.52 -6.63 -26.05
N TYR A 383 0.95 -5.42 -26.35
CA TYR A 383 0.60 -4.77 -27.62
C TYR A 383 1.83 -4.60 -28.53
N SER A 384 1.77 -5.11 -29.76
CA SER A 384 2.77 -4.73 -30.85
C SER A 384 4.18 -5.14 -30.56
N THR A 385 4.41 -6.41 -30.41
CA THR A 385 5.66 -6.91 -30.05
C THR A 385 6.46 -7.25 -31.29
N THR A 386 7.74 -6.96 -31.28
CA THR A 386 8.57 -7.24 -32.46
C THR A 386 8.73 -8.75 -32.65
N GLN A 387 8.45 -9.51 -31.60
CA GLN A 387 8.50 -10.94 -31.61
C GLN A 387 7.32 -11.50 -30.75
N ALA A 388 7.24 -12.80 -30.47
CA ALA A 388 6.14 -13.33 -29.61
C ALA A 388 5.81 -12.45 -28.48
N GLY A 389 4.53 -12.38 -28.14
CA GLY A 389 4.09 -11.55 -27.04
C GLY A 389 4.52 -12.16 -25.72
N PHE A 390 4.42 -13.48 -25.63
CA PHE A 390 4.76 -14.15 -24.40
C PHE A 390 5.56 -15.36 -24.79
N ASP A 391 6.76 -15.46 -24.28
CA ASP A 391 7.58 -16.55 -24.75
C ASP A 391 8.42 -17.26 -23.72
N THR A 392 8.76 -18.50 -24.02
CA THR A 392 9.84 -19.15 -23.31
C THR A 392 10.84 -19.63 -24.29
N HIS A 393 12.04 -19.93 -23.79
CA HIS A 393 13.07 -20.59 -24.57
C HIS A 393 13.01 -22.07 -24.20
N ASP A 394 14.04 -22.85 -24.50
CA ASP A 394 13.90 -24.34 -24.41
C ASP A 394 14.23 -25.00 -23.07
N ILE A 395 14.28 -24.21 -22.00
CA ILE A 395 14.32 -24.78 -20.66
C ILE A 395 13.20 -24.15 -19.83
N GLY A 396 12.90 -24.71 -18.65
CA GLY A 396 11.78 -24.20 -17.87
C GLY A 396 10.77 -25.28 -17.51
N LYS A 397 10.41 -25.33 -16.24
CA LYS A 397 9.44 -26.30 -15.73
C LYS A 397 8.24 -25.56 -15.13
N ARG A 398 7.04 -26.16 -15.29
CA ARG A 398 5.84 -25.63 -14.68
C ARG A 398 5.52 -24.20 -14.98
N VAL A 399 5.30 -23.94 -16.26
CA VAL A 399 5.05 -22.62 -16.74
C VAL A 399 3.57 -22.46 -17.11
N LYS A 400 2.97 -21.38 -16.61
CA LYS A 400 1.53 -21.16 -16.74
C LYS A 400 1.24 -19.75 -17.11
N PHE A 401 0.47 -19.63 -18.20
CA PHE A 401 -0.06 -18.37 -18.59
C PHE A 401 -1.61 -18.38 -18.43
N VAL A 402 -2.11 -17.49 -17.61
CA VAL A 402 -3.52 -17.43 -17.30
C VAL A 402 -4.16 -16.08 -17.64
N ARG A 403 -5.12 -16.16 -18.55
CA ARG A 403 -5.79 -15.00 -19.05
C ARG A 403 -4.80 -13.89 -19.49
N CYS A 404 -3.76 -14.18 -20.26
CA CYS A 404 -2.95 -13.11 -20.81
C CYS A 404 -3.45 -12.87 -22.23
N VAL A 405 -3.17 -11.69 -22.78
CA VAL A 405 -3.57 -11.43 -24.16
C VAL A 405 -2.52 -10.67 -24.96
N SER A 406 -2.40 -11.07 -26.20
CA SER A 406 -1.44 -10.51 -27.17
C SER A 406 -2.16 -9.89 -28.35
N TYR A 407 -1.81 -8.66 -28.66
CA TYR A 407 -2.38 -7.94 -29.78
C TYR A 407 -1.32 -7.58 -30.82
N ASP A 408 -1.52 -7.96 -32.04
CA ASP A 408 -0.67 -7.47 -33.12
C ASP A 408 0.82 -7.75 -32.97
N SER A 409 1.19 -8.99 -32.78
CA SER A 409 2.57 -9.35 -32.72
C SER A 409 3.10 -9.52 -34.12
N ALA A 410 4.37 -9.17 -34.30
CA ALA A 410 5.06 -9.32 -35.57
C ALA A 410 5.40 -10.77 -35.84
N ALA A 411 5.21 -11.57 -34.80
CA ALA A 411 5.45 -12.99 -34.86
C ALA A 411 4.23 -13.72 -34.24
N ALA A 412 4.40 -14.44 -33.16
CA ALA A 412 3.33 -15.24 -32.65
C ALA A 412 2.78 -14.43 -31.53
N GLY A 413 1.61 -14.78 -31.00
CA GLY A 413 1.14 -14.12 -29.79
C GLY A 413 1.81 -14.76 -28.60
N PHE A 414 1.86 -16.09 -28.66
CA PHE A 414 2.48 -16.89 -27.62
C PHE A 414 3.38 -17.89 -28.28
N GLN A 415 4.59 -17.99 -27.76
CA GLN A 415 5.48 -19.01 -28.24
C GLN A 415 5.98 -19.81 -27.10
N ALA A 416 5.88 -21.13 -27.25
CA ALA A 416 6.31 -22.04 -26.20
C ALA A 416 7.47 -22.78 -26.79
N ARG A 417 8.61 -22.66 -26.12
CA ARG A 417 9.77 -23.49 -26.56
C ARG A 417 10.34 -24.53 -25.58
N THR A 418 9.67 -24.63 -24.44
CA THR A 418 9.89 -25.63 -23.41
C THR A 418 8.67 -26.54 -23.36
N ASN A 419 8.84 -27.73 -22.84
CA ASN A 419 7.75 -28.73 -22.91
C ASN A 419 6.65 -28.46 -21.88
N GLY A 420 5.42 -28.83 -22.27
CA GLY A 420 4.24 -28.70 -21.43
C GLY A 420 3.92 -27.31 -20.91
N VAL A 421 3.99 -26.30 -21.73
CA VAL A 421 3.58 -25.03 -21.23
C VAL A 421 2.09 -25.08 -21.23
N GLU A 422 1.46 -24.55 -20.20
CA GLU A 422 0.00 -24.55 -20.13
C GLU A 422 -0.60 -23.13 -20.21
N TYR A 423 -1.53 -22.95 -21.15
CA TYR A 423 -2.28 -21.68 -21.23
C TYR A 423 -3.77 -21.81 -20.86
N LEU A 424 -4.24 -20.96 -19.97
CA LEU A 424 -5.62 -20.96 -19.54
C LEU A 424 -6.29 -19.69 -19.90
N ASN A 425 -7.25 -19.76 -20.81
CA ASN A 425 -8.07 -18.61 -21.20
C ASN A 425 -7.28 -17.46 -21.79
N CYS A 426 -6.36 -17.77 -22.67
CA CYS A 426 -5.52 -16.71 -23.23
C CYS A 426 -6.07 -16.37 -24.59
N ARG A 427 -5.69 -15.19 -25.03
CA ARG A 427 -6.18 -14.65 -26.29
C ARG A 427 -5.09 -14.03 -27.08
N ALA A 428 -5.15 -14.30 -28.38
CA ALA A 428 -4.20 -13.73 -29.34
C ALA A 428 -4.97 -13.13 -30.46
N TYR A 429 -4.77 -11.83 -30.69
CA TYR A 429 -5.40 -11.15 -31.79
C TYR A 429 -4.37 -10.72 -32.84
N ARG A 430 -4.60 -11.12 -34.09
CA ARG A 430 -3.90 -10.52 -35.28
C ARG A 430 -2.41 -10.60 -35.22
N ALA A 431 -1.89 -11.78 -35.04
CA ALA A 431 -0.48 -11.88 -34.97
C ALA A 431 -0.12 -12.06 -36.43
N ALA A 432 1.06 -11.58 -36.78
CA ALA A 432 1.55 -11.78 -38.12
C ALA A 432 1.64 -13.23 -38.50
N MET A 433 1.97 -14.11 -37.52
CA MET A 433 2.11 -15.57 -37.85
C MET A 433 0.99 -16.40 -37.23
N ASP A 434 1.23 -16.97 -36.05
CA ASP A 434 0.28 -17.85 -35.41
C ASP A 434 -0.15 -17.18 -34.09
N GLY A 435 -1.39 -17.41 -33.67
CA GLY A 435 -1.82 -16.91 -32.38
C GLY A 435 -1.00 -17.56 -31.29
N PHE A 436 -0.90 -18.89 -31.33
CA PHE A 436 -0.10 -19.64 -30.36
C PHE A 436 0.74 -20.61 -31.10
N ALA A 437 2.01 -20.72 -30.76
CA ALA A 437 2.80 -21.81 -31.34
C ALA A 437 3.82 -22.46 -30.40
N SER A 438 4.14 -23.71 -30.68
CA SER A 438 5.30 -24.30 -30.07
C SER A 438 6.46 -24.08 -31.06
N ASN A 439 7.47 -24.96 -30.99
CA ASN A 439 8.58 -24.87 -31.94
C ASN A 439 9.31 -26.12 -32.16
N THR A 440 10.39 -26.05 -32.93
CA THR A 440 11.15 -27.22 -33.27
C THR A 440 11.53 -28.05 -32.06
N GLY A 441 11.13 -29.33 -32.05
CA GLY A 441 11.49 -30.24 -30.97
C GLY A 441 10.74 -29.97 -29.68
N VAL A 442 9.77 -29.06 -29.67
CA VAL A 442 8.95 -28.85 -28.48
C VAL A 442 7.74 -29.79 -28.34
N ALA A 443 7.48 -30.20 -27.13
CA ALA A 443 6.46 -31.20 -26.90
C ALA A 443 5.20 -30.67 -26.18
N PHE A 444 4.07 -31.06 -26.78
CA PHE A 444 2.73 -30.90 -26.21
C PHE A 444 2.46 -29.74 -25.28
N PRO A 445 2.37 -28.56 -25.86
CA PRO A 445 1.78 -27.46 -25.11
C PRO A 445 0.27 -27.72 -24.83
N ILE A 446 -0.24 -27.17 -23.74
CA ILE A 446 -1.62 -27.36 -23.47
C ILE A 446 -2.37 -26.06 -23.57
N TYR A 447 -3.37 -26.03 -24.41
CA TYR A 447 -4.17 -24.84 -24.54
C TYR A 447 -5.58 -25.13 -23.99
N ARG A 448 -6.04 -24.38 -23.00
CA ARG A 448 -7.40 -24.60 -22.41
C ARG A 448 -8.26 -23.38 -22.60
N GLU A 449 -9.28 -23.51 -23.44
CA GLU A 449 -10.24 -22.40 -23.65
C GLU A 449 -9.51 -21.13 -24.10
N CYS A 450 -8.61 -21.32 -25.03
CA CYS A 450 -7.91 -20.22 -25.58
C CYS A 450 -8.62 -19.72 -26.86
N LEU A 451 -8.51 -18.41 -27.09
CA LEU A 451 -9.11 -17.74 -28.22
C LEU A 451 -8.13 -17.04 -29.13
N ALA A 452 -8.19 -17.43 -30.40
CA ALA A 452 -7.36 -16.90 -31.45
C ALA A 452 -8.22 -16.19 -32.57
N TYR A 453 -8.03 -14.88 -32.69
CA TYR A 453 -8.77 -14.05 -33.62
C TYR A 453 -7.91 -13.35 -34.66
N ASP A 454 -8.07 -13.74 -35.89
CA ASP A 454 -7.39 -13.07 -37.03
C ASP A 454 -5.86 -13.11 -37.05
N ASN A 455 -5.28 -14.20 -36.63
CA ASN A 455 -3.89 -14.39 -36.80
C ASN A 455 -3.72 -14.86 -38.25
N VAL A 456 -2.78 -14.24 -38.93
CA VAL A 456 -2.62 -14.50 -40.33
C VAL A 456 -2.48 -15.95 -40.66
N ARG A 457 -1.50 -16.60 -40.10
CA ARG A 457 -1.21 -17.96 -40.53
C ARG A 457 -2.18 -18.98 -39.86
N SER A 458 -2.19 -19.04 -38.53
CA SER A 458 -3.01 -19.99 -37.85
C SER A 458 -3.35 -19.56 -36.41
N GLY A 459 -4.32 -20.20 -35.80
CA GLY A 459 -4.63 -19.84 -34.44
C GLY A 459 -3.68 -20.60 -33.54
N PHE A 460 -3.57 -21.92 -33.80
CA PHE A 460 -2.77 -22.77 -32.97
C PHE A 460 -1.83 -23.54 -33.81
N ASN A 461 -0.55 -23.35 -33.60
CA ASN A 461 0.39 -24.08 -34.41
C ASN A 461 1.29 -24.88 -33.56
N CYS A 462 0.99 -26.18 -33.51
CA CYS A 462 1.73 -27.10 -32.68
C CYS A 462 2.02 -28.39 -33.47
N SER A 463 2.55 -28.20 -34.66
CA SER A 463 2.86 -29.27 -35.57
C SER A 463 4.34 -29.72 -35.38
N TYR A 464 4.99 -29.12 -34.40
CA TYR A 464 6.35 -29.40 -34.15
C TYR A 464 6.53 -30.65 -33.30
N GLY A 465 5.60 -30.88 -32.40
CA GLY A 465 5.68 -32.04 -31.51
C GLY A 465 4.39 -32.30 -30.79
N GLY A 466 3.30 -32.09 -31.51
CA GLY A 466 2.00 -32.36 -30.93
C GLY A 466 1.45 -31.28 -30.05
N GLY A 467 0.16 -31.36 -29.81
CA GLY A 467 -0.49 -30.40 -28.93
C GLY A 467 -1.79 -30.93 -28.37
N TYR A 468 -2.17 -30.39 -27.22
CA TYR A 468 -3.49 -30.68 -26.62
C TYR A 468 -4.35 -29.40 -26.64
N VAL A 469 -5.30 -29.41 -27.57
CA VAL A 469 -6.04 -28.17 -27.83
C VAL A 469 -7.48 -28.32 -27.34
N TYR A 470 -7.73 -27.81 -26.15
CA TYR A 470 -8.98 -28.11 -25.43
C TYR A 470 -9.98 -26.95 -25.36
N ASP A 471 -11.14 -27.17 -26.00
CA ASP A 471 -12.27 -26.19 -26.09
C ASP A 471 -11.76 -24.87 -26.54
N CYS A 472 -10.84 -24.86 -27.50
CA CYS A 472 -10.30 -23.62 -28.00
C CYS A 472 -11.12 -23.09 -29.18
N GLU A 473 -10.85 -21.84 -29.53
CA GLU A 473 -11.47 -21.20 -30.65
C GLU A 473 -10.44 -20.42 -31.51
N ALA A 474 -10.54 -20.59 -32.83
CA ALA A 474 -9.73 -19.84 -33.76
C ALA A 474 -10.62 -19.40 -34.89
N HIS A 475 -10.58 -18.10 -35.15
CA HIS A 475 -11.29 -17.49 -36.26
C HIS A 475 -10.38 -16.57 -37.08
N GLY A 476 -10.48 -16.74 -38.40
CA GLY A 476 -9.87 -15.78 -39.35
C GLY A 476 -8.42 -15.97 -39.71
N SER A 477 -7.97 -17.22 -39.76
CA SER A 477 -6.61 -17.55 -40.11
C SER A 477 -6.67 -18.32 -41.37
N GLN A 478 -5.54 -18.81 -41.81
CA GLN A 478 -5.60 -19.65 -42.94
C GLN A 478 -6.00 -21.01 -42.51
N ASN A 479 -5.54 -21.41 -41.33
CA ASN A 479 -5.91 -22.67 -40.73
C ASN A 479 -6.15 -22.49 -39.27
N GLY A 480 -7.20 -23.11 -38.76
CA GLY A 480 -7.49 -22.92 -37.35
C GLY A 480 -6.38 -23.47 -36.48
N VAL A 481 -6.09 -24.75 -36.70
CA VAL A 481 -5.16 -25.47 -35.93
C VAL A 481 -4.24 -26.21 -36.87
N ARG A 482 -2.93 -26.04 -36.65
CA ARG A 482 -1.96 -26.88 -37.32
C ARG A 482 -1.44 -27.87 -36.33
N ILE A 483 -1.48 -29.14 -36.61
CA ILE A 483 -1.14 -30.10 -35.58
C ILE A 483 -0.75 -31.45 -36.18
N ASN A 484 0.19 -32.13 -35.52
CA ASN A 484 0.67 -33.37 -36.05
C ASN A 484 0.26 -34.52 -35.23
N GLY A 485 -0.24 -34.24 -34.05
CA GLY A 485 -0.55 -35.30 -33.12
C GLY A 485 -1.09 -34.74 -31.83
N GLY A 486 -1.77 -35.58 -31.05
CA GLY A 486 -2.40 -35.11 -29.81
C GLY A 486 -3.91 -35.02 -29.88
N ARG A 487 -4.48 -33.90 -29.45
CA ARG A 487 -5.93 -33.83 -29.41
C ARG A 487 -6.50 -32.47 -29.60
N VAL A 488 -7.54 -32.47 -30.44
CA VAL A 488 -8.45 -31.34 -30.46
C VAL A 488 -9.82 -31.78 -29.92
N LYS A 489 -10.16 -31.31 -28.74
CA LYS A 489 -11.38 -31.73 -28.12
C LYS A 489 -12.19 -30.49 -27.88
N GLY A 490 -13.37 -30.43 -28.46
CA GLY A 490 -14.22 -29.32 -28.24
C GLY A 490 -13.78 -28.10 -29.00
N GLY A 491 -14.34 -26.96 -28.61
CA GLY A 491 -14.02 -25.71 -29.27
C GLY A 491 -14.81 -25.46 -30.52
N ARG A 492 -14.52 -24.34 -31.16
CA ARG A 492 -15.26 -23.88 -32.31
C ARG A 492 -14.34 -23.11 -33.25
N TYR A 493 -14.46 -23.35 -34.54
CA TYR A 493 -13.54 -22.76 -35.53
C TYR A 493 -14.34 -22.20 -36.68
N THR A 494 -14.04 -20.97 -37.10
CA THR A 494 -14.73 -20.29 -38.19
C THR A 494 -13.87 -19.30 -38.93
N ARG A 495 -14.11 -19.19 -40.25
CA ARG A 495 -13.43 -18.29 -41.19
C ARG A 495 -11.98 -18.62 -41.30
N ASN A 496 -11.70 -19.80 -41.80
CA ASN A 496 -10.35 -20.19 -42.00
C ASN A 496 -10.27 -20.55 -43.47
N SER A 497 -9.57 -19.73 -44.23
CA SER A 497 -9.54 -19.87 -45.69
C SER A 497 -9.19 -21.23 -46.22
N SER A 498 -8.28 -21.91 -45.55
CA SER A 498 -7.85 -23.18 -46.06
C SER A 498 -8.61 -24.29 -45.44
N SER A 499 -8.49 -24.43 -44.12
CA SER A 499 -9.20 -25.46 -43.34
C SER A 499 -9.21 -25.08 -41.85
N HIS A 500 -10.13 -25.66 -41.12
CA HIS A 500 -10.16 -25.38 -39.73
C HIS A 500 -9.01 -26.13 -39.04
N ILE A 501 -8.79 -27.38 -39.41
CA ILE A 501 -7.77 -28.18 -38.78
C ILE A 501 -6.89 -28.69 -39.90
N PHE A 502 -5.60 -28.37 -39.80
CA PHE A 502 -4.64 -28.82 -40.78
C PHE A 502 -3.70 -29.85 -40.18
N VAL A 503 -3.81 -31.10 -40.64
CA VAL A 503 -3.04 -32.13 -40.00
C VAL A 503 -1.70 -32.13 -40.71
N THR A 504 -0.64 -31.67 -40.05
CA THR A 504 0.60 -31.44 -40.76
C THR A 504 1.79 -31.55 -39.83
N LYS A 505 3.00 -31.45 -40.37
CA LYS A 505 4.24 -31.47 -39.59
C LYS A 505 4.98 -30.19 -39.87
N ASP A 506 5.94 -29.85 -39.04
CA ASP A 506 6.85 -28.73 -39.36
C ASP A 506 7.86 -29.14 -40.45
N VAL A 507 8.21 -30.42 -40.46
CA VAL A 507 9.18 -31.01 -41.38
C VAL A 507 8.89 -32.50 -41.43
N ALA A 508 8.93 -33.10 -42.61
CA ALA A 508 8.68 -34.55 -42.79
C ALA A 508 9.43 -35.50 -41.82
N GLU A 509 10.53 -35.06 -41.28
CA GLU A 509 11.31 -35.89 -40.37
C GLU A 509 10.64 -36.03 -39.01
N THR A 510 9.82 -35.06 -38.65
CA THR A 510 9.03 -35.16 -37.41
C THR A 510 8.03 -36.31 -37.49
N ALA A 511 7.76 -36.98 -36.38
CA ALA A 511 6.84 -38.12 -36.36
C ALA A 511 5.44 -37.64 -36.22
N GLN A 512 4.53 -38.35 -36.86
CA GLN A 512 3.12 -38.08 -36.70
C GLN A 512 2.69 -39.05 -35.65
N THR A 513 1.91 -38.56 -34.70
CA THR A 513 1.26 -39.46 -33.75
C THR A 513 -0.25 -39.44 -33.88
N SER A 514 -0.87 -40.29 -33.08
CA SER A 514 -2.33 -40.34 -32.98
C SER A 514 -2.87 -38.95 -32.72
N LEU A 515 -3.92 -38.62 -33.46
CA LEU A 515 -4.66 -37.38 -33.29
C LEU A 515 -6.13 -37.75 -33.13
N GLU A 516 -6.74 -37.13 -32.12
CA GLU A 516 -8.15 -37.29 -31.76
C GLU A 516 -8.79 -35.95 -32.00
N ILE A 517 -9.83 -35.97 -32.81
CA ILE A 517 -10.64 -34.79 -33.04
C ILE A 517 -12.10 -35.06 -32.64
N ASP A 518 -12.48 -34.63 -31.45
CA ASP A 518 -13.73 -35.07 -30.82
C ASP A 518 -14.50 -33.84 -30.41
N GLY A 519 -15.75 -33.76 -30.84
CA GLY A 519 -16.63 -32.71 -30.33
C GLY A 519 -16.32 -31.31 -30.80
N VAL A 520 -15.70 -31.17 -31.95
CA VAL A 520 -15.28 -29.88 -32.39
C VAL A 520 -16.29 -29.34 -33.36
N SER A 521 -16.58 -28.06 -33.22
CA SER A 521 -17.46 -27.39 -34.16
C SER A 521 -16.64 -26.79 -35.34
N MET A 522 -16.69 -27.43 -36.51
CA MET A 522 -15.92 -27.01 -37.69
C MET A 522 -16.95 -26.75 -38.81
N ARG A 523 -17.91 -25.89 -38.53
CA ARG A 523 -18.97 -25.63 -39.48
C ARG A 523 -18.50 -24.85 -40.69
N TYR A 524 -19.09 -25.17 -41.84
CA TYR A 524 -18.80 -24.47 -43.12
C TYR A 524 -19.44 -23.11 -43.15
N ASP A 525 -18.71 -22.11 -43.59
CA ASP A 525 -19.24 -20.77 -43.56
C ASP A 525 -18.86 -19.94 -44.80
N GLY A 526 -18.69 -20.62 -45.93
CA GLY A 526 -18.19 -19.98 -47.14
C GLY A 526 -16.68 -19.86 -47.39
N THR A 527 -15.82 -20.43 -46.55
CA THR A 527 -14.39 -20.32 -46.73
C THR A 527 -13.77 -21.72 -46.84
N GLY A 528 -13.02 -22.13 -45.82
CA GLY A 528 -12.24 -23.31 -45.89
C GLY A 528 -13.04 -24.54 -45.60
N ARG A 529 -12.34 -25.65 -45.70
CA ARG A 529 -12.85 -26.94 -45.40
C ARG A 529 -12.62 -27.31 -43.92
N ALA A 530 -13.02 -28.51 -43.57
CA ALA A 530 -13.01 -28.87 -42.23
C ALA A 530 -11.62 -29.32 -41.84
N VAL A 531 -11.16 -30.36 -42.53
CA VAL A 531 -9.87 -30.92 -42.24
C VAL A 531 -9.05 -31.00 -43.48
N TYR A 532 -7.77 -30.68 -43.30
CA TYR A 532 -6.77 -30.76 -44.35
C TYR A 532 -5.63 -31.73 -44.00
N PHE A 533 -5.58 -32.84 -44.71
CA PHE A 533 -4.52 -33.83 -44.52
C PHE A 533 -3.35 -33.58 -45.47
N HIS A 534 -2.17 -33.36 -44.91
CA HIS A 534 -0.95 -33.01 -45.66
C HIS A 534 -0.15 -34.22 -46.12
N GLY A 535 -0.48 -34.75 -47.28
CA GLY A 535 0.23 -35.93 -47.79
C GLY A 535 1.69 -35.59 -48.09
N THR A 536 1.89 -34.37 -48.54
CA THR A 536 3.19 -33.92 -48.85
C THR A 536 4.24 -34.19 -47.79
N VAL A 537 3.89 -34.25 -46.51
CA VAL A 537 4.90 -34.50 -45.47
C VAL A 537 4.69 -35.82 -44.75
N GLY A 538 3.97 -36.73 -45.40
CA GLY A 538 3.79 -38.08 -44.87
C GLY A 538 2.65 -38.29 -43.88
N ILE A 539 1.61 -37.45 -43.91
CA ILE A 539 0.51 -37.62 -43.00
C ILE A 539 -0.36 -38.76 -43.49
N ASP A 540 -0.56 -39.73 -42.62
CA ASP A 540 -1.37 -40.92 -42.83
C ASP A 540 -2.69 -40.64 -42.13
N PRO A 541 -3.80 -40.62 -42.88
CA PRO A 541 -4.95 -40.17 -42.13
C PRO A 541 -5.54 -41.19 -41.20
N THR A 542 -5.26 -42.47 -41.38
CA THR A 542 -5.82 -43.48 -40.46
C THR A 542 -5.32 -43.33 -39.02
N LEU A 543 -4.41 -42.41 -38.77
CA LEU A 543 -3.95 -42.18 -37.38
C LEU A 543 -4.75 -41.08 -36.75
N VAL A 544 -5.86 -40.76 -37.39
CA VAL A 544 -6.75 -39.69 -36.93
C VAL A 544 -8.13 -40.25 -36.77
N SER A 545 -8.79 -39.83 -35.72
CA SER A 545 -10.16 -40.28 -35.42
C SER A 545 -10.93 -39.04 -35.28
N MET A 546 -12.02 -38.99 -36.01
CA MET A 546 -12.94 -37.87 -35.90
C MET A 546 -14.29 -38.39 -35.30
N SER A 547 -14.65 -37.93 -34.10
CA SER A 547 -15.87 -38.38 -33.39
C SER A 547 -16.71 -37.21 -32.95
N ASN A 548 -18.02 -37.28 -33.23
CA ASN A 548 -19.01 -36.32 -32.73
C ASN A 548 -18.70 -34.86 -33.04
N ASN A 549 -18.28 -34.58 -34.27
CA ASN A 549 -17.94 -33.25 -34.69
C ASN A 549 -19.09 -32.63 -35.52
N ASP A 550 -19.19 -31.31 -35.52
CA ASP A 550 -20.11 -30.65 -36.37
C ASP A 550 -19.34 -30.16 -37.58
N MET A 551 -19.58 -30.80 -38.71
CA MET A 551 -18.98 -30.41 -39.95
C MET A 551 -20.09 -30.00 -40.90
N THR A 552 -21.13 -29.38 -40.37
CA THR A 552 -22.30 -29.04 -41.16
C THR A 552 -22.03 -28.04 -42.26
N GLY A 553 -22.47 -28.37 -43.47
CA GLY A 553 -22.36 -27.47 -44.64
C GLY A 553 -21.21 -27.64 -45.62
N HIS A 554 -20.30 -28.57 -45.34
CA HIS A 554 -19.14 -28.79 -46.15
C HIS A 554 -19.46 -29.74 -47.30
N GLY A 555 -20.62 -30.37 -47.27
CA GLY A 555 -20.98 -31.28 -48.35
C GLY A 555 -19.85 -32.22 -48.66
N LEU A 556 -19.63 -32.50 -49.94
CA LEU A 556 -18.56 -33.44 -50.38
C LEU A 556 -17.12 -32.99 -50.03
N PHE A 557 -16.99 -31.70 -49.73
CA PHE A 557 -15.72 -31.10 -49.45
C PHE A 557 -15.42 -30.82 -47.99
N TRP A 558 -15.57 -31.81 -47.15
CA TRP A 558 -15.24 -31.61 -45.73
C TRP A 558 -13.73 -31.74 -45.55
N ALA A 559 -13.12 -32.56 -46.39
CA ALA A 559 -11.72 -32.88 -46.29
C ALA A 559 -10.95 -32.23 -47.43
N LEU A 560 -9.72 -31.89 -47.14
CA LEU A 560 -8.81 -31.47 -48.19
C LEU A 560 -7.58 -32.31 -48.15
N LEU A 561 -7.19 -32.84 -49.29
CA LEU A 561 -5.94 -33.58 -49.39
C LEU A 561 -5.01 -33.01 -50.45
N SER A 562 -3.72 -33.23 -50.24
CA SER A 562 -2.69 -32.75 -51.17
C SER A 562 -1.36 -33.47 -50.87
N GLY A 563 -0.66 -33.83 -51.93
CA GLY A 563 0.61 -34.48 -51.78
C GLY A 563 0.50 -35.98 -51.76
N TYR A 564 -0.67 -36.54 -52.00
CA TYR A 564 -0.79 -38.00 -51.99
C TYR A 564 -0.59 -38.46 -53.42
N THR A 565 0.02 -39.62 -53.56
CA THR A 565 0.21 -40.23 -54.88
C THR A 565 -0.67 -41.49 -55.04
N VAL A 566 -1.13 -42.01 -53.92
CA VAL A 566 -1.98 -43.17 -53.84
C VAL A 566 -3.11 -42.74 -52.91
N GLN A 567 -4.35 -42.98 -53.34
CA GLN A 567 -5.52 -42.73 -52.50
C GLN A 567 -5.29 -43.33 -51.09
N PRO A 568 -5.27 -42.48 -50.07
CA PRO A 568 -5.02 -42.95 -48.72
C PRO A 568 -6.34 -43.41 -48.11
N THR A 569 -6.25 -44.28 -47.09
CA THR A 569 -7.45 -44.70 -46.35
C THR A 569 -7.86 -43.59 -45.42
N PRO A 570 -9.17 -43.36 -45.22
CA PRO A 570 -9.59 -42.23 -44.37
C PRO A 570 -9.41 -42.44 -42.88
N PRO A 571 -9.58 -41.40 -42.10
CA PRO A 571 -9.56 -41.60 -40.66
C PRO A 571 -10.81 -42.27 -40.12
N ARG A 572 -10.73 -42.84 -38.94
CA ARG A 572 -11.90 -43.50 -38.36
C ARG A 572 -12.93 -42.41 -38.07
N MET A 573 -14.17 -42.59 -38.49
CA MET A 573 -15.14 -41.53 -38.25
C MET A 573 -16.41 -42.05 -37.64
N SER A 574 -16.83 -41.42 -36.55
CA SER A 574 -18.07 -41.78 -35.83
C SER A 574 -19.01 -40.62 -35.60
N ARG A 575 -20.17 -40.78 -36.16
CA ARG A 575 -21.33 -39.94 -35.83
C ARG A 575 -21.00 -38.48 -35.81
N ASN A 576 -20.56 -37.96 -36.94
CA ASN A 576 -20.28 -36.53 -37.08
C ASN A 576 -21.43 -35.99 -37.84
N LEU A 577 -21.60 -34.71 -37.85
CA LEU A 577 -22.70 -34.16 -38.58
C LEU A 577 -22.21 -33.46 -39.81
N LEU A 578 -22.81 -33.78 -40.94
CA LEU A 578 -22.43 -33.17 -42.25
C LEU A 578 -23.48 -32.24 -42.86
N ASP A 579 -24.77 -32.59 -42.73
CA ASP A 579 -25.86 -31.70 -43.16
C ASP A 579 -26.84 -31.58 -42.04
N ASP A 580 -27.70 -30.58 -42.16
CA ASP A 580 -28.77 -30.28 -41.22
C ASP A 580 -30.23 -30.27 -41.84
N THR A 581 -30.37 -30.76 -43.06
CA THR A 581 -31.62 -30.91 -43.73
C THR A 581 -31.59 -32.28 -44.41
N GLY A 582 -32.74 -32.89 -44.57
CA GLY A 582 -32.77 -34.22 -45.14
C GLY A 582 -31.88 -35.19 -44.43
N ILE A 583 -31.86 -35.19 -43.10
CA ILE A 583 -31.00 -36.13 -42.35
C ILE A 583 -31.70 -37.05 -41.34
N ARG A 584 -33.00 -36.87 -41.17
CA ARG A 584 -33.81 -37.84 -40.44
C ARG A 584 -35.21 -37.98 -41.06
N GLY A 585 -35.66 -39.23 -41.11
CA GLY A 585 -36.99 -39.54 -41.57
C GLY A 585 -37.50 -40.88 -41.12
N VAL A 586 -38.59 -41.28 -41.79
CA VAL A 586 -39.08 -42.65 -41.71
C VAL A 586 -39.49 -43.14 -43.06
N ALA A 587 -39.12 -44.35 -43.39
CA ALA A 587 -39.35 -44.84 -44.67
C ALA A 587 -40.15 -46.08 -44.51
N THR A 588 -40.95 -46.43 -45.53
CA THR A 588 -41.72 -47.63 -45.48
C THR A 588 -41.29 -48.63 -46.54
N LEU A 589 -40.87 -49.81 -46.07
CA LEU A 589 -40.50 -50.86 -46.99
C LEU A 589 -41.72 -51.40 -47.75
N VAL A 590 -41.41 -51.93 -48.94
CA VAL A 590 -42.34 -52.53 -49.87
C VAL A 590 -41.63 -53.66 -50.59
N ALA A 591 -41.97 -54.89 -50.25
CA ALA A 591 -41.31 -56.00 -50.85
C ALA A 591 -39.81 -55.90 -50.56
N GLY A 592 -39.46 -55.60 -49.32
CA GLY A 592 -38.08 -55.56 -48.89
C GLY A 592 -37.23 -54.33 -49.25
N GLU A 593 -37.85 -53.28 -49.79
CA GLU A 593 -37.08 -52.14 -50.19
C GLU A 593 -37.80 -50.81 -50.13
N ALA A 594 -37.03 -49.74 -50.09
CA ALA A 594 -37.56 -48.39 -50.06
C ALA A 594 -36.47 -47.45 -50.52
N THR A 595 -36.81 -46.55 -51.43
CA THR A 595 -35.87 -45.54 -51.96
C THR A 595 -36.09 -44.26 -51.20
N VAL A 596 -35.07 -43.82 -50.45
CA VAL A 596 -35.18 -42.63 -49.61
C VAL A 596 -34.49 -41.44 -50.23
N ASN A 597 -35.18 -40.31 -50.27
CA ASN A 597 -34.55 -39.04 -50.57
C ASN A 597 -33.95 -38.35 -49.30
N ALA A 598 -32.63 -38.25 -49.23
CA ALA A 598 -31.99 -37.68 -48.05
C ALA A 598 -30.69 -37.17 -48.48
N ARG A 599 -30.07 -36.38 -47.62
CA ARG A 599 -28.69 -35.91 -47.87
C ARG A 599 -27.59 -36.88 -47.49
N VAL A 600 -27.68 -38.07 -48.06
CA VAL A 600 -26.69 -39.09 -47.88
C VAL A 600 -25.61 -38.64 -48.81
N ARG A 601 -24.35 -38.90 -48.45
CA ARG A 601 -23.29 -38.53 -49.36
C ARG A 601 -22.14 -39.52 -49.38
N GLY A 602 -21.13 -39.21 -50.18
CA GLY A 602 -19.96 -40.09 -50.33
C GLY A 602 -19.15 -39.86 -51.59
N ASN A 603 -17.92 -40.34 -51.59
CA ASN A 603 -17.10 -40.39 -52.80
C ASN A 603 -16.65 -41.80 -53.10
N PHE A 604 -16.87 -42.28 -54.33
CA PHE A 604 -16.54 -43.63 -54.69
C PHE A 604 -15.44 -43.70 -55.71
N GLY A 605 -15.04 -42.50 -56.15
CA GLY A 605 -13.87 -42.27 -56.99
C GLY A 605 -12.58 -42.83 -56.43
N SER A 606 -11.50 -42.54 -57.14
CA SER A 606 -10.18 -43.04 -56.77
C SER A 606 -9.07 -42.06 -57.06
N VAL A 607 -9.36 -40.76 -57.04
CA VAL A 607 -8.32 -39.79 -57.19
C VAL A 607 -7.40 -39.90 -56.00
N ALA A 608 -6.09 -39.79 -56.23
CA ALA A 608 -5.11 -39.85 -55.15
C ALA A 608 -5.48 -38.87 -54.04
N ASN A 609 -5.63 -37.60 -54.36
CA ASN A 609 -5.99 -36.60 -53.34
C ASN A 609 -7.47 -36.54 -53.02
N SER A 610 -7.98 -37.62 -52.42
CA SER A 610 -9.40 -37.77 -52.07
C SER A 610 -9.53 -39.04 -51.26
N PHE A 611 -10.66 -39.21 -50.56
CA PHE A 611 -10.95 -40.41 -49.77
C PHE A 611 -12.04 -41.12 -50.45
N LYS A 612 -12.16 -42.40 -50.13
CA LYS A 612 -13.33 -43.20 -50.51
C LYS A 612 -14.15 -43.33 -49.25
N TRP A 613 -15.28 -42.63 -49.18
CA TRP A 613 -16.20 -42.60 -48.00
C TRP A 613 -17.72 -42.46 -48.27
N VAL A 614 -18.50 -42.73 -47.24
CA VAL A 614 -19.92 -42.65 -47.37
C VAL A 614 -20.51 -42.32 -46.04
N SER A 615 -21.69 -41.71 -46.05
CA SER A 615 -22.41 -41.34 -44.84
C SER A 615 -22.73 -42.53 -43.98
N GLU A 616 -22.76 -42.32 -42.66
CA GLU A 616 -23.19 -43.39 -41.75
C GLU A 616 -24.69 -43.20 -41.64
N VAL A 617 -25.46 -44.23 -42.02
CA VAL A 617 -26.92 -44.19 -41.93
C VAL A 617 -27.38 -45.21 -40.91
N LYS A 618 -27.92 -44.66 -39.84
CA LYS A 618 -28.37 -45.42 -38.72
C LYS A 618 -29.84 -45.81 -38.97
N LEU A 619 -30.13 -47.10 -38.88
CA LEU A 619 -31.43 -47.61 -39.13
C LEU A 619 -32.05 -48.27 -37.88
N THR A 620 -33.26 -47.84 -37.52
CA THR A 620 -34.04 -48.49 -36.48
C THR A 620 -35.46 -48.78 -36.96
N ARG A 621 -35.95 -49.96 -36.61
CA ARG A 621 -37.20 -50.43 -37.04
C ARG A 621 -38.26 -49.84 -36.12
N LEU A 622 -39.41 -49.46 -36.70
CA LEU A 622 -40.55 -48.86 -35.95
C LEU A 622 -41.86 -49.61 -36.02
N THR A 623 -41.95 -50.54 -36.97
CA THR A 623 -43.06 -51.46 -37.03
C THR A 623 -42.47 -52.85 -37.14
N PHE A 624 -43.12 -53.86 -36.60
CA PHE A 624 -42.48 -55.12 -36.56
C PHE A 624 -43.22 -56.22 -37.23
N PRO A 625 -43.45 -56.04 -38.52
CA PRO A 625 -44.13 -57.10 -39.21
C PRO A 625 -43.37 -58.43 -39.06
N SER A 626 -44.10 -59.55 -39.05
CA SER A 626 -43.52 -60.91 -39.08
C SER A 626 -42.42 -61.06 -40.14
N SER A 627 -42.58 -60.41 -41.30
CA SER A 627 -41.61 -60.47 -42.41
C SER A 627 -40.27 -59.71 -42.11
N ALA A 628 -40.07 -59.30 -40.88
CA ALA A 628 -38.90 -58.46 -40.58
C ALA A 628 -37.59 -59.20 -40.86
N GLY A 629 -36.72 -58.48 -41.56
CA GLY A 629 -35.39 -58.98 -41.86
C GLY A 629 -34.26 -58.02 -41.56
N ALA A 630 -33.04 -58.48 -41.74
CA ALA A 630 -31.86 -57.61 -41.49
C ALA A 630 -31.76 -56.48 -42.48
N LEU A 631 -31.57 -55.27 -41.99
CA LEU A 631 -31.51 -54.11 -42.89
C LEU A 631 -30.11 -53.71 -43.35
N THR A 632 -30.07 -53.07 -44.51
CA THR A 632 -28.85 -52.54 -45.05
C THR A 632 -29.07 -51.36 -45.99
N VAL A 633 -28.06 -50.51 -46.12
CA VAL A 633 -28.11 -49.37 -47.00
C VAL A 633 -27.40 -49.75 -48.30
N THR A 634 -27.98 -49.39 -49.44
CA THR A 634 -27.31 -49.63 -50.72
C THR A 634 -27.71 -48.59 -51.73
N SER A 635 -27.22 -48.75 -52.95
CA SER A 635 -27.60 -47.91 -54.09
C SER A 635 -27.64 -46.42 -53.80
N VAL A 636 -26.52 -45.94 -53.27
CA VAL A 636 -26.36 -44.52 -52.96
C VAL A 636 -26.21 -43.73 -54.29
N ALA A 637 -27.00 -42.68 -54.43
CA ALA A 637 -27.04 -41.93 -55.67
C ALA A 637 -27.01 -40.50 -55.29
N GLN A 638 -26.27 -39.71 -56.07
CA GLN A 638 -26.10 -38.30 -55.76
C GLN A 638 -26.41 -37.48 -56.96
N ASN A 639 -27.40 -36.64 -56.78
CA ASN A 639 -27.86 -35.79 -57.82
C ASN A 639 -26.74 -35.01 -58.46
N GLN A 640 -26.78 -34.93 -59.80
CA GLN A 640 -25.67 -34.38 -60.58
C GLN A 640 -26.03 -33.12 -61.41
N ASP A 641 -27.16 -32.51 -61.10
CA ASP A 641 -27.59 -31.27 -61.78
C ASP A 641 -26.48 -30.23 -61.98
N VAL A 642 -26.78 -29.29 -62.89
CA VAL A 642 -25.84 -28.28 -63.36
C VAL A 642 -26.52 -26.90 -63.56
N PRO A 643 -25.80 -25.80 -63.25
CA PRO A 643 -24.42 -25.73 -62.72
C PRO A 643 -24.23 -26.37 -61.34
N THR A 644 -25.20 -26.20 -60.43
CA THR A 644 -25.07 -26.68 -59.06
C THR A 644 -25.97 -27.85 -58.69
N PRO A 645 -25.36 -28.91 -58.13
CA PRO A 645 -26.12 -30.09 -57.73
C PRO A 645 -27.09 -29.82 -56.59
N ASN A 646 -28.20 -30.55 -56.55
CA ASN A 646 -29.15 -30.40 -55.46
C ASN A 646 -29.16 -31.65 -54.59
N PRO A 647 -28.51 -31.56 -53.43
CA PRO A 647 -28.32 -32.69 -52.54
C PRO A 647 -29.65 -33.25 -51.97
N ASP A 648 -30.70 -32.45 -52.01
CA ASP A 648 -32.03 -32.92 -51.54
C ASP A 648 -32.57 -34.05 -52.44
N LEU A 649 -31.99 -34.17 -53.64
CA LEU A 649 -32.29 -35.28 -54.56
C LEU A 649 -31.30 -36.45 -54.51
N ASN A 650 -30.41 -36.42 -53.54
CA ASN A 650 -29.63 -37.59 -53.32
C ASN A 650 -30.61 -38.60 -52.77
N SER A 651 -30.23 -39.86 -52.80
CA SER A 651 -31.10 -40.91 -52.32
C SER A 651 -30.32 -42.14 -51.96
N PHE A 652 -30.89 -42.98 -51.14
CA PHE A 652 -30.29 -44.30 -50.93
C PHE A 652 -31.39 -45.33 -50.84
N VAL A 653 -31.05 -46.60 -50.73
CA VAL A 653 -32.03 -47.62 -50.61
C VAL A 653 -31.88 -48.52 -49.38
N ILE A 654 -32.93 -48.62 -48.57
CA ILE A 654 -32.90 -49.54 -47.45
C ILE A 654 -33.41 -50.83 -47.99
N ARG A 655 -32.72 -51.91 -47.67
CA ARG A 655 -33.09 -53.21 -48.19
C ARG A 655 -33.08 -54.25 -47.09
N SER A 656 -34.07 -55.13 -47.09
CA SER A 656 -34.16 -56.16 -46.07
C SER A 656 -33.66 -57.45 -46.67
N SER A 657 -33.21 -58.33 -45.83
CA SER A 657 -32.81 -59.68 -46.25
C SER A 657 -34.02 -60.57 -46.51
N ASN A 658 -35.19 -60.16 -46.01
CA ASN A 658 -36.44 -60.86 -46.25
C ASN A 658 -37.19 -60.06 -47.29
N ALA A 659 -37.38 -60.64 -48.47
CA ALA A 659 -38.05 -59.94 -49.57
C ALA A 659 -39.47 -59.51 -49.28
N ALA A 660 -40.09 -60.10 -48.26
CA ALA A 660 -41.48 -59.76 -47.91
C ALA A 660 -41.57 -58.56 -46.96
N ASP A 661 -40.43 -58.14 -46.41
CA ASP A 661 -40.41 -57.12 -45.36
C ASP A 661 -41.12 -55.87 -45.77
N VAL A 662 -41.96 -55.37 -44.85
CA VAL A 662 -42.76 -54.16 -45.05
C VAL A 662 -42.66 -53.20 -43.89
N SER A 663 -41.53 -53.26 -43.19
CA SER A 663 -41.30 -52.47 -42.01
C SER A 663 -41.23 -51.00 -42.25
N GLN A 664 -41.54 -50.24 -41.22
CA GLN A 664 -41.31 -48.83 -41.21
C GLN A 664 -39.93 -48.72 -40.57
N VAL A 665 -39.09 -47.97 -41.21
CA VAL A 665 -37.73 -47.88 -40.75
C VAL A 665 -37.38 -46.44 -40.58
N ALA A 666 -36.87 -46.14 -39.40
CA ALA A 666 -36.43 -44.79 -39.08
C ALA A 666 -35.01 -44.69 -39.50
N TRP A 667 -34.63 -43.56 -40.10
CA TRP A 667 -33.26 -43.38 -40.59
C TRP A 667 -32.71 -42.04 -40.16
N GLU A 668 -31.42 -42.03 -39.88
CA GLU A 668 -30.72 -40.81 -39.51
C GLU A 668 -29.44 -40.81 -40.27
N VAL A 669 -29.01 -39.64 -40.72
CA VAL A 669 -27.81 -39.57 -41.50
C VAL A 669 -26.68 -38.83 -40.80
N TYR A 670 -25.55 -39.52 -40.69
CA TYR A 670 -24.36 -38.97 -40.11
C TYR A 670 -23.17 -38.95 -41.11
N LEU A 671 -22.02 -38.74 -40.52
CA LEU A 671 -20.71 -38.94 -41.14
C LEU A 671 -19.79 -39.82 -40.18
N ALA B 28 13.85 33.50 19.38
CA ALA B 28 14.68 34.44 18.57
C ALA B 28 15.87 33.75 17.86
N PRO B 29 15.95 33.84 16.52
CA PRO B 29 14.98 34.52 15.64
C PRO B 29 13.69 33.71 15.27
N GLU B 30 12.99 33.18 16.29
CA GLU B 30 11.79 32.33 16.11
C GLU B 30 10.57 32.77 16.91
N ARG B 31 9.43 32.78 16.24
CA ARG B 31 8.17 33.27 16.82
C ARG B 31 7.18 32.13 16.88
N VAL B 32 6.72 31.82 18.09
CA VAL B 32 5.81 30.67 18.35
C VAL B 32 4.43 31.14 18.85
N PHE B 33 3.36 30.64 18.22
CA PHE B 33 2.00 31.02 18.56
C PHE B 33 1.26 29.84 19.13
N SER B 34 0.04 30.06 19.61
CA SER B 34 -0.76 29.00 20.23
C SER B 34 -2.11 28.79 19.55
N ASP B 35 -2.18 29.12 18.26
CA ASP B 35 -3.42 28.97 17.46
C ASP B 35 -3.26 29.76 16.16
N LEU B 36 -4.12 29.44 15.19
CA LEU B 36 -4.12 30.08 13.88
C LEU B 36 -4.27 31.63 14.00
N ALA B 37 -5.45 32.05 14.47
CA ALA B 37 -5.88 33.45 14.58
C ALA B 37 -4.75 34.45 14.92
N SER B 38 -3.99 34.10 15.94
CA SER B 38 -2.79 34.85 16.31
C SER B 38 -1.78 34.84 15.15
N MET B 39 -1.36 33.64 14.74
CA MET B 39 -0.30 33.46 13.70
C MET B 39 -0.61 34.16 12.34
N VAL B 40 -1.88 34.34 12.03
CA VAL B 40 -2.27 35.05 10.81
C VAL B 40 -2.22 36.60 10.95
N ALA B 41 -2.41 37.09 12.18
CA ALA B 41 -2.50 38.55 12.47
C ALA B 41 -1.14 39.26 12.59
N TYR B 42 -0.27 38.78 13.47
CA TYR B 42 1.12 39.27 13.61
C TYR B 42 1.68 39.86 12.31
N PRO B 43 2.11 41.15 12.34
CA PRO B 43 2.58 41.81 11.09
C PRO B 43 4.09 41.82 10.78
N ASN B 44 4.91 41.30 11.70
CA ASN B 44 6.39 41.43 11.60
C ASN B 44 7.09 40.33 10.78
N PHE B 45 6.31 39.45 10.15
CA PHE B 45 6.89 38.27 9.47
C PHE B 45 7.91 38.72 8.45
N GLN B 46 9.09 38.12 8.52
CA GLN B 46 10.12 38.42 7.56
C GLN B 46 10.73 37.15 6.97
N VAL B 47 11.04 37.20 5.67
CA VAL B 47 11.63 36.08 4.90
C VAL B 47 12.67 35.18 5.56
N GLN B 48 13.19 35.57 6.73
CA GLN B 48 14.21 34.76 7.41
C GLN B 48 13.84 34.34 8.85
N ASP B 49 12.55 34.40 9.20
CA ASP B 49 12.06 33.88 10.50
C ASP B 49 11.92 32.34 10.49
N LYS B 50 12.03 31.73 11.66
CA LYS B 50 11.65 30.34 11.81
C LYS B 50 10.31 30.45 12.53
N ILE B 51 9.25 29.86 11.96
CA ILE B 51 7.88 30.02 12.52
C ILE B 51 7.25 28.69 12.93
N THR B 52 6.63 28.66 14.12
CA THR B 52 5.95 27.46 14.65
C THR B 52 4.51 27.69 15.15
N LEU B 53 3.69 26.64 15.07
CA LEU B 53 2.29 26.67 15.53
C LEU B 53 1.89 25.45 16.37
N LEU B 54 1.34 25.73 17.56
CA LEU B 54 0.83 24.71 18.49
C LEU B 54 -0.67 24.59 18.28
N GLY B 55 -1.22 23.38 18.43
CA GLY B 55 -2.67 23.16 18.27
C GLY B 55 -3.05 22.04 17.31
N SER B 56 -4.36 21.84 17.18
CA SER B 56 -4.93 20.71 16.38
C SER B 56 -4.50 20.64 14.90
N ALA B 57 -3.67 21.59 14.47
CA ALA B 57 -3.12 21.64 13.10
C ALA B 57 -1.73 22.24 13.11
N GLY B 58 -0.98 21.95 14.18
CA GLY B 58 0.30 22.62 14.44
C GLY B 58 1.32 22.34 13.37
N GLY B 59 2.41 23.10 13.35
CA GLY B 59 3.49 22.83 12.40
C GLY B 59 4.58 23.88 12.41
N ASP B 60 5.44 23.82 11.38
CA ASP B 60 6.50 24.80 11.17
C ASP B 60 6.28 25.46 9.81
N PHE B 61 6.42 26.80 9.78
CA PHE B 61 6.17 27.62 8.58
C PHE B 61 7.37 28.46 8.17
N THR B 62 7.29 28.96 6.95
CA THR B 62 8.28 29.79 6.32
C THR B 62 7.50 30.89 5.60
N PHE B 63 7.65 32.16 6.03
CA PHE B 63 7.02 33.32 5.36
C PHE B 63 7.63 33.62 3.97
N THR B 64 6.80 34.17 3.08
CA THR B 64 7.24 34.59 1.76
C THR B 64 6.33 35.72 1.29
N THR B 65 6.66 36.29 0.13
CA THR B 65 5.85 37.35 -0.51
C THR B 65 5.68 37.08 -1.97
N THR B 66 6.06 35.90 -2.41
CA THR B 66 5.74 35.49 -3.77
C THR B 66 4.26 35.28 -3.74
N ALA B 67 3.64 35.11 -4.90
CA ALA B 67 2.21 34.79 -4.96
C ALA B 67 2.01 33.39 -4.35
N SER B 68 0.84 33.15 -3.78
CA SER B 68 0.55 31.87 -3.13
C SER B 68 -0.93 31.66 -2.98
N VAL B 69 -1.37 30.47 -3.37
CA VAL B 69 -2.79 30.14 -3.26
C VAL B 69 -3.20 29.71 -1.85
N VAL B 70 -4.04 30.53 -1.22
CA VAL B 70 -4.48 30.25 0.12
C VAL B 70 -5.40 29.02 0.21
N ASP B 71 -5.17 28.19 1.22
CA ASP B 71 -6.08 27.09 1.49
C ASP B 71 -6.31 26.94 3.00
N ASN B 72 -5.74 27.83 3.75
CA ASN B 72 -5.77 27.67 5.18
C ASN B 72 -5.49 26.25 5.61
N GLY B 73 -4.50 25.67 4.94
CA GLY B 73 -3.96 24.37 5.28
C GLY B 73 -2.43 24.39 5.15
N THR B 74 -1.97 24.62 3.95
CA THR B 74 -0.56 24.67 3.66
C THR B 74 -0.06 26.07 3.30
N VAL B 75 -1.00 27.00 3.12
CA VAL B 75 -0.76 28.36 2.67
C VAL B 75 -1.79 29.18 3.39
N PHE B 76 -1.34 30.14 4.18
CA PHE B 76 -2.25 31.03 4.86
C PHE B 76 -1.96 32.45 4.47
N ALA B 77 -2.95 33.23 4.04
CA ALA B 77 -2.74 34.68 3.83
C ALA B 77 -2.48 35.43 5.15
N VAL B 78 -1.49 36.34 5.12
CA VAL B 78 -1.05 37.17 6.26
C VAL B 78 -0.53 38.56 5.83
N PRO B 79 -0.55 39.54 6.76
CA PRO B 79 0.04 40.85 6.51
C PRO B 79 1.40 40.73 5.87
N GLY B 80 1.52 41.23 4.63
CA GLY B 80 2.81 41.30 3.95
C GLY B 80 3.13 40.17 3.00
N GLY B 81 2.36 39.08 3.09
CA GLY B 81 2.60 37.89 2.28
C GLY B 81 1.81 36.71 2.79
N TYR B 82 2.32 35.51 2.55
CA TYR B 82 1.67 34.31 3.02
C TYR B 82 2.61 33.32 3.71
N LEU B 83 2.13 32.72 4.79
CA LEU B 83 2.83 31.63 5.49
C LEU B 83 2.63 30.30 4.81
N LEU B 84 3.75 29.66 4.47
CA LEU B 84 3.76 28.35 3.86
C LEU B 84 4.15 27.26 4.87
N ARG B 85 3.25 26.29 5.07
CA ARG B 85 3.57 25.12 5.86
C ARG B 85 4.64 24.40 5.10
N LYS B 86 5.68 24.02 5.81
CA LYS B 86 6.79 23.29 5.20
C LYS B 86 6.67 21.89 5.76
N PHE B 87 6.70 20.92 4.85
CA PHE B 87 6.60 19.51 5.20
C PHE B 87 7.04 18.70 4.00
N VAL B 88 7.49 17.51 4.27
CA VAL B 88 7.79 16.57 3.25
C VAL B 88 6.61 15.57 3.37
N GLY B 89 6.37 14.72 2.39
CA GLY B 89 5.34 13.71 2.50
C GLY B 89 3.98 14.28 2.16
N PRO B 90 2.94 13.60 2.56
CA PRO B 90 1.61 14.08 2.18
C PRO B 90 1.13 15.13 3.11
N ALA B 91 0.03 15.81 2.72
CA ALA B 91 -0.68 16.76 3.59
C ALA B 91 -1.74 15.98 4.35
N TYR B 92 -2.34 16.61 5.33
CA TYR B 92 -3.38 15.98 6.09
C TYR B 92 -4.55 16.91 6.18
N SER B 93 -5.74 16.33 6.11
CA SER B 93 -6.99 17.07 6.21
C SER B 93 -7.07 17.76 7.54
N SER B 94 -6.48 17.21 8.55
CA SER B 94 -6.53 17.84 9.88
C SER B 94 -5.85 19.19 10.01
N TRP B 95 -5.13 19.60 8.98
CA TRP B 95 -4.41 20.89 8.97
C TRP B 95 -5.26 21.99 8.37
N PHE B 96 -6.22 21.62 7.54
CA PHE B 96 -7.14 22.57 6.94
C PHE B 96 -8.31 23.03 7.86
N SER B 97 -8.68 24.29 7.75
CA SER B 97 -9.76 24.87 8.55
C SER B 97 -11.15 24.45 8.09
N ASN B 98 -11.29 24.09 6.82
CA ASN B 98 -12.60 23.78 6.26
C ASN B 98 -12.54 23.11 4.92
N TRP B 99 -13.71 22.68 4.50
CA TRP B 99 -13.84 21.95 3.30
C TRP B 99 -13.42 22.80 2.12
N THR B 100 -13.70 24.08 2.18
CA THR B 100 -13.32 24.94 1.06
C THR B 100 -11.83 24.95 0.74
N GLY B 101 -11.01 24.97 1.77
CA GLY B 101 -9.56 24.97 1.54
C GLY B 101 -9.11 23.63 1.05
N ILE B 102 -9.70 22.57 1.56
CA ILE B 102 -9.38 21.26 1.01
C ILE B 102 -9.62 21.27 -0.49
N VAL B 103 -10.81 21.72 -0.92
CA VAL B 103 -11.13 21.75 -2.34
C VAL B 103 -10.13 22.57 -3.11
N THR B 104 -9.71 23.70 -2.51
CA THR B 104 -8.75 24.58 -3.17
C THR B 104 -7.45 23.81 -3.37
N PHE B 105 -6.93 23.24 -2.28
CA PHE B 105 -5.74 22.41 -2.30
C PHE B 105 -5.79 21.35 -3.40
N MET B 106 -6.83 20.52 -3.46
CA MET B 106 -6.82 19.42 -4.45
C MET B 106 -7.09 19.88 -5.88
N SER B 107 -7.37 21.15 -6.05
CA SER B 107 -7.66 21.68 -7.40
C SER B 107 -6.43 21.81 -8.30
N ALA B 108 -5.23 21.69 -7.72
CA ALA B 108 -4.02 21.67 -8.53
C ALA B 108 -3.50 20.27 -8.66
N PRO B 109 -2.79 19.99 -9.75
CA PRO B 109 -2.25 18.62 -9.92
C PRO B 109 -1.12 18.37 -8.94
N ASN B 110 -0.70 17.12 -8.82
CA ASN B 110 0.42 16.76 -7.95
C ASN B 110 0.20 16.99 -6.49
N ARG B 111 -0.91 16.48 -6.00
CA ARG B 111 -1.29 16.67 -4.61
C ARG B 111 -1.43 15.32 -3.97
N HIS B 112 -0.99 15.19 -2.75
CA HIS B 112 -1.09 13.94 -2.02
C HIS B 112 -1.67 14.35 -0.67
N LEU B 113 -2.92 13.99 -0.44
CA LEU B 113 -3.64 14.42 0.75
C LEU B 113 -4.15 13.20 1.51
N VAL B 114 -3.98 13.22 2.81
CA VAL B 114 -4.49 12.19 3.62
C VAL B 114 -5.69 12.68 4.39
N VAL B 115 -6.84 12.09 4.14
CA VAL B 115 -8.00 12.44 4.90
C VAL B 115 -7.94 11.67 6.20
N ASP B 116 -7.68 12.42 7.26
CA ASP B 116 -7.55 11.83 8.60
C ASP B 116 -8.62 12.36 9.58
N THR B 117 -9.68 12.92 9.01
CA THR B 117 -10.81 13.53 9.75
C THR B 117 -12.11 13.35 8.99
N VAL B 118 -13.17 13.77 9.63
CA VAL B 118 -14.50 13.63 9.03
C VAL B 118 -14.85 14.94 8.34
N LEU B 119 -14.75 14.92 7.04
CA LEU B 119 -14.96 16.14 6.28
C LEU B 119 -16.42 16.33 5.95
N GLN B 120 -16.88 17.55 6.08
CA GLN B 120 -18.25 17.88 5.73
C GLN B 120 -18.28 18.65 4.40
N ALA B 121 -18.59 17.96 3.31
CA ALA B 121 -18.60 18.61 2.00
C ALA B 121 -19.78 19.51 1.77
N THR B 122 -19.53 20.58 1.04
CA THR B 122 -20.57 21.55 0.65
C THR B 122 -20.39 21.96 -0.79
N SER B 123 -19.59 21.22 -1.53
CA SER B 123 -19.37 21.42 -2.97
C SER B 123 -18.74 20.17 -3.48
N VAL B 124 -18.51 20.10 -4.77
CA VAL B 124 -17.81 18.98 -5.35
C VAL B 124 -16.32 19.10 -5.13
N LEU B 125 -15.63 17.98 -4.98
CA LEU B 125 -14.16 17.97 -4.86
C LEU B 125 -13.56 17.41 -6.13
N ASN B 126 -12.87 18.28 -6.86
CA ASN B 126 -12.17 17.88 -8.10
C ASN B 126 -10.74 17.49 -7.80
N ILE B 127 -10.35 16.36 -8.37
CA ILE B 127 -9.05 15.83 -8.23
C ILE B 127 -8.46 16.08 -9.62
N LYS B 128 -7.16 16.43 -9.66
CA LYS B 128 -6.42 16.62 -10.90
C LYS B 128 -5.28 15.57 -11.06
N SER B 129 -4.50 15.67 -12.14
CA SER B 129 -3.49 14.65 -12.43
C SER B 129 -2.51 14.52 -11.32
N ASN B 130 -1.96 13.33 -11.28
CA ASN B 130 -0.90 12.94 -10.35
C ASN B 130 -1.17 13.25 -8.93
N SER B 131 -2.41 12.97 -8.54
CA SER B 131 -2.84 13.27 -7.17
C SER B 131 -3.32 12.01 -6.52
N THR B 132 -3.23 12.03 -5.20
CA THR B 132 -3.54 10.88 -4.39
C THR B 132 -4.39 11.30 -3.24
N LEU B 133 -5.55 10.69 -3.15
CA LEU B 133 -6.43 10.96 -2.06
C LEU B 133 -6.45 9.71 -1.21
N GLU B 134 -6.10 9.82 0.07
CA GLU B 134 -5.92 8.63 0.89
C GLU B 134 -6.62 8.71 2.21
N PHE B 135 -7.42 7.71 2.56
CA PHE B 135 -8.22 7.82 3.80
C PHE B 135 -7.68 7.01 4.97
N THR B 136 -7.58 7.61 6.14
CA THR B 136 -7.29 6.78 7.30
C THR B 136 -8.59 6.13 7.75
N ASP B 137 -8.48 5.19 8.67
CA ASP B 137 -9.65 4.44 9.15
C ASP B 137 -10.77 5.40 9.65
N THR B 138 -10.33 6.55 10.13
CA THR B 138 -11.20 7.59 10.67
C THR B 138 -11.82 8.51 9.58
N GLY B 139 -11.14 8.66 8.45
CA GLY B 139 -11.53 9.66 7.51
C GLY B 139 -12.80 9.35 6.77
N ARG B 140 -13.57 10.41 6.57
CA ARG B 140 -14.83 10.30 5.87
C ARG B 140 -15.10 11.55 5.03
N ILE B 141 -15.77 11.38 3.92
CA ILE B 141 -16.37 12.54 3.33
C ILE B 141 -17.86 12.35 3.42
N LEU B 142 -18.49 13.21 4.21
CA LEU B 142 -19.93 13.30 4.32
C LEU B 142 -20.54 14.28 3.34
N PRO B 143 -21.45 13.81 2.49
CA PRO B 143 -22.09 14.72 1.57
C PRO B 143 -22.96 15.74 2.26
N ASP B 144 -23.25 16.83 1.52
CA ASP B 144 -24.04 17.99 1.99
C ASP B 144 -25.46 17.52 2.15
N ALA B 145 -26.01 17.67 3.36
CA ALA B 145 -27.40 17.28 3.62
C ALA B 145 -28.43 18.21 2.95
N ALA B 146 -28.02 19.48 2.74
CA ALA B 146 -28.77 20.56 2.05
C ALA B 146 -28.94 20.45 0.54
N VAL B 147 -28.00 19.82 -0.13
CA VAL B 147 -28.06 19.70 -1.60
C VAL B 147 -27.50 18.36 -2.02
N ALA B 148 -28.27 17.56 -2.70
CA ALA B 148 -27.78 16.31 -3.11
C ALA B 148 -26.94 16.60 -4.39
N ARG B 149 -25.62 16.49 -4.31
CA ARG B 149 -24.79 16.76 -5.42
C ARG B 149 -23.70 15.65 -5.56
N GLN B 150 -22.74 15.83 -6.46
CA GLN B 150 -21.69 14.86 -6.65
C GLN B 150 -20.62 15.11 -5.62
N VAL B 151 -19.85 14.05 -5.37
CA VAL B 151 -18.83 14.14 -4.34
C VAL B 151 -17.44 14.37 -4.93
N LEU B 152 -16.88 13.39 -5.65
CA LEU B 152 -15.59 13.55 -6.25
C LEU B 152 -15.71 13.53 -7.77
N ASN B 153 -15.04 14.48 -8.38
CA ASN B 153 -14.89 14.43 -9.83
C ASN B 153 -13.45 14.33 -10.28
N ILE B 154 -13.25 13.57 -11.31
CA ILE B 154 -11.96 13.41 -11.92
C ILE B 154 -12.24 13.65 -13.38
N THR B 155 -12.07 14.90 -13.77
CA THR B 155 -12.64 15.32 -15.05
C THR B 155 -11.67 15.91 -16.04
N GLY B 156 -11.49 15.20 -17.14
CA GLY B 156 -10.80 15.74 -18.28
C GLY B 156 -11.81 16.38 -19.19
N SER B 157 -11.50 16.54 -20.47
CA SER B 157 -12.43 17.17 -21.41
C SER B 157 -12.21 16.65 -22.81
N ALA B 158 -13.26 16.52 -23.61
CA ALA B 158 -13.07 16.10 -24.99
C ALA B 158 -12.30 17.15 -25.78
N PRO B 159 -11.84 16.81 -26.97
CA PRO B 159 -11.12 17.84 -27.66
C PRO B 159 -12.04 18.97 -28.15
N SER B 160 -11.46 20.15 -28.16
CA SER B 160 -12.12 21.36 -28.64
C SER B 160 -12.26 21.32 -30.18
N VAL B 161 -11.24 20.83 -30.88
CA VAL B 161 -11.27 20.77 -32.33
C VAL B 161 -10.72 19.45 -32.81
N PHE B 162 -11.18 18.97 -33.95
CA PHE B 162 -10.68 17.78 -34.59
C PHE B 162 -10.02 18.11 -35.95
N VAL B 163 -9.09 17.26 -36.40
CA VAL B 163 -8.46 17.36 -37.75
C VAL B 163 -8.70 16.03 -38.43
N PRO B 164 -8.88 16.00 -39.75
CA PRO B 164 -9.22 14.70 -40.34
C PRO B 164 -8.02 13.81 -40.55
N LEU B 165 -8.22 12.52 -40.80
CA LEU B 165 -7.08 11.63 -40.95
C LEU B 165 -6.59 11.82 -42.37
N ALA B 166 -5.28 11.75 -42.55
CA ALA B 166 -4.72 11.88 -43.89
C ALA B 166 -5.00 10.66 -44.70
N ALA B 167 -5.12 9.52 -44.05
CA ALA B 167 -5.52 8.31 -44.77
C ALA B 167 -6.33 7.34 -43.90
N ASP B 168 -6.95 6.38 -44.56
CA ASP B 168 -7.63 5.33 -43.86
C ASP B 168 -6.64 4.62 -42.98
N ALA B 169 -7.14 4.13 -41.83
CA ALA B 169 -6.36 3.47 -40.76
C ALA B 169 -7.14 2.27 -40.25
N ALA B 170 -6.77 1.11 -40.75
CA ALA B 170 -7.42 -0.13 -40.44
C ALA B 170 -7.21 -0.62 -38.99
N ALA B 171 -8.15 -1.46 -38.53
CA ALA B 171 -8.01 -2.07 -37.25
C ALA B 171 -6.69 -2.73 -37.34
N GLY B 172 -5.94 -2.55 -36.26
CA GLY B 172 -4.59 -3.11 -36.12
C GLY B 172 -3.49 -2.16 -36.51
N SER B 173 -3.83 -0.91 -36.84
CA SER B 173 -2.86 0.11 -37.19
C SER B 173 -2.13 0.61 -35.97
N LYS B 174 -0.81 0.71 -36.05
CA LYS B 174 0.01 1.17 -34.93
C LYS B 174 0.18 2.69 -35.00
N VAL B 175 -0.08 3.16 -36.20
CA VAL B 175 0.22 4.50 -36.60
C VAL B 175 -1.07 5.06 -37.21
N ILE B 176 -1.26 6.37 -37.07
CA ILE B 176 -2.26 7.12 -37.86
C ILE B 176 -1.57 8.30 -38.56
N THR B 177 -2.18 8.83 -39.62
CA THR B 177 -1.56 9.98 -40.29
C THR B 177 -2.42 11.20 -40.34
N VAL B 178 -1.81 12.36 -40.26
CA VAL B 178 -2.56 13.59 -40.48
C VAL B 178 -1.71 14.51 -41.30
N ALA B 179 -2.31 15.57 -41.82
CA ALA B 179 -1.56 16.49 -42.64
C ALA B 179 -0.53 17.22 -41.71
N ALA B 180 0.72 17.38 -42.19
CA ALA B 180 1.79 18.05 -41.40
C ALA B 180 1.29 19.40 -40.90
N GLY B 181 1.60 19.72 -39.67
CA GLY B 181 1.11 20.95 -39.03
C GLY B 181 -0.38 21.04 -38.65
N ALA B 182 -1.20 20.06 -39.08
CA ALA B 182 -2.63 19.99 -38.65
C ALA B 182 -2.82 20.06 -37.14
N LEU B 183 -1.99 19.38 -36.37
CA LEU B 183 -2.09 19.34 -34.93
C LEU B 183 -0.74 19.00 -34.38
N SER B 184 -0.50 19.42 -33.16
CA SER B 184 0.75 19.12 -32.49
C SER B 184 0.58 17.90 -31.57
N ALA B 185 1.16 16.78 -31.99
CA ALA B 185 1.05 15.54 -31.20
C ALA B 185 2.26 15.46 -30.30
N VAL B 186 2.10 15.72 -29.01
CA VAL B 186 3.21 15.67 -28.04
C VAL B 186 3.36 14.28 -27.45
N LYS B 187 4.54 13.68 -27.54
CA LYS B 187 4.75 12.28 -27.09
C LYS B 187 4.43 12.20 -25.63
N GLY B 188 3.66 11.18 -25.28
CA GLY B 188 3.25 11.00 -23.89
C GLY B 188 1.88 11.54 -23.46
N THR B 189 1.18 12.20 -24.37
CA THR B 189 -0.12 12.78 -24.14
C THR B 189 -1.10 11.93 -24.93
N TYR B 190 -2.41 12.25 -24.88
CA TYR B 190 -3.40 11.42 -25.58
C TYR B 190 -4.06 12.02 -26.77
N LEU B 191 -4.76 11.18 -27.49
CA LEU B 191 -5.54 11.56 -28.64
C LEU B 191 -6.92 10.89 -28.61
N TYR B 192 -7.95 11.54 -29.16
CA TYR B 192 -9.29 11.00 -29.20
C TYR B 192 -9.63 10.78 -30.65
N LEU B 193 -9.91 9.57 -31.07
CA LEU B 193 -10.20 9.34 -32.47
C LEU B 193 -11.64 8.98 -32.63
N ARG B 194 -12.27 9.37 -33.72
CA ARG B 194 -13.68 9.02 -33.92
C ARG B 194 -14.06 9.08 -35.36
N SER B 195 -15.16 8.45 -35.71
CA SER B 195 -15.59 8.38 -37.09
C SER B 195 -17.13 8.25 -37.00
N ASN B 196 -17.80 8.09 -38.15
CA ASN B 196 -19.22 7.92 -38.11
C ASN B 196 -19.62 6.51 -38.27
N LYS B 197 -18.68 5.59 -38.15
CA LYS B 197 -18.99 4.19 -38.14
C LYS B 197 -19.74 3.91 -36.82
N LEU B 198 -20.68 2.97 -36.88
CA LEU B 198 -21.41 2.62 -35.66
C LEU B 198 -20.66 1.58 -34.81
N CYS B 199 -20.75 1.70 -33.50
CA CYS B 199 -20.25 0.69 -32.59
C CYS B 199 -20.80 -0.67 -33.00
N ASP B 200 -19.96 -1.69 -32.89
CA ASP B 200 -20.24 -3.00 -33.44
C ASP B 200 -20.27 -4.11 -32.37
N GLY B 201 -20.00 -3.75 -31.13
CA GLY B 201 -20.04 -4.71 -30.01
C GLY B 201 -21.38 -5.46 -29.85
N GLY B 202 -22.47 -4.74 -29.96
CA GLY B 202 -23.78 -5.35 -29.86
C GLY B 202 -24.78 -4.68 -30.77
N PRO B 203 -26.08 -4.88 -30.54
CA PRO B 203 -27.15 -4.28 -31.34
C PRO B 203 -27.09 -2.75 -31.55
N ASN B 204 -26.50 -2.07 -30.61
CA ASN B 204 -26.32 -0.65 -30.70
C ASN B 204 -27.53 0.03 -31.26
N THR B 205 -28.65 -0.05 -30.53
CA THR B 205 -29.90 0.54 -31.02
C THR B 205 -29.94 2.03 -30.97
N TYR B 206 -29.24 2.67 -30.06
CA TYR B 206 -29.24 4.12 -30.16
C TYR B 206 -28.32 4.66 -31.32
N GLY B 207 -27.72 3.76 -32.10
CA GLY B 207 -26.67 4.15 -33.08
C GLY B 207 -25.49 4.98 -32.54
N VAL B 208 -24.85 4.51 -31.48
CA VAL B 208 -23.69 5.18 -30.98
C VAL B 208 -22.52 4.97 -31.96
N LYS B 209 -21.66 5.99 -32.07
CA LYS B 209 -20.51 5.94 -32.99
C LYS B 209 -19.16 5.65 -32.31
N ILE B 210 -18.18 5.19 -33.11
CA ILE B 210 -16.92 4.72 -32.55
C ILE B 210 -16.05 5.85 -32.13
N SER B 211 -15.35 5.68 -31.04
CA SER B 211 -14.30 6.56 -30.66
C SER B 211 -13.29 5.73 -29.83
N GLN B 212 -12.05 6.24 -29.68
CA GLN B 212 -10.97 5.55 -28.95
C GLN B 212 -10.05 6.57 -28.44
N ILE B 213 -9.32 6.26 -27.40
CA ILE B 213 -8.32 7.14 -26.85
C ILE B 213 -6.97 6.43 -26.94
N ARG B 214 -5.94 7.16 -27.33
CA ARG B 214 -4.63 6.57 -27.52
C ARG B 214 -3.55 7.50 -27.02
N LYS B 215 -2.41 6.94 -26.64
CA LYS B 215 -1.33 7.71 -26.15
C LYS B 215 -0.30 7.75 -27.29
N VAL B 216 0.20 8.93 -27.55
CA VAL B 216 1.22 9.19 -28.54
C VAL B 216 2.52 8.76 -27.95
N VAL B 217 3.16 7.81 -28.60
CA VAL B 217 4.50 7.35 -28.20
C VAL B 217 5.55 7.53 -29.29
N GLY B 218 5.13 7.89 -30.49
CA GLY B 218 6.01 8.18 -31.57
C GLY B 218 5.40 9.15 -32.56
N VAL B 219 6.22 10.07 -33.05
CA VAL B 219 5.84 11.05 -34.04
C VAL B 219 6.93 11.25 -35.11
N SER B 220 6.53 11.25 -36.37
CA SER B 220 7.47 11.50 -37.43
C SER B 220 6.80 12.17 -38.63
N THR B 221 7.35 13.30 -39.07
CA THR B 221 6.80 14.10 -40.18
C THR B 221 7.66 14.01 -41.47
N SER B 222 7.01 13.81 -42.61
CA SER B 222 7.72 13.61 -43.87
C SER B 222 6.80 13.71 -45.08
N GLY B 223 7.07 14.64 -45.99
CA GLY B 223 6.30 14.73 -47.23
C GLY B 223 4.94 15.31 -46.95
N GLY B 224 4.90 16.28 -46.05
CA GLY B 224 3.63 16.92 -45.66
C GLY B 224 2.63 16.02 -44.93
N VAL B 225 3.12 14.89 -44.38
CA VAL B 225 2.24 13.97 -43.66
C VAL B 225 2.83 13.50 -42.34
N THR B 226 2.19 13.82 -41.24
CA THR B 226 2.69 13.37 -39.97
C THR B 226 2.19 11.96 -39.64
N SER B 227 3.10 11.09 -39.21
CA SER B 227 2.76 9.76 -38.71
C SER B 227 2.87 9.72 -37.18
N ILE B 228 1.76 9.42 -36.53
CA ILE B 228 1.70 9.39 -35.07
C ILE B 228 1.64 7.97 -34.68
N ARG B 229 2.56 7.57 -33.83
CA ARG B 229 2.56 6.19 -33.34
C ARG B 229 1.79 6.11 -32.05
N LEU B 230 0.95 5.09 -32.00
CA LEU B 230 0.18 4.87 -30.80
C LEU B 230 0.76 3.80 -29.89
N ASP B 231 0.43 3.95 -28.61
CA ASP B 231 0.71 2.95 -27.60
C ASP B 231 0.03 1.66 -27.92
N LYS B 232 -1.28 1.72 -28.19
CA LYS B 232 -2.06 0.51 -28.50
C LYS B 232 -2.65 0.63 -29.88
N THR B 233 -2.90 -0.48 -30.53
CA THR B 233 -3.39 -0.41 -31.88
C THR B 233 -4.87 -0.02 -31.96
N LEU B 234 -5.40 0.18 -33.16
CA LEU B 234 -6.76 0.59 -33.35
C LEU B 234 -7.66 -0.62 -33.39
N HIS B 235 -8.85 -0.50 -32.80
CA HIS B 235 -9.77 -1.65 -32.72
C HIS B 235 -10.89 -1.63 -33.68
N TYR B 236 -10.94 -0.62 -34.51
CA TYR B 236 -11.92 -0.50 -35.58
C TYR B 236 -11.23 -0.11 -36.91
N ASN B 237 -12.01 -0.07 -37.98
CA ASN B 237 -11.53 0.61 -39.17
C ASN B 237 -11.94 2.06 -39.24
N TYR B 238 -10.94 2.94 -39.20
CA TYR B 238 -11.19 4.38 -39.32
C TYR B 238 -10.97 4.78 -40.77
N TYR B 239 -12.08 4.97 -41.47
CA TYR B 239 -12.11 5.34 -42.87
C TYR B 239 -12.38 6.81 -43.09
N LEU B 240 -11.85 7.32 -44.20
CA LEU B 240 -12.05 8.70 -44.59
C LEU B 240 -13.48 8.96 -45.06
N SER B 241 -14.07 7.94 -45.71
CA SER B 241 -15.48 7.94 -46.05
C SER B 241 -16.38 7.99 -44.84
N ASP B 242 -15.88 7.70 -43.65
CA ASP B 242 -16.66 7.83 -42.42
C ASP B 242 -16.25 9.06 -41.63
N ALA B 243 -15.55 10.01 -42.23
CA ALA B 243 -15.14 11.24 -41.53
C ALA B 243 -14.15 11.02 -40.38
N ALA B 244 -13.33 9.97 -40.48
CA ALA B 244 -12.33 9.68 -39.46
C ALA B 244 -11.55 10.94 -39.13
N GLU B 245 -11.50 11.30 -37.85
CA GLU B 245 -10.89 12.56 -37.40
C GLU B 245 -10.19 12.38 -36.07
N VAL B 246 -9.47 13.36 -35.59
CA VAL B 246 -8.72 13.15 -34.39
C VAL B 246 -8.43 14.47 -33.73
N GLY B 247 -8.52 14.52 -32.42
CA GLY B 247 -8.10 15.69 -31.67
C GLY B 247 -7.47 15.38 -30.33
N ILE B 248 -7.09 16.42 -29.62
CA ILE B 248 -6.37 16.27 -28.41
C ILE B 248 -7.31 16.51 -27.25
N PRO B 249 -7.76 15.43 -26.59
CA PRO B 249 -8.49 15.56 -25.31
C PRO B 249 -7.58 15.96 -24.22
N THR B 250 -8.14 16.62 -23.23
CA THR B 250 -7.34 16.96 -22.05
C THR B 250 -7.63 15.88 -21.04
N MET B 251 -6.61 15.16 -20.59
CA MET B 251 -6.85 14.01 -19.77
C MET B 251 -6.55 14.38 -18.37
N VAL B 252 -7.14 13.66 -17.43
CA VAL B 252 -6.69 13.73 -16.05
C VAL B 252 -6.15 12.36 -15.85
N GLU B 253 -4.88 12.33 -15.45
CA GLU B 253 -4.16 11.07 -15.34
C GLU B 253 -3.37 10.86 -14.07
N ASN B 254 -3.22 9.58 -13.78
CA ASN B 254 -2.53 9.08 -12.62
C ASN B 254 -3.11 9.53 -11.29
N VAL B 255 -4.40 9.25 -11.11
CA VAL B 255 -5.10 9.56 -9.86
C VAL B 255 -5.44 8.33 -9.10
N THR B 256 -5.18 8.40 -7.81
CA THR B 256 -5.39 7.25 -7.00
C THR B 256 -6.20 7.58 -5.78
N LEU B 257 -7.24 6.81 -5.57
CA LEU B 257 -8.07 7.00 -4.40
C LEU B 257 -7.88 5.80 -3.51
N VAL B 258 -7.44 6.06 -2.30
CA VAL B 258 -7.13 4.97 -1.43
C VAL B 258 -8.08 4.96 -0.27
N SER B 259 -8.98 3.97 -0.34
CA SER B 259 -9.91 3.65 0.70
C SER B 259 -10.96 4.73 0.93
N PRO B 260 -11.53 5.29 -0.16
CA PRO B 260 -12.55 6.34 0.01
C PRO B 260 -13.75 5.88 0.82
N TYR B 261 -14.23 6.69 1.76
CA TYR B 261 -15.39 6.41 2.59
C TYR B 261 -16.28 7.60 2.41
N ILE B 262 -17.30 7.40 1.61
CA ILE B 262 -18.21 8.50 1.27
C ILE B 262 -19.55 8.20 1.91
N ASN B 263 -19.98 9.14 2.75
CA ASN B 263 -21.20 9.00 3.52
C ASN B 263 -20.98 7.93 4.61
N GLU B 264 -21.98 7.71 5.44
CA GLU B 264 -21.82 6.82 6.56
C GLU B 264 -23.17 6.32 7.00
N PHE B 265 -23.22 5.12 7.58
CA PHE B 265 -24.49 4.59 8.04
C PHE B 265 -25.28 5.52 8.96
N GLY B 266 -26.60 5.48 8.85
CA GLY B 266 -27.44 6.51 9.46
C GLY B 266 -27.70 7.78 8.63
N TYR B 267 -27.14 7.85 7.45
CA TYR B 267 -27.34 8.93 6.52
C TYR B 267 -28.82 9.13 6.28
N ASP B 268 -29.56 8.01 6.14
CA ASP B 268 -30.98 8.12 5.80
C ASP B 268 -31.79 8.85 6.90
N ASP B 269 -31.44 8.70 8.16
CA ASP B 269 -32.09 9.44 9.23
C ASP B 269 -31.72 10.89 9.23
N LEU B 270 -30.59 11.28 8.65
CA LEU B 270 -30.32 12.71 8.44
C LEU B 270 -30.70 13.29 7.02
N ASN B 271 -31.30 12.46 6.19
CA ASN B 271 -31.67 12.87 4.84
C ASN B 271 -30.52 13.50 4.10
N ARG B 272 -29.33 12.83 4.25
CA ARG B 272 -28.04 13.21 3.67
C ARG B 272 -27.70 12.24 2.57
N PHE B 273 -27.73 12.69 1.32
CA PHE B 273 -27.45 11.85 0.21
C PHE B 273 -26.54 12.52 -0.80
N PHE B 274 -26.37 11.91 -1.94
CA PHE B 274 -25.52 12.50 -2.91
C PHE B 274 -26.00 11.89 -4.19
N THR B 275 -25.49 12.32 -5.35
CA THR B 275 -25.98 11.82 -6.61
C THR B 275 -25.04 10.81 -7.11
N ILE B 276 -23.89 11.27 -7.59
CA ILE B 276 -22.85 10.37 -8.07
C ILE B 276 -21.72 10.44 -7.14
N GLY B 277 -21.23 9.28 -6.71
CA GLY B 277 -20.17 9.23 -5.70
C GLY B 277 -18.83 9.69 -6.24
N ILE B 278 -18.31 8.97 -7.23
CA ILE B 278 -17.02 9.28 -7.84
C ILE B 278 -17.26 9.33 -9.33
N SER B 279 -17.21 10.53 -9.91
CA SER B 279 -17.44 10.62 -11.37
C SER B 279 -16.20 10.96 -12.11
N ALA B 280 -15.83 10.06 -13.04
CA ALA B 280 -14.66 10.27 -13.86
C ALA B 280 -15.00 10.35 -15.34
N ASN B 281 -14.51 11.38 -15.98
CA ASN B 281 -14.65 11.54 -17.44
C ASN B 281 -13.29 11.91 -18.02
N PHE B 282 -12.89 11.23 -19.07
CA PHE B 282 -11.61 11.50 -19.67
C PHE B 282 -10.45 11.36 -18.66
N ALA B 283 -10.43 10.20 -18.04
CA ALA B 283 -9.36 9.88 -17.09
C ALA B 283 -8.54 8.69 -17.55
N ALA B 284 -7.26 8.76 -17.29
CA ALA B 284 -6.41 7.65 -17.60
C ALA B 284 -5.66 7.29 -16.32
N ASP B 285 -5.62 5.99 -16.06
CA ASP B 285 -4.94 5.42 -14.86
C ASP B 285 -5.49 5.94 -13.59
N LEU B 286 -6.80 5.85 -13.49
CA LEU B 286 -7.51 6.19 -12.29
C LEU B 286 -7.71 4.87 -11.63
N HIS B 287 -7.18 4.76 -10.42
CA HIS B 287 -7.22 3.51 -9.65
C HIS B 287 -7.88 3.80 -8.34
N ILE B 288 -8.94 3.03 -8.07
CA ILE B 288 -9.71 3.21 -6.82
C ILE B 288 -9.54 1.93 -6.03
N GLN B 289 -9.11 2.07 -4.79
CA GLN B 289 -8.67 0.95 -3.99
C GLN B 289 -9.52 0.82 -2.70
N ASP B 290 -10.27 -0.27 -2.58
CA ASP B 290 -11.08 -0.49 -1.40
C ASP B 290 -12.02 0.69 -1.15
N GLY B 291 -12.16 1.11 0.11
CA GLY B 291 -13.17 2.09 0.47
C GLY B 291 -14.61 1.58 0.53
N VAL B 292 -15.49 2.48 0.90
CA VAL B 292 -16.92 2.21 1.04
C VAL B 292 -17.75 3.38 0.59
N ILE B 293 -18.75 3.10 -0.21
CA ILE B 293 -19.69 4.17 -0.63
C ILE B 293 -21.15 3.84 -0.29
N ILE B 294 -21.78 4.68 0.53
CA ILE B 294 -23.09 4.39 1.04
C ILE B 294 -24.12 5.42 0.75
N GLY B 295 -25.29 4.90 0.44
CA GLY B 295 -26.52 5.59 0.41
C GLY B 295 -26.65 6.87 -0.35
N ASN B 296 -26.90 6.76 -1.65
CA ASN B 296 -27.46 7.89 -2.35
C ASN B 296 -28.92 7.61 -2.69
N LYS B 297 -29.50 6.67 -1.95
CA LYS B 297 -30.93 6.31 -1.99
C LYS B 297 -31.24 5.81 -0.55
N ARG B 298 -32.50 5.62 -0.22
CA ARG B 298 -32.80 5.11 1.11
C ARG B 298 -32.66 3.59 1.08
N PRO B 299 -32.46 2.95 2.22
CA PRO B 299 -32.31 1.51 2.18
C PRO B 299 -33.56 0.85 1.73
N GLY B 300 -33.42 -0.05 0.77
CA GLY B 300 -34.56 -0.72 0.15
C GLY B 300 -35.31 0.09 -0.87
N ALA B 301 -35.06 1.37 -0.95
CA ALA B 301 -35.91 2.25 -1.76
C ALA B 301 -35.76 2.00 -3.20
N SER B 302 -36.56 2.71 -3.96
CA SER B 302 -36.54 2.57 -5.41
C SER B 302 -35.36 3.30 -6.04
N ASP B 303 -35.18 3.08 -7.32
CA ASP B 303 -34.01 3.54 -8.00
C ASP B 303 -34.20 4.98 -8.45
N ILE B 304 -33.07 5.65 -8.67
CA ILE B 304 -33.03 7.00 -9.14
C ILE B 304 -32.05 7.08 -10.31
N GLU B 305 -32.56 7.44 -11.47
CA GLU B 305 -31.81 7.40 -12.71
C GLU B 305 -30.54 8.20 -12.62
N GLY B 306 -29.41 7.61 -13.00
CA GLY B 306 -28.12 8.27 -12.97
C GLY B 306 -27.34 8.36 -11.71
N ARG B 307 -27.87 7.93 -10.58
CA ARG B 307 -27.10 7.96 -9.30
C ARG B 307 -26.16 6.81 -9.06
N SER B 308 -25.24 6.56 -9.98
CA SER B 308 -24.24 5.55 -9.86
C SER B 308 -23.25 5.91 -8.77
N ALA B 309 -22.74 4.93 -8.04
CA ALA B 309 -21.73 5.24 -7.02
C ALA B 309 -20.38 5.65 -7.69
N ILE B 310 -19.97 4.87 -8.70
CA ILE B 310 -18.79 5.17 -9.44
C ILE B 310 -19.11 5.13 -10.92
N LYS B 311 -18.67 6.18 -11.58
CA LYS B 311 -18.85 6.31 -13.00
C LYS B 311 -17.59 6.56 -13.81
N PHE B 312 -17.38 5.75 -14.82
CA PHE B 312 -16.21 5.84 -15.65
C PHE B 312 -16.75 6.09 -17.07
N ASN B 313 -16.58 7.34 -17.52
CA ASN B 313 -16.93 7.74 -18.87
C ASN B 313 -15.67 8.12 -19.59
N ASN B 314 -15.42 7.47 -20.74
CA ASN B 314 -14.19 7.72 -21.54
C ASN B 314 -12.92 7.67 -20.68
N CYS B 315 -12.77 6.59 -19.93
CA CYS B 315 -11.58 6.34 -19.17
C CYS B 315 -10.72 5.17 -19.70
N VAL B 316 -9.41 5.31 -19.61
CA VAL B 316 -8.51 4.25 -20.06
C VAL B 316 -7.69 3.75 -18.92
N ASP B 317 -7.39 2.45 -18.99
CA ASP B 317 -6.58 1.73 -18.00
C ASP B 317 -6.95 2.15 -16.59
N SER B 318 -8.24 2.23 -16.27
CA SER B 318 -8.67 2.59 -14.91
C SER B 318 -9.32 1.40 -14.23
N THR B 319 -9.32 1.41 -12.92
CA THR B 319 -9.75 0.19 -12.21
C THR B 319 -10.49 0.47 -10.90
N VAL B 320 -11.27 -0.49 -10.48
CA VAL B 320 -11.84 -0.42 -9.17
C VAL B 320 -11.54 -1.74 -8.51
N LYS B 321 -11.03 -1.71 -7.28
CA LYS B 321 -10.64 -2.92 -6.59
C LYS B 321 -11.02 -2.90 -5.16
N GLY B 322 -11.89 -3.84 -4.80
CA GLY B 322 -12.25 -4.09 -3.42
C GLY B 322 -13.21 -3.16 -2.69
N THR B 323 -13.82 -2.25 -3.42
CA THR B 323 -14.74 -1.31 -2.81
C THR B 323 -16.08 -1.94 -2.47
N CYS B 324 -16.63 -1.51 -1.34
CA CYS B 324 -17.90 -1.98 -0.87
C CYS B 324 -18.97 -0.91 -1.16
N PHE B 325 -20.12 -1.30 -1.73
CA PHE B 325 -21.21 -0.39 -2.10
C PHE B 325 -22.48 -0.81 -1.38
N TYR B 326 -23.06 0.09 -0.62
CA TYR B 326 -24.33 -0.07 0.05
C TYR B 326 -25.43 0.95 -0.34
N ASN B 327 -26.60 0.50 -0.74
CA ASN B 327 -27.78 1.42 -0.89
C ASN B 327 -27.59 2.43 -1.95
N ILE B 328 -27.50 1.98 -3.17
CA ILE B 328 -27.18 2.85 -4.25
C ILE B 328 -28.34 2.88 -5.23
N GLY B 329 -28.78 4.11 -5.50
CA GLY B 329 -29.92 4.37 -6.42
C GLY B 329 -29.77 3.92 -7.87
N TRP B 330 -28.53 3.89 -8.34
CA TRP B 330 -28.30 3.51 -9.71
C TRP B 330 -27.31 2.31 -9.81
N TYR B 331 -26.29 2.42 -10.65
CA TYR B 331 -25.28 1.38 -10.77
C TYR B 331 -24.14 1.51 -9.76
N GLY B 332 -23.56 0.36 -9.38
CA GLY B 332 -22.43 0.39 -8.47
C GLY B 332 -21.24 1.02 -9.15
N VAL B 333 -20.89 0.47 -10.30
CA VAL B 333 -19.81 0.91 -11.14
C VAL B 333 -20.39 0.99 -12.55
N GLU B 334 -20.39 2.18 -13.09
CA GLU B 334 -21.02 2.40 -14.39
C GLU B 334 -19.96 2.65 -15.36
N VAL B 335 -19.87 1.89 -16.42
CA VAL B 335 -18.77 2.08 -17.35
C VAL B 335 -19.29 2.51 -18.69
N LEU B 336 -18.96 3.70 -19.14
CA LEU B 336 -19.47 4.06 -20.46
C LEU B 336 -18.52 4.83 -21.34
N GLY B 337 -18.88 4.93 -22.61
CA GLY B 337 -18.02 5.70 -23.48
C GLY B 337 -17.03 4.76 -24.10
N CYS B 338 -15.90 5.31 -24.54
CA CYS B 338 -14.83 4.45 -25.11
C CYS B 338 -13.83 4.13 -24.03
N SER B 339 -14.32 3.74 -22.85
CA SER B 339 -13.52 3.30 -21.74
C SER B 339 -12.85 2.00 -22.09
N GLU B 340 -11.54 1.98 -22.00
CA GLU B 340 -10.79 0.87 -22.53
C GLU B 340 -9.92 0.33 -21.48
N ASP B 341 -9.91 -0.98 -21.39
CA ASP B 341 -9.06 -1.67 -20.48
C ASP B 341 -9.39 -1.28 -19.06
N THR B 342 -10.64 -1.47 -18.68
CA THR B 342 -11.05 -1.22 -17.29
C THR B 342 -11.32 -2.56 -16.65
N GLU B 343 -10.98 -2.61 -15.37
CA GLU B 343 -11.06 -3.81 -14.58
C GLU B 343 -11.79 -3.51 -13.28
N VAL B 344 -12.68 -4.38 -12.90
CA VAL B 344 -13.27 -4.25 -11.59
C VAL B 344 -12.97 -5.55 -10.85
N HIS B 345 -12.36 -5.44 -9.70
CA HIS B 345 -12.08 -6.61 -8.90
C HIS B 345 -12.62 -6.54 -7.49
N ASP B 346 -12.99 -7.72 -7.03
CA ASP B 346 -13.40 -7.96 -5.61
C ASP B 346 -14.43 -6.98 -5.05
N ILE B 347 -15.38 -6.51 -5.81
CA ILE B 347 -16.28 -5.54 -5.20
C ILE B 347 -17.40 -6.27 -4.50
N HIS B 348 -18.04 -5.53 -3.62
CA HIS B 348 -19.13 -6.06 -2.90
C HIS B 348 -20.25 -5.04 -2.98
N ALA B 349 -21.36 -5.44 -3.57
CA ALA B 349 -22.46 -4.51 -3.85
C ALA B 349 -23.78 -5.04 -3.31
N MET B 350 -24.41 -4.28 -2.43
CA MET B 350 -25.55 -4.74 -1.69
C MET B 350 -26.60 -3.65 -1.81
N ASP B 351 -27.73 -3.99 -2.41
CA ASP B 351 -28.85 -3.04 -2.55
C ASP B 351 -28.55 -1.92 -3.52
N VAL B 352 -28.42 -2.30 -4.79
CA VAL B 352 -28.03 -1.42 -5.85
C VAL B 352 -28.82 -1.89 -7.06
N ARG B 353 -28.89 -1.09 -8.13
CA ARG B 353 -29.66 -1.46 -9.29
C ARG B 353 -28.97 -2.55 -10.05
N HIS B 354 -27.72 -2.24 -10.48
CA HIS B 354 -26.70 -3.17 -11.07
C HIS B 354 -25.38 -3.00 -10.31
N ALA B 355 -24.73 -4.10 -9.98
CA ALA B 355 -23.46 -4.00 -9.26
C ALA B 355 -22.45 -3.39 -10.23
N ILE B 356 -22.49 -3.86 -11.48
CA ILE B 356 -21.67 -3.35 -12.54
C ILE B 356 -22.51 -3.26 -13.78
N SER B 357 -22.45 -2.11 -14.45
CA SER B 357 -23.14 -1.96 -15.72
C SER B 357 -22.31 -1.22 -16.72
N LEU B 358 -22.15 -1.80 -17.89
CA LEU B 358 -21.55 -1.15 -19.01
C LEU B 358 -22.72 -0.52 -19.72
N ASN B 359 -22.64 0.77 -19.91
CA ASN B 359 -23.74 1.53 -20.42
C ASN B 359 -23.64 1.96 -21.91
N TRP B 360 -24.81 2.29 -22.44
CA TRP B 360 -24.95 2.89 -23.72
C TRP B 360 -25.12 4.37 -23.47
N GLN B 361 -25.38 5.11 -24.54
CA GLN B 361 -25.63 6.53 -24.46
C GLN B 361 -26.79 6.83 -25.33
N SER B 362 -27.75 7.56 -24.76
CA SER B 362 -28.95 7.94 -25.53
C SER B 362 -28.63 9.02 -26.55
N THR B 363 -29.04 8.75 -27.79
CA THR B 363 -28.82 9.66 -28.93
C THR B 363 -30.05 10.46 -29.33
N ALA B 364 -31.04 10.48 -28.46
CA ALA B 364 -32.20 11.32 -28.61
C ALA B 364 -31.86 12.80 -28.73
N ASP B 365 -30.81 13.28 -28.10
CA ASP B 365 -30.54 14.71 -28.19
C ASP B 365 -29.31 15.02 -28.97
N GLY B 366 -28.78 14.02 -29.66
CA GLY B 366 -27.58 14.23 -30.45
C GLY B 366 -26.75 12.99 -30.61
N ASP B 367 -25.79 13.06 -31.53
CA ASP B 367 -24.78 12.00 -31.71
C ASP B 367 -23.96 11.78 -30.44
N LYS B 368 -23.48 10.55 -30.32
CA LYS B 368 -22.78 10.10 -29.15
C LYS B 368 -21.68 9.17 -29.60
N TRP B 369 -20.57 9.16 -28.86
CA TRP B 369 -19.48 8.29 -29.24
C TRP B 369 -18.89 7.45 -28.14
N GLY B 370 -18.73 6.19 -28.48
CA GLY B 370 -17.89 5.29 -27.70
C GLY B 370 -18.63 4.18 -27.02
N GLU B 371 -18.14 2.96 -27.24
CA GLU B 371 -18.52 1.75 -26.52
C GLU B 371 -17.33 1.20 -25.72
N PRO B 372 -17.58 0.53 -24.59
CA PRO B 372 -16.47 0.01 -23.82
C PRO B 372 -15.78 -1.07 -24.57
N ILE B 373 -14.46 -1.07 -24.40
CA ILE B 373 -13.63 -2.02 -25.10
C ILE B 373 -12.71 -2.59 -24.06
N GLU B 374 -12.62 -3.93 -23.99
CA GLU B 374 -11.83 -4.62 -22.98
C GLU B 374 -12.23 -4.30 -21.53
N PHE B 375 -13.13 -5.13 -21.04
CA PHE B 375 -13.61 -5.00 -19.71
C PHE B 375 -13.48 -6.33 -18.93
N LEU B 376 -13.13 -6.22 -17.66
CA LEU B 376 -12.96 -7.38 -16.86
C LEU B 376 -13.56 -7.17 -15.52
N GLY B 377 -14.49 -8.03 -15.17
CA GLY B 377 -14.97 -8.02 -13.83
C GLY B 377 -14.57 -9.33 -13.22
N VAL B 378 -13.93 -9.30 -12.07
CA VAL B 378 -13.45 -10.55 -11.48
C VAL B 378 -13.66 -10.60 -10.03
N ASN B 379 -14.25 -11.73 -9.61
CA ASN B 379 -14.47 -12.04 -8.22
C ASN B 379 -15.32 -10.97 -7.51
N CYS B 380 -16.41 -10.60 -8.13
CA CYS B 380 -17.32 -9.57 -7.59
C CYS B 380 -18.55 -10.25 -7.04
N GLU B 381 -19.10 -9.62 -6.05
CA GLU B 381 -20.19 -10.18 -5.30
C GLU B 381 -21.33 -9.18 -5.33
N ALA B 382 -22.49 -9.62 -5.81
CA ALA B 382 -23.69 -8.76 -5.72
C ALA B 382 -24.87 -9.38 -4.96
N TYR B 383 -25.42 -8.56 -4.11
CA TYR B 383 -26.53 -8.93 -3.26
C TYR B 383 -27.77 -8.06 -3.39
N SER B 384 -28.90 -8.71 -3.62
CA SER B 384 -30.18 -7.98 -3.62
C SER B 384 -30.21 -6.79 -4.57
N THR B 385 -29.92 -7.02 -5.83
CA THR B 385 -29.99 -5.93 -6.75
C THR B 385 -31.43 -5.78 -7.25
N THR B 386 -31.83 -4.54 -7.49
CA THR B 386 -33.16 -4.24 -8.03
C THR B 386 -33.28 -4.66 -9.46
N GLN B 387 -32.18 -4.71 -10.17
CA GLN B 387 -32.17 -5.25 -11.51
C GLN B 387 -31.03 -6.29 -11.61
N ALA B 388 -30.60 -6.67 -12.81
CA ALA B 388 -29.53 -7.67 -12.92
C ALA B 388 -28.30 -7.35 -12.07
N GLY B 389 -27.63 -8.39 -11.57
CA GLY B 389 -26.48 -8.17 -10.75
C GLY B 389 -25.36 -7.59 -11.58
N PHE B 390 -25.19 -8.13 -12.79
CA PHE B 390 -24.10 -7.76 -13.65
C PHE B 390 -24.67 -7.61 -15.03
N ASP B 391 -24.47 -6.42 -15.57
CA ASP B 391 -25.22 -6.04 -16.76
C ASP B 391 -24.39 -5.29 -17.78
N THR B 392 -24.76 -5.45 -19.03
CA THR B 392 -24.22 -4.64 -20.07
C THR B 392 -25.39 -4.11 -20.84
N HIS B 393 -25.23 -3.01 -21.53
CA HIS B 393 -26.28 -2.62 -22.46
C HIS B 393 -25.91 -3.16 -23.85
N ASP B 394 -26.34 -2.50 -24.92
CA ASP B 394 -26.21 -3.14 -26.24
C ASP B 394 -25.04 -2.71 -27.09
N ILE B 395 -24.08 -2.09 -26.44
CA ILE B 395 -22.78 -1.87 -27.05
C ILE B 395 -21.66 -2.50 -26.17
N GLY B 396 -20.44 -2.53 -26.67
CA GLY B 396 -19.30 -2.99 -25.88
C GLY B 396 -18.61 -4.19 -26.49
N LYS B 397 -17.28 -4.16 -26.53
CA LYS B 397 -16.54 -5.29 -27.14
C LYS B 397 -15.60 -5.89 -26.11
N ARG B 398 -15.46 -7.21 -26.15
CA ARG B 398 -14.57 -7.91 -25.24
C ARG B 398 -14.89 -7.71 -23.76
N VAL B 399 -16.00 -8.25 -23.35
CA VAL B 399 -16.51 -8.09 -21.99
C VAL B 399 -16.50 -9.43 -21.32
N LYS B 400 -15.81 -9.50 -20.21
CA LYS B 400 -15.58 -10.76 -19.53
C LYS B 400 -15.94 -10.66 -18.07
N PHE B 401 -16.64 -11.70 -17.60
CA PHE B 401 -16.90 -11.81 -16.17
C PHE B 401 -16.28 -13.09 -15.64
N VAL B 402 -15.41 -12.95 -14.65
CA VAL B 402 -14.68 -14.10 -14.13
C VAL B 402 -14.96 -14.25 -12.67
N ARG B 403 -15.52 -15.42 -12.37
CA ARG B 403 -15.83 -15.79 -11.03
C ARG B 403 -16.61 -14.70 -10.35
N CYS B 404 -17.67 -14.25 -10.96
CA CYS B 404 -18.52 -13.28 -10.28
C CYS B 404 -19.73 -14.04 -9.74
N VAL B 405 -20.31 -13.51 -8.67
CA VAL B 405 -21.48 -14.14 -8.07
C VAL B 405 -22.59 -13.16 -7.79
N SER B 406 -23.79 -13.58 -8.14
CA SER B 406 -25.04 -12.83 -7.80
C SER B 406 -26.00 -13.61 -6.89
N TYR B 407 -26.44 -12.90 -5.88
CA TYR B 407 -27.44 -13.44 -4.98
C TYR B 407 -28.74 -12.65 -5.01
N ASP B 408 -29.83 -13.36 -5.10
CA ASP B 408 -31.14 -12.77 -4.87
C ASP B 408 -31.44 -11.53 -5.63
N SER B 409 -31.21 -11.56 -6.94
CA SER B 409 -31.58 -10.45 -7.81
C SER B 409 -33.11 -10.34 -7.91
N ALA B 410 -33.58 -9.15 -8.18
CA ALA B 410 -34.96 -8.97 -8.53
C ALA B 410 -35.18 -9.31 -9.97
N ALA B 411 -34.13 -9.41 -10.76
CA ALA B 411 -34.24 -9.70 -12.19
C ALA B 411 -33.41 -10.91 -12.49
N ALA B 412 -32.43 -10.80 -13.39
CA ALA B 412 -31.50 -11.88 -13.61
C ALA B 412 -30.24 -11.72 -12.71
N GLY B 413 -29.46 -12.79 -12.55
CA GLY B 413 -28.18 -12.60 -11.94
C GLY B 413 -27.29 -11.83 -12.92
N PHE B 414 -27.32 -12.25 -14.19
CA PHE B 414 -26.45 -11.70 -15.21
C PHE B 414 -27.20 -11.38 -16.47
N GLN B 415 -27.02 -10.15 -16.95
CA GLN B 415 -27.69 -9.75 -18.16
C GLN B 415 -26.76 -9.23 -19.23
N ALA B 416 -26.81 -9.88 -20.38
CA ALA B 416 -25.91 -9.60 -21.48
C ALA B 416 -26.77 -9.03 -22.51
N ARG B 417 -26.52 -7.77 -22.80
CA ARG B 417 -27.20 -7.11 -23.89
C ARG B 417 -26.28 -6.67 -25.06
N THR B 418 -25.04 -7.09 -25.03
CA THR B 418 -24.14 -6.87 -26.13
C THR B 418 -23.63 -8.20 -26.60
N ASN B 419 -23.10 -8.29 -27.81
CA ASN B 419 -22.73 -9.66 -28.26
C ASN B 419 -21.49 -10.31 -27.66
N GLY B 420 -21.53 -11.62 -27.61
CA GLY B 420 -20.41 -12.46 -27.13
C GLY B 420 -19.78 -12.09 -25.80
N VAL B 421 -20.60 -11.81 -24.79
CA VAL B 421 -20.11 -11.60 -23.45
C VAL B 421 -19.69 -12.93 -22.90
N GLU B 422 -18.54 -12.99 -22.23
CA GLU B 422 -17.98 -14.29 -21.85
C GLU B 422 -18.01 -14.39 -20.38
N TYR B 423 -18.55 -15.50 -19.88
CA TYR B 423 -18.61 -15.73 -18.44
C TYR B 423 -17.82 -16.96 -18.10
N LEU B 424 -16.91 -16.79 -17.14
CA LEU B 424 -16.11 -17.86 -16.60
C LEU B 424 -16.38 -18.16 -15.14
N ASN B 425 -16.86 -19.36 -14.88
CA ASN B 425 -17.00 -19.82 -13.50
C ASN B 425 -17.81 -18.82 -12.66
N CYS B 426 -18.88 -18.28 -13.23
CA CYS B 426 -19.72 -17.37 -12.49
C CYS B 426 -20.86 -18.09 -11.81
N ARG B 427 -21.42 -17.43 -10.82
CA ARG B 427 -22.49 -18.07 -10.05
C ARG B 427 -23.69 -17.15 -9.84
N ALA B 428 -24.87 -17.70 -10.13
CA ALA B 428 -26.16 -16.98 -9.90
C ALA B 428 -27.03 -17.76 -8.93
N TYR B 429 -27.34 -17.16 -7.79
CA TYR B 429 -28.23 -17.83 -6.82
C TYR B 429 -29.57 -17.12 -6.68
N ARG B 430 -30.67 -17.81 -6.84
CA ARG B 430 -32.00 -17.28 -6.38
C ARG B 430 -32.43 -15.96 -7.00
N ALA B 431 -32.19 -15.80 -8.30
CA ALA B 431 -32.67 -14.61 -9.01
C ALA B 431 -34.17 -14.82 -9.25
N ALA B 432 -34.91 -13.72 -9.25
CA ALA B 432 -36.33 -13.74 -9.56
C ALA B 432 -36.65 -14.21 -10.96
N MET B 433 -35.67 -14.22 -11.85
CA MET B 433 -35.97 -14.59 -13.20
C MET B 433 -35.05 -15.67 -13.67
N ASP B 434 -34.00 -15.31 -14.39
CA ASP B 434 -33.03 -16.24 -14.88
C ASP B 434 -31.69 -15.99 -14.19
N GLY B 435 -30.86 -17.03 -14.06
CA GLY B 435 -29.56 -16.78 -13.48
C GLY B 435 -28.76 -15.90 -14.40
N PHE B 436 -28.67 -16.39 -15.64
CA PHE B 436 -27.94 -15.78 -16.72
C PHE B 436 -28.90 -15.63 -17.90
N ALA B 437 -28.88 -14.45 -18.50
CA ALA B 437 -29.69 -14.24 -19.69
C ALA B 437 -29.17 -13.18 -20.61
N SER B 438 -29.48 -13.35 -21.90
CA SER B 438 -29.19 -12.37 -22.94
C SER B 438 -30.47 -11.64 -23.12
N ASN B 439 -30.71 -11.10 -24.30
CA ASN B 439 -31.92 -10.34 -24.52
C ASN B 439 -32.15 -10.11 -25.96
N THR B 440 -33.21 -9.38 -26.26
CA THR B 440 -33.68 -9.22 -27.60
C THR B 440 -32.63 -8.84 -28.63
N GLY B 441 -32.50 -9.67 -29.65
CA GLY B 441 -31.48 -9.44 -30.64
C GLY B 441 -30.03 -9.49 -30.14
N VAL B 442 -29.78 -10.04 -28.95
CA VAL B 442 -28.43 -10.23 -28.47
C VAL B 442 -27.90 -11.57 -28.95
N ALA B 443 -26.64 -11.63 -29.33
CA ALA B 443 -26.16 -12.86 -29.91
C ALA B 443 -25.09 -13.50 -29.09
N PHE B 444 -25.23 -14.82 -28.94
CA PHE B 444 -24.26 -15.76 -28.34
C PHE B 444 -23.38 -15.30 -27.20
N PRO B 445 -23.95 -15.27 -26.03
CA PRO B 445 -23.08 -15.17 -24.91
C PRO B 445 -22.42 -16.54 -24.72
N ILE B 446 -21.36 -16.60 -23.93
CA ILE B 446 -20.67 -17.82 -23.75
C ILE B 446 -20.52 -18.02 -22.31
N TYR B 447 -20.95 -19.19 -21.86
CA TYR B 447 -20.99 -19.53 -20.44
C TYR B 447 -20.09 -20.73 -20.28
N ARG B 448 -19.03 -20.56 -19.49
CA ARG B 448 -18.09 -21.68 -19.19
C ARG B 448 -18.08 -22.01 -17.73
N GLU B 449 -18.54 -23.23 -17.46
CA GLU B 449 -18.52 -23.77 -16.09
C GLU B 449 -19.17 -22.85 -15.15
N CYS B 450 -20.29 -22.29 -15.58
CA CYS B 450 -21.07 -21.35 -14.72
C CYS B 450 -22.15 -22.12 -14.05
N LEU B 451 -22.50 -21.70 -12.84
CA LEU B 451 -23.44 -22.43 -11.98
C LEU B 451 -24.60 -21.53 -11.60
N ALA B 452 -25.79 -22.07 -11.80
CA ALA B 452 -27.04 -21.41 -11.46
C ALA B 452 -27.92 -22.28 -10.52
N TYR B 453 -28.11 -21.78 -9.30
CA TYR B 453 -28.84 -22.47 -8.26
C TYR B 453 -30.08 -21.70 -7.89
N ASP B 454 -31.21 -22.38 -8.06
CA ASP B 454 -32.51 -21.94 -7.56
C ASP B 454 -33.00 -20.63 -8.08
N ASN B 455 -32.79 -20.40 -9.36
CA ASN B 455 -33.35 -19.22 -10.02
C ASN B 455 -34.68 -19.66 -10.59
N VAL B 456 -35.67 -18.82 -10.39
CA VAL B 456 -37.05 -19.16 -10.60
C VAL B 456 -37.30 -19.62 -11.99
N ARG B 457 -37.01 -18.80 -12.97
CA ARG B 457 -37.47 -19.18 -14.32
C ARG B 457 -36.54 -20.16 -14.96
N SER B 458 -35.26 -19.78 -15.00
CA SER B 458 -34.25 -20.65 -15.61
C SER B 458 -32.88 -20.31 -15.12
N GLY B 459 -31.96 -21.25 -15.39
CA GLY B 459 -30.55 -21.10 -15.12
C GLY B 459 -29.95 -20.19 -16.16
N PHE B 460 -30.05 -20.64 -17.39
CA PHE B 460 -29.52 -19.88 -18.50
C PHE B 460 -30.59 -19.65 -19.51
N ASN B 461 -30.81 -18.39 -19.82
CA ASN B 461 -31.80 -18.06 -20.81
C ASN B 461 -31.19 -17.31 -21.98
N CYS B 462 -30.91 -18.08 -23.01
CA CYS B 462 -30.28 -17.52 -24.17
C CYS B 462 -31.10 -17.90 -25.43
N SER B 463 -32.39 -17.64 -25.32
CA SER B 463 -33.37 -17.96 -26.40
C SER B 463 -33.60 -16.77 -27.34
N TYR B 464 -32.98 -15.64 -27.04
CA TYR B 464 -33.22 -14.49 -27.83
C TYR B 464 -32.45 -14.50 -29.15
N GLY B 465 -31.33 -15.23 -29.18
CA GLY B 465 -30.44 -15.32 -30.36
C GLY B 465 -29.20 -16.17 -30.16
N GLY B 466 -29.39 -17.38 -29.62
CA GLY B 466 -28.37 -18.40 -29.49
C GLY B 466 -27.51 -18.30 -28.25
N GLY B 467 -26.84 -19.43 -27.93
CA GLY B 467 -25.92 -19.44 -26.78
C GLY B 467 -24.95 -20.55 -26.86
N TYR B 468 -23.87 -20.37 -26.15
CA TYR B 468 -22.92 -21.43 -26.05
C TYR B 468 -22.80 -21.74 -24.58
N VAL B 469 -23.37 -22.87 -24.18
CA VAL B 469 -23.40 -23.21 -22.77
C VAL B 469 -22.47 -24.37 -22.51
N TYR B 470 -21.29 -24.08 -21.99
CA TYR B 470 -20.24 -25.09 -21.87
C TYR B 470 -19.97 -25.57 -20.46
N ASP B 471 -20.18 -26.87 -20.24
CA ASP B 471 -19.99 -27.52 -18.94
C ASP B 471 -20.67 -26.77 -17.79
N CYS B 472 -21.85 -26.20 -18.06
CA CYS B 472 -22.61 -25.48 -17.01
C CYS B 472 -23.54 -26.36 -16.16
N GLU B 473 -24.05 -25.77 -15.11
CA GLU B 473 -24.95 -26.41 -14.20
C GLU B 473 -26.08 -25.46 -13.78
N ALA B 474 -27.28 -25.99 -13.84
CA ALA B 474 -28.45 -25.27 -13.40
C ALA B 474 -29.35 -26.22 -12.60
N HIS B 475 -29.64 -25.80 -11.40
CA HIS B 475 -30.50 -26.55 -10.49
C HIS B 475 -31.59 -25.65 -9.94
N GLY B 476 -32.80 -26.18 -9.86
CA GLY B 476 -33.89 -25.54 -9.11
C GLY B 476 -34.60 -24.47 -9.88
N SER B 477 -34.73 -24.65 -11.17
CA SER B 477 -35.47 -23.67 -11.95
C SER B 477 -36.65 -24.40 -12.62
N GLN B 478 -37.35 -23.67 -13.46
CA GLN B 478 -38.39 -24.29 -14.18
C GLN B 478 -37.74 -25.08 -15.25
N ASN B 479 -36.82 -24.41 -15.96
CA ASN B 479 -35.98 -25.06 -16.99
C ASN B 479 -34.51 -24.73 -16.78
N GLY B 480 -33.61 -25.70 -16.94
CA GLY B 480 -32.18 -25.43 -16.79
C GLY B 480 -31.74 -24.31 -17.72
N VAL B 481 -31.96 -24.57 -19.00
CA VAL B 481 -31.48 -23.74 -20.07
C VAL B 481 -32.65 -23.54 -21.04
N ARG B 482 -32.88 -22.29 -21.44
CA ARG B 482 -33.76 -21.95 -22.55
C ARG B 482 -32.86 -21.48 -23.69
N ILE B 483 -32.90 -22.19 -24.81
CA ILE B 483 -32.02 -21.89 -25.85
C ILE B 483 -32.65 -22.14 -27.17
N ASN B 484 -32.39 -21.29 -28.15
CA ASN B 484 -32.99 -21.46 -29.48
C ASN B 484 -32.03 -22.01 -30.51
N GLY B 485 -30.75 -21.90 -30.17
CA GLY B 485 -29.69 -22.36 -31.00
C GLY B 485 -28.34 -22.19 -30.36
N GLY B 486 -27.41 -23.06 -30.79
CA GLY B 486 -26.11 -23.03 -30.18
C GLY B 486 -25.67 -24.37 -29.76
N ARG B 487 -25.03 -24.42 -28.62
CA ARG B 487 -24.60 -25.73 -28.12
C ARG B 487 -24.74 -25.79 -26.66
N VAL B 488 -25.08 -26.97 -26.20
CA VAL B 488 -25.01 -27.27 -24.79
C VAL B 488 -24.09 -28.44 -24.72
N LYS B 489 -22.86 -28.17 -24.28
CA LYS B 489 -21.82 -29.21 -24.21
C LYS B 489 -21.51 -29.51 -22.77
N GLY B 490 -21.63 -30.78 -22.40
CA GLY B 490 -21.43 -31.17 -21.00
C GLY B 490 -22.27 -30.45 -19.94
N GLY B 491 -21.83 -30.49 -18.70
CA GLY B 491 -22.62 -29.87 -17.65
C GLY B 491 -23.60 -30.90 -17.10
N ARG B 492 -24.33 -30.46 -16.08
CA ARG B 492 -25.18 -31.33 -15.30
C ARG B 492 -26.36 -30.50 -14.86
N TYR B 493 -27.56 -31.06 -15.03
CA TYR B 493 -28.81 -30.32 -14.69
C TYR B 493 -29.70 -31.17 -13.81
N THR B 494 -30.20 -30.56 -12.73
CA THR B 494 -31.05 -31.24 -11.75
C THR B 494 -32.20 -30.33 -11.24
N ARG B 495 -33.28 -30.94 -10.74
CA ARG B 495 -34.37 -30.23 -10.07
C ARG B 495 -34.95 -29.12 -10.91
N ASN B 496 -35.43 -29.47 -12.10
CA ASN B 496 -36.06 -28.49 -12.98
C ASN B 496 -37.44 -29.04 -13.31
N SER B 497 -38.42 -28.29 -12.86
CA SER B 497 -39.83 -28.68 -12.84
C SER B 497 -40.39 -28.96 -14.21
N SER B 498 -39.98 -28.18 -15.18
CA SER B 498 -40.47 -28.44 -16.51
C SER B 498 -39.57 -29.33 -17.34
N SER B 499 -38.36 -28.85 -17.58
CA SER B 499 -37.32 -29.63 -18.29
C SER B 499 -35.88 -29.11 -18.00
N HIS B 500 -34.86 -29.91 -18.27
CA HIS B 500 -33.51 -29.41 -18.06
C HIS B 500 -33.16 -28.42 -19.24
N ILE B 501 -33.29 -28.90 -20.45
CA ILE B 501 -33.09 -28.04 -21.59
C ILE B 501 -34.44 -27.73 -22.24
N PHE B 502 -34.67 -26.46 -22.50
CA PHE B 502 -35.90 -26.05 -23.13
C PHE B 502 -35.54 -25.37 -24.44
N VAL B 503 -35.87 -26.03 -25.52
CA VAL B 503 -35.61 -25.52 -26.78
C VAL B 503 -36.78 -24.61 -27.19
N THR B 504 -36.57 -23.30 -27.18
CA THR B 504 -37.60 -22.33 -27.48
C THR B 504 -36.98 -21.03 -27.99
N LYS B 505 -37.77 -19.98 -28.12
CA LYS B 505 -37.32 -18.69 -28.67
C LYS B 505 -37.93 -17.65 -27.85
N ASP B 506 -37.45 -16.42 -27.91
CA ASP B 506 -38.11 -15.32 -27.20
C ASP B 506 -39.45 -15.00 -27.86
N VAL B 507 -39.49 -15.05 -29.18
CA VAL B 507 -40.66 -14.70 -29.97
C VAL B 507 -40.51 -15.52 -31.22
N ALA B 508 -41.64 -15.86 -31.85
CA ALA B 508 -41.63 -16.73 -33.01
C ALA B 508 -40.91 -16.07 -34.18
N GLU B 509 -40.86 -14.74 -34.25
CA GLU B 509 -40.13 -14.15 -35.38
C GLU B 509 -38.65 -14.48 -35.36
N THR B 510 -38.09 -14.80 -34.19
CA THR B 510 -36.67 -15.04 -34.05
C THR B 510 -36.39 -16.39 -34.66
N ALA B 511 -35.20 -16.50 -35.25
CA ALA B 511 -34.83 -17.68 -36.04
C ALA B 511 -34.20 -18.81 -35.20
N GLN B 512 -34.72 -20.03 -35.37
CA GLN B 512 -34.15 -21.23 -34.75
C GLN B 512 -32.92 -21.56 -35.56
N THR B 513 -31.81 -21.88 -34.88
CA THR B 513 -30.59 -22.33 -35.57
C THR B 513 -30.19 -23.70 -35.05
N SER B 514 -29.12 -24.30 -35.57
CA SER B 514 -28.74 -25.63 -35.15
C SER B 514 -28.39 -25.61 -33.63
N LEU B 515 -28.77 -26.70 -32.93
CA LEU B 515 -28.50 -26.87 -31.53
C LEU B 515 -27.91 -28.26 -31.39
N GLU B 516 -26.76 -28.34 -30.71
CA GLU B 516 -26.02 -29.56 -30.49
C GLU B 516 -26.09 -29.72 -28.99
N ILE B 517 -26.54 -30.86 -28.51
CA ILE B 517 -26.57 -31.16 -27.07
C ILE B 517 -25.76 -32.42 -26.88
N ASP B 518 -24.57 -32.28 -26.30
CA ASP B 518 -23.63 -33.37 -26.28
C ASP B 518 -23.08 -33.48 -24.87
N GLY B 519 -23.02 -34.71 -24.38
CA GLY B 519 -22.44 -35.05 -23.10
C GLY B 519 -23.05 -34.40 -21.88
N VAL B 520 -24.31 -34.07 -21.94
CA VAL B 520 -24.93 -33.39 -20.85
C VAL B 520 -25.60 -34.37 -19.93
N SER B 521 -25.44 -34.16 -18.64
CA SER B 521 -26.17 -34.91 -17.63
C SER B 521 -27.54 -34.20 -17.31
N MET B 522 -28.61 -34.82 -17.81
CA MET B 522 -29.94 -34.39 -17.66
C MET B 522 -30.73 -35.55 -17.02
N ARG B 523 -30.25 -36.08 -15.90
CA ARG B 523 -30.90 -37.29 -15.32
C ARG B 523 -32.27 -36.95 -14.74
N TYR B 524 -33.10 -37.97 -14.61
CA TYR B 524 -34.45 -37.83 -14.03
C TYR B 524 -34.35 -37.91 -12.53
N ASP B 525 -34.97 -36.97 -11.82
CA ASP B 525 -34.88 -36.92 -10.35
C ASP B 525 -36.22 -36.67 -9.74
N GLY B 526 -37.26 -37.06 -10.44
CA GLY B 526 -38.61 -36.88 -9.97
C GLY B 526 -39.21 -35.51 -10.23
N THR B 527 -38.62 -34.72 -11.13
CA THR B 527 -39.18 -33.39 -11.46
C THR B 527 -39.53 -33.38 -12.95
N GLY B 528 -38.99 -32.41 -13.71
CA GLY B 528 -39.22 -32.29 -15.13
C GLY B 528 -38.56 -33.29 -16.04
N ARG B 529 -38.78 -33.08 -17.33
CA ARG B 529 -38.25 -33.97 -18.37
C ARG B 529 -36.90 -33.53 -18.82
N ALA B 530 -36.28 -34.28 -19.72
CA ALA B 530 -34.93 -33.87 -20.19
C ALA B 530 -34.97 -32.65 -21.13
N VAL B 531 -35.60 -32.83 -22.26
CA VAL B 531 -35.71 -31.79 -23.24
C VAL B 531 -37.19 -31.45 -23.50
N TYR B 532 -37.42 -30.18 -23.74
CA TYR B 532 -38.71 -29.64 -24.06
C TYR B 532 -38.61 -28.88 -25.39
N PHE B 533 -39.27 -29.42 -26.40
CA PHE B 533 -39.41 -28.80 -27.69
C PHE B 533 -40.67 -27.93 -27.87
N HIS B 534 -40.47 -26.64 -28.11
CA HIS B 534 -41.59 -25.67 -28.20
C HIS B 534 -42.23 -25.46 -29.56
N GLY B 535 -43.09 -26.39 -29.93
CA GLY B 535 -43.82 -26.29 -31.16
C GLY B 535 -44.53 -24.95 -31.30
N THR B 536 -45.12 -24.49 -30.20
CA THR B 536 -45.84 -23.21 -30.21
C THR B 536 -45.13 -22.02 -30.90
N VAL B 537 -43.80 -21.94 -30.85
CA VAL B 537 -43.08 -20.80 -31.50
C VAL B 537 -42.30 -21.22 -32.74
N GLY B 538 -42.69 -22.34 -33.34
CA GLY B 538 -41.99 -22.90 -34.50
C GLY B 538 -40.69 -23.65 -34.32
N ILE B 539 -40.50 -24.45 -33.27
CA ILE B 539 -39.28 -25.24 -33.12
C ILE B 539 -39.37 -26.54 -33.93
N ASP B 540 -38.41 -26.72 -34.85
CA ASP B 540 -38.24 -27.96 -35.61
C ASP B 540 -37.22 -28.79 -34.85
N PRO B 541 -37.63 -29.96 -34.31
CA PRO B 541 -36.75 -30.81 -33.52
C PRO B 541 -35.60 -31.45 -34.32
N THR B 542 -35.69 -31.52 -35.63
CA THR B 542 -34.61 -32.14 -36.39
C THR B 542 -33.46 -31.18 -36.58
N LEU B 543 -33.57 -29.99 -36.07
CA LEU B 543 -32.44 -29.07 -36.07
C LEU B 543 -31.58 -29.20 -34.79
N VAL B 544 -31.93 -30.17 -33.96
CA VAL B 544 -31.23 -30.51 -32.73
C VAL B 544 -30.58 -31.89 -32.92
N SER B 545 -29.38 -32.08 -32.35
CA SER B 545 -28.77 -33.40 -32.28
C SER B 545 -28.47 -33.60 -30.84
N MET B 546 -28.83 -34.75 -30.32
CA MET B 546 -28.50 -35.06 -28.96
C MET B 546 -27.58 -36.24 -29.02
N SER B 547 -26.39 -36.11 -28.43
CA SER B 547 -25.35 -37.15 -28.52
C SER B 547 -24.63 -37.37 -27.21
N ASN B 548 -24.54 -38.61 -26.79
CA ASN B 548 -23.84 -38.98 -25.54
C ASN B 548 -24.26 -38.29 -24.25
N ASN B 549 -25.55 -38.18 -24.07
CA ASN B 549 -26.04 -37.54 -22.88
C ASN B 549 -26.52 -38.57 -21.92
N ASP B 550 -26.63 -38.16 -20.68
CA ASP B 550 -27.16 -39.04 -19.70
C ASP B 550 -28.58 -38.64 -19.39
N MET B 551 -29.54 -39.34 -20.01
CA MET B 551 -30.96 -39.13 -19.75
C MET B 551 -31.53 -40.22 -18.81
N THR B 552 -30.70 -40.80 -17.94
CA THR B 552 -31.11 -41.94 -17.12
C THR B 552 -32.37 -41.56 -16.36
N GLY B 553 -33.36 -42.45 -16.42
CA GLY B 553 -34.54 -42.48 -15.56
C GLY B 553 -35.83 -41.84 -16.09
N HIS B 554 -35.79 -41.28 -17.29
CA HIS B 554 -36.94 -40.57 -17.80
C HIS B 554 -37.92 -41.57 -18.49
N GLY B 555 -37.46 -42.79 -18.76
CA GLY B 555 -38.31 -43.77 -19.45
C GLY B 555 -38.92 -43.26 -20.75
N LEU B 556 -40.24 -43.44 -20.96
CA LEU B 556 -40.89 -42.88 -22.18
C LEU B 556 -41.11 -41.35 -22.12
N PHE B 557 -40.71 -40.71 -21.04
CA PHE B 557 -40.97 -39.29 -20.86
C PHE B 557 -39.71 -38.42 -20.86
N TRP B 558 -38.78 -38.68 -21.77
CA TRP B 558 -37.59 -37.85 -21.83
C TRP B 558 -37.80 -36.55 -22.55
N ALA B 559 -38.76 -36.59 -23.45
CA ALA B 559 -39.14 -35.40 -24.21
C ALA B 559 -40.50 -34.86 -23.83
N LEU B 560 -40.58 -33.57 -23.81
CA LEU B 560 -41.82 -32.92 -23.61
C LEU B 560 -42.08 -32.02 -24.83
N LEU B 561 -43.20 -32.24 -25.52
CA LEU B 561 -43.57 -31.43 -26.70
C LEU B 561 -44.90 -30.76 -26.46
N SER B 562 -45.07 -29.60 -27.04
CA SER B 562 -46.30 -28.86 -26.96
C SER B 562 -46.43 -27.88 -28.13
N GLY B 563 -47.65 -27.63 -28.54
CA GLY B 563 -47.90 -26.64 -29.60
C GLY B 563 -47.80 -27.17 -31.03
N TYR B 564 -47.61 -28.48 -31.19
CA TYR B 564 -47.49 -29.06 -32.51
C TYR B 564 -48.86 -29.49 -32.94
N THR B 565 -49.17 -29.26 -34.20
CA THR B 565 -50.38 -29.77 -34.81
C THR B 565 -50.13 -31.09 -35.49
N VAL B 566 -48.89 -31.38 -35.75
CA VAL B 566 -48.51 -32.58 -36.50
C VAL B 566 -47.30 -33.21 -35.87
N GLN B 567 -47.35 -34.52 -35.73
CA GLN B 567 -46.18 -35.23 -35.18
C GLN B 567 -44.90 -34.83 -35.92
N PRO B 568 -43.97 -34.16 -35.23
CA PRO B 568 -42.76 -33.76 -35.88
C PRO B 568 -41.78 -34.86 -35.91
N THR B 569 -40.75 -34.74 -36.73
CA THR B 569 -39.70 -35.73 -36.76
C THR B 569 -38.77 -35.45 -35.63
N PRO B 570 -38.20 -36.50 -35.00
CA PRO B 570 -37.37 -36.22 -33.81
C PRO B 570 -35.97 -35.71 -34.16
N PRO B 571 -35.21 -35.30 -33.17
CA PRO B 571 -33.87 -34.89 -33.48
C PRO B 571 -33.02 -36.09 -33.73
N ARG B 572 -31.83 -35.91 -34.30
CA ARG B 572 -30.90 -37.04 -34.44
C ARG B 572 -30.35 -37.40 -33.06
N MET B 573 -30.34 -38.68 -32.71
CA MET B 573 -29.88 -39.08 -31.38
C MET B 573 -28.90 -40.19 -31.48
N SER B 574 -27.77 -40.00 -30.82
CA SER B 574 -26.70 -40.96 -30.91
C SER B 574 -26.18 -41.35 -29.59
N ARG B 575 -26.35 -42.63 -29.27
CA ARG B 575 -25.77 -43.25 -28.09
C ARG B 575 -26.01 -42.47 -26.84
N ASN B 576 -27.26 -42.16 -26.51
CA ASN B 576 -27.56 -41.56 -25.23
C ASN B 576 -27.95 -42.67 -24.21
N LEU B 577 -27.97 -42.37 -22.90
CA LEU B 577 -28.35 -43.42 -21.97
C LEU B 577 -29.70 -43.05 -21.47
N LEU B 578 -30.60 -44.05 -21.42
CA LEU B 578 -31.95 -43.84 -20.86
C LEU B 578 -32.25 -44.68 -19.63
N ASP B 579 -31.75 -45.89 -19.53
CA ASP B 579 -31.87 -46.65 -18.29
C ASP B 579 -30.52 -47.21 -17.85
N ASP B 580 -30.41 -47.60 -16.57
CA ASP B 580 -29.19 -48.23 -16.04
C ASP B 580 -29.42 -49.63 -15.46
N THR B 581 -30.44 -50.29 -15.95
CA THR B 581 -30.78 -51.63 -15.55
C THR B 581 -31.27 -52.32 -16.79
N GLY B 582 -30.91 -53.57 -16.96
CA GLY B 582 -31.40 -54.29 -18.08
C GLY B 582 -31.03 -53.55 -19.34
N ILE B 583 -29.78 -53.17 -19.47
CA ILE B 583 -29.36 -52.46 -20.65
C ILE B 583 -28.13 -53.07 -21.36
N ARG B 584 -27.69 -54.23 -20.87
CA ARG B 584 -26.62 -54.98 -21.49
C ARG B 584 -26.77 -56.43 -21.11
N GLY B 585 -26.62 -57.33 -22.07
CA GLY B 585 -26.61 -58.76 -21.79
C GLY B 585 -26.10 -59.59 -22.98
N VAL B 586 -26.15 -60.90 -22.82
CA VAL B 586 -25.86 -61.82 -23.91
C VAL B 586 -27.08 -62.71 -24.14
N ALA B 587 -27.46 -62.91 -25.38
CA ALA B 587 -28.54 -63.83 -25.71
C ALA B 587 -27.99 -64.93 -26.59
N THR B 588 -28.67 -66.06 -26.65
CA THR B 588 -28.29 -67.10 -27.56
C THR B 588 -29.40 -67.50 -28.46
N LEU B 589 -29.16 -67.39 -29.75
CA LEU B 589 -30.15 -67.68 -30.74
C LEU B 589 -30.49 -69.16 -30.79
N VAL B 590 -31.64 -69.46 -31.37
CA VAL B 590 -32.08 -70.82 -31.54
C VAL B 590 -32.92 -70.72 -32.78
N ALA B 591 -32.54 -71.44 -33.82
CA ALA B 591 -33.24 -71.27 -35.11
C ALA B 591 -33.38 -69.80 -35.52
N GLY B 592 -32.30 -69.06 -35.42
CA GLY B 592 -32.24 -67.69 -35.89
C GLY B 592 -32.87 -66.63 -35.00
N GLU B 593 -33.28 -66.98 -33.79
CA GLU B 593 -34.08 -66.03 -33.01
C GLU B 593 -33.77 -66.08 -31.55
N ALA B 594 -34.14 -65.05 -30.85
CA ALA B 594 -34.07 -65.05 -29.40
C ALA B 594 -34.88 -63.89 -28.91
N THR B 595 -35.59 -64.09 -27.80
CA THR B 595 -36.39 -63.04 -27.17
C THR B 595 -35.65 -62.59 -25.95
N VAL B 596 -35.41 -61.31 -25.83
CA VAL B 596 -34.59 -60.82 -24.75
C VAL B 596 -35.42 -59.86 -23.91
N ASN B 597 -35.29 -59.99 -22.59
CA ASN B 597 -35.91 -59.10 -21.65
C ASN B 597 -34.98 -57.95 -21.35
N ALA B 598 -35.41 -56.75 -21.64
CA ALA B 598 -34.52 -55.62 -21.48
C ALA B 598 -35.28 -54.34 -21.52
N ARG B 599 -34.70 -53.31 -20.92
CA ARG B 599 -35.34 -51.98 -20.94
C ARG B 599 -35.18 -51.32 -22.27
N VAL B 600 -35.57 -52.03 -23.30
CA VAL B 600 -35.74 -51.42 -24.58
C VAL B 600 -37.06 -50.60 -24.55
N ARG B 601 -37.09 -49.47 -25.24
CA ARG B 601 -38.18 -48.56 -25.15
C ARG B 601 -38.47 -47.89 -26.49
N GLY B 602 -39.61 -47.22 -26.55
CA GLY B 602 -40.03 -46.56 -27.76
C GLY B 602 -41.47 -46.05 -27.67
N ASN B 603 -41.78 -45.14 -28.56
CA ASN B 603 -43.12 -44.71 -28.84
C ASN B 603 -43.44 -44.89 -30.29
N PHE B 604 -44.47 -45.67 -30.57
CA PHE B 604 -44.94 -45.86 -31.93
C PHE B 604 -46.26 -45.16 -32.24
N GLY B 605 -46.78 -44.45 -31.24
CA GLY B 605 -47.98 -43.65 -31.39
C GLY B 605 -47.78 -42.59 -32.46
N SER B 606 -48.83 -41.78 -32.66
CA SER B 606 -48.84 -40.73 -33.70
C SER B 606 -49.46 -39.39 -33.22
N VAL B 607 -49.62 -39.27 -31.91
CA VAL B 607 -50.07 -38.08 -31.25
C VAL B 607 -49.18 -36.93 -31.68
N ALA B 608 -49.77 -35.74 -31.81
CA ALA B 608 -49.07 -34.55 -32.34
C ALA B 608 -47.90 -34.13 -31.48
N ASN B 609 -48.16 -33.82 -30.21
CA ASN B 609 -47.09 -33.52 -29.31
C ASN B 609 -46.36 -34.80 -28.78
N SER B 610 -45.70 -35.53 -29.67
CA SER B 610 -44.83 -36.61 -29.27
C SER B 610 -43.93 -37.02 -30.45
N PHE B 611 -42.90 -37.84 -30.22
CA PHE B 611 -42.08 -38.30 -31.32
C PHE B 611 -42.34 -39.76 -31.54
N LYS B 612 -42.10 -40.23 -32.74
CA LYS B 612 -42.02 -41.62 -33.03
C LYS B 612 -40.53 -42.01 -32.82
N TRP B 613 -40.24 -42.95 -31.93
CA TRP B 613 -38.83 -43.32 -31.66
C TRP B 613 -38.64 -44.69 -31.06
N VAL B 614 -37.40 -45.17 -31.05
CA VAL B 614 -37.12 -46.46 -30.43
C VAL B 614 -35.68 -46.58 -30.04
N SER B 615 -35.40 -47.43 -29.09
CA SER B 615 -34.04 -47.64 -28.60
C SER B 615 -33.04 -48.04 -29.68
N GLU B 616 -31.78 -47.65 -29.49
CA GLU B 616 -30.72 -48.10 -30.39
C GLU B 616 -30.11 -49.28 -29.71
N VAL B 617 -30.30 -50.46 -30.24
CA VAL B 617 -29.79 -51.62 -29.60
C VAL B 617 -28.54 -52.03 -30.37
N LYS B 618 -27.38 -52.05 -29.73
CA LYS B 618 -26.14 -52.41 -30.41
C LYS B 618 -26.01 -53.90 -30.28
N LEU B 619 -25.76 -54.60 -31.39
CA LEU B 619 -25.63 -56.07 -31.35
C LEU B 619 -24.29 -56.51 -31.82
N THR B 620 -23.60 -57.37 -31.07
CA THR B 620 -22.34 -57.90 -31.58
C THR B 620 -22.15 -59.38 -31.23
N ARG B 621 -21.72 -60.13 -32.23
CA ARG B 621 -21.68 -61.58 -32.15
C ARG B 621 -20.49 -62.03 -31.27
N LEU B 622 -20.67 -63.14 -30.57
CA LEU B 622 -19.67 -63.67 -29.60
C LEU B 622 -19.26 -65.14 -29.77
N THR B 623 -19.98 -65.86 -30.63
CA THR B 623 -19.63 -67.21 -30.99
C THR B 623 -19.90 -67.24 -32.44
N PHE B 624 -19.14 -68.04 -33.17
CA PHE B 624 -19.15 -67.94 -34.62
C PHE B 624 -19.52 -69.22 -35.33
N PRO B 625 -20.80 -69.59 -35.28
CA PRO B 625 -21.27 -70.74 -36.01
C PRO B 625 -21.19 -70.48 -37.52
N SER B 626 -21.28 -71.58 -38.28
CA SER B 626 -21.31 -71.52 -39.75
C SER B 626 -22.62 -70.96 -40.20
N SER B 627 -23.65 -71.05 -39.33
CA SER B 627 -25.00 -70.52 -39.59
C SER B 627 -25.18 -69.02 -39.24
N ALA B 628 -24.07 -68.31 -39.14
CA ALA B 628 -24.12 -66.90 -38.78
C ALA B 628 -24.76 -66.10 -39.87
N GLY B 629 -25.68 -65.22 -39.49
CA GLY B 629 -26.35 -64.34 -40.46
C GLY B 629 -26.35 -62.89 -40.04
N ALA B 630 -26.96 -62.04 -40.83
CA ALA B 630 -27.08 -60.67 -40.40
C ALA B 630 -28.11 -60.52 -39.27
N LEU B 631 -27.74 -59.74 -38.26
CA LEU B 631 -28.57 -59.55 -37.10
C LEU B 631 -29.49 -58.35 -37.24
N THR B 632 -30.64 -58.41 -36.55
CA THR B 632 -31.58 -57.32 -36.49
C THR B 632 -32.38 -57.38 -35.22
N VAL B 633 -32.95 -56.25 -34.87
CA VAL B 633 -33.93 -56.14 -33.81
C VAL B 633 -35.33 -56.04 -34.39
N THR B 634 -36.27 -56.74 -33.78
CA THR B 634 -37.66 -56.68 -34.20
C THR B 634 -38.51 -56.92 -32.96
N SER B 635 -39.82 -56.92 -33.14
CA SER B 635 -40.79 -57.21 -32.07
C SER B 635 -40.52 -56.53 -30.74
N VAL B 636 -40.33 -55.23 -30.72
CA VAL B 636 -40.21 -54.59 -29.46
C VAL B 636 -41.60 -54.62 -28.77
N ALA B 637 -41.61 -55.01 -27.51
CA ALA B 637 -42.80 -55.11 -26.73
C ALA B 637 -42.60 -54.44 -25.42
N GLN B 638 -43.59 -53.69 -24.98
CA GLN B 638 -43.42 -52.96 -23.79
C GLN B 638 -44.55 -53.27 -22.85
N ASN B 639 -44.18 -53.84 -21.71
CA ASN B 639 -45.11 -54.20 -20.65
C ASN B 639 -46.08 -53.06 -20.32
N GLN B 640 -47.33 -53.44 -20.11
CA GLN B 640 -48.39 -52.50 -19.88
C GLN B 640 -49.09 -52.68 -18.51
N ASP B 641 -48.46 -53.34 -17.54
CA ASP B 641 -49.04 -53.45 -16.20
C ASP B 641 -49.66 -52.18 -15.66
N VAL B 642 -50.62 -52.42 -14.75
CA VAL B 642 -51.37 -51.37 -14.07
C VAL B 642 -51.31 -51.55 -12.54
N PRO B 643 -51.42 -50.45 -11.79
CA PRO B 643 -51.44 -49.06 -12.25
C PRO B 643 -50.14 -48.61 -12.96
N THR B 644 -48.96 -49.11 -12.53
CA THR B 644 -47.61 -48.76 -13.10
C THR B 644 -46.96 -49.93 -13.86
N PRO B 645 -46.42 -49.63 -15.07
CA PRO B 645 -45.82 -50.61 -15.97
C PRO B 645 -44.46 -50.98 -15.49
N ASN B 646 -44.01 -52.18 -15.81
CA ASN B 646 -42.72 -52.61 -15.30
C ASN B 646 -41.78 -52.88 -16.48
N PRO B 647 -40.98 -51.88 -16.85
CA PRO B 647 -40.07 -51.96 -18.00
C PRO B 647 -39.07 -53.12 -17.99
N ASP B 648 -38.84 -53.79 -16.88
CA ASP B 648 -38.00 -54.99 -16.87
C ASP B 648 -38.70 -56.19 -17.52
N LEU B 649 -39.98 -56.04 -17.81
CA LEU B 649 -40.67 -57.00 -18.63
C LEU B 649 -40.83 -56.58 -20.05
N ASN B 650 -40.28 -55.43 -20.44
CA ASN B 650 -40.11 -55.09 -21.83
C ASN B 650 -39.22 -56.11 -22.57
N SER B 651 -39.34 -56.17 -23.89
CA SER B 651 -38.62 -57.21 -24.61
C SER B 651 -38.45 -56.90 -26.06
N PHE B 652 -37.42 -57.47 -26.65
CA PHE B 652 -37.25 -57.33 -28.07
C PHE B 652 -36.78 -58.66 -28.60
N VAL B 653 -36.70 -58.76 -29.90
CA VAL B 653 -36.28 -60.01 -30.49
C VAL B 653 -35.04 -59.82 -31.35
N ILE B 654 -34.09 -60.72 -31.24
CA ILE B 654 -32.95 -60.69 -32.13
C ILE B 654 -33.16 -61.75 -33.18
N ARG B 655 -33.14 -61.35 -34.43
CA ARG B 655 -33.31 -62.31 -35.45
C ARG B 655 -32.19 -62.24 -36.48
N SER B 656 -31.76 -63.44 -36.90
CA SER B 656 -30.75 -63.61 -37.90
C SER B 656 -31.36 -63.82 -39.29
N SER B 657 -30.68 -63.33 -40.31
CA SER B 657 -31.11 -63.55 -41.67
C SER B 657 -30.94 -65.03 -42.05
N ASN B 658 -30.15 -65.75 -41.28
CA ASN B 658 -29.98 -67.18 -41.51
C ASN B 658 -30.84 -67.90 -40.50
N ALA B 659 -31.85 -68.60 -41.00
CA ALA B 659 -32.79 -69.33 -40.12
C ALA B 659 -32.16 -70.44 -39.22
N ALA B 660 -30.90 -70.78 -39.46
CA ALA B 660 -30.23 -71.81 -38.68
C ALA B 660 -29.33 -71.26 -37.60
N ASP B 661 -29.15 -69.94 -37.61
CA ASP B 661 -28.21 -69.24 -36.69
C ASP B 661 -28.40 -69.64 -35.22
N VAL B 662 -27.28 -70.00 -34.59
CA VAL B 662 -27.26 -70.29 -33.13
C VAL B 662 -26.18 -69.48 -32.38
N SER B 663 -25.81 -68.33 -32.97
CA SER B 663 -24.82 -67.42 -32.41
C SER B 663 -25.20 -66.98 -31.02
N GLN B 664 -24.19 -66.52 -30.31
CA GLN B 664 -24.33 -65.92 -29.02
C GLN B 664 -24.10 -64.42 -29.20
N VAL B 665 -25.13 -63.61 -29.05
CA VAL B 665 -25.10 -62.22 -29.42
C VAL B 665 -25.12 -61.33 -28.19
N ALA B 666 -24.20 -60.40 -28.11
CA ALA B 666 -24.18 -59.44 -27.03
C ALA B 666 -25.03 -58.32 -27.47
N TRP B 667 -25.70 -57.68 -26.51
CA TRP B 667 -26.57 -56.57 -26.82
C TRP B 667 -26.43 -55.45 -25.81
N GLU B 668 -26.66 -54.21 -26.21
CA GLU B 668 -26.56 -53.03 -25.34
C GLU B 668 -27.62 -52.04 -25.74
N VAL B 669 -28.27 -51.41 -24.78
CA VAL B 669 -29.40 -50.58 -25.09
C VAL B 669 -29.11 -49.13 -24.86
N TYR B 670 -29.32 -48.34 -25.89
CA TYR B 670 -29.04 -46.91 -25.87
C TYR B 670 -30.29 -46.20 -26.24
N LEU B 671 -30.19 -44.89 -26.27
CA LEU B 671 -31.16 -44.04 -26.98
C LEU B 671 -30.38 -43.19 -28.07
N ALA C 28 15.16 28.39 26.31
CA ALA C 28 14.46 29.23 27.33
C ALA C 28 13.57 30.35 26.70
N PRO C 29 12.24 30.10 26.53
CA PRO C 29 11.42 28.87 26.83
C PRO C 29 11.66 27.52 26.02
N GLU C 30 12.93 27.05 25.95
CA GLU C 30 13.39 25.82 25.20
C GLU C 30 14.15 24.74 26.02
N ARG C 31 13.43 23.65 26.34
CA ARG C 31 13.96 22.57 27.16
C ARG C 31 14.36 21.41 26.29
N VAL C 32 15.59 20.96 26.48
CA VAL C 32 16.20 19.91 25.69
C VAL C 32 16.95 18.94 26.63
N PHE C 33 16.74 17.65 26.37
CA PHE C 33 17.30 16.59 27.21
C PHE C 33 17.90 15.58 26.25
N SER C 34 18.89 14.84 26.73
CA SER C 34 19.59 13.85 25.91
C SER C 34 19.18 12.42 26.30
N ASP C 35 18.30 12.29 27.28
CA ASP C 35 17.72 11.01 27.61
C ASP C 35 16.37 11.22 28.26
N LEU C 36 15.62 10.11 28.36
CA LEU C 36 14.27 10.13 28.87
C LEU C 36 14.24 10.41 30.37
N ALA C 37 15.09 9.72 31.11
CA ALA C 37 15.22 9.90 32.58
C ALA C 37 15.33 11.36 32.97
N SER C 38 16.05 12.11 32.13
CA SER C 38 16.12 13.56 32.26
C SER C 38 14.78 14.18 32.07
N MET C 39 14.21 14.05 30.88
CA MET C 39 12.92 14.66 30.58
C MET C 39 11.89 14.36 31.72
N VAL C 40 11.72 13.08 32.07
CA VAL C 40 10.80 12.70 33.15
C VAL C 40 11.12 13.26 34.55
N ALA C 41 12.36 13.68 34.78
CA ALA C 41 12.81 14.08 36.11
C ALA C 41 12.71 15.57 36.36
N TYR C 42 12.57 16.32 35.27
CA TYR C 42 12.46 17.77 35.32
C TYR C 42 11.26 18.16 36.18
N PRO C 43 11.43 19.13 37.06
CA PRO C 43 10.31 19.30 37.95
C PRO C 43 9.41 20.49 37.75
N ASN C 44 9.68 21.40 36.82
CA ASN C 44 8.76 22.52 36.69
C ASN C 44 8.40 22.81 35.25
N PHE C 45 8.00 21.77 34.54
CA PHE C 45 7.49 21.93 33.18
C PHE C 45 6.30 22.86 33.18
N GLN C 46 6.31 23.80 32.25
CA GLN C 46 5.21 24.72 32.06
C GLN C 46 4.50 24.37 30.80
N VAL C 47 3.20 24.50 30.90
CA VAL C 47 2.24 24.18 29.84
C VAL C 47 2.48 24.79 28.46
N GLN C 48 3.59 25.49 28.29
CA GLN C 48 3.88 26.14 27.00
C GLN C 48 5.36 26.10 26.73
N ASP C 49 6.04 25.18 27.38
CA ASP C 49 7.46 25.04 27.18
C ASP C 49 7.60 24.41 25.79
N LYS C 50 8.77 24.60 25.17
CA LYS C 50 9.10 23.88 23.95
C LYS C 50 9.99 22.74 24.44
N ILE C 51 9.44 21.52 24.39
CA ILE C 51 10.10 20.37 24.97
C ILE C 51 10.66 19.45 23.91
N THR C 52 11.93 19.12 24.00
CA THR C 52 12.54 18.23 23.05
C THR C 52 13.39 17.17 23.68
N LEU C 53 13.30 15.97 23.10
CA LEU C 53 14.04 14.81 23.60
C LEU C 53 14.95 14.30 22.52
N LEU C 54 16.25 14.24 22.83
CA LEU C 54 17.30 13.72 21.91
C LEU C 54 17.80 12.29 22.21
N GLY C 55 17.76 11.42 21.20
CA GLY C 55 18.19 10.04 21.41
C GLY C 55 17.49 8.99 20.56
N SER C 56 17.43 7.77 21.11
CA SER C 56 16.84 6.63 20.39
C SER C 56 15.30 6.77 20.20
N ALA C 57 14.64 7.45 21.15
CA ALA C 57 13.19 7.69 21.09
C ALA C 57 12.80 9.17 20.95
N GLY C 58 13.72 10.00 20.50
CA GLY C 58 13.55 11.45 20.48
C GLY C 58 12.34 12.03 19.77
N GLY C 59 12.12 13.31 20.01
CA GLY C 59 11.00 13.98 19.41
C GLY C 59 10.59 15.21 20.17
N ASP C 60 9.40 15.72 19.85
CA ASP C 60 8.88 16.93 20.43
C ASP C 60 7.64 16.60 21.28
N PHE C 61 7.65 17.08 22.51
CA PHE C 61 6.52 16.89 23.40
C PHE C 61 5.85 18.15 23.85
N THR C 62 4.66 17.95 24.42
CA THR C 62 3.83 19.01 24.96
C THR C 62 3.39 18.77 26.40
N PHE C 63 3.60 19.72 27.31
CA PHE C 63 3.14 19.54 28.70
C PHE C 63 1.65 19.81 28.88
N THR C 64 1.06 19.10 29.81
CA THR C 64 -0.33 19.24 30.06
C THR C 64 -0.62 18.60 31.42
N THR C 65 -1.70 19.05 32.05
CA THR C 65 -2.19 18.47 33.31
C THR C 65 -3.42 17.67 33.06
N THR C 66 -3.79 17.52 31.80
CA THR C 66 -4.97 16.77 31.48
C THR C 66 -4.67 15.31 31.77
N ALA C 67 -5.62 14.62 32.37
CA ALA C 67 -5.42 13.20 32.61
C ALA C 67 -5.27 12.52 31.24
N SER C 68 -4.14 11.80 31.11
CA SER C 68 -3.78 11.11 29.87
C SER C 68 -3.33 9.66 30.17
N VAL C 69 -3.59 8.73 29.26
CA VAL C 69 -3.16 7.35 29.54
C VAL C 69 -1.65 7.23 29.32
N VAL C 70 -0.89 6.97 30.38
CA VAL C 70 0.56 6.73 30.22
C VAL C 70 0.86 5.45 29.47
N ASP C 71 1.72 5.54 28.48
CA ASP C 71 2.25 4.38 27.83
C ASP C 71 3.76 4.43 27.60
N ASN C 72 4.38 5.50 28.07
CA ASN C 72 5.78 5.68 27.84
C ASN C 72 6.24 5.53 26.44
N GLY C 73 5.49 6.12 25.55
CA GLY C 73 5.84 6.09 24.14
C GLY C 73 5.34 7.39 23.58
N THR C 74 4.02 7.65 23.74
CA THR C 74 3.34 8.87 23.31
C THR C 74 2.88 9.78 24.44
N VAL C 75 2.80 9.22 25.63
CA VAL C 75 2.29 9.91 26.83
C VAL C 75 3.17 9.48 27.98
N PHE C 76 3.87 10.42 28.62
CA PHE C 76 4.77 10.11 29.72
C PHE C 76 4.38 10.90 30.94
N ALA C 77 4.56 10.34 32.10
CA ALA C 77 4.15 11.05 33.29
C ALA C 77 5.32 11.84 33.72
N VAL C 78 5.10 13.03 34.25
CA VAL C 78 6.19 13.86 34.79
C VAL C 78 5.71 14.74 35.92
N PRO C 79 6.65 15.34 36.66
CA PRO C 79 6.19 16.10 37.82
C PRO C 79 5.22 17.16 37.39
N GLY C 80 4.03 17.10 37.97
CA GLY C 80 2.95 18.02 37.63
C GLY C 80 1.93 17.50 36.62
N GLY C 81 2.31 16.54 35.81
CA GLY C 81 1.40 16.14 34.73
C GLY C 81 1.97 15.17 33.73
N TYR C 82 1.66 15.41 32.47
CA TYR C 82 2.03 14.51 31.40
C TYR C 82 2.77 15.20 30.27
N LEU C 83 3.54 14.40 29.56
CA LEU C 83 4.18 14.82 28.35
C LEU C 83 3.56 14.07 27.20
N LEU C 84 2.99 14.83 26.28
CA LEU C 84 2.32 14.32 25.07
C LEU C 84 3.14 14.52 23.83
N ARG C 85 3.48 13.42 23.13
CA ARG C 85 4.21 13.48 21.87
C ARG C 85 3.41 14.22 20.78
N LYS C 86 4.09 15.11 20.08
CA LYS C 86 3.50 15.83 18.93
C LYS C 86 3.82 15.08 17.67
N PHE C 87 2.79 14.64 16.96
CA PHE C 87 2.96 13.92 15.71
C PHE C 87 1.59 13.77 14.97
N VAL C 88 1.65 13.72 13.64
CA VAL C 88 0.50 13.32 12.85
C VAL C 88 0.98 12.01 12.25
N GLY C 89 0.07 11.30 11.57
CA GLY C 89 0.36 10.02 10.94
C GLY C 89 0.47 8.99 12.03
N PRO C 90 1.12 7.86 11.75
CA PRO C 90 1.23 6.75 12.69
C PRO C 90 2.30 6.91 13.75
N ALA C 91 2.19 6.06 14.76
CA ALA C 91 3.13 6.05 15.86
C ALA C 91 4.18 5.03 15.51
N TYR C 92 5.32 5.02 16.20
CA TYR C 92 6.34 4.02 15.92
C TYR C 92 6.76 3.30 17.18
N SER C 93 7.02 2.02 17.05
CA SER C 93 7.44 1.20 18.20
C SER C 93 8.70 1.67 18.85
N SER C 94 9.48 2.37 18.06
CA SER C 94 10.76 2.83 18.55
C SER C 94 10.62 4.02 19.47
N TRP C 95 9.42 4.59 19.54
CA TRP C 95 9.10 5.59 20.59
C TRP C 95 8.92 5.05 22.04
N PHE C 96 8.63 3.75 22.14
CA PHE C 96 8.17 3.15 23.35
C PHE C 96 9.29 2.59 24.22
N SER C 97 9.17 2.80 25.51
CA SER C 97 10.07 2.21 26.49
C SER C 97 9.98 0.69 26.56
N ASN C 98 8.78 0.10 26.43
CA ASN C 98 8.59 -1.37 26.56
C ASN C 98 7.33 -1.96 25.96
N TRP C 99 7.30 -3.29 25.92
CA TRP C 99 6.20 -4.07 25.33
C TRP C 99 4.89 -3.72 25.99
N THR C 100 4.96 -3.48 27.28
CA THR C 100 3.78 -3.10 28.03
C THR C 100 3.11 -1.83 27.48
N GLY C 101 3.93 -0.85 27.14
CA GLY C 101 3.48 0.42 26.57
C GLY C 101 2.81 0.19 25.24
N ILE C 102 3.43 -0.66 24.45
CA ILE C 102 2.85 -1.08 23.19
C ILE C 102 1.46 -1.61 23.42
N VAL C 103 1.37 -2.60 24.27
CA VAL C 103 0.13 -3.24 24.57
C VAL C 103 -0.91 -2.19 24.94
N THR C 104 -0.51 -1.28 25.81
CA THR C 104 -1.41 -0.26 26.33
C THR C 104 -1.91 0.54 25.17
N PHE C 105 -0.97 1.10 24.40
CA PHE C 105 -1.28 1.94 23.26
C PHE C 105 -2.25 1.26 22.29
N MET C 106 -2.06 -0.03 22.02
CA MET C 106 -2.94 -0.76 21.09
C MET C 106 -4.26 -1.17 21.71
N SER C 107 -4.43 -1.02 23.02
CA SER C 107 -5.71 -1.42 23.66
C SER C 107 -6.90 -0.51 23.38
N ALA C 108 -6.66 0.65 22.78
CA ALA C 108 -7.73 1.52 22.32
C ALA C 108 -7.91 1.39 20.86
N PRO C 109 -9.10 1.72 20.37
CA PRO C 109 -9.39 1.65 18.95
C PRO C 109 -8.76 2.84 18.26
N ASN C 110 -8.85 2.88 16.93
CA ASN C 110 -8.31 3.96 16.09
C ASN C 110 -6.81 4.18 16.26
N ARG C 111 -6.01 3.13 16.36
CA ARG C 111 -4.57 3.32 16.56
C ARG C 111 -3.82 2.80 15.40
N HIS C 112 -2.89 3.59 14.88
CA HIS C 112 -2.03 3.17 13.79
C HIS C 112 -0.59 3.06 14.34
N LEU C 113 -0.06 1.84 14.37
CA LEU C 113 1.33 1.68 14.83
C LEU C 113 2.25 1.02 13.81
N VAL C 114 3.45 1.55 13.73
CA VAL C 114 4.46 0.98 12.91
C VAL C 114 5.53 0.36 13.78
N VAL C 115 5.60 -0.95 13.65
CA VAL C 115 6.57 -1.70 14.37
C VAL C 115 7.89 -1.64 13.59
N ASP C 116 8.79 -0.80 14.06
CA ASP C 116 10.09 -0.60 13.37
C ASP C 116 11.23 -1.05 14.22
N THR C 117 10.94 -1.82 15.26
CA THR C 117 11.97 -2.35 16.16
C THR C 117 11.67 -3.80 16.46
N VAL C 118 12.56 -4.45 17.21
CA VAL C 118 12.35 -5.83 17.55
C VAL C 118 11.69 -5.92 18.89
N LEU C 119 10.39 -6.22 18.92
CA LEU C 119 9.70 -6.20 20.16
C LEU C 119 9.80 -7.56 20.77
N GLN C 120 9.93 -7.55 22.08
CA GLN C 120 10.04 -8.77 22.89
C GLN C 120 8.78 -8.88 23.74
N ALA C 121 7.92 -9.78 23.34
CA ALA C 121 6.59 -9.92 23.94
C ALA C 121 6.67 -10.71 25.20
N THR C 122 5.85 -10.31 26.15
CA THR C 122 5.68 -10.97 27.40
C THR C 122 4.22 -11.12 27.77
N SER C 123 3.30 -10.77 26.85
CA SER C 123 1.86 -10.88 27.04
C SER C 123 1.21 -10.88 25.67
N VAL C 124 -0.11 -10.97 25.64
CA VAL C 124 -0.87 -10.94 24.41
C VAL C 124 -1.02 -9.50 24.01
N LEU C 125 -1.06 -9.23 22.68
CA LEU C 125 -1.32 -7.91 22.17
C LEU C 125 -2.69 -7.96 21.55
N ASN C 126 -3.64 -7.23 22.14
CA ASN C 126 -5.01 -7.13 21.62
C ASN C 126 -5.12 -5.91 20.72
N ILE C 127 -5.68 -6.06 19.53
CA ILE C 127 -5.90 -5.00 18.59
C ILE C 127 -7.41 -4.73 18.67
N LYS C 128 -7.74 -3.47 18.60
CA LYS C 128 -9.13 -3.04 18.62
C LYS C 128 -9.54 -2.42 17.29
N SER C 129 -10.78 -1.99 17.19
CA SER C 129 -11.37 -1.49 15.93
C SER C 129 -10.65 -0.35 15.26
N ASN C 130 -10.68 -0.40 13.95
CA ASN C 130 -10.05 0.66 13.21
C ASN C 130 -8.62 0.90 13.61
N SER C 131 -7.86 -0.17 13.60
CA SER C 131 -6.47 -0.12 13.93
C SER C 131 -5.62 -0.84 12.94
N THR C 132 -4.39 -0.37 12.82
CA THR C 132 -3.49 -0.90 11.83
C THR C 132 -2.18 -1.13 12.51
N LEU C 133 -1.72 -2.36 12.41
CA LEU C 133 -0.40 -2.72 12.87
C LEU C 133 0.45 -2.98 11.62
N GLU C 134 1.52 -2.21 11.47
CA GLU C 134 2.33 -2.23 10.24
C GLU C 134 3.77 -2.51 10.57
N PHE C 135 4.38 -3.46 9.91
CA PHE C 135 5.77 -3.79 10.17
C PHE C 135 6.71 -3.18 9.11
N THR C 136 7.86 -2.66 9.54
CA THR C 136 8.90 -2.27 8.62
C THR C 136 9.67 -3.55 8.46
N ASP C 137 10.67 -3.58 7.60
CA ASP C 137 11.40 -4.85 7.33
C ASP C 137 12.22 -5.30 8.51
N THR C 138 12.50 -4.39 9.42
CA THR C 138 13.32 -4.68 10.57
C THR C 138 12.42 -5.19 11.73
N GLY C 139 11.16 -4.78 11.71
CA GLY C 139 10.23 -5.07 12.79
C GLY C 139 9.95 -6.56 13.02
N ARG C 140 9.78 -6.92 14.28
CA ARG C 140 9.50 -8.28 14.66
C ARG C 140 8.77 -8.26 15.98
N ILE C 141 7.84 -9.17 16.14
CA ILE C 141 7.36 -9.46 17.49
C ILE C 141 7.82 -10.82 17.88
N LEU C 142 8.65 -10.92 18.89
CA LEU C 142 9.20 -12.22 19.27
C LEU C 142 8.46 -12.67 20.51
N PRO C 143 7.97 -13.89 20.47
CA PRO C 143 7.26 -14.48 21.53
C PRO C 143 8.08 -14.73 22.79
N ASP C 144 7.41 -14.79 23.94
CA ASP C 144 8.05 -15.00 25.23
C ASP C 144 8.60 -16.42 25.22
N ALA C 145 9.83 -16.57 25.66
CA ALA C 145 10.46 -17.91 25.71
C ALA C 145 10.11 -18.65 27.01
N ALA C 146 9.56 -17.90 27.95
CA ALA C 146 9.21 -18.43 29.26
C ALA C 146 7.80 -18.97 29.23
N VAL C 147 6.98 -18.47 28.29
CA VAL C 147 5.58 -18.90 28.23
C VAL C 147 5.07 -18.92 26.81
N ALA C 148 4.67 -20.11 26.38
CA ALA C 148 4.15 -20.32 25.07
C ALA C 148 2.70 -19.89 25.20
N ARG C 149 2.35 -18.79 24.52
CA ARG C 149 1.01 -18.17 24.59
C ARG C 149 0.68 -17.55 23.24
N GLN C 150 -0.34 -16.72 23.19
CA GLN C 150 -0.80 -16.16 21.97
C GLN C 150 -0.14 -14.84 21.78
N VAL C 151 -0.09 -14.42 20.52
CA VAL C 151 0.64 -13.21 20.17
C VAL C 151 -0.33 -12.10 19.86
N LEU C 152 -1.12 -12.21 18.83
CA LEU C 152 -2.05 -11.15 18.58
C LEU C 152 -3.50 -11.66 18.70
N ASN C 153 -4.33 -10.95 19.44
CA ASN C 153 -5.77 -11.25 19.49
C ASN C 153 -6.55 -10.13 18.86
N ILE C 154 -7.46 -10.49 18.01
CA ILE C 154 -8.42 -9.52 17.48
C ILE C 154 -9.76 -10.10 17.90
N THR C 155 -10.36 -9.52 18.92
CA THR C 155 -11.37 -10.22 19.68
C THR C 155 -12.63 -9.42 20.00
N GLY C 156 -13.72 -9.78 19.34
CA GLY C 156 -15.04 -9.31 19.69
C GLY C 156 -15.72 -10.29 20.62
N SER C 157 -17.03 -10.30 20.71
CA SER C 157 -17.66 -11.27 21.57
C SER C 157 -19.09 -11.52 21.24
N ALA C 158 -19.54 -12.71 21.56
CA ALA C 158 -20.85 -13.16 21.21
C ALA C 158 -21.88 -12.29 21.91
N PRO C 159 -23.06 -12.22 21.35
CA PRO C 159 -24.03 -11.39 22.00
C PRO C 159 -24.31 -11.91 23.38
N SER C 160 -24.66 -11.00 24.27
CA SER C 160 -24.98 -11.36 25.62
C SER C 160 -26.42 -11.70 25.84
N VAL C 161 -27.32 -11.39 24.92
CA VAL C 161 -28.71 -11.86 25.05
C VAL C 161 -29.29 -12.02 23.69
N PHE C 162 -30.17 -12.98 23.49
CA PHE C 162 -30.83 -13.15 22.22
C PHE C 162 -32.32 -12.85 22.33
N VAL C 163 -32.96 -12.49 21.23
CA VAL C 163 -34.43 -12.39 21.24
C VAL C 163 -34.85 -13.26 20.12
N PRO C 164 -36.10 -13.71 20.12
CA PRO C 164 -36.50 -14.61 19.03
C PRO C 164 -37.03 -13.80 17.81
N LEU C 165 -37.00 -14.43 16.64
CA LEU C 165 -37.49 -13.80 15.46
C LEU C 165 -39.00 -13.82 15.60
N ALA C 166 -39.68 -12.78 15.14
CA ALA C 166 -41.13 -12.71 15.25
C ALA C 166 -41.79 -13.56 14.20
N ALA C 167 -41.06 -13.94 13.13
CA ALA C 167 -41.62 -14.82 12.09
C ALA C 167 -40.55 -15.52 11.32
N ASP C 168 -40.90 -16.59 10.62
CA ASP C 168 -39.93 -17.34 9.88
C ASP C 168 -39.26 -16.42 8.89
N ALA C 169 -37.98 -16.67 8.64
CA ALA C 169 -37.18 -15.94 7.63
C ALA C 169 -36.52 -17.02 6.74
N ALA C 170 -37.04 -17.23 5.55
CA ALA C 170 -36.45 -18.19 4.63
C ALA C 170 -35.11 -17.79 4.02
N ALA C 171 -34.36 -18.78 3.58
CA ALA C 171 -33.17 -18.50 2.77
C ALA C 171 -33.52 -17.45 1.68
N GLY C 172 -32.74 -16.38 1.54
CA GLY C 172 -33.02 -15.37 0.49
C GLY C 172 -33.58 -14.06 1.08
N SER C 173 -34.05 -14.13 2.32
CA SER C 173 -34.65 -13.00 2.99
C SER C 173 -33.69 -11.88 3.14
N LYS C 174 -34.18 -10.68 2.94
CA LYS C 174 -33.39 -9.47 3.12
C LYS C 174 -33.70 -8.84 4.42
N VAL C 175 -34.79 -9.30 5.01
CA VAL C 175 -35.32 -8.68 6.21
C VAL C 175 -35.61 -9.76 7.26
N ILE C 176 -35.24 -9.47 8.52
CA ILE C 176 -35.71 -10.28 9.64
C ILE C 176 -36.57 -9.42 10.56
N THR C 177 -37.52 -10.04 11.22
CA THR C 177 -38.44 -9.25 12.08
C THR C 177 -38.40 -9.66 13.51
N VAL C 178 -38.38 -8.68 14.39
CA VAL C 178 -38.48 -8.99 15.82
C VAL C 178 -39.56 -8.15 16.41
N ALA C 179 -39.96 -8.46 17.62
CA ALA C 179 -40.95 -7.69 18.31
C ALA C 179 -40.41 -6.31 18.53
N ALA C 180 -41.23 -5.29 18.24
CA ALA C 180 -40.87 -3.87 18.49
C ALA C 180 -40.38 -3.73 19.90
N GLY C 181 -39.33 -2.98 20.10
CA GLY C 181 -38.77 -2.84 21.44
C GLY C 181 -37.87 -3.97 21.89
N ALA C 182 -37.89 -5.12 21.21
CA ALA C 182 -37.15 -6.28 21.73
C ALA C 182 -35.63 -6.02 21.80
N LEU C 183 -35.05 -5.44 20.75
CA LEU C 183 -33.63 -5.09 20.76
C LEU C 183 -33.45 -3.83 20.00
N SER C 184 -32.30 -3.19 20.13
CA SER C 184 -32.10 -1.94 19.41
C SER C 184 -31.21 -2.15 18.18
N ALA C 185 -31.79 -2.13 17.00
CA ALA C 185 -30.99 -2.46 15.81
C ALA C 185 -30.45 -1.16 15.27
N VAL C 186 -29.17 -0.87 15.50
CA VAL C 186 -28.52 0.33 15.04
C VAL C 186 -27.93 0.17 13.64
N LYS C 187 -28.32 1.02 12.72
CA LYS C 187 -27.81 0.91 11.40
C LYS C 187 -26.25 0.93 11.43
N GLY C 188 -25.64 0.04 10.66
CA GLY C 188 -24.19 0.04 10.57
C GLY C 188 -23.52 -0.96 11.47
N THR C 189 -24.25 -1.58 12.38
CA THR C 189 -23.73 -2.56 13.34
C THR C 189 -24.14 -3.93 12.91
N TYR C 190 -23.76 -4.94 13.68
CA TYR C 190 -23.96 -6.29 13.26
C TYR C 190 -24.97 -7.00 14.09
N LEU C 191 -25.43 -8.12 13.57
CA LEU C 191 -26.30 -9.03 14.26
C LEU C 191 -25.80 -10.45 14.04
N TYR C 192 -25.98 -11.29 15.05
CA TYR C 192 -25.65 -12.71 15.02
C TYR C 192 -26.95 -13.44 15.11
N LEU C 193 -27.31 -14.25 14.13
CA LEU C 193 -28.52 -15.06 14.16
C LEU C 193 -28.18 -16.51 14.30
N ARG C 194 -29.06 -17.28 14.95
CA ARG C 194 -28.92 -18.72 15.04
C ARG C 194 -30.22 -19.45 15.32
N SER C 195 -30.23 -20.75 15.06
CA SER C 195 -31.38 -21.60 15.24
C SER C 195 -30.86 -22.99 15.61
N ASN C 196 -31.71 -23.98 15.80
CA ASN C 196 -31.24 -25.32 16.11
C ASN C 196 -31.19 -26.21 14.94
N LYS C 197 -31.42 -25.63 13.77
CA LYS C 197 -31.26 -26.35 12.52
C LYS C 197 -29.77 -26.66 12.43
N LEU C 198 -29.46 -27.83 11.96
CA LEU C 198 -28.06 -28.22 11.81
C LEU C 198 -27.39 -27.57 10.61
N CYS C 199 -26.10 -27.38 10.67
CA CYS C 199 -25.37 -27.01 9.48
C CYS C 199 -25.52 -28.07 8.43
N ASP C 200 -25.54 -27.65 7.17
CA ASP C 200 -25.82 -28.57 6.09
C ASP C 200 -24.82 -28.59 4.98
N GLY C 201 -23.72 -27.88 5.15
CA GLY C 201 -22.67 -28.01 4.14
C GLY C 201 -22.19 -29.46 3.89
N GLY C 202 -22.13 -30.23 4.96
CA GLY C 202 -21.59 -31.55 4.83
C GLY C 202 -22.15 -32.45 5.86
N PRO C 203 -21.62 -33.64 6.02
CA PRO C 203 -22.10 -34.59 7.00
C PRO C 203 -22.33 -34.03 8.43
N ASN C 204 -21.59 -33.06 8.88
CA ASN C 204 -21.83 -32.48 10.20
C ASN C 204 -22.05 -33.50 11.28
N THR C 205 -21.08 -34.33 11.59
CA THR C 205 -21.31 -35.37 12.57
C THR C 205 -21.28 -34.87 14.00
N TYR C 206 -20.71 -33.70 14.27
CA TYR C 206 -20.75 -33.18 15.60
C TYR C 206 -22.08 -32.49 15.85
N GLY C 207 -22.95 -32.47 14.82
CA GLY C 207 -24.23 -31.72 14.83
C GLY C 207 -24.09 -30.24 15.28
N VAL C 208 -23.20 -29.51 14.60
CA VAL C 208 -23.06 -28.10 14.81
C VAL C 208 -24.31 -27.36 14.25
N LYS C 209 -24.76 -26.33 14.95
CA LYS C 209 -25.98 -25.61 14.52
C LYS C 209 -25.70 -24.34 13.76
N ILE C 210 -26.70 -23.89 13.03
CA ILE C 210 -26.53 -22.76 12.14
C ILE C 210 -26.50 -21.40 12.83
N SER C 211 -25.71 -20.52 12.26
CA SER C 211 -25.62 -19.18 12.68
C SER C 211 -25.05 -18.37 11.53
N GLN C 212 -25.23 -17.05 11.61
CA GLN C 212 -24.71 -16.12 10.61
C GLN C 212 -24.57 -14.78 11.21
N ILE C 213 -23.70 -13.97 10.62
CA ILE C 213 -23.46 -12.61 11.05
C ILE C 213 -23.87 -11.71 9.91
N ARG C 214 -24.69 -10.71 10.21
CA ARG C 214 -25.13 -9.81 9.17
C ARG C 214 -25.06 -8.38 9.64
N LYS C 215 -25.01 -7.45 8.71
CA LYS C 215 -24.94 -6.04 9.07
C LYS C 215 -26.28 -5.44 8.89
N VAL C 216 -26.65 -4.50 9.75
CA VAL C 216 -27.93 -3.81 9.70
C VAL C 216 -27.82 -2.58 8.79
N VAL C 217 -28.54 -2.59 7.69
CA VAL C 217 -28.52 -1.45 6.78
C VAL C 217 -29.82 -0.75 6.71
N GLY C 218 -30.84 -1.28 7.32
CA GLY C 218 -32.11 -0.66 7.31
C GLY C 218 -32.95 -1.16 8.50
N VAL C 219 -33.70 -0.25 9.11
CA VAL C 219 -34.56 -0.56 10.22
C VAL C 219 -35.91 0.17 10.12
N SER C 220 -36.98 -0.52 10.46
CA SER C 220 -38.29 0.12 10.45
C SER C 220 -39.28 -0.62 11.33
N THR C 221 -39.94 0.12 12.20
CA THR C 221 -41.00 -0.42 13.03
C THR C 221 -42.40 -0.10 12.58
N SER C 222 -43.31 -1.05 12.70
CA SER C 222 -44.72 -0.78 12.38
C SER C 222 -45.61 -1.90 12.90
N GLY C 223 -46.62 -1.53 13.66
CA GLY C 223 -47.60 -2.50 14.11
C GLY C 223 -46.97 -3.46 15.08
N GLY C 224 -46.03 -2.96 15.87
CA GLY C 224 -45.42 -3.81 16.90
C GLY C 224 -44.37 -4.79 16.42
N VAL C 225 -43.97 -4.66 15.17
CA VAL C 225 -42.87 -5.45 14.69
C VAL C 225 -41.83 -4.52 14.07
N THR C 226 -40.58 -4.75 14.46
CA THR C 226 -39.46 -4.17 13.78
C THR C 226 -38.93 -5.06 12.65
N SER C 227 -38.68 -4.46 11.49
CA SER C 227 -38.10 -5.16 10.35
C SER C 227 -36.70 -4.60 10.14
N ILE C 228 -35.73 -5.48 10.09
CA ILE C 228 -34.39 -5.09 9.98
C ILE C 228 -33.90 -5.61 8.62
N ARG C 229 -33.40 -4.69 7.84
CA ARG C 229 -32.92 -5.05 6.55
C ARG C 229 -31.44 -5.31 6.69
N LEU C 230 -31.02 -6.42 6.17
CA LEU C 230 -29.66 -6.82 6.30
C LEU C 230 -28.92 -6.47 5.09
N ASP C 231 -27.61 -6.30 5.23
CA ASP C 231 -26.70 -6.13 4.07
C ASP C 231 -26.78 -7.29 3.09
N LYS C 232 -26.74 -8.51 3.59
CA LYS C 232 -26.66 -9.71 2.75
C LYS C 232 -27.81 -10.61 3.06
N THR C 233 -28.33 -11.34 2.12
CA THR C 233 -29.44 -12.23 2.41
C THR C 233 -29.12 -13.48 3.27
N LEU C 234 -30.15 -14.15 3.83
CA LEU C 234 -29.87 -15.29 4.72
C LEU C 234 -29.62 -16.56 3.93
N HIS C 235 -28.72 -17.40 4.40
CA HIS C 235 -28.37 -18.58 3.61
C HIS C 235 -28.97 -19.88 4.09
N TYR C 236 -29.77 -19.82 5.12
CA TYR C 236 -30.51 -20.96 5.60
C TYR C 236 -31.95 -20.57 5.95
N ASN C 237 -32.82 -21.53 6.21
CA ASN C 237 -34.13 -21.22 6.79
C ASN C 237 -34.08 -20.94 8.29
N TYR C 238 -34.46 -19.76 8.71
CA TYR C 238 -34.54 -19.48 10.11
C TYR C 238 -35.99 -19.52 10.58
N TYR C 239 -36.37 -20.67 11.13
CA TYR C 239 -37.74 -20.94 11.56
C TYR C 239 -37.96 -20.73 13.04
N LEU C 240 -39.20 -20.44 13.43
CA LEU C 240 -39.60 -20.38 14.89
C LEU C 240 -39.67 -21.75 15.54
N SER C 241 -39.99 -22.77 14.75
CA SER C 241 -39.96 -24.13 15.21
C SER C 241 -38.54 -24.56 15.58
N ASP C 242 -37.51 -23.94 14.99
CA ASP C 242 -36.10 -24.13 15.40
C ASP C 242 -35.61 -23.08 16.37
N ALA C 243 -36.48 -22.34 16.97
CA ALA C 243 -36.03 -21.38 17.98
C ALA C 243 -35.09 -20.26 17.46
N ALA C 244 -35.36 -19.84 16.23
CA ALA C 244 -34.55 -18.86 15.61
C ALA C 244 -34.57 -17.64 16.46
N GLU C 245 -33.38 -17.16 16.79
CA GLU C 245 -33.16 -15.97 17.57
C GLU C 245 -32.10 -15.08 16.97
N VAL C 246 -31.86 -13.93 17.55
CA VAL C 246 -30.86 -13.06 17.07
C VAL C 246 -30.37 -12.19 18.20
N GLY C 247 -29.13 -11.79 18.18
CA GLY C 247 -28.59 -10.90 19.22
C GLY C 247 -27.49 -9.97 18.67
N ILE C 248 -27.05 -9.05 19.50
CA ILE C 248 -26.13 -8.08 19.05
C ILE C 248 -24.76 -8.42 19.45
N PRO C 249 -23.92 -8.89 18.52
CA PRO C 249 -22.54 -9.20 18.90
C PRO C 249 -21.70 -7.97 18.97
N THR C 250 -20.66 -7.96 19.79
CA THR C 250 -19.66 -6.91 19.77
C THR C 250 -18.51 -7.29 18.86
N MET C 251 -18.38 -6.58 17.75
CA MET C 251 -17.55 -7.05 16.66
C MET C 251 -16.31 -6.17 16.81
N VAL C 252 -15.15 -6.62 16.32
CA VAL C 252 -13.95 -5.79 16.28
C VAL C 252 -13.81 -5.58 14.82
N GLU C 253 -13.87 -4.36 14.35
CA GLU C 253 -13.86 -4.15 12.91
C GLU C 253 -12.79 -3.27 12.32
N ASN C 254 -12.46 -3.56 11.08
CA ASN C 254 -11.51 -2.77 10.33
C ASN C 254 -10.11 -2.83 10.85
N VAL C 255 -9.53 -4.00 10.85
CA VAL C 255 -8.19 -4.15 11.36
C VAL C 255 -7.29 -4.58 10.25
N THR C 256 -6.16 -3.92 10.13
CA THR C 256 -5.21 -4.30 9.08
C THR C 256 -3.87 -4.60 9.69
N LEU C 257 -3.38 -5.78 9.39
CA LEU C 257 -2.08 -6.15 9.83
C LEU C 257 -1.24 -6.14 8.55
N VAL C 258 -0.29 -5.23 8.46
CA VAL C 258 0.61 -5.17 7.31
C VAL C 258 1.97 -5.80 7.56
N SER C 259 2.23 -6.86 6.85
CA SER C 259 3.48 -7.55 6.95
C SER C 259 3.87 -7.91 8.36
N PRO C 260 2.97 -8.56 9.11
CA PRO C 260 3.37 -9.02 10.46
C PRO C 260 4.50 -10.11 10.47
N TYR C 261 5.51 -9.90 11.30
CA TYR C 261 6.67 -10.82 11.43
C TYR C 261 6.61 -11.33 12.83
N ILE C 262 6.22 -12.59 12.96
CA ILE C 262 6.06 -13.18 14.28
C ILE C 262 7.11 -14.26 14.44
N ASN C 263 7.97 -14.10 15.44
CA ASN C 263 9.04 -15.04 15.70
C ASN C 263 10.10 -14.89 14.61
N GLU C 264 11.19 -15.64 14.75
CA GLU C 264 12.29 -15.51 13.82
C GLU C 264 13.10 -16.79 13.74
N PHE C 265 13.82 -16.99 12.65
CA PHE C 265 14.52 -18.24 12.48
C PHE C 265 15.51 -18.35 13.59
N GLY C 266 15.62 -19.56 14.10
CA GLY C 266 16.55 -19.84 15.21
C GLY C 266 15.84 -19.81 16.53
N TYR C 267 14.52 -19.64 16.46
CA TYR C 267 13.65 -19.68 17.62
C TYR C 267 13.87 -20.99 18.39
N ASP C 268 14.08 -22.08 17.66
CA ASP C 268 14.16 -23.43 18.25
C ASP C 268 15.40 -23.73 19.08
N ASP C 269 16.44 -22.92 18.93
CA ASP C 269 17.63 -23.00 19.75
C ASP C 269 17.46 -22.17 20.99
N LEU C 270 16.49 -21.26 21.00
CA LEU C 270 16.16 -20.50 22.19
C LEU C 270 14.97 -21.10 22.95
N ASN C 271 14.50 -22.24 22.45
CA ASN C 271 13.24 -22.81 22.85
C ASN C 271 12.09 -21.80 23.00
N ARG C 272 11.93 -20.94 21.99
CA ARG C 272 11.01 -19.80 22.01
C ARG C 272 9.83 -20.09 21.09
N PHE C 273 8.66 -20.31 21.69
CA PHE C 273 7.50 -20.66 20.94
C PHE C 273 6.29 -19.77 21.23
N PHE C 274 5.17 -20.15 20.65
CA PHE C 274 3.93 -19.46 20.88
C PHE C 274 2.85 -20.49 20.60
N THR C 275 1.60 -20.22 20.96
CA THR C 275 0.50 -21.14 20.62
C THR C 275 -0.17 -20.84 19.30
N ILE C 276 -1.01 -19.82 19.29
CA ILE C 276 -1.62 -19.31 18.10
C ILE C 276 -1.08 -17.94 17.78
N GLY C 277 -0.81 -17.69 16.51
CA GLY C 277 -0.13 -16.46 16.18
C GLY C 277 -1.04 -15.24 16.20
N ILE C 278 -2.05 -15.37 15.38
CA ILE C 278 -3.01 -14.32 15.22
C ILE C 278 -4.34 -15.03 15.36
N SER C 279 -4.99 -14.74 16.46
CA SER C 279 -6.31 -15.28 16.73
C SER C 279 -7.37 -14.21 16.71
N ALA C 280 -8.31 -14.42 15.78
CA ALA C 280 -9.49 -13.58 15.61
C ALA C 280 -10.80 -14.35 15.85
N ASN C 281 -11.74 -13.61 16.43
CA ASN C 281 -13.05 -14.12 16.78
C ASN C 281 -13.99 -12.89 16.79
N PHE C 282 -15.07 -12.98 16.04
CA PHE C 282 -16.01 -11.84 15.87
C PHE C 282 -15.37 -10.59 15.24
N ALA C 283 -14.76 -10.76 14.09
CA ALA C 283 -14.04 -9.66 13.51
C ALA C 283 -14.61 -9.54 12.17
N ALA C 284 -14.72 -8.30 11.71
CA ALA C 284 -15.22 -7.96 10.36
C ALA C 284 -14.24 -7.03 9.72
N ASP C 285 -13.87 -7.35 8.50
CA ASP C 285 -12.90 -6.55 7.74
C ASP C 285 -11.48 -6.57 8.31
N LEU C 286 -11.07 -7.77 8.74
CA LEU C 286 -9.74 -8.01 9.18
C LEU C 286 -9.02 -8.45 7.96
N HIS C 287 -7.98 -7.71 7.60
CA HIS C 287 -7.15 -8.03 6.41
C HIS C 287 -5.75 -8.18 6.83
N ILE C 288 -5.15 -9.31 6.50
CA ILE C 288 -3.77 -9.59 6.85
C ILE C 288 -2.97 -9.64 5.57
N GLN C 289 -2.02 -8.74 5.42
CA GLN C 289 -1.18 -8.64 4.20
C GLN C 289 0.29 -9.04 4.39
N ASP C 290 0.69 -10.04 3.63
CA ASP C 290 2.05 -10.58 3.64
C ASP C 290 2.50 -10.98 5.03
N GLY C 291 3.73 -10.65 5.37
CA GLY C 291 4.31 -11.05 6.64
C GLY C 291 4.81 -12.49 6.67
N VAL C 292 5.31 -12.86 7.83
CA VAL C 292 5.87 -14.19 8.03
C VAL C 292 5.57 -14.66 9.44
N ILE C 293 5.24 -15.94 9.57
CA ILE C 293 5.02 -16.53 10.89
C ILE C 293 5.74 -17.86 11.05
N ILE C 294 6.66 -17.94 12.02
CA ILE C 294 7.53 -19.07 12.17
C ILE C 294 7.46 -19.69 13.53
N GLY C 295 7.53 -21.00 13.52
CA GLY C 295 7.87 -21.76 14.70
C GLY C 295 7.08 -21.65 15.96
N ASN C 296 5.92 -22.32 15.98
CA ASN C 296 5.24 -22.64 17.22
C ASN C 296 5.33 -24.16 17.41
N LYS C 297 6.34 -24.75 16.75
CA LYS C 297 6.77 -26.16 16.88
C LYS C 297 8.22 -26.24 16.36
N ARG C 298 8.93 -27.30 16.69
CA ARG C 298 10.34 -27.47 16.27
C ARG C 298 10.35 -27.94 14.84
N PRO C 299 11.43 -27.69 14.09
CA PRO C 299 11.35 -28.07 12.70
C PRO C 299 11.16 -29.50 12.48
N GLY C 300 10.20 -29.80 11.64
CA GLY C 300 9.83 -31.19 11.30
C GLY C 300 9.21 -31.99 12.44
N ALA C 301 9.08 -31.38 13.62
CA ALA C 301 8.47 -31.97 14.77
C ALA C 301 7.04 -32.34 14.47
N SER C 302 6.40 -33.05 15.40
CA SER C 302 5.03 -33.48 15.16
C SER C 302 4.05 -32.37 15.64
N ASP C 303 2.77 -32.57 15.40
CA ASP C 303 1.79 -31.54 15.60
C ASP C 303 1.25 -31.36 16.99
N ILE C 304 0.76 -30.17 17.23
CA ILE C 304 0.26 -29.78 18.51
C ILE C 304 -1.15 -29.21 18.28
N GLU C 305 -2.14 -29.85 18.85
CA GLU C 305 -3.54 -29.47 18.59
C GLU C 305 -3.85 -28.05 19.02
N GLY C 306 -4.49 -27.30 18.12
CA GLY C 306 -4.75 -25.91 18.33
C GLY C 306 -3.71 -24.90 17.99
N ARG C 307 -2.47 -25.28 17.70
CA ARG C 307 -1.41 -24.24 17.42
C ARG C 307 -1.43 -23.69 16.01
N SER C 308 -2.49 -22.97 15.68
CA SER C 308 -2.62 -22.44 14.35
C SER C 308 -1.93 -21.10 14.22
N ALA C 309 -1.51 -20.79 13.01
CA ALA C 309 -0.72 -19.61 12.85
C ALA C 309 -1.69 -18.46 12.85
N ILE C 310 -2.71 -18.61 12.03
CA ILE C 310 -3.80 -17.63 12.01
C ILE C 310 -5.11 -18.34 12.11
N LYS C 311 -5.95 -17.81 12.95
CA LYS C 311 -7.26 -18.43 13.20
C LYS C 311 -8.39 -17.44 13.04
N PHE C 312 -9.34 -17.74 12.19
CA PHE C 312 -10.52 -16.87 12.00
C PHE C 312 -11.67 -17.66 12.53
N ASN C 313 -12.28 -17.16 13.57
CA ASN C 313 -13.48 -17.78 14.14
C ASN C 313 -14.63 -16.75 14.08
N ASN C 314 -15.74 -17.09 13.44
CA ASN C 314 -16.83 -16.08 13.27
C ASN C 314 -16.36 -14.75 12.73
N CYS C 315 -15.63 -14.84 11.62
CA CYS C 315 -15.10 -13.68 10.99
C CYS C 315 -15.80 -13.40 9.71
N VAL C 316 -16.05 -12.13 9.42
CA VAL C 316 -16.73 -11.77 8.15
C VAL C 316 -15.91 -10.86 7.29
N ASP C 317 -15.90 -11.15 5.99
CA ASP C 317 -15.24 -10.29 5.05
C ASP C 317 -13.77 -10.09 5.42
N SER C 318 -13.07 -11.19 5.78
CA SER C 318 -11.71 -11.09 6.23
C SER C 318 -10.83 -11.88 5.35
N THR C 319 -9.59 -11.48 5.23
CA THR C 319 -8.73 -12.14 4.26
C THR C 319 -7.30 -12.22 4.74
N VAL C 320 -6.54 -13.16 4.18
CA VAL C 320 -5.11 -13.31 4.40
C VAL C 320 -4.48 -13.34 3.02
N LYS C 321 -3.54 -12.46 2.77
CA LYS C 321 -2.93 -12.40 1.44
C LYS C 321 -1.44 -12.39 1.49
N GLY C 322 -0.84 -13.32 0.76
CA GLY C 322 0.60 -13.43 0.66
C GLY C 322 1.44 -13.77 1.86
N THR C 323 0.85 -14.23 2.95
CA THR C 323 1.62 -14.54 4.16
C THR C 323 2.36 -15.88 4.03
N CYS C 324 3.55 -15.92 4.62
CA CYS C 324 4.40 -17.07 4.59
C CYS C 324 4.34 -17.67 6.00
N PHE C 325 4.23 -19.00 6.08
CA PHE C 325 4.15 -19.75 7.34
C PHE C 325 5.19 -20.83 7.29
N TYR C 326 5.99 -20.91 8.35
CA TYR C 326 7.05 -21.94 8.47
C TYR C 326 6.98 -22.69 9.81
N ASN C 327 7.06 -24.01 9.78
CA ASN C 327 7.21 -24.71 11.05
C ASN C 327 6.09 -24.44 12.04
N ILE C 328 4.90 -24.87 11.64
CA ILE C 328 3.70 -24.61 12.40
C ILE C 328 3.02 -25.87 12.90
N GLY C 329 2.67 -25.84 14.18
CA GLY C 329 2.11 -26.97 14.90
C GLY C 329 0.79 -27.45 14.45
N TRP C 330 -0.04 -26.55 13.94
CA TRP C 330 -1.36 -26.93 13.55
C TRP C 330 -1.66 -26.42 12.16
N TYR C 331 -2.71 -25.62 11.99
CA TYR C 331 -3.04 -25.15 10.68
C TYR C 331 -2.43 -23.79 10.38
N GLY C 332 -2.16 -23.54 9.09
CA GLY C 332 -1.65 -22.23 8.65
C GLY C 332 -2.71 -21.17 8.86
N VAL C 333 -3.77 -21.35 8.10
CA VAL C 333 -4.92 -20.57 8.31
C VAL C 333 -6.04 -21.53 8.67
N GLU C 334 -6.69 -21.22 9.77
CA GLU C 334 -7.83 -21.96 10.25
C GLU C 334 -9.07 -21.07 10.12
N VAL C 335 -10.06 -21.56 9.43
CA VAL C 335 -11.32 -20.85 9.33
C VAL C 335 -12.49 -21.63 9.97
N LEU C 336 -13.07 -21.07 11.02
CA LEU C 336 -14.19 -21.73 11.67
C LEU C 336 -15.31 -20.83 12.19
N GLY C 337 -16.40 -21.47 12.57
CA GLY C 337 -17.54 -20.69 13.06
C GLY C 337 -18.28 -20.29 11.82
N CYS C 338 -19.15 -19.28 11.96
CA CYS C 338 -19.90 -18.78 10.82
C CYS C 338 -19.09 -17.74 10.08
N SER C 339 -17.85 -18.08 9.73
CA SER C 339 -17.03 -17.19 8.95
C SER C 339 -17.52 -17.13 7.50
N GLU C 340 -17.91 -15.94 7.08
CA GLU C 340 -18.48 -15.75 5.80
C GLU C 340 -17.65 -14.81 4.92
N ASP C 341 -17.48 -15.20 3.66
CA ASP C 341 -16.75 -14.43 2.67
C ASP C 341 -15.35 -14.26 3.09
N THR C 342 -14.62 -15.36 3.18
CA THR C 342 -13.20 -15.33 3.59
C THR C 342 -12.35 -15.73 2.42
N GLU C 343 -11.25 -15.01 2.22
CA GLU C 343 -10.38 -15.33 1.12
C GLU C 343 -8.97 -15.52 1.62
N VAL C 344 -8.33 -16.54 1.09
CA VAL C 344 -6.94 -16.72 1.29
C VAL C 344 -6.25 -16.75 -0.04
N HIS C 345 -5.30 -15.79 -0.18
CA HIS C 345 -4.59 -15.55 -1.44
C HIS C 345 -3.09 -15.62 -1.31
N ASP C 346 -2.52 -16.35 -2.25
CA ASP C 346 -1.11 -16.32 -2.47
C ASP C 346 -0.30 -16.65 -1.21
N ILE C 347 -0.70 -17.65 -0.44
CA ILE C 347 0.09 -17.93 0.77
C ILE C 347 1.07 -19.02 0.50
N HIS C 348 2.07 -19.07 1.36
CA HIS C 348 3.08 -20.09 1.28
C HIS C 348 3.21 -20.73 2.61
N ALA C 349 3.11 -22.04 2.64
CA ALA C 349 3.19 -22.74 3.90
C ALA C 349 4.03 -24.00 3.81
N MET C 350 4.97 -24.11 4.71
CA MET C 350 6.01 -25.14 4.62
C MET C 350 6.11 -25.73 5.99
N ASP C 351 5.91 -27.03 6.09
CA ASP C 351 6.02 -27.71 7.39
C ASP C 351 4.93 -27.26 8.37
N VAL C 352 3.71 -27.59 7.98
CA VAL C 352 2.52 -27.32 8.74
C VAL C 352 1.61 -28.51 8.63
N ARG C 353 0.61 -28.62 9.49
CA ARG C 353 -0.30 -29.75 9.45
C ARG C 353 -1.22 -29.66 8.26
N HIS C 354 -1.86 -28.49 8.15
CA HIS C 354 -2.67 -28.08 6.96
C HIS C 354 -2.37 -26.61 6.59
N ALA C 355 -2.14 -26.31 5.32
CA ALA C 355 -1.91 -24.89 4.93
C ALA C 355 -3.13 -24.12 5.28
N ILE C 356 -4.27 -24.63 4.81
CA ILE C 356 -5.57 -24.05 5.08
C ILE C 356 -6.50 -25.15 5.51
N SER C 357 -7.29 -24.84 6.50
CA SER C 357 -8.31 -25.78 6.94
C SER C 357 -9.56 -25.06 7.43
N LEU C 358 -10.73 -25.44 6.89
CA LEU C 358 -12.05 -24.98 7.36
C LEU C 358 -12.45 -26.00 8.37
N ASN C 359 -12.66 -25.62 9.61
CA ASN C 359 -12.81 -26.53 10.74
C ASN C 359 -14.25 -26.77 11.22
N TRP C 360 -14.45 -27.83 11.99
CA TRP C 360 -15.72 -28.12 12.65
C TRP C 360 -15.63 -27.59 14.04
N GLN C 361 -16.56 -27.91 14.95
CA GLN C 361 -16.36 -27.61 16.39
C GLN C 361 -16.82 -28.80 17.15
N SER C 362 -16.04 -29.29 18.12
CA SER C 362 -16.50 -30.44 18.87
C SER C 362 -17.59 -29.96 19.85
N THR C 363 -18.69 -30.70 19.87
CA THR C 363 -19.84 -30.45 20.68
C THR C 363 -19.83 -31.46 21.85
N ALA C 364 -18.65 -32.03 22.12
CA ALA C 364 -18.52 -32.91 23.30
C ALA C 364 -18.86 -32.19 24.59
N ASP C 365 -18.68 -30.89 24.56
CA ASP C 365 -18.90 -30.10 25.72
C ASP C 365 -20.02 -29.12 25.54
N GLY C 366 -20.94 -29.45 24.66
CA GLY C 366 -22.08 -28.60 24.47
C GLY C 366 -22.23 -28.09 23.06
N ASP C 367 -23.31 -27.33 22.87
CA ASP C 367 -23.69 -26.84 21.57
C ASP C 367 -22.69 -25.83 20.95
N LYS C 368 -22.63 -25.87 19.63
CA LYS C 368 -21.74 -25.05 18.89
C LYS C 368 -22.53 -24.58 17.70
N TRP C 369 -22.24 -23.36 17.29
CA TRP C 369 -22.83 -22.84 16.10
C TRP C 369 -21.80 -22.30 15.09
N GLY C 370 -22.03 -22.64 13.84
CA GLY C 370 -21.41 -21.95 12.68
C GLY C 370 -20.61 -22.86 11.80
N GLU C 371 -20.89 -22.87 10.51
CA GLU C 371 -20.00 -23.49 9.52
C GLU C 371 -19.53 -22.38 8.57
N PRO C 372 -18.32 -22.50 8.00
CA PRO C 372 -17.92 -21.39 7.14
C PRO C 372 -18.75 -21.38 5.92
N ILE C 373 -19.04 -20.20 5.40
CA ILE C 373 -19.83 -20.06 4.17
C ILE C 373 -19.11 -19.16 3.19
N GLU C 374 -18.90 -19.65 1.97
CA GLU C 374 -18.26 -18.82 0.95
C GLU C 374 -16.82 -18.60 1.32
N PHE C 375 -15.98 -19.48 0.82
CA PHE C 375 -14.58 -19.47 1.12
C PHE C 375 -13.85 -19.66 -0.17
N LEU C 376 -12.83 -18.84 -0.31
CA LEU C 376 -11.99 -18.88 -1.45
C LEU C 376 -10.53 -18.99 -1.15
N GLY C 377 -9.90 -19.99 -1.77
CA GLY C 377 -8.47 -20.17 -1.68
C GLY C 377 -7.91 -20.06 -3.05
N VAL C 378 -7.02 -19.12 -3.25
CA VAL C 378 -6.53 -18.93 -4.61
C VAL C 378 -5.05 -18.68 -4.68
N ASN C 379 -4.38 -19.51 -5.47
CA ASN C 379 -2.97 -19.37 -5.70
C ASN C 379 -2.13 -19.65 -4.47
N CYS C 380 -2.46 -20.68 -3.73
CA CYS C 380 -1.75 -20.98 -2.49
C CYS C 380 -0.81 -22.14 -2.74
N GLU C 381 0.32 -22.13 -2.05
CA GLU C 381 1.32 -23.12 -2.18
C GLU C 381 1.58 -23.78 -0.79
N ALA C 382 1.52 -25.11 -0.74
CA ALA C 382 1.88 -25.77 0.48
C ALA C 382 2.92 -26.81 0.22
N TYR C 383 3.95 -26.83 1.06
CA TYR C 383 5.01 -27.79 0.99
C TYR C 383 5.11 -28.64 2.29
N SER C 384 5.24 -29.93 2.11
CA SER C 384 5.64 -30.81 3.20
C SER C 384 4.75 -30.65 4.42
N THR C 385 3.45 -30.78 4.23
CA THR C 385 2.51 -30.70 5.29
C THR C 385 2.47 -32.02 5.94
N THR C 386 2.22 -32.08 7.23
CA THR C 386 2.18 -33.38 7.93
C THR C 386 0.90 -34.11 7.67
N GLN C 387 -0.13 -33.37 7.25
CA GLN C 387 -1.46 -33.91 6.87
C GLN C 387 -1.85 -33.25 5.57
N ALA C 388 -3.05 -33.39 5.12
CA ALA C 388 -3.45 -32.70 3.88
C ALA C 388 -2.95 -31.31 3.71
N GLY C 389 -2.68 -30.93 2.47
CA GLY C 389 -2.20 -29.60 2.23
C GLY C 389 -3.27 -28.57 2.42
N PHE C 390 -4.43 -28.88 1.86
CA PHE C 390 -5.56 -27.98 1.89
C PHE C 390 -6.73 -28.86 2.23
N ASP C 391 -7.50 -28.46 3.24
CA ASP C 391 -8.47 -29.37 3.80
C ASP C 391 -9.68 -28.64 4.33
N THR C 392 -10.81 -29.34 4.41
CA THR C 392 -11.98 -28.86 5.16
C THR C 392 -12.38 -30.02 6.07
N HIS C 393 -13.15 -29.72 7.12
CA HIS C 393 -13.74 -30.73 7.94
C HIS C 393 -15.11 -30.92 7.41
N ASP C 394 -16.05 -31.45 8.18
CA ASP C 394 -17.32 -31.94 7.58
C ASP C 394 -18.51 -30.99 7.66
N ILE C 395 -18.17 -29.73 7.74
CA ILE C 395 -19.16 -28.68 7.56
C ILE C 395 -18.61 -27.59 6.65
N GLY C 396 -19.41 -26.61 6.29
CA GLY C 396 -18.95 -25.57 5.39
C GLY C 396 -19.63 -25.67 4.06
N LYS C 397 -20.02 -24.51 3.56
CA LYS C 397 -20.74 -24.33 2.31
C LYS C 397 -19.98 -23.44 1.31
N ARG C 398 -20.11 -23.75 0.04
CA ARG C 398 -19.51 -22.94 -1.00
C ARG C 398 -18.02 -22.73 -0.86
N VAL C 399 -17.24 -23.79 -0.86
CA VAL C 399 -15.84 -23.73 -0.69
C VAL C 399 -15.25 -23.92 -2.03
N LYS C 400 -14.32 -23.05 -2.36
CA LYS C 400 -13.64 -23.11 -3.69
C LYS C 400 -12.13 -23.03 -3.54
N PHE C 401 -11.43 -23.86 -4.26
CA PHE C 401 -9.97 -23.77 -4.28
C PHE C 401 -9.60 -23.53 -5.73
N VAL C 402 -8.89 -22.43 -5.97
CA VAL C 402 -8.47 -22.08 -7.31
C VAL C 402 -7.00 -21.90 -7.43
N ARG C 403 -6.43 -22.69 -8.34
CA ARG C 403 -4.99 -22.68 -8.64
C ARG C 403 -4.07 -22.85 -7.45
N CYS C 404 -4.48 -23.72 -6.57
CA CYS C 404 -3.67 -24.02 -5.42
C CYS C 404 -2.78 -25.20 -5.74
N VAL C 405 -1.65 -25.30 -5.07
CA VAL C 405 -0.80 -26.46 -5.28
C VAL C 405 -0.24 -27.04 -3.97
N SER C 406 -0.17 -28.36 -4.00
CA SER C 406 0.41 -29.09 -2.90
C SER C 406 1.59 -29.94 -3.33
N TYR C 407 2.66 -29.84 -2.55
CA TYR C 407 3.83 -30.64 -2.76
C TYR C 407 4.14 -31.54 -1.57
N ASP C 408 4.48 -32.78 -1.84
CA ASP C 408 5.05 -33.67 -0.81
C ASP C 408 4.29 -33.70 0.51
N SER C 409 2.99 -33.95 0.41
CA SER C 409 2.19 -34.02 1.57
C SER C 409 2.37 -35.42 2.19
N ALA C 410 2.30 -35.51 3.50
CA ALA C 410 2.43 -36.79 4.20
C ALA C 410 1.14 -37.57 4.11
N ALA C 411 0.12 -36.92 3.58
CA ALA C 411 -1.23 -37.46 3.48
C ALA C 411 -1.72 -37.11 2.11
N ALA C 412 -2.85 -36.43 2.01
CA ALA C 412 -3.33 -36.01 0.69
C ALA C 412 -2.91 -34.59 0.30
N GLY C 413 -2.92 -34.32 -1.00
CA GLY C 413 -2.65 -32.96 -1.44
C GLY C 413 -3.78 -32.10 -0.98
N PHE C 414 -4.97 -32.57 -1.30
CA PHE C 414 -6.21 -31.90 -0.94
C PHE C 414 -7.18 -32.88 -0.43
N GLN C 415 -7.83 -32.49 0.62
CA GLN C 415 -8.85 -33.34 1.25
C GLN C 415 -10.17 -32.61 1.46
N ALA C 416 -11.26 -33.13 0.90
CA ALA C 416 -12.59 -32.51 1.11
C ALA C 416 -13.39 -33.36 2.09
N ARG C 417 -13.85 -32.75 3.15
CA ARG C 417 -14.67 -33.49 4.09
C ARG C 417 -16.10 -32.95 4.24
N THR C 418 -16.41 -31.88 3.50
CA THR C 418 -17.77 -31.31 3.39
C THR C 418 -18.18 -31.44 1.93
N ASN C 419 -19.46 -31.22 1.67
CA ASN C 419 -20.02 -31.63 0.38
C ASN C 419 -19.84 -30.59 -0.68
N GLY C 420 -19.65 -31.07 -1.90
CA GLY C 420 -19.46 -30.22 -3.03
C GLY C 420 -18.37 -29.15 -2.98
N VAL C 421 -17.18 -29.51 -2.53
CA VAL C 421 -16.07 -28.60 -2.63
C VAL C 421 -15.66 -28.54 -4.09
N GLU C 422 -15.32 -27.35 -4.57
CA GLU C 422 -14.93 -27.18 -5.98
C GLU C 422 -13.46 -26.85 -6.06
N TYR C 423 -12.75 -27.52 -6.97
CA TYR C 423 -11.35 -27.22 -7.23
C TYR C 423 -11.16 -26.87 -8.67
N LEU C 424 -10.59 -25.71 -8.98
CA LEU C 424 -10.27 -25.35 -10.37
C LEU C 424 -8.79 -25.19 -10.59
N ASN C 425 -8.26 -26.03 -11.47
CA ASN C 425 -6.85 -25.96 -11.85
C ASN C 425 -5.90 -26.13 -10.69
N CYS C 426 -6.19 -27.07 -9.83
CA CYS C 426 -5.29 -27.29 -8.72
C CYS C 426 -4.29 -28.37 -9.05
N ARG C 427 -3.19 -28.38 -8.30
CA ARG C 427 -2.20 -29.36 -8.57
C ARG C 427 -1.72 -29.98 -7.32
N ALA C 428 -1.43 -31.27 -7.41
CA ALA C 428 -0.86 -32.01 -6.30
C ALA C 428 0.24 -32.95 -6.75
N TYR C 429 1.42 -32.73 -6.17
CA TYR C 429 2.65 -33.51 -6.49
C TYR C 429 3.10 -34.31 -5.30
N ARG C 430 3.39 -35.57 -5.59
CA ARG C 430 4.08 -36.44 -4.68
C ARG C 430 3.43 -36.43 -3.29
N ALA C 431 2.12 -36.61 -3.24
CA ALA C 431 1.49 -36.86 -1.97
C ALA C 431 1.70 -38.31 -1.52
N ALA C 432 1.91 -38.51 -0.24
CA ALA C 432 2.11 -39.85 0.27
C ALA C 432 0.92 -40.73 -0.01
N MET C 433 -0.27 -40.14 0.06
CA MET C 433 -1.49 -40.87 -0.23
C MET C 433 -2.12 -40.44 -1.54
N ASP C 434 -3.16 -39.64 -1.53
CA ASP C 434 -3.79 -39.31 -2.77
C ASP C 434 -3.58 -37.88 -3.05
N GLY C 435 -3.65 -37.52 -4.33
CA GLY C 435 -3.46 -36.14 -4.71
C GLY C 435 -4.62 -35.31 -4.24
N PHE C 436 -5.79 -35.76 -4.64
CA PHE C 436 -7.03 -35.20 -4.17
C PHE C 436 -7.90 -36.28 -3.59
N ALA C 437 -8.58 -35.98 -2.48
CA ALA C 437 -9.46 -37.01 -1.90
C ALA C 437 -10.63 -36.46 -1.10
N SER C 438 -11.74 -37.20 -1.10
CA SER C 438 -12.83 -36.86 -0.20
C SER C 438 -12.66 -37.79 1.01
N ASN C 439 -13.71 -38.09 1.73
CA ASN C 439 -13.58 -39.04 2.87
C ASN C 439 -14.93 -39.62 3.17
N THR C 440 -15.00 -40.37 4.27
CA THR C 440 -16.14 -41.17 4.64
C THR C 440 -17.42 -40.35 4.75
N GLY C 441 -18.40 -40.74 3.94
CA GLY C 441 -19.67 -40.02 3.87
C GLY C 441 -19.67 -38.68 3.15
N VAL C 442 -18.61 -38.35 2.42
CA VAL C 442 -18.61 -37.10 1.78
C VAL C 442 -19.11 -37.29 0.41
N ALA C 443 -19.83 -36.29 -0.06
CA ALA C 443 -20.45 -36.32 -1.39
C ALA C 443 -19.86 -35.32 -2.42
N PHE C 444 -19.59 -35.90 -3.59
CA PHE C 444 -19.25 -35.24 -4.82
C PHE C 444 -18.51 -33.93 -4.84
N PRO C 445 -17.17 -34.02 -4.68
CA PRO C 445 -16.33 -32.91 -4.91
C PRO C 445 -16.26 -32.72 -6.45
N ILE C 446 -15.89 -31.55 -6.89
CA ILE C 446 -15.80 -31.29 -8.29
C ILE C 446 -14.40 -30.80 -8.61
N TYR C 447 -13.75 -31.52 -9.50
CA TYR C 447 -12.42 -31.23 -9.87
C TYR C 447 -12.51 -30.83 -11.33
N ARG C 448 -12.08 -29.64 -11.65
CA ARG C 448 -12.08 -29.19 -13.03
C ARG C 448 -10.64 -28.88 -13.47
N GLU C 449 -10.12 -29.69 -14.39
CA GLU C 449 -8.75 -29.45 -14.92
C GLU C 449 -7.72 -29.42 -13.83
N CYS C 450 -7.79 -30.41 -12.97
CA CYS C 450 -6.85 -30.56 -11.92
C CYS C 450 -5.77 -31.56 -12.33
N LEU C 451 -4.54 -31.36 -11.88
CA LEU C 451 -3.48 -32.24 -12.23
C LEU C 451 -2.89 -32.85 -11.01
N ALA C 452 -2.68 -34.16 -11.07
CA ALA C 452 -2.05 -34.92 -10.01
C ALA C 452 -0.78 -35.63 -10.59
N TYR C 453 0.38 -35.42 -9.98
CA TYR C 453 1.61 -36.04 -10.45
C TYR C 453 2.30 -36.77 -9.35
N ASP C 454 2.53 -38.05 -9.58
CA ASP C 454 3.39 -38.85 -8.72
C ASP C 454 2.92 -38.94 -7.26
N ASN C 455 1.62 -39.10 -7.05
CA ASN C 455 1.16 -39.28 -5.71
C ASN C 455 1.12 -40.79 -5.56
N VAL C 456 1.54 -41.25 -4.40
CA VAL C 456 1.79 -42.63 -4.23
C VAL C 456 0.61 -43.49 -4.61
N ARG C 457 -0.53 -43.26 -3.94
CA ARG C 457 -1.65 -44.17 -4.12
C ARG C 457 -2.54 -43.87 -5.34
N SER C 458 -3.11 -42.67 -5.36
CA SER C 458 -3.87 -42.20 -6.56
C SER C 458 -3.86 -40.71 -6.76
N GLY C 459 -4.31 -40.32 -7.92
CA GLY C 459 -4.45 -38.90 -8.21
C GLY C 459 -5.68 -38.32 -7.54
N PHE C 460 -6.84 -38.94 -7.82
CA PHE C 460 -8.13 -38.54 -7.33
C PHE C 460 -8.80 -39.72 -6.65
N ASN C 461 -9.03 -39.58 -5.38
CA ASN C 461 -9.70 -40.62 -4.62
C ASN C 461 -11.03 -40.10 -4.11
N CYS C 462 -12.07 -40.41 -4.87
CA CYS C 462 -13.42 -40.05 -4.48
C CYS C 462 -14.37 -41.27 -4.51
N SER C 463 -13.89 -42.35 -3.93
CA SER C 463 -14.65 -43.57 -3.84
C SER C 463 -15.56 -43.56 -2.60
N TYR C 464 -15.56 -42.48 -1.80
CA TYR C 464 -16.36 -42.48 -0.57
C TYR C 464 -17.80 -42.15 -0.84
N GLY C 465 -18.08 -41.51 -1.95
CA GLY C 465 -19.48 -41.17 -2.28
C GLY C 465 -19.63 -40.33 -3.55
N GLY C 466 -18.98 -40.82 -4.60
CA GLY C 466 -18.94 -40.16 -5.88
C GLY C 466 -18.01 -38.98 -6.05
N GLY C 467 -17.74 -38.72 -7.32
CA GLY C 467 -17.12 -37.49 -7.71
C GLY C 467 -17.33 -37.05 -9.15
N TYR C 468 -17.03 -35.78 -9.35
CA TYR C 468 -17.04 -35.25 -10.69
C TYR C 468 -15.66 -34.87 -11.14
N VAL C 469 -15.08 -35.72 -12.00
CA VAL C 469 -13.69 -35.50 -12.39
C VAL C 469 -13.73 -35.03 -13.82
N TYR C 470 -13.62 -33.74 -14.02
CA TYR C 470 -13.74 -33.18 -15.35
C TYR C 470 -12.43 -32.62 -15.90
N ASP C 471 -12.01 -33.15 -17.05
CA ASP C 471 -10.74 -32.71 -17.75
C ASP C 471 -9.45 -32.70 -16.88
N CYS C 472 -9.32 -33.70 -16.01
CA CYS C 472 -8.25 -33.78 -15.08
C CYS C 472 -7.17 -34.68 -15.60
N GLU C 473 -6.03 -34.67 -14.92
CA GLU C 473 -4.93 -35.51 -15.25
C GLU C 473 -4.27 -36.14 -14.06
N ALA C 474 -3.95 -37.40 -14.17
CA ALA C 474 -3.24 -38.07 -13.15
C ALA C 474 -2.13 -38.93 -13.77
N HIS C 475 -0.90 -38.73 -13.26
CA HIS C 475 0.28 -39.41 -13.73
C HIS C 475 1.07 -39.92 -12.54
N GLY C 476 1.64 -41.11 -12.70
CA GLY C 476 2.55 -41.68 -11.69
C GLY C 476 2.00 -42.22 -10.39
N SER C 477 0.80 -42.74 -10.37
CA SER C 477 0.23 -43.26 -9.12
C SER C 477 -0.07 -44.74 -9.32
N GLN C 478 -0.62 -45.39 -8.30
CA GLN C 478 -1.05 -46.78 -8.49
C GLN C 478 -2.26 -46.80 -9.41
N ASN C 479 -3.17 -45.85 -9.19
CA ASN C 479 -4.34 -45.64 -10.08
C ASN C 479 -4.69 -44.17 -10.21
N GLY C 480 -5.04 -43.78 -11.44
CA GLY C 480 -5.30 -42.41 -11.73
C GLY C 480 -6.41 -41.88 -10.84
N VAL C 481 -7.58 -42.48 -10.98
CA VAL C 481 -8.77 -42.12 -10.23
C VAL C 481 -9.38 -43.34 -9.56
N ARG C 482 -9.68 -43.15 -8.28
CA ARG C 482 -10.44 -44.12 -7.49
C ARG C 482 -11.81 -43.52 -7.41
N ILE C 483 -12.83 -44.22 -7.95
CA ILE C 483 -14.17 -43.69 -7.96
C ILE C 483 -15.26 -44.77 -7.83
N ASN C 484 -16.35 -44.46 -7.14
CA ASN C 484 -17.49 -45.39 -7.11
C ASN C 484 -18.69 -44.96 -7.91
N GLY C 485 -18.80 -43.67 -8.18
CA GLY C 485 -19.91 -43.20 -8.99
C GLY C 485 -19.67 -41.76 -9.32
N GLY C 486 -20.26 -41.31 -10.41
CA GLY C 486 -20.10 -39.93 -10.80
C GLY C 486 -19.69 -39.82 -12.23
N ARG C 487 -18.77 -38.90 -12.55
CA ARG C 487 -18.31 -38.83 -13.94
C ARG C 487 -16.87 -38.54 -14.07
N VAL C 488 -16.25 -39.17 -15.05
CA VAL C 488 -14.89 -38.87 -15.44
C VAL C 488 -15.05 -38.48 -16.91
N LYS C 489 -14.96 -37.18 -17.18
CA LYS C 489 -15.16 -36.59 -18.50
C LYS C 489 -13.92 -35.93 -19.02
N GLY C 490 -13.33 -36.47 -20.06
CA GLY C 490 -12.13 -35.86 -20.58
C GLY C 490 -10.93 -36.07 -19.70
N GLY C 491 -9.89 -35.32 -20.02
CA GLY C 491 -8.66 -35.48 -19.29
C GLY C 491 -7.80 -36.61 -19.83
N ARG C 492 -6.64 -36.77 -19.18
CA ARG C 492 -5.57 -37.67 -19.61
C ARG C 492 -4.90 -38.37 -18.42
N TYR C 493 -4.73 -39.68 -18.58
CA TYR C 493 -4.13 -40.46 -17.55
C TYR C 493 -2.95 -41.28 -18.05
N THR C 494 -1.83 -41.25 -17.33
CA THR C 494 -0.63 -42.03 -17.69
C THR C 494 0.20 -42.52 -16.52
N ARG C 495 0.98 -43.54 -16.75
CA ARG C 495 1.92 -44.05 -15.74
C ARG C 495 1.25 -44.38 -14.42
N ASN C 496 0.20 -45.16 -14.50
CA ASN C 496 -0.41 -45.67 -13.32
C ASN C 496 -0.25 -47.19 -13.29
N SER C 497 0.40 -47.68 -12.25
CA SER C 497 0.89 -49.04 -12.23
C SER C 497 -0.28 -49.99 -12.27
N SER C 498 -1.35 -49.72 -11.55
CA SER C 498 -2.48 -50.64 -11.56
C SER C 498 -3.41 -50.41 -12.69
N SER C 499 -4.02 -49.26 -12.71
CA SER C 499 -4.93 -48.88 -13.79
C SER C 499 -5.16 -47.37 -13.75
N HIS C 500 -5.71 -46.84 -14.83
CA HIS C 500 -5.95 -45.43 -14.88
C HIS C 500 -7.19 -45.06 -14.12
N ILE C 501 -8.28 -45.77 -14.34
CA ILE C 501 -9.45 -45.56 -13.56
C ILE C 501 -9.67 -46.84 -12.75
N PHE C 502 -9.95 -46.69 -11.47
CA PHE C 502 -10.23 -47.80 -10.60
C PHE C 502 -11.65 -47.66 -10.05
N VAL C 503 -12.55 -48.55 -10.48
CA VAL C 503 -13.89 -48.44 -9.97
C VAL C 503 -14.04 -49.22 -8.65
N THR C 504 -14.21 -48.54 -7.56
CA THR C 504 -14.17 -49.18 -6.31
C THR C 504 -14.95 -48.30 -5.31
N LYS C 505 -15.03 -48.78 -4.07
CA LYS C 505 -15.70 -48.13 -2.93
C LYS C 505 -14.79 -48.07 -1.76
N ASP C 506 -15.06 -47.22 -0.79
CA ASP C 506 -14.18 -47.20 0.38
C ASP C 506 -14.42 -48.41 1.26
N VAL C 507 -15.67 -48.80 1.33
CA VAL C 507 -16.07 -49.97 2.07
C VAL C 507 -17.28 -50.60 1.38
N ALA C 508 -17.40 -51.91 1.34
CA ALA C 508 -18.55 -52.50 0.63
C ALA C 508 -19.98 -51.98 1.01
N GLU C 509 -20.15 -51.33 2.17
CA GLU C 509 -21.47 -50.86 2.57
C GLU C 509 -21.86 -49.61 1.78
N THR C 510 -20.88 -48.90 1.24
CA THR C 510 -21.15 -47.70 0.47
C THR C 510 -21.82 -48.12 -0.82
N ALA C 511 -22.68 -47.26 -1.33
CA ALA C 511 -23.43 -47.57 -2.56
C ALA C 511 -22.64 -47.26 -3.79
N GLN C 512 -22.77 -48.12 -4.79
CA GLN C 512 -22.20 -47.86 -6.07
C GLN C 512 -23.26 -47.14 -6.83
N THR C 513 -22.93 -46.13 -7.62
CA THR C 513 -23.92 -45.46 -8.46
C THR C 513 -23.41 -45.32 -9.91
N SER C 514 -24.25 -44.77 -10.78
CA SER C 514 -23.85 -44.66 -12.16
C SER C 514 -22.51 -43.98 -12.34
N LEU C 515 -21.71 -44.51 -13.26
CA LEU C 515 -20.42 -43.93 -13.59
C LEU C 515 -20.36 -43.79 -15.08
N GLU C 516 -20.04 -42.60 -15.52
CA GLU C 516 -19.90 -42.31 -16.91
C GLU C 516 -18.45 -41.88 -17.19
N ILE C 517 -17.80 -42.63 -18.09
CA ILE C 517 -16.42 -42.38 -18.51
C ILE C 517 -16.41 -42.02 -20.03
N ASP C 518 -16.30 -40.72 -20.32
CA ASP C 518 -16.57 -40.17 -21.66
C ASP C 518 -15.41 -39.24 -22.02
N GLY C 519 -14.78 -39.53 -23.15
CA GLY C 519 -13.74 -38.73 -23.69
C GLY C 519 -12.46 -38.61 -22.91
N VAL C 520 -12.04 -39.70 -22.29
CA VAL C 520 -10.81 -39.75 -21.51
C VAL C 520 -9.72 -40.39 -22.32
N SER C 521 -8.51 -39.86 -22.20
CA SER C 521 -7.30 -40.53 -22.74
C SER C 521 -6.77 -41.43 -21.65
N MET C 522 -6.88 -42.75 -21.86
CA MET C 522 -6.34 -43.72 -20.91
C MET C 522 -5.41 -44.70 -21.68
N ARG C 523 -4.46 -44.16 -22.42
CA ARG C 523 -3.63 -44.98 -23.29
C ARG C 523 -2.69 -45.91 -22.54
N TYR C 524 -2.27 -46.97 -23.23
CA TYR C 524 -1.31 -47.88 -22.62
C TYR C 524 0.08 -47.39 -22.83
N ASP C 525 0.85 -47.35 -21.76
CA ASP C 525 2.27 -46.95 -21.86
C ASP C 525 3.24 -47.94 -21.16
N GLY C 526 2.87 -49.20 -21.07
CA GLY C 526 3.67 -50.22 -20.46
C GLY C 526 3.54 -50.41 -18.97
N THR C 527 2.52 -49.82 -18.35
CA THR C 527 2.32 -49.99 -16.92
C THR C 527 0.97 -50.68 -16.67
N GLY C 528 0.00 -49.98 -16.07
CA GLY C 528 -1.29 -50.55 -15.71
C GLY C 528 -2.28 -50.50 -16.84
N ARG C 529 -3.44 -51.07 -16.58
CA ARG C 529 -4.49 -51.16 -17.57
C ARG C 529 -5.38 -49.92 -17.55
N ALA C 530 -6.40 -49.89 -18.39
CA ALA C 530 -7.27 -48.71 -18.43
C ALA C 530 -8.24 -48.63 -17.28
N VAL C 531 -9.03 -49.69 -17.13
CA VAL C 531 -10.01 -49.69 -16.08
C VAL C 531 -9.92 -50.92 -15.27
N TYR C 532 -10.11 -50.76 -13.95
CA TYR C 532 -10.03 -51.84 -12.97
C TYR C 532 -11.32 -51.84 -12.18
N PHE C 533 -12.13 -52.88 -12.40
CA PHE C 533 -13.41 -53.08 -11.66
C PHE C 533 -13.23 -53.95 -10.44
N HIS C 534 -13.63 -53.39 -9.28
CA HIS C 534 -13.36 -54.05 -7.99
C HIS C 534 -14.47 -54.96 -7.56
N GLY C 535 -14.52 -56.18 -8.06
CA GLY C 535 -15.57 -57.12 -7.69
C GLY C 535 -15.63 -57.38 -6.19
N THR C 536 -14.45 -57.44 -5.60
CA THR C 536 -14.31 -57.66 -4.18
C THR C 536 -15.28 -56.86 -3.31
N VAL C 537 -15.64 -55.66 -3.68
CA VAL C 537 -16.49 -54.82 -2.81
C VAL C 537 -17.84 -54.60 -3.43
N GLY C 538 -18.19 -55.38 -4.44
CA GLY C 538 -19.55 -55.35 -5.03
C GLY C 538 -19.75 -54.43 -6.22
N ILE C 539 -18.75 -54.28 -7.06
CA ILE C 539 -18.87 -53.42 -8.19
C ILE C 539 -19.55 -54.17 -9.33
N ASP C 540 -20.67 -53.59 -9.81
CA ASP C 540 -21.35 -54.06 -11.00
C ASP C 540 -20.85 -53.26 -12.19
N PRO C 541 -20.19 -53.94 -13.13
CA PRO C 541 -19.65 -53.19 -14.22
C PRO C 541 -20.67 -52.55 -15.09
N THR C 542 -21.88 -53.11 -15.15
CA THR C 542 -22.92 -52.61 -16.07
C THR C 542 -23.44 -51.27 -15.64
N LEU C 543 -23.08 -50.87 -14.43
CA LEU C 543 -23.40 -49.54 -13.95
C LEU C 543 -22.45 -48.48 -14.43
N VAL C 544 -21.54 -48.85 -15.33
CA VAL C 544 -20.55 -47.95 -15.89
C VAL C 544 -20.77 -47.85 -17.39
N SER C 545 -20.58 -46.68 -17.97
CA SER C 545 -20.64 -46.53 -19.47
C SER C 545 -19.39 -45.89 -19.88
N MET C 546 -18.74 -46.52 -20.85
CA MET C 546 -17.50 -46.01 -21.41
C MET C 546 -17.75 -45.55 -22.87
N SER C 547 -17.68 -44.24 -23.12
CA SER C 547 -17.86 -43.73 -24.50
C SER C 547 -16.71 -42.88 -24.99
N ASN C 548 -16.32 -43.11 -26.23
CA ASN C 548 -15.37 -42.22 -26.89
C ASN C 548 -14.06 -41.98 -26.13
N ASN C 549 -13.47 -43.05 -25.62
CA ASN C 549 -12.22 -42.96 -24.93
C ASN C 549 -11.12 -43.56 -25.75
N ASP C 550 -9.90 -43.10 -25.48
CA ASP C 550 -8.73 -43.55 -26.18
C ASP C 550 -8.09 -44.52 -25.24
N MET C 551 -8.29 -45.80 -25.52
CA MET C 551 -7.68 -46.86 -24.74
C MET C 551 -6.60 -47.55 -25.52
N THR C 552 -6.06 -46.86 -26.54
CA THR C 552 -5.06 -47.44 -27.45
C THR C 552 -3.88 -48.14 -26.80
N GLY C 553 -3.65 -49.38 -27.24
CA GLY C 553 -2.51 -50.18 -26.87
C GLY C 553 -2.68 -51.20 -25.77
N HIS C 554 -3.84 -51.24 -25.12
CA HIS C 554 -4.01 -52.18 -24.05
C HIS C 554 -4.32 -53.55 -24.62
N GLY C 555 -4.57 -53.62 -25.93
CA GLY C 555 -5.03 -54.88 -26.56
C GLY C 555 -6.09 -55.65 -25.77
N LEU C 556 -5.85 -56.92 -25.46
CA LEU C 556 -6.81 -57.70 -24.70
C LEU C 556 -6.85 -57.29 -23.24
N PHE C 557 -5.95 -56.42 -22.82
CA PHE C 557 -5.85 -56.12 -21.37
C PHE C 557 -6.15 -54.70 -20.99
N TRP C 558 -7.19 -54.16 -21.59
CA TRP C 558 -7.77 -52.86 -21.18
C TRP C 558 -8.46 -52.86 -19.82
N ALA C 559 -9.09 -53.98 -19.45
CA ALA C 559 -9.75 -54.09 -18.15
C ALA C 559 -9.02 -54.96 -17.17
N LEU C 560 -9.11 -54.63 -15.91
CA LEU C 560 -8.60 -55.47 -14.86
C LEU C 560 -9.78 -55.77 -13.93
N LEU C 561 -9.98 -57.03 -13.55
CA LEU C 561 -11.06 -57.41 -12.65
C LEU C 561 -10.53 -58.25 -11.53
N SER C 562 -11.06 -58.14 -10.35
CA SER C 562 -10.62 -58.97 -9.27
C SER C 562 -11.77 -59.11 -8.23
N GLY C 563 -11.92 -60.28 -7.63
CA GLY C 563 -12.91 -60.47 -6.59
C GLY C 563 -14.22 -60.95 -7.14
N TYR C 564 -14.30 -61.25 -8.44
CA TYR C 564 -15.55 -61.75 -8.99
C TYR C 564 -15.54 -63.24 -8.77
N THR C 565 -16.72 -63.82 -8.49
CA THR C 565 -16.90 -65.28 -8.49
C THR C 565 -17.71 -65.74 -9.70
N VAL C 566 -18.30 -64.81 -10.44
CA VAL C 566 -18.99 -65.15 -11.67
C VAL C 566 -18.67 -64.12 -12.69
N GLN C 567 -18.46 -64.54 -13.91
CA GLN C 567 -18.11 -63.59 -14.91
C GLN C 567 -19.21 -62.52 -14.99
N PRO C 568 -18.84 -61.25 -14.80
CA PRO C 568 -19.86 -60.22 -14.75
C PRO C 568 -20.10 -59.66 -16.12
N THR C 569 -21.24 -59.01 -16.35
CA THR C 569 -21.54 -58.46 -17.65
C THR C 569 -20.64 -57.25 -17.74
N PRO C 570 -20.18 -56.91 -18.92
CA PRO C 570 -19.35 -55.71 -19.00
C PRO C 570 -20.16 -54.41 -19.06
N PRO C 571 -19.48 -53.28 -19.11
CA PRO C 571 -20.19 -52.01 -19.19
C PRO C 571 -20.64 -51.71 -20.60
N ARG C 572 -21.52 -50.74 -20.76
CA ARG C 572 -21.92 -50.35 -22.07
C ARG C 572 -20.73 -49.62 -22.67
N MET C 573 -20.35 -49.95 -23.89
CA MET C 573 -19.16 -49.34 -24.46
C MET C 573 -19.34 -48.90 -25.89
N SER C 574 -19.26 -47.58 -26.11
CA SER C 574 -19.51 -47.03 -27.44
C SER C 574 -18.34 -46.27 -28.03
N ARG C 575 -17.95 -46.74 -29.21
CA ARG C 575 -16.91 -46.10 -30.02
C ARG C 575 -15.63 -45.64 -29.28
N ASN C 576 -14.98 -46.54 -28.58
CA ASN C 576 -13.71 -46.21 -27.98
C ASN C 576 -12.63 -46.67 -28.93
N LEU C 577 -11.40 -46.16 -28.73
CA LEU C 577 -10.24 -46.58 -29.51
C LEU C 577 -9.41 -47.57 -28.73
N LEU C 578 -9.12 -48.70 -29.35
CA LEU C 578 -8.23 -49.67 -28.72
C LEU C 578 -6.87 -49.84 -29.46
N ASP C 579 -6.89 -49.71 -30.80
CA ASP C 579 -5.67 -49.83 -31.58
C ASP C 579 -5.61 -48.69 -32.60
N ASP C 580 -4.40 -48.43 -33.08
CA ASP C 580 -4.15 -47.35 -34.06
C ASP C 580 -3.62 -47.85 -35.41
N THR C 581 -3.51 -49.18 -35.56
CA THR C 581 -3.01 -49.83 -36.79
C THR C 581 -3.99 -50.91 -37.27
N GLY C 582 -4.31 -50.86 -38.57
CA GLY C 582 -5.15 -51.88 -39.15
C GLY C 582 -6.50 -51.87 -38.47
N ILE C 583 -7.02 -50.66 -38.42
CA ILE C 583 -8.25 -50.42 -37.73
C ILE C 583 -9.22 -49.73 -38.73
N ARG C 584 -8.83 -49.69 -39.99
CA ARG C 584 -9.67 -49.15 -40.98
C ARG C 584 -9.22 -49.75 -42.31
N GLY C 585 -10.11 -49.88 -43.30
CA GLY C 585 -9.76 -50.56 -44.52
C GLY C 585 -10.92 -50.78 -45.43
N VAL C 586 -10.70 -51.41 -46.56
CA VAL C 586 -11.78 -51.72 -47.50
C VAL C 586 -11.62 -53.13 -47.96
N ALA C 587 -12.67 -53.91 -47.95
CA ALA C 587 -12.56 -55.26 -48.39
C ALA C 587 -13.48 -55.42 -49.57
N THR C 588 -13.29 -56.45 -50.38
CA THR C 588 -14.18 -56.72 -51.48
C THR C 588 -14.77 -58.12 -51.31
N LEU C 589 -16.11 -58.20 -51.21
CA LEU C 589 -16.76 -59.48 -51.05
C LEU C 589 -16.66 -60.27 -52.34
N VAL C 590 -16.68 -61.57 -52.15
CA VAL C 590 -16.61 -62.59 -53.18
C VAL C 590 -17.52 -63.73 -52.76
N ALA C 591 -18.66 -63.91 -53.45
CA ALA C 591 -19.70 -64.86 -53.00
C ALA C 591 -20.19 -64.51 -51.60
N GLY C 592 -20.41 -63.21 -51.39
CA GLY C 592 -21.00 -62.69 -50.17
C GLY C 592 -20.14 -62.88 -48.95
N GLU C 593 -18.84 -63.10 -49.16
CA GLU C 593 -17.87 -63.22 -48.07
C GLU C 593 -16.54 -62.53 -48.35
N ALA C 594 -15.84 -62.17 -47.29
CA ALA C 594 -14.47 -61.60 -47.37
C ALA C 594 -13.77 -61.74 -46.01
N THR C 595 -12.56 -62.26 -46.04
CA THR C 595 -11.76 -62.38 -44.83
C THR C 595 -10.94 -61.11 -44.73
N VAL C 596 -10.85 -60.52 -43.55
CA VAL C 596 -10.16 -59.29 -43.40
C VAL C 596 -9.18 -59.41 -42.28
N ASN C 597 -7.93 -59.04 -42.57
CA ASN C 597 -6.94 -58.96 -41.53
C ASN C 597 -7.06 -57.60 -40.91
N ALA C 598 -7.38 -57.59 -39.61
CA ALA C 598 -7.36 -56.35 -38.84
C ALA C 598 -7.12 -56.61 -37.42
N ARG C 599 -6.95 -55.53 -36.67
CA ARG C 599 -6.86 -55.60 -35.22
C ARG C 599 -8.19 -55.60 -34.50
N VAL C 600 -8.97 -56.59 -34.87
CA VAL C 600 -10.25 -56.92 -34.29
C VAL C 600 -9.87 -57.78 -33.07
N ARG C 601 -10.57 -57.61 -31.95
CA ARG C 601 -10.23 -58.33 -30.75
C ARG C 601 -11.45 -58.67 -29.92
N GLY C 602 -11.26 -59.49 -28.89
CA GLY C 602 -12.36 -59.88 -28.03
C GLY C 602 -11.94 -60.98 -27.10
N ASN C 603 -12.71 -61.20 -26.05
CA ASN C 603 -12.53 -62.36 -25.18
C ASN C 603 -13.76 -63.18 -25.16
N PHE C 604 -13.68 -64.45 -25.50
CA PHE C 604 -14.90 -65.23 -25.52
C PHE C 604 -14.90 -66.31 -24.45
N GLY C 605 -13.91 -66.28 -23.60
CA GLY C 605 -13.83 -67.21 -22.49
C GLY C 605 -14.88 -66.95 -21.42
N SER C 606 -14.73 -67.57 -20.26
CA SER C 606 -15.69 -67.43 -19.19
C SER C 606 -15.02 -67.49 -17.81
N VAL C 607 -13.76 -67.12 -17.75
CA VAL C 607 -13.03 -66.96 -16.48
C VAL C 607 -13.85 -65.99 -15.61
N ALA C 608 -13.88 -66.13 -14.31
CA ALA C 608 -14.72 -65.21 -13.52
C ALA C 608 -14.31 -63.74 -13.66
N ASN C 609 -13.06 -63.47 -13.33
CA ASN C 609 -12.52 -62.10 -13.37
C ASN C 609 -12.18 -61.76 -14.79
N SER C 610 -13.17 -61.52 -15.64
CA SER C 610 -12.95 -61.16 -17.03
C SER C 610 -14.27 -60.83 -17.68
N PHE C 611 -14.23 -60.18 -18.85
CA PHE C 611 -15.45 -59.87 -19.62
C PHE C 611 -15.55 -60.68 -20.86
N LYS C 612 -16.75 -60.86 -21.32
CA LYS C 612 -16.92 -61.50 -22.61
C LYS C 612 -17.23 -60.26 -23.43
N TRP C 613 -16.42 -59.98 -24.45
CA TRP C 613 -16.61 -58.76 -25.28
C TRP C 613 -16.01 -58.90 -26.64
N VAL C 614 -16.33 -58.00 -27.54
CA VAL C 614 -15.68 -58.00 -28.82
C VAL C 614 -15.74 -56.64 -29.52
N SER C 615 -14.78 -56.37 -30.40
CA SER C 615 -14.68 -55.13 -31.10
C SER C 615 -15.95 -54.77 -31.84
N GLU C 616 -16.38 -53.53 -31.73
CA GLU C 616 -17.43 -53.07 -32.59
C GLU C 616 -16.78 -52.79 -33.92
N VAL C 617 -17.34 -53.36 -34.96
CA VAL C 617 -16.87 -53.09 -36.29
C VAL C 617 -17.97 -52.44 -37.06
N LYS C 618 -17.72 -51.21 -37.45
CA LYS C 618 -18.66 -50.43 -38.20
C LYS C 618 -18.48 -50.78 -39.68
N LEU C 619 -19.52 -51.31 -40.36
CA LEU C 619 -19.50 -51.60 -41.84
C LEU C 619 -20.36 -50.67 -42.72
N THR C 620 -19.80 -50.17 -43.81
CA THR C 620 -20.51 -49.30 -44.76
C THR C 620 -20.12 -49.61 -46.21
N ARG C 621 -21.13 -49.86 -47.02
CA ARG C 621 -20.92 -50.30 -48.38
C ARG C 621 -20.41 -49.12 -49.24
N LEU C 622 -19.49 -49.39 -50.16
CA LEU C 622 -18.96 -48.37 -51.10
C LEU C 622 -19.18 -48.63 -52.58
N THR C 623 -19.56 -49.85 -52.93
CA THR C 623 -20.10 -50.14 -54.26
C THR C 623 -21.46 -50.78 -54.11
N PHE C 624 -22.33 -50.56 -55.08
CA PHE C 624 -23.71 -50.95 -54.95
C PHE C 624 -24.13 -51.88 -56.04
N PRO C 625 -23.62 -53.12 -55.98
CA PRO C 625 -24.10 -54.15 -56.91
C PRO C 625 -25.55 -54.49 -56.60
N SER C 626 -26.24 -55.04 -57.59
CA SER C 626 -27.62 -55.50 -57.44
C SER C 626 -27.72 -56.64 -56.38
N SER C 627 -26.62 -57.37 -56.14
CA SER C 627 -26.65 -58.43 -55.12
C SER C 627 -26.31 -57.97 -53.69
N ALA C 628 -26.50 -56.69 -53.42
CA ALA C 628 -26.29 -56.15 -52.07
C ALA C 628 -27.18 -56.88 -51.03
N GLY C 629 -26.53 -57.41 -50.01
CA GLY C 629 -27.21 -58.09 -48.88
C GLY C 629 -26.89 -57.39 -47.55
N ALA C 630 -27.42 -57.94 -46.46
CA ALA C 630 -27.22 -57.31 -45.16
C ALA C 630 -25.90 -57.75 -44.59
N LEU C 631 -25.12 -56.80 -44.10
CA LEU C 631 -23.78 -57.14 -43.69
C LEU C 631 -23.67 -57.57 -42.28
N THR C 632 -22.73 -58.47 -42.01
CA THR C 632 -22.47 -58.87 -40.63
C THR C 632 -21.04 -59.30 -40.46
N VAL C 633 -20.55 -59.23 -39.25
CA VAL C 633 -19.22 -59.64 -38.92
C VAL C 633 -19.30 -61.00 -38.26
N THR C 634 -18.56 -61.97 -38.76
CA THR C 634 -18.49 -63.30 -38.13
C THR C 634 -17.03 -63.76 -38.05
N SER C 635 -16.83 -64.97 -37.52
CA SER C 635 -15.51 -65.66 -37.48
C SER C 635 -14.38 -64.76 -37.05
N VAL C 636 -14.49 -64.14 -35.89
CA VAL C 636 -13.34 -63.41 -35.34
C VAL C 636 -12.25 -64.39 -34.86
N ALA C 637 -11.08 -64.24 -35.44
CA ALA C 637 -9.96 -65.08 -35.16
C ALA C 637 -8.86 -64.21 -34.71
N GLN C 638 -8.17 -64.67 -33.68
CA GLN C 638 -7.08 -63.91 -33.07
C GLN C 638 -5.86 -64.77 -33.06
N ASN C 639 -4.80 -64.22 -33.62
CA ASN C 639 -3.54 -64.91 -33.72
C ASN C 639 -2.99 -65.26 -32.36
N GLN C 640 -2.49 -66.48 -32.26
CA GLN C 640 -2.08 -67.06 -31.00
C GLN C 640 -0.56 -67.31 -30.92
N ASP C 641 0.24 -66.77 -31.85
CA ASP C 641 1.70 -66.94 -31.83
C ASP C 641 2.34 -66.91 -30.43
N VAL C 642 3.51 -67.57 -30.39
CA VAL C 642 4.33 -67.67 -29.19
C VAL C 642 5.79 -67.28 -29.52
N PRO C 643 6.48 -66.65 -28.55
CA PRO C 643 6.00 -66.30 -27.21
C PRO C 643 5.00 -65.11 -27.20
N THR C 644 5.07 -64.26 -28.23
CA THR C 644 4.22 -63.08 -28.33
C THR C 644 3.30 -63.14 -29.55
N PRO C 645 1.98 -62.95 -29.32
CA PRO C 645 0.99 -63.02 -30.38
C PRO C 645 1.12 -61.79 -31.22
N ASN C 646 0.78 -61.90 -32.50
CA ASN C 646 0.81 -60.76 -33.43
C ASN C 646 -0.60 -60.36 -33.96
N PRO C 647 -1.16 -59.31 -33.35
CA PRO C 647 -2.48 -58.80 -33.64
C PRO C 647 -2.73 -58.45 -35.09
N ASP C 648 -1.68 -58.24 -35.88
CA ASP C 648 -1.88 -57.92 -37.29
C ASP C 648 -2.39 -59.11 -38.07
N LEU C 649 -2.42 -60.27 -37.44
CA LEU C 649 -2.94 -61.45 -38.03
C LEU C 649 -4.29 -61.84 -37.50
N ASN C 650 -4.85 -61.02 -36.64
CA ASN C 650 -6.24 -61.23 -36.28
C ASN C 650 -7.06 -61.03 -37.52
N SER C 651 -8.25 -61.57 -37.55
CA SER C 651 -9.06 -61.45 -38.74
C SER C 651 -10.52 -61.65 -38.42
N PHE C 652 -11.38 -61.07 -39.24
CA PHE C 652 -12.78 -61.27 -39.10
C PHE C 652 -13.34 -61.50 -40.48
N VAL C 653 -14.60 -61.90 -40.59
CA VAL C 653 -15.22 -62.10 -41.90
C VAL C 653 -16.39 -61.20 -42.00
N ILE C 654 -16.54 -60.62 -43.17
CA ILE C 654 -17.68 -59.82 -43.46
C ILE C 654 -18.47 -60.76 -44.27
N ARG C 655 -19.70 -61.04 -43.84
CA ARG C 655 -20.64 -61.88 -44.58
C ARG C 655 -21.93 -61.15 -44.99
N SER C 656 -22.46 -61.48 -46.17
CA SER C 656 -23.67 -60.83 -46.70
C SER C 656 -24.84 -61.76 -46.57
N SER C 657 -26.03 -61.24 -46.35
CA SER C 657 -27.22 -62.09 -46.32
C SER C 657 -27.53 -62.56 -47.74
N ASN C 658 -26.99 -61.88 -48.75
CA ASN C 658 -27.11 -62.35 -50.13
C ASN C 658 -25.79 -63.06 -50.53
N ALA C 659 -25.87 -64.35 -50.86
CA ALA C 659 -24.65 -65.12 -51.19
C ALA C 659 -24.03 -64.78 -52.55
N ALA C 660 -24.56 -63.82 -53.27
CA ALA C 660 -24.00 -63.36 -54.54
C ALA C 660 -23.23 -62.03 -54.35
N ASP C 661 -23.29 -61.49 -53.14
CA ASP C 661 -22.82 -60.14 -52.86
C ASP C 661 -21.37 -59.99 -53.23
N VAL C 662 -21.08 -58.91 -53.95
CA VAL C 662 -19.70 -58.56 -54.33
C VAL C 662 -19.43 -57.09 -54.09
N SER C 663 -20.12 -56.55 -53.08
CA SER C 663 -19.92 -55.20 -52.58
C SER C 663 -18.50 -54.99 -52.07
N GLN C 664 -18.07 -53.75 -52.21
CA GLN C 664 -16.90 -53.26 -51.54
C GLN C 664 -17.37 -52.55 -50.30
N VAL C 665 -16.90 -53.02 -49.17
CA VAL C 665 -17.38 -52.60 -47.89
C VAL C 665 -16.28 -51.92 -47.15
N ALA C 666 -16.49 -50.73 -46.62
CA ALA C 666 -15.46 -50.14 -45.73
C ALA C 666 -15.72 -50.65 -44.30
N TRP C 667 -14.64 -50.83 -43.54
CA TRP C 667 -14.72 -51.26 -42.16
C TRP C 667 -13.86 -50.41 -41.25
N GLU C 668 -14.29 -50.24 -39.99
CA GLU C 668 -13.55 -49.50 -38.96
C GLU C 668 -13.71 -50.30 -37.69
N VAL C 669 -12.63 -50.44 -36.96
CA VAL C 669 -12.60 -51.21 -35.71
C VAL C 669 -12.61 -50.26 -34.51
N TYR C 670 -13.57 -50.47 -33.62
CA TYR C 670 -13.65 -49.71 -32.40
C TYR C 670 -13.72 -50.67 -31.28
N LEU C 671 -13.99 -50.11 -30.11
CA LEU C 671 -14.28 -50.88 -28.93
C LEU C 671 -15.54 -50.24 -28.34
N PRO D 29 -11.97 -80.44 19.70
CA PRO D 29 -11.80 -81.32 20.87
C PRO D 29 -12.09 -80.61 22.23
N GLU D 30 -13.03 -81.16 23.03
CA GLU D 30 -13.55 -80.51 24.27
C GLU D 30 -13.37 -81.36 25.56
N ARG D 31 -12.40 -80.98 26.37
CA ARG D 31 -12.02 -81.75 27.54
C ARG D 31 -12.51 -81.04 28.76
N VAL D 32 -13.24 -81.74 29.63
CA VAL D 32 -13.78 -81.12 30.84
C VAL D 32 -13.65 -82.09 32.03
N PHE D 33 -13.02 -81.60 33.09
CA PHE D 33 -12.78 -82.41 34.28
C PHE D 33 -13.43 -81.71 35.47
N SER D 34 -13.85 -82.50 36.44
CA SER D 34 -14.54 -81.94 37.60
C SER D 34 -13.54 -81.59 38.72
N ASP D 35 -12.52 -82.45 38.92
CA ASP D 35 -11.50 -82.27 39.95
C ASP D 35 -10.14 -81.93 39.31
N LEU D 36 -9.21 -81.37 40.08
CA LEU D 36 -7.85 -81.15 39.61
C LEU D 36 -7.16 -82.49 39.28
N ALA D 37 -7.16 -83.41 40.25
CA ALA D 37 -6.38 -84.64 40.15
C ALA D 37 -6.53 -85.29 38.79
N SER D 38 -7.74 -85.21 38.26
CA SER D 38 -8.03 -85.79 36.94
C SER D 38 -7.40 -84.98 35.79
N MET D 39 -7.62 -83.65 35.80
CA MET D 39 -7.05 -82.73 34.79
C MET D 39 -5.55 -82.90 34.71
N VAL D 40 -4.88 -83.13 35.82
CA VAL D 40 -3.41 -83.23 35.81
C VAL D 40 -2.95 -84.62 35.33
N ALA D 41 -3.91 -85.54 35.27
CA ALA D 41 -3.68 -86.94 34.89
C ALA D 41 -3.69 -87.19 33.38
N TYR D 42 -4.82 -86.87 32.75
CA TYR D 42 -4.99 -86.98 31.29
C TYR D 42 -3.71 -86.82 30.45
N PRO D 43 -3.38 -87.83 29.62
CA PRO D 43 -2.09 -87.81 28.86
C PRO D 43 -2.12 -87.40 27.40
N ASN D 44 -3.30 -87.07 26.87
CA ASN D 44 -3.47 -86.71 25.45
C ASN D 44 -3.66 -85.22 25.19
N PHE D 45 -3.33 -84.38 26.15
CA PHE D 45 -3.47 -82.97 25.89
C PHE D 45 -2.74 -82.61 24.60
N GLN D 46 -3.38 -81.77 23.81
CA GLN D 46 -2.82 -81.28 22.58
C GLN D 46 -3.18 -79.83 22.39
N VAL D 47 -2.17 -79.10 21.95
CA VAL D 47 -2.17 -77.65 21.89
C VAL D 47 -3.53 -77.02 21.56
N GLN D 48 -4.39 -77.72 20.82
CA GLN D 48 -5.63 -77.15 20.34
C GLN D 48 -6.88 -77.53 21.16
N ASP D 49 -6.74 -78.39 22.15
CA ASP D 49 -7.88 -78.81 22.94
C ASP D 49 -8.46 -77.65 23.73
N LYS D 50 -9.74 -77.74 24.03
CA LYS D 50 -10.39 -76.81 24.91
C LYS D 50 -10.45 -77.46 26.28
N ILE D 51 -9.67 -76.95 27.25
CA ILE D 51 -9.70 -77.53 28.61
C ILE D 51 -10.50 -76.65 29.56
N THR D 52 -11.22 -77.32 30.46
CA THR D 52 -12.01 -76.64 31.49
C THR D 52 -11.95 -77.46 32.77
N LEU D 53 -11.87 -76.76 33.89
CA LEU D 53 -11.88 -77.38 35.21
C LEU D 53 -13.05 -76.88 36.00
N LEU D 54 -13.67 -77.78 36.77
CA LEU D 54 -14.87 -77.44 37.58
C LEU D 54 -14.81 -77.60 39.11
N GLY D 55 -15.42 -76.62 39.77
CA GLY D 55 -15.50 -76.58 41.23
C GLY D 55 -14.84 -75.34 41.82
N SER D 56 -14.01 -75.58 42.85
CA SER D 56 -13.28 -74.51 43.59
C SER D 56 -12.26 -73.75 42.70
N ALA D 57 -11.16 -74.46 42.41
CA ALA D 57 -10.05 -73.99 41.57
C ALA D 57 -10.48 -73.76 40.11
N GLY D 58 -11.74 -74.04 39.82
CA GLY D 58 -12.29 -73.95 38.48
C GLY D 58 -11.84 -72.80 37.62
N GLY D 59 -11.74 -73.11 36.33
CA GLY D 59 -11.28 -72.18 35.29
C GLY D 59 -11.04 -72.85 33.95
N ASP D 60 -10.53 -72.07 33.02
CA ASP D 60 -10.19 -72.52 31.68
C ASP D 60 -8.69 -72.57 31.38
N PHE D 61 -8.21 -73.70 30.88
CA PHE D 61 -6.81 -73.82 30.61
C PHE D 61 -6.43 -74.08 29.19
N THR D 62 -5.20 -73.74 28.88
CA THR D 62 -4.58 -74.00 27.59
C THR D 62 -3.35 -74.90 27.71
N PHE D 63 -3.22 -75.88 26.85
CA PHE D 63 -2.09 -76.77 26.92
C PHE D 63 -0.97 -76.15 26.12
N THR D 64 0.25 -76.47 26.52
CA THR D 64 1.44 -76.04 25.82
C THR D 64 2.64 -76.89 26.25
N THR D 65 3.70 -76.71 25.48
CA THR D 65 5.00 -77.30 25.79
C THR D 65 6.09 -76.22 25.99
N THR D 66 5.81 -74.99 25.55
CA THR D 66 6.62 -73.86 25.93
C THR D 66 6.89 -73.95 27.42
N ALA D 67 8.03 -74.54 27.80
CA ALA D 67 8.43 -74.68 29.22
C ALA D 67 8.04 -73.44 30.05
N SER D 68 7.44 -73.68 31.22
CA SER D 68 6.89 -72.60 32.05
C SER D 68 7.10 -72.96 33.50
N VAL D 69 6.90 -71.96 34.35
CA VAL D 69 7.17 -72.07 35.76
C VAL D 69 5.96 -72.63 36.53
N VAL D 70 5.99 -73.91 36.90
CA VAL D 70 4.95 -74.50 37.73
C VAL D 70 4.74 -73.86 39.10
N ASP D 71 3.49 -73.55 39.44
CA ASP D 71 3.11 -73.09 40.77
C ASP D 71 1.86 -73.77 41.32
N ASN D 72 1.25 -74.59 40.49
CA ASN D 72 0.07 -75.34 40.86
C ASN D 72 -1.09 -74.41 41.30
N GLY D 73 -1.34 -73.43 40.45
CA GLY D 73 -2.42 -72.47 40.62
C GLY D 73 -2.76 -71.83 39.30
N THR D 74 -1.74 -71.38 38.60
CA THR D 74 -1.89 -70.82 37.29
C THR D 74 -1.16 -71.68 36.29
N VAL D 75 -0.23 -72.49 36.75
CA VAL D 75 0.57 -73.31 35.83
C VAL D 75 0.78 -74.72 36.39
N PHE D 76 0.28 -75.70 35.69
CA PHE D 76 0.37 -77.07 36.14
C PHE D 76 1.19 -77.90 35.16
N ALA D 77 1.96 -78.83 35.70
CA ALA D 77 2.68 -79.78 34.83
C ALA D 77 1.78 -80.96 34.64
N VAL D 78 1.62 -81.33 33.36
CA VAL D 78 0.87 -82.51 32.93
C VAL D 78 1.67 -83.35 31.89
N PRO D 79 1.29 -84.65 31.73
CA PRO D 79 1.97 -85.53 30.78
C PRO D 79 2.08 -84.91 29.42
N GLY D 80 3.27 -84.45 29.10
CA GLY D 80 3.57 -83.95 27.77
C GLY D 80 3.90 -82.49 27.81
N GLY D 81 3.42 -81.80 28.85
CA GLY D 81 3.62 -80.35 28.91
C GLY D 81 2.98 -79.64 30.09
N TYR D 82 2.50 -78.41 29.83
CA TYR D 82 1.88 -77.57 30.87
C TYR D 82 0.46 -77.17 30.54
N LEU D 83 -0.33 -77.05 31.62
CA LEU D 83 -1.62 -76.42 31.58
C LEU D 83 -1.50 -75.02 32.16
N LEU D 84 -1.82 -74.01 31.36
CA LEU D 84 -1.84 -72.60 31.76
C LEU D 84 -3.24 -72.08 31.88
N ARG D 85 -3.59 -71.66 33.09
CA ARG D 85 -4.89 -71.06 33.35
C ARG D 85 -4.93 -69.72 32.67
N LYS D 86 -6.06 -69.46 32.04
CA LYS D 86 -6.26 -68.20 31.35
C LYS D 86 -7.30 -67.39 32.08
N PHE D 87 -6.95 -66.13 32.29
CA PHE D 87 -7.82 -65.28 33.08
C PHE D 87 -7.45 -63.83 33.06
N VAL D 88 -8.46 -63.00 33.33
CA VAL D 88 -8.24 -61.58 33.53
C VAL D 88 -8.47 -61.32 34.99
N GLY D 89 -7.89 -60.25 35.49
CA GLY D 89 -8.13 -59.91 36.85
C GLY D 89 -7.15 -60.63 37.68
N PRO D 90 -7.33 -60.57 38.96
CA PRO D 90 -6.37 -61.12 39.88
C PRO D 90 -6.50 -62.65 39.99
N ALA D 91 -5.42 -63.29 40.47
CA ALA D 91 -5.41 -64.71 40.87
C ALA D 91 -5.86 -64.88 42.33
N TYR D 92 -6.36 -66.06 42.65
CA TYR D 92 -6.85 -66.31 44.02
C TYR D 92 -6.02 -67.38 44.68
N SER D 93 -5.74 -67.19 45.95
CA SER D 93 -4.92 -68.13 46.68
C SER D 93 -5.60 -69.47 46.66
N SER D 94 -6.91 -69.47 46.65
CA SER D 94 -7.66 -70.73 46.61
C SER D 94 -7.43 -71.54 45.38
N TRP D 95 -6.72 -71.00 44.41
CA TRP D 95 -6.36 -71.78 43.23
C TRP D 95 -5.11 -72.67 43.39
N PHE D 96 -4.29 -72.35 44.38
CA PHE D 96 -2.97 -72.98 44.55
C PHE D 96 -3.02 -74.14 45.48
N SER D 97 -2.43 -75.24 45.02
CA SER D 97 -2.20 -76.43 45.89
C SER D 97 -1.55 -76.14 47.30
N ASN D 98 -0.55 -75.25 47.41
CA ASN D 98 0.11 -75.01 48.68
C ASN D 98 0.94 -73.73 48.73
N TRP D 99 1.37 -73.37 49.91
CA TRP D 99 2.21 -72.21 50.09
C TRP D 99 3.42 -72.10 49.15
N THR D 100 4.02 -73.19 48.79
CA THR D 100 5.18 -73.10 47.89
C THR D 100 4.86 -72.42 46.53
N GLY D 101 3.78 -72.84 45.90
CA GLY D 101 3.33 -72.23 44.64
C GLY D 101 2.92 -70.78 44.77
N ILE D 102 2.33 -70.40 45.88
CA ILE D 102 2.06 -69.03 46.12
C ILE D 102 3.36 -68.23 46.12
N VAL D 103 4.40 -68.75 46.74
CA VAL D 103 5.68 -68.05 46.81
C VAL D 103 6.24 -67.91 45.39
N THR D 104 6.20 -69.00 44.63
CA THR D 104 6.65 -69.03 43.23
C THR D 104 5.90 -67.97 42.41
N PHE D 105 4.58 -67.98 42.56
CA PHE D 105 3.73 -67.00 41.90
C PHE D 105 4.16 -65.55 42.18
N MET D 106 4.26 -65.20 43.46
CA MET D 106 4.55 -63.77 43.82
C MET D 106 5.98 -63.36 43.55
N SER D 107 6.79 -64.33 43.11
CA SER D 107 8.25 -64.12 42.94
C SER D 107 8.56 -63.37 41.65
N ALA D 108 7.53 -63.16 40.82
CA ALA D 108 7.65 -62.37 39.59
C ALA D 108 7.08 -61.00 39.86
N PRO D 109 7.45 -60.02 39.03
CA PRO D 109 6.81 -58.71 39.19
C PRO D 109 5.51 -58.76 38.46
N ASN D 110 4.70 -57.70 38.59
CA ASN D 110 3.34 -57.63 37.94
C ASN D 110 2.38 -58.74 38.33
N ARG D 111 2.26 -58.98 39.64
CA ARG D 111 1.41 -60.00 40.13
C ARG D 111 0.40 -59.43 41.07
N HIS D 112 -0.88 -59.80 40.83
CA HIS D 112 -2.01 -59.43 41.68
C HIS D 112 -2.65 -60.70 42.24
N LEU D 113 -2.60 -60.84 43.55
CA LEU D 113 -3.08 -62.07 44.22
C LEU D 113 -4.08 -61.80 45.32
N VAL D 114 -5.19 -62.50 45.30
CA VAL D 114 -6.16 -62.33 46.39
C VAL D 114 -6.06 -63.50 47.33
N VAL D 115 -5.72 -63.20 48.56
CA VAL D 115 -5.62 -64.18 49.56
C VAL D 115 -7.01 -64.41 50.07
N ASP D 116 -7.70 -65.43 49.56
CA ASP D 116 -9.05 -65.72 50.02
C ASP D 116 -9.18 -66.94 50.89
N THR D 117 -8.06 -67.36 51.49
CA THR D 117 -8.01 -68.60 52.27
C THR D 117 -6.94 -68.45 53.31
N VAL D 118 -6.89 -69.42 54.18
CA VAL D 118 -5.92 -69.42 55.25
C VAL D 118 -4.65 -70.11 54.79
N LEU D 119 -3.63 -69.32 54.50
CA LEU D 119 -2.34 -69.83 54.09
C LEU D 119 -1.45 -70.17 55.28
N GLN D 120 -0.82 -71.33 55.22
CA GLN D 120 0.14 -71.72 56.24
C GLN D 120 1.57 -71.58 55.69
N ALA D 121 2.24 -70.53 56.11
CA ALA D 121 3.58 -70.24 55.58
C ALA D 121 4.69 -71.15 56.16
N THR D 122 5.63 -71.52 55.29
CA THR D 122 6.76 -72.38 55.62
C THR D 122 8.05 -71.73 55.11
N SER D 123 7.94 -70.50 54.62
CA SER D 123 9.07 -69.75 54.11
C SER D 123 8.68 -68.32 54.05
N VAL D 124 9.61 -67.51 53.57
CA VAL D 124 9.33 -66.14 53.33
C VAL D 124 8.63 -65.93 51.96
N LEU D 125 7.73 -64.97 51.93
CA LEU D 125 7.07 -64.58 50.73
C LEU D 125 7.71 -63.30 50.28
N ASN D 126 8.27 -63.32 49.07
CA ASN D 126 8.87 -62.14 48.50
C ASN D 126 7.95 -61.50 47.49
N ILE D 127 7.76 -60.20 47.62
CA ILE D 127 6.89 -59.46 46.75
C ILE D 127 7.78 -58.66 45.83
N LYS D 128 7.44 -58.64 44.54
CA LYS D 128 8.19 -57.85 43.58
C LYS D 128 7.41 -56.61 43.02
N SER D 129 8.02 -55.90 42.09
CA SER D 129 7.45 -54.65 41.66
C SER D 129 6.10 -54.80 40.99
N ASN D 130 5.33 -53.74 41.13
CA ASN D 130 4.03 -53.65 40.52
C ASN D 130 3.18 -54.84 40.86
N SER D 131 3.18 -55.19 42.15
CA SER D 131 2.43 -56.30 42.63
C SER D 131 1.51 -55.87 43.73
N THR D 132 0.40 -56.60 43.84
CA THR D 132 -0.67 -56.31 44.80
C THR D 132 -1.00 -57.58 45.56
N LEU D 133 -0.96 -57.53 46.87
CA LEU D 133 -1.44 -58.64 47.66
C LEU D 133 -2.64 -58.16 48.41
N GLU D 134 -3.80 -58.71 48.09
CA GLU D 134 -5.04 -58.23 48.70
C GLU D 134 -5.73 -59.34 49.49
N PHE D 135 -6.00 -59.10 50.76
CA PHE D 135 -6.68 -60.13 51.58
C PHE D 135 -8.18 -59.98 51.66
N THR D 136 -8.92 -61.08 51.52
CA THR D 136 -10.36 -61.06 51.77
C THR D 136 -10.49 -61.12 53.28
N ASP D 137 -11.72 -60.92 53.76
CA ASP D 137 -11.94 -60.85 55.21
C ASP D 137 -11.61 -62.18 55.86
N THR D 138 -11.59 -63.25 55.08
CA THR D 138 -11.21 -64.58 55.57
C THR D 138 -9.73 -64.98 55.38
N GLY D 139 -9.03 -64.34 54.45
CA GLY D 139 -7.65 -64.69 54.15
C GLY D 139 -6.75 -64.37 55.31
N ARG D 140 -5.73 -65.19 55.51
CA ARG D 140 -4.82 -65.03 56.62
C ARG D 140 -3.53 -65.64 56.14
N ILE D 141 -2.45 -65.18 56.74
CA ILE D 141 -1.19 -65.83 56.52
C ILE D 141 -0.75 -66.22 57.89
N LEU D 142 -0.79 -67.50 58.17
CA LEU D 142 -0.29 -68.04 59.44
C LEU D 142 1.20 -68.46 59.33
N PRO D 143 2.03 -67.90 60.23
CA PRO D 143 3.45 -68.13 60.24
C PRO D 143 3.81 -69.55 60.66
N ASP D 144 5.03 -69.95 60.29
CA ASP D 144 5.57 -71.27 60.64
C ASP D 144 5.76 -71.40 62.17
N ALA D 145 5.17 -72.43 62.75
CA ALA D 145 5.33 -72.68 64.20
C ALA D 145 6.74 -73.28 64.48
N ALA D 146 7.26 -73.99 63.48
CA ALA D 146 8.55 -74.69 63.57
C ALA D 146 9.66 -73.68 63.70
N VAL D 147 9.70 -72.68 62.83
CA VAL D 147 10.78 -71.70 62.80
C VAL D 147 10.21 -70.30 62.84
N ALA D 148 10.75 -69.44 63.66
CA ALA D 148 10.33 -68.05 63.65
C ALA D 148 11.08 -67.32 62.55
N ARG D 149 10.36 -66.89 61.54
CA ARG D 149 11.01 -66.26 60.39
C ARG D 149 10.24 -64.96 60.00
N GLN D 150 10.63 -64.36 58.87
CA GLN D 150 9.94 -63.22 58.34
C GLN D 150 8.78 -63.69 57.51
N VAL D 151 7.76 -62.84 57.37
CA VAL D 151 6.59 -63.28 56.62
C VAL D 151 6.61 -62.69 55.22
N LEU D 152 6.57 -61.36 55.14
CA LEU D 152 6.61 -60.68 53.87
C LEU D 152 7.88 -59.92 53.63
N ASN D 153 8.48 -60.10 52.47
CA ASN D 153 9.67 -59.35 52.16
C ASN D 153 9.44 -58.57 50.93
N ILE D 154 9.84 -57.31 50.98
CA ILE D 154 9.72 -56.42 49.84
C ILE D 154 11.10 -55.82 49.74
N THR D 155 11.92 -56.35 48.86
CA THR D 155 13.39 -56.13 49.01
C THR D 155 14.10 -55.81 47.71
N GLY D 156 14.66 -54.62 47.67
CA GLY D 156 15.56 -54.25 46.60
C GLY D 156 16.98 -54.39 47.11
N SER D 157 17.90 -53.62 46.57
CA SER D 157 19.28 -53.72 47.01
C SER D 157 20.01 -52.46 46.73
N ALA D 158 21.03 -52.23 47.55
CA ALA D 158 21.90 -51.08 47.36
C ALA D 158 22.79 -51.20 46.13
N PRO D 159 23.30 -50.06 45.66
CA PRO D 159 24.04 -50.17 44.42
C PRO D 159 25.29 -51.03 44.54
N SER D 160 25.61 -51.72 43.46
CA SER D 160 26.81 -52.56 43.46
C SER D 160 28.08 -51.68 43.31
N VAL D 161 27.98 -50.56 42.65
CA VAL D 161 29.15 -49.77 42.45
C VAL D 161 28.75 -48.30 42.44
N PHE D 162 29.65 -47.43 42.88
CA PHE D 162 29.39 -45.99 42.93
C PHE D 162 30.25 -45.23 41.95
N VAL D 163 29.89 -43.99 41.64
CA VAL D 163 30.77 -43.09 40.88
C VAL D 163 30.72 -41.77 41.58
N PRO D 164 31.80 -41.02 41.54
CA PRO D 164 31.81 -39.80 42.28
C PRO D 164 31.08 -38.69 41.52
N LEU D 165 30.80 -37.60 42.20
CA LEU D 165 30.06 -36.54 41.57
C LEU D 165 31.12 -35.75 40.90
N ALA D 166 30.78 -35.11 39.80
CA ALA D 166 31.74 -34.36 39.01
C ALA D 166 31.85 -33.03 39.59
N ALA D 167 30.86 -32.60 40.37
CA ALA D 167 30.92 -31.28 41.04
C ALA D 167 30.06 -31.22 42.26
N ASP D 168 30.32 -30.20 43.07
CA ASP D 168 29.60 -30.09 44.33
C ASP D 168 28.12 -29.95 44.03
N ALA D 169 27.28 -30.48 44.92
CA ALA D 169 25.83 -30.35 44.80
C ALA D 169 25.24 -29.89 46.13
N ALA D 170 24.88 -28.63 46.17
CA ALA D 170 24.34 -28.06 47.41
C ALA D 170 22.86 -28.42 47.64
N ALA D 171 22.45 -28.27 48.90
CA ALA D 171 21.12 -28.56 49.33
C ALA D 171 20.28 -27.70 48.44
N GLY D 172 19.15 -28.21 47.97
CA GLY D 172 18.33 -27.50 47.01
C GLY D 172 18.60 -27.79 45.54
N SER D 173 19.62 -28.58 45.19
CA SER D 173 19.96 -28.79 43.80
C SER D 173 18.90 -29.60 43.21
N LYS D 174 18.67 -29.40 41.93
CA LYS D 174 17.69 -30.14 41.18
C LYS D 174 18.39 -31.15 40.33
N VAL D 175 19.70 -30.96 40.20
CA VAL D 175 20.52 -31.70 39.24
C VAL D 175 21.79 -32.10 39.88
N ILE D 176 22.26 -33.29 39.60
CA ILE D 176 23.60 -33.65 40.00
C ILE D 176 24.39 -33.89 38.75
N THR D 177 25.71 -33.88 38.86
CA THR D 177 26.55 -34.20 37.70
C THR D 177 27.54 -35.34 37.88
N VAL D 178 27.82 -36.05 36.78
CA VAL D 178 28.89 -37.02 36.79
C VAL D 178 29.55 -37.01 35.48
N ALA D 179 30.71 -37.65 35.40
CA ALA D 179 31.44 -37.69 34.15
C ALA D 179 30.60 -38.47 33.15
N ALA D 180 30.58 -37.97 31.93
CA ALA D 180 29.91 -38.67 30.83
C ALA D 180 30.34 -40.11 30.78
N GLY D 181 29.39 -40.99 30.53
CA GLY D 181 29.64 -42.43 30.48
C GLY D 181 29.89 -43.08 31.83
N ALA D 182 30.09 -42.30 32.91
CA ALA D 182 30.31 -42.90 34.25
C ALA D 182 29.24 -43.90 34.66
N LEU D 183 27.98 -43.54 34.41
CA LEU D 183 26.84 -44.43 34.70
C LEU D 183 25.66 -44.15 33.81
N SER D 184 24.85 -45.15 33.55
CA SER D 184 23.64 -44.94 32.77
C SER D 184 22.43 -44.55 33.65
N ALA D 185 22.06 -43.30 33.50
CA ALA D 185 20.93 -42.81 34.26
C ALA D 185 19.74 -42.96 33.36
N VAL D 186 18.91 -43.94 33.66
CA VAL D 186 17.72 -44.16 32.87
C VAL D 186 16.55 -43.43 33.48
N LYS D 187 15.82 -42.68 32.67
CA LYS D 187 14.68 -41.92 33.21
C LYS D 187 13.63 -42.80 33.85
N GLY D 188 13.14 -42.35 34.98
CA GLY D 188 12.13 -43.12 35.65
C GLY D 188 12.63 -44.16 36.64
N THR D 189 13.92 -44.37 36.68
CA THR D 189 14.53 -45.23 37.68
C THR D 189 15.17 -44.39 38.75
N TYR D 190 15.74 -45.04 39.75
CA TYR D 190 16.27 -44.36 40.88
C TYR D 190 17.80 -44.31 40.98
N LEU D 191 18.27 -43.45 41.89
CA LEU D 191 19.66 -43.28 42.26
C LEU D 191 19.76 -43.18 43.77
N TYR D 192 20.92 -43.62 44.30
CA TYR D 192 21.27 -43.62 45.73
C TYR D 192 22.49 -42.69 45.78
N LEU D 193 22.40 -41.58 46.50
CA LEU D 193 23.46 -40.66 46.69
C LEU D 193 23.93 -40.70 48.10
N ARG D 194 25.24 -40.60 48.30
CA ARG D 194 25.86 -40.59 49.65
C ARG D 194 27.20 -39.90 49.72
N SER D 195 27.54 -39.41 50.90
CA SER D 195 28.80 -38.78 51.14
C SER D 195 29.27 -39.16 52.54
N ASN D 196 30.40 -38.63 53.00
CA ASN D 196 30.93 -38.98 54.34
C ASN D 196 30.53 -37.93 55.31
N LYS D 197 29.67 -37.03 54.88
CA LYS D 197 29.10 -36.04 55.77
C LYS D 197 28.19 -36.77 56.77
N LEU D 198 28.16 -36.34 58.01
CA LEU D 198 27.34 -37.04 58.98
C LEU D 198 25.91 -36.51 58.94
N CYS D 199 24.97 -37.38 59.26
CA CYS D 199 23.60 -37.05 59.34
C CYS D 199 23.49 -35.94 60.38
N ASP D 200 22.69 -34.91 60.09
CA ASP D 200 22.59 -33.73 60.96
C ASP D 200 21.20 -33.54 61.59
N GLY D 201 20.30 -34.51 61.48
CA GLY D 201 18.99 -34.41 62.09
C GLY D 201 18.99 -34.25 63.61
N GLY D 202 20.00 -34.80 64.24
CA GLY D 202 20.08 -34.80 65.68
C GLY D 202 21.44 -35.33 66.08
N PRO D 203 21.66 -35.60 67.34
CA PRO D 203 23.01 -35.91 67.81
C PRO D 203 23.85 -36.94 67.03
N ASN D 204 23.22 -37.89 66.42
CA ASN D 204 23.96 -38.82 65.63
C ASN D 204 25.23 -39.36 66.30
N THR D 205 25.08 -39.88 67.50
CA THR D 205 26.20 -40.46 68.24
C THR D 205 26.81 -41.63 67.54
N TYR D 206 26.07 -42.44 66.80
CA TYR D 206 26.76 -43.53 66.09
C TYR D 206 27.50 -43.00 64.85
N GLY D 207 27.44 -41.69 64.62
CA GLY D 207 28.02 -41.06 63.39
C GLY D 207 27.58 -41.65 62.06
N VAL D 208 26.28 -41.73 61.85
CA VAL D 208 25.74 -42.23 60.60
C VAL D 208 25.95 -41.19 59.54
N LYS D 209 26.31 -41.64 58.34
CA LYS D 209 26.56 -40.77 57.21
C LYS D 209 25.32 -40.62 56.36
N ILE D 210 25.25 -39.50 55.64
CA ILE D 210 24.14 -39.17 54.76
C ILE D 210 24.00 -39.96 53.48
N SER D 211 22.77 -40.25 53.14
CA SER D 211 22.37 -40.82 51.86
C SER D 211 20.96 -40.35 51.54
N GLN D 212 20.58 -40.45 50.27
CA GLN D 212 19.24 -40.09 49.78
C GLN D 212 18.92 -40.86 48.55
N ILE D 213 17.67 -41.26 48.36
CA ILE D 213 17.24 -41.91 47.11
C ILE D 213 16.45 -40.90 46.28
N ARG D 214 16.63 -40.90 44.96
CA ARG D 214 16.03 -39.92 44.08
C ARG D 214 15.71 -40.60 42.82
N LYS D 215 14.78 -40.00 42.08
CA LYS D 215 14.34 -40.56 40.84
C LYS D 215 14.88 -39.70 39.71
N VAL D 216 15.30 -40.34 38.62
CA VAL D 216 15.86 -39.68 37.48
C VAL D 216 14.65 -39.25 36.67
N VAL D 217 14.52 -37.97 36.40
CA VAL D 217 13.43 -37.47 35.55
C VAL D 217 13.90 -36.70 34.36
N GLY D 218 15.21 -36.53 34.26
CA GLY D 218 15.80 -35.88 33.11
C GLY D 218 17.30 -36.16 33.05
N VAL D 219 17.82 -36.15 31.85
CA VAL D 219 19.20 -36.45 31.60
C VAL D 219 19.72 -35.69 30.40
N SER D 220 20.86 -35.03 30.54
CA SER D 220 21.52 -34.41 29.40
C SER D 220 23.03 -34.39 29.55
N THR D 221 23.74 -34.73 28.48
CA THR D 221 25.17 -34.79 28.47
C THR D 221 25.69 -33.63 27.69
N SER D 222 26.75 -33.01 28.19
CA SER D 222 27.40 -31.94 27.47
C SER D 222 28.82 -31.63 28.02
N GLY D 223 29.81 -31.73 27.14
CA GLY D 223 31.16 -31.36 27.51
C GLY D 223 31.79 -32.36 28.45
N GLY D 224 31.49 -33.64 28.19
CA GLY D 224 32.04 -34.73 28.99
C GLY D 224 31.41 -34.81 30.36
N VAL D 225 30.36 -34.01 30.58
CA VAL D 225 29.62 -34.01 31.84
C VAL D 225 28.11 -34.29 31.72
N THR D 226 27.67 -35.39 32.32
CA THR D 226 26.24 -35.73 32.31
C THR D 226 25.56 -35.08 33.50
N SER D 227 24.54 -34.28 33.21
CA SER D 227 23.63 -33.68 34.21
C SER D 227 22.32 -34.51 34.35
N ILE D 228 22.05 -34.96 35.56
CA ILE D 228 20.91 -35.80 35.81
C ILE D 228 19.94 -35.01 36.62
N ARG D 229 18.76 -34.77 36.11
CA ARG D 229 17.76 -34.04 36.89
C ARG D 229 16.97 -34.98 37.73
N LEU D 230 16.79 -34.59 38.96
CA LEU D 230 16.08 -35.36 39.96
C LEU D 230 14.61 -34.93 40.10
N ASP D 231 13.79 -35.84 40.62
CA ASP D 231 12.41 -35.55 40.89
C ASP D 231 12.28 -34.64 42.07
N LYS D 232 13.08 -34.82 43.11
CA LYS D 232 13.00 -33.99 44.31
C LYS D 232 14.36 -33.47 44.59
N THR D 233 14.46 -32.28 45.12
CA THR D 233 15.78 -31.69 45.34
C THR D 233 16.61 -32.32 46.47
N LEU D 234 17.90 -31.98 46.60
CA LEU D 234 18.77 -32.63 47.59
C LEU D 234 18.63 -31.94 48.91
N HIS D 235 18.67 -32.68 50.00
CA HIS D 235 18.46 -32.08 51.32
C HIS D 235 19.66 -31.88 52.18
N TYR D 236 20.81 -32.10 51.60
CA TYR D 236 22.04 -31.90 52.28
C TYR D 236 23.02 -31.36 51.23
N ASN D 237 24.21 -30.96 51.68
CA ASN D 237 25.27 -30.70 50.74
C ASN D 237 26.13 -31.94 50.43
N TYR D 238 26.12 -32.31 49.15
CA TYR D 238 27.01 -33.31 48.61
C TYR D 238 28.23 -32.67 48.07
N TYR D 239 29.29 -32.69 48.86
CA TYR D 239 30.59 -32.11 48.55
C TYR D 239 31.61 -33.14 48.06
N LEU D 240 32.52 -32.68 47.22
CA LEU D 240 33.59 -33.56 46.70
C LEU D 240 34.60 -33.80 47.80
N SER D 241 34.68 -32.84 48.70
CA SER D 241 35.42 -33.03 49.91
C SER D 241 34.93 -34.15 50.83
N ASP D 242 33.69 -34.59 50.68
CA ASP D 242 33.20 -35.75 51.42
C ASP D 242 33.04 -36.93 50.51
N ALA D 243 33.70 -36.96 49.37
CA ALA D 243 33.67 -38.13 48.53
C ALA D 243 32.22 -38.50 48.12
N ALA D 244 31.45 -37.46 47.86
CA ALA D 244 30.06 -37.61 47.41
C ALA D 244 29.98 -38.42 46.15
N GLU D 245 29.18 -39.47 46.18
CA GLU D 245 29.13 -40.43 45.10
C GLU D 245 27.69 -40.88 44.84
N VAL D 246 27.48 -41.64 43.78
CA VAL D 246 26.15 -41.93 43.34
C VAL D 246 26.10 -43.28 42.64
N GLY D 247 25.14 -44.12 42.94
CA GLY D 247 25.06 -45.46 42.33
C GLY D 247 23.62 -45.79 42.00
N ILE D 248 23.41 -46.87 41.27
CA ILE D 248 22.08 -47.29 40.89
C ILE D 248 21.47 -48.41 41.75
N PRO D 249 20.67 -48.06 42.74
CA PRO D 249 20.16 -49.15 43.52
C PRO D 249 19.17 -49.89 42.70
N THR D 250 18.84 -51.09 43.15
CA THR D 250 17.75 -51.87 42.56
C THR D 250 16.55 -51.71 43.48
N MET D 251 15.50 -51.01 43.04
CA MET D 251 14.36 -50.77 43.91
C MET D 251 13.24 -51.69 43.55
N VAL D 252 12.43 -51.99 44.55
CA VAL D 252 11.18 -52.70 44.35
C VAL D 252 10.12 -51.66 44.51
N GLU D 253 9.40 -51.40 43.45
CA GLU D 253 8.50 -50.27 43.49
C GLU D 253 7.08 -50.65 43.18
N ASN D 254 6.18 -49.81 43.68
CA ASN D 254 4.75 -49.89 43.45
C ASN D 254 4.07 -51.08 44.05
N VAL D 255 4.20 -51.27 45.34
CA VAL D 255 3.68 -52.49 45.93
C VAL D 255 2.60 -52.16 46.92
N THR D 256 1.46 -52.84 46.81
CA THR D 256 0.35 -52.50 47.64
C THR D 256 -0.11 -53.68 48.38
N LEU D 257 -0.19 -53.55 49.69
CA LEU D 257 -0.69 -54.65 50.50
C LEU D 257 -1.96 -54.19 51.12
N VAL D 258 -3.06 -54.85 50.75
CA VAL D 258 -4.38 -54.50 51.22
C VAL D 258 -4.86 -55.46 52.29
N SER D 259 -5.02 -54.92 53.49
CA SER D 259 -5.54 -55.68 54.63
C SER D 259 -4.80 -56.94 54.99
N PRO D 260 -3.48 -56.86 55.12
CA PRO D 260 -2.73 -58.09 55.46
C PRO D 260 -3.05 -58.57 56.87
N TYR D 261 -3.42 -59.85 57.02
CA TYR D 261 -3.62 -60.45 58.34
C TYR D 261 -2.53 -61.39 58.53
N ILE D 262 -1.62 -61.04 59.42
CA ILE D 262 -0.52 -61.92 59.71
C ILE D 262 -0.69 -62.55 61.07
N ASN D 263 -0.72 -63.89 61.12
CA ASN D 263 -0.98 -64.62 62.37
C ASN D 263 -2.43 -64.39 62.86
N GLU D 264 -2.83 -65.03 63.95
CA GLU D 264 -4.18 -64.83 64.47
C GLU D 264 -4.18 -65.09 65.96
N PHE D 265 -5.20 -64.61 66.67
CA PHE D 265 -5.27 -64.82 68.10
C PHE D 265 -5.30 -66.30 68.44
N GLY D 266 -4.66 -66.63 69.56
CA GLY D 266 -4.44 -68.02 69.91
C GLY D 266 -3.14 -68.55 69.37
N TYR D 267 -2.36 -67.70 68.71
CA TYR D 267 -1.01 -68.07 68.23
C TYR D 267 -0.12 -68.58 69.39
N ASP D 268 -0.27 -68.03 70.58
CA ASP D 268 0.65 -68.35 71.69
C ASP D 268 0.45 -69.76 72.28
N ASP D 269 -0.76 -70.22 72.23
CA ASP D 269 -1.00 -71.60 72.60
C ASP D 269 -0.42 -72.54 71.59
N LEU D 270 -0.05 -72.05 70.42
CA LEU D 270 0.54 -72.89 69.38
C LEU D 270 2.05 -72.64 69.20
N ASN D 271 2.61 -71.79 70.04
CA ASN D 271 4.02 -71.35 69.88
C ASN D 271 4.36 -70.90 68.46
N ARG D 272 3.39 -70.29 67.81
CA ARG D 272 3.52 -69.83 66.45
C ARG D 272 3.79 -68.35 66.39
N PHE D 273 5.00 -68.02 66.01
CA PHE D 273 5.36 -66.65 65.89
C PHE D 273 6.10 -66.32 64.57
N PHE D 274 6.67 -65.13 64.54
CA PHE D 274 7.50 -64.76 63.42
C PHE D 274 8.50 -63.72 63.93
N THR D 275 9.34 -63.22 63.03
CA THR D 275 10.40 -62.28 63.45
C THR D 275 9.98 -60.87 63.10
N ILE D 276 10.00 -60.56 61.80
CA ILE D 276 9.44 -59.35 61.29
C ILE D 276 8.31 -59.66 60.36
N GLY D 277 7.22 -58.93 60.50
CA GLY D 277 6.01 -59.23 59.72
C GLY D 277 6.14 -58.83 58.28
N ILE D 278 6.39 -57.54 58.07
CA ILE D 278 6.61 -56.98 56.73
C ILE D 278 7.93 -56.15 56.73
N SER D 279 8.92 -56.66 55.98
CA SER D 279 10.24 -56.07 55.99
C SER D 279 10.51 -55.52 54.67
N ALA D 280 10.70 -54.20 54.61
CA ALA D 280 10.99 -53.56 53.33
C ALA D 280 12.34 -52.89 53.34
N ASN D 281 13.07 -53.02 52.25
CA ASN D 281 14.36 -52.36 52.09
C ASN D 281 14.56 -51.97 50.64
N PHE D 282 14.86 -50.71 50.39
CA PHE D 282 14.93 -50.18 49.01
C PHE D 282 13.63 -50.41 48.23
N ALA D 283 12.55 -49.93 48.83
CA ALA D 283 11.22 -49.93 48.23
C ALA D 283 10.77 -48.48 48.03
N ALA D 284 10.05 -48.30 46.94
CA ALA D 284 9.43 -47.03 46.63
C ALA D 284 7.97 -47.31 46.44
N ASP D 285 7.13 -46.41 46.97
CA ASP D 285 5.69 -46.51 46.74
C ASP D 285 5.12 -47.84 47.23
N LEU D 286 5.44 -48.13 48.47
CA LEU D 286 4.97 -49.34 49.12
C LEU D 286 3.87 -48.81 49.98
N HIS D 287 2.65 -49.26 49.74
CA HIS D 287 1.53 -48.78 50.57
C HIS D 287 0.86 -49.97 51.23
N ILE D 288 0.74 -49.88 52.56
CA ILE D 288 0.12 -50.91 53.34
C ILE D 288 -1.18 -50.40 53.91
N GLN D 289 -2.27 -51.05 53.54
CA GLN D 289 -3.62 -50.55 53.87
C GLN D 289 -4.38 -51.42 54.90
N ASP D 290 -4.67 -50.83 56.03
CA ASP D 290 -5.35 -51.53 57.07
C ASP D 290 -4.58 -52.82 57.47
N GLY D 291 -5.29 -53.87 57.88
CA GLY D 291 -4.69 -55.15 58.23
C GLY D 291 -4.51 -55.27 59.73
N VAL D 292 -3.96 -56.41 60.11
CA VAL D 292 -3.73 -56.71 61.51
C VAL D 292 -2.57 -57.62 61.58
N ILE D 293 -1.67 -57.30 62.50
CA ILE D 293 -0.46 -58.10 62.67
C ILE D 293 -0.30 -58.48 64.11
N ILE D 294 -0.34 -59.78 64.40
CA ILE D 294 -0.36 -60.22 65.81
C ILE D 294 0.72 -61.20 66.19
N GLY D 295 1.12 -61.06 67.44
CA GLY D 295 2.00 -62.00 68.12
C GLY D 295 3.28 -62.49 67.46
N ASN D 296 4.36 -61.75 67.69
CA ASN D 296 5.70 -62.27 67.48
C ASN D 296 6.44 -62.35 68.80
N LYS D 297 5.66 -62.26 69.87
CA LYS D 297 6.12 -62.38 71.24
C LYS D 297 4.90 -62.79 71.98
N ARG D 298 5.08 -63.23 73.20
CA ARG D 298 3.93 -63.75 73.96
C ARG D 298 3.15 -62.59 74.63
N PRO D 299 1.83 -62.65 74.67
CA PRO D 299 1.13 -61.51 75.28
C PRO D 299 1.68 -61.06 76.64
N GLY D 300 1.98 -59.77 76.70
CA GLY D 300 2.48 -59.12 77.89
C GLY D 300 3.89 -59.48 78.19
N ALA D 301 4.52 -60.29 77.33
CA ALA D 301 5.90 -60.79 77.56
C ALA D 301 6.98 -59.70 77.32
N SER D 302 8.25 -60.06 77.41
CA SER D 302 9.32 -59.08 77.32
C SER D 302 9.70 -58.87 75.89
N ASP D 303 10.36 -57.73 75.63
CA ASP D 303 10.64 -57.34 74.25
C ASP D 303 11.61 -58.32 73.61
N ILE D 304 11.76 -58.28 72.29
CA ILE D 304 12.64 -59.19 71.57
C ILE D 304 13.24 -58.36 70.45
N GLU D 305 14.49 -58.00 70.64
CA GLU D 305 15.24 -57.15 69.72
C GLU D 305 15.01 -57.52 68.25
N GLY D 306 14.67 -56.50 67.44
CA GLY D 306 14.53 -56.64 65.99
C GLY D 306 13.22 -57.19 65.48
N ARG D 307 12.40 -57.77 66.34
CA ARG D 307 11.09 -58.29 65.94
C ARG D 307 9.98 -57.23 65.77
N SER D 308 10.17 -56.34 64.81
CA SER D 308 9.22 -55.29 64.50
C SER D 308 8.12 -55.82 63.56
N ALA D 309 6.91 -55.29 63.74
CA ALA D 309 5.82 -55.73 62.90
C ALA D 309 6.08 -55.33 61.45
N ILE D 310 6.37 -54.04 61.24
CA ILE D 310 6.68 -53.47 59.93
C ILE D 310 8.00 -52.70 59.98
N LYS D 311 8.87 -52.98 59.02
CA LYS D 311 10.13 -52.29 58.98
C LYS D 311 10.37 -51.74 57.59
N PHE D 312 10.55 -50.43 57.55
CA PHE D 312 10.87 -49.70 56.33
C PHE D 312 12.30 -49.27 56.44
N ASN D 313 13.10 -49.75 55.54
CA ASN D 313 14.45 -49.36 55.52
C ASN D 313 14.77 -48.91 54.05
N ASN D 314 15.18 -47.64 53.91
CA ASN D 314 15.59 -47.06 52.61
C ASN D 314 14.43 -47.15 51.68
N CYS D 315 13.30 -46.69 52.20
CA CYS D 315 12.06 -46.67 51.48
C CYS D 315 11.68 -45.23 51.17
N VAL D 316 11.14 -44.99 49.99
CA VAL D 316 10.65 -43.66 49.65
C VAL D 316 9.18 -43.67 49.27
N ASP D 317 8.49 -42.59 49.68
CA ASP D 317 7.07 -42.33 49.35
C ASP D 317 6.24 -43.58 49.78
N SER D 318 6.53 -44.14 50.95
CA SER D 318 5.84 -45.33 51.39
C SER D 318 5.05 -45.06 52.64
N THR D 319 3.88 -45.71 52.79
CA THR D 319 2.99 -45.42 53.92
C THR D 319 2.38 -46.64 54.56
N VAL D 320 1.81 -46.41 55.73
CA VAL D 320 1.04 -47.43 56.44
C VAL D 320 -0.20 -46.74 56.95
N LYS D 321 -1.35 -47.18 56.49
CA LYS D 321 -2.59 -46.51 56.93
C LYS D 321 -3.66 -47.49 57.49
N GLY D 322 -4.01 -47.30 58.76
CA GLY D 322 -4.99 -48.11 59.43
C GLY D 322 -4.66 -49.49 59.92
N THR D 323 -3.43 -49.85 60.06
CA THR D 323 -3.14 -51.23 60.43
C THR D 323 -3.24 -51.39 61.94
N CYS D 324 -3.75 -52.53 62.39
CA CYS D 324 -3.78 -52.77 63.82
C CYS D 324 -2.58 -53.72 64.20
N PHE D 325 -1.93 -53.40 65.30
CA PHE D 325 -0.81 -54.23 65.81
C PHE D 325 -1.07 -54.74 67.24
N TYR D 326 -0.93 -56.05 67.44
CA TYR D 326 -1.09 -56.67 68.73
C TYR D 326 0.13 -57.53 69.11
N ASN D 327 0.64 -57.29 70.31
CA ASN D 327 1.61 -58.19 70.92
C ASN D 327 2.88 -58.35 70.11
N ILE D 328 3.61 -57.23 70.00
CA ILE D 328 4.75 -57.13 69.10
C ILE D 328 5.95 -57.07 69.99
N GLY D 329 6.94 -57.91 69.68
CA GLY D 329 8.21 -57.90 70.42
C GLY D 329 9.00 -56.60 70.32
N TRP D 330 9.04 -56.00 69.14
CA TRP D 330 9.86 -54.84 68.99
C TRP D 330 8.90 -53.68 68.71
N TYR D 331 9.03 -53.05 67.55
CA TYR D 331 8.27 -51.89 67.20
C TYR D 331 7.11 -52.19 66.18
N GLY D 332 6.08 -51.36 66.24
CA GLY D 332 4.96 -51.52 65.36
C GLY D 332 5.40 -51.14 63.98
N VAL D 333 5.83 -49.91 63.84
CA VAL D 333 6.40 -49.47 62.58
C VAL D 333 7.80 -48.93 62.86
N GLU D 334 8.76 -49.55 62.18
CA GLU D 334 10.15 -49.19 62.30
C GLU D 334 10.66 -48.50 61.05
N VAL D 335 11.07 -47.25 61.18
CA VAL D 335 11.51 -46.51 60.03
C VAL D 335 12.98 -46.20 60.23
N LEU D 336 13.84 -46.73 59.34
CA LEU D 336 15.26 -46.40 59.37
C LEU D 336 15.90 -46.27 57.96
N GLY D 337 17.18 -45.89 57.91
CA GLY D 337 17.83 -45.74 56.62
C GLY D 337 17.45 -44.33 56.18
N CYS D 338 17.60 -44.03 54.88
CA CYS D 338 17.19 -42.74 54.30
C CYS D 338 15.70 -42.81 53.79
N SER D 339 14.84 -43.43 54.57
CA SER D 339 13.49 -43.50 54.22
C SER D 339 12.96 -42.07 54.20
N GLU D 340 12.46 -41.64 53.03
CA GLU D 340 12.02 -40.27 52.83
C GLU D 340 10.57 -40.19 52.39
N ASP D 341 9.84 -39.23 52.99
CA ASP D 341 8.45 -39.04 52.67
C ASP D 341 7.59 -40.19 53.09
N THR D 342 7.78 -40.59 54.32
CA THR D 342 7.06 -41.69 54.90
C THR D 342 5.92 -41.21 55.81
N GLU D 343 4.77 -41.86 55.68
CA GLU D 343 3.59 -41.54 56.49
C GLU D 343 2.96 -42.77 57.14
N VAL D 344 2.63 -42.63 58.40
CA VAL D 344 1.86 -43.62 59.11
C VAL D 344 0.60 -42.93 59.63
N HIS D 345 -0.55 -43.33 59.10
CA HIS D 345 -1.86 -42.78 59.48
C HIS D 345 -2.73 -43.80 60.17
N ASP D 346 -3.46 -43.32 61.15
CA ASP D 346 -4.56 -44.10 61.78
C ASP D 346 -4.22 -45.50 62.23
N ILE D 347 -3.11 -45.73 62.92
CA ILE D 347 -2.80 -47.10 63.31
C ILE D 347 -3.19 -47.24 64.73
N HIS D 348 -3.33 -48.50 65.12
CA HIS D 348 -3.63 -48.88 66.50
C HIS D 348 -2.62 -49.95 66.91
N ALA D 349 -1.86 -49.66 67.95
CA ALA D 349 -0.84 -50.60 68.45
C ALA D 349 -1.06 -50.83 69.92
N MET D 350 -1.06 -52.11 70.31
CA MET D 350 -1.34 -52.49 71.70
C MET D 350 -0.33 -53.58 72.08
N ASP D 351 0.36 -53.39 73.19
CA ASP D 351 1.37 -54.36 73.69
C ASP D 351 2.56 -54.56 72.71
N VAL D 352 3.36 -53.51 72.62
CA VAL D 352 4.48 -53.41 71.72
C VAL D 352 5.50 -52.53 72.40
N ARG D 353 6.71 -52.48 71.89
CA ARG D 353 7.73 -51.67 72.53
C ARG D 353 7.59 -50.21 72.16
N HIS D 354 7.45 -49.92 70.87
CA HIS D 354 7.13 -48.54 70.43
C HIS D 354 6.10 -48.77 69.35
N ALA D 355 5.06 -47.95 69.35
CA ALA D 355 4.05 -48.11 68.32
C ALA D 355 4.69 -47.72 67.01
N ILE D 356 5.46 -46.62 67.08
CA ILE D 356 6.28 -46.14 65.95
C ILE D 356 7.65 -45.70 66.37
N SER D 357 8.66 -46.04 65.56
CA SER D 357 9.99 -45.60 65.90
C SER D 357 10.88 -45.38 64.73
N LEU D 358 11.47 -44.19 64.64
CA LEU D 358 12.45 -43.85 63.62
C LEU D 358 13.75 -44.20 64.28
N ASN D 359 14.52 -45.05 63.61
CA ASN D 359 15.68 -45.63 64.21
C ASN D 359 17.01 -45.11 63.70
N TRP D 360 18.06 -45.55 64.34
CA TRP D 360 19.38 -45.26 63.88
C TRP D 360 20.03 -46.53 63.43
N GLN D 361 21.29 -46.47 63.04
CA GLN D 361 22.02 -47.69 62.68
C GLN D 361 23.34 -47.77 63.50
N SER D 362 23.61 -48.93 64.10
CA SER D 362 24.86 -49.08 64.87
C SER D 362 26.04 -49.19 63.87
N THR D 363 27.05 -48.39 64.16
CA THR D 363 28.27 -48.39 63.40
C THR D 363 29.43 -49.17 64.07
N ALA D 364 29.09 -49.91 65.12
CA ALA D 364 29.96 -50.85 65.77
C ALA D 364 30.79 -51.64 64.78
N ASP D 365 30.14 -52.33 63.85
CA ASP D 365 30.82 -53.25 62.92
C ASP D 365 31.07 -52.57 61.56
N GLY D 366 31.16 -51.25 61.55
CA GLY D 366 31.32 -50.54 60.27
C GLY D 366 30.42 -49.35 59.99
N ASP D 367 30.63 -48.70 58.84
CA ASP D 367 29.87 -47.52 58.42
C ASP D 367 28.43 -47.73 57.99
N LYS D 368 27.63 -46.72 58.37
CA LYS D 368 26.20 -46.69 58.07
C LYS D 368 25.73 -45.36 57.46
N TRP D 369 24.84 -45.47 56.48
CA TRP D 369 24.31 -44.30 55.81
C TRP D 369 22.84 -44.30 55.96
N GLY D 370 22.28 -43.13 56.29
CA GLY D 370 20.84 -42.82 56.20
C GLY D 370 20.08 -42.50 57.47
N GLU D 371 19.50 -41.29 57.53
CA GLU D 371 18.53 -40.89 58.56
C GLU D 371 17.19 -40.70 57.88
N PRO D 372 16.08 -40.92 58.57
CA PRO D 372 14.82 -40.69 57.89
C PRO D 372 14.58 -39.21 57.68
N ILE D 373 13.98 -38.86 56.55
CA ILE D 373 13.75 -37.45 56.26
C ILE D 373 12.31 -37.34 55.85
N GLU D 374 11.59 -36.38 56.41
CA GLU D 374 10.15 -36.15 56.16
C GLU D 374 9.29 -37.26 56.66
N PHE D 375 9.04 -37.26 57.96
CA PHE D 375 8.18 -38.32 58.45
C PHE D 375 6.94 -37.73 59.07
N LEU D 376 5.81 -38.31 58.73
CA LEU D 376 4.57 -37.88 59.29
C LEU D 376 3.86 -39.03 60.01
N GLY D 377 3.45 -38.76 61.24
CA GLY D 377 2.55 -39.67 61.94
C GLY D 377 1.28 -38.94 62.29
N VAL D 378 0.17 -39.40 61.79
CA VAL D 378 -1.06 -38.70 62.08
C VAL D 378 -2.13 -39.66 62.59
N ASN D 379 -2.79 -39.26 63.68
CA ASN D 379 -3.96 -39.99 64.18
C ASN D 379 -3.65 -41.46 64.56
N CYS D 380 -2.61 -41.68 65.34
CA CYS D 380 -2.22 -43.01 65.68
C CYS D 380 -2.44 -43.21 67.13
N GLU D 381 -2.72 -44.43 67.45
CA GLU D 381 -3.07 -44.70 68.81
C GLU D 381 -2.19 -45.79 69.35
N ALA D 382 -1.64 -45.50 70.51
CA ALA D 382 -0.84 -46.50 71.22
C ALA D 382 -1.34 -46.82 72.63
N TYR D 383 -1.46 -48.12 72.88
CA TYR D 383 -1.87 -48.59 74.24
C TYR D 383 -0.86 -49.53 74.87
N SER D 384 -0.45 -49.20 76.09
CA SER D 384 0.37 -50.10 76.88
C SER D 384 1.63 -50.57 76.16
N THR D 385 2.48 -49.61 75.85
CA THR D 385 3.72 -49.89 75.22
C THR D 385 4.72 -50.17 76.32
N THR D 386 5.63 -51.12 76.09
CA THR D 386 6.66 -51.48 77.07
C THR D 386 7.66 -50.38 77.17
N GLN D 387 7.77 -49.55 76.12
CA GLN D 387 8.66 -48.36 76.12
C GLN D 387 7.86 -47.20 75.57
N ALA D 388 8.48 -46.11 75.16
CA ALA D 388 7.69 -45.02 74.60
C ALA D 388 6.64 -45.43 73.56
N GLY D 389 5.54 -44.69 73.56
CA GLY D 389 4.48 -44.87 72.58
C GLY D 389 4.94 -44.53 71.20
N PHE D 390 5.47 -43.33 71.05
CA PHE D 390 6.00 -42.86 69.77
C PHE D 390 7.39 -42.35 70.04
N ASP D 391 8.35 -42.81 69.25
CA ASP D 391 9.75 -42.57 69.55
C ASP D 391 10.58 -42.23 68.32
N THR D 392 11.67 -41.52 68.54
CA THR D 392 12.74 -41.44 67.54
C THR D 392 14.09 -41.68 68.23
N HIS D 393 15.07 -42.18 67.50
CA HIS D 393 16.45 -42.22 68.01
C HIS D 393 17.14 -40.87 67.67
N ASP D 394 18.48 -40.81 67.60
CA ASP D 394 19.17 -39.52 67.52
C ASP D 394 19.54 -39.02 66.12
N ILE D 395 18.94 -39.63 65.10
CA ILE D 395 18.96 -39.09 63.77
C ILE D 395 17.54 -38.94 63.24
N GLY D 396 17.38 -38.16 62.18
CA GLY D 396 16.09 -37.95 61.56
C GLY D 396 15.85 -36.48 61.33
N LYS D 397 15.42 -36.13 60.12
CA LYS D 397 15.02 -34.76 59.83
C LYS D 397 13.50 -34.63 59.57
N ARG D 398 12.92 -33.53 60.07
CA ARG D 398 11.58 -33.12 59.71
C ARG D 398 10.55 -34.11 60.10
N VAL D 399 10.44 -34.26 61.42
CA VAL D 399 9.61 -35.31 61.96
C VAL D 399 8.48 -34.67 62.67
N LYS D 400 7.28 -35.12 62.33
CA LYS D 400 6.04 -34.52 62.78
C LYS D 400 5.05 -35.57 63.22
N PHE D 401 4.50 -35.36 64.42
CA PHE D 401 3.39 -36.18 64.91
C PHE D 401 2.14 -35.30 65.03
N VAL D 402 1.09 -35.73 64.36
CA VAL D 402 -0.16 -34.97 64.38
C VAL D 402 -1.33 -35.75 64.93
N ARG D 403 -1.86 -35.26 66.06
CA ARG D 403 -3.01 -35.85 66.76
C ARG D 403 -2.84 -37.31 67.08
N CYS D 404 -1.68 -37.67 67.57
CA CYS D 404 -1.37 -39.04 67.94
C CYS D 404 -1.64 -39.13 69.45
N VAL D 405 -2.06 -40.28 69.92
CA VAL D 405 -2.37 -40.39 71.31
C VAL D 405 -1.71 -41.62 71.97
N SER D 406 -1.21 -41.46 73.18
CA SER D 406 -0.58 -42.54 73.89
C SER D 406 -1.25 -42.82 75.19
N TYR D 407 -1.63 -44.05 75.41
CA TYR D 407 -2.13 -44.46 76.68
C TYR D 407 -1.24 -45.44 77.45
N ASP D 408 -1.00 -45.18 78.72
CA ASP D 408 -0.42 -46.14 79.66
C ASP D 408 0.90 -46.73 79.23
N SER D 409 1.80 -45.87 78.84
CA SER D 409 3.11 -46.28 78.41
C SER D 409 3.87 -46.65 79.67
N ALA D 410 4.70 -47.67 79.52
CA ALA D 410 5.61 -48.04 80.62
C ALA D 410 6.71 -47.04 80.75
N ALA D 411 6.90 -46.15 79.77
CA ALA D 411 7.98 -45.19 79.81
C ALA D 411 7.39 -43.84 79.61
N ALA D 412 7.69 -43.18 78.49
CA ALA D 412 7.14 -41.91 78.15
C ALA D 412 6.00 -42.14 77.17
N GLY D 413 5.08 -41.18 77.06
CA GLY D 413 4.14 -41.21 75.91
C GLY D 413 4.86 -41.06 74.57
N PHE D 414 5.60 -39.96 74.49
CA PHE D 414 6.36 -39.60 73.34
C PHE D 414 7.80 -39.36 73.67
N GLN D 415 8.71 -39.98 72.91
CA GLN D 415 10.08 -39.73 73.11
C GLN D 415 10.73 -39.18 71.89
N ALA D 416 11.35 -38.00 72.04
CA ALA D 416 12.10 -37.36 70.96
C ALA D 416 13.64 -37.42 71.16
N ARG D 417 14.34 -38.10 70.30
CA ARG D 417 15.80 -38.13 70.49
C ARG D 417 16.57 -37.48 69.38
N THR D 418 15.84 -36.95 68.39
CA THR D 418 16.47 -36.24 67.30
C THR D 418 16.04 -34.84 67.49
N ASN D 419 16.71 -33.91 66.84
CA ASN D 419 16.44 -32.48 67.10
C ASN D 419 15.24 -31.92 66.37
N GLY D 420 14.58 -30.99 67.07
CA GLY D 420 13.34 -30.28 66.62
C GLY D 420 12.14 -31.12 66.19
N VAL D 421 11.83 -32.17 66.91
CA VAL D 421 10.66 -32.92 66.55
C VAL D 421 9.44 -32.05 66.84
N GLU D 422 8.41 -32.09 65.99
CA GLU D 422 7.27 -31.22 66.24
C GLU D 422 6.06 -32.02 66.52
N TYR D 423 5.37 -31.66 67.58
CA TYR D 423 4.12 -32.33 67.93
C TYR D 423 2.90 -31.33 67.87
N LEU D 424 1.94 -31.72 67.04
CA LEU D 424 0.70 -30.96 66.92
C LEU D 424 -0.57 -31.69 67.50
N ASN D 425 -1.07 -31.21 68.62
CA ASN D 425 -2.31 -31.73 69.17
C ASN D 425 -2.24 -33.14 69.66
N CYS D 426 -1.15 -33.47 70.31
CA CYS D 426 -0.93 -34.83 70.69
C CYS D 426 -1.41 -35.03 72.09
N ARG D 427 -1.72 -36.28 72.41
CA ARG D 427 -2.14 -36.57 73.78
C ARG D 427 -1.40 -37.76 74.36
N ALA D 428 -0.90 -37.53 75.60
CA ALA D 428 -0.32 -38.59 76.48
C ALA D 428 -1.12 -38.78 77.78
N TYR D 429 -1.62 -40.01 77.98
CA TYR D 429 -2.35 -40.34 79.20
C TYR D 429 -1.65 -41.39 80.03
N ARG D 430 -1.48 -41.11 81.31
CA ARG D 430 -1.01 -42.10 82.33
C ARG D 430 0.30 -42.83 81.97
N ALA D 431 1.27 -42.09 81.48
CA ALA D 431 2.58 -42.68 81.22
C ALA D 431 3.28 -42.88 82.54
N ALA D 432 3.95 -44.01 82.67
CA ALA D 432 4.71 -44.26 83.89
C ALA D 432 5.75 -43.14 84.15
N MET D 433 6.37 -42.58 83.12
CA MET D 433 7.30 -41.48 83.35
C MET D 433 6.81 -40.09 82.88
N ASP D 434 7.19 -39.64 81.70
CA ASP D 434 6.72 -38.36 81.26
C ASP D 434 5.75 -38.53 80.16
N GLY D 435 4.93 -37.54 79.97
CA GLY D 435 4.03 -37.58 78.83
C GLY D 435 4.81 -37.47 77.56
N PHE D 436 5.52 -36.38 77.48
CA PHE D 436 6.38 -36.05 76.38
C PHE D 436 7.75 -35.74 76.94
N ALA D 437 8.76 -36.27 76.24
CA ALA D 437 10.11 -36.04 76.67
C ALA D 437 11.12 -36.13 75.57
N SER D 438 12.17 -35.31 75.75
CA SER D 438 13.35 -35.33 74.94
C SER D 438 14.33 -36.19 75.70
N ASN D 439 15.62 -36.08 75.43
CA ASN D 439 16.58 -36.90 76.13
C ASN D 439 17.91 -36.25 76.01
N THR D 440 18.93 -36.95 76.52
CA THR D 440 20.32 -36.49 76.57
C THR D 440 20.83 -35.90 75.27
N GLY D 441 21.20 -34.62 75.34
CA GLY D 441 21.80 -33.94 74.19
C GLY D 441 20.85 -33.59 73.08
N VAL D 442 19.57 -33.73 73.34
CA VAL D 442 18.52 -33.46 72.40
C VAL D 442 18.03 -32.01 72.46
N ALA D 443 17.83 -31.41 71.31
CA ALA D 443 17.55 -29.98 71.24
C ALA D 443 16.15 -29.62 70.79
N PHE D 444 15.51 -28.80 71.62
CA PHE D 444 14.25 -28.14 71.37
C PHE D 444 13.18 -28.85 70.56
N PRO D 445 12.51 -29.81 71.20
CA PRO D 445 11.29 -30.30 70.60
C PRO D 445 10.24 -29.19 70.68
N ILE D 446 9.27 -29.20 69.74
CA ILE D 446 8.19 -28.16 69.71
C ILE D 446 6.85 -28.84 69.95
N TYR D 447 6.13 -28.39 70.96
CA TYR D 447 4.86 -29.01 71.32
C TYR D 447 3.82 -27.99 71.16
N ARG D 448 2.89 -28.23 70.23
CA ARG D 448 1.81 -27.26 69.96
C ARG D 448 0.41 -27.81 70.36
N GLU D 449 -0.23 -27.15 71.32
CA GLU D 449 -1.54 -27.55 71.84
C GLU D 449 -1.61 -29.07 72.16
N CYS D 450 -0.61 -29.54 72.88
CA CYS D 450 -0.53 -30.89 73.32
C CYS D 450 -1.04 -31.02 74.74
N LEU D 451 -1.60 -32.18 75.08
CA LEU D 451 -2.24 -32.32 76.39
C LEU D 451 -1.67 -33.53 77.03
N ALA D 452 -1.34 -33.35 78.29
CA ALA D 452 -0.78 -34.40 79.06
C ALA D 452 -1.64 -34.66 80.29
N TYR D 453 -2.20 -35.86 80.39
CA TYR D 453 -3.05 -36.20 81.54
C TYR D 453 -2.51 -37.35 82.36
N ASP D 454 -2.19 -37.04 83.61
CA ASP D 454 -1.92 -38.06 84.64
C ASP D 454 -0.70 -38.90 84.39
N ASN D 455 0.33 -38.26 83.90
CA ASN D 455 1.55 -38.97 83.74
C ASN D 455 2.29 -38.80 85.06
N VAL D 456 2.91 -39.87 85.52
CA VAL D 456 3.44 -39.85 86.87
C VAL D 456 4.42 -38.70 87.12
N ARG D 457 5.52 -38.67 86.39
CA ARG D 457 6.58 -37.73 86.68
C ARG D 457 6.22 -36.35 86.18
N SER D 458 5.91 -36.21 84.89
CA SER D 458 5.62 -34.91 84.34
C SER D 458 4.92 -34.94 83.03
N GLY D 459 4.37 -33.79 82.67
CA GLY D 459 3.64 -33.73 81.42
C GLY D 459 4.66 -33.64 80.31
N PHE D 460 5.47 -32.62 80.43
CA PHE D 460 6.44 -32.29 79.44
C PHE D 460 7.81 -32.27 80.08
N ASN D 461 8.69 -33.13 79.60
CA ASN D 461 10.05 -33.16 80.14
C ASN D 461 11.06 -32.85 79.07
N CYS D 462 11.40 -31.56 78.99
CA CYS D 462 12.35 -31.08 78.02
C CYS D 462 13.43 -30.25 78.69
N SER D 463 14.08 -30.87 79.64
CA SER D 463 15.14 -30.29 80.43
C SER D 463 16.53 -30.82 80.01
N TYR D 464 16.60 -31.61 78.96
CA TYR D 464 17.89 -32.08 78.49
C TYR D 464 18.59 -31.05 77.64
N GLY D 465 17.84 -30.12 77.09
CA GLY D 465 18.42 -29.09 76.19
C GLY D 465 17.37 -28.24 75.53
N GLY D 466 16.48 -27.73 76.38
CA GLY D 466 15.39 -26.84 75.96
C GLY D 466 14.11 -27.43 75.35
N GLY D 467 13.06 -26.63 75.38
CA GLY D 467 11.87 -26.96 74.64
C GLY D 467 11.04 -25.73 74.39
N TYR D 468 10.11 -25.89 73.47
CA TYR D 468 9.18 -24.82 73.17
C TYR D 468 7.84 -25.40 73.40
N VAL D 469 7.20 -24.95 74.48
CA VAL D 469 5.96 -25.50 74.91
C VAL D 469 4.84 -24.53 74.74
N TYR D 470 4.06 -24.74 73.69
CA TYR D 470 3.13 -23.68 73.21
C TYR D 470 1.69 -24.08 73.36
N ASP D 471 0.93 -23.34 74.16
CA ASP D 471 -0.51 -23.61 74.43
C ASP D 471 -0.83 -25.04 74.90
N CYS D 472 0.08 -25.63 75.65
CA CYS D 472 -0.04 -27.00 76.10
C CYS D 472 -0.72 -27.09 77.47
N GLU D 473 -1.11 -28.32 77.81
CA GLU D 473 -1.78 -28.58 79.07
C GLU D 473 -1.19 -29.82 79.68
N ALA D 474 -0.94 -29.72 80.99
CA ALA D 474 -0.52 -30.87 81.78
C ALA D 474 -1.24 -30.91 83.15
N HIS D 475 -1.95 -32.02 83.37
CA HIS D 475 -2.67 -32.19 84.62
C HIS D 475 -2.26 -33.50 85.25
N GLY D 476 -2.10 -33.49 86.55
CA GLY D 476 -2.01 -34.69 87.34
C GLY D 476 -0.68 -35.33 87.39
N SER D 477 0.39 -34.56 87.35
CA SER D 477 1.75 -35.11 87.40
C SER D 477 2.46 -34.51 88.61
N GLN D 478 3.69 -34.91 88.84
CA GLN D 478 4.43 -34.25 89.89
C GLN D 478 4.78 -32.85 89.49
N ASN D 479 5.30 -32.69 88.28
CA ASN D 479 5.49 -31.39 87.65
C ASN D 479 4.85 -31.27 86.27
N GLY D 480 4.20 -30.11 85.98
CA GLY D 480 3.58 -29.86 84.69
C GLY D 480 4.61 -29.97 83.56
N VAL D 481 5.57 -29.05 83.63
CA VAL D 481 6.67 -29.01 82.72
C VAL D 481 8.02 -29.11 83.46
N ARG D 482 8.95 -29.89 82.88
CA ARG D 482 10.35 -29.83 83.28
C ARG D 482 11.11 -29.17 82.16
N ILE D 483 11.78 -28.07 82.41
CA ILE D 483 12.42 -27.36 81.33
C ILE D 483 13.60 -26.52 81.82
N ASN D 484 14.66 -26.46 81.00
CA ASN D 484 15.89 -25.71 81.37
C ASN D 484 16.07 -24.47 80.59
N GLY D 485 15.30 -24.33 79.51
CA GLY D 485 15.42 -23.20 78.64
C GLY D 485 14.42 -23.26 77.52
N GLY D 486 14.08 -22.10 76.99
CA GLY D 486 13.13 -22.05 75.91
C GLY D 486 11.91 -21.22 76.25
N ARG D 487 10.72 -21.73 75.90
CA ARG D 487 9.49 -20.98 76.15
C ARG D 487 8.32 -21.84 76.50
N VAL D 488 7.56 -21.37 77.48
CA VAL D 488 6.29 -21.91 77.79
C VAL D 488 5.37 -20.73 77.55
N LYS D 489 4.59 -20.81 76.50
CA LYS D 489 3.72 -19.73 76.23
C LYS D 489 2.33 -20.30 76.18
N GLY D 490 1.44 -19.66 76.96
CA GLY D 490 0.08 -20.08 76.99
C GLY D 490 -0.03 -21.47 77.60
N GLY D 491 -1.20 -22.06 77.45
CA GLY D 491 -1.43 -23.39 78.02
C GLY D 491 -1.96 -23.25 79.41
N ARG D 492 -2.37 -24.40 79.95
CA ARG D 492 -3.02 -24.42 81.24
C ARG D 492 -2.58 -25.60 82.09
N TYR D 493 -2.14 -25.32 83.31
CA TYR D 493 -1.62 -26.41 84.16
C TYR D 493 -2.40 -26.58 85.48
N THR D 494 -2.81 -27.82 85.77
CA THR D 494 -3.52 -28.12 87.03
C THR D 494 -3.10 -29.49 87.61
N ARG D 495 -3.32 -29.61 88.90
CA ARG D 495 -3.09 -30.84 89.64
C ARG D 495 -1.69 -31.39 89.52
N ASN D 496 -0.73 -30.55 89.83
CA ASN D 496 0.66 -30.99 89.85
C ASN D 496 1.17 -30.89 91.30
N SER D 497 1.44 -32.04 91.92
CA SER D 497 1.94 -32.13 93.33
C SER D 497 3.14 -31.25 93.75
N SER D 498 4.16 -31.12 92.92
CA SER D 498 5.26 -30.25 93.26
C SER D 498 5.07 -28.82 92.75
N SER D 499 5.02 -28.72 91.43
CA SER D 499 4.85 -27.46 90.78
C SER D 499 4.39 -27.67 89.33
N HIS D 500 3.89 -26.59 88.75
CA HIS D 500 3.43 -26.65 87.38
C HIS D 500 4.63 -26.60 86.49
N ILE D 501 5.42 -25.55 86.67
CA ILE D 501 6.68 -25.43 85.96
C ILE D 501 7.86 -25.72 86.90
N PHE D 502 8.74 -26.57 86.40
CA PHE D 502 9.91 -26.94 87.13
C PHE D 502 11.12 -26.58 86.28
N VAL D 503 11.78 -25.50 86.66
CA VAL D 503 12.97 -25.07 85.93
C VAL D 503 14.19 -25.83 86.44
N THR D 504 14.77 -26.70 85.61
CA THR D 504 15.75 -27.68 86.07
C THR D 504 16.55 -28.21 84.88
N LYS D 505 17.50 -29.08 85.17
CA LYS D 505 18.35 -29.68 84.16
C LYS D 505 18.33 -31.14 84.38
N ASP D 506 18.69 -31.89 83.36
CA ASP D 506 18.79 -33.31 83.51
C ASP D 506 20.02 -33.64 84.32
N VAL D 507 21.04 -32.78 84.21
CA VAL D 507 22.30 -32.91 84.94
C VAL D 507 22.93 -31.53 85.06
N ALA D 508 23.57 -31.19 86.15
CA ALA D 508 24.22 -29.86 86.25
C ALA D 508 25.17 -29.47 85.09
N GLU D 509 25.75 -30.44 84.37
CA GLU D 509 26.67 -30.07 83.27
C GLU D 509 25.96 -29.32 82.15
N THR D 510 24.69 -29.66 81.90
CA THR D 510 23.84 -29.06 80.86
C THR D 510 23.63 -27.58 81.04
N ALA D 511 23.62 -26.82 79.96
CA ALA D 511 23.60 -25.34 80.10
C ALA D 511 22.21 -24.88 80.26
N GLN D 512 21.98 -23.88 81.12
CA GLN D 512 20.68 -23.26 81.23
C GLN D 512 20.66 -22.13 80.26
N THR D 513 19.54 -21.93 79.59
CA THR D 513 19.37 -20.79 78.70
C THR D 513 18.17 -19.97 79.10
N SER D 514 17.92 -18.90 78.37
CA SER D 514 16.75 -18.10 78.63
C SER D 514 15.51 -18.96 78.67
N LEU D 515 14.64 -18.61 79.62
CA LEU D 515 13.27 -19.14 79.70
C LEU D 515 12.26 -18.00 79.75
N GLU D 516 11.29 -18.07 78.87
CA GLU D 516 10.18 -17.12 78.83
C GLU D 516 8.94 -17.92 79.20
N ILE D 517 8.27 -17.49 80.27
CA ILE D 517 6.97 -18.05 80.68
C ILE D 517 5.93 -16.94 80.60
N ASP D 518 5.09 -17.04 79.56
CA ASP D 518 4.24 -15.92 79.08
C ASP D 518 2.82 -16.41 78.91
N GLY D 519 1.91 -15.78 79.62
CA GLY D 519 0.47 -16.02 79.45
C GLY D 519 0.02 -17.42 79.76
N VAL D 520 0.56 -17.97 80.84
CA VAL D 520 0.33 -19.34 81.23
C VAL D 520 -0.63 -19.39 82.42
N SER D 521 -1.66 -20.22 82.37
CA SER D 521 -2.52 -20.40 83.54
C SER D 521 -1.94 -21.47 84.41
N MET D 522 -1.43 -21.06 85.57
CA MET D 522 -0.82 -22.02 86.52
C MET D 522 -1.42 -21.73 87.91
N ARG D 523 -2.73 -21.79 87.96
CA ARG D 523 -3.51 -21.43 89.17
C ARG D 523 -3.32 -22.45 90.29
N TYR D 524 -3.57 -21.98 91.52
CA TYR D 524 -3.49 -22.83 92.69
C TYR D 524 -4.75 -23.65 92.88
N ASP D 525 -4.58 -24.96 93.05
CA ASP D 525 -5.70 -25.86 93.25
C ASP D 525 -5.48 -26.82 94.39
N GLY D 526 -4.74 -26.39 95.40
CA GLY D 526 -4.50 -27.21 96.59
C GLY D 526 -3.43 -28.26 96.47
N THR D 527 -2.68 -28.27 95.38
CA THR D 527 -1.50 -29.15 95.26
C THR D 527 -0.20 -28.33 95.26
N GLY D 528 0.53 -28.38 94.16
CA GLY D 528 1.83 -27.76 94.12
C GLY D 528 1.82 -26.27 93.96
N ARG D 529 3.01 -25.76 93.78
CA ARG D 529 3.22 -24.35 93.51
C ARG D 529 3.30 -24.02 92.00
N ALA D 530 3.53 -22.76 91.69
CA ALA D 530 3.58 -22.41 90.31
C ALA D 530 4.90 -22.79 89.69
N VAL D 531 5.96 -22.18 90.20
CA VAL D 531 7.28 -22.40 89.64
C VAL D 531 8.22 -22.98 90.66
N TYR D 532 9.08 -23.84 90.18
CA TYR D 532 10.06 -24.44 91.04
C TYR D 532 11.41 -24.29 90.41
N PHE D 533 12.25 -23.48 91.05
CA PHE D 533 13.63 -23.19 90.65
C PHE D 533 14.68 -24.06 91.32
N HIS D 534 15.38 -24.88 90.53
CA HIS D 534 16.27 -25.91 91.06
C HIS D 534 17.68 -25.40 91.24
N GLY D 535 17.90 -24.72 92.37
CA GLY D 535 19.25 -24.33 92.82
C GLY D 535 20.21 -25.53 92.78
N THR D 536 19.73 -26.68 93.20
CA THR D 536 20.63 -27.77 93.28
C THR D 536 21.44 -27.93 92.00
N VAL D 537 20.90 -27.66 90.82
CA VAL D 537 21.65 -27.99 89.61
C VAL D 537 22.16 -26.75 88.92
N GLY D 538 22.11 -25.65 89.61
CA GLY D 538 22.72 -24.43 89.09
C GLY D 538 21.79 -23.46 88.43
N ILE D 539 20.50 -23.47 88.81
CA ILE D 539 19.52 -22.68 88.09
C ILE D 539 19.56 -21.27 88.62
N ASP D 540 19.92 -20.33 87.76
CA ASP D 540 19.80 -18.91 88.04
C ASP D 540 18.37 -18.42 87.64
N PRO D 541 17.60 -17.89 88.62
CA PRO D 541 16.25 -17.45 88.36
C PRO D 541 16.13 -16.23 87.47
N THR D 542 17.17 -15.39 87.45
CA THR D 542 17.16 -14.18 86.63
C THR D 542 17.22 -14.49 85.14
N LEU D 543 17.47 -15.74 84.78
CA LEU D 543 17.39 -16.13 83.38
C LEU D 543 15.96 -16.50 82.99
N VAL D 544 15.01 -16.31 83.89
CA VAL D 544 13.63 -16.61 83.60
C VAL D 544 12.83 -15.33 83.51
N SER D 545 11.81 -15.24 82.65
CA SER D 545 10.90 -14.08 82.62
C SER D 545 9.50 -14.54 82.76
N MET D 546 8.76 -13.97 83.70
CA MET D 546 7.38 -14.38 83.90
C MET D 546 6.47 -13.21 83.64
N SER D 547 5.70 -13.31 82.54
CA SER D 547 4.81 -12.20 82.10
C SER D 547 3.37 -12.61 81.83
N ASN D 548 2.46 -11.83 82.37
CA ASN D 548 1.03 -12.02 82.14
C ASN D 548 0.58 -13.42 82.43
N ASN D 549 1.05 -13.96 83.54
CA ASN D 549 0.62 -15.30 83.91
C ASN D 549 -0.48 -15.27 84.94
N ASP D 550 -1.29 -16.33 85.01
CA ASP D 550 -2.25 -16.47 86.09
C ASP D 550 -1.75 -17.44 87.18
N MET D 551 -1.35 -16.85 88.29
CA MET D 551 -0.82 -17.58 89.40
C MET D 551 -1.78 -17.41 90.62
N THR D 552 -3.05 -17.26 90.33
CA THR D 552 -4.06 -16.99 91.35
C THR D 552 -4.14 -18.12 92.38
N GLY D 553 -4.15 -17.72 93.66
CA GLY D 553 -4.33 -18.64 94.75
C GLY D 553 -3.07 -19.14 95.46
N HIS D 554 -1.92 -18.82 94.90
CA HIS D 554 -0.65 -19.28 95.45
C HIS D 554 -0.19 -18.46 96.64
N GLY D 555 -0.80 -17.28 96.83
CA GLY D 555 -0.35 -16.36 97.89
C GLY D 555 1.18 -16.29 97.95
N LEU D 556 1.75 -16.37 99.14
CA LEU D 556 3.18 -16.24 99.24
C LEU D 556 3.97 -17.46 98.73
N PHE D 557 3.28 -18.50 98.32
CA PHE D 557 3.93 -19.72 97.89
C PHE D 557 3.81 -19.98 96.40
N TRP D 558 4.03 -18.93 95.61
CA TRP D 558 3.98 -19.08 94.14
C TRP D 558 5.17 -19.77 93.61
N ALA D 559 6.27 -19.60 94.35
CA ALA D 559 7.56 -20.19 94.01
C ALA D 559 8.04 -21.18 95.05
N LEU D 560 8.80 -22.15 94.57
CA LEU D 560 9.45 -23.11 95.38
C LEU D 560 10.89 -23.12 94.93
N LEU D 561 11.84 -22.99 95.85
CA LEU D 561 13.27 -23.02 95.54
C LEU D 561 13.86 -24.10 96.38
N SER D 562 14.92 -24.73 95.90
CA SER D 562 15.67 -25.74 96.69
C SER D 562 17.11 -25.76 96.15
N GLY D 563 18.07 -26.02 97.03
CA GLY D 563 19.47 -26.19 96.67
C GLY D 563 20.30 -24.93 96.72
N TYR D 564 19.67 -23.80 96.95
CA TYR D 564 20.39 -22.54 97.02
C TYR D 564 21.04 -22.39 98.38
N THR D 565 22.23 -21.83 98.36
CA THR D 565 22.99 -21.57 99.54
C THR D 565 23.04 -20.09 99.75
N VAL D 566 22.57 -19.32 98.80
CA VAL D 566 22.56 -17.88 98.91
C VAL D 566 21.31 -17.37 98.20
N GLN D 567 20.54 -16.57 98.92
CA GLN D 567 19.32 -16.07 98.38
C GLN D 567 19.54 -15.56 96.95
N PRO D 568 18.91 -16.21 95.94
CA PRO D 568 19.16 -15.76 94.58
C PRO D 568 18.27 -14.59 94.24
N THR D 569 18.61 -13.88 93.18
CA THR D 569 17.76 -12.84 92.72
C THR D 569 16.61 -13.45 91.94
N PRO D 570 15.40 -12.83 92.01
CA PRO D 570 14.25 -13.49 91.34
C PRO D 570 14.22 -13.19 89.84
N PRO D 571 13.36 -13.85 89.08
CA PRO D 571 13.25 -13.55 87.67
C PRO D 571 12.51 -12.25 87.45
N ARG D 572 12.52 -11.73 86.24
CA ARG D 572 11.77 -10.50 85.95
C ARG D 572 10.29 -10.86 85.85
N MET D 573 9.44 -10.21 86.61
CA MET D 573 8.04 -10.60 86.59
C MET D 573 7.18 -9.43 86.20
N SER D 574 6.32 -9.60 85.22
CA SER D 574 5.56 -8.44 84.73
C SER D 574 4.08 -8.72 84.64
N ARG D 575 3.31 -7.95 85.42
CA ARG D 575 1.87 -7.99 85.39
C ARG D 575 1.30 -9.40 85.41
N ASN D 576 1.72 -10.21 86.39
CA ASN D 576 1.08 -11.52 86.62
C ASN D 576 -0.04 -11.39 87.69
N LEU D 577 -0.97 -12.34 87.73
CA LEU D 577 -2.03 -12.33 88.71
C LEU D 577 -1.76 -13.31 89.84
N LEU D 578 -1.81 -12.79 91.06
CA LEU D 578 -1.63 -13.61 92.23
C LEU D 578 -2.88 -13.78 93.10
N ASP D 579 -3.73 -12.77 93.17
CA ASP D 579 -5.01 -12.91 93.87
C ASP D 579 -6.15 -12.38 92.99
N ASP D 580 -7.39 -12.72 93.35
CA ASP D 580 -8.57 -12.25 92.59
C ASP D 580 -9.54 -11.43 93.38
N THR D 581 -9.20 -11.17 94.64
CA THR D 581 -10.01 -10.44 95.59
C THR D 581 -9.15 -9.36 96.22
N GLY D 582 -9.71 -8.18 96.37
CA GLY D 582 -8.96 -7.07 97.00
C GLY D 582 -7.71 -6.74 96.19
N ILE D 583 -7.93 -6.64 94.88
CA ILE D 583 -6.83 -6.42 93.96
C ILE D 583 -6.99 -5.14 93.20
N ARG D 584 -8.09 -4.45 93.45
CA ARG D 584 -8.36 -3.21 92.78
C ARG D 584 -9.37 -2.42 93.55
N GLY D 585 -9.12 -1.11 93.64
CA GLY D 585 -9.99 -0.19 94.34
C GLY D 585 -9.66 1.25 94.07
N VAL D 586 -10.19 2.13 94.92
CA VAL D 586 -9.86 3.53 94.85
C VAL D 586 -9.66 4.06 96.23
N ALA D 587 -8.57 4.76 96.45
CA ALA D 587 -8.29 5.29 97.75
C ALA D 587 -8.35 6.81 97.67
N THR D 588 -8.48 7.46 98.83
CA THR D 588 -8.51 8.91 98.87
C THR D 588 -7.42 9.39 99.83
N LEU D 589 -6.41 10.07 99.28
CA LEU D 589 -5.32 10.59 100.09
C LEU D 589 -5.79 11.67 101.02
N VAL D 590 -5.13 11.74 102.15
CA VAL D 590 -5.42 12.74 103.13
C VAL D 590 -4.10 13.14 103.73
N ALA D 591 -3.66 14.37 103.41
CA ALA D 591 -2.39 14.84 103.88
C ALA D 591 -1.27 13.94 103.29
N GLY D 592 -1.35 13.77 101.98
CA GLY D 592 -0.36 13.01 101.22
C GLY D 592 -0.36 11.53 101.50
N GLU D 593 -1.33 11.03 102.24
CA GLU D 593 -1.29 9.60 102.60
C GLU D 593 -2.64 8.92 102.56
N ALA D 594 -2.57 7.60 102.42
CA ALA D 594 -3.73 6.74 102.48
C ALA D 594 -3.30 5.29 102.77
N THR D 595 -4.02 4.63 103.67
CA THR D 595 -3.78 3.22 104.02
C THR D 595 -4.85 2.38 103.35
N VAL D 596 -4.42 1.46 102.50
CA VAL D 596 -5.32 0.63 101.76
C VAL D 596 -5.19 -0.82 102.21
N ASN D 597 -6.34 -1.48 102.35
CA ASN D 597 -6.41 -2.88 102.65
C ASN D 597 -6.56 -3.56 101.36
N ALA D 598 -5.54 -4.30 100.99
CA ALA D 598 -5.62 -5.03 99.76
C ALA D 598 -4.75 -6.27 99.87
N ARG D 599 -4.98 -7.23 98.98
CA ARG D 599 -4.18 -8.44 98.98
C ARG D 599 -2.82 -8.20 98.33
N VAL D 600 -2.14 -7.15 98.77
CA VAL D 600 -0.78 -6.88 98.41
C VAL D 600 0.09 -7.89 99.13
N ARG D 601 1.15 -8.36 98.49
CA ARG D 601 1.98 -9.37 99.14
C ARG D 601 3.46 -9.14 98.89
N GLY D 602 4.27 -9.95 99.58
CA GLY D 602 5.72 -9.89 99.45
C GLY D 602 6.47 -10.75 100.45
N ASN D 603 7.73 -10.97 100.19
CA ASN D 603 8.62 -11.57 101.15
C ASN D 603 9.79 -10.63 101.22
N PHE D 604 10.21 -10.31 102.44
CA PHE D 604 11.39 -9.46 102.71
C PHE D 604 12.39 -10.19 103.61
N GLY D 605 12.19 -11.50 103.70
CA GLY D 605 13.11 -12.36 104.39
C GLY D 605 14.39 -12.53 103.60
N SER D 606 15.26 -13.40 104.05
CA SER D 606 16.54 -13.59 103.38
C SER D 606 17.04 -15.01 103.55
N VAL D 607 16.09 -15.93 103.70
CA VAL D 607 16.37 -17.33 103.76
C VAL D 607 16.96 -17.61 102.37
N ALA D 608 17.95 -18.50 102.28
CA ALA D 608 18.58 -18.80 100.97
C ALA D 608 17.57 -19.33 99.96
N ASN D 609 16.71 -20.26 100.37
CA ASN D 609 15.76 -20.82 99.43
C ASN D 609 14.50 -20.02 99.38
N SER D 610 14.62 -18.72 99.12
CA SER D 610 13.48 -17.82 98.93
C SER D 610 13.91 -16.58 98.10
N PHE D 611 12.93 -15.85 97.57
CA PHE D 611 13.21 -14.64 96.78
C PHE D 611 12.83 -13.48 97.63
N LYS D 612 13.48 -12.36 97.42
CA LYS D 612 13.01 -11.11 98.00
C LYS D 612 12.14 -10.42 96.92
N TRP D 613 10.86 -10.17 97.25
CA TRP D 613 9.87 -9.71 96.27
C TRP D 613 8.66 -9.04 96.85
N VAL D 614 7.96 -8.32 95.99
CA VAL D 614 6.74 -7.68 96.41
C VAL D 614 5.80 -7.47 95.22
N SER D 615 4.52 -7.34 95.50
CA SER D 615 3.51 -7.02 94.48
C SER D 615 3.84 -5.80 93.64
N GLU D 616 3.42 -5.80 92.37
CA GLU D 616 3.46 -4.57 91.61
C GLU D 616 2.11 -3.96 91.86
N VAL D 617 2.11 -2.75 92.36
CA VAL D 617 0.85 -2.01 92.51
C VAL D 617 0.82 -0.85 91.51
N LYS D 618 -0.11 -0.89 90.58
CA LYS D 618 -0.18 0.12 89.54
C LYS D 618 -1.01 1.24 90.12
N LEU D 619 -0.51 2.47 90.10
CA LEU D 619 -1.25 3.58 90.69
C LEU D 619 -1.64 4.59 89.64
N THR D 620 -2.91 4.99 89.60
CA THR D 620 -3.32 6.08 88.67
C THR D 620 -4.29 7.08 89.35
N ARG D 621 -4.09 8.36 89.08
CA ARG D 621 -4.85 9.42 89.78
C ARG D 621 -6.23 9.64 89.09
N LEU D 622 -7.27 9.89 89.87
CA LEU D 622 -8.61 10.09 89.31
C LEU D 622 -9.30 11.43 89.63
N THR D 623 -8.65 12.25 90.44
CA THR D 623 -9.10 13.61 90.70
C THR D 623 -7.84 14.39 90.71
N PHE D 624 -7.92 15.67 90.38
CA PHE D 624 -6.74 16.45 90.13
C PHE D 624 -6.63 17.72 90.97
N PRO D 625 -6.42 17.54 92.28
CA PRO D 625 -6.16 18.68 93.11
C PRO D 625 -4.85 19.34 92.77
N SER D 626 -4.77 20.62 93.10
CA SER D 626 -3.56 21.46 92.86
C SER D 626 -2.32 20.90 93.54
N SER D 627 -2.61 20.16 94.61
CA SER D 627 -1.66 19.54 95.53
C SER D 627 -1.17 18.14 95.04
N ALA D 628 -1.49 17.80 93.80
CA ALA D 628 -1.06 16.53 93.23
C ALA D 628 0.48 16.39 93.27
N GLY D 629 0.94 15.27 93.83
CA GLY D 629 2.37 15.04 93.95
C GLY D 629 2.66 13.70 93.32
N ALA D 630 3.92 13.28 93.35
CA ALA D 630 4.25 12.00 92.77
C ALA D 630 3.82 10.94 93.78
N LEU D 631 3.20 9.85 93.32
CA LEU D 631 2.75 8.78 94.23
C LEU D 631 3.79 7.67 94.35
N THR D 632 3.66 6.87 95.38
CA THR D 632 4.60 5.78 95.62
C THR D 632 3.96 4.83 96.59
N VAL D 633 4.44 3.61 96.63
CA VAL D 633 3.93 2.60 97.53
C VAL D 633 4.92 2.48 98.67
N THR D 634 4.44 2.29 99.88
CA THR D 634 5.29 2.08 101.05
C THR D 634 4.57 1.29 102.16
N SER D 635 5.26 1.06 103.26
CA SER D 635 4.66 0.39 104.44
C SER D 635 3.74 -0.77 104.10
N VAL D 636 4.33 -1.81 103.55
CA VAL D 636 3.54 -2.97 103.16
C VAL D 636 3.41 -3.86 104.38
N ALA D 637 2.18 -4.18 104.77
CA ALA D 637 1.92 -4.90 106.00
C ALA D 637 1.08 -6.10 105.73
N GLN D 638 1.57 -7.25 106.20
CA GLN D 638 0.94 -8.50 105.91
C GLN D 638 0.46 -9.14 107.19
N ASN D 639 -0.84 -9.23 107.29
CA ASN D 639 -1.51 -9.84 108.43
C ASN D 639 -0.93 -11.21 108.74
N GLN D 640 -0.75 -11.49 110.02
CA GLN D 640 -0.12 -12.76 110.42
C GLN D 640 -0.91 -13.55 111.47
N ASP D 641 -2.23 -13.38 111.46
CA ASP D 641 -3.14 -14.17 112.30
C ASP D 641 -2.74 -15.63 112.32
N VAL D 642 -3.15 -16.29 113.40
CA VAL D 642 -2.90 -17.74 113.63
C VAL D 642 -4.22 -18.44 114.02
N PRO D 643 -4.43 -19.69 113.57
CA PRO D 643 -3.52 -20.57 112.82
C PRO D 643 -3.23 -20.08 111.40
N THR D 644 -4.24 -19.45 110.77
CA THR D 644 -4.16 -19.04 109.37
C THR D 644 -4.31 -17.52 109.15
N PRO D 645 -3.39 -16.93 108.37
CA PRO D 645 -3.36 -15.52 108.09
C PRO D 645 -4.47 -15.10 107.19
N ASN D 646 -4.98 -13.91 107.45
CA ASN D 646 -6.05 -13.33 106.69
C ASN D 646 -5.54 -12.19 105.79
N PRO D 647 -5.19 -12.52 104.55
CA PRO D 647 -4.69 -11.61 103.54
C PRO D 647 -5.52 -10.39 103.29
N ASP D 648 -6.83 -10.46 103.55
CA ASP D 648 -7.68 -9.30 103.34
C ASP D 648 -7.36 -8.19 104.33
N LEU D 649 -6.61 -8.50 105.39
CA LEU D 649 -6.14 -7.46 106.29
C LEU D 649 -4.72 -7.01 106.01
N ASN D 650 -4.12 -7.50 104.92
CA ASN D 650 -2.82 -7.01 104.46
C ASN D 650 -3.10 -5.57 104.06
N SER D 651 -2.04 -4.77 103.97
CA SER D 651 -2.22 -3.38 103.62
C SER D 651 -0.96 -2.74 103.07
N PHE D 652 -1.16 -1.60 102.43
CA PHE D 652 -0.06 -0.82 101.96
C PHE D 652 -0.46 0.64 102.03
N VAL D 653 0.50 1.53 101.85
CA VAL D 653 0.26 2.95 101.98
C VAL D 653 0.72 3.65 100.74
N ILE D 654 -0.18 4.43 100.16
CA ILE D 654 0.11 5.31 99.05
C ILE D 654 0.49 6.70 99.61
N ARG D 655 1.74 7.06 99.35
CA ARG D 655 2.29 8.33 99.81
C ARG D 655 2.57 9.25 98.64
N SER D 656 2.15 10.51 98.77
CA SER D 656 2.39 11.54 97.76
C SER D 656 3.61 12.37 98.12
N SER D 657 4.29 12.91 97.12
CA SER D 657 5.52 13.70 97.34
C SER D 657 5.12 15.00 97.97
N ASN D 658 3.90 15.40 97.64
CA ASN D 658 3.35 16.62 98.16
C ASN D 658 2.58 16.26 99.41
N ALA D 659 3.00 16.77 100.56
CA ALA D 659 2.30 16.47 101.84
C ALA D 659 0.83 16.96 101.95
N ALA D 660 0.38 17.77 101.00
CA ALA D 660 -0.96 18.32 100.99
C ALA D 660 -1.87 17.57 100.04
N ASP D 661 -1.37 16.55 99.37
CA ASP D 661 -2.15 15.86 98.33
C ASP D 661 -3.45 15.27 98.89
N VAL D 662 -4.53 15.42 98.13
CA VAL D 662 -5.83 14.86 98.52
C VAL D 662 -6.47 14.01 97.40
N SER D 663 -5.63 13.62 96.44
CA SER D 663 -6.03 12.96 95.21
C SER D 663 -6.80 11.71 95.45
N GLN D 664 -7.64 11.35 94.51
CA GLN D 664 -8.32 10.05 94.54
C GLN D 664 -7.51 9.14 93.66
N VAL D 665 -6.90 8.12 94.24
CA VAL D 665 -5.99 7.28 93.49
C VAL D 665 -6.56 5.90 93.25
N ALA D 666 -6.50 5.46 92.01
CA ALA D 666 -6.97 4.14 91.63
C ALA D 666 -5.81 3.15 91.70
N TRP D 667 -6.02 1.97 92.31
CA TRP D 667 -4.94 1.00 92.48
C TRP D 667 -5.30 -0.38 92.02
N GLU D 668 -4.30 -1.10 91.55
CA GLU D 668 -4.41 -2.47 91.04
C GLU D 668 -3.22 -3.28 91.50
N VAL D 669 -3.47 -4.49 91.98
CA VAL D 669 -2.41 -5.29 92.51
C VAL D 669 -2.07 -6.43 91.62
N TYR D 670 -0.79 -6.48 91.28
CA TYR D 670 -0.29 -7.50 90.39
C TYR D 670 0.80 -8.33 91.03
N LEU D 671 1.48 -9.07 90.18
CA LEU D 671 2.74 -9.67 90.54
C LEU D 671 3.81 -9.41 89.41
N PRO E 29 -20.95 -83.82 26.96
CA PRO E 29 -21.08 -84.45 28.29
C PRO E 29 -21.78 -83.51 29.29
N GLU E 30 -21.31 -82.28 29.22
CA GLU E 30 -21.75 -81.14 29.95
C GLU E 30 -23.22 -80.90 29.66
N ARG E 31 -23.93 -80.41 30.67
CA ARG E 31 -25.31 -79.99 30.51
C ARG E 31 -25.29 -78.48 30.48
N VAL E 32 -25.85 -77.89 29.43
CA VAL E 32 -25.79 -76.45 29.28
C VAL E 32 -27.13 -75.83 28.96
N PHE E 33 -27.51 -74.81 29.74
CA PHE E 33 -28.77 -74.08 29.54
C PHE E 33 -28.51 -72.59 29.27
N SER E 34 -29.40 -71.99 28.48
CA SER E 34 -29.28 -70.57 28.12
C SER E 34 -30.00 -69.70 29.17
N ASP E 35 -31.13 -70.19 29.69
CA ASP E 35 -31.94 -69.46 30.67
C ASP E 35 -32.06 -70.22 31.99
N LEU E 36 -32.22 -69.49 33.10
CA LEU E 36 -32.47 -70.07 34.43
C LEU E 36 -33.65 -71.06 34.42
N ALA E 37 -34.84 -70.57 34.09
CA ALA E 37 -36.06 -71.39 34.12
C ALA E 37 -35.80 -72.83 33.62
N SER E 38 -35.02 -72.95 32.54
CA SER E 38 -34.70 -74.27 31.95
C SER E 38 -33.75 -75.08 32.82
N MET E 39 -32.71 -74.43 33.36
CA MET E 39 -31.78 -75.10 34.29
C MET E 39 -32.47 -75.61 35.55
N VAL E 40 -33.38 -74.85 36.11
CA VAL E 40 -34.03 -75.29 37.34
C VAL E 40 -35.07 -76.37 37.09
N ALA E 41 -35.36 -76.63 35.83
CA ALA E 41 -36.41 -77.57 35.47
C ALA E 41 -35.89 -79.00 35.35
N TYR E 42 -34.85 -79.20 34.54
CA TYR E 42 -34.27 -80.52 34.27
C TYR E 42 -34.32 -81.47 35.49
N PRO E 43 -34.85 -82.70 35.31
CA PRO E 43 -34.93 -83.64 36.45
C PRO E 43 -33.84 -84.73 36.54
N ASN E 44 -32.90 -84.74 35.60
CA ASN E 44 -31.84 -85.78 35.53
C ASN E 44 -30.52 -85.45 36.20
N PHE E 45 -30.48 -84.35 36.95
CA PHE E 45 -29.19 -83.94 37.47
C PHE E 45 -28.62 -85.02 38.39
N GLN E 46 -27.33 -85.27 38.22
CA GLN E 46 -26.60 -86.23 39.01
C GLN E 46 -25.28 -85.63 39.43
N VAL E 47 -24.87 -85.95 40.64
CA VAL E 47 -23.65 -85.40 41.29
C VAL E 47 -22.36 -85.24 40.46
N GLN E 48 -22.27 -85.91 39.31
CA GLN E 48 -21.06 -85.84 38.49
C GLN E 48 -21.22 -85.02 37.21
N ASP E 49 -22.44 -84.51 36.94
CA ASP E 49 -22.72 -83.75 35.71
C ASP E 49 -21.92 -82.49 35.75
N LYS E 50 -21.68 -81.91 34.59
CA LYS E 50 -21.08 -80.61 34.53
C LYS E 50 -22.16 -79.65 34.05
N ILE E 51 -22.54 -78.68 34.88
CA ILE E 51 -23.65 -77.77 34.57
C ILE E 51 -23.18 -76.35 34.33
N THR E 52 -23.71 -75.72 33.29
CA THR E 52 -23.39 -74.33 33.03
C THR E 52 -24.60 -73.55 32.57
N LEU E 53 -24.65 -72.30 33.04
CA LEU E 53 -25.71 -71.36 32.67
C LEU E 53 -25.11 -70.19 31.90
N LEU E 54 -25.76 -69.84 30.80
CA LEU E 54 -25.31 -68.75 29.94
C LEU E 54 -26.19 -67.54 30.17
N GLY E 55 -25.58 -66.37 30.06
CA GLY E 55 -26.33 -65.12 30.06
C GLY E 55 -25.89 -64.16 31.16
N SER E 56 -26.87 -63.50 31.73
CA SER E 56 -26.64 -62.52 32.80
C SER E 56 -26.22 -63.19 34.14
N ALA E 57 -27.15 -63.98 34.72
CA ALA E 57 -26.89 -64.75 35.94
C ALA E 57 -25.85 -65.86 35.68
N GLY E 58 -25.53 -66.07 34.40
CA GLY E 58 -24.61 -67.12 33.95
C GLY E 58 -23.53 -67.56 34.93
N GLY E 59 -23.10 -68.82 34.80
CA GLY E 59 -22.13 -69.41 35.71
C GLY E 59 -22.09 -70.92 35.63
N ASP E 60 -21.32 -71.53 36.54
CA ASP E 60 -21.02 -72.96 36.53
C ASP E 60 -21.47 -73.60 37.84
N PHE E 61 -22.33 -74.62 37.74
CA PHE E 61 -22.95 -75.22 38.92
C PHE E 61 -22.59 -76.67 39.19
N THR E 62 -22.85 -77.08 40.42
CA THR E 62 -22.59 -78.42 40.83
C THR E 62 -23.85 -78.94 41.45
N PHE E 63 -24.25 -80.16 41.09
CA PHE E 63 -25.45 -80.73 41.67
C PHE E 63 -25.14 -81.40 42.99
N THR E 64 -26.16 -81.52 43.83
CA THR E 64 -26.00 -82.20 45.08
C THR E 64 -27.33 -82.42 45.75
N THR E 65 -27.30 -83.29 46.76
CA THR E 65 -28.48 -83.60 47.62
C THR E 65 -28.24 -83.18 49.10
N THR E 66 -26.96 -83.03 49.45
CA THR E 66 -26.53 -82.35 50.68
C THR E 66 -27.41 -81.10 50.93
N ALA E 67 -28.56 -81.29 51.60
CA ALA E 67 -29.49 -80.18 51.93
C ALA E 67 -28.76 -78.84 52.18
N SER E 68 -29.21 -77.81 51.44
CA SER E 68 -28.64 -76.45 51.46
C SER E 68 -29.74 -75.41 51.58
N VAL E 69 -29.32 -74.19 51.87
CA VAL E 69 -30.25 -73.09 52.00
C VAL E 69 -30.43 -72.41 50.65
N VAL E 70 -31.64 -72.49 50.11
CA VAL E 70 -31.96 -71.90 48.81
C VAL E 70 -32.05 -70.37 48.86
N ASP E 71 -31.25 -69.67 48.01
CA ASP E 71 -31.36 -68.19 47.92
C ASP E 71 -31.66 -67.68 46.52
N ASN E 72 -31.80 -68.62 45.60
CA ASN E 72 -31.97 -68.32 44.21
C ASN E 72 -30.96 -67.36 43.64
N GLY E 73 -29.71 -67.53 44.03
CA GLY E 73 -28.60 -66.77 43.48
C GLY E 73 -27.36 -67.64 43.38
N THR E 74 -27.03 -68.25 44.51
CA THR E 74 -25.92 -69.16 44.67
C THR E 74 -26.38 -70.59 44.96
N VAL E 75 -27.59 -70.74 45.50
CA VAL E 75 -28.17 -72.04 45.75
C VAL E 75 -29.59 -72.10 45.20
N PHE E 76 -29.81 -73.02 44.26
CA PHE E 76 -31.12 -73.21 43.64
C PHE E 76 -31.63 -74.60 43.95
N ALA E 77 -32.93 -74.71 44.18
CA ALA E 77 -33.55 -76.00 44.35
C ALA E 77 -33.97 -76.45 42.99
N VAL E 78 -33.71 -77.72 42.72
CA VAL E 78 -34.20 -78.38 41.51
C VAL E 78 -34.71 -79.78 41.85
N PRO E 79 -35.48 -80.40 40.93
CA PRO E 79 -35.90 -81.81 41.06
C PRO E 79 -34.78 -82.77 41.45
N GLY E 80 -34.83 -83.21 42.71
CA GLY E 80 -33.89 -84.20 43.25
C GLY E 80 -32.97 -83.63 44.28
N GLY E 81 -32.84 -82.31 44.35
CA GLY E 81 -31.85 -81.71 45.24
C GLY E 81 -31.57 -80.27 44.92
N TYR E 82 -30.27 -79.93 44.88
CA TYR E 82 -29.79 -78.54 44.75
C TYR E 82 -28.71 -78.29 43.69
N LEU E 83 -28.74 -77.07 43.14
CA LEU E 83 -27.69 -76.54 42.29
C LEU E 83 -26.94 -75.49 43.09
N LEU E 84 -25.63 -75.71 43.25
CA LEU E 84 -24.74 -74.79 43.89
C LEU E 84 -23.85 -74.10 42.86
N ARG E 85 -23.76 -72.79 42.93
CA ARG E 85 -22.97 -72.01 41.99
C ARG E 85 -21.64 -72.09 42.59
N LYS E 86 -20.64 -72.27 41.73
CA LYS E 86 -19.24 -72.36 42.17
C LYS E 86 -18.47 -71.19 41.60
N PHE E 87 -17.74 -70.53 42.47
CA PHE E 87 -17.16 -69.25 42.08
C PHE E 87 -16.20 -68.75 43.12
N VAL E 88 -15.35 -67.86 42.65
CA VAL E 88 -14.39 -67.20 43.51
C VAL E 88 -14.76 -65.76 43.47
N GLY E 89 -14.28 -65.03 44.45
CA GLY E 89 -14.63 -63.66 44.51
C GLY E 89 -16.02 -63.42 45.05
N PRO E 90 -16.51 -62.22 44.80
CA PRO E 90 -17.77 -61.81 45.37
C PRO E 90 -18.93 -62.26 44.53
N ALA E 91 -20.10 -62.29 45.19
CA ALA E 91 -21.34 -62.62 44.51
C ALA E 91 -22.03 -61.34 44.09
N TYR E 92 -22.95 -61.41 43.16
CA TYR E 92 -23.50 -60.19 42.62
C TYR E 92 -24.96 -60.18 42.81
N SER E 93 -25.52 -59.05 43.18
CA SER E 93 -26.96 -58.99 43.30
C SER E 93 -27.65 -59.40 42.05
N SER E 94 -27.08 -59.11 40.90
CA SER E 94 -27.78 -59.49 39.65
C SER E 94 -28.09 -60.98 39.53
N TRP E 95 -27.42 -61.77 40.32
CA TRP E 95 -27.52 -63.23 40.27
C TRP E 95 -28.81 -63.71 40.93
N PHE E 96 -29.36 -62.89 41.80
CA PHE E 96 -30.51 -63.24 42.63
C PHE E 96 -31.92 -62.94 42.04
N SER E 97 -32.82 -63.89 42.24
CA SER E 97 -34.20 -63.77 41.82
C SER E 97 -34.95 -62.73 42.62
N ASN E 98 -34.65 -62.54 43.90
CA ASN E 98 -35.28 -61.42 44.58
C ASN E 98 -34.71 -61.09 45.92
N TRP E 99 -35.08 -59.93 46.43
CA TRP E 99 -34.53 -59.44 47.70
C TRP E 99 -34.51 -60.43 48.83
N THR E 100 -35.47 -61.35 48.87
CA THR E 100 -35.49 -62.31 49.99
C THR E 100 -34.26 -63.18 49.96
N GLY E 101 -33.80 -63.56 48.77
CA GLY E 101 -32.62 -64.42 48.67
C GLY E 101 -31.36 -63.63 49.00
N ILE E 102 -31.40 -62.33 48.74
CA ILE E 102 -30.25 -61.54 49.07
C ILE E 102 -30.15 -61.52 50.58
N VAL E 103 -31.24 -61.21 51.23
CA VAL E 103 -31.26 -61.23 52.66
C VAL E 103 -30.75 -62.60 53.26
N THR E 104 -31.24 -63.72 52.67
CA THR E 104 -30.85 -65.08 53.05
C THR E 104 -29.34 -65.14 52.88
N PHE E 105 -28.83 -64.72 51.71
CA PHE E 105 -27.42 -64.87 51.38
C PHE E 105 -26.56 -64.16 52.38
N MET E 106 -27.01 -62.97 52.76
CA MET E 106 -26.21 -62.15 53.69
C MET E 106 -26.36 -62.56 55.15
N SER E 107 -27.37 -63.40 55.42
CA SER E 107 -27.69 -63.78 56.83
C SER E 107 -26.57 -64.62 57.48
N ALA E 108 -25.60 -65.04 56.66
CA ALA E 108 -24.42 -65.78 57.12
C ALA E 108 -23.20 -64.87 57.19
N PRO E 109 -22.21 -65.28 57.97
CA PRO E 109 -20.97 -64.50 58.01
C PRO E 109 -20.06 -64.89 56.85
N ASN E 110 -18.98 -64.16 56.71
CA ASN E 110 -18.00 -64.40 55.64
C ASN E 110 -18.67 -64.29 54.29
N ARG E 111 -19.33 -63.16 54.02
CA ARG E 111 -20.04 -62.96 52.76
C ARG E 111 -19.66 -61.66 52.08
N HIS E 112 -19.42 -61.73 50.77
CA HIS E 112 -19.06 -60.58 49.99
C HIS E 112 -20.08 -60.51 48.86
N LEU E 113 -20.81 -59.41 48.86
CA LEU E 113 -21.78 -59.18 47.84
C LEU E 113 -21.63 -57.85 47.19
N VAL E 114 -21.68 -57.87 45.89
CA VAL E 114 -21.68 -56.62 45.13
C VAL E 114 -23.09 -56.32 44.69
N VAL E 115 -23.57 -55.19 45.14
CA VAL E 115 -24.87 -54.72 44.71
C VAL E 115 -24.69 -54.04 43.35
N ASP E 116 -24.94 -54.74 42.25
CA ASP E 116 -24.81 -54.21 40.95
C ASP E 116 -26.16 -53.93 40.23
N THR E 117 -27.25 -53.91 41.01
CA THR E 117 -28.59 -53.69 40.46
C THR E 117 -29.45 -52.86 41.41
N VAL E 118 -30.65 -52.50 40.99
CA VAL E 118 -31.55 -51.72 41.84
C VAL E 118 -32.46 -52.64 42.66
N LEU E 119 -32.29 -52.68 43.96
CA LEU E 119 -32.95 -53.67 44.75
C LEU E 119 -34.07 -53.02 45.44
N GLN E 120 -35.20 -53.75 45.43
CA GLN E 120 -36.36 -53.30 46.20
C GLN E 120 -36.58 -54.04 47.51
N ALA E 121 -36.17 -53.41 48.60
CA ALA E 121 -36.36 -54.05 49.91
C ALA E 121 -37.82 -54.14 50.35
N THR E 122 -38.10 -55.29 50.96
CA THR E 122 -39.35 -55.62 51.64
C THR E 122 -39.07 -56.17 53.07
N SER E 123 -37.85 -55.99 53.56
CA SER E 123 -37.50 -56.39 54.89
C SER E 123 -36.21 -55.72 55.27
N VAL E 124 -35.75 -55.96 56.48
CA VAL E 124 -34.40 -55.57 56.89
C VAL E 124 -33.30 -56.51 56.33
N LEU E 125 -32.14 -55.97 55.94
CA LEU E 125 -30.99 -56.81 55.56
C LEU E 125 -29.97 -56.85 56.68
N ASN E 126 -29.75 -58.04 57.21
CA ASN E 126 -28.78 -58.19 58.27
C ASN E 126 -27.45 -58.56 57.69
N ILE E 127 -26.43 -57.82 58.11
CA ILE E 127 -25.06 -58.14 57.74
C ILE E 127 -24.37 -58.82 58.94
N LYS E 128 -23.70 -59.93 58.71
CA LYS E 128 -23.01 -60.60 59.78
C LYS E 128 -21.44 -60.49 59.65
N SER E 129 -20.73 -61.03 60.62
CA SER E 129 -19.29 -60.91 60.67
C SER E 129 -18.54 -61.25 59.40
N ASN E 130 -17.41 -60.54 59.24
CA ASN E 130 -16.45 -60.64 58.14
C ASN E 130 -17.07 -60.57 56.81
N SER E 131 -17.95 -59.61 56.64
CA SER E 131 -18.67 -59.48 55.39
C SER E 131 -18.53 -58.12 54.80
N THR E 132 -18.82 -58.06 53.53
CA THR E 132 -18.67 -56.85 52.77
C THR E 132 -19.79 -56.67 51.82
N LEU E 133 -20.35 -55.46 51.83
CA LEU E 133 -21.45 -55.11 50.92
C LEU E 133 -20.86 -54.03 50.15
N GLU E 134 -20.75 -54.22 48.86
CA GLU E 134 -20.14 -53.22 47.95
C GLU E 134 -21.07 -52.84 46.79
N PHE E 135 -21.31 -51.57 46.63
CA PHE E 135 -22.30 -51.09 45.67
C PHE E 135 -21.57 -50.58 44.45
N THR E 136 -22.06 -50.89 43.28
CA THR E 136 -21.50 -50.32 42.06
C THR E 136 -22.24 -48.98 41.80
N ASP E 137 -21.83 -48.22 40.80
CA ASP E 137 -22.42 -46.89 40.59
C ASP E 137 -23.93 -46.94 40.25
N THR E 138 -24.39 -48.10 39.83
CA THR E 138 -25.78 -48.30 39.48
C THR E 138 -26.58 -48.99 40.60
N GLY E 139 -25.89 -49.63 41.54
CA GLY E 139 -26.58 -50.36 42.60
C GLY E 139 -27.23 -49.48 43.64
N ARG E 140 -28.49 -49.77 43.93
CA ARG E 140 -29.24 -49.03 44.98
C ARG E 140 -29.99 -50.04 45.85
N ILE E 141 -30.38 -49.58 47.02
CA ILE E 141 -31.39 -50.27 47.82
C ILE E 141 -32.47 -49.29 48.09
N LEU E 142 -33.62 -49.47 47.43
CA LEU E 142 -34.81 -48.67 47.70
C LEU E 142 -35.66 -49.30 48.79
N PRO E 143 -35.91 -48.56 49.88
CA PRO E 143 -36.76 -49.04 50.96
C PRO E 143 -38.16 -49.36 50.51
N ASP E 144 -38.94 -50.01 51.35
CA ASP E 144 -40.30 -50.37 51.01
C ASP E 144 -41.18 -49.19 51.24
N ALA E 145 -42.03 -48.90 50.27
CA ALA E 145 -42.96 -47.74 50.37
C ALA E 145 -44.13 -48.13 51.28
N ALA E 146 -44.41 -49.43 51.39
CA ALA E 146 -45.51 -49.92 52.22
C ALA E 146 -45.32 -49.57 53.65
N VAL E 147 -44.16 -49.87 54.20
CA VAL E 147 -43.83 -49.53 55.61
C VAL E 147 -42.49 -48.89 55.73
N ALA E 148 -42.41 -47.91 56.59
CA ALA E 148 -41.13 -47.34 56.92
C ALA E 148 -40.42 -48.27 57.89
N ARG E 149 -39.45 -49.06 57.40
CA ARG E 149 -38.64 -49.84 58.33
C ARG E 149 -37.13 -49.54 58.26
N GLN E 150 -36.33 -50.43 58.84
CA GLN E 150 -34.90 -50.28 58.89
C GLN E 150 -34.32 -50.90 57.69
N VAL E 151 -33.18 -50.38 57.25
CA VAL E 151 -32.64 -50.88 55.98
C VAL E 151 -31.50 -51.91 56.17
N LEU E 152 -30.42 -51.48 56.82
CA LEU E 152 -29.37 -52.40 57.13
C LEU E 152 -29.21 -52.47 58.62
N ASN E 153 -28.96 -53.69 59.09
CA ASN E 153 -28.63 -53.97 60.49
C ASN E 153 -27.32 -54.74 60.61
N ILE E 154 -26.46 -54.21 61.46
CA ILE E 154 -25.29 -54.94 61.86
C ILE E 154 -25.42 -55.12 63.35
N THR E 155 -25.95 -56.24 63.78
CA THR E 155 -26.37 -56.34 65.17
C THR E 155 -25.70 -57.50 65.87
N GLY E 156 -24.98 -57.17 66.91
CA GLY E 156 -24.55 -58.15 67.88
C GLY E 156 -25.56 -58.24 69.00
N SER E 157 -25.11 -58.56 70.21
CA SER E 157 -26.04 -58.70 71.32
C SER E 157 -25.33 -58.56 72.60
N ALA E 158 -26.01 -58.01 73.59
CA ALA E 158 -25.42 -57.86 74.89
C ALA E 158 -25.22 -59.26 75.50
N PRO E 159 -24.43 -59.34 76.60
CA PRO E 159 -24.18 -60.65 77.19
C PRO E 159 -25.42 -61.17 77.89
N SER E 160 -25.64 -62.47 77.82
CA SER E 160 -26.80 -63.08 78.49
C SER E 160 -26.62 -63.25 80.00
N VAL E 161 -25.38 -63.36 80.45
CA VAL E 161 -25.07 -63.51 81.87
C VAL E 161 -23.81 -62.71 82.20
N PHE E 162 -23.75 -62.09 83.37
CA PHE E 162 -22.56 -61.40 83.90
C PHE E 162 -21.97 -62.14 85.11
N VAL E 163 -20.66 -62.01 85.33
CA VAL E 163 -20.00 -62.55 86.55
C VAL E 163 -19.37 -61.35 87.23
N PRO E 164 -19.28 -61.30 88.56
CA PRO E 164 -18.57 -60.13 89.10
C PRO E 164 -17.05 -60.19 88.91
N LEU E 165 -16.41 -59.03 89.05
CA LEU E 165 -14.98 -58.97 89.01
C LEU E 165 -14.48 -59.57 90.32
N ALA E 166 -13.33 -60.21 90.30
CA ALA E 166 -12.78 -60.75 91.55
C ALA E 166 -12.21 -59.65 92.39
N ALA E 167 -11.69 -58.59 91.76
CA ALA E 167 -11.14 -57.46 92.52
C ALA E 167 -11.36 -56.15 91.80
N ASP E 168 -11.42 -55.04 92.53
CA ASP E 168 -11.45 -53.74 91.87
C ASP E 168 -10.42 -53.60 90.78
N ALA E 169 -10.73 -52.78 89.80
CA ALA E 169 -9.84 -52.52 88.69
C ALA E 169 -9.84 -51.01 88.44
N ALA E 170 -8.68 -50.40 88.59
CA ALA E 170 -8.61 -48.98 88.41
C ALA E 170 -8.49 -48.58 86.96
N ALA E 171 -8.77 -47.30 86.70
CA ALA E 171 -8.56 -46.74 85.37
C ALA E 171 -7.10 -46.94 85.15
N GLY E 172 -6.75 -47.59 84.05
CA GLY E 172 -5.36 -47.82 83.73
C GLY E 172 -5.02 -49.28 83.68
N SER E 173 -5.88 -50.08 84.28
CA SER E 173 -5.67 -51.52 84.30
C SER E 173 -5.56 -52.09 82.94
N LYS E 174 -4.53 -52.88 82.75
CA LYS E 174 -4.43 -53.70 81.58
C LYS E 174 -5.15 -55.03 81.79
N VAL E 175 -5.39 -55.37 83.05
CA VAL E 175 -5.89 -56.70 83.42
C VAL E 175 -7.07 -56.63 84.34
N ILE E 176 -8.04 -57.50 84.10
CA ILE E 176 -9.13 -57.68 85.07
C ILE E 176 -9.23 -59.16 85.47
N THR E 177 -9.62 -59.37 86.73
CA THR E 177 -9.72 -60.66 87.30
C THR E 177 -11.14 -61.11 87.65
N VAL E 178 -11.42 -62.37 87.35
CA VAL E 178 -12.62 -63.03 87.84
C VAL E 178 -12.24 -64.36 88.47
N ALA E 179 -13.20 -64.89 89.22
CA ALA E 179 -13.02 -66.18 89.86
C ALA E 179 -12.79 -67.19 88.75
N ALA E 180 -11.80 -68.05 88.93
CA ALA E 180 -11.46 -69.05 87.94
C ALA E 180 -12.71 -69.89 87.62
N GLY E 181 -12.86 -70.29 86.36
CA GLY E 181 -14.04 -71.05 85.91
C GLY E 181 -15.28 -70.20 85.73
N ALA E 182 -15.23 -68.95 86.17
CA ALA E 182 -16.39 -68.05 86.19
C ALA E 182 -16.99 -67.79 84.84
N LEU E 183 -16.13 -67.56 83.85
CA LEU E 183 -16.56 -67.44 82.46
C LEU E 183 -15.42 -67.89 81.58
N SER E 184 -15.67 -68.29 80.35
CA SER E 184 -14.55 -68.62 79.48
C SER E 184 -14.09 -67.43 78.59
N ALA E 185 -12.92 -66.85 78.92
CA ALA E 185 -12.36 -65.73 78.13
C ALA E 185 -11.55 -66.21 76.94
N VAL E 186 -12.17 -66.27 75.78
CA VAL E 186 -11.49 -66.75 74.59
C VAL E 186 -10.70 -65.61 73.92
N LYS E 187 -9.40 -65.82 73.73
CA LYS E 187 -8.54 -64.82 73.13
C LYS E 187 -9.02 -64.45 71.73
N GLY E 188 -9.09 -63.14 71.49
CA GLY E 188 -9.57 -62.62 70.22
C GLY E 188 -11.02 -62.22 70.24
N THR E 189 -11.75 -62.58 71.28
CA THR E 189 -13.16 -62.24 71.44
C THR E 189 -13.30 -61.14 72.47
N TYR E 190 -14.53 -60.67 72.68
CA TYR E 190 -14.72 -59.41 73.43
C TYR E 190 -15.36 -59.69 74.74
N LEU E 191 -15.36 -58.69 75.62
CA LEU E 191 -16.02 -58.74 76.91
C LEU E 191 -16.74 -57.40 77.09
N TYR E 192 -17.88 -57.41 77.79
CA TYR E 192 -18.59 -56.17 78.13
C TYR E 192 -18.45 -55.97 79.62
N LEU E 193 -17.98 -54.86 80.10
CA LEU E 193 -17.93 -54.63 81.54
C LEU E 193 -18.89 -53.55 81.91
N ARG E 194 -19.43 -53.57 83.11
CA ARG E 194 -20.15 -52.42 83.59
C ARG E 194 -20.22 -52.40 85.10
N SER E 195 -20.59 -51.26 85.66
CA SER E 195 -20.73 -51.07 87.09
C SER E 195 -21.88 -50.08 87.27
N ASN E 196 -22.16 -49.69 88.49
CA ASN E 196 -23.23 -48.77 88.73
C ASN E 196 -22.66 -47.41 88.87
N LYS E 197 -21.36 -47.27 88.60
CA LYS E 197 -20.75 -45.94 88.59
C LYS E 197 -21.45 -45.16 87.49
N LEU E 198 -21.67 -43.88 87.73
CA LEU E 198 -22.28 -43.02 86.72
C LEU E 198 -21.27 -42.50 85.72
N CYS E 199 -21.67 -42.47 84.45
CA CYS E 199 -20.87 -41.88 83.39
C CYS E 199 -20.46 -40.49 83.82
N ASP E 200 -19.18 -40.15 83.66
CA ASP E 200 -18.63 -38.86 84.16
C ASP E 200 -18.29 -37.78 83.04
N GLY E 201 -18.46 -38.13 81.77
CA GLY E 201 -18.13 -37.22 80.67
C GLY E 201 -18.80 -35.86 80.75
N GLY E 202 -20.05 -35.85 81.15
CA GLY E 202 -20.79 -34.61 81.26
C GLY E 202 -21.72 -34.68 82.43
N PRO E 203 -22.66 -33.74 82.50
CA PRO E 203 -23.66 -33.68 83.57
C PRO E 203 -24.48 -34.97 83.81
N ASN E 204 -24.66 -35.77 82.78
CA ASN E 204 -25.36 -37.04 82.89
C ASN E 204 -26.69 -37.04 83.60
N THR E 205 -27.58 -36.12 83.26
CA THR E 205 -28.85 -36.04 83.95
C THR E 205 -29.75 -37.28 83.88
N TYR E 206 -29.65 -38.11 82.87
CA TYR E 206 -30.40 -39.35 82.95
C TYR E 206 -29.76 -40.42 83.89
N GLY E 207 -28.61 -40.10 84.50
CA GLY E 207 -27.85 -41.04 85.33
C GLY E 207 -27.58 -42.30 84.56
N VAL E 208 -26.92 -42.18 83.41
CA VAL E 208 -26.53 -43.36 82.64
C VAL E 208 -25.35 -44.01 83.31
N LYS E 209 -25.25 -45.33 83.21
CA LYS E 209 -24.17 -46.02 83.94
C LYS E 209 -23.01 -46.44 83.06
N ILE E 210 -21.86 -46.66 83.68
CA ILE E 210 -20.66 -46.94 82.93
C ILE E 210 -20.66 -48.32 82.37
N SER E 211 -19.99 -48.47 81.22
CA SER E 211 -19.83 -49.71 80.54
C SER E 211 -18.78 -49.60 79.46
N GLN E 212 -18.05 -50.68 79.12
CA GLN E 212 -17.02 -50.60 78.11
C GLN E 212 -16.91 -51.92 77.38
N ILE E 213 -16.46 -51.88 76.13
CA ILE E 213 -16.17 -53.11 75.43
C ILE E 213 -14.63 -53.26 75.23
N ARG E 214 -14.11 -54.44 75.52
CA ARG E 214 -12.66 -54.68 75.48
C ARG E 214 -12.42 -56.02 74.84
N LYS E 215 -11.21 -56.22 74.31
CA LYS E 215 -10.88 -57.50 73.64
C LYS E 215 -9.94 -58.33 74.50
N VAL E 216 -10.13 -59.63 74.49
CA VAL E 216 -9.27 -60.50 75.26
C VAL E 216 -8.03 -60.81 74.43
N VAL E 217 -6.88 -60.39 74.93
CA VAL E 217 -5.62 -60.63 74.22
C VAL E 217 -4.73 -61.61 74.96
N GLY E 218 -4.97 -61.76 76.26
CA GLY E 218 -4.26 -62.73 77.03
C GLY E 218 -5.03 -63.19 78.26
N VAL E 219 -4.88 -64.47 78.60
CA VAL E 219 -5.56 -65.08 79.75
C VAL E 219 -4.75 -66.11 80.49
N SER E 220 -4.76 -66.00 81.82
CA SER E 220 -4.03 -66.92 82.70
C SER E 220 -4.75 -67.12 84.06
N THR E 221 -4.95 -68.38 84.44
CA THR E 221 -5.47 -68.72 85.79
C THR E 221 -4.36 -69.04 86.78
N SER E 222 -4.55 -68.61 88.01
CA SER E 222 -3.57 -68.79 89.07
C SER E 222 -4.17 -68.49 90.47
N GLY E 223 -4.19 -69.48 91.37
CA GLY E 223 -4.71 -69.25 92.73
C GLY E 223 -6.23 -69.12 92.74
N GLY E 224 -6.90 -69.80 91.82
CA GLY E 224 -8.35 -69.69 91.69
C GLY E 224 -8.80 -68.33 91.14
N VAL E 225 -7.87 -67.61 90.54
CA VAL E 225 -8.22 -66.35 89.94
C VAL E 225 -7.75 -66.34 88.53
N THR E 226 -8.67 -65.98 87.64
CA THR E 226 -8.31 -65.79 86.26
C THR E 226 -8.00 -64.31 86.02
N SER E 227 -6.91 -64.05 85.29
CA SER E 227 -6.53 -62.70 84.96
C SER E 227 -6.65 -62.60 83.47
N ILE E 228 -7.47 -61.63 83.05
CA ILE E 228 -7.70 -61.39 81.64
C ILE E 228 -7.03 -60.09 81.26
N ARG E 229 -6.16 -60.22 80.25
CA ARG E 229 -5.48 -59.09 79.68
C ARG E 229 -6.35 -58.58 78.56
N LEU E 230 -6.58 -57.28 78.63
CA LEU E 230 -7.32 -56.52 77.64
C LEU E 230 -6.40 -55.82 76.62
N ASP E 231 -6.93 -55.68 75.39
CA ASP E 231 -6.26 -54.94 74.29
C ASP E 231 -5.97 -53.52 74.66
N LYS E 232 -6.94 -52.83 75.26
CA LYS E 232 -6.78 -51.43 75.68
C LYS E 232 -7.02 -51.34 77.17
N THR E 233 -6.52 -50.34 77.82
CA THR E 233 -6.77 -50.27 79.24
C THR E 233 -8.17 -49.69 79.59
N LEU E 234 -8.54 -49.79 80.87
CA LEU E 234 -9.84 -49.35 81.33
C LEU E 234 -9.86 -47.84 81.42
N HIS E 235 -11.04 -47.24 81.24
CA HIS E 235 -11.17 -45.79 81.30
C HIS E 235 -12.01 -45.27 82.42
N TYR E 236 -12.39 -46.16 83.33
CA TYR E 236 -13.10 -45.77 84.56
C TYR E 236 -12.57 -46.61 85.68
N ASN E 237 -13.01 -46.35 86.91
CA ASN E 237 -12.79 -47.28 88.05
C ASN E 237 -13.92 -48.28 88.19
N TYR E 238 -13.63 -49.53 87.93
CA TYR E 238 -14.60 -50.61 88.22
C TYR E 238 -14.35 -51.11 89.64
N TYR E 239 -15.23 -50.72 90.55
CA TYR E 239 -15.15 -51.11 91.96
C TYR E 239 -16.12 -52.22 92.28
N LEU E 240 -15.80 -53.02 93.27
CA LEU E 240 -16.70 -54.08 93.73
C LEU E 240 -17.89 -53.45 94.42
N SER E 241 -17.61 -52.35 95.11
CA SER E 241 -18.63 -51.57 95.79
C SER E 241 -19.81 -51.17 94.85
N ASP E 242 -19.51 -51.05 93.56
CA ASP E 242 -20.48 -50.68 92.53
C ASP E 242 -21.01 -51.87 91.75
N ALA E 243 -20.76 -53.08 92.23
CA ALA E 243 -21.16 -54.25 91.48
C ALA E 243 -20.48 -54.35 90.11
N ALA E 244 -19.22 -53.97 90.03
CA ALA E 244 -18.49 -54.23 88.78
C ALA E 244 -18.67 -55.71 88.31
N GLU E 245 -19.12 -55.89 87.07
CA GLU E 245 -19.38 -57.20 86.53
C GLU E 245 -18.89 -57.24 85.11
N VAL E 246 -18.88 -58.41 84.49
CA VAL E 246 -18.42 -58.52 83.14
C VAL E 246 -19.06 -59.74 82.54
N GLY E 247 -19.28 -59.73 81.25
CA GLY E 247 -19.92 -60.85 80.60
C GLY E 247 -19.57 -60.76 79.14
N ILE E 248 -19.78 -61.86 78.43
CA ILE E 248 -19.38 -61.99 77.05
C ILE E 248 -20.44 -61.59 76.01
N PRO E 249 -20.31 -60.41 75.40
CA PRO E 249 -21.24 -60.02 74.39
C PRO E 249 -20.95 -60.79 73.18
N THR E 250 -21.90 -60.92 72.27
CA THR E 250 -21.70 -61.50 70.92
C THR E 250 -21.66 -60.29 69.98
N MET E 251 -20.55 -60.11 69.28
CA MET E 251 -20.23 -58.86 68.61
C MET E 251 -20.32 -59.21 67.15
N VAL E 252 -20.59 -58.25 66.27
CA VAL E 252 -20.50 -58.50 64.85
C VAL E 252 -19.31 -57.71 64.37
N GLU E 253 -18.34 -58.41 63.79
CA GLU E 253 -17.05 -57.81 63.54
C GLU E 253 -16.54 -57.87 62.13
N ASN E 254 -15.75 -56.84 61.82
CA ASN E 254 -15.12 -56.69 60.52
C ASN E 254 -16.10 -56.62 59.32
N VAL E 255 -16.90 -55.57 59.30
CA VAL E 255 -17.91 -55.39 58.25
C VAL E 255 -17.59 -54.11 57.52
N THR E 256 -17.71 -54.17 56.22
CA THR E 256 -17.45 -53.04 55.43
C THR E 256 -18.56 -52.77 54.45
N LEU E 257 -19.09 -51.56 54.55
CA LEU E 257 -20.08 -51.09 53.58
C LEU E 257 -19.37 -50.08 52.69
N VAL E 258 -19.32 -50.40 51.40
CA VAL E 258 -18.66 -49.56 50.44
C VAL E 258 -19.66 -48.86 49.56
N SER E 259 -19.80 -47.56 49.70
CA SER E 259 -20.68 -46.76 48.83
C SER E 259 -22.19 -47.05 48.91
N PRO E 260 -22.71 -47.39 50.09
CA PRO E 260 -24.10 -47.77 50.12
C PRO E 260 -24.98 -46.63 49.65
N TYR E 261 -25.95 -46.94 48.77
CA TYR E 261 -26.92 -45.99 48.23
C TYR E 261 -28.28 -46.49 48.69
N ILE E 262 -28.91 -45.75 49.57
CA ILE E 262 -30.14 -46.16 50.21
C ILE E 262 -31.15 -45.11 49.87
N ASN E 263 -32.16 -45.53 49.14
CA ASN E 263 -33.14 -44.61 48.56
C ASN E 263 -32.59 -43.81 47.42
N GLU E 264 -33.43 -42.99 46.83
CA GLU E 264 -33.02 -42.25 45.65
C GLU E 264 -33.88 -41.04 45.60
N PHE E 265 -33.40 -39.95 45.00
CA PHE E 265 -34.22 -38.74 44.89
C PHE E 265 -35.53 -39.02 44.15
N GLY E 266 -36.59 -38.31 44.57
CA GLY E 266 -37.93 -38.54 44.06
C GLY E 266 -38.73 -39.54 44.91
N TYR E 267 -38.13 -39.93 46.02
CA TYR E 267 -38.73 -40.86 46.98
C TYR E 267 -39.98 -40.20 47.56
N ASP E 268 -39.96 -38.89 47.74
CA ASP E 268 -41.10 -38.26 48.34
C ASP E 268 -42.40 -38.37 47.47
N ASP E 269 -42.27 -38.47 46.16
CA ASP E 269 -43.44 -38.55 45.30
C ASP E 269 -43.98 -39.97 45.30
N LEU E 270 -43.25 -40.89 45.89
CA LEU E 270 -43.67 -42.30 45.94
C LEU E 270 -43.99 -42.74 47.34
N ASN E 271 -43.97 -41.77 48.23
CA ASN E 271 -44.11 -42.01 49.64
C ASN E 271 -43.27 -43.15 50.21
N ARG E 272 -42.03 -43.18 49.75
CA ARG E 272 -41.06 -44.22 50.07
C ARG E 272 -40.01 -43.75 51.10
N PHE E 273 -40.17 -44.20 52.36
CA PHE E 273 -39.25 -43.88 53.42
C PHE E 273 -38.68 -45.08 54.16
N PHE E 274 -38.02 -44.77 55.28
CA PHE E 274 -37.45 -45.78 56.14
C PHE E 274 -37.26 -45.10 57.49
N THR E 275 -36.87 -45.86 58.50
CA THR E 275 -36.62 -45.32 59.80
C THR E 275 -35.12 -45.01 59.99
N ILE E 276 -34.35 -46.10 60.09
CA ILE E 276 -32.89 -46.04 60.28
C ILE E 276 -32.25 -46.70 59.10
N GLY E 277 -31.30 -46.02 58.48
CA GLY E 277 -30.71 -46.52 57.24
C GLY E 277 -29.75 -47.64 57.54
N ILE E 278 -28.89 -47.38 58.53
CA ILE E 278 -27.90 -48.33 58.95
C ILE E 278 -27.86 -48.32 60.46
N SER E 279 -28.36 -49.41 61.03
CA SER E 279 -28.32 -49.54 62.49
C SER E 279 -27.26 -50.53 62.91
N ALA E 280 -26.37 -50.08 63.79
CA ALA E 280 -25.39 -50.99 64.35
C ALA E 280 -25.40 -51.00 65.86
N ASN E 281 -25.35 -52.20 66.39
CA ASN E 281 -25.27 -52.36 67.81
C ASN E 281 -24.34 -53.53 68.11
N PHE E 282 -23.37 -53.31 68.99
CA PHE E 282 -22.42 -54.32 69.33
C PHE E 282 -21.61 -54.75 68.10
N ALA E 283 -21.08 -53.76 67.42
CA ALA E 283 -20.21 -54.03 66.29
C ALA E 283 -18.77 -53.58 66.52
N ALA E 284 -17.84 -54.26 65.88
CA ALA E 284 -16.45 -53.86 65.98
C ALA E 284 -15.85 -53.85 64.61
N ASP E 285 -15.19 -52.74 64.29
CA ASP E 285 -14.48 -52.61 63.00
C ASP E 285 -15.45 -52.53 61.87
N LEU E 286 -16.49 -51.79 62.11
CA LEU E 286 -17.48 -51.54 61.11
C LEU E 286 -17.04 -50.31 60.40
N HIS E 287 -16.85 -50.43 59.12
CA HIS E 287 -16.38 -49.30 58.36
C HIS E 287 -17.35 -49.03 57.20
N ILE E 288 -17.83 -47.77 57.15
CA ILE E 288 -18.77 -47.32 56.11
C ILE E 288 -18.00 -46.32 55.28
N GLN E 289 -17.91 -46.56 53.97
CA GLN E 289 -17.10 -45.72 53.08
C GLN E 289 -17.98 -45.13 52.01
N ASP E 290 -18.09 -43.81 52.04
CA ASP E 290 -18.85 -43.04 51.07
C ASP E 290 -20.37 -43.34 51.05
N GLY E 291 -20.92 -43.51 49.86
CA GLY E 291 -22.31 -43.71 49.69
C GLY E 291 -23.18 -42.51 49.96
N VAL E 292 -24.48 -42.74 49.73
CA VAL E 292 -25.53 -41.74 49.89
C VAL E 292 -26.80 -42.36 50.51
N ILE E 293 -27.34 -41.63 51.47
CA ILE E 293 -28.54 -42.01 52.15
C ILE E 293 -29.53 -40.81 52.13
N ILE E 294 -30.65 -41.02 51.43
CA ILE E 294 -31.61 -39.95 51.21
C ILE E 294 -33.02 -40.29 51.71
N GLY E 295 -33.66 -39.28 52.30
CA GLY E 295 -35.10 -39.26 52.55
C GLY E 295 -35.85 -40.29 53.40
N ASN E 296 -35.74 -40.08 54.71
CA ASN E 296 -36.58 -40.85 55.60
C ASN E 296 -37.49 -39.82 56.24
N LYS E 297 -37.70 -38.72 55.55
CA LYS E 297 -38.57 -37.61 55.95
C LYS E 297 -38.83 -36.82 54.66
N ARG E 298 -39.85 -35.99 54.59
CA ARG E 298 -40.02 -35.19 53.37
C ARG E 298 -39.11 -33.99 53.29
N PRO E 299 -38.70 -33.63 52.09
CA PRO E 299 -37.80 -32.49 51.96
C PRO E 299 -38.29 -31.36 52.80
N GLY E 300 -37.43 -30.83 53.64
CA GLY E 300 -37.79 -29.65 54.42
C GLY E 300 -38.75 -29.93 55.55
N ALA E 301 -39.22 -31.15 55.64
CA ALA E 301 -40.27 -31.43 56.60
C ALA E 301 -39.80 -31.30 58.03
N SER E 302 -40.68 -31.47 59.00
CA SER E 302 -40.20 -31.48 60.40
C SER E 302 -39.62 -32.85 60.76
N ASP E 303 -38.88 -32.85 61.86
CA ASP E 303 -38.12 -33.97 62.32
C ASP E 303 -39.01 -35.10 62.78
N ILE E 304 -38.47 -36.31 62.70
CA ILE E 304 -39.09 -37.51 63.20
C ILE E 304 -38.08 -38.23 64.11
N GLU E 305 -38.43 -38.26 65.41
CA GLU E 305 -37.71 -38.88 66.53
C GLU E 305 -37.16 -40.24 66.12
N GLY E 306 -35.86 -40.42 66.31
CA GLY E 306 -35.22 -41.70 66.01
C GLY E 306 -34.86 -42.08 64.60
N ARG E 307 -35.27 -41.29 63.61
CA ARG E 307 -34.98 -41.60 62.15
C ARG E 307 -33.59 -41.12 61.69
N SER E 308 -32.56 -41.65 62.34
CA SER E 308 -31.20 -41.25 62.13
C SER E 308 -30.71 -42.02 60.94
N ALA E 309 -29.81 -41.45 60.17
CA ALA E 309 -29.42 -42.15 58.95
C ALA E 309 -28.53 -43.35 59.23
N ILE E 310 -27.59 -43.15 60.15
CA ILE E 310 -26.65 -44.18 60.57
C ILE E 310 -26.58 -44.11 62.06
N LYS E 311 -26.60 -45.28 62.71
CA LYS E 311 -26.62 -45.27 64.19
C LYS E 311 -25.67 -46.26 64.76
N PHE E 312 -24.79 -45.77 65.63
CA PHE E 312 -23.76 -46.61 66.23
C PHE E 312 -24.03 -46.62 67.68
N ASN E 313 -24.46 -47.80 68.12
CA ASN E 313 -24.69 -48.08 69.51
C ASN E 313 -23.75 -49.17 69.99
N ASN E 314 -23.00 -48.91 71.05
CA ASN E 314 -22.01 -49.87 71.54
C ASN E 314 -21.12 -50.43 70.45
N CYS E 315 -20.46 -49.52 69.75
CA CYS E 315 -19.59 -49.92 68.68
C CYS E 315 -18.18 -49.51 68.95
N VAL E 316 -17.29 -50.34 68.47
CA VAL E 316 -15.89 -50.09 68.78
C VAL E 316 -15.09 -50.06 67.49
N ASP E 317 -14.15 -49.12 67.47
CA ASP E 317 -13.24 -48.92 66.30
C ASP E 317 -13.97 -48.89 65.02
N SER E 318 -15.04 -48.14 64.97
CA SER E 318 -15.88 -48.09 63.76
C SER E 318 -15.91 -46.67 63.18
N THR E 319 -16.10 -46.60 61.88
CA THR E 319 -16.06 -45.33 61.24
C THR E 319 -17.04 -45.13 60.11
N VAL E 320 -17.30 -43.86 59.88
CA VAL E 320 -18.01 -43.41 58.68
C VAL E 320 -17.12 -42.40 57.94
N LYS E 321 -16.85 -42.68 56.68
CA LYS E 321 -15.94 -41.79 55.91
C LYS E 321 -16.55 -41.38 54.58
N GLY E 322 -16.84 -40.10 54.44
CA GLY E 322 -17.28 -39.57 53.15
C GLY E 322 -18.71 -39.75 52.68
N THR E 323 -19.58 -40.21 53.56
CA THR E 323 -20.97 -40.46 53.20
C THR E 323 -21.76 -39.19 53.13
N CYS E 324 -22.62 -39.07 52.12
CA CYS E 324 -23.53 -37.93 51.95
C CYS E 324 -24.94 -38.28 52.54
N PHE E 325 -25.50 -37.34 53.28
CA PHE E 325 -26.83 -37.43 53.85
C PHE E 325 -27.76 -36.28 53.44
N TYR E 326 -28.90 -36.64 52.86
CA TYR E 326 -29.91 -35.70 52.40
C TYR E 326 -31.31 -35.98 53.01
N ASN E 327 -31.94 -34.98 53.62
CA ASN E 327 -33.32 -35.10 54.03
C ASN E 327 -33.53 -36.20 55.04
N ILE E 328 -33.01 -35.98 56.24
CA ILE E 328 -33.05 -37.01 57.25
C ILE E 328 -33.85 -36.54 58.45
N GLY E 329 -34.74 -37.41 58.92
CA GLY E 329 -35.63 -37.04 60.00
C GLY E 329 -34.91 -36.84 61.33
N TRP E 330 -33.80 -37.55 61.56
CA TRP E 330 -33.15 -37.40 62.86
C TRP E 330 -31.67 -37.01 62.70
N TYR E 331 -30.74 -37.83 63.18
CA TYR E 331 -29.38 -37.47 63.09
C TYR E 331 -28.70 -38.20 61.91
N GLY E 332 -27.68 -37.54 61.34
CA GLY E 332 -26.97 -38.12 60.25
C GLY E 332 -26.25 -39.33 60.80
N VAL E 333 -25.30 -39.06 61.71
CA VAL E 333 -24.62 -40.16 62.39
C VAL E 333 -24.87 -40.02 63.84
N GLU E 334 -25.54 -40.99 64.40
CA GLU E 334 -25.81 -40.99 65.84
C GLU E 334 -24.87 -41.95 66.52
N VAL E 335 -24.19 -41.49 67.56
CA VAL E 335 -23.26 -42.34 68.28
C VAL E 335 -23.77 -42.42 69.70
N LEU E 336 -24.08 -43.62 70.17
CA LEU E 336 -24.43 -43.72 71.59
C LEU E 336 -23.94 -45.04 72.20
N GLY E 337 -24.14 -45.19 73.50
CA GLY E 337 -23.73 -46.40 74.14
C GLY E 337 -22.27 -46.20 74.42
N CYS E 338 -21.60 -47.26 74.84
CA CYS E 338 -20.18 -47.15 75.18
C CYS E 338 -19.42 -47.33 73.89
N SER E 339 -19.76 -46.53 72.87
CA SER E 339 -19.06 -46.62 71.59
C SER E 339 -17.73 -45.98 71.78
N GLU E 340 -16.66 -46.74 71.54
CA GLU E 340 -15.34 -46.23 71.81
C GLU E 340 -14.50 -46.17 70.56
N ASP E 341 -13.81 -45.06 70.36
CA ASP E 341 -12.85 -44.96 69.25
C ASP E 341 -13.53 -44.95 67.93
N THR E 342 -14.34 -43.94 67.74
CA THR E 342 -15.16 -43.86 66.53
C THR E 342 -14.87 -42.51 65.86
N GLU E 343 -14.84 -42.56 64.55
CA GLU E 343 -14.50 -41.40 63.82
C GLU E 343 -15.44 -41.28 62.68
N VAL E 344 -15.69 -40.02 62.36
CA VAL E 344 -16.51 -39.65 61.24
C VAL E 344 -15.67 -38.71 60.41
N HIS E 345 -15.44 -39.03 59.15
CA HIS E 345 -14.61 -38.21 58.30
C HIS E 345 -15.37 -37.76 57.07
N ASP E 346 -15.21 -36.48 56.72
CA ASP E 346 -15.51 -36.03 55.39
C ASP E 346 -16.98 -36.22 55.03
N ILE E 347 -17.91 -36.12 55.98
CA ILE E 347 -19.33 -36.26 55.57
C ILE E 347 -19.98 -34.94 55.21
N HIS E 348 -21.02 -35.07 54.39
CA HIS E 348 -21.83 -33.97 53.96
C HIS E 348 -23.28 -34.27 54.33
N ALA E 349 -23.87 -33.38 55.10
CA ALA E 349 -25.24 -33.55 55.55
C ALA E 349 -26.06 -32.30 55.31
N MET E 350 -27.12 -32.50 54.56
CA MET E 350 -27.98 -31.42 54.12
C MET E 350 -29.45 -31.74 54.51
N ASP E 351 -30.04 -30.90 55.34
CA ASP E 351 -31.43 -31.06 55.78
C ASP E 351 -31.63 -32.25 56.75
N VAL E 352 -31.05 -32.11 57.92
CA VAL E 352 -31.09 -33.15 58.94
C VAL E 352 -31.16 -32.45 60.27
N ARG E 353 -31.48 -33.19 61.31
CA ARG E 353 -31.59 -32.53 62.61
C ARG E 353 -30.22 -32.09 63.15
N HIS E 354 -29.30 -33.07 63.17
CA HIS E 354 -27.86 -32.90 63.49
C HIS E 354 -27.12 -33.71 62.44
N ALA E 355 -26.04 -33.17 61.92
CA ALA E 355 -25.20 -33.99 61.07
C ALA E 355 -24.61 -35.12 61.90
N ILE E 356 -24.08 -34.81 63.09
CA ILE E 356 -23.48 -35.82 63.95
C ILE E 356 -23.96 -35.56 65.35
N SER E 357 -24.30 -36.61 66.07
CA SER E 357 -24.68 -36.41 67.44
C SER E 357 -24.33 -37.55 68.34
N LEU E 358 -23.60 -37.25 69.40
CA LEU E 358 -23.34 -38.21 70.47
C LEU E 358 -24.51 -38.12 71.42
N ASN E 359 -25.17 -39.23 71.65
CA ASN E 359 -26.41 -39.23 72.38
C ASN E 359 -26.29 -39.74 73.83
N TRP E 360 -27.34 -39.42 74.58
CA TRP E 360 -27.61 -40.06 75.87
C TRP E 360 -28.60 -41.18 75.67
N GLN E 361 -29.04 -41.75 76.79
CA GLN E 361 -30.09 -42.77 76.80
C GLN E 361 -31.08 -42.49 77.89
N SER E 362 -32.34 -42.46 77.53
CA SER E 362 -33.34 -42.12 78.50
C SER E 362 -33.50 -43.30 79.44
N THR E 363 -33.44 -42.99 80.72
CA THR E 363 -33.58 -44.02 81.74
C THR E 363 -34.99 -44.02 82.36
N ALA E 364 -35.92 -43.36 81.68
CA ALA E 364 -37.31 -43.22 82.14
C ALA E 364 -38.00 -44.54 82.40
N ASP E 365 -37.62 -45.59 81.68
CA ASP E 365 -38.22 -46.90 81.90
C ASP E 365 -37.26 -47.98 82.34
N GLY E 366 -36.12 -47.58 82.93
CA GLY E 366 -35.03 -48.52 83.28
C GLY E 366 -33.60 -48.01 83.19
N ASP E 367 -32.68 -48.82 83.72
CA ASP E 367 -31.26 -48.54 83.68
C ASP E 367 -30.67 -48.57 82.28
N LYS E 368 -29.69 -47.70 82.07
CA LYS E 368 -28.99 -47.63 80.84
C LYS E 368 -27.50 -47.52 81.05
N TRP E 369 -26.75 -48.15 80.15
CA TRP E 369 -25.31 -48.13 80.28
C TRP E 369 -24.55 -47.69 79.04
N GLY E 370 -23.60 -46.79 79.23
CA GLY E 370 -22.64 -46.41 78.14
C GLY E 370 -22.64 -44.96 77.67
N GLU E 371 -21.51 -44.27 77.77
CA GLU E 371 -21.34 -43.00 77.11
C GLU E 371 -20.26 -43.21 76.07
N PRO E 372 -20.28 -42.44 75.00
CA PRO E 372 -19.17 -42.55 74.08
C PRO E 372 -17.83 -42.14 74.68
N ILE E 373 -16.77 -42.82 74.24
CA ILE E 373 -15.39 -42.55 74.69
C ILE E 373 -14.45 -42.47 73.47
N GLU E 374 -13.77 -41.34 73.33
CA GLU E 374 -12.91 -41.08 72.16
C GLU E 374 -13.70 -41.02 70.92
N PHE E 375 -14.07 -39.79 70.55
CA PHE E 375 -14.78 -39.54 69.30
C PHE E 375 -14.12 -38.46 68.50
N LEU E 376 -13.97 -38.68 67.21
CA LEU E 376 -13.36 -37.70 66.35
C LEU E 376 -14.27 -37.43 65.18
N GLY E 377 -14.56 -36.15 65.01
CA GLY E 377 -15.20 -35.70 63.79
C GLY E 377 -14.24 -34.82 63.01
N VAL E 378 -14.02 -35.15 61.75
CA VAL E 378 -13.01 -34.38 61.02
C VAL E 378 -13.42 -34.00 59.62
N ASN E 379 -13.34 -32.71 59.30
CA ASN E 379 -13.63 -32.27 57.95
C ASN E 379 -15.04 -32.61 57.55
N CYS E 380 -16.01 -32.35 58.41
CA CYS E 380 -17.39 -32.63 58.15
C CYS E 380 -18.16 -31.36 57.86
N GLU E 381 -19.11 -31.48 56.94
CA GLU E 381 -19.83 -30.33 56.45
C GLU E 381 -21.33 -30.50 56.67
N ALA E 382 -21.98 -29.47 57.22
CA ALA E 382 -23.41 -29.53 57.56
C ALA E 382 -24.14 -28.30 57.06
N TYR E 383 -25.12 -28.53 56.22
CA TYR E 383 -25.93 -27.43 55.68
C TYR E 383 -27.39 -27.53 56.10
N SER E 384 -27.95 -26.40 56.51
CA SER E 384 -29.39 -26.32 56.90
C SER E 384 -29.83 -27.41 57.87
N THR E 385 -29.23 -27.44 59.02
CA THR E 385 -29.68 -28.34 60.04
C THR E 385 -30.88 -27.79 60.79
N THR E 386 -31.83 -28.65 61.14
CA THR E 386 -33.00 -28.16 61.82
C THR E 386 -32.66 -27.83 63.26
N GLN E 387 -31.60 -28.43 63.82
CA GLN E 387 -31.08 -28.14 65.15
C GLN E 387 -29.61 -27.98 64.99
N ALA E 388 -28.85 -28.04 66.06
CA ALA E 388 -27.39 -27.88 65.93
C ALA E 388 -26.78 -28.73 64.86
N GLY E 389 -25.74 -28.20 64.20
CA GLY E 389 -25.10 -28.90 63.12
C GLY E 389 -24.38 -30.10 63.64
N PHE E 390 -23.66 -29.87 64.73
CA PHE E 390 -22.82 -30.90 65.33
C PHE E 390 -23.04 -30.83 66.83
N ASP E 391 -23.36 -31.99 67.42
CA ASP E 391 -23.90 -31.98 68.77
C ASP E 391 -23.49 -33.15 69.61
N THR E 392 -23.37 -32.93 70.91
CA THR E 392 -23.32 -34.01 71.88
C THR E 392 -24.48 -33.78 72.89
N HIS E 393 -24.89 -34.82 73.60
CA HIS E 393 -25.84 -34.65 74.69
C HIS E 393 -25.05 -34.53 76.00
N ASP E 394 -25.53 -35.00 77.15
CA ASP E 394 -24.77 -34.72 78.40
C ASP E 394 -23.90 -35.78 79.02
N ILE E 395 -23.44 -36.70 78.17
CA ILE E 395 -22.44 -37.72 78.52
C ILE E 395 -21.52 -37.80 77.31
N GLY E 396 -20.35 -38.43 77.46
CA GLY E 396 -19.37 -38.63 76.41
C GLY E 396 -18.04 -38.14 76.91
N LYS E 397 -16.98 -38.88 76.60
CA LYS E 397 -15.62 -38.53 77.01
C LYS E 397 -14.71 -38.39 75.82
N ARG E 398 -13.79 -37.41 75.88
CA ARG E 398 -12.78 -37.17 74.81
C ARG E 398 -13.32 -36.98 73.40
N VAL E 399 -14.13 -35.96 73.24
CA VAL E 399 -14.82 -35.72 72.01
C VAL E 399 -14.10 -34.61 71.31
N LYS E 400 -13.72 -34.82 70.07
CA LYS E 400 -13.11 -33.76 69.37
C LYS E 400 -13.64 -33.54 67.94
N PHE E 401 -13.79 -32.26 67.61
CA PHE E 401 -14.24 -31.87 66.31
C PHE E 401 -13.11 -31.10 65.62
N VAL E 402 -12.64 -31.65 64.50
CA VAL E 402 -11.57 -31.01 63.73
C VAL E 402 -11.95 -30.57 62.32
N ARG E 403 -11.93 -29.24 62.14
CA ARG E 403 -12.11 -28.64 60.80
C ARG E 403 -13.43 -29.00 60.20
N CYS E 404 -14.47 -28.95 61.02
CA CYS E 404 -15.80 -29.17 60.59
C CYS E 404 -16.44 -27.82 60.43
N VAL E 405 -17.44 -27.78 59.55
CA VAL E 405 -18.10 -26.55 59.17
C VAL E 405 -19.58 -26.71 59.19
N SER E 406 -20.24 -25.69 59.69
CA SER E 406 -21.70 -25.66 59.69
C SER E 406 -22.26 -24.38 59.04
N TYR E 407 -23.13 -24.59 58.10
CA TYR E 407 -23.76 -23.51 57.40
C TYR E 407 -25.28 -23.42 57.72
N ASP E 408 -25.76 -22.26 58.12
CA ASP E 408 -27.22 -22.01 58.18
C ASP E 408 -28.02 -22.96 59.06
N SER E 409 -27.52 -23.21 60.26
CA SER E 409 -28.24 -24.02 61.21
C SER E 409 -29.41 -23.17 61.71
N ALA E 410 -30.50 -23.85 62.03
CA ALA E 410 -31.67 -23.21 62.64
C ALA E 410 -31.48 -23.05 64.13
N ALA E 411 -30.41 -23.64 64.66
CA ALA E 411 -30.08 -23.52 66.06
C ALA E 411 -28.68 -23.01 66.12
N ALA E 412 -27.79 -23.75 66.76
CA ALA E 412 -26.39 -23.43 66.79
C ALA E 412 -25.68 -24.14 65.66
N GLY E 413 -24.44 -23.69 65.38
CA GLY E 413 -23.57 -24.40 64.47
C GLY E 413 -23.12 -25.66 65.19
N PHE E 414 -22.59 -25.48 66.39
CA PHE E 414 -22.07 -26.56 67.20
C PHE E 414 -22.61 -26.47 68.57
N GLN E 415 -23.01 -27.60 69.11
CA GLN E 415 -23.56 -27.61 70.47
C GLN E 415 -22.94 -28.66 71.34
N ALA E 416 -22.37 -28.25 72.46
CA ALA E 416 -21.71 -29.18 73.37
C ALA E 416 -22.52 -29.27 74.63
N ARG E 417 -22.95 -30.48 74.94
CA ARG E 417 -23.64 -30.69 76.19
C ARG E 417 -22.93 -31.57 77.15
N THR E 418 -21.74 -32.03 76.83
CA THR E 418 -20.89 -32.81 77.73
C THR E 418 -19.68 -31.96 78.02
N ASN E 419 -18.88 -32.35 78.99
CA ASN E 419 -17.81 -31.48 79.49
C ASN E 419 -16.53 -31.59 78.63
N GLY E 420 -15.88 -30.45 78.51
CA GLY E 420 -14.65 -30.34 77.75
C GLY E 420 -14.55 -30.90 76.35
N VAL E 421 -15.58 -30.64 75.55
CA VAL E 421 -15.51 -30.88 74.09
C VAL E 421 -14.44 -29.95 73.55
N GLU E 422 -13.55 -30.47 72.70
CA GLU E 422 -12.48 -29.66 72.07
C GLU E 422 -12.81 -29.45 70.59
N TYR E 423 -12.73 -28.22 70.13
CA TYR E 423 -12.90 -27.90 68.73
C TYR E 423 -11.66 -27.27 68.16
N LEU E 424 -11.17 -27.80 67.04
CA LEU E 424 -9.99 -27.27 66.35
C LEU E 424 -10.31 -26.78 64.95
N ASN E 425 -10.09 -25.48 64.76
CA ASN E 425 -10.27 -24.87 63.46
C ASN E 425 -11.65 -25.15 62.83
N CYS E 426 -12.70 -25.02 63.60
CA CYS E 426 -14.04 -25.28 63.09
C CYS E 426 -14.62 -23.96 62.73
N ARG E 427 -15.67 -24.02 61.93
CA ARG E 427 -16.29 -22.84 61.36
C ARG E 427 -17.79 -22.97 61.37
N ALA E 428 -18.40 -21.90 61.85
CA ALA E 428 -19.86 -21.76 61.87
C ALA E 428 -20.30 -20.52 61.14
N TYR E 429 -21.10 -20.69 60.11
CA TYR E 429 -21.66 -19.56 59.36
C TYR E 429 -23.18 -19.51 59.45
N ARG E 430 -23.64 -18.34 59.86
CA ARG E 430 -25.07 -17.99 59.82
C ARG E 430 -25.97 -18.94 60.61
N ALA E 431 -25.62 -19.19 61.85
CA ALA E 431 -26.51 -19.99 62.67
C ALA E 431 -27.64 -19.06 63.16
N ALA E 432 -28.84 -19.60 63.31
CA ALA E 432 -29.98 -18.78 63.78
C ALA E 432 -29.76 -18.35 65.21
N MET E 433 -29.01 -19.13 65.98
CA MET E 433 -28.60 -18.71 67.31
C MET E 433 -27.14 -18.35 67.48
N ASP E 434 -26.32 -19.29 67.98
CA ASP E 434 -24.91 -19.08 68.19
C ASP E 434 -24.09 -19.93 67.26
N GLY E 435 -22.86 -19.51 67.00
CA GLY E 435 -21.94 -20.31 66.16
C GLY E 435 -21.66 -21.59 66.91
N PHE E 436 -21.13 -21.39 68.12
CA PHE E 436 -20.75 -22.42 69.02
C PHE E 436 -21.41 -22.11 70.34
N ALA E 437 -21.84 -23.17 71.01
CA ALA E 437 -22.41 -22.99 72.33
C ALA E 437 -22.37 -24.20 73.20
N SER E 438 -22.35 -23.96 74.51
CA SER E 438 -22.54 -25.01 75.48
C SER E 438 -23.99 -24.89 76.02
N ASN E 439 -24.26 -25.47 77.16
CA ASN E 439 -25.60 -25.40 77.68
C ASN E 439 -25.61 -25.56 79.15
N THR E 440 -26.81 -25.63 79.67
CA THR E 440 -27.03 -25.54 81.09
C THR E 440 -26.24 -26.63 81.75
N GLY E 441 -25.48 -26.24 82.76
CA GLY E 441 -24.66 -27.17 83.53
C GLY E 441 -23.45 -27.74 82.80
N VAL E 442 -23.15 -27.28 81.58
CA VAL E 442 -22.00 -27.76 80.83
C VAL E 442 -20.73 -26.98 81.10
N ALA E 443 -19.62 -27.68 81.19
CA ALA E 443 -18.37 -27.00 81.58
C ALA E 443 -17.30 -27.00 80.52
N PHE E 444 -16.63 -25.85 80.52
CA PHE E 444 -15.52 -25.45 79.66
C PHE E 444 -15.22 -26.17 78.34
N PRO E 445 -15.98 -25.83 77.29
CA PRO E 445 -15.53 -26.28 75.99
C PRO E 445 -14.27 -25.54 75.56
N ILE E 446 -13.48 -26.13 74.68
CA ILE E 446 -12.26 -25.50 74.26
C ILE E 446 -12.45 -25.17 72.82
N TYR E 447 -12.31 -23.90 72.43
CA TYR E 447 -12.40 -23.54 71.02
C TYR E 447 -11.00 -23.07 70.64
N ARG E 448 -10.33 -23.72 69.67
CA ARG E 448 -8.97 -23.32 69.26
C ARG E 448 -8.96 -22.93 67.80
N GLU E 449 -8.75 -21.65 67.53
CA GLU E 449 -8.67 -21.14 66.15
C GLU E 449 -9.96 -21.42 65.40
N CYS E 450 -11.07 -21.12 66.05
CA CYS E 450 -12.36 -21.34 65.48
C CYS E 450 -12.93 -20.07 64.98
N LEU E 451 -13.70 -20.18 63.89
CA LEU E 451 -14.25 -19.00 63.22
C LEU E 451 -15.75 -19.03 63.19
N ALA E 452 -16.34 -17.91 63.62
CA ALA E 452 -17.78 -17.69 63.57
C ALA E 452 -18.15 -16.44 62.72
N TYR E 453 -18.83 -16.64 61.60
CA TYR E 453 -19.20 -15.56 60.69
C TYR E 453 -20.70 -15.49 60.62
N ASP E 454 -21.24 -14.33 60.93
CA ASP E 454 -22.67 -13.97 60.79
C ASP E 454 -23.75 -14.75 61.47
N ASN E 455 -23.42 -15.29 62.64
CA ASN E 455 -24.39 -16.03 63.39
C ASN E 455 -25.14 -14.98 64.13
N VAL E 456 -26.43 -15.22 64.37
CA VAL E 456 -27.30 -14.13 64.79
C VAL E 456 -27.04 -13.68 66.20
N ARG E 457 -27.06 -14.59 67.16
CA ARG E 457 -26.96 -14.15 68.55
C ARG E 457 -25.55 -13.89 69.01
N SER E 458 -24.69 -14.90 68.79
CA SER E 458 -23.25 -14.77 69.08
C SER E 458 -22.43 -15.77 68.33
N GLY E 459 -21.12 -15.52 68.24
CA GLY E 459 -20.19 -16.49 67.67
C GLY E 459 -20.02 -17.64 68.65
N PHE E 460 -19.63 -17.28 69.87
CA PHE E 460 -19.32 -18.29 70.87
C PHE E 460 -20.11 -18.00 72.09
N ASN E 461 -21.00 -18.93 72.42
CA ASN E 461 -21.80 -18.74 73.60
C ASN E 461 -21.53 -19.73 74.67
N CYS E 462 -20.68 -19.36 75.60
CA CYS E 462 -20.31 -20.32 76.66
C CYS E 462 -20.43 -19.69 78.04
N SER E 463 -21.62 -19.13 78.25
CA SER E 463 -21.95 -18.45 79.48
C SER E 463 -22.66 -19.39 80.46
N TYR E 464 -22.70 -20.69 80.17
CA TYR E 464 -23.42 -21.62 81.02
C TYR E 464 -22.50 -22.19 82.09
N GLY E 465 -21.22 -22.05 81.88
CA GLY E 465 -20.25 -22.62 82.83
C GLY E 465 -18.80 -22.48 82.38
N GLY E 466 -18.47 -21.32 81.80
CA GLY E 466 -17.14 -21.04 81.30
C GLY E 466 -16.73 -21.59 79.94
N GLY E 467 -15.64 -21.06 79.46
CA GLY E 467 -15.08 -21.53 78.19
C GLY E 467 -13.61 -21.15 78.04
N TYR E 468 -12.95 -21.76 77.09
CA TYR E 468 -11.62 -21.42 76.71
C TYR E 468 -11.72 -21.11 75.26
N VAL E 469 -11.63 -19.83 74.98
CA VAL E 469 -11.71 -19.31 73.62
C VAL E 469 -10.35 -18.79 73.18
N TYR E 470 -9.64 -19.62 72.45
CA TYR E 470 -8.27 -19.34 72.15
C TYR E 470 -8.13 -19.01 70.68
N ASP E 471 -7.65 -17.81 70.39
CA ASP E 471 -7.32 -17.39 69.04
C ASP E 471 -8.51 -17.58 68.10
N CYS E 472 -9.68 -17.27 68.59
CA CYS E 472 -10.84 -17.47 67.76
C CYS E 472 -11.25 -16.18 67.13
N GLU E 473 -12.19 -16.27 66.21
CA GLU E 473 -12.77 -15.08 65.56
C GLU E 473 -14.30 -15.14 65.42
N ALA E 474 -14.93 -14.04 65.74
CA ALA E 474 -16.34 -13.95 65.58
C ALA E 474 -16.63 -12.61 64.95
N HIS E 475 -17.46 -12.65 63.91
CA HIS E 475 -17.83 -11.49 63.15
C HIS E 475 -19.30 -11.50 62.84
N GLY E 476 -19.97 -10.37 63.01
CA GLY E 476 -21.33 -10.26 62.59
C GLY E 476 -22.37 -10.83 63.51
N SER E 477 -22.16 -10.80 64.79
CA SER E 477 -23.21 -11.29 65.67
C SER E 477 -23.69 -10.11 66.53
N GLN E 478 -24.65 -10.34 67.40
CA GLN E 478 -24.91 -9.29 68.39
C GLN E 478 -23.69 -9.10 69.32
N ASN E 479 -23.15 -10.24 69.77
CA ASN E 479 -21.95 -10.26 70.57
C ASN E 479 -20.97 -11.34 70.09
N GLY E 480 -19.67 -11.06 70.14
CA GLY E 480 -18.69 -12.00 69.66
C GLY E 480 -18.77 -13.21 70.54
N VAL E 481 -18.49 -13.01 71.82
CA VAL E 481 -18.38 -14.07 72.79
C VAL E 481 -19.29 -13.73 73.99
N ARG E 482 -20.08 -14.71 74.40
CA ARG E 482 -20.86 -14.58 75.61
C ARG E 482 -20.14 -15.48 76.58
N ILE E 483 -19.68 -14.91 77.69
CA ILE E 483 -18.88 -15.73 78.56
C ILE E 483 -18.98 -15.30 79.98
N ASN E 484 -18.98 -16.25 80.88
CA ASN E 484 -19.11 -15.95 82.31
C ASN E 484 -17.84 -16.21 83.10
N GLY E 485 -16.92 -16.97 82.53
CA GLY E 485 -15.63 -17.21 83.17
C GLY E 485 -14.75 -18.03 82.28
N GLY E 486 -13.45 -17.94 82.50
CA GLY E 486 -12.53 -18.71 81.67
C GLY E 486 -11.49 -17.81 81.07
N ARG E 487 -11.20 -18.01 79.77
CA ARG E 487 -10.20 -17.21 79.08
C ARG E 487 -10.56 -16.96 77.66
N VAL E 488 -10.27 -15.74 77.22
CA VAL E 488 -10.32 -15.37 75.81
C VAL E 488 -8.94 -14.88 75.54
N LYS E 489 -8.14 -15.71 74.89
CA LYS E 489 -6.77 -15.35 74.61
C LYS E 489 -6.66 -15.29 73.13
N GLY E 490 -6.17 -14.14 72.64
CA GLY E 490 -5.90 -13.97 71.20
C GLY E 490 -7.19 -13.82 70.43
N GLY E 491 -7.14 -14.05 69.14
CA GLY E 491 -8.30 -13.92 68.31
C GLY E 491 -8.65 -12.50 67.90
N ARG E 492 -9.62 -12.40 67.03
CA ARG E 492 -10.02 -11.13 66.50
C ARG E 492 -11.51 -11.12 66.31
N TYR E 493 -12.11 -10.01 66.67
CA TYR E 493 -13.54 -9.81 66.71
C TYR E 493 -13.92 -8.51 66.00
N THR E 494 -14.87 -8.57 65.11
CA THR E 494 -15.34 -7.40 64.33
C THR E 494 -16.89 -7.46 64.16
N ARG E 495 -17.50 -6.33 63.82
CA ARG E 495 -18.93 -6.28 63.39
C ARG E 495 -19.89 -6.96 64.38
N ASN E 496 -19.85 -6.58 65.63
CA ASN E 496 -20.73 -7.17 66.62
C ASN E 496 -21.49 -6.00 67.19
N SER E 497 -22.79 -6.01 66.89
CA SER E 497 -23.68 -4.87 67.09
C SER E 497 -23.68 -4.41 68.53
N SER E 498 -23.62 -5.32 69.48
CA SER E 498 -23.63 -4.93 70.86
C SER E 498 -22.24 -4.83 71.48
N SER E 499 -21.51 -5.95 71.51
CA SER E 499 -20.13 -5.94 72.05
C SER E 499 -19.34 -7.10 71.50
N HIS E 500 -18.03 -7.02 71.56
CA HIS E 500 -17.27 -8.17 71.08
C HIS E 500 -17.28 -9.26 72.13
N ILE E 501 -16.94 -8.90 73.35
CA ILE E 501 -17.02 -9.82 74.46
C ILE E 501 -18.16 -9.39 75.41
N PHE E 502 -18.94 -10.36 75.86
CA PHE E 502 -20.12 -10.06 76.67
C PHE E 502 -20.04 -10.98 77.86
N VAL E 503 -19.60 -10.42 78.97
CA VAL E 503 -19.44 -11.13 80.21
C VAL E 503 -20.84 -11.29 80.85
N THR E 504 -21.42 -12.47 80.78
CA THR E 504 -22.78 -12.68 81.28
C THR E 504 -22.94 -14.11 81.80
N LYS E 505 -24.12 -14.47 82.23
CA LYS E 505 -24.42 -15.84 82.71
C LYS E 505 -25.66 -16.26 82.07
N ASP E 506 -25.86 -17.58 81.90
CA ASP E 506 -27.16 -18.07 81.38
C ASP E 506 -28.31 -17.66 82.30
N VAL E 507 -28.09 -17.76 83.61
CA VAL E 507 -29.05 -17.38 84.62
C VAL E 507 -28.27 -16.82 85.82
N ALA E 508 -28.82 -15.80 86.47
CA ALA E 508 -28.16 -15.25 87.65
C ALA E 508 -27.62 -16.33 88.64
N GLU E 509 -28.31 -17.46 88.79
CA GLU E 509 -27.87 -18.50 89.74
C GLU E 509 -26.50 -19.11 89.42
N THR E 510 -26.12 -19.11 88.14
CA THR E 510 -24.83 -19.68 87.72
C THR E 510 -23.68 -18.82 88.28
N ALA E 511 -22.61 -19.50 88.66
CA ALA E 511 -21.48 -18.82 89.26
C ALA E 511 -20.59 -18.21 88.22
N GLN E 512 -20.19 -16.98 88.50
CA GLN E 512 -19.23 -16.24 87.73
C GLN E 512 -17.91 -16.70 88.22
N THR E 513 -16.93 -16.83 87.32
CA THR E 513 -15.56 -17.14 87.69
C THR E 513 -14.63 -16.10 87.08
N SER E 514 -13.35 -16.21 87.43
CA SER E 514 -12.33 -15.34 86.84
C SER E 514 -12.34 -15.49 85.35
N LEU E 515 -12.20 -14.34 84.71
CA LEU E 515 -12.04 -14.26 83.26
C LEU E 515 -10.73 -13.54 82.92
N GLU E 516 -9.91 -14.14 82.05
CA GLU E 516 -8.69 -13.51 81.58
C GLU E 516 -9.03 -13.18 80.15
N ILE E 517 -8.84 -11.92 79.74
CA ILE E 517 -8.86 -11.52 78.34
C ILE E 517 -7.47 -10.91 77.93
N ASP E 518 -6.62 -11.67 77.26
CA ASP E 518 -5.22 -11.30 76.99
C ASP E 518 -5.04 -11.38 75.48
N GLY E 519 -4.56 -10.32 74.88
CA GLY E 519 -4.16 -10.41 73.48
C GLY E 519 -5.24 -10.43 72.39
N VAL E 520 -6.37 -9.83 72.68
CA VAL E 520 -7.50 -9.96 71.82
C VAL E 520 -7.64 -8.68 71.03
N SER E 521 -7.91 -8.79 69.74
CA SER E 521 -8.17 -7.62 68.87
C SER E 521 -9.66 -7.38 68.83
N MET E 522 -10.10 -6.38 69.57
CA MET E 522 -11.50 -6.01 69.68
C MET E 522 -11.64 -4.56 69.18
N ARG E 523 -11.11 -4.26 68.01
CA ARG E 523 -11.14 -2.84 67.59
C ARG E 523 -12.57 -2.29 67.36
N TYR E 524 -12.69 -0.97 67.38
CA TYR E 524 -13.92 -0.34 66.96
C TYR E 524 -14.03 -0.27 65.45
N ASP E 525 -15.17 -0.64 64.91
CA ASP E 525 -15.38 -0.57 63.49
C ASP E 525 -16.74 0.03 63.18
N GLY E 526 -17.26 0.85 64.10
CA GLY E 526 -18.54 1.53 63.92
C GLY E 526 -19.75 0.77 64.42
N THR E 527 -19.54 -0.28 65.20
CA THR E 527 -20.66 -1.09 65.70
C THR E 527 -20.61 -1.12 67.22
N GLY E 528 -20.62 -2.32 67.80
CA GLY E 528 -20.64 -2.50 69.23
C GLY E 528 -19.36 -2.08 69.92
N ARG E 529 -19.45 -2.09 71.23
CA ARG E 529 -18.37 -1.76 72.09
C ARG E 529 -17.44 -2.98 72.30
N ALA E 530 -16.40 -2.84 73.09
CA ALA E 530 -15.46 -3.93 73.20
C ALA E 530 -15.95 -4.94 74.22
N VAL E 531 -16.32 -4.43 75.37
CA VAL E 531 -16.76 -5.30 76.44
C VAL E 531 -18.06 -4.82 76.99
N TYR E 532 -18.96 -5.76 77.22
CA TYR E 532 -20.21 -5.52 77.91
C TYR E 532 -20.22 -6.29 79.25
N PHE E 533 -20.27 -5.56 80.36
CA PHE E 533 -20.52 -6.19 81.68
C PHE E 533 -22.02 -6.27 82.08
N HIS E 534 -22.52 -7.48 82.32
CA HIS E 534 -23.94 -7.67 82.59
C HIS E 534 -24.25 -7.65 84.05
N GLY E 535 -24.37 -6.45 84.62
CA GLY E 535 -24.76 -6.24 86.02
C GLY E 535 -26.11 -6.86 86.40
N THR E 536 -27.03 -6.87 85.44
CA THR E 536 -28.33 -7.52 85.62
C THR E 536 -28.21 -8.92 86.27
N VAL E 537 -27.27 -9.76 85.85
CA VAL E 537 -27.15 -11.12 86.37
C VAL E 537 -26.00 -11.21 87.36
N GLY E 538 -25.54 -10.08 87.78
CA GLY E 538 -24.62 -10.04 88.91
C GLY E 538 -23.17 -10.24 88.59
N ILE E 539 -22.71 -9.75 87.43
CA ILE E 539 -21.37 -9.82 87.01
C ILE E 539 -20.59 -8.74 87.73
N ASP E 540 -19.49 -9.14 88.33
CA ASP E 540 -18.59 -8.24 89.00
C ASP E 540 -17.39 -8.04 88.05
N PRO E 541 -17.13 -6.80 87.62
CA PRO E 541 -16.05 -6.62 86.67
C PRO E 541 -14.66 -6.92 87.21
N THR E 542 -14.44 -6.73 88.50
CA THR E 542 -13.09 -7.01 89.08
C THR E 542 -12.64 -8.47 89.00
N LEU E 543 -13.53 -9.37 88.68
CA LEU E 543 -13.13 -10.74 88.39
C LEU E 543 -12.66 -10.96 86.91
N VAL E 544 -12.48 -9.85 86.18
CA VAL E 544 -12.04 -9.91 84.81
C VAL E 544 -10.78 -9.12 84.70
N SER E 545 -9.80 -9.62 83.96
CA SER E 545 -8.53 -8.90 83.78
C SER E 545 -8.34 -8.76 82.34
N MET E 546 -8.10 -7.56 81.88
CA MET E 546 -7.90 -7.36 80.45
C MET E 546 -6.45 -6.92 80.28
N SER E 547 -5.66 -7.69 79.53
CA SER E 547 -4.26 -7.38 79.28
C SER E 547 -3.89 -7.35 77.81
N ASN E 548 -3.18 -6.29 77.39
CA ASN E 548 -2.57 -6.24 76.07
C ASN E 548 -3.57 -6.54 74.96
N ASN E 549 -4.69 -5.82 74.98
CA ASN E 549 -5.73 -6.04 74.01
C ASN E 549 -5.70 -4.85 73.06
N ASP E 550 -6.23 -5.02 71.87
CA ASP E 550 -6.34 -3.91 70.98
C ASP E 550 -7.79 -3.42 70.95
N MET E 551 -8.09 -2.35 71.68
CA MET E 551 -9.48 -1.82 71.68
C MET E 551 -9.48 -0.48 70.97
N THR E 552 -8.53 -0.30 70.05
CA THR E 552 -8.35 0.96 69.31
C THR E 552 -9.64 1.49 68.75
N GLY E 553 -10.00 2.71 69.08
CA GLY E 553 -11.13 3.42 68.44
C GLY E 553 -12.46 3.57 69.20
N HIS E 554 -12.59 2.85 70.31
CA HIS E 554 -13.82 2.90 71.12
C HIS E 554 -13.94 4.22 71.91
N GLY E 555 -12.79 4.88 72.10
CA GLY E 555 -12.71 6.11 72.85
C GLY E 555 -13.19 5.90 74.27
N LEU E 556 -14.05 6.80 74.71
CA LEU E 556 -14.73 6.68 75.99
C LEU E 556 -15.74 5.56 76.08
N PHE E 557 -16.09 4.92 74.98
CA PHE E 557 -17.11 3.88 74.98
C PHE E 557 -16.60 2.47 74.68
N TRP E 558 -15.54 2.09 75.40
CA TRP E 558 -14.95 0.76 75.25
C TRP E 558 -15.71 -0.26 76.03
N ALA E 559 -16.30 0.20 77.11
CA ALA E 559 -17.15 -0.66 77.93
C ALA E 559 -18.57 -0.30 77.80
N LEU E 560 -19.39 -1.33 77.92
CA LEU E 560 -20.84 -1.21 77.99
C LEU E 560 -21.32 -1.89 79.23
N LEU E 561 -22.05 -1.18 80.08
CA LEU E 561 -22.59 -1.70 81.36
C LEU E 561 -24.09 -1.54 81.42
N SER E 562 -24.75 -2.47 82.10
CA SER E 562 -26.20 -2.35 82.28
C SER E 562 -26.64 -3.16 83.51
N GLY E 563 -27.65 -2.66 84.20
CA GLY E 563 -28.24 -3.37 85.33
C GLY E 563 -27.49 -3.18 86.64
N TYR E 564 -26.55 -2.28 86.71
CA TYR E 564 -25.83 -2.04 87.96
C TYR E 564 -26.65 -1.00 88.66
N THR E 565 -26.67 -1.03 90.00
CA THR E 565 -27.34 0.03 90.74
C THR E 565 -26.33 0.86 91.53
N VAL E 566 -25.08 0.44 91.41
CA VAL E 566 -23.99 1.06 92.15
C VAL E 566 -22.80 0.94 91.24
N GLN E 567 -22.07 2.02 91.07
CA GLN E 567 -20.92 2.06 90.15
C GLN E 567 -20.00 0.93 90.58
N PRO E 568 -19.74 0.00 89.67
CA PRO E 568 -18.87 -1.11 90.03
C PRO E 568 -17.43 -0.76 89.85
N THR E 569 -16.53 -1.51 90.47
CA THR E 569 -15.12 -1.24 90.29
C THR E 569 -14.77 -1.90 89.01
N PRO E 570 -13.84 -1.33 88.25
CA PRO E 570 -13.54 -1.86 86.91
C PRO E 570 -12.57 -2.99 86.97
N PRO E 571 -12.36 -3.61 85.85
CA PRO E 571 -11.50 -4.78 85.89
C PRO E 571 -10.05 -4.35 85.98
N ARG E 572 -9.15 -5.27 86.33
CA ARG E 572 -7.73 -4.96 86.26
C ARG E 572 -7.38 -4.82 84.79
N MET E 573 -6.65 -3.76 84.45
CA MET E 573 -6.36 -3.47 83.05
C MET E 573 -4.91 -3.06 82.82
N SER E 574 -4.17 -3.90 82.09
CA SER E 574 -2.77 -3.67 81.81
C SER E 574 -2.41 -3.54 80.32
N ARG E 575 -1.92 -2.35 79.98
CA ARG E 575 -1.26 -2.10 78.70
C ARG E 575 -2.12 -2.41 77.48
N ASN E 576 -3.36 -1.95 77.51
CA ASN E 576 -4.24 -2.12 76.37
C ASN E 576 -4.14 -0.90 75.45
N LEU E 577 -4.49 -1.05 74.18
CA LEU E 577 -4.41 0.08 73.28
C LEU E 577 -5.79 0.62 73.05
N LEU E 578 -5.97 1.93 73.20
CA LEU E 578 -7.31 2.51 72.95
C LEU E 578 -7.34 3.53 71.80
N ASP E 579 -6.25 4.27 71.55
CA ASP E 579 -6.10 5.11 70.35
C ASP E 579 -4.79 4.87 69.57
N ASP E 580 -4.82 5.19 68.28
CA ASP E 580 -3.63 5.02 67.43
C ASP E 580 -2.94 6.30 67.03
N THR E 581 -3.44 7.44 67.48
CA THR E 581 -2.82 8.72 67.23
C THR E 581 -2.64 9.42 68.57
N GLY E 582 -1.65 10.29 68.65
CA GLY E 582 -1.47 11.10 69.84
C GLY E 582 -1.29 10.28 71.08
N ILE E 583 -0.59 9.18 70.93
CA ILE E 583 -0.39 8.23 72.01
C ILE E 583 1.06 8.02 72.37
N ARG E 584 1.95 8.80 71.78
CA ARG E 584 3.35 8.75 72.10
C ARG E 584 4.01 10.09 71.74
N GLY E 585 4.95 10.52 72.55
CA GLY E 585 5.65 11.76 72.27
C GLY E 585 6.71 12.09 73.30
N VAL E 586 7.21 13.32 73.21
CA VAL E 586 8.25 13.79 74.12
C VAL E 586 7.96 15.21 74.53
N ALA E 587 7.85 15.43 75.83
CA ALA E 587 7.61 16.72 76.37
C ALA E 587 8.83 17.17 77.15
N THR E 588 9.00 18.47 77.27
CA THR E 588 10.10 19.04 78.05
C THR E 588 9.54 19.89 79.12
N LEU E 589 9.91 19.55 80.35
CA LEU E 589 9.46 20.28 81.54
C LEU E 589 10.11 21.66 81.69
N VAL E 590 9.32 22.55 82.29
CA VAL E 590 9.70 23.92 82.56
C VAL E 590 9.18 24.23 83.98
N ALA E 591 10.12 24.44 84.90
CA ALA E 591 9.79 24.63 86.31
C ALA E 591 8.99 23.43 86.80
N GLY E 592 9.49 22.23 86.49
CA GLY E 592 8.87 20.93 86.90
C GLY E 592 7.53 20.58 86.29
N GLU E 593 7.09 21.28 85.24
CA GLU E 593 5.77 21.03 84.67
C GLU E 593 5.79 21.01 83.18
N ALA E 594 4.74 20.43 82.61
CA ALA E 594 4.55 20.36 81.17
C ALA E 594 3.11 19.96 80.84
N THR E 595 2.49 20.68 79.91
CA THR E 595 1.12 20.34 79.48
C THR E 595 1.19 19.73 78.10
N VAL E 596 0.73 18.47 78.02
CA VAL E 596 0.87 17.68 76.84
C VAL E 596 -0.48 17.46 76.25
N ASN E 597 -0.59 17.76 74.97
CA ASN E 597 -1.73 17.39 74.18
C ASN E 597 -1.60 15.94 73.72
N ALA E 598 -2.55 15.09 74.12
CA ALA E 598 -2.51 13.69 73.77
C ALA E 598 -3.87 13.05 73.92
N ARG E 599 -4.06 11.87 73.34
CA ARG E 599 -5.35 11.18 73.47
C ARG E 599 -5.39 10.36 74.74
N VAL E 600 -5.25 11.10 75.84
CA VAL E 600 -5.45 10.56 77.17
C VAL E 600 -6.92 10.68 77.35
N ARG E 601 -7.50 9.74 78.09
CA ARG E 601 -8.94 9.69 78.27
C ARG E 601 -9.23 9.23 79.68
N GLY E 602 -10.48 9.34 80.11
CA GLY E 602 -10.89 8.90 81.42
C GLY E 602 -12.38 9.11 81.63
N ASN E 603 -12.97 8.46 82.62
CA ASN E 603 -14.30 8.78 83.06
C ASN E 603 -14.22 8.96 84.58
N PHE E 604 -14.59 10.13 85.04
CA PHE E 604 -14.52 10.47 86.47
C PHE E 604 -15.90 10.73 87.04
N GLY E 605 -16.96 10.47 86.26
CA GLY E 605 -18.33 10.55 86.73
C GLY E 605 -18.64 9.46 87.73
N SER E 606 -19.93 9.30 88.03
CA SER E 606 -20.34 8.28 89.01
C SER E 606 -21.67 7.63 88.67
N VAL E 607 -22.11 7.75 87.43
CA VAL E 607 -23.27 7.01 86.99
C VAL E 607 -23.07 5.52 87.32
N ALA E 608 -24.16 4.85 87.67
CA ALA E 608 -24.11 3.46 88.07
C ALA E 608 -23.53 2.63 86.94
N ASN E 609 -24.21 2.71 85.79
CA ASN E 609 -23.76 1.93 84.65
C ASN E 609 -22.55 2.58 83.90
N SER E 610 -21.41 2.60 84.58
CA SER E 610 -20.16 3.15 84.05
C SER E 610 -19.05 2.80 85.02
N PHE E 611 -17.80 2.93 84.56
CA PHE E 611 -16.60 2.68 85.40
C PHE E 611 -15.92 3.97 85.62
N LYS E 612 -15.21 4.05 86.74
CA LYS E 612 -14.32 5.18 86.95
C LYS E 612 -12.93 4.73 86.48
N TRP E 613 -12.39 5.37 85.45
CA TRP E 613 -11.08 4.94 84.95
C TRP E 613 -10.32 6.03 84.24
N VAL E 614 -9.08 5.75 83.94
CA VAL E 614 -8.25 6.73 83.25
C VAL E 614 -7.11 6.01 82.55
N SER E 615 -6.61 6.63 81.51
CA SER E 615 -5.51 6.08 80.72
C SER E 615 -4.27 5.82 81.54
N GLU E 616 -3.60 4.74 81.21
CA GLU E 616 -2.24 4.49 81.77
C GLU E 616 -1.22 5.27 80.91
N VAL E 617 -0.58 6.29 81.51
CA VAL E 617 0.47 7.02 80.85
C VAL E 617 1.83 6.62 81.36
N LYS E 618 2.60 5.95 80.50
CA LYS E 618 3.90 5.50 80.82
C LYS E 618 4.87 6.66 80.59
N LEU E 619 5.64 7.03 81.62
CA LEU E 619 6.64 8.12 81.51
C LEU E 619 8.09 7.64 81.67
N THR E 620 8.97 8.13 80.80
CA THR E 620 10.42 7.85 80.87
C THR E 620 11.24 9.11 80.52
N ARG E 621 12.22 9.38 81.36
CA ARG E 621 13.09 10.55 81.23
C ARG E 621 14.17 10.30 80.16
N LEU E 622 14.39 11.29 79.31
CA LEU E 622 15.40 11.25 78.25
C LEU E 622 16.58 12.25 78.39
N THR E 623 16.49 13.19 79.32
CA THR E 623 17.61 14.09 79.59
C THR E 623 17.70 14.13 81.06
N PHE E 624 18.93 14.28 81.58
CA PHE E 624 19.15 14.11 83.02
C PHE E 624 19.75 15.34 83.75
N PRO E 625 18.98 16.43 83.78
CA PRO E 625 19.41 17.52 84.62
C PRO E 625 19.59 17.09 86.09
N SER E 626 20.24 17.97 86.85
CA SER E 626 20.44 17.80 88.29
C SER E 626 19.14 18.07 89.10
N SER E 627 18.19 18.76 88.47
CA SER E 627 16.88 19.03 89.04
C SER E 627 15.83 17.91 88.75
N ALA E 628 16.27 16.75 88.30
CA ALA E 628 15.36 15.61 88.09
C ALA E 628 14.56 15.22 89.35
N GLY E 629 13.26 15.04 89.17
CA GLY E 629 12.39 14.61 90.26
C GLY E 629 11.43 13.49 89.86
N ALA E 630 10.71 12.94 90.83
CA ALA E 630 9.76 11.91 90.51
C ALA E 630 8.62 12.53 89.70
N LEU E 631 8.22 11.84 88.64
CA LEU E 631 7.24 12.36 87.72
C LEU E 631 5.89 11.79 88.04
N THR E 632 4.84 12.40 87.55
CA THR E 632 3.51 11.92 87.82
C THR E 632 2.60 12.56 86.84
N VAL E 633 1.44 11.94 86.64
CA VAL E 633 0.44 12.49 85.76
C VAL E 633 -0.68 13.14 86.57
N THR E 634 -1.25 14.22 86.05
CA THR E 634 -2.32 14.98 86.72
C THR E 634 -3.02 15.90 85.72
N SER E 635 -4.05 16.60 86.18
CA SER E 635 -4.81 17.55 85.35
C SER E 635 -5.19 17.02 83.99
N VAL E 636 -5.78 15.85 83.95
CA VAL E 636 -6.24 15.23 82.72
C VAL E 636 -7.45 16.03 82.27
N ALA E 637 -7.41 16.53 81.06
CA ALA E 637 -8.49 17.35 80.56
C ALA E 637 -9.00 16.78 79.26
N GLN E 638 -10.31 16.69 79.12
CA GLN E 638 -10.88 16.21 77.87
C GLN E 638 -11.67 17.31 77.19
N ASN E 639 -11.25 17.59 75.98
CA ASN E 639 -11.89 18.57 75.14
C ASN E 639 -13.37 18.30 74.96
N GLN E 640 -14.20 19.34 75.10
CA GLN E 640 -15.68 19.14 75.05
C GLN E 640 -16.45 19.84 73.90
N ASP E 641 -15.75 20.11 72.80
CA ASP E 641 -16.36 20.72 71.61
C ASP E 641 -17.61 20.01 71.06
N VAL E 642 -18.37 20.81 70.32
CA VAL E 642 -19.71 20.50 69.85
C VAL E 642 -19.73 20.74 68.35
N PRO E 643 -20.40 19.87 67.57
CA PRO E 643 -21.22 18.70 67.98
C PRO E 643 -20.37 17.52 68.48
N THR E 644 -19.15 17.44 67.94
CA THR E 644 -18.23 16.38 68.27
C THR E 644 -17.01 16.94 69.01
N PRO E 645 -16.69 16.34 70.18
CA PRO E 645 -15.43 16.68 70.84
C PRO E 645 -14.23 16.26 69.99
N ASN E 646 -13.08 16.87 70.26
CA ASN E 646 -11.88 16.55 69.52
C ASN E 646 -10.86 16.04 70.49
N PRO E 647 -10.61 14.72 70.47
CA PRO E 647 -9.73 14.06 71.45
C PRO E 647 -8.26 14.45 71.29
N ASP E 648 -7.90 14.96 70.11
CA ASP E 648 -6.53 15.48 69.84
C ASP E 648 -6.19 16.67 70.71
N LEU E 649 -7.20 17.32 71.27
CA LEU E 649 -7.00 18.42 72.20
C LEU E 649 -7.20 18.02 73.65
N ASN E 650 -7.26 16.72 73.91
CA ASN E 650 -7.21 16.24 75.27
C ASN E 650 -5.84 16.61 75.75
N SER E 651 -5.63 16.60 77.04
CA SER E 651 -4.33 16.96 77.56
C SER E 651 -4.14 16.43 78.95
N PHE E 652 -2.89 16.30 79.36
CA PHE E 652 -2.63 15.93 80.74
C PHE E 652 -1.37 16.65 81.08
N VAL E 653 -1.01 16.67 82.36
CA VAL E 653 0.16 17.40 82.83
C VAL E 653 1.17 16.46 83.53
N ILE E 654 2.41 16.56 83.08
CA ILE E 654 3.53 15.89 83.72
C ILE E 654 4.07 16.85 84.74
N ARG E 655 4.08 16.45 86.00
CA ARG E 655 4.67 17.27 87.07
C ARG E 655 5.80 16.56 87.80
N SER E 656 6.86 17.29 88.11
CA SER E 656 8.00 16.72 88.78
C SER E 656 7.94 17.03 90.26
N SER E 657 8.59 16.20 91.06
CA SER E 657 8.58 16.34 92.50
C SER E 657 9.56 17.43 92.89
N ASN E 658 10.37 17.83 91.91
CA ASN E 658 11.30 18.94 92.02
C ASN E 658 10.77 20.07 91.12
N ALA E 659 10.41 21.19 91.71
CA ALA E 659 9.87 22.31 90.92
C ALA E 659 10.86 23.00 89.99
N ALA E 660 12.10 22.56 89.92
CA ALA E 660 13.11 23.17 89.00
C ALA E 660 13.45 22.26 87.82
N ASP E 661 12.76 21.12 87.76
CA ASP E 661 13.08 20.02 86.85
C ASP E 661 12.83 20.51 85.46
N VAL E 662 13.73 20.15 84.56
CA VAL E 662 13.62 20.58 83.16
C VAL E 662 13.86 19.39 82.26
N SER E 663 13.51 18.21 82.76
CA SER E 663 13.73 16.96 82.07
C SER E 663 12.94 16.90 80.80
N GLN E 664 13.45 16.11 79.88
CA GLN E 664 12.75 15.78 78.67
C GLN E 664 12.13 14.45 78.99
N VAL E 665 10.83 14.39 78.90
CA VAL E 665 10.12 13.20 79.28
C VAL E 665 9.38 12.55 78.11
N ALA E 666 9.65 11.27 77.86
CA ALA E 666 8.91 10.58 76.83
C ALA E 666 7.63 10.06 77.46
N TRP E 667 6.55 10.04 76.69
CA TRP E 667 5.25 9.59 77.16
C TRP E 667 4.54 8.65 76.16
N GLU E 668 3.88 7.61 76.68
CA GLU E 668 3.12 6.64 75.89
C GLU E 668 1.76 6.46 76.62
N VAL E 669 0.68 6.43 75.86
CA VAL E 669 -0.65 6.39 76.42
C VAL E 669 -1.22 5.01 76.18
N TYR E 670 -1.66 4.36 77.24
CA TYR E 670 -2.23 3.06 77.13
C TYR E 670 -3.64 3.08 77.71
N LEU E 671 -4.17 1.89 77.90
CA LEU E 671 -5.34 1.68 78.68
C LEU E 671 -5.04 0.48 79.68
N ALA F 28 -23.14 -79.35 19.44
CA ALA F 28 -23.98 -78.20 18.99
C ALA F 28 -25.44 -78.33 19.51
N PRO F 29 -26.22 -77.21 19.56
CA PRO F 29 -25.85 -75.81 19.25
C PRO F 29 -24.88 -75.13 20.27
N GLU F 30 -23.88 -75.90 20.71
CA GLU F 30 -22.70 -75.41 21.45
C GLU F 30 -21.55 -75.06 20.47
N ARG F 31 -21.15 -73.79 20.44
CA ARG F 31 -20.06 -73.35 19.56
C ARG F 31 -18.96 -72.80 20.44
N VAL F 32 -17.73 -73.24 20.19
CA VAL F 32 -16.57 -72.86 20.99
C VAL F 32 -15.39 -72.59 20.08
N PHE F 33 -14.79 -71.41 20.21
CA PHE F 33 -13.65 -71.04 19.38
C PHE F 33 -12.46 -70.78 20.28
N SER F 34 -11.27 -70.88 19.69
CA SER F 34 -10.05 -70.69 20.44
C SER F 34 -9.57 -69.26 20.30
N ASP F 35 -9.67 -68.71 19.09
CA ASP F 35 -9.24 -67.35 18.84
C ASP F 35 -10.44 -66.50 18.44
N LEU F 36 -10.24 -65.20 18.49
CA LEU F 36 -11.24 -64.25 18.06
C LEU F 36 -11.53 -64.38 16.56
N ALA F 37 -10.51 -64.20 15.73
CA ALA F 37 -10.65 -64.17 14.26
C ALA F 37 -11.65 -65.21 13.72
N SER F 38 -11.60 -66.40 14.33
CA SER F 38 -12.51 -67.52 14.01
C SER F 38 -13.94 -67.22 14.46
N MET F 39 -14.13 -66.86 15.73
CA MET F 39 -15.46 -66.50 16.25
C MET F 39 -16.16 -65.49 15.36
N VAL F 40 -15.52 -64.36 15.07
CA VAL F 40 -16.12 -63.33 14.20
C VAL F 40 -16.31 -63.77 12.75
N ALA F 41 -15.88 -64.98 12.40
CA ALA F 41 -15.99 -65.51 11.02
C ALA F 41 -17.20 -66.42 10.75
N TYR F 42 -17.43 -67.37 11.66
CA TYR F 42 -18.57 -68.26 11.62
C TYR F 42 -19.91 -67.62 11.19
N PRO F 43 -20.44 -68.02 10.01
CA PRO F 43 -21.67 -67.35 9.54
C PRO F 43 -23.00 -67.96 9.96
N ASN F 44 -23.01 -69.07 10.72
CA ASN F 44 -24.28 -69.73 11.10
C ASN F 44 -24.84 -69.39 12.43
N PHE F 45 -24.30 -68.37 13.07
CA PHE F 45 -24.76 -68.05 14.39
C PHE F 45 -26.28 -67.94 14.37
N GLN F 46 -26.91 -68.40 15.44
CA GLN F 46 -28.34 -68.29 15.60
C GLN F 46 -28.66 -67.99 17.08
N VAL F 47 -29.66 -67.15 17.24
CA VAL F 47 -30.09 -66.61 18.54
C VAL F 47 -30.19 -67.57 19.74
N GLN F 48 -29.98 -68.86 19.54
CA GLN F 48 -30.05 -69.79 20.67
C GLN F 48 -28.77 -70.56 20.83
N ASP F 49 -27.81 -70.34 19.93
CA ASP F 49 -26.53 -70.99 20.04
C ASP F 49 -25.91 -70.64 21.39
N LYS F 50 -25.08 -71.55 21.91
CA LYS F 50 -24.21 -71.24 23.03
C LYS F 50 -22.82 -70.94 22.45
N ILE F 51 -22.39 -69.69 22.56
CA ILE F 51 -21.04 -69.30 22.09
C ILE F 51 -20.04 -69.16 23.25
N THR F 52 -18.79 -69.51 22.97
CA THR F 52 -17.72 -69.35 23.93
C THR F 52 -16.40 -69.07 23.21
N LEU F 53 -15.63 -68.14 23.79
CA LEU F 53 -14.26 -67.84 23.36
C LEU F 53 -13.27 -68.29 24.43
N LEU F 54 -12.14 -68.82 23.95
CA LEU F 54 -11.01 -69.24 24.77
C LEU F 54 -9.71 -68.42 24.54
N GLY F 55 -9.08 -68.06 25.66
CA GLY F 55 -7.76 -67.41 25.68
C GLY F 55 -7.69 -66.12 26.51
N SER F 56 -7.13 -65.07 25.90
CA SER F 56 -6.98 -63.75 26.53
C SER F 56 -8.31 -62.96 26.70
N ALA F 57 -8.90 -62.62 25.54
CA ALA F 57 -10.20 -61.93 25.45
C ALA F 57 -11.36 -62.81 25.95
N GLY F 58 -11.05 -64.06 26.26
CA GLY F 58 -12.00 -65.12 26.59
C GLY F 58 -13.30 -64.77 27.29
N GLY F 59 -14.36 -65.51 26.96
CA GLY F 59 -15.65 -65.27 27.56
C GLY F 59 -16.80 -65.91 26.78
N ASP F 60 -18.00 -65.62 27.26
CA ASP F 60 -19.25 -66.22 26.80
C ASP F 60 -20.20 -65.20 26.15
N PHE F 61 -20.50 -65.46 24.88
CA PHE F 61 -21.29 -64.58 24.02
C PHE F 61 -22.68 -65.10 23.61
N THR F 62 -23.48 -64.16 23.17
CA THR F 62 -24.85 -64.36 22.79
C THR F 62 -25.04 -63.75 21.44
N PHE F 63 -25.63 -64.48 20.52
CA PHE F 63 -25.82 -63.94 19.20
C PHE F 63 -27.12 -63.20 19.20
N THR F 64 -27.23 -62.26 18.27
CA THR F 64 -28.38 -61.38 18.21
C THR F 64 -28.35 -60.56 16.97
N THR F 65 -29.51 -60.02 16.62
CA THR F 65 -29.66 -59.19 15.40
C THR F 65 -30.22 -57.76 15.69
N THR F 66 -30.77 -57.59 16.89
CA THR F 66 -31.05 -56.26 17.48
C THR F 66 -29.82 -55.36 17.32
N ALA F 67 -29.79 -54.55 16.26
CA ALA F 67 -28.64 -53.64 15.98
C ALA F 67 -27.94 -53.09 17.24
N SER F 68 -26.62 -53.31 17.35
CA SER F 68 -25.86 -52.94 18.55
C SER F 68 -24.69 -52.04 18.16
N VAL F 69 -24.11 -51.38 19.17
CA VAL F 69 -22.88 -50.57 19.00
C VAL F 69 -21.56 -51.40 19.13
N VAL F 70 -20.93 -51.68 17.99
CA VAL F 70 -19.67 -52.38 17.91
C VAL F 70 -18.53 -51.61 18.58
N ASP F 71 -17.85 -52.29 19.51
CA ASP F 71 -16.60 -51.79 20.09
C ASP F 71 -15.45 -52.81 20.15
N ASN F 72 -15.65 -53.96 19.54
CA ASN F 72 -14.67 -55.00 19.51
C ASN F 72 -14.08 -55.32 20.84
N GLY F 73 -14.96 -55.56 21.79
CA GLY F 73 -14.57 -55.90 23.13
C GLY F 73 -15.71 -56.54 23.87
N THR F 74 -16.83 -55.84 23.91
CA THR F 74 -18.07 -56.34 24.45
C THR F 74 -19.13 -56.58 23.32
N VAL F 75 -18.96 -55.97 22.16
CA VAL F 75 -19.90 -56.18 21.08
C VAL F 75 -19.15 -56.31 19.76
N PHE F 76 -19.31 -57.42 19.06
CA PHE F 76 -18.66 -57.64 17.79
C PHE F 76 -19.68 -57.82 16.69
N ALA F 77 -19.31 -57.40 15.49
CA ALA F 77 -20.10 -57.65 14.28
C ALA F 77 -19.64 -58.97 13.64
N VAL F 78 -20.61 -59.82 13.37
CA VAL F 78 -20.35 -61.09 12.72
C VAL F 78 -21.30 -61.20 11.55
N PRO F 79 -21.07 -62.17 10.67
CA PRO F 79 -22.03 -62.54 9.63
C PRO F 79 -23.44 -62.74 10.16
N GLY F 80 -24.37 -61.82 9.80
CA GLY F 80 -25.75 -61.94 10.23
C GLY F 80 -26.16 -61.00 11.34
N GLY F 81 -25.23 -60.59 12.17
CA GLY F 81 -25.64 -59.77 13.32
C GLY F 81 -24.51 -59.42 14.26
N TYR F 82 -24.73 -59.67 15.55
CA TYR F 82 -23.74 -59.32 16.56
C TYR F 82 -23.49 -60.38 17.63
N LEU F 83 -22.30 -60.34 18.19
CA LEU F 83 -21.92 -61.12 19.34
C LEU F 83 -21.80 -60.15 20.48
N LEU F 84 -22.56 -60.40 21.53
CA LEU F 84 -22.55 -59.61 22.76
C LEU F 84 -21.91 -60.41 23.88
N ARG F 85 -20.88 -59.87 24.47
CA ARG F 85 -20.21 -60.55 25.56
C ARG F 85 -21.13 -60.46 26.75
N LYS F 86 -21.25 -61.54 27.49
CA LYS F 86 -22.09 -61.49 28.69
C LYS F 86 -21.20 -61.65 29.92
N PHE F 87 -21.46 -60.80 30.91
CA PHE F 87 -20.60 -60.74 32.06
C PHE F 87 -21.13 -59.80 33.13
N VAL F 88 -20.65 -60.06 34.32
CA VAL F 88 -20.92 -59.22 35.45
C VAL F 88 -19.63 -58.60 35.81
N GLY F 89 -19.68 -57.51 36.56
CA GLY F 89 -18.46 -56.87 37.00
C GLY F 89 -17.93 -56.03 35.87
N PRO F 90 -16.66 -55.61 35.98
CA PRO F 90 -16.14 -54.62 35.07
C PRO F 90 -15.65 -55.20 33.78
N ALA F 91 -15.47 -54.35 32.78
CA ALA F 91 -14.86 -54.77 31.56
C ALA F 91 -13.33 -54.54 31.65
N TYR F 92 -12.61 -55.15 30.72
CA TYR F 92 -11.19 -55.05 30.72
C TYR F 92 -10.76 -54.45 29.42
N SER F 93 -9.77 -53.56 29.46
CA SER F 93 -9.16 -53.04 28.25
C SER F 93 -8.53 -54.12 27.37
N SER F 94 -8.03 -55.17 28.02
CA SER F 94 -7.48 -56.28 27.29
C SER F 94 -8.46 -57.07 26.51
N TRP F 95 -9.75 -56.87 26.73
CA TRP F 95 -10.78 -57.44 25.83
C TRP F 95 -10.89 -56.75 24.43
N PHE F 96 -10.38 -55.52 24.29
CA PHE F 96 -10.66 -54.67 23.10
C PHE F 96 -9.60 -54.73 22.03
N SER F 97 -10.00 -54.53 20.80
CA SER F 97 -9.07 -54.61 19.74
C SER F 97 -8.29 -53.32 19.60
N ASN F 98 -8.81 -52.18 20.05
CA ASN F 98 -8.05 -50.96 19.82
C ASN F 98 -8.63 -49.84 20.61
N TRP F 99 -7.87 -48.76 20.75
CA TRP F 99 -8.28 -47.54 21.46
C TRP F 99 -9.67 -47.05 21.00
N THR F 100 -9.93 -47.15 19.71
CA THR F 100 -11.17 -46.66 19.20
C THR F 100 -12.37 -47.31 19.88
N GLY F 101 -12.30 -48.62 20.06
CA GLY F 101 -13.44 -49.34 20.66
C GLY F 101 -13.54 -49.02 22.15
N ILE F 102 -12.39 -48.76 22.75
CA ILE F 102 -12.39 -48.33 24.13
C ILE F 102 -13.15 -47.03 24.28
N VAL F 103 -12.93 -46.11 23.34
CA VAL F 103 -13.55 -44.80 23.38
C VAL F 103 -15.04 -44.94 23.19
N THR F 104 -15.38 -45.74 22.18
CA THR F 104 -16.77 -46.10 21.92
C THR F 104 -17.42 -46.68 23.20
N PHE F 105 -16.79 -47.68 23.82
CA PHE F 105 -17.27 -48.25 25.08
C PHE F 105 -17.53 -47.16 26.09
N MET F 106 -16.54 -46.31 26.30
CA MET F 106 -16.66 -45.38 27.43
C MET F 106 -17.52 -44.20 27.09
N SER F 107 -18.09 -44.18 25.87
CA SER F 107 -18.96 -43.02 25.50
C SER F 107 -20.41 -43.03 26.03
N ALA F 108 -20.78 -44.16 26.60
CA ALA F 108 -22.06 -44.33 27.26
C ALA F 108 -21.86 -44.22 28.75
N PRO F 109 -22.88 -43.79 29.47
CA PRO F 109 -22.82 -43.71 30.92
C PRO F 109 -22.87 -45.10 31.52
N ASN F 110 -22.69 -45.21 32.83
CA ASN F 110 -22.73 -46.51 33.54
C ASN F 110 -21.73 -47.51 33.01
N ARG F 111 -20.48 -47.12 32.84
CA ARG F 111 -19.45 -48.05 32.39
C ARG F 111 -18.36 -48.22 33.42
N HIS F 112 -17.91 -49.46 33.63
CA HIS F 112 -16.78 -49.76 34.54
C HIS F 112 -15.76 -50.47 33.68
N LEU F 113 -14.64 -49.79 33.45
CA LEU F 113 -13.55 -50.36 32.66
C LEU F 113 -12.30 -50.52 33.49
N VAL F 114 -11.64 -51.66 33.32
CA VAL F 114 -10.38 -51.84 34.01
C VAL F 114 -9.24 -51.79 32.98
N VAL F 115 -8.36 -50.82 33.16
CA VAL F 115 -7.25 -50.68 32.22
C VAL F 115 -6.15 -51.59 32.75
N ASP F 116 -6.01 -52.73 32.09
CA ASP F 116 -5.01 -53.71 32.43
C ASP F 116 -4.02 -53.95 31.25
N THR F 117 -3.99 -53.05 30.28
CA THR F 117 -3.00 -53.12 29.20
C THR F 117 -2.43 -51.76 28.96
N VAL F 118 -1.51 -51.65 28.03
CA VAL F 118 -0.95 -50.31 27.77
C VAL F 118 -1.58 -49.70 26.52
N LEU F 119 -2.50 -48.78 26.70
CA LEU F 119 -3.29 -48.24 25.59
C LEU F 119 -2.58 -47.14 24.90
N GLN F 120 -2.70 -47.15 23.59
CA GLN F 120 -2.17 -46.09 22.78
C GLN F 120 -3.27 -45.20 22.23
N ALA F 121 -3.39 -44.04 22.79
CA ALA F 121 -4.47 -43.15 22.43
C ALA F 121 -4.21 -42.45 21.14
N THR F 122 -5.28 -42.20 20.37
CA THR F 122 -5.22 -41.37 19.19
C THR F 122 -6.37 -40.40 19.13
N SER F 123 -7.01 -40.15 20.28
CA SER F 123 -8.15 -39.28 20.41
C SER F 123 -8.44 -39.04 21.84
N VAL F 124 -9.29 -38.07 22.14
CA VAL F 124 -9.70 -37.85 23.53
C VAL F 124 -10.66 -38.93 23.93
N LEU F 125 -10.59 -39.35 25.20
CA LEU F 125 -11.50 -40.33 25.76
C LEU F 125 -12.45 -39.53 26.60
N ASN F 126 -13.73 -39.54 26.22
CA ASN F 126 -14.78 -38.92 27.05
C ASN F 126 -15.43 -39.91 28.02
N ILE F 127 -15.55 -39.54 29.27
CA ILE F 127 -16.17 -40.39 30.28
C ILE F 127 -17.53 -39.76 30.55
N LYS F 128 -18.52 -40.60 30.81
CA LYS F 128 -19.84 -40.16 31.07
C LYS F 128 -20.28 -40.54 32.50
N SER F 129 -21.51 -40.17 32.85
CA SER F 129 -21.97 -40.32 34.20
C SER F 129 -21.92 -41.74 34.76
N ASN F 130 -21.72 -41.83 36.07
CA ASN F 130 -21.71 -43.12 36.77
C ASN F 130 -20.80 -44.06 36.08
N SER F 131 -19.56 -43.66 35.93
CA SER F 131 -18.54 -44.48 35.28
C SER F 131 -17.23 -44.52 36.05
N THR F 132 -16.51 -45.59 35.83
CA THR F 132 -15.30 -45.78 36.53
C THR F 132 -14.25 -46.29 35.62
N LEU F 133 -13.17 -45.54 35.63
CA LEU F 133 -11.96 -45.94 34.93
C LEU F 133 -10.95 -46.39 35.97
N GLU F 134 -10.56 -47.67 35.91
CA GLU F 134 -9.71 -48.20 36.96
C GLU F 134 -8.46 -48.85 36.40
N PHE F 135 -7.28 -48.40 36.82
CA PHE F 135 -6.02 -48.89 36.26
C PHE F 135 -5.41 -49.97 37.13
N THR F 136 -4.87 -51.04 36.54
CA THR F 136 -4.06 -52.02 37.28
C THR F 136 -2.64 -51.47 37.19
N ASP F 137 -1.68 -52.13 37.85
CA ASP F 137 -0.31 -51.58 37.97
C ASP F 137 0.40 -51.56 36.58
N THR F 138 -0.06 -52.41 35.68
CA THR F 138 0.33 -52.47 34.28
C THR F 138 -0.25 -51.36 33.43
N GLY F 139 -1.49 -51.00 33.67
CA GLY F 139 -2.22 -50.16 32.75
C GLY F 139 -1.70 -48.76 32.62
N ARG F 140 -1.80 -48.29 31.40
CA ARG F 140 -1.32 -47.00 30.99
C ARG F 140 -2.20 -46.43 29.90
N ILE F 141 -2.21 -45.12 29.85
CA ILE F 141 -2.68 -44.45 28.65
C ILE F 141 -1.51 -43.62 28.10
N LEU F 142 -0.98 -43.99 26.96
CA LEU F 142 0.05 -43.20 26.36
C LEU F 142 -0.55 -42.29 25.31
N PRO F 143 -0.32 -40.98 25.43
CA PRO F 143 -0.84 -40.08 24.45
C PRO F 143 -0.22 -40.24 23.06
N ASP F 144 -0.88 -39.68 22.05
CA ASP F 144 -0.48 -39.80 20.66
C ASP F 144 0.77 -38.96 20.46
N ALA F 145 1.71 -39.54 19.81
CA ALA F 145 2.96 -38.84 19.64
C ALA F 145 2.85 -37.92 18.40
N ALA F 146 1.86 -38.19 17.56
CA ALA F 146 1.64 -37.44 16.34
C ALA F 146 0.99 -36.09 16.64
N VAL F 147 0.19 -36.05 17.68
CA VAL F 147 -0.56 -34.90 18.01
C VAL F 147 -0.57 -34.78 19.53
N ALA F 148 -0.17 -33.64 20.04
CA ALA F 148 -0.38 -33.34 21.45
C ALA F 148 -1.82 -32.86 21.58
N ARG F 149 -2.66 -33.61 22.33
CA ARG F 149 -4.09 -33.31 22.49
C ARG F 149 -4.46 -33.61 23.93
N GLN F 150 -5.74 -33.58 24.26
CA GLN F 150 -6.18 -33.92 25.62
C GLN F 150 -6.33 -35.40 25.72
N VAL F 151 -6.22 -35.89 26.96
CA VAL F 151 -6.41 -37.29 27.21
C VAL F 151 -7.83 -37.63 27.72
N LEU F 152 -8.19 -37.17 28.91
CA LEU F 152 -9.47 -37.55 29.47
C LEU F 152 -10.36 -36.35 29.50
N ASN F 153 -11.59 -36.55 29.05
CA ASN F 153 -12.58 -35.50 29.19
C ASN F 153 -13.78 -35.94 29.98
N ILE F 154 -14.07 -35.17 31.01
CA ILE F 154 -15.27 -35.39 31.79
C ILE F 154 -16.09 -34.14 31.76
N THR F 155 -17.02 -34.14 30.81
CA THR F 155 -17.60 -32.90 30.38
C THR F 155 -19.13 -32.90 30.32
N GLY F 156 -19.75 -32.10 31.17
CA GLY F 156 -21.16 -31.73 30.96
C GLY F 156 -21.29 -30.43 30.15
N SER F 157 -22.30 -29.63 30.39
CA SER F 157 -22.46 -28.44 29.61
C SER F 157 -23.31 -27.49 30.31
N ALA F 158 -23.07 -26.22 30.04
CA ALA F 158 -23.88 -25.15 30.61
C ALA F 158 -25.33 -25.16 30.12
N PRO F 159 -26.17 -24.51 30.86
CA PRO F 159 -27.56 -24.55 30.51
C PRO F 159 -27.79 -23.80 29.23
N SER F 160 -28.66 -24.37 28.41
CA SER F 160 -29.02 -23.80 27.14
C SER F 160 -29.99 -22.66 27.20
N VAL F 161 -30.67 -22.44 28.31
CA VAL F 161 -31.60 -21.32 28.46
C VAL F 161 -31.77 -20.99 29.93
N PHE F 162 -31.86 -19.71 30.26
CA PHE F 162 -31.97 -19.29 31.66
C PHE F 162 -33.36 -18.71 31.89
N VAL F 163 -33.90 -18.79 33.09
CA VAL F 163 -35.13 -18.04 33.39
C VAL F 163 -34.86 -17.18 34.59
N PRO F 164 -35.60 -16.08 34.73
CA PRO F 164 -35.22 -15.26 35.88
C PRO F 164 -35.76 -15.78 37.20
N LEU F 165 -35.16 -15.32 38.27
CA LEU F 165 -35.72 -15.54 39.58
C LEU F 165 -37.01 -14.67 39.71
N ALA F 166 -37.99 -15.20 40.42
CA ALA F 166 -39.20 -14.52 40.69
C ALA F 166 -39.04 -13.60 41.84
N ALA F 167 -37.98 -13.71 42.59
CA ALA F 167 -37.72 -12.77 43.70
C ALA F 167 -36.32 -12.94 44.22
N ASP F 168 -35.82 -11.87 44.83
CA ASP F 168 -34.47 -11.84 45.40
C ASP F 168 -34.29 -13.00 46.29
N ALA F 169 -33.08 -13.57 46.28
CA ALA F 169 -32.68 -14.68 47.13
C ALA F 169 -31.35 -14.37 47.80
N ALA F 170 -31.40 -13.92 49.03
CA ALA F 170 -30.17 -13.52 49.69
C ALA F 170 -29.30 -14.73 50.07
N ALA F 171 -28.07 -14.42 50.43
CA ALA F 171 -27.21 -15.46 50.89
C ALA F 171 -27.82 -16.15 52.15
N GLY F 172 -27.73 -17.46 52.22
CA GLY F 172 -28.35 -18.19 53.29
C GLY F 172 -29.67 -18.81 52.84
N SER F 173 -30.18 -18.48 51.67
CA SER F 173 -31.40 -18.99 51.21
C SER F 173 -31.29 -20.45 50.92
N LYS F 174 -32.38 -21.18 51.25
CA LYS F 174 -32.51 -22.60 51.02
C LYS F 174 -33.35 -22.81 49.81
N VAL F 175 -34.07 -21.76 49.43
CA VAL F 175 -35.01 -21.92 48.35
C VAL F 175 -34.95 -20.77 47.43
N ILE F 176 -34.98 -21.04 46.15
CA ILE F 176 -35.16 -19.97 45.18
C ILE F 176 -36.53 -20.14 44.54
N THR F 177 -36.99 -19.07 43.89
CA THR F 177 -38.34 -19.05 43.25
C THR F 177 -38.30 -18.61 41.81
N VAL F 178 -39.01 -19.32 40.96
CA VAL F 178 -39.18 -18.94 39.61
C VAL F 178 -40.67 -18.86 39.32
N ALA F 179 -41.06 -18.26 38.21
CA ALA F 179 -42.46 -18.37 37.82
C ALA F 179 -42.89 -19.81 37.51
N ALA F 180 -44.12 -20.16 37.89
CA ALA F 180 -44.65 -21.50 37.63
C ALA F 180 -44.60 -21.79 36.15
N GLY F 181 -44.03 -22.95 35.81
CA GLY F 181 -43.96 -23.41 34.44
C GLY F 181 -42.75 -22.91 33.71
N ALA F 182 -42.01 -21.97 34.31
CA ALA F 182 -40.78 -21.41 33.68
C ALA F 182 -39.78 -22.47 33.34
N LEU F 183 -39.49 -23.39 34.24
CA LEU F 183 -38.58 -24.50 33.93
C LEU F 183 -38.97 -25.70 34.74
N SER F 184 -38.59 -26.88 34.31
CA SER F 184 -38.93 -28.04 35.10
C SER F 184 -37.75 -28.44 36.00
N ALA F 185 -37.88 -28.22 37.31
CA ALA F 185 -36.79 -28.56 38.20
C ALA F 185 -37.07 -29.94 38.72
N VAL F 186 -36.33 -30.93 38.25
CA VAL F 186 -36.48 -32.29 38.66
C VAL F 186 -35.57 -32.60 39.81
N LYS F 187 -36.16 -33.16 40.87
CA LYS F 187 -35.45 -33.46 42.11
C LYS F 187 -34.30 -34.37 41.78
N GLY F 188 -33.18 -34.12 42.43
CA GLY F 188 -31.96 -34.88 42.15
C GLY F 188 -31.05 -34.42 41.01
N THR F 189 -31.48 -33.43 40.25
CA THR F 189 -30.67 -32.92 39.17
C THR F 189 -30.13 -31.60 39.68
N TYR F 190 -29.37 -30.91 38.82
CA TYR F 190 -28.71 -29.62 39.16
C TYR F 190 -29.28 -28.35 38.51
N LEU F 191 -28.98 -27.21 39.12
CA LEU F 191 -29.29 -25.89 38.58
C LEU F 191 -28.05 -25.03 38.55
N TYR F 192 -28.00 -24.07 37.63
CA TYR F 192 -26.85 -23.19 37.52
C TYR F 192 -27.45 -21.87 37.71
N LEU F 193 -27.10 -21.20 38.79
CA LEU F 193 -27.55 -19.85 39.06
C LEU F 193 -26.44 -18.87 38.78
N ARG F 194 -26.83 -17.69 38.24
CA ARG F 194 -25.88 -16.59 38.03
C ARG F 194 -26.56 -15.27 38.06
N SER F 195 -25.79 -14.20 38.12
CA SER F 195 -26.32 -12.86 38.15
C SER F 195 -25.22 -11.94 37.64
N ASN F 196 -25.40 -10.63 37.73
CA ASN F 196 -24.35 -9.69 37.26
C ASN F 196 -23.54 -9.11 38.37
N LYS F 197 -23.79 -9.55 39.58
CA LYS F 197 -22.94 -9.18 40.70
C LYS F 197 -21.53 -9.76 40.40
N LEU F 198 -20.51 -9.01 40.79
CA LEU F 198 -19.13 -9.43 40.66
C LEU F 198 -18.73 -10.30 41.81
N CYS F 199 -17.93 -11.32 41.49
CA CYS F 199 -17.36 -12.21 42.50
C CYS F 199 -16.63 -11.31 43.47
N ASP F 200 -16.66 -11.70 44.73
CA ASP F 200 -16.16 -10.88 45.78
C ASP F 200 -15.11 -11.55 46.64
N GLY F 201 -14.63 -12.70 46.25
CA GLY F 201 -13.55 -13.33 47.01
C GLY F 201 -12.23 -12.58 47.17
N GLY F 202 -11.85 -11.86 46.10
CA GLY F 202 -10.65 -11.02 46.08
C GLY F 202 -10.86 -9.89 45.12
N PRO F 203 -9.79 -9.23 44.66
CA PRO F 203 -9.81 -8.07 43.79
C PRO F 203 -10.57 -8.23 42.51
N ASN F 204 -10.61 -9.43 41.97
CA ASN F 204 -11.36 -9.67 40.76
C ASN F 204 -11.16 -8.59 39.66
N THR F 205 -9.96 -8.49 39.14
CA THR F 205 -9.65 -7.48 38.12
C THR F 205 -10.34 -7.74 36.80
N TYR F 206 -10.46 -8.96 36.36
CA TYR F 206 -11.18 -9.20 35.12
C TYR F 206 -12.73 -9.01 35.25
N GLY F 207 -13.23 -8.71 36.44
CA GLY F 207 -14.68 -8.60 36.62
C GLY F 207 -15.54 -9.83 36.32
N VAL F 208 -15.14 -10.96 36.87
CA VAL F 208 -15.92 -12.19 36.78
C VAL F 208 -17.22 -12.07 37.60
N LYS F 209 -18.29 -12.54 37.00
CA LYS F 209 -19.57 -12.51 37.65
C LYS F 209 -19.91 -13.80 38.40
N ILE F 210 -20.80 -13.70 39.39
CA ILE F 210 -21.11 -14.85 40.26
C ILE F 210 -21.97 -15.93 39.60
N SER F 211 -21.72 -17.16 39.96
CA SER F 211 -22.54 -18.25 39.57
C SER F 211 -22.37 -19.37 40.58
N GLN F 212 -23.35 -20.27 40.67
CA GLN F 212 -23.24 -21.41 41.57
C GLN F 212 -24.04 -22.56 41.00
N ILE F 213 -23.55 -23.78 41.22
CA ILE F 213 -24.28 -24.96 40.93
C ILE F 213 -24.90 -25.54 42.18
N ARG F 214 -26.20 -25.93 42.07
CA ARG F 214 -26.97 -26.47 43.21
C ARG F 214 -27.80 -27.63 42.79
N LYS F 215 -28.05 -28.52 43.75
CA LYS F 215 -28.88 -29.70 43.49
C LYS F 215 -30.33 -29.45 43.98
N VAL F 216 -31.30 -29.89 43.19
CA VAL F 216 -32.71 -29.70 43.55
C VAL F 216 -33.09 -30.82 44.50
N VAL F 217 -33.47 -30.49 45.72
CA VAL F 217 -33.90 -31.56 46.63
C VAL F 217 -35.36 -31.50 47.01
N GLY F 218 -36.06 -30.46 46.57
CA GLY F 218 -37.47 -30.29 46.85
C GLY F 218 -38.12 -29.25 45.96
N VAL F 219 -39.28 -29.59 45.40
CA VAL F 219 -40.05 -28.67 44.53
C VAL F 219 -41.55 -28.50 44.86
N SER F 220 -42.02 -27.28 44.83
CA SER F 220 -43.42 -27.07 45.13
C SER F 220 -43.87 -25.81 44.40
N THR F 221 -45.00 -25.90 43.73
CA THR F 221 -45.58 -24.76 43.04
C THR F 221 -46.87 -24.29 43.70
N SER F 222 -47.00 -22.99 43.88
CA SER F 222 -48.21 -22.43 44.47
C SER F 222 -48.36 -20.92 44.19
N GLY F 223 -49.48 -20.56 43.59
CA GLY F 223 -49.80 -19.16 43.36
C GLY F 223 -49.05 -18.68 42.16
N GLY F 224 -48.86 -19.58 41.21
CA GLY F 224 -48.07 -19.27 40.02
C GLY F 224 -46.60 -19.06 40.27
N VAL F 225 -46.08 -19.53 41.40
CA VAL F 225 -44.66 -19.39 41.73
C VAL F 225 -44.16 -20.73 42.19
N THR F 226 -43.16 -21.29 41.49
CA THR F 226 -42.53 -22.52 41.91
C THR F 226 -41.37 -22.24 42.88
N SER F 227 -41.35 -22.96 44.00
CA SER F 227 -40.27 -22.87 44.98
C SER F 227 -39.42 -24.13 44.93
N ILE F 228 -38.13 -23.91 44.62
CA ILE F 228 -37.15 -24.97 44.49
C ILE F 228 -36.29 -24.92 45.73
N ARG F 229 -36.25 -26.05 46.44
CA ARG F 229 -35.33 -26.25 47.54
C ARG F 229 -33.99 -26.84 47.08
N LEU F 230 -32.94 -26.17 47.53
CA LEU F 230 -31.58 -26.54 47.19
C LEU F 230 -30.94 -27.42 48.25
N ASP F 231 -29.97 -28.22 47.83
CA ASP F 231 -29.18 -29.06 48.74
C ASP F 231 -28.30 -28.23 49.61
N LYS F 232 -27.72 -27.18 49.07
CA LYS F 232 -26.86 -26.31 49.85
C LYS F 232 -27.39 -24.89 49.77
N THR F 233 -27.20 -24.07 50.79
CA THR F 233 -27.64 -22.70 50.75
C THR F 233 -26.83 -21.86 49.81
N LEU F 234 -27.29 -20.65 49.55
CA LEU F 234 -26.67 -19.75 48.57
C LEU F 234 -25.59 -18.93 49.22
N HIS F 235 -24.50 -18.66 48.51
CA HIS F 235 -23.40 -17.93 49.10
C HIS F 235 -23.27 -16.53 48.60
N TYR F 236 -24.21 -16.09 47.82
CA TYR F 236 -24.24 -14.69 47.40
C TYR F 236 -25.67 -14.20 47.45
N ASN F 237 -25.87 -12.89 47.41
CA ASN F 237 -27.16 -12.31 47.19
C ASN F 237 -27.46 -12.29 45.72
N TYR F 238 -28.45 -13.06 45.33
CA TYR F 238 -29.00 -13.02 43.99
C TYR F 238 -30.23 -12.06 43.86
N TYR F 239 -29.96 -10.84 43.43
CA TYR F 239 -30.95 -9.78 43.28
C TYR F 239 -31.53 -9.75 41.88
N LEU F 240 -32.77 -9.29 41.74
CA LEU F 240 -33.41 -9.19 40.43
C LEU F 240 -32.92 -7.91 39.70
N SER F 241 -32.40 -6.95 40.48
CA SER F 241 -31.67 -5.80 39.92
C SER F 241 -30.34 -6.23 39.25
N ASP F 242 -29.81 -7.41 39.58
CA ASP F 242 -28.62 -7.94 38.93
C ASP F 242 -29.00 -8.95 37.92
N ALA F 243 -30.27 -9.02 37.54
CA ALA F 243 -30.72 -9.99 36.54
C ALA F 243 -30.41 -11.44 36.95
N ALA F 244 -30.58 -11.76 38.22
CA ALA F 244 -30.46 -13.14 38.66
C ALA F 244 -31.33 -14.09 37.84
N GLU F 245 -30.73 -15.16 37.37
CA GLU F 245 -31.42 -16.10 36.52
C GLU F 245 -30.87 -17.47 36.79
N VAL F 246 -31.57 -18.48 36.27
CA VAL F 246 -31.32 -19.86 36.61
C VAL F 246 -31.70 -20.81 35.49
N GLY F 247 -30.88 -21.82 35.29
CA GLY F 247 -31.11 -22.77 34.24
C GLY F 247 -30.52 -24.08 34.61
N ILE F 248 -30.81 -25.05 33.76
CA ILE F 248 -30.48 -26.43 33.98
C ILE F 248 -29.25 -26.89 33.21
N PRO F 249 -28.10 -27.08 33.90
CA PRO F 249 -26.96 -27.47 33.18
C PRO F 249 -27.06 -28.93 32.99
N THR F 250 -26.26 -29.47 32.07
CA THR F 250 -26.16 -30.88 31.89
C THR F 250 -24.89 -31.35 32.63
N MET F 251 -25.04 -32.12 33.74
CA MET F 251 -23.86 -32.44 34.51
C MET F 251 -23.37 -33.81 34.16
N VAL F 252 -22.09 -34.09 34.38
CA VAL F 252 -21.56 -35.47 34.27
C VAL F 252 -21.30 -35.78 35.67
N GLU F 253 -21.86 -36.89 36.13
CA GLU F 253 -21.79 -37.08 37.55
C GLU F 253 -21.29 -38.44 37.99
N ASN F 254 -20.71 -38.41 39.17
CA ASN F 254 -20.32 -39.61 39.85
C ASN F 254 -19.33 -40.41 39.02
N VAL F 255 -18.18 -39.81 38.79
CA VAL F 255 -17.17 -40.47 38.00
C VAL F 255 -15.96 -40.72 38.84
N THR F 256 -15.37 -41.87 38.65
CA THR F 256 -14.21 -42.23 39.47
C THR F 256 -13.03 -42.75 38.65
N LEU F 257 -11.91 -42.08 38.87
CA LEU F 257 -10.71 -42.49 38.15
C LEU F 257 -9.82 -43.06 39.19
N VAL F 258 -9.47 -44.33 39.05
CA VAL F 258 -8.63 -45.00 40.04
C VAL F 258 -7.22 -45.31 39.52
N SER F 259 -6.25 -44.63 40.12
CA SER F 259 -4.90 -44.78 39.75
C SER F 259 -4.65 -44.50 38.26
N PRO F 260 -5.10 -43.35 37.75
CA PRO F 260 -4.79 -43.12 36.30
C PRO F 260 -3.27 -42.88 36.00
N TYR F 261 -2.72 -43.60 35.02
CA TYR F 261 -1.33 -43.44 34.62
C TYR F 261 -1.38 -42.91 33.22
N ILE F 262 -1.10 -41.63 33.11
CA ILE F 262 -1.09 -40.96 31.81
C ILE F 262 0.33 -40.64 31.42
N ASN F 263 0.75 -41.15 30.29
CA ASN F 263 2.15 -41.08 29.86
C ASN F 263 3.10 -41.97 30.68
N GLU F 264 4.39 -41.91 30.35
CA GLU F 264 5.39 -42.68 31.05
C GLU F 264 6.72 -42.01 30.89
N PHE F 265 7.62 -42.23 31.85
CA PHE F 265 8.96 -41.76 31.71
C PHE F 265 9.59 -42.18 30.41
N GLY F 266 10.41 -41.29 29.88
CA GLY F 266 10.97 -41.53 28.58
C GLY F 266 10.18 -40.94 27.47
N TYR F 267 9.07 -40.33 27.84
CA TYR F 267 8.19 -39.63 26.90
C TYR F 267 9.01 -38.61 26.08
N ASP F 268 9.88 -37.89 26.74
CA ASP F 268 10.58 -36.85 26.03
C ASP F 268 11.47 -37.39 24.93
N ASP F 269 11.97 -38.61 25.07
CA ASP F 269 12.76 -39.18 23.99
C ASP F 269 11.93 -39.50 22.76
N LEU F 270 10.64 -39.75 22.92
CA LEU F 270 9.75 -40.06 21.81
C LEU F 270 8.92 -38.80 21.39
N ASN F 271 9.19 -37.69 22.05
CA ASN F 271 8.46 -36.44 21.83
C ASN F 271 6.99 -36.66 21.90
N ARG F 272 6.58 -37.42 22.90
CA ARG F 272 5.22 -37.80 23.14
C ARG F 272 4.70 -36.94 24.25
N PHE F 273 3.72 -36.11 23.98
CA PHE F 273 3.10 -35.28 24.97
C PHE F 273 1.57 -35.23 24.90
N PHE F 274 0.99 -34.32 25.66
CA PHE F 274 -0.42 -34.09 25.65
C PHE F 274 -0.67 -32.62 26.06
N THR F 275 -1.89 -32.14 26.00
CA THR F 275 -2.11 -30.77 26.44
C THR F 275 -2.55 -30.73 27.86
N ILE F 276 -3.81 -31.19 28.08
CA ILE F 276 -4.44 -31.29 29.40
C ILE F 276 -4.68 -32.75 29.68
N GLY F 277 -4.26 -33.22 30.85
CA GLY F 277 -4.37 -34.61 31.14
C GLY F 277 -5.82 -34.98 31.35
N ILE F 278 -6.42 -34.40 32.36
CA ILE F 278 -7.76 -34.76 32.75
C ILE F 278 -8.48 -33.46 32.85
N SER F 279 -9.45 -33.30 31.97
CA SER F 279 -10.17 -32.02 31.94
C SER F 279 -11.63 -32.21 32.22
N ALA F 280 -12.11 -31.56 33.24
CA ALA F 280 -13.48 -31.72 33.62
C ALA F 280 -14.16 -30.41 33.68
N ASN F 281 -15.39 -30.42 33.20
CA ASN F 281 -16.26 -29.23 33.27
C ASN F 281 -17.71 -29.59 33.57
N PHE F 282 -18.31 -28.90 34.51
CA PHE F 282 -19.70 -29.20 34.87
C PHE F 282 -19.79 -30.65 35.28
N ALA F 283 -19.04 -30.99 36.32
CA ALA F 283 -18.99 -32.35 36.82
C ALA F 283 -19.36 -32.29 38.27
N ALA F 284 -19.96 -33.37 38.74
CA ALA F 284 -20.29 -33.49 40.15
C ALA F 284 -19.85 -34.82 40.68
N ASP F 285 -19.17 -34.81 41.83
CA ASP F 285 -18.64 -36.02 42.41
C ASP F 285 -17.68 -36.75 41.52
N LEU F 286 -16.75 -35.98 41.01
CA LEU F 286 -15.70 -36.53 40.23
C LEU F 286 -14.65 -36.82 41.26
N HIS F 287 -14.13 -38.04 41.27
CA HIS F 287 -13.03 -38.38 42.21
C HIS F 287 -11.87 -39.00 41.54
N ILE F 288 -10.70 -38.38 41.73
CA ILE F 288 -9.46 -38.94 41.20
C ILE F 288 -8.60 -39.44 42.33
N GLN F 289 -8.23 -40.71 42.24
CA GLN F 289 -7.52 -41.41 43.34
C GLN F 289 -6.09 -41.86 42.89
N ASP F 290 -5.06 -41.37 43.55
CA ASP F 290 -3.73 -41.71 43.23
C ASP F 290 -3.39 -41.53 41.72
N GLY F 291 -2.56 -42.41 41.19
CA GLY F 291 -2.17 -42.36 39.82
C GLY F 291 -1.00 -41.44 39.61
N VAL F 292 -0.56 -41.42 38.36
CA VAL F 292 0.57 -40.61 37.97
C VAL F 292 0.34 -39.92 36.64
N ILE F 293 0.75 -38.66 36.56
CA ILE F 293 0.65 -37.90 35.33
C ILE F 293 1.94 -37.22 34.93
N ILE F 294 2.48 -37.62 33.79
CA ILE F 294 3.81 -37.22 33.39
C ILE F 294 3.92 -36.57 31.99
N GLY F 295 4.65 -35.46 31.96
CA GLY F 295 5.26 -34.97 30.74
C GLY F 295 4.40 -34.50 29.64
N ASN F 296 3.85 -33.31 29.86
CA ASN F 296 3.26 -32.53 28.81
C ASN F 296 4.12 -31.28 28.60
N LYS F 297 5.37 -31.41 29.03
CA LYS F 297 6.47 -30.52 28.72
C LYS F 297 7.75 -31.33 28.86
N ARG F 298 8.86 -30.87 28.28
CA ARG F 298 10.13 -31.59 28.44
C ARG F 298 10.68 -31.27 29.80
N PRO F 299 11.48 -32.16 30.39
CA PRO F 299 11.96 -31.97 31.74
C PRO F 299 12.74 -30.71 31.94
N GLY F 300 12.33 -29.94 32.94
CA GLY F 300 12.92 -28.66 33.22
C GLY F 300 12.60 -27.59 32.18
N ALA F 301 11.80 -27.88 31.15
CA ALA F 301 11.54 -26.87 30.13
C ALA F 301 10.63 -25.69 30.56
N SER F 302 10.47 -24.69 29.71
CA SER F 302 9.62 -23.58 30.18
C SER F 302 8.12 -23.92 29.95
N ASP F 303 7.26 -23.03 30.47
CA ASP F 303 5.84 -23.31 30.61
C ASP F 303 5.12 -23.17 29.30
N ILE F 304 4.03 -23.89 29.18
CA ILE F 304 3.12 -23.77 28.09
C ILE F 304 1.73 -23.45 28.64
N GLU F 305 1.17 -22.34 28.23
CA GLU F 305 -0.01 -21.85 28.89
C GLU F 305 -1.22 -22.76 28.69
N GLY F 306 -1.91 -23.13 29.76
CA GLY F 306 -3.06 -23.98 29.65
C GLY F 306 -2.83 -25.47 29.71
N ARG F 307 -1.58 -25.94 29.69
CA ARG F 307 -1.32 -27.40 29.76
C ARG F 307 -1.26 -27.89 31.19
N SER F 308 -2.39 -27.78 31.89
CA SER F 308 -2.54 -28.27 33.25
C SER F 308 -2.75 -29.77 33.24
N ALA F 309 -2.30 -30.40 34.31
CA ALA F 309 -2.40 -31.85 34.40
C ALA F 309 -3.82 -32.29 34.63
N ILE F 310 -4.46 -31.63 35.60
CA ILE F 310 -5.86 -31.84 35.92
C ILE F 310 -6.54 -30.52 36.02
N LYS F 311 -7.66 -30.42 35.31
CA LYS F 311 -8.43 -29.17 35.32
C LYS F 311 -9.91 -29.33 35.76
N PHE F 312 -10.34 -28.61 36.78
CA PHE F 312 -11.74 -28.63 37.28
C PHE F 312 -12.35 -27.28 37.06
N ASN F 313 -13.19 -27.25 36.03
CA ASN F 313 -13.99 -26.10 35.74
C ASN F 313 -15.47 -26.34 36.06
N ASN F 314 -16.08 -25.50 36.92
CA ASN F 314 -17.45 -25.68 37.38
C ASN F 314 -17.73 -27.10 37.85
N CYS F 315 -16.97 -27.53 38.83
CA CYS F 315 -17.12 -28.86 39.38
C CYS F 315 -17.53 -28.76 40.82
N VAL F 316 -18.53 -29.55 41.20
CA VAL F 316 -18.90 -29.56 42.58
C VAL F 316 -18.51 -30.90 43.20
N ASP F 317 -18.22 -30.84 44.49
CA ASP F 317 -17.92 -32.00 45.35
C ASP F 317 -16.94 -32.91 44.63
N SER F 318 -15.89 -32.34 44.05
CA SER F 318 -14.88 -33.18 43.40
C SER F 318 -13.52 -33.12 44.02
N THR F 319 -12.77 -34.19 43.86
CA THR F 319 -11.49 -34.28 44.55
C THR F 319 -10.36 -34.94 43.78
N VAL F 320 -9.16 -34.58 44.20
CA VAL F 320 -7.94 -35.28 43.81
C VAL F 320 -7.19 -35.72 45.05
N LYS F 321 -6.94 -37.02 45.17
CA LYS F 321 -6.29 -37.55 46.38
C LYS F 321 -5.15 -38.45 46.04
N GLY F 322 -3.93 -37.99 46.28
CA GLY F 322 -2.73 -38.79 46.14
C GLY F 322 -2.11 -38.89 44.78
N THR F 323 -2.57 -38.11 43.84
CA THR F 323 -2.02 -38.24 42.50
C THR F 323 -0.61 -37.63 42.49
N CYS F 324 0.28 -38.22 41.70
CA CYS F 324 1.66 -37.74 41.54
C CYS F 324 1.83 -37.01 40.17
N PHE F 325 2.39 -35.80 40.16
CA PHE F 325 2.59 -35.07 38.88
C PHE F 325 4.08 -34.77 38.61
N TYR F 326 4.58 -35.13 37.45
CA TYR F 326 5.94 -34.88 37.08
C TYR F 326 5.99 -34.17 35.74
N ASN F 327 6.78 -33.10 35.65
CA ASN F 327 7.07 -32.45 34.37
C ASN F 327 5.83 -31.94 33.63
N ILE F 328 5.23 -30.91 34.18
CA ILE F 328 3.98 -30.38 33.66
C ILE F 328 4.16 -28.92 33.24
N GLY F 329 3.77 -28.64 32.02
CA GLY F 329 3.90 -27.28 31.50
C GLY F 329 3.05 -26.22 32.11
N TRP F 330 1.92 -26.59 32.73
CA TRP F 330 1.08 -25.57 33.37
C TRP F 330 0.82 -25.87 34.82
N TYR F 331 -0.41 -26.02 35.25
CA TYR F 331 -0.65 -26.32 36.64
C TYR F 331 -0.93 -27.80 36.91
N GLY F 332 -0.61 -28.17 38.15
CA GLY F 332 -0.86 -29.56 38.63
C GLY F 332 -2.33 -29.88 38.63
N VAL F 333 -3.00 -29.08 39.45
CA VAL F 333 -4.41 -29.07 39.58
C VAL F 333 -4.92 -27.65 39.46
N GLU F 334 -5.59 -27.41 38.34
CA GLU F 334 -6.28 -26.12 38.07
C GLU F 334 -7.73 -26.20 38.51
N VAL F 335 -8.18 -25.20 39.25
CA VAL F 335 -9.53 -25.10 39.74
C VAL F 335 -10.06 -23.72 39.42
N LEU F 336 -11.06 -23.70 38.58
CA LEU F 336 -11.73 -22.47 38.20
C LEU F 336 -13.23 -22.62 38.03
N GLY F 337 -13.85 -21.49 37.81
CA GLY F 337 -15.31 -21.47 37.68
C GLY F 337 -15.93 -21.51 39.05
N CYS F 338 -17.17 -21.95 39.09
CA CYS F 338 -17.82 -21.94 40.41
C CYS F 338 -17.62 -23.30 41.08
N SER F 339 -16.38 -23.82 41.01
CA SER F 339 -16.11 -25.09 41.59
C SER F 339 -16.24 -24.91 43.06
N GLU F 340 -17.17 -25.67 43.64
CA GLU F 340 -17.47 -25.54 45.03
C GLU F 340 -17.14 -26.86 45.71
N ASP F 341 -16.66 -26.79 46.96
CA ASP F 341 -16.36 -27.97 47.78
C ASP F 341 -15.36 -28.90 47.12
N THR F 342 -14.24 -28.33 46.72
CA THR F 342 -13.19 -29.08 46.04
C THR F 342 -12.13 -29.41 47.04
N GLU F 343 -11.54 -30.58 46.95
CA GLU F 343 -10.46 -30.88 47.82
C GLU F 343 -9.32 -31.50 47.07
N VAL F 344 -8.10 -31.20 47.51
CA VAL F 344 -6.93 -31.86 46.99
C VAL F 344 -6.12 -32.29 48.17
N HIS F 345 -5.82 -33.59 48.19
CA HIS F 345 -5.10 -34.21 49.34
C HIS F 345 -3.91 -35.01 48.89
N ASP F 346 -2.83 -34.88 49.66
CA ASP F 346 -1.64 -35.76 49.55
C ASP F 346 -1.00 -35.80 48.12
N ILE F 347 -0.92 -34.70 47.40
CA ILE F 347 -0.37 -34.84 46.06
C ILE F 347 1.09 -34.50 46.09
N HIS F 348 1.78 -35.01 45.11
CA HIS F 348 3.16 -34.76 44.97
C HIS F 348 3.36 -34.23 43.57
N ALA F 349 3.85 -33.01 43.48
CA ALA F 349 4.03 -32.36 42.21
C ALA F 349 5.50 -31.88 42.05
N MET F 350 6.17 -32.37 41.00
CA MET F 350 7.59 -32.09 40.77
C MET F 350 7.71 -31.50 39.36
N ASP F 351 8.20 -30.28 39.25
CA ASP F 351 8.51 -29.65 37.95
C ASP F 351 7.24 -29.31 37.24
N VAL F 352 6.52 -28.40 37.88
CA VAL F 352 5.29 -27.90 37.36
C VAL F 352 5.33 -26.37 37.46
N ARG F 353 4.32 -25.68 36.98
CA ARG F 353 4.26 -24.22 37.21
C ARG F 353 3.75 -23.91 38.63
N HIS F 354 2.63 -24.54 38.98
CA HIS F 354 1.98 -24.42 40.30
C HIS F 354 1.50 -25.81 40.58
N ALA F 355 1.57 -26.21 41.83
CA ALA F 355 1.14 -27.60 42.13
C ALA F 355 -0.39 -27.59 42.07
N ILE F 356 -0.94 -26.56 42.72
CA ILE F 356 -2.35 -26.27 42.77
C ILE F 356 -2.56 -24.79 42.48
N SER F 357 -3.51 -24.47 41.63
CA SER F 357 -3.80 -23.06 41.38
C SER F 357 -5.27 -22.78 41.16
N LEU F 358 -5.89 -21.95 41.96
CA LEU F 358 -7.30 -21.57 41.74
C LEU F 358 -7.28 -20.44 40.78
N ASN F 359 -7.90 -20.63 39.65
CA ASN F 359 -7.73 -19.67 38.60
C ASN F 359 -8.85 -18.60 38.51
N TRP F 360 -8.61 -17.60 37.67
CA TRP F 360 -9.59 -16.60 37.32
C TRP F 360 -9.97 -16.90 35.90
N GLN F 361 -10.73 -16.01 35.26
CA GLN F 361 -11.13 -16.18 33.84
C GLN F 361 -10.97 -14.87 33.14
N SER F 362 -10.34 -14.87 31.97
CA SER F 362 -10.10 -13.63 31.24
C SER F 362 -11.45 -13.29 30.60
N THR F 363 -11.84 -12.06 30.84
CA THR F 363 -13.07 -11.56 30.25
C THR F 363 -12.77 -10.66 29.04
N ALA F 364 -11.54 -10.77 28.53
CA ALA F 364 -11.12 -10.07 27.29
C ALA F 364 -12.05 -10.37 26.10
N ASP F 365 -12.57 -11.58 26.09
CA ASP F 365 -13.41 -12.01 24.99
C ASP F 365 -14.86 -12.15 25.36
N GLY F 366 -15.27 -11.49 26.43
CA GLY F 366 -16.68 -11.54 26.84
C GLY F 366 -16.86 -11.79 28.31
N ASP F 367 -18.11 -11.74 28.76
CA ASP F 367 -18.42 -12.02 30.16
C ASP F 367 -18.02 -13.40 30.63
N LYS F 368 -17.67 -13.47 31.93
CA LYS F 368 -17.34 -14.74 32.59
C LYS F 368 -17.99 -14.90 33.94
N TRP F 369 -18.31 -16.15 34.28
CA TRP F 369 -18.85 -16.43 35.58
C TRP F 369 -18.17 -17.52 36.40
N GLY F 370 -18.02 -17.24 37.70
CA GLY F 370 -17.73 -18.29 38.69
C GLY F 370 -16.38 -18.21 39.34
N GLU F 371 -16.37 -18.06 40.67
CA GLU F 371 -15.14 -18.16 41.45
C GLU F 371 -15.19 -19.40 42.32
N PRO F 372 -14.05 -20.08 42.59
CA PRO F 372 -14.13 -21.26 43.39
C PRO F 372 -14.52 -20.91 44.76
N ILE F 373 -15.31 -21.79 45.36
CA ILE F 373 -15.81 -21.52 46.70
C ILE F 373 -15.52 -22.74 47.53
N GLU F 374 -14.93 -22.56 48.72
CA GLU F 374 -14.57 -23.66 49.58
C GLU F 374 -13.61 -24.65 48.95
N PHE F 375 -12.33 -24.42 49.18
CA PHE F 375 -11.32 -25.30 48.64
C PHE F 375 -10.41 -25.60 49.75
N LEU F 376 -9.94 -26.83 49.76
CA LEU F 376 -9.05 -27.35 50.77
C LEU F 376 -7.90 -28.06 50.07
N GLY F 377 -6.71 -27.65 50.45
CA GLY F 377 -5.54 -28.32 50.00
C GLY F 377 -4.95 -28.85 51.25
N VAL F 378 -4.78 -30.15 51.33
CA VAL F 378 -4.19 -30.70 52.55
C VAL F 378 -3.13 -31.74 52.36
N ASN F 379 -1.98 -31.45 52.94
CA ASN F 379 -0.83 -32.39 52.94
C ASN F 379 -0.27 -32.55 51.51
N CYS F 380 -0.10 -31.45 50.81
CA CYS F 380 0.42 -31.54 49.48
C CYS F 380 1.85 -31.11 49.46
N GLU F 381 2.59 -31.71 48.56
CA GLU F 381 4.01 -31.52 48.45
C GLU F 381 4.34 -31.02 47.04
N ALA F 382 5.00 -29.88 46.99
CA ALA F 382 5.45 -29.29 45.75
C ALA F 382 7.01 -29.10 45.67
N TYR F 383 7.63 -29.67 44.63
CA TYR F 383 9.06 -29.53 44.43
C TYR F 383 9.33 -28.80 43.15
N SER F 384 10.26 -27.85 43.21
CA SER F 384 10.86 -27.21 41.98
C SER F 384 9.84 -26.71 41.01
N THR F 385 8.95 -25.84 41.45
CA THR F 385 7.96 -25.20 40.59
C THR F 385 8.53 -23.93 39.94
N THR F 386 8.11 -23.69 38.72
CA THR F 386 8.65 -22.60 37.97
C THR F 386 8.00 -21.31 38.42
N GLN F 387 6.87 -21.41 39.11
CA GLN F 387 6.26 -20.30 39.80
C GLN F 387 5.80 -20.73 41.15
N ALA F 388 4.90 -20.01 41.81
CA ALA F 388 4.54 -20.42 43.18
C ALA F 388 4.15 -21.90 43.35
N GLY F 389 4.38 -22.45 44.54
CA GLY F 389 4.07 -23.85 44.76
C GLY F 389 2.58 -24.08 44.80
N PHE F 390 1.94 -23.22 45.58
CA PHE F 390 0.51 -23.22 45.76
C PHE F 390 0.04 -21.81 45.52
N ASP F 391 -0.97 -21.67 44.68
CA ASP F 391 -1.34 -20.35 44.29
C ASP F 391 -2.83 -20.14 44.10
N THR F 392 -3.25 -18.90 44.21
CA THR F 392 -4.59 -18.52 43.81
C THR F 392 -4.53 -17.30 42.92
N HIS F 393 -5.55 -17.09 42.11
CA HIS F 393 -5.63 -15.84 41.41
C HIS F 393 -6.54 -14.88 42.24
N ASP F 394 -7.15 -13.91 41.59
CA ASP F 394 -7.76 -12.84 42.33
C ASP F 394 -9.27 -12.96 42.62
N ILE F 395 -9.80 -14.17 42.55
CA ILE F 395 -11.15 -14.45 42.98
C ILE F 395 -11.08 -15.75 43.74
N GLY F 396 -12.14 -16.11 44.46
CA GLY F 396 -12.15 -17.34 45.23
C GLY F 396 -12.43 -17.06 46.66
N LYS F 397 -13.34 -17.84 47.25
CA LYS F 397 -13.71 -17.67 48.67
C LYS F 397 -13.41 -18.94 49.44
N ARG F 398 -13.22 -18.76 50.74
CA ARG F 398 -12.99 -19.85 51.68
C ARG F 398 -11.96 -20.82 51.20
N VAL F 399 -10.77 -20.28 50.97
CA VAL F 399 -9.64 -21.08 50.47
C VAL F 399 -8.72 -21.39 51.63
N LYS F 400 -8.35 -22.65 51.79
CA LYS F 400 -7.56 -23.11 52.93
C LYS F 400 -6.46 -24.05 52.48
N PHE F 401 -5.26 -23.80 52.96
CA PHE F 401 -4.21 -24.80 52.83
C PHE F 401 -3.82 -25.36 54.19
N VAL F 402 -3.71 -26.68 54.27
CA VAL F 402 -3.37 -27.30 55.53
C VAL F 402 -2.20 -28.27 55.40
N ARG F 403 -1.14 -27.99 56.15
CA ARG F 403 0.03 -28.84 56.17
C ARG F 403 0.56 -29.10 54.76
N CYS F 404 0.68 -28.07 53.96
CA CYS F 404 1.24 -28.26 52.64
C CYS F 404 2.64 -27.72 52.74
N VAL F 405 3.50 -28.28 51.92
CA VAL F 405 4.87 -27.89 51.94
C VAL F 405 5.31 -27.61 50.55
N SER F 406 6.12 -26.57 50.39
CA SER F 406 6.79 -26.16 49.10
C SER F 406 8.29 -26.12 49.21
N TYR F 407 8.95 -26.80 48.28
CA TYR F 407 10.41 -26.83 48.23
C TYR F 407 10.95 -26.22 46.98
N ASP F 408 11.93 -25.37 47.15
CA ASP F 408 12.76 -24.82 46.07
C ASP F 408 11.96 -24.24 44.90
N SER F 409 11.11 -23.28 45.21
CA SER F 409 10.27 -22.68 44.22
C SER F 409 11.09 -21.59 43.57
N ALA F 410 10.84 -21.40 42.28
CA ALA F 410 11.53 -20.36 41.55
C ALA F 410 10.91 -19.03 41.81
N ALA F 411 9.85 -19.02 42.58
CA ALA F 411 9.11 -17.79 42.91
C ALA F 411 8.71 -17.85 44.36
N ALA F 412 7.45 -17.76 44.73
CA ALA F 412 7.10 -17.93 46.11
C ALA F 412 6.82 -19.41 46.44
N GLY F 413 6.74 -19.74 47.73
CA GLY F 413 6.33 -21.09 48.10
C GLY F 413 4.85 -21.10 47.88
N PHE F 414 4.17 -20.15 48.49
CA PHE F 414 2.72 -20.00 48.43
C PHE F 414 2.38 -18.55 48.04
N GLN F 415 1.48 -18.42 47.11
CA GLN F 415 0.98 -17.12 46.76
C GLN F 415 -0.55 -16.91 46.88
N ALA F 416 -0.94 -15.94 47.68
CA ALA F 416 -2.35 -15.64 47.80
C ALA F 416 -2.65 -14.40 46.98
N ARG F 417 -3.44 -14.56 45.94
CA ARG F 417 -3.92 -13.39 45.22
C ARG F 417 -5.43 -13.02 45.41
N THR F 418 -6.15 -13.76 46.27
CA THR F 418 -7.53 -13.48 46.67
C THR F 418 -7.54 -13.21 48.14
N ASN F 419 -8.60 -12.61 48.63
CA ASN F 419 -8.61 -12.20 50.05
C ASN F 419 -8.84 -13.30 51.09
N GLY F 420 -8.08 -13.20 52.18
CA GLY F 420 -8.23 -14.06 53.39
C GLY F 420 -8.03 -15.54 53.16
N VAL F 421 -7.00 -15.87 52.38
CA VAL F 421 -6.54 -17.22 52.25
C VAL F 421 -5.95 -17.59 53.58
N GLU F 422 -6.27 -18.78 54.08
CA GLU F 422 -5.82 -19.21 55.39
C GLU F 422 -4.92 -20.41 55.15
N TYR F 423 -3.79 -20.42 55.86
CA TYR F 423 -2.80 -21.49 55.81
C TYR F 423 -2.59 -21.99 57.22
N LEU F 424 -2.74 -23.28 57.45
CA LEU F 424 -2.46 -23.83 58.79
C LEU F 424 -1.33 -24.80 58.73
N ASN F 425 -0.25 -24.50 59.43
CA ASN F 425 0.87 -25.44 59.51
C ASN F 425 1.56 -25.74 58.21
N CYS F 426 1.68 -24.75 57.37
CA CYS F 426 2.36 -24.91 56.11
C CYS F 426 3.77 -24.56 56.23
N ARG F 427 4.54 -25.21 55.40
CA ARG F 427 5.97 -24.99 55.33
C ARG F 427 6.44 -24.58 53.96
N ALA F 428 7.30 -23.59 53.91
CA ALA F 428 8.04 -23.20 52.65
C ALA F 428 9.55 -23.29 52.81
N TYR F 429 10.22 -24.01 51.92
CA TYR F 429 11.69 -24.11 51.98
C TYR F 429 12.36 -23.58 50.72
N ARG F 430 13.37 -22.75 50.91
CA ARG F 430 14.30 -22.28 49.85
C ARG F 430 13.59 -21.74 48.62
N ALA F 431 12.62 -20.90 48.83
CA ALA F 431 11.98 -20.28 47.73
C ALA F 431 12.82 -19.09 47.29
N ALA F 432 12.96 -18.99 45.97
CA ALA F 432 13.73 -17.96 45.30
C ALA F 432 13.37 -16.60 45.76
N MET F 433 12.10 -16.38 46.07
CA MET F 433 11.67 -15.09 46.58
C MET F 433 11.19 -15.17 48.01
N ASP F 434 9.87 -15.17 48.26
CA ASP F 434 9.31 -15.27 49.63
C ASP F 434 8.71 -16.62 49.93
N GLY F 435 8.75 -17.04 51.18
CA GLY F 435 8.12 -18.31 51.45
C GLY F 435 6.62 -18.27 51.18
N PHE F 436 5.99 -17.26 51.77
CA PHE F 436 4.59 -17.00 51.67
C PHE F 436 4.40 -15.55 51.31
N ALA F 437 3.58 -15.29 50.30
CA ALA F 437 3.31 -13.91 49.91
C ALA F 437 1.89 -13.68 49.48
N SER F 438 1.42 -12.46 49.64
CA SER F 438 0.18 -12.08 49.04
C SER F 438 0.55 -11.30 47.77
N ASN F 439 -0.22 -10.30 47.35
CA ASN F 439 0.19 -9.58 46.16
C ASN F 439 -0.53 -8.30 46.08
N THR F 440 -0.35 -7.60 44.98
CA THR F 440 -0.95 -6.27 44.81
C THR F 440 -2.45 -6.26 44.99
N GLY F 441 -2.85 -5.42 45.94
CA GLY F 441 -4.28 -5.21 46.24
C GLY F 441 -4.93 -6.30 47.05
N VAL F 442 -4.15 -7.31 47.49
CA VAL F 442 -4.67 -8.44 48.16
C VAL F 442 -4.69 -8.25 49.65
N ALA F 443 -5.82 -8.57 50.24
CA ALA F 443 -6.02 -8.30 51.67
C ALA F 443 -5.91 -9.54 52.63
N PHE F 444 -5.20 -9.27 53.72
CA PHE F 444 -5.04 -10.12 54.88
C PHE F 444 -5.06 -11.63 54.77
N PRO F 445 -3.98 -12.21 54.29
CA PRO F 445 -3.88 -13.64 54.43
C PRO F 445 -3.74 -13.93 55.91
N ILE F 446 -4.01 -15.16 56.32
CA ILE F 446 -3.83 -15.55 57.68
C ILE F 446 -2.92 -16.72 57.66
N TYR F 447 -1.82 -16.57 58.38
CA TYR F 447 -0.84 -17.59 58.54
C TYR F 447 -0.87 -18.11 59.96
N ARG F 448 -1.08 -19.41 60.13
CA ARG F 448 -1.10 -20.01 61.47
C ARG F 448 -0.08 -21.15 61.63
N GLU F 449 0.90 -20.91 62.51
CA GLU F 449 1.93 -21.91 62.83
C GLU F 449 2.73 -22.37 61.57
N CYS F 450 2.88 -21.44 60.64
CA CYS F 450 3.57 -21.71 59.41
C CYS F 450 5.06 -21.53 59.63
N LEU F 451 5.80 -22.30 58.89
CA LEU F 451 7.23 -22.24 58.96
C LEU F 451 7.81 -21.89 57.61
N ALA F 452 8.72 -20.94 57.58
CA ALA F 452 9.52 -20.60 56.38
C ALA F 452 11.03 -20.82 56.63
N TYR F 453 11.65 -21.64 55.83
CA TYR F 453 13.07 -21.88 55.99
C TYR F 453 13.89 -21.56 54.74
N ASP F 454 14.86 -20.69 54.95
CA ASP F 454 15.82 -20.27 53.90
C ASP F 454 15.23 -19.82 52.62
N ASN F 455 14.21 -19.02 52.68
CA ASN F 455 13.72 -18.43 51.48
C ASN F 455 14.56 -17.15 51.34
N VAL F 456 14.93 -16.87 50.10
CA VAL F 456 15.90 -15.86 49.88
C VAL F 456 15.51 -14.53 50.38
N ARG F 457 14.39 -14.02 49.89
CA ARG F 457 13.96 -12.63 50.20
C ARG F 457 13.30 -12.51 51.59
N SER F 458 12.28 -13.34 51.85
CA SER F 458 11.56 -13.28 53.14
C SER F 458 10.75 -14.47 53.41
N GLY F 459 10.48 -14.65 54.70
CA GLY F 459 9.64 -15.77 55.11
C GLY F 459 8.19 -15.48 54.68
N PHE F 460 7.70 -14.35 55.14
CA PHE F 460 6.31 -13.97 54.95
C PHE F 460 6.30 -12.62 54.39
N ASN F 461 5.69 -12.52 53.23
CA ASN F 461 5.61 -11.24 52.59
C ASN F 461 4.21 -10.80 52.35
N CYS F 462 3.74 -9.97 53.27
CA CYS F 462 2.36 -9.51 53.23
C CYS F 462 2.28 -7.99 53.46
N SER F 463 3.06 -7.30 52.60
CA SER F 463 3.21 -5.86 52.65
C SER F 463 2.30 -5.19 51.64
N TYR F 464 1.48 -5.99 50.94
CA TYR F 464 0.63 -5.45 49.89
C TYR F 464 -0.70 -4.95 50.40
N GLY F 465 -1.19 -5.53 51.48
CA GLY F 465 -2.41 -5.05 52.09
C GLY F 465 -2.68 -5.70 53.43
N GLY F 466 -1.66 -5.77 54.30
CA GLY F 466 -1.78 -6.34 55.65
C GLY F 466 -1.71 -7.84 55.73
N GLY F 467 -1.52 -8.33 56.92
CA GLY F 467 -1.46 -9.74 57.17
C GLY F 467 -1.64 -10.07 58.65
N TYR F 468 -2.04 -11.31 58.91
CA TYR F 468 -2.04 -11.78 60.26
C TYR F 468 -1.13 -12.96 60.30
N VAL F 469 -0.01 -12.78 60.94
CA VAL F 469 0.99 -13.79 61.10
C VAL F 469 0.99 -14.36 62.51
N TYR F 470 0.33 -15.48 62.72
CA TYR F 470 0.20 -15.93 64.09
C TYR F 470 1.05 -17.16 64.39
N ASP F 471 1.93 -17.00 65.37
CA ASP F 471 2.87 -18.05 65.80
C ASP F 471 3.67 -18.75 64.69
N CYS F 472 4.11 -17.98 63.71
CA CYS F 472 4.90 -18.49 62.64
C CYS F 472 6.38 -18.37 62.89
N GLU F 473 7.14 -18.94 62.00
CA GLU F 473 8.60 -18.95 62.11
C GLU F 473 9.23 -18.74 60.76
N ALA F 474 10.21 -17.86 60.74
CA ALA F 474 10.97 -17.63 59.50
C ALA F 474 12.48 -17.50 59.80
N HIS F 475 13.23 -18.43 59.21
CA HIS F 475 14.66 -18.51 59.37
C HIS F 475 15.35 -18.40 58.03
N GLY F 476 16.40 -17.58 58.00
CA GLY F 476 17.39 -17.59 56.90
C GLY F 476 17.02 -16.81 55.67
N SER F 477 16.33 -15.71 55.86
CA SER F 477 15.95 -14.91 54.77
C SER F 477 16.57 -13.58 55.01
N GLN F 478 16.29 -12.61 54.16
CA GLN F 478 16.77 -11.28 54.42
C GLN F 478 15.95 -10.64 55.44
N ASN F 479 14.65 -10.89 55.44
CA ASN F 479 13.74 -10.36 56.50
C ASN F 479 12.74 -11.38 56.88
N GLY F 480 12.46 -11.59 58.15
CA GLY F 480 11.54 -12.63 58.53
C GLY F 480 10.17 -12.46 57.92
N VAL F 481 9.62 -11.30 58.20
CA VAL F 481 8.33 -10.92 57.78
C VAL F 481 8.43 -9.53 57.20
N ARG F 482 7.77 -9.30 56.06
CA ARG F 482 7.60 -7.96 55.47
C ARG F 482 6.14 -7.71 55.58
N ILE F 483 5.77 -6.59 56.15
CA ILE F 483 4.37 -6.36 56.52
C ILE F 483 4.04 -4.87 56.59
N ASN F 484 2.85 -4.44 56.18
CA ASN F 484 2.51 -3.04 56.31
C ASN F 484 1.49 -2.75 57.36
N GLY F 485 0.95 -3.82 57.93
CA GLY F 485 -0.07 -3.70 58.99
C GLY F 485 -0.75 -5.03 59.21
N GLY F 486 -1.42 -5.16 60.35
CA GLY F 486 -2.03 -6.41 60.76
C GLY F 486 -1.47 -6.79 62.11
N ARG F 487 -0.99 -8.02 62.25
CA ARG F 487 -0.45 -8.46 63.53
C ARG F 487 0.56 -9.53 63.41
N VAL F 488 1.64 -9.41 64.13
CA VAL F 488 2.55 -10.51 64.20
C VAL F 488 2.45 -10.93 65.65
N LYS F 489 1.87 -12.08 65.92
CA LYS F 489 1.79 -12.53 67.30
C LYS F 489 2.44 -13.87 67.54
N GLY F 490 3.32 -13.91 68.52
CA GLY F 490 4.00 -15.13 68.84
C GLY F 490 4.97 -15.47 67.75
N GLY F 491 5.44 -16.71 67.75
CA GLY F 491 6.42 -17.12 66.73
C GLY F 491 7.86 -16.82 67.13
N ARG F 492 8.73 -17.22 66.24
CA ARG F 492 10.17 -17.15 66.46
C ARG F 492 10.95 -16.94 65.15
N TYR F 493 11.81 -15.94 65.17
CA TYR F 493 12.52 -15.57 63.97
C TYR F 493 14.00 -15.57 64.23
N THR F 494 14.76 -16.09 63.30
CA THR F 494 16.21 -16.16 63.45
C THR F 494 16.86 -16.12 62.11
N ARG F 495 18.17 -15.87 62.15
CA ARG F 495 19.01 -15.87 60.97
C ARG F 495 18.46 -15.07 59.81
N ASN F 496 18.15 -13.83 60.08
CA ASN F 496 17.63 -12.95 59.05
C ASN F 496 18.65 -11.81 58.89
N SER F 497 19.29 -11.76 57.71
CA SER F 497 20.36 -10.79 57.41
C SER F 497 19.99 -9.37 57.71
N SER F 498 18.83 -8.93 57.27
CA SER F 498 18.47 -7.55 57.46
C SER F 498 17.75 -7.36 58.81
N SER F 499 16.61 -7.99 58.98
CA SER F 499 15.88 -7.90 60.23
C SER F 499 14.80 -8.94 60.23
N HIS F 500 14.30 -9.23 61.41
CA HIS F 500 13.30 -10.27 61.54
C HIS F 500 11.96 -9.77 61.06
N ILE F 501 11.56 -8.59 61.55
CA ILE F 501 10.39 -7.91 61.03
C ILE F 501 10.72 -6.61 60.24
N PHE F 502 10.16 -6.50 59.05
CA PHE F 502 10.42 -5.39 58.20
C PHE F 502 9.11 -4.69 57.90
N VAL F 503 8.87 -3.59 58.61
CA VAL F 503 7.63 -2.80 58.41
C VAL F 503 7.77 -1.95 57.15
N THR F 504 7.05 -2.31 56.09
CA THR F 504 7.30 -1.78 54.77
C THR F 504 6.01 -2.00 53.99
N LYS F 505 5.99 -1.49 52.76
CA LYS F 505 4.86 -1.48 51.84
C LYS F 505 5.35 -2.02 50.54
N ASP F 506 4.44 -2.46 49.70
CA ASP F 506 4.87 -2.93 48.39
C ASP F 506 5.21 -1.71 47.56
N VAL F 507 4.45 -0.62 47.76
CA VAL F 507 4.63 0.65 47.04
C VAL F 507 4.16 1.70 48.01
N ALA F 508 4.68 2.93 47.87
CA ALA F 508 4.34 3.99 48.85
C ALA F 508 2.86 4.33 48.84
N GLU F 509 2.18 4.08 47.72
CA GLU F 509 0.76 4.43 47.59
C GLU F 509 -0.10 3.53 48.43
N THR F 510 0.39 2.35 48.74
CA THR F 510 -0.36 1.47 49.62
C THR F 510 -0.47 2.14 50.98
N ALA F 511 -1.56 1.91 51.69
CA ALA F 511 -1.75 2.56 52.97
C ALA F 511 -1.13 1.72 54.05
N GLN F 512 -0.50 2.35 55.03
CA GLN F 512 0.01 1.66 56.19
C GLN F 512 -1.14 1.61 57.21
N THR F 513 -1.28 0.51 57.95
CA THR F 513 -2.33 0.39 58.95
C THR F 513 -1.73 0.02 60.28
N SER F 514 -2.53 -0.13 61.32
CA SER F 514 -1.97 -0.45 62.64
C SER F 514 -1.29 -1.83 62.57
N LEU F 515 -0.20 -1.98 63.34
CA LEU F 515 0.55 -3.23 63.41
C LEU F 515 0.87 -3.56 64.86
N GLU F 516 0.49 -4.74 65.33
CA GLU F 516 0.83 -5.16 66.68
C GLU F 516 1.88 -6.26 66.53
N ILE F 517 2.94 -6.16 67.30
CA ILE F 517 3.94 -7.20 67.39
C ILE F 517 4.01 -7.64 68.87
N ASP F 518 3.45 -8.78 69.20
CA ASP F 518 3.24 -9.12 70.58
C ASP F 518 3.66 -10.54 70.80
N GLY F 519 4.50 -10.72 71.78
CA GLY F 519 4.99 -12.04 72.10
C GLY F 519 5.84 -12.75 71.05
N VAL F 520 6.66 -12.00 70.31
CA VAL F 520 7.48 -12.54 69.27
C VAL F 520 8.91 -12.73 69.76
N SER F 521 9.47 -13.90 69.47
CA SER F 521 10.88 -14.17 69.81
C SER F 521 11.69 -13.66 68.62
N MET F 522 12.28 -12.47 68.78
CA MET F 522 13.16 -11.90 67.74
C MET F 522 14.59 -11.80 68.22
N ARG F 523 15.14 -12.82 68.81
CA ARG F 523 16.42 -12.65 69.49
C ARG F 523 17.52 -12.34 68.53
N TYR F 524 18.62 -11.78 69.04
CA TYR F 524 19.81 -11.51 68.21
C TYR F 524 20.66 -12.75 68.13
N ASP F 525 21.21 -13.05 66.96
CA ASP F 525 22.09 -14.21 66.79
C ASP F 525 23.30 -13.90 65.88
N GLY F 526 23.70 -12.64 65.83
CA GLY F 526 24.82 -12.25 64.96
C GLY F 526 24.50 -11.85 63.52
N THR F 527 23.21 -11.72 63.21
CA THR F 527 22.77 -11.32 61.89
C THR F 527 22.00 -10.03 62.05
N GLY F 528 20.77 -9.97 61.56
CA GLY F 528 20.03 -8.73 61.51
C GLY F 528 19.51 -8.19 62.82
N ARG F 529 18.87 -7.04 62.70
CA ARG F 529 18.25 -6.37 63.79
C ARG F 529 16.89 -6.95 63.98
N ALA F 530 16.14 -6.45 64.94
CA ALA F 530 14.85 -7.04 65.19
C ALA F 530 13.78 -6.48 64.25
N VAL F 531 13.70 -5.17 64.19
CA VAL F 531 12.65 -4.52 63.43
C VAL F 531 13.24 -3.48 62.50
N TYR F 532 12.70 -3.39 61.29
CA TYR F 532 13.22 -2.44 60.32
C TYR F 532 12.03 -1.58 59.91
N PHE F 533 12.11 -0.28 60.17
CA PHE F 533 11.05 0.63 59.76
C PHE F 533 11.39 1.33 58.46
N HIS F 534 10.59 1.18 57.42
CA HIS F 534 10.96 1.73 56.13
C HIS F 534 10.44 3.11 55.84
N GLY F 535 11.17 4.10 56.33
CA GLY F 535 10.83 5.48 56.07
C GLY F 535 10.77 5.83 54.59
N THR F 536 11.56 5.17 53.78
CA THR F 536 11.54 5.45 52.39
C THR F 536 10.12 5.38 51.83
N VAL F 537 9.31 4.43 52.24
CA VAL F 537 7.94 4.37 51.69
C VAL F 537 6.90 4.95 52.62
N GLY F 538 7.31 5.81 53.53
CA GLY F 538 6.35 6.44 54.45
C GLY F 538 5.83 5.60 55.61
N ILE F 539 6.63 4.77 56.25
CA ILE F 539 6.18 4.05 57.41
C ILE F 539 6.28 4.97 58.60
N ASP F 540 5.22 5.05 59.39
CA ASP F 540 5.20 5.89 60.57
C ASP F 540 5.24 4.97 61.78
N PRO F 541 6.28 5.05 62.58
CA PRO F 541 6.40 3.99 63.59
C PRO F 541 5.38 4.00 64.71
N THR F 542 4.82 5.16 64.98
CA THR F 542 3.86 5.24 66.05
C THR F 542 2.65 4.35 65.79
N LEU F 543 2.43 3.95 64.53
CA LEU F 543 1.33 3.03 64.23
C LEU F 543 1.64 1.60 64.54
N VAL F 544 2.78 1.31 65.21
CA VAL F 544 3.30 -0.03 65.49
C VAL F 544 3.37 -0.14 67.00
N SER F 545 2.95 -1.26 67.59
CA SER F 545 3.07 -1.46 69.06
C SER F 545 3.87 -2.68 69.27
N MET F 546 4.86 -2.64 70.13
CA MET F 546 5.64 -3.84 70.38
C MET F 546 5.49 -4.17 71.86
N SER F 547 5.00 -5.36 72.19
CA SER F 547 4.81 -5.71 73.57
C SER F 547 5.21 -7.13 73.84
N ASN F 548 5.81 -7.31 74.99
CA ASN F 548 6.19 -8.63 75.46
C ASN F 548 6.96 -9.48 74.46
N ASN F 549 7.87 -8.84 73.74
CA ASN F 549 8.71 -9.53 72.76
C ASN F 549 10.08 -9.83 73.33
N ASP F 550 10.72 -10.87 72.83
CA ASP F 550 12.05 -11.25 73.29
C ASP F 550 13.02 -10.68 72.25
N MET F 551 13.64 -9.53 72.51
CA MET F 551 14.59 -8.96 71.56
C MET F 551 16.02 -9.06 72.15
N THR F 552 16.25 -10.07 72.97
CA THR F 552 17.52 -10.21 73.65
C THR F 552 18.77 -10.20 72.74
N GLY F 553 19.78 -9.47 73.18
CA GLY F 553 21.05 -9.38 72.49
C GLY F 553 21.22 -8.32 71.42
N HIS F 554 20.19 -7.61 70.99
CA HIS F 554 20.35 -6.56 69.99
C HIS F 554 20.97 -5.25 70.50
N GLY F 555 21.11 -5.10 71.82
CA GLY F 555 21.72 -3.89 72.40
C GLY F 555 21.10 -2.62 71.88
N LEU F 556 21.91 -1.65 71.51
CA LEU F 556 21.38 -0.37 71.00
C LEU F 556 20.91 -0.50 69.56
N PHE F 557 21.10 -1.68 68.95
CA PHE F 557 20.65 -1.92 67.57
C PHE F 557 19.48 -2.90 67.31
N TRP F 558 18.38 -2.68 68.05
CA TRP F 558 17.21 -3.52 67.92
C TRP F 558 16.40 -3.04 66.80
N ALA F 559 16.56 -1.77 66.48
CA ALA F 559 15.86 -1.18 65.37
C ALA F 559 16.78 -0.79 64.24
N LEU F 560 16.27 -0.91 63.04
CA LEU F 560 16.92 -0.40 61.86
C LEU F 560 15.95 0.56 61.14
N LEU F 561 16.42 1.75 60.81
CA LEU F 561 15.63 2.71 60.05
C LEU F 561 16.37 3.15 58.79
N SER F 562 15.63 3.48 57.77
CA SER F 562 16.22 3.96 56.56
C SER F 562 15.19 4.80 55.81
N GLY F 563 15.64 5.93 55.27
CA GLY F 563 14.80 6.77 54.45
C GLY F 563 14.06 7.85 55.21
N TYR F 564 14.41 8.04 56.48
CA TYR F 564 13.83 9.14 57.25
C TYR F 564 14.67 10.41 57.02
N THR F 565 14.01 11.58 56.99
CA THR F 565 14.72 12.88 56.91
C THR F 565 14.57 13.69 58.25
N VAL F 566 13.64 13.20 59.08
CA VAL F 566 13.29 13.78 60.37
C VAL F 566 13.20 12.60 61.32
N GLN F 567 13.94 12.61 62.41
CA GLN F 567 13.79 11.55 63.44
C GLN F 567 12.33 11.32 63.74
N PRO F 568 11.86 10.08 63.55
CA PRO F 568 10.45 9.83 63.82
C PRO F 568 10.27 9.44 65.24
N THR F 569 9.03 9.48 65.67
CA THR F 569 8.71 9.06 67.00
C THR F 569 8.73 7.56 67.00
N PRO F 570 9.30 6.91 68.04
CA PRO F 570 9.28 5.46 68.07
C PRO F 570 7.89 4.89 68.36
N PRO F 571 7.73 3.55 68.18
CA PRO F 571 6.48 2.86 68.43
C PRO F 571 6.17 2.70 69.92
N ARG F 572 4.94 2.40 70.31
CA ARG F 572 4.65 2.19 71.72
C ARG F 572 5.31 0.89 72.12
N MET F 573 6.01 0.88 73.26
CA MET F 573 6.79 -0.30 73.62
C MET F 573 6.56 -0.72 75.06
N SER F 574 6.06 -1.95 75.23
CA SER F 574 5.73 -2.42 76.57
C SER F 574 6.42 -3.72 77.01
N ARG F 575 7.20 -3.57 78.06
CA ARG F 575 7.85 -4.69 78.69
C ARG F 575 8.44 -5.68 77.72
N ASN F 576 9.21 -5.22 76.73
CA ASN F 576 9.96 -6.18 75.94
C ASN F 576 11.28 -6.56 76.60
N LEU F 577 11.95 -7.58 76.09
CA LEU F 577 13.22 -8.00 76.66
C LEU F 577 14.36 -7.59 75.76
N LEU F 578 15.30 -6.84 76.32
CA LEU F 578 16.50 -6.46 75.57
C LEU F 578 17.80 -7.20 76.00
N ASP F 579 18.05 -7.33 77.30
CA ASP F 579 19.20 -8.11 77.76
C ASP F 579 18.75 -9.14 78.73
N ASP F 580 19.63 -10.12 78.93
CA ASP F 580 19.42 -11.24 79.87
C ASP F 580 20.46 -11.32 81.05
N THR F 581 21.19 -10.22 81.27
CA THR F 581 22.24 -10.11 82.28
C THR F 581 22.20 -8.69 82.84
N GLY F 582 22.27 -8.59 84.16
CA GLY F 582 22.28 -7.31 84.78
C GLY F 582 21.00 -6.59 84.43
N ILE F 583 19.89 -7.30 84.60
CA ILE F 583 18.56 -6.74 84.27
C ILE F 583 17.63 -6.82 85.47
N ARG F 584 18.09 -7.37 86.58
CA ARG F 584 17.34 -7.27 87.81
C ARG F 584 18.25 -7.29 89.02
N GLY F 585 17.89 -6.56 90.06
CA GLY F 585 18.69 -6.53 91.27
C GLY F 585 18.05 -5.69 92.36
N VAL F 586 18.80 -5.45 93.43
CA VAL F 586 18.33 -4.67 94.57
C VAL F 586 19.33 -3.62 94.98
N ALA F 587 18.92 -2.36 95.01
CA ALA F 587 19.83 -1.26 95.37
C ALA F 587 19.40 -0.66 96.70
N THR F 588 20.34 -0.01 97.40
CA THR F 588 19.98 0.63 98.66
C THR F 588 20.27 2.12 98.67
N LEU F 589 19.20 2.88 98.89
CA LEU F 589 19.25 4.34 98.90
C LEU F 589 20.00 4.90 100.09
N VAL F 590 20.69 6.00 99.83
CA VAL F 590 21.52 6.66 100.84
C VAL F 590 21.39 8.11 100.55
N ALA F 591 20.77 8.85 101.44
CA ALA F 591 20.40 10.25 101.13
C ALA F 591 19.51 10.39 99.91
N GLY F 592 18.62 9.42 99.68
CA GLY F 592 17.65 9.54 98.60
C GLY F 592 18.16 9.13 97.22
N GLU F 593 19.32 8.49 97.18
CA GLU F 593 19.93 8.14 95.91
C GLU F 593 20.70 6.82 95.96
N ALA F 594 20.85 6.24 94.78
CA ALA F 594 21.61 5.01 94.60
C ALA F 594 22.08 4.95 93.16
N THR F 595 23.32 4.55 92.97
CA THR F 595 23.84 4.39 91.64
C THR F 595 24.00 2.89 91.36
N VAL F 596 23.35 2.43 90.28
CA VAL F 596 23.23 1.03 89.99
C VAL F 596 23.86 0.81 88.65
N ASN F 597 24.64 -0.25 88.62
CA ASN F 597 25.24 -0.79 87.41
C ASN F 597 24.34 -1.87 86.85
N ALA F 598 23.72 -1.57 85.71
CA ALA F 598 22.80 -2.48 85.05
C ALA F 598 22.77 -2.22 83.57
N ARG F 599 22.33 -3.21 82.81
CA ARG F 599 22.23 -3.07 81.34
C ARG F 599 21.08 -2.20 80.86
N VAL F 600 21.02 -1.01 81.43
CA VAL F 600 20.03 -0.03 81.07
C VAL F 600 20.61 0.57 79.79
N ARG F 601 19.76 0.96 78.86
CA ARG F 601 20.25 1.39 77.55
C ARG F 601 19.37 2.48 77.00
N GLY F 602 19.86 3.12 75.96
CA GLY F 602 19.11 4.19 75.38
C GLY F 602 19.84 4.92 74.27
N ASN F 603 19.11 5.77 73.58
CA ASN F 603 19.64 6.64 72.57
C ASN F 603 19.04 8.01 72.78
N PHE F 604 19.92 8.99 72.97
CA PHE F 604 19.42 10.33 73.21
C PHE F 604 19.81 11.25 72.10
N GLY F 605 20.49 10.70 71.08
CA GLY F 605 20.85 11.44 69.88
C GLY F 605 19.64 11.96 69.11
N SER F 606 19.85 12.41 67.89
CA SER F 606 18.74 12.93 67.10
C SER F 606 18.95 12.74 65.62
N VAL F 607 19.79 11.78 65.26
CA VAL F 607 20.02 11.45 63.87
C VAL F 607 18.64 11.12 63.25
N ALA F 608 18.45 11.40 61.97
CA ALA F 608 17.13 11.18 61.36
C ALA F 608 16.71 9.72 61.44
N ASN F 609 17.55 8.82 60.93
CA ASN F 609 17.25 7.38 60.99
C ASN F 609 17.62 6.76 62.32
N SER F 610 16.87 7.11 63.35
CA SER F 610 17.17 6.63 64.69
C SER F 610 16.01 6.99 65.62
N PHE F 611 15.92 6.33 66.79
CA PHE F 611 14.84 6.64 67.71
C PHE F 611 15.40 7.26 68.99
N LYS F 612 14.64 8.14 69.61
CA LYS F 612 14.93 8.60 70.96
C LYS F 612 14.14 7.67 71.93
N TRP F 613 14.87 6.82 72.64
CA TRP F 613 14.28 5.85 73.56
C TRP F 613 15.16 5.57 74.74
N VAL F 614 14.61 4.89 75.71
CA VAL F 614 15.39 4.45 76.84
C VAL F 614 14.71 3.31 77.57
N SER F 615 15.49 2.38 78.11
CA SER F 615 14.98 1.24 78.88
C SER F 615 13.83 1.58 79.81
N GLU F 616 12.95 0.63 80.02
CA GLU F 616 11.89 0.79 81.01
C GLU F 616 12.36 0.09 82.26
N VAL F 617 12.57 0.87 83.29
CA VAL F 617 13.06 0.37 84.56
C VAL F 617 11.92 0.30 85.58
N LYS F 618 11.55 -0.90 85.99
CA LYS F 618 10.46 -1.09 86.94
C LYS F 618 11.07 -1.00 88.37
N LEU F 619 10.62 -0.07 89.21
CA LEU F 619 11.12 0.04 90.60
C LEU F 619 10.09 -0.25 91.69
N THR F 620 10.40 -1.15 92.60
CA THR F 620 9.50 -1.51 93.69
C THR F 620 10.28 -1.57 95.02
N ARG F 621 9.76 -0.84 95.99
CA ARG F 621 10.37 -0.74 97.29
C ARG F 621 10.21 -2.04 98.09
N LEU F 622 11.27 -2.40 98.83
CA LEU F 622 11.30 -3.66 99.61
C LEU F 622 11.54 -3.43 101.10
N THR F 623 11.80 -2.19 101.49
CA THR F 623 11.90 -1.82 102.88
C THR F 623 11.15 -0.53 103.03
N PHE F 624 10.61 -0.30 104.23
CA PHE F 624 9.69 0.82 104.40
C PHE F 624 10.05 1.82 105.49
N PRO F 625 11.22 2.47 105.39
CA PRO F 625 11.58 3.52 106.33
C PRO F 625 10.57 4.64 106.26
N SER F 626 10.55 5.47 107.29
CA SER F 626 9.61 6.60 107.38
C SER F 626 9.91 7.72 106.38
N SER F 627 11.13 7.71 105.84
CA SER F 627 11.55 8.66 104.81
C SER F 627 11.33 8.11 103.39
N ALA F 628 10.45 7.12 103.24
CA ALA F 628 10.04 6.70 101.91
C ALA F 628 9.50 7.87 101.07
N GLY F 629 10.04 8.03 99.86
CA GLY F 629 9.58 9.08 98.92
C GLY F 629 9.26 8.49 97.55
N ALA F 630 8.92 9.34 96.59
CA ALA F 630 8.62 8.86 95.26
C ALA F 630 9.95 8.53 94.61
N LEU F 631 10.00 7.41 93.89
CA LEU F 631 11.19 7.01 93.16
C LEU F 631 11.11 7.34 91.68
N THR F 632 12.26 7.72 91.13
CA THR F 632 12.40 8.02 89.71
C THR F 632 13.74 7.53 89.25
N VAL F 633 13.90 7.46 87.93
CA VAL F 633 15.16 7.02 87.34
C VAL F 633 15.82 8.20 86.68
N THR F 634 17.10 8.34 86.85
CA THR F 634 17.76 9.44 86.20
C THR F 634 19.23 9.11 85.94
N SER F 635 19.96 10.06 85.36
CA SER F 635 21.40 9.89 85.05
C SER F 635 21.68 8.57 84.36
N VAL F 636 21.09 8.33 83.22
CA VAL F 636 21.34 7.06 82.56
C VAL F 636 22.68 7.30 81.88
N ALA F 637 23.66 6.45 82.16
CA ALA F 637 24.98 6.58 81.58
C ALA F 637 25.36 5.27 80.92
N GLN F 638 25.99 5.41 79.76
CA GLN F 638 26.40 4.24 79.02
C GLN F 638 27.90 4.16 78.77
N ASN F 639 28.49 3.04 79.14
CA ASN F 639 29.90 2.85 78.97
C ASN F 639 30.28 2.99 77.52
N GLN F 640 31.42 3.62 77.29
CA GLN F 640 31.95 3.91 75.95
C GLN F 640 33.29 3.26 75.65
N ASP F 641 33.63 2.20 76.37
CA ASP F 641 34.87 1.45 76.11
C ASP F 641 35.09 1.18 74.66
N VAL F 642 36.36 1.16 74.25
CA VAL F 642 36.76 0.82 72.86
C VAL F 642 37.80 -0.27 72.91
N PRO F 643 37.76 -1.21 71.95
CA PRO F 643 36.94 -1.23 70.73
C PRO F 643 35.43 -1.45 70.94
N THR F 644 35.10 -2.26 71.94
CA THR F 644 33.75 -2.69 72.18
C THR F 644 33.19 -2.21 73.54
N PRO F 645 32.06 -1.48 73.54
CA PRO F 645 31.62 -0.94 74.82
C PRO F 645 31.26 -2.10 75.67
N ASN F 646 31.24 -1.89 76.98
CA ASN F 646 30.85 -2.93 77.91
C ASN F 646 29.61 -2.49 78.69
N PRO F 647 28.46 -3.01 78.28
CA PRO F 647 27.19 -2.57 78.78
C PRO F 647 27.03 -2.90 80.24
N ASP F 648 27.82 -3.82 80.79
CA ASP F 648 27.68 -4.15 82.24
C ASP F 648 28.19 -3.00 83.10
N LEU F 649 28.81 -2.00 82.49
CA LEU F 649 29.21 -0.77 83.20
C LEU F 649 28.29 0.38 82.93
N ASN F 650 27.21 0.12 82.22
CA ASN F 650 26.20 1.12 82.05
C ASN F 650 25.66 1.36 83.42
N SER F 651 24.99 2.47 83.64
CA SER F 651 24.42 2.68 84.97
C SER F 651 23.36 3.70 84.93
N PHE F 652 22.53 3.64 85.95
CA PHE F 652 21.47 4.62 86.10
C PHE F 652 21.42 4.99 87.58
N VAL F 653 20.54 5.92 87.93
CA VAL F 653 20.39 6.35 89.32
C VAL F 653 18.93 6.35 89.73
N ILE F 654 18.65 5.75 90.89
CA ILE F 654 17.34 5.82 91.53
C ILE F 654 17.46 6.99 92.47
N ARG F 655 16.60 7.98 92.28
CA ARG F 655 16.49 9.11 93.20
C ARG F 655 15.08 9.24 93.87
N SER F 656 15.05 9.52 95.16
CA SER F 656 13.81 9.55 95.87
C SER F 656 13.40 10.98 96.02
N SER F 657 12.10 11.27 96.00
CA SER F 657 11.60 12.64 96.20
C SER F 657 11.84 13.13 97.62
N ASN F 658 12.13 12.20 98.52
CA ASN F 658 12.54 12.52 99.87
C ASN F 658 14.07 12.39 100.00
N ALA F 659 14.74 13.45 100.44
CA ALA F 659 16.20 13.46 100.47
C ALA F 659 16.80 12.63 101.61
N ALA F 660 15.94 12.12 102.47
CA ALA F 660 16.39 11.25 103.59
C ALA F 660 16.14 9.77 103.33
N ASP F 661 15.53 9.46 102.18
CA ASP F 661 15.15 8.09 101.84
C ASP F 661 16.31 7.09 101.92
N VAL F 662 16.08 5.96 102.57
CA VAL F 662 17.09 4.90 102.63
C VAL F 662 16.47 3.55 102.35
N SER F 663 15.40 3.54 101.57
CA SER F 663 14.69 2.32 101.21
C SER F 663 15.56 1.38 100.44
N GLN F 664 15.21 0.12 100.48
CA GLN F 664 15.78 -0.87 99.57
C GLN F 664 14.83 -0.92 98.38
N VAL F 665 15.37 -0.88 97.17
CA VAL F 665 14.54 -0.85 95.99
C VAL F 665 14.91 -1.95 95.05
N ALA F 666 13.93 -2.73 94.60
CA ALA F 666 14.18 -3.74 93.56
C ALA F 666 13.98 -3.09 92.21
N TRP F 667 14.91 -3.26 91.28
CA TRP F 667 14.81 -2.73 89.92
C TRP F 667 14.86 -3.92 88.91
N GLU F 668 14.10 -3.81 87.82
CA GLU F 668 14.07 -4.74 86.70
C GLU F 668 14.14 -3.88 85.44
N VAL F 669 14.92 -4.33 84.47
CA VAL F 669 15.08 -3.59 83.23
C VAL F 669 14.37 -4.26 82.04
N TYR F 670 13.60 -3.42 81.34
CA TYR F 670 12.84 -3.84 80.18
C TYR F 670 13.15 -2.96 78.99
N LEU F 671 12.36 -3.13 77.95
CA LEU F 671 12.40 -2.28 76.78
C LEU F 671 10.98 -1.78 76.52
N GLU G 30 -80.84 2.17 -43.65
CA GLU G 30 -79.52 1.56 -43.27
C GLU G 30 -78.45 1.81 -44.33
N ARG G 31 -78.59 2.88 -45.13
CA ARG G 31 -77.86 3.11 -46.39
C ARG G 31 -76.39 3.49 -46.28
N VAL G 32 -75.50 2.63 -46.78
CA VAL G 32 -74.04 2.84 -46.62
C VAL G 32 -73.31 2.95 -47.95
N PHE G 33 -72.46 3.96 -48.09
CA PHE G 33 -71.67 4.14 -49.31
C PHE G 33 -70.19 4.15 -49.02
N SER G 34 -69.40 3.73 -50.02
CA SER G 34 -67.93 3.57 -49.86
C SER G 34 -67.17 4.75 -50.40
N ASP G 35 -67.87 5.54 -51.19
CA ASP G 35 -67.29 6.76 -51.73
C ASP G 35 -68.33 7.83 -51.87
N LEU G 36 -67.83 9.06 -51.97
CA LEU G 36 -68.70 10.22 -52.08
C LEU G 36 -69.54 10.14 -53.33
N ALA G 37 -68.87 9.92 -54.44
CA ALA G 37 -69.54 9.88 -55.72
C ALA G 37 -70.80 9.01 -55.73
N SER G 38 -70.79 7.90 -54.99
CA SER G 38 -71.96 7.00 -54.91
C SER G 38 -73.05 7.59 -54.07
N MET G 39 -72.66 8.15 -52.93
CA MET G 39 -73.60 8.71 -52.00
C MET G 39 -74.43 9.77 -52.75
N VAL G 40 -73.76 10.67 -53.45
CA VAL G 40 -74.50 11.78 -54.07
C VAL G 40 -75.36 11.33 -55.25
N ALA G 41 -75.23 10.06 -55.62
CA ALA G 41 -75.95 9.51 -56.80
C ALA G 41 -77.28 8.87 -56.46
N TYR G 42 -77.32 8.14 -55.36
CA TYR G 42 -78.51 7.45 -54.86
C TYR G 42 -79.80 8.28 -54.97
N PRO G 43 -80.79 7.77 -55.73
CA PRO G 43 -81.94 8.64 -55.98
C PRO G 43 -83.13 8.39 -55.09
N ASN G 44 -83.06 7.40 -54.20
CA ASN G 44 -84.19 7.04 -53.33
C ASN G 44 -84.15 7.65 -51.93
N PHE G 45 -83.35 8.69 -51.72
CA PHE G 45 -83.13 9.19 -50.36
C PHE G 45 -84.43 9.72 -49.80
N GLN G 46 -84.75 9.28 -48.58
CA GLN G 46 -85.97 9.69 -47.90
C GLN G 46 -85.62 10.16 -46.50
N VAL G 47 -86.40 11.15 -46.05
CA VAL G 47 -86.18 11.91 -44.80
C VAL G 47 -85.79 11.09 -43.58
N GLN G 48 -86.13 9.81 -43.54
CA GLN G 48 -85.94 9.03 -42.32
C GLN G 48 -84.76 8.09 -42.46
N ASP G 49 -84.13 8.08 -43.64
CA ASP G 49 -83.04 7.14 -43.93
C ASP G 49 -81.87 7.44 -43.03
N LYS G 50 -81.15 6.38 -42.70
CA LYS G 50 -79.89 6.49 -41.99
C LYS G 50 -78.80 6.35 -43.03
N ILE G 51 -78.04 7.43 -43.22
CA ILE G 51 -76.99 7.47 -44.23
C ILE G 51 -75.59 7.60 -43.64
N THR G 52 -74.66 6.88 -44.26
CA THR G 52 -73.31 6.81 -43.73
C THR G 52 -72.35 6.77 -44.89
N LEU G 53 -71.27 7.55 -44.82
CA LEU G 53 -70.18 7.48 -45.79
C LEU G 53 -68.89 6.96 -45.14
N LEU G 54 -68.20 6.08 -45.83
CA LEU G 54 -66.91 5.47 -45.38
C LEU G 54 -65.65 6.09 -45.98
N GLY G 55 -64.59 6.19 -45.18
CA GLY G 55 -63.29 6.69 -45.65
C GLY G 55 -62.81 8.06 -45.14
N SER G 56 -62.44 8.94 -46.09
CA SER G 56 -61.78 10.25 -45.79
C SER G 56 -62.78 11.36 -45.33
N ALA G 57 -63.71 11.73 -46.19
CA ALA G 57 -64.71 12.74 -45.84
C ALA G 57 -65.77 12.09 -44.95
N GLY G 58 -65.66 10.78 -44.74
CA GLY G 58 -66.57 9.99 -43.90
C GLY G 58 -67.37 10.67 -42.78
N GLY G 59 -68.59 10.21 -42.58
CA GLY G 59 -69.42 10.74 -41.55
C GLY G 59 -70.80 10.21 -41.75
N ASP G 60 -71.75 10.78 -41.01
CA ASP G 60 -73.13 10.39 -41.09
C ASP G 60 -73.94 11.61 -41.53
N PHE G 61 -74.95 11.36 -42.35
CA PHE G 61 -75.74 12.42 -42.90
C PHE G 61 -77.23 12.27 -42.65
N THR G 62 -77.96 13.29 -43.08
CA THR G 62 -79.41 13.37 -42.96
C THR G 62 -79.98 13.94 -44.22
N PHE G 63 -80.94 13.23 -44.81
CA PHE G 63 -81.59 13.73 -45.98
C PHE G 63 -82.61 14.78 -45.56
N THR G 64 -82.92 15.66 -46.51
CA THR G 64 -83.85 16.72 -46.26
C THR G 64 -84.12 17.38 -47.59
N THR G 65 -85.28 18.02 -47.70
CA THR G 65 -85.62 18.80 -48.89
C THR G 65 -85.64 20.28 -48.58
N THR G 66 -85.51 20.60 -47.29
CA THR G 66 -85.52 21.98 -46.86
C THR G 66 -84.36 22.58 -47.62
N ALA G 67 -84.64 23.50 -48.53
CA ALA G 67 -83.56 24.07 -49.35
C ALA G 67 -82.40 24.54 -48.49
N SER G 68 -81.19 24.19 -48.91
CA SER G 68 -79.97 24.43 -48.15
C SER G 68 -78.86 24.91 -49.07
N VAL G 69 -77.82 25.53 -48.49
CA VAL G 69 -76.70 26.05 -49.30
C VAL G 69 -75.59 25.03 -49.41
N VAL G 70 -75.44 24.48 -50.60
CA VAL G 70 -74.44 23.45 -50.87
C VAL G 70 -73.03 23.97 -50.70
N ASP G 71 -72.20 23.21 -50.00
CA ASP G 71 -70.76 23.52 -49.95
C ASP G 71 -69.84 22.30 -50.16
N ASN G 72 -70.43 21.14 -50.40
CA ASN G 72 -69.63 19.93 -50.60
C ASN G 72 -68.61 19.70 -49.49
N GLY G 73 -69.05 19.93 -48.26
CA GLY G 73 -68.28 19.59 -47.05
C GLY G 73 -69.24 19.27 -45.90
N THR G 74 -70.21 20.14 -45.75
CA THR G 74 -71.30 19.94 -44.81
C THR G 74 -72.68 19.81 -45.47
N VAL G 75 -72.82 20.28 -46.68
CA VAL G 75 -74.08 20.21 -47.40
C VAL G 75 -73.83 19.76 -48.83
N PHE G 76 -74.41 18.61 -49.20
CA PHE G 76 -74.37 18.09 -50.58
C PHE G 76 -75.73 18.03 -51.25
N ALA G 77 -75.73 18.39 -52.50
CA ALA G 77 -76.90 18.25 -53.30
C ALA G 77 -76.99 16.84 -53.85
N VAL G 78 -78.16 16.23 -53.68
CA VAL G 78 -78.45 14.91 -54.23
C VAL G 78 -79.82 14.94 -54.91
N PRO G 79 -80.12 13.94 -55.78
CA PRO G 79 -81.41 13.78 -56.39
C PRO G 79 -82.49 13.82 -55.33
N GLY G 80 -83.35 14.81 -55.42
CA GLY G 80 -84.45 14.92 -54.48
C GLY G 80 -84.27 15.97 -53.40
N GLY G 81 -83.05 16.29 -53.06
CA GLY G 81 -82.87 17.25 -52.00
C GLY G 81 -81.42 17.43 -51.62
N TYR G 82 -81.18 17.39 -50.31
CA TYR G 82 -79.83 17.61 -49.79
C TYR G 82 -79.50 16.62 -48.67
N LEU G 83 -78.20 16.32 -48.57
CA LEU G 83 -77.60 15.50 -47.53
C LEU G 83 -76.81 16.43 -46.63
N LEU G 84 -77.14 16.41 -45.35
CA LEU G 84 -76.48 17.30 -44.40
C LEU G 84 -75.66 16.50 -43.46
N ARG G 85 -74.39 16.89 -43.31
CA ARG G 85 -73.51 16.19 -42.39
C ARG G 85 -73.98 16.38 -40.97
N LYS G 86 -73.99 15.33 -40.18
CA LYS G 86 -74.38 15.56 -38.80
C LYS G 86 -73.16 15.49 -37.97
N PHE G 87 -73.01 16.47 -37.09
CA PHE G 87 -71.87 16.54 -36.21
C PHE G 87 -72.10 17.67 -35.20
N VAL G 88 -71.41 17.53 -34.09
CA VAL G 88 -71.26 18.61 -33.10
C VAL G 88 -69.84 19.17 -33.12
N GLY G 89 -69.64 20.30 -32.46
CA GLY G 89 -68.35 20.91 -32.52
C GLY G 89 -68.09 21.49 -33.89
N PRO G 90 -66.83 21.83 -34.15
CA PRO G 90 -66.54 22.53 -35.40
C PRO G 90 -66.57 21.64 -36.62
N ALA G 91 -66.54 22.30 -37.76
CA ALA G 91 -66.35 21.64 -39.00
C ALA G 91 -64.83 21.61 -39.21
N TYR G 92 -64.40 20.84 -40.20
CA TYR G 92 -62.98 20.64 -40.51
C TYR G 92 -62.75 20.80 -41.99
N SER G 93 -61.74 21.57 -42.36
CA SER G 93 -61.46 21.84 -43.78
C SER G 93 -61.28 20.55 -44.54
N SER G 94 -60.77 19.52 -43.85
CA SER G 94 -60.54 18.21 -44.48
C SER G 94 -61.82 17.58 -44.95
N TRP G 95 -62.96 18.17 -44.56
CA TRP G 95 -64.25 17.64 -45.01
C TRP G 95 -64.64 18.16 -46.39
N PHE G 96 -64.04 19.27 -46.82
CA PHE G 96 -64.50 19.90 -48.05
C PHE G 96 -63.68 19.47 -49.24
N SER G 97 -64.32 19.52 -50.40
CA SER G 97 -63.73 19.14 -51.68
C SER G 97 -62.80 20.20 -52.26
N ASN G 98 -63.02 21.46 -51.95
CA ASN G 98 -62.07 22.43 -52.44
C ASN G 98 -62.29 23.75 -51.78
N TRP G 99 -61.40 24.69 -52.12
CA TRP G 99 -61.37 26.00 -51.47
C TRP G 99 -62.76 26.63 -51.60
N THR G 100 -63.31 26.53 -52.80
CA THR G 100 -64.61 27.14 -53.08
C THR G 100 -65.71 26.82 -52.07
N GLY G 101 -65.85 25.53 -51.78
CA GLY G 101 -66.73 25.08 -50.72
C GLY G 101 -66.40 25.73 -49.38
N ILE G 102 -65.13 25.83 -49.00
CA ILE G 102 -64.77 26.48 -47.73
C ILE G 102 -65.20 27.93 -47.76
N VAL G 103 -65.09 28.56 -48.94
CA VAL G 103 -65.47 29.96 -49.01
C VAL G 103 -66.98 30.12 -48.73
N THR G 104 -67.75 29.38 -49.53
CA THR G 104 -69.21 29.34 -49.37
C THR G 104 -69.61 29.09 -47.91
N PHE G 105 -69.07 28.03 -47.30
CA PHE G 105 -69.29 27.79 -45.90
C PHE G 105 -69.03 29.02 -45.00
N MET G 106 -67.90 29.68 -45.11
CA MET G 106 -67.65 30.76 -44.17
C MET G 106 -68.40 32.06 -44.50
N SER G 107 -69.07 32.08 -45.66
CA SER G 107 -69.78 33.29 -46.11
C SER G 107 -71.05 33.55 -45.31
N ALA G 108 -71.41 32.63 -44.45
CA ALA G 108 -72.57 32.80 -43.57
C ALA G 108 -72.05 33.06 -42.22
N PRO G 109 -72.84 33.69 -41.37
CA PRO G 109 -72.38 33.95 -40.01
C PRO G 109 -72.45 32.69 -39.13
N ASN G 110 -72.10 32.81 -37.88
CA ASN G 110 -72.16 31.69 -36.93
C ASN G 110 -71.44 30.43 -37.31
N ARG G 111 -70.27 30.55 -37.92
CA ARG G 111 -69.51 29.35 -38.33
C ARG G 111 -68.27 29.08 -37.48
N HIS G 112 -67.89 27.83 -37.34
CA HIS G 112 -66.72 27.45 -36.60
C HIS G 112 -66.02 26.41 -37.44
N LEU G 113 -64.96 26.84 -38.08
CA LEU G 113 -64.18 25.99 -38.95
C LEU G 113 -62.78 25.81 -38.40
N VAL G 114 -62.38 24.55 -38.34
CA VAL G 114 -61.02 24.16 -38.09
C VAL G 114 -60.28 23.77 -39.36
N VAL G 115 -59.27 24.60 -39.65
CA VAL G 115 -58.42 24.40 -40.83
C VAL G 115 -57.32 23.45 -40.44
N ASP G 116 -57.46 22.19 -40.84
CA ASP G 116 -56.57 21.10 -40.43
C ASP G 116 -55.92 20.51 -41.68
N THR G 117 -56.01 21.22 -42.80
CA THR G 117 -55.31 20.82 -44.00
C THR G 117 -54.61 21.99 -44.67
N VAL G 118 -53.87 21.73 -45.73
CA VAL G 118 -53.21 22.84 -46.41
C VAL G 118 -54.08 23.29 -47.57
N LEU G 119 -54.70 24.43 -47.38
CA LEU G 119 -55.67 24.98 -48.32
C LEU G 119 -55.01 25.85 -49.36
N GLN G 120 -55.42 25.65 -50.59
CA GLN G 120 -54.88 26.45 -51.65
C GLN G 120 -55.92 27.48 -52.10
N ALA G 121 -55.75 28.70 -51.63
CA ALA G 121 -56.69 29.77 -51.94
C ALA G 121 -56.61 30.20 -53.39
N THR G 122 -57.76 30.53 -53.95
CA THR G 122 -57.85 31.04 -55.32
C THR G 122 -58.82 32.21 -55.37
N SER G 123 -59.26 32.65 -54.18
CA SER G 123 -60.12 33.82 -54.00
C SER G 123 -60.05 34.28 -52.54
N VAL G 124 -60.67 35.42 -52.24
CA VAL G 124 -60.70 35.93 -50.86
C VAL G 124 -61.66 35.08 -50.06
N LEU G 125 -61.30 34.81 -48.81
CA LEU G 125 -62.23 34.16 -47.87
C LEU G 125 -62.81 35.24 -47.02
N ASN G 126 -64.12 35.44 -47.07
CA ASN G 126 -64.78 36.35 -46.14
C ASN G 126 -65.25 35.59 -44.93
N ILE G 127 -65.10 36.23 -43.79
CA ILE G 127 -65.62 35.71 -42.52
C ILE G 127 -66.75 36.64 -42.05
N LYS G 128 -67.78 36.05 -41.45
CA LYS G 128 -68.92 36.83 -41.00
C LYS G 128 -69.16 36.72 -39.49
N SER G 129 -70.23 37.32 -39.00
CA SER G 129 -70.41 37.47 -37.56
C SER G 129 -70.50 36.18 -36.80
N ASN G 130 -70.01 36.25 -35.57
CA ASN G 130 -69.99 35.10 -34.63
C ASN G 130 -69.34 33.89 -35.19
N SER G 131 -68.21 34.08 -35.85
CA SER G 131 -67.52 32.99 -36.47
C SER G 131 -66.16 32.80 -35.84
N THR G 132 -65.61 31.64 -36.07
CA THR G 132 -64.32 31.31 -35.56
C THR G 132 -63.59 30.43 -36.52
N LEU G 133 -62.37 30.85 -36.91
CA LEU G 133 -61.52 30.11 -37.87
C LEU G 133 -60.34 29.71 -37.08
N GLU G 134 -60.13 28.43 -36.97
CA GLU G 134 -59.13 27.93 -36.05
C GLU G 134 -58.24 27.00 -36.81
N PHE G 135 -56.94 27.25 -36.73
CA PHE G 135 -55.95 26.46 -37.47
C PHE G 135 -55.38 25.43 -36.52
N THR G 136 -55.22 24.19 -36.99
CA THR G 136 -54.40 23.19 -36.30
C THR G 136 -52.95 23.41 -36.72
N ASP G 137 -51.99 22.76 -36.06
CA ASP G 137 -50.56 23.04 -36.37
C ASP G 137 -50.19 22.80 -37.85
N THR G 138 -50.97 21.96 -38.51
CA THR G 138 -50.76 21.55 -39.87
C THR G 138 -51.43 22.52 -40.84
N GLY G 139 -52.55 23.09 -40.42
CA GLY G 139 -53.37 23.92 -41.31
C GLY G 139 -52.66 25.15 -41.81
N ARG G 140 -52.89 25.46 -43.08
CA ARG G 140 -52.23 26.58 -43.74
C ARG G 140 -53.21 27.13 -44.73
N ILE G 141 -53.09 28.39 -45.06
CA ILE G 141 -53.76 28.90 -46.22
C ILE G 141 -52.65 29.49 -47.09
N LEU G 142 -52.48 28.90 -48.27
CA LEU G 142 -51.49 29.35 -49.20
C LEU G 142 -52.19 30.21 -50.21
N PRO G 143 -51.76 31.46 -50.34
CA PRO G 143 -52.27 32.33 -51.37
C PRO G 143 -52.09 31.77 -52.78
N ASP G 144 -52.83 32.37 -53.71
CA ASP G 144 -52.76 32.08 -55.12
C ASP G 144 -51.51 32.66 -55.70
N ALA G 145 -50.72 31.82 -56.36
CA ALA G 145 -49.44 32.31 -56.90
C ALA G 145 -49.72 33.10 -58.18
N ALA G 146 -50.88 32.82 -58.79
CA ALA G 146 -51.26 33.46 -60.07
C ALA G 146 -51.73 34.90 -59.97
N VAL G 147 -52.18 35.33 -58.81
CA VAL G 147 -52.70 36.68 -58.62
C VAL G 147 -52.47 37.12 -57.19
N ALA G 148 -51.94 38.31 -57.01
CA ALA G 148 -51.77 38.80 -55.65
C ALA G 148 -53.07 39.41 -55.22
N ARG G 149 -53.71 38.79 -54.24
CA ARG G 149 -54.97 39.34 -53.69
C ARG G 149 -55.00 39.30 -52.17
N GLN G 150 -56.12 39.68 -51.59
CA GLN G 150 -56.28 39.57 -50.17
C GLN G 150 -56.60 38.13 -49.71
N VAL G 151 -56.29 37.82 -48.46
CA VAL G 151 -56.55 36.49 -47.98
C VAL G 151 -57.85 36.37 -47.15
N LEU G 152 -57.92 37.12 -46.07
CA LEU G 152 -59.09 37.03 -45.24
C LEU G 152 -59.66 38.40 -45.21
N ASN G 153 -60.97 38.47 -45.48
CA ASN G 153 -61.74 39.67 -45.21
C ASN G 153 -62.74 39.48 -44.10
N ILE G 154 -62.88 40.53 -43.31
CA ILE G 154 -63.83 40.60 -42.22
C ILE G 154 -64.36 41.98 -42.36
N THR G 155 -65.46 42.12 -43.11
CA THR G 155 -65.84 43.42 -43.59
C THR G 155 -67.29 43.75 -43.48
N GLY G 156 -67.55 44.80 -42.72
CA GLY G 156 -68.86 45.36 -42.64
C GLY G 156 -68.96 46.44 -43.69
N SER G 157 -69.86 47.38 -43.49
CA SER G 157 -69.98 48.50 -44.41
C SER G 157 -70.49 49.76 -43.74
N ALA G 158 -70.10 50.88 -44.26
CA ALA G 158 -70.55 52.10 -43.72
C ALA G 158 -72.07 52.38 -43.93
N PRO G 159 -72.64 53.31 -43.20
CA PRO G 159 -74.04 53.51 -43.32
C PRO G 159 -74.38 53.97 -44.71
N SER G 160 -75.48 53.46 -45.27
CA SER G 160 -75.95 53.93 -46.58
C SER G 160 -76.56 55.34 -46.51
N VAL G 161 -76.99 55.78 -45.32
CA VAL G 161 -77.65 57.08 -45.14
C VAL G 161 -77.49 57.59 -43.69
N PHE G 162 -77.38 58.90 -43.54
CA PHE G 162 -77.26 59.51 -42.24
C PHE G 162 -78.45 60.45 -41.98
N VAL G 163 -78.62 60.81 -40.70
CA VAL G 163 -79.67 61.69 -40.24
C VAL G 163 -79.00 62.64 -39.28
N PRO G 164 -79.51 63.85 -39.19
CA PRO G 164 -78.69 64.71 -38.33
C PRO G 164 -79.09 64.58 -36.88
N LEU G 165 -78.16 64.93 -36.00
CA LEU G 165 -78.45 64.95 -34.62
C LEU G 165 -79.51 66.04 -34.38
N ALA G 166 -80.35 65.82 -33.37
CA ALA G 166 -81.39 66.77 -33.04
C ALA G 166 -80.87 67.90 -32.18
N ALA G 167 -79.76 67.68 -31.51
CA ALA G 167 -79.10 68.74 -30.69
C ALA G 167 -77.62 68.46 -30.55
N ASP G 168 -76.90 69.45 -30.05
CA ASP G 168 -75.47 69.26 -29.83
C ASP G 168 -75.25 68.12 -28.86
N ALA G 169 -74.10 67.46 -28.98
CA ALA G 169 -73.68 66.37 -28.08
C ALA G 169 -72.21 66.57 -27.72
N ALA G 170 -71.98 67.10 -26.53
CA ALA G 170 -70.63 67.36 -26.14
C ALA G 170 -69.90 66.08 -25.78
N ALA G 171 -68.60 66.24 -25.65
CA ALA G 171 -67.70 65.16 -25.27
C ALA G 171 -68.03 64.79 -23.84
N GLY G 172 -68.22 63.51 -23.57
CA GLY G 172 -68.72 63.09 -22.28
C GLY G 172 -70.15 62.59 -22.41
N SER G 173 -70.80 62.90 -23.50
CA SER G 173 -72.20 62.54 -23.62
C SER G 173 -72.38 61.06 -23.63
N LYS G 174 -73.39 60.59 -22.91
CA LYS G 174 -73.78 59.18 -22.91
C LYS G 174 -74.92 58.96 -23.90
N VAL G 175 -75.61 60.04 -24.20
CA VAL G 175 -76.82 60.03 -25.03
C VAL G 175 -76.74 61.00 -26.25
N ILE G 176 -77.31 60.58 -27.38
CA ILE G 176 -77.47 61.45 -28.51
C ILE G 176 -78.93 61.40 -28.89
N THR G 177 -79.40 62.44 -29.54
CA THR G 177 -80.78 62.54 -29.90
C THR G 177 -80.96 62.75 -31.38
N VAL G 178 -81.97 62.11 -31.93
CA VAL G 178 -82.37 62.30 -33.33
C VAL G 178 -83.86 62.62 -33.40
N ALA G 179 -84.33 63.03 -34.57
CA ALA G 179 -85.76 63.33 -34.68
C ALA G 179 -86.52 62.01 -34.59
N ALA G 180 -87.62 61.99 -33.86
CA ALA G 180 -88.33 60.74 -33.69
C ALA G 180 -88.70 60.16 -35.03
N GLY G 181 -88.51 58.86 -35.20
CA GLY G 181 -88.82 58.23 -36.47
C GLY G 181 -87.67 58.35 -37.44
N ALA G 182 -86.69 59.21 -37.15
CA ALA G 182 -85.62 59.48 -38.13
C ALA G 182 -84.90 58.21 -38.52
N LEU G 183 -84.65 57.35 -37.54
CA LEU G 183 -84.03 56.04 -37.83
C LEU G 183 -84.35 55.10 -36.74
N SER G 184 -84.21 53.82 -37.00
CA SER G 184 -84.48 52.83 -35.96
C SER G 184 -83.20 52.35 -35.23
N ALA G 185 -83.06 52.81 -33.99
CA ALA G 185 -81.94 52.41 -33.17
C ALA G 185 -82.32 51.09 -32.45
N VAL G 186 -81.85 49.96 -32.98
CA VAL G 186 -82.04 48.68 -32.32
C VAL G 186 -80.98 48.40 -31.26
N LYS G 187 -81.43 48.08 -30.05
CA LYS G 187 -80.52 47.85 -28.93
C LYS G 187 -79.57 46.70 -29.20
N GLY G 188 -78.26 46.93 -29.02
CA GLY G 188 -77.24 45.90 -29.34
C GLY G 188 -76.59 45.99 -30.74
N THR G 189 -77.12 46.89 -31.56
CA THR G 189 -76.55 47.15 -32.86
C THR G 189 -75.77 48.42 -32.73
N TYR G 190 -75.07 48.79 -33.80
CA TYR G 190 -74.16 49.93 -33.72
C TYR G 190 -74.63 51.19 -34.43
N LEU G 191 -73.98 52.29 -34.09
CA LEU G 191 -74.17 53.54 -34.78
C LEU G 191 -72.83 54.11 -35.23
N TYR G 192 -72.84 54.83 -36.34
CA TYR G 192 -71.67 55.54 -36.84
C TYR G 192 -71.97 57.01 -36.83
N LEU G 193 -71.24 57.79 -36.05
CA LEU G 193 -71.44 59.24 -35.96
C LEU G 193 -70.30 59.96 -36.65
N ARG G 194 -70.52 61.21 -37.03
CA ARG G 194 -69.50 62.05 -37.67
C ARG G 194 -69.97 63.48 -37.87
N SER G 195 -69.02 64.41 -37.93
CA SER G 195 -69.29 65.80 -38.19
C SER G 195 -68.14 66.32 -39.03
N ASN G 196 -68.09 67.62 -39.26
CA ASN G 196 -67.02 68.15 -40.08
C ASN G 196 -65.90 68.70 -39.27
N LYS G 197 -66.01 68.63 -37.96
CA LYS G 197 -64.88 68.89 -37.07
C LYS G 197 -63.69 67.98 -37.44
N LEU G 198 -62.52 68.57 -37.42
CA LEU G 198 -61.32 67.80 -37.76
C LEU G 198 -60.82 67.04 -36.58
N CYS G 199 -60.35 65.85 -36.88
CA CYS G 199 -59.61 65.05 -35.94
C CYS G 199 -58.56 65.95 -35.29
N ASP G 200 -58.34 65.79 -33.98
CA ASP G 200 -57.47 66.69 -33.17
C ASP G 200 -56.35 65.97 -32.39
N GLY G 201 -56.15 64.68 -32.67
CA GLY G 201 -55.03 63.95 -32.03
C GLY G 201 -53.65 64.55 -32.30
N GLY G 202 -53.49 65.08 -33.49
CA GLY G 202 -52.20 65.55 -33.90
C GLY G 202 -52.44 66.46 -35.08
N PRO G 203 -51.38 66.96 -35.69
CA PRO G 203 -51.43 67.89 -36.83
C PRO G 203 -52.51 67.70 -37.90
N ASN G 204 -52.91 66.49 -38.16
CA ASN G 204 -53.92 66.19 -39.14
C ASN G 204 -53.70 67.03 -40.42
N THR G 205 -52.60 66.82 -41.09
CA THR G 205 -52.33 67.61 -42.29
C THR G 205 -53.27 67.31 -43.46
N TYR G 206 -53.77 66.09 -43.60
CA TYR G 206 -54.74 65.83 -44.63
C TYR G 206 -56.14 66.34 -44.25
N GLY G 207 -56.30 66.91 -43.03
CA GLY G 207 -57.62 67.39 -42.59
C GLY G 207 -58.75 66.34 -42.56
N VAL G 208 -58.44 65.19 -41.96
CA VAL G 208 -59.41 64.15 -41.70
C VAL G 208 -60.44 64.61 -40.66
N LYS G 209 -61.68 64.20 -40.90
CA LYS G 209 -62.78 64.63 -40.07
C LYS G 209 -63.13 63.55 -39.07
N ILE G 210 -63.81 63.97 -37.99
CA ILE G 210 -64.16 63.05 -36.88
C ILE G 210 -65.26 62.07 -37.21
N SER G 211 -65.08 60.83 -36.78
CA SER G 211 -66.13 59.88 -36.69
C SER G 211 -65.91 59.00 -35.46
N GLN G 212 -66.96 58.27 -35.08
CA GLN G 212 -66.91 57.26 -34.01
C GLN G 212 -67.95 56.20 -34.19
N ILE G 213 -67.62 54.98 -33.82
CA ILE G 213 -68.61 53.94 -33.73
C ILE G 213 -69.08 53.64 -32.28
N ARG G 214 -70.40 53.50 -32.07
CA ARG G 214 -70.94 53.26 -30.73
C ARG G 214 -72.00 52.22 -30.79
N LYS G 215 -72.23 51.63 -29.62
CA LYS G 215 -73.24 50.57 -29.47
C LYS G 215 -74.47 51.12 -28.77
N VAL G 216 -75.61 50.79 -29.34
CA VAL G 216 -76.88 51.19 -28.79
C VAL G 216 -77.18 50.29 -27.59
N VAL G 217 -77.29 50.92 -26.43
CA VAL G 217 -77.66 50.22 -25.21
C VAL G 217 -79.06 50.59 -24.67
N GLY G 218 -79.52 51.81 -24.92
CA GLY G 218 -80.84 52.22 -24.50
C GLY G 218 -81.50 53.10 -25.52
N VAL G 219 -82.80 52.99 -25.64
CA VAL G 219 -83.56 53.86 -26.53
C VAL G 219 -84.86 54.36 -25.93
N SER G 220 -85.16 55.62 -26.09
CA SER G 220 -86.42 56.13 -25.57
C SER G 220 -86.89 57.33 -26.39
N THR G 221 -88.16 57.29 -26.79
CA THR G 221 -88.75 58.40 -27.54
C THR G 221 -89.78 59.27 -26.79
N SER G 222 -89.57 60.59 -26.79
CA SER G 222 -90.45 61.54 -26.12
C SER G 222 -90.41 62.98 -26.65
N GLY G 223 -91.60 63.45 -27.06
CA GLY G 223 -91.80 64.81 -27.60
C GLY G 223 -91.29 64.93 -29.03
N GLY G 224 -91.46 63.88 -29.80
CA GLY G 224 -90.85 63.86 -31.14
C GLY G 224 -89.32 63.72 -31.21
N VAL G 225 -88.67 63.48 -30.07
CA VAL G 225 -87.23 63.31 -30.02
C VAL G 225 -86.89 61.93 -29.50
N THR G 226 -86.07 61.19 -30.23
CA THR G 226 -85.59 59.92 -29.71
C THR G 226 -84.27 60.12 -29.00
N SER G 227 -84.09 59.48 -27.86
CA SER G 227 -82.82 59.55 -27.13
C SER G 227 -82.15 58.22 -27.07
N ILE G 228 -80.95 58.20 -27.66
CA ILE G 228 -80.19 56.98 -27.81
C ILE G 228 -79.00 56.97 -26.85
N ARG G 229 -79.03 55.97 -25.96
CA ARG G 229 -78.00 55.74 -24.96
C ARG G 229 -76.93 54.84 -25.56
N LEU G 230 -75.70 55.28 -25.36
CA LEU G 230 -74.57 54.62 -25.95
C LEU G 230 -73.78 53.80 -24.93
N ASP G 231 -73.11 52.74 -25.41
CA ASP G 231 -72.19 51.96 -24.57
C ASP G 231 -71.03 52.75 -24.02
N LYS G 232 -70.41 53.57 -24.84
CA LYS G 232 -69.32 54.41 -24.33
C LYS G 232 -69.61 55.88 -24.61
N THR G 233 -69.03 56.79 -23.83
CA THR G 233 -69.29 58.19 -24.05
C THR G 233 -68.64 58.69 -25.31
N LEU G 234 -69.01 59.90 -25.72
CA LEU G 234 -68.49 60.53 -26.92
C LEU G 234 -67.14 61.18 -26.66
N HIS G 235 -66.29 61.16 -27.67
CA HIS G 235 -64.92 61.70 -27.46
C HIS G 235 -64.62 62.98 -28.15
N TYR G 236 -65.61 63.55 -28.78
CA TYR G 236 -65.47 64.81 -29.39
C TYR G 236 -66.76 65.55 -29.13
N ASN G 237 -66.77 66.83 -29.51
CA ASN G 237 -67.99 67.59 -29.52
C ASN G 237 -68.61 67.45 -30.91
N TYR G 238 -69.82 66.91 -30.94
CA TYR G 238 -70.56 66.76 -32.18
C TYR G 238 -71.58 67.88 -32.22
N TYR G 239 -71.20 68.97 -32.91
CA TYR G 239 -72.06 70.15 -33.01
C TYR G 239 -72.93 70.06 -34.26
N LEU G 240 -74.02 70.82 -34.23
CA LEU G 240 -74.93 70.95 -35.38
C LEU G 240 -74.37 71.90 -36.43
N SER G 241 -73.64 72.88 -35.92
CA SER G 241 -72.94 73.81 -36.75
C SER G 241 -71.81 73.12 -37.52
N ASP G 242 -71.44 71.88 -37.15
CA ASP G 242 -70.54 71.04 -37.95
C ASP G 242 -71.29 69.95 -38.71
N ALA G 243 -72.59 70.06 -38.87
CA ALA G 243 -73.35 68.99 -39.54
C ALA G 243 -73.24 67.60 -38.89
N ALA G 244 -73.30 67.54 -37.56
CA ALA G 244 -73.23 66.25 -36.85
C ALA G 244 -74.38 65.36 -37.26
N GLU G 245 -74.06 64.15 -37.65
CA GLU G 245 -75.07 63.22 -38.17
C GLU G 245 -74.68 61.80 -37.79
N VAL G 246 -75.57 60.86 -38.10
CA VAL G 246 -75.42 59.52 -37.59
C VAL G 246 -76.18 58.52 -38.43
N GLY G 247 -75.60 57.33 -38.63
CA GLY G 247 -76.16 56.37 -39.57
C GLY G 247 -75.96 55.00 -39.00
N ILE G 248 -76.62 53.99 -39.58
CA ILE G 248 -76.53 52.61 -39.08
C ILE G 248 -75.54 51.85 -39.89
N PRO G 249 -74.31 51.71 -39.42
CA PRO G 249 -73.36 50.92 -40.19
C PRO G 249 -73.71 49.47 -40.07
N THR G 250 -73.38 48.67 -41.09
CA THR G 250 -73.44 47.19 -40.99
C THR G 250 -72.13 46.59 -40.42
N MET G 251 -72.08 46.15 -39.16
CA MET G 251 -70.80 45.70 -38.59
C MET G 251 -70.68 44.19 -38.71
N VAL G 252 -69.45 43.67 -38.69
CA VAL G 252 -69.22 42.21 -38.53
C VAL G 252 -68.74 42.09 -37.13
N GLU G 253 -69.41 41.25 -36.33
CA GLU G 253 -69.04 41.18 -34.92
C GLU G 253 -68.70 39.79 -34.41
N ASN G 254 -67.82 39.76 -33.42
CA ASN G 254 -67.47 38.59 -32.66
C ASN G 254 -66.78 37.53 -33.50
N VAL G 255 -65.61 37.86 -33.99
CA VAL G 255 -64.92 36.96 -34.90
C VAL G 255 -63.61 36.68 -34.27
N THR G 256 -63.20 35.45 -34.36
CA THR G 256 -61.99 35.04 -33.71
C THR G 256 -61.22 34.19 -34.67
N LEU G 257 -59.97 34.58 -34.92
CA LEU G 257 -59.03 33.84 -35.75
C LEU G 257 -58.06 33.27 -34.76
N VAL G 258 -57.98 31.96 -34.75
CA VAL G 258 -57.00 31.35 -33.84
C VAL G 258 -55.83 30.75 -34.59
N SER G 259 -54.62 31.25 -34.32
CA SER G 259 -53.38 30.75 -34.98
C SER G 259 -53.44 30.80 -36.51
N PRO G 260 -53.79 31.94 -37.11
CA PRO G 260 -53.85 31.86 -38.56
C PRO G 260 -52.47 31.71 -39.16
N TYR G 261 -52.33 30.83 -40.15
CA TYR G 261 -51.09 30.63 -40.87
C TYR G 261 -51.39 31.04 -42.31
N ILE G 262 -50.83 32.16 -42.71
CA ILE G 262 -50.99 32.58 -44.08
C ILE G 262 -49.66 32.57 -44.81
N ASN G 263 -49.57 31.71 -45.79
CA ASN G 263 -48.39 31.49 -46.60
C ASN G 263 -47.38 30.68 -45.81
N GLU G 264 -46.27 30.31 -46.42
CA GLU G 264 -45.29 29.46 -45.80
C GLU G 264 -43.94 29.84 -46.35
N PHE G 265 -42.87 29.64 -45.57
CA PHE G 265 -41.52 29.83 -46.07
C PHE G 265 -41.26 29.04 -47.34
N GLY G 266 -40.41 29.62 -48.17
CA GLY G 266 -40.21 29.11 -49.54
C GLY G 266 -41.13 29.73 -50.64
N TYR G 267 -42.06 30.57 -50.16
CA TYR G 267 -43.09 31.26 -50.95
C TYR G 267 -42.47 32.10 -52.02
N ASP G 268 -41.32 32.68 -51.74
CA ASP G 268 -40.56 33.48 -52.70
C ASP G 268 -40.01 32.71 -53.93
N ASP G 269 -39.71 31.42 -53.79
CA ASP G 269 -39.19 30.57 -54.89
C ASP G 269 -40.38 30.14 -55.73
N LEU G 270 -41.60 30.42 -55.30
CA LEU G 270 -42.77 29.99 -56.02
C LEU G 270 -43.51 31.18 -56.48
N ASN G 271 -42.94 32.36 -56.21
CA ASN G 271 -43.58 33.65 -56.55
C ASN G 271 -45.05 33.74 -56.13
N ARG G 272 -45.27 33.27 -54.90
CA ARG G 272 -46.57 33.17 -54.27
C ARG G 272 -46.68 34.20 -53.19
N PHE G 273 -47.37 35.28 -53.52
CA PHE G 273 -47.66 36.36 -52.60
C PHE G 273 -49.15 36.66 -52.43
N PHE G 274 -49.39 37.78 -51.77
CA PHE G 274 -50.72 38.30 -51.51
C PHE G 274 -50.55 39.78 -51.22
N THR G 275 -51.65 40.52 -51.12
CA THR G 275 -51.63 41.97 -50.83
C THR G 275 -51.72 42.26 -49.32
N ILE G 276 -52.95 42.16 -48.83
CA ILE G 276 -53.27 42.18 -47.39
C ILE G 276 -53.63 40.76 -46.82
N GLY G 277 -53.04 40.43 -45.68
CA GLY G 277 -53.29 39.13 -45.09
C GLY G 277 -54.69 39.08 -44.55
N ILE G 278 -55.00 39.98 -43.63
CA ILE G 278 -56.27 39.97 -42.95
C ILE G 278 -56.75 41.37 -42.90
N SER G 279 -57.78 41.66 -43.68
CA SER G 279 -58.29 43.02 -43.78
C SER G 279 -59.61 43.16 -43.11
N ALA G 280 -59.72 44.13 -42.21
CA ALA G 280 -60.96 44.31 -41.53
C ALA G 280 -61.46 45.71 -41.57
N ASN G 281 -62.77 45.86 -41.75
CA ASN G 281 -63.41 47.17 -41.88
C ASN G 281 -64.80 47.13 -41.29
N PHE G 282 -65.08 48.03 -40.34
CA PHE G 282 -66.35 47.97 -39.62
C PHE G 282 -66.52 46.61 -38.92
N ALA G 283 -65.61 46.31 -38.01
CA ALA G 283 -65.65 45.06 -37.31
C ALA G 283 -65.63 45.40 -35.84
N ALA G 284 -66.24 44.52 -35.06
CA ALA G 284 -66.33 44.73 -33.61
C ALA G 284 -65.97 43.42 -32.93
N ASP G 285 -65.13 43.50 -31.92
CA ASP G 285 -64.60 42.32 -31.26
C ASP G 285 -64.01 41.29 -32.15
N LEU G 286 -63.09 41.74 -32.99
CA LEU G 286 -62.30 40.85 -33.84
C LEU G 286 -61.04 40.54 -33.03
N HIS G 287 -60.83 39.28 -32.71
CA HIS G 287 -59.69 38.87 -31.90
C HIS G 287 -58.80 37.90 -32.62
N ILE G 288 -57.54 38.30 -32.83
CA ILE G 288 -56.60 37.49 -33.59
C ILE G 288 -55.52 36.99 -32.64
N GLN G 289 -55.48 35.66 -32.50
CA GLN G 289 -54.56 35.03 -31.55
C GLN G 289 -53.39 34.27 -32.25
N ASP G 290 -52.17 34.72 -31.97
CA ASP G 290 -51.02 34.07 -32.51
C ASP G 290 -51.06 33.91 -34.02
N GLY G 291 -50.50 32.83 -34.52
CA GLY G 291 -50.35 32.65 -35.94
C GLY G 291 -49.11 33.25 -36.57
N VAL G 292 -49.00 33.10 -37.86
CA VAL G 292 -47.85 33.52 -38.61
C VAL G 292 -48.30 33.97 -39.95
N ILE G 293 -47.80 35.14 -40.34
CA ILE G 293 -48.13 35.73 -41.63
C ILE G 293 -46.84 36.11 -42.35
N ILE G 294 -46.54 35.35 -43.42
CA ILE G 294 -45.30 35.44 -44.17
C ILE G 294 -45.48 35.90 -45.59
N GLY G 295 -44.58 36.82 -45.95
CA GLY G 295 -44.21 37.08 -47.35
C GLY G 295 -45.20 37.54 -48.37
N ASN G 296 -45.45 38.83 -48.35
CA ASN G 296 -46.17 39.39 -49.44
C ASN G 296 -45.26 40.37 -50.21
N LYS G 297 -43.97 40.15 -50.06
CA LYS G 297 -42.88 40.93 -50.67
C LYS G 297 -41.74 39.93 -50.62
N ARG G 298 -40.64 40.12 -51.33
CA ARG G 298 -39.55 39.13 -51.30
C ARG G 298 -38.63 39.44 -50.15
N PRO G 299 -37.89 38.44 -49.62
CA PRO G 299 -37.12 38.69 -48.40
C PRO G 299 -36.15 39.83 -48.59
N GLY G 300 -36.19 40.78 -47.67
CA GLY G 300 -35.31 41.97 -47.71
C GLY G 300 -35.60 42.95 -48.85
N ALA G 301 -36.66 42.69 -49.60
CA ALA G 301 -37.00 43.46 -50.79
C ALA G 301 -37.60 44.77 -50.40
N SER G 302 -37.86 45.62 -51.40
CA SER G 302 -38.33 46.97 -51.11
C SER G 302 -39.81 47.01 -50.71
N ASP G 303 -40.16 48.04 -49.94
CA ASP G 303 -41.52 48.17 -49.44
C ASP G 303 -42.49 48.21 -50.64
N ILE G 304 -43.74 47.80 -50.38
CA ILE G 304 -44.85 47.76 -51.33
C ILE G 304 -46.13 48.38 -50.70
N GLU G 305 -46.54 49.52 -51.25
CA GLU G 305 -47.58 50.33 -50.68
C GLU G 305 -48.82 49.51 -50.48
N GLY G 306 -49.34 49.63 -49.26
CA GLY G 306 -50.57 48.98 -48.86
C GLY G 306 -50.62 47.51 -48.53
N ARG G 307 -49.48 46.82 -48.58
CA ARG G 307 -49.48 45.34 -48.39
C ARG G 307 -49.25 45.02 -46.95
N SER G 308 -50.09 45.54 -46.09
CA SER G 308 -49.98 45.27 -44.68
C SER G 308 -50.30 43.80 -44.33
N ALA G 309 -49.77 43.27 -43.25
CA ALA G 309 -50.18 41.91 -42.88
C ALA G 309 -51.60 41.91 -42.37
N ILE G 310 -51.82 42.75 -41.35
CA ILE G 310 -53.14 42.97 -40.80
C ILE G 310 -53.51 44.44 -40.85
N LYS G 311 -54.78 44.68 -41.19
CA LYS G 311 -55.32 46.05 -41.35
C LYS G 311 -56.69 46.21 -40.66
N PHE G 312 -56.72 47.07 -39.67
CA PHE G 312 -57.94 47.34 -38.92
C PHE G 312 -58.36 48.75 -39.28
N ASN G 313 -59.44 48.84 -40.02
CA ASN G 313 -60.06 50.09 -40.33
C ASN G 313 -61.48 50.21 -39.71
N ASN G 314 -61.74 51.22 -38.90
CA ASN G 314 -63.08 51.34 -38.28
C ASN G 314 -63.45 50.07 -37.54
N CYS G 315 -62.56 49.70 -36.65
CA CYS G 315 -62.71 48.52 -35.87
C CYS G 315 -62.81 48.90 -34.42
N VAL G 316 -63.81 48.38 -33.72
CA VAL G 316 -63.89 48.63 -32.28
C VAL G 316 -63.60 47.37 -31.49
N ASP G 317 -62.94 47.58 -30.35
CA ASP G 317 -62.62 46.51 -29.39
C ASP G 317 -62.08 45.25 -30.05
N SER G 318 -61.09 45.42 -30.90
CA SER G 318 -60.40 44.31 -31.51
C SER G 318 -58.92 44.28 -31.14
N THR G 319 -58.30 43.13 -31.31
CA THR G 319 -56.94 42.98 -30.81
C THR G 319 -56.17 41.98 -31.62
N VAL G 320 -54.86 42.16 -31.65
CA VAL G 320 -53.93 41.14 -32.17
C VAL G 320 -52.99 40.73 -31.05
N LYS G 321 -52.81 39.43 -30.87
CA LYS G 321 -52.03 38.94 -29.73
C LYS G 321 -51.14 37.75 -30.08
N GLY G 322 -49.85 37.98 -30.02
CA GLY G 322 -48.87 36.92 -30.21
C GLY G 322 -48.51 36.57 -31.62
N THR G 323 -49.06 37.30 -32.58
CA THR G 323 -48.88 36.97 -34.01
C THR G 323 -47.47 37.33 -34.47
N CYS G 324 -46.88 36.43 -35.26
CA CYS G 324 -45.52 36.54 -35.82
C CYS G 324 -45.64 37.00 -37.30
N PHE G 325 -45.02 38.16 -37.63
CA PHE G 325 -44.91 38.63 -39.03
C PHE G 325 -43.52 38.61 -39.69
N TYR G 326 -43.41 37.94 -40.83
CA TYR G 326 -42.14 37.89 -41.56
C TYR G 326 -42.30 38.33 -43.02
N ASN G 327 -41.39 39.22 -43.48
CA ASN G 327 -41.27 39.65 -44.88
C ASN G 327 -42.54 40.31 -45.34
N ILE G 328 -42.85 41.46 -44.80
CA ILE G 328 -44.06 42.11 -45.14
C ILE G 328 -43.80 43.39 -45.89
N GLY G 329 -44.61 43.59 -46.89
CA GLY G 329 -44.49 44.74 -47.76
C GLY G 329 -44.72 46.07 -47.10
N TRP G 330 -45.74 46.10 -46.28
CA TRP G 330 -46.15 47.32 -45.67
C TRP G 330 -46.10 47.26 -44.16
N TYR G 331 -47.24 47.24 -43.48
CA TYR G 331 -47.22 47.23 -42.03
C TYR G 331 -47.58 45.90 -41.45
N GLY G 332 -47.06 45.70 -40.25
CA GLY G 332 -47.42 44.46 -39.54
C GLY G 332 -48.89 44.49 -39.26
N VAL G 333 -49.20 45.51 -38.46
CA VAL G 333 -50.53 45.84 -38.05
C VAL G 333 -50.75 47.30 -38.34
N GLU G 334 -51.65 47.53 -39.27
CA GLU G 334 -52.08 48.87 -39.60
C GLU G 334 -53.40 49.15 -38.94
N VAL G 335 -53.49 50.22 -38.18
CA VAL G 335 -54.74 50.63 -37.60
C VAL G 335 -55.17 52.00 -38.17
N LEU G 336 -56.30 52.08 -38.84
CA LEU G 336 -56.79 53.37 -39.32
C LEU G 336 -58.28 53.56 -39.14
N GLY G 337 -58.77 54.77 -39.37
CA GLY G 337 -60.20 55.00 -39.23
C GLY G 337 -60.47 55.40 -37.81
N CYS G 338 -61.72 55.32 -37.38
CA CYS G 338 -62.01 55.59 -35.96
C CYS G 338 -61.89 54.31 -35.15
N SER G 339 -60.86 53.47 -35.40
CA SER G 339 -60.66 52.27 -34.63
C SER G 339 -60.48 52.60 -33.16
N GLU G 340 -61.38 52.07 -32.33
CA GLU G 340 -61.40 52.44 -30.91
C GLU G 340 -61.10 51.25 -30.02
N ASP G 341 -60.30 51.46 -28.99
CA ASP G 341 -59.99 50.41 -28.04
C ASP G 341 -59.27 49.21 -28.67
N THR G 342 -58.17 49.51 -29.35
CA THR G 342 -57.47 48.52 -30.15
C THR G 342 -56.26 48.12 -29.36
N GLU G 343 -55.91 46.86 -29.34
CA GLU G 343 -54.72 46.46 -28.58
C GLU G 343 -53.88 45.52 -29.38
N VAL G 344 -52.57 45.73 -29.33
CA VAL G 344 -51.68 44.72 -29.84
C VAL G 344 -50.71 44.28 -28.77
N HIS G 345 -50.70 42.99 -28.50
CA HIS G 345 -49.80 42.42 -27.51
C HIS G 345 -48.90 41.38 -28.16
N ASP G 346 -47.69 41.34 -27.64
CA ASP G 346 -46.76 40.24 -27.88
C ASP G 346 -46.49 39.88 -29.36
N ILE G 347 -46.39 40.83 -30.27
CA ILE G 347 -46.16 40.37 -31.63
C ILE G 347 -44.69 40.43 -31.92
N HIS G 348 -44.31 39.70 -32.95
CA HIS G 348 -42.96 39.68 -33.44
C HIS G 348 -42.99 40.01 -34.90
N ALA G 349 -42.41 41.14 -35.23
CA ALA G 349 -42.36 41.55 -36.62
C ALA G 349 -40.93 41.59 -37.10
N MET G 350 -40.67 41.01 -38.24
CA MET G 350 -39.30 40.93 -38.75
C MET G 350 -39.34 41.17 -40.27
N ASP G 351 -38.55 42.16 -40.70
CA ASP G 351 -38.44 42.55 -42.11
C ASP G 351 -39.79 43.04 -42.64
N VAL G 352 -40.19 44.17 -42.09
CA VAL G 352 -41.47 44.79 -42.37
C VAL G 352 -41.22 46.28 -42.35
N ARG G 353 -42.15 47.08 -42.85
CA ARG G 353 -41.91 48.52 -42.95
C ARG G 353 -42.09 49.14 -41.60
N HIS G 354 -43.18 48.78 -40.95
CA HIS G 354 -43.51 49.20 -39.55
C HIS G 354 -44.11 47.95 -38.94
N ALA G 355 -43.71 47.66 -37.72
CA ALA G 355 -44.34 46.59 -36.96
C ALA G 355 -45.78 46.94 -36.76
N ILE G 356 -45.99 48.14 -36.24
CA ILE G 356 -47.30 48.68 -36.01
C ILE G 356 -47.35 50.09 -36.51
N SER G 357 -48.45 50.44 -37.11
CA SER G 357 -48.60 51.84 -37.46
C SER G 357 -50.03 52.27 -37.40
N LEU G 358 -50.28 53.34 -36.66
CA LEU G 358 -51.58 54.01 -36.69
C LEU G 358 -51.52 54.96 -37.86
N ASN G 359 -52.46 54.85 -38.77
CA ASN G 359 -52.35 55.53 -40.02
C ASN G 359 -53.30 56.74 -40.21
N TRP G 360 -53.01 57.54 -41.21
CA TRP G 360 -53.87 58.62 -41.62
C TRP G 360 -54.64 58.15 -42.83
N GLN G 361 -55.42 59.04 -43.40
CA GLN G 361 -56.13 58.71 -44.64
C GLN G 361 -55.91 59.86 -45.59
N SER G 362 -55.53 59.53 -46.83
CA SER G 362 -55.32 60.56 -47.87
C SER G 362 -56.65 61.17 -48.29
N THR G 363 -56.79 62.48 -48.16
CA THR G 363 -57.98 63.18 -48.62
C THR G 363 -57.83 63.77 -50.05
N ALA G 364 -56.84 63.26 -50.76
CA ALA G 364 -56.57 63.73 -52.10
C ALA G 364 -57.77 63.39 -52.96
N ASP G 365 -58.32 62.22 -52.73
CA ASP G 365 -59.42 61.76 -53.55
C ASP G 365 -60.81 62.01 -52.91
N GLY G 366 -60.90 62.92 -51.93
CA GLY G 366 -62.13 63.10 -51.19
C GLY G 366 -62.00 63.07 -49.68
N ASP G 367 -63.11 63.43 -49.04
CA ASP G 367 -63.18 63.49 -47.58
C ASP G 367 -63.06 62.12 -46.92
N LYS G 368 -62.46 62.18 -45.73
CA LYS G 368 -62.22 60.99 -44.95
C LYS G 368 -62.52 61.24 -43.50
N TRP G 369 -63.04 60.21 -42.83
CA TRP G 369 -63.36 60.30 -41.39
C TRP G 369 -62.66 59.29 -40.52
N GLY G 370 -62.10 59.78 -39.45
CA GLY G 370 -61.71 58.90 -38.37
C GLY G 370 -60.26 58.74 -38.03
N GLU G 371 -59.92 59.06 -36.79
CA GLU G 371 -58.61 58.82 -36.27
C GLU G 371 -58.74 57.74 -35.20
N PRO G 372 -57.69 56.92 -34.99
CA PRO G 372 -57.73 55.88 -33.97
C PRO G 372 -57.78 56.50 -32.62
N ILE G 373 -58.52 55.88 -31.70
CA ILE G 373 -58.71 56.44 -30.35
C ILE G 373 -58.51 55.33 -29.35
N GLU G 374 -57.68 55.54 -28.34
CA GLU G 374 -57.33 54.43 -27.42
C GLU G 374 -56.61 53.30 -28.11
N PHE G 375 -55.29 53.31 -28.04
CA PHE G 375 -54.50 52.28 -28.70
C PHE G 375 -53.41 51.85 -27.75
N LEU G 376 -53.27 50.55 -27.62
CA LEU G 376 -52.27 50.01 -26.72
C LEU G 376 -51.45 49.01 -27.42
N GLY G 377 -50.15 49.29 -27.41
CA GLY G 377 -49.19 48.33 -27.86
C GLY G 377 -48.36 47.89 -26.67
N VAL G 378 -48.32 46.58 -26.46
CA VAL G 378 -47.59 46.09 -25.27
C VAL G 378 -46.72 44.84 -25.51
N ASN G 379 -45.45 44.95 -25.12
CA ASN G 379 -44.55 43.81 -25.17
C ASN G 379 -44.38 43.36 -26.60
N CYS G 380 -44.21 44.29 -27.52
CA CYS G 380 -44.05 43.95 -28.92
C CYS G 380 -42.60 44.04 -29.36
N GLU G 381 -42.25 43.21 -30.33
CA GLU G 381 -40.89 43.09 -30.79
C GLU G 381 -40.78 43.32 -32.29
N ALA G 382 -39.94 44.27 -32.66
CA ALA G 382 -39.69 44.59 -34.06
C ALA G 382 -38.23 44.47 -34.41
N TYR G 383 -37.94 43.85 -35.50
CA TYR G 383 -36.56 43.61 -35.92
C TYR G 383 -36.45 44.02 -37.37
N SER G 384 -35.38 44.76 -37.66
CA SER G 384 -35.03 45.07 -39.06
C SER G 384 -36.16 45.71 -39.89
N THR G 385 -36.72 46.80 -39.39
CA THR G 385 -37.82 47.40 -40.06
C THR G 385 -37.19 48.37 -41.06
N THR G 386 -37.81 48.50 -42.23
CA THR G 386 -37.27 49.34 -43.27
C THR G 386 -37.52 50.80 -42.93
N GLN G 387 -38.52 51.07 -42.13
CA GLN G 387 -38.72 52.40 -41.55
C GLN G 387 -38.90 52.17 -40.06
N ALA G 388 -39.47 53.13 -39.36
CA ALA G 388 -39.63 53.02 -37.92
C ALA G 388 -40.24 51.71 -37.50
N GLY G 389 -39.87 51.26 -36.30
CA GLY G 389 -40.44 50.03 -35.74
C GLY G 389 -41.89 50.18 -35.35
N PHE G 390 -42.18 51.20 -34.59
CA PHE G 390 -43.52 51.40 -34.13
C PHE G 390 -43.78 52.78 -34.47
N ASP G 391 -44.93 53.04 -35.04
CA ASP G 391 -45.15 54.37 -35.59
C ASP G 391 -46.61 54.85 -35.53
N THR G 392 -46.76 56.16 -35.57
CA THR G 392 -48.08 56.71 -35.82
C THR G 392 -47.96 57.73 -36.91
N HIS G 393 -49.07 58.07 -37.53
CA HIS G 393 -49.08 59.16 -38.49
C HIS G 393 -49.61 60.41 -37.75
N ASP G 394 -50.13 61.45 -38.43
CA ASP G 394 -50.46 62.70 -37.70
C ASP G 394 -51.86 62.87 -37.11
N ILE G 395 -52.60 61.80 -36.98
CA ILE G 395 -53.79 61.78 -36.14
C ILE G 395 -53.71 60.60 -35.18
N GLY G 396 -54.62 60.58 -34.23
CA GLY G 396 -54.68 59.54 -33.24
C GLY G 396 -54.72 60.17 -31.86
N LYS G 397 -55.50 59.57 -30.97
CA LYS G 397 -55.66 60.07 -29.63
C LYS G 397 -55.44 58.94 -28.67
N ARG G 398 -54.79 59.23 -27.57
CA ARG G 398 -54.57 58.26 -26.49
C ARG G 398 -53.84 57.00 -26.92
N VAL G 399 -52.64 57.23 -27.44
CA VAL G 399 -51.80 56.15 -27.92
C VAL G 399 -50.76 55.84 -26.90
N LYS G 400 -50.65 54.56 -26.58
CA LYS G 400 -49.69 54.09 -25.61
C LYS G 400 -48.89 52.89 -26.12
N PHE G 401 -47.58 52.95 -25.90
CA PHE G 401 -46.69 51.83 -26.16
C PHE G 401 -46.04 51.46 -24.85
N VAL G 402 -46.17 50.19 -24.48
CA VAL G 402 -45.65 49.71 -23.20
C VAL G 402 -44.73 48.53 -23.42
N ARG G 403 -43.52 48.66 -22.91
CA ARG G 403 -42.49 47.60 -22.94
C ARG G 403 -42.21 47.01 -24.33
N CYS G 404 -42.21 47.86 -25.32
CA CYS G 404 -42.02 47.47 -26.67
C CYS G 404 -40.56 47.70 -26.98
N VAL G 405 -39.98 46.84 -27.81
CA VAL G 405 -38.56 46.93 -28.17
C VAL G 405 -38.36 46.88 -29.68
N SER G 406 -37.51 47.77 -30.16
CA SER G 406 -37.17 47.86 -31.61
C SER G 406 -35.69 47.60 -31.78
N TYR G 407 -35.37 46.69 -32.68
CA TYR G 407 -34.02 46.33 -32.91
C TYR G 407 -33.64 46.60 -34.37
N ASP G 408 -32.56 47.37 -34.56
CA ASP G 408 -31.91 47.58 -35.89
C ASP G 408 -32.88 48.14 -36.95
N SER G 409 -33.54 49.24 -36.62
CA SER G 409 -34.40 49.91 -37.60
C SER G 409 -33.50 50.66 -38.61
N ALA G 410 -33.96 50.73 -39.85
CA ALA G 410 -33.31 51.47 -40.89
C ALA G 410 -33.59 52.94 -40.69
N ALA G 411 -34.62 53.28 -39.94
CA ALA G 411 -35.02 54.64 -39.66
C ALA G 411 -35.04 54.86 -38.13
N ALA G 412 -36.20 55.14 -37.51
CA ALA G 412 -36.21 55.27 -36.04
C ALA G 412 -36.64 53.93 -35.40
N GLY G 413 -36.37 53.78 -34.10
CA GLY G 413 -36.99 52.69 -33.38
C GLY G 413 -38.46 53.01 -33.28
N PHE G 414 -38.77 54.11 -32.63
CA PHE G 414 -40.13 54.54 -32.48
C PHE G 414 -40.29 55.93 -33.08
N GLN G 415 -41.39 56.10 -33.81
CA GLN G 415 -41.78 57.34 -34.49
C GLN G 415 -43.11 57.82 -34.02
N ALA G 416 -43.15 58.97 -33.37
CA ALA G 416 -44.42 59.64 -32.95
C ALA G 416 -44.75 60.83 -33.84
N ARG G 417 -45.78 60.69 -34.67
CA ARG G 417 -46.22 61.78 -35.55
C ARG G 417 -47.57 62.48 -35.14
N THR G 418 -48.11 62.05 -33.99
CA THR G 418 -49.37 62.60 -33.42
C THR G 418 -49.09 63.08 -32.01
N ASN G 419 -49.88 63.97 -31.47
CA ASN G 419 -49.43 64.63 -30.23
C ASN G 419 -49.57 63.75 -28.98
N GLY G 420 -48.65 63.94 -28.03
CA GLY G 420 -48.74 63.29 -26.72
C GLY G 420 -48.73 61.75 -26.64
N VAL G 421 -47.95 61.12 -27.52
CA VAL G 421 -47.86 59.69 -27.55
C VAL G 421 -47.02 59.34 -26.34
N GLU G 422 -47.43 58.31 -25.59
CA GLU G 422 -46.77 57.98 -24.36
C GLU G 422 -46.14 56.62 -24.49
N TYR G 423 -44.88 56.54 -24.09
CA TYR G 423 -44.12 55.28 -24.13
C TYR G 423 -43.65 54.89 -22.70
N LEU G 424 -43.86 53.64 -22.35
CA LEU G 424 -43.51 53.15 -21.01
C LEU G 424 -42.56 52.01 -21.12
N ASN G 425 -41.39 52.27 -20.54
CA ASN G 425 -40.35 51.26 -20.51
C ASN G 425 -40.05 50.59 -21.86
N CYS G 426 -39.97 51.39 -22.93
CA CYS G 426 -39.63 50.90 -24.23
C CYS G 426 -38.15 50.96 -24.46
N ARG G 427 -37.72 50.22 -25.44
CA ARG G 427 -36.33 50.07 -25.74
C ARG G 427 -36.14 50.10 -27.24
N ALA G 428 -35.19 50.94 -27.64
CA ALA G 428 -34.69 51.00 -29.01
C ALA G 428 -33.14 50.69 -29.11
N TYR G 429 -32.77 49.71 -29.91
CA TYR G 429 -31.35 49.31 -30.12
C TYR G 429 -30.92 49.50 -31.57
N ARG G 430 -29.81 50.22 -31.73
CA ARG G 430 -29.14 50.31 -33.01
C ARG G 430 -30.06 50.74 -34.14
N ALA G 431 -30.81 51.80 -33.96
CA ALA G 431 -31.54 52.37 -35.06
C ALA G 431 -30.54 53.18 -35.90
N ALA G 432 -30.78 53.14 -37.21
CA ALA G 432 -30.01 53.91 -38.15
C ALA G 432 -30.13 55.39 -37.89
N MET G 433 -31.25 55.83 -37.31
CA MET G 433 -31.40 57.25 -36.99
C MET G 433 -31.55 57.55 -35.51
N ASP G 434 -32.78 57.62 -35.01
CA ASP G 434 -32.95 57.85 -33.59
C ASP G 434 -33.68 56.71 -32.94
N GLY G 435 -33.38 56.46 -31.67
CA GLY G 435 -34.12 55.43 -30.99
C GLY G 435 -35.60 55.78 -31.06
N PHE G 436 -35.89 56.94 -30.48
CA PHE G 436 -37.21 57.52 -30.32
C PHE G 436 -37.19 58.92 -30.93
N ALA G 437 -38.15 59.20 -31.80
CA ALA G 437 -38.25 60.54 -32.38
C ALA G 437 -39.69 61.02 -32.54
N SER G 438 -39.88 62.32 -32.53
CA SER G 438 -41.16 62.86 -32.99
C SER G 438 -40.93 63.36 -34.40
N ASN G 439 -41.69 64.33 -34.85
CA ASN G 439 -41.50 64.84 -36.18
C ASN G 439 -42.08 66.18 -36.34
N THR G 440 -42.07 66.61 -37.58
CA THR G 440 -42.40 67.97 -37.91
C THR G 440 -43.79 68.38 -37.39
N GLY G 441 -43.79 69.44 -36.59
CA GLY G 441 -45.02 69.93 -36.00
C GLY G 441 -45.66 68.99 -34.99
N VAL G 442 -44.95 67.97 -34.50
CA VAL G 442 -45.54 67.11 -33.52
C VAL G 442 -45.14 67.50 -32.13
N ALA G 443 -46.10 67.44 -31.22
CA ALA G 443 -45.96 68.03 -29.89
C ALA G 443 -45.90 67.00 -28.78
N PHE G 444 -44.97 67.31 -27.87
CA PHE G 444 -44.63 66.57 -26.67
C PHE G 444 -44.94 65.09 -26.53
N PRO G 445 -44.13 64.24 -27.14
CA PRO G 445 -44.23 62.88 -26.71
C PRO G 445 -43.75 62.75 -25.25
N ILE G 446 -44.21 61.71 -24.56
CA ILE G 446 -43.78 61.47 -23.17
C ILE G 446 -43.00 60.19 -23.18
N TYR G 447 -41.79 60.23 -22.69
CA TYR G 447 -40.98 59.02 -22.58
C TYR G 447 -40.79 58.72 -21.06
N ARG G 448 -41.18 57.55 -20.63
CA ARG G 448 -40.96 57.20 -19.24
C ARG G 448 -40.12 55.95 -19.08
N GLU G 449 -38.95 56.11 -18.49
CA GLU G 449 -38.03 55.00 -18.20
C GLU G 449 -37.78 54.25 -19.49
N CYS G 450 -37.60 54.99 -20.58
CA CYS G 450 -37.26 54.39 -21.85
C CYS G 450 -35.75 54.27 -22.04
N LEU G 451 -35.30 53.34 -22.85
CA LEU G 451 -33.89 53.12 -22.92
C LEU G 451 -33.53 53.02 -24.34
N ALA G 452 -32.54 53.82 -24.72
CA ALA G 452 -32.02 53.86 -26.09
C ALA G 452 -30.56 53.43 -26.15
N TYR G 453 -30.28 52.38 -26.89
CA TYR G 453 -28.90 51.87 -26.96
C TYR G 453 -28.34 51.79 -28.37
N ASP G 454 -27.25 52.53 -28.57
CA ASP G 454 -26.42 52.50 -29.77
C ASP G 454 -27.18 52.80 -31.03
N ASN G 455 -28.03 53.82 -30.93
CA ASN G 455 -28.72 54.32 -32.09
C ASN G 455 -27.85 55.41 -32.68
N VAL G 456 -27.69 55.39 -33.97
CA VAL G 456 -26.65 56.17 -34.57
C VAL G 456 -26.71 57.66 -34.22
N ARG G 457 -27.80 58.33 -34.62
CA ARG G 457 -27.88 59.79 -34.46
C ARG G 457 -28.17 60.24 -33.06
N SER G 458 -29.26 59.74 -32.48
CA SER G 458 -29.61 60.06 -31.08
C SER G 458 -30.53 59.02 -30.34
N GLY G 459 -30.61 59.17 -29.03
CA GLY G 459 -31.43 58.29 -28.32
C GLY G 459 -32.84 58.77 -28.53
N PHE G 460 -33.05 60.02 -28.14
CA PHE G 460 -34.35 60.65 -28.18
C PHE G 460 -34.21 61.92 -28.92
N ASN G 461 -34.98 62.03 -29.98
CA ASN G 461 -35.00 63.23 -30.78
C ASN G 461 -36.38 63.81 -30.85
N CYS G 462 -36.60 64.75 -29.94
CA CYS G 462 -37.82 65.51 -29.90
C CYS G 462 -37.49 67.02 -29.91
N SER G 463 -36.84 67.41 -31.01
CA SER G 463 -36.45 68.79 -31.31
C SER G 463 -37.45 69.45 -32.27
N TYR G 464 -38.53 68.77 -32.58
CA TYR G 464 -39.48 69.29 -33.53
C TYR G 464 -40.61 70.06 -32.85
N GLY G 465 -40.79 69.86 -31.56
CA GLY G 465 -41.84 70.54 -30.81
C GLY G 465 -41.87 70.09 -29.37
N GLY G 466 -40.69 69.92 -28.80
CA GLY G 466 -40.57 69.61 -27.37
C GLY G 466 -40.78 68.17 -26.96
N GLY G 467 -40.39 67.86 -25.75
CA GLY G 467 -40.71 66.56 -25.22
C GLY G 467 -40.53 66.47 -23.72
N TYR G 468 -40.96 65.34 -23.17
CA TYR G 468 -40.79 65.09 -21.75
C TYR G 468 -40.04 63.82 -21.61
N VAL G 469 -38.83 63.91 -21.12
CA VAL G 469 -37.95 62.79 -21.09
C VAL G 469 -37.70 62.44 -19.65
N TYR G 470 -38.46 61.47 -19.16
CA TYR G 470 -38.45 61.15 -17.75
C TYR G 470 -37.73 59.85 -17.48
N ASP G 471 -36.71 59.95 -16.62
CA ASP G 471 -35.90 58.80 -16.18
C ASP G 471 -35.42 57.87 -17.31
N CYS G 472 -35.11 58.46 -18.46
CA CYS G 472 -34.69 57.67 -19.58
C CYS G 472 -33.19 57.52 -19.56
N GLU G 473 -32.73 56.71 -20.48
CA GLU G 473 -31.32 56.48 -20.68
C GLU G 473 -31.01 56.30 -22.16
N ALA G 474 -29.91 56.91 -22.58
CA ALA G 474 -29.43 56.80 -23.96
C ALA G 474 -27.93 56.71 -23.88
N HIS G 475 -27.42 55.70 -24.57
CA HIS G 475 -26.04 55.36 -24.62
C HIS G 475 -25.59 55.07 -26.08
N GLY G 476 -24.45 55.60 -26.46
CA GLY G 476 -23.79 55.19 -27.72
C GLY G 476 -24.32 55.81 -28.99
N SER G 477 -24.74 57.06 -28.87
CA SER G 477 -25.33 57.84 -29.98
C SER G 477 -24.47 59.10 -30.12
N GLN G 478 -24.70 59.84 -31.20
CA GLN G 478 -24.01 61.11 -31.26
C GLN G 478 -24.45 62.02 -30.10
N ASN G 479 -25.75 62.10 -29.87
CA ASN G 479 -26.28 62.88 -28.76
C ASN G 479 -27.33 62.05 -28.04
N GLY G 480 -27.40 62.20 -26.74
CA GLY G 480 -28.30 61.35 -25.97
C GLY G 480 -29.71 61.75 -26.26
N VAL G 481 -29.97 63.02 -26.06
CA VAL G 481 -31.27 63.62 -26.31
C VAL G 481 -31.14 64.86 -27.18
N ARG G 482 -31.93 64.97 -28.25
CA ARG G 482 -32.09 66.22 -29.00
C ARG G 482 -33.40 66.85 -28.59
N ILE G 483 -33.34 68.02 -27.98
CA ILE G 483 -34.52 68.63 -27.50
C ILE G 483 -34.55 70.20 -27.64
N ASN G 484 -35.72 70.76 -27.92
CA ASN G 484 -35.80 72.20 -28.05
C ASN G 484 -36.52 72.83 -26.90
N GLY G 485 -37.20 72.00 -26.09
CA GLY G 485 -37.98 72.46 -24.92
C GLY G 485 -38.82 71.33 -24.34
N GLY G 486 -39.15 71.47 -23.07
CA GLY G 486 -39.84 70.41 -22.32
C GLY G 486 -39.03 70.10 -21.08
N ARG G 487 -38.86 68.81 -20.77
CA ARG G 487 -38.08 68.45 -19.59
C ARG G 487 -37.29 67.24 -19.79
N VAL G 488 -36.09 67.26 -19.26
CA VAL G 488 -35.32 66.04 -19.06
C VAL G 488 -35.14 65.91 -17.56
N LYS G 489 -35.87 64.99 -16.94
CA LYS G 489 -35.74 64.79 -15.48
C LYS G 489 -35.35 63.41 -15.21
N GLY G 490 -34.28 63.32 -14.46
CA GLY G 490 -33.74 62.04 -14.14
C GLY G 490 -33.08 61.39 -15.33
N GLY G 491 -32.69 60.12 -15.15
CA GLY G 491 -32.12 59.35 -16.25
C GLY G 491 -30.61 59.34 -16.25
N ARG G 492 -30.03 58.73 -17.26
CA ARG G 492 -28.64 58.54 -17.25
C ARG G 492 -28.22 58.41 -18.67
N TYR G 493 -27.20 59.19 -19.05
CA TYR G 493 -26.64 59.19 -20.41
C TYR G 493 -25.14 58.91 -20.39
N THR G 494 -24.67 58.14 -21.36
CA THR G 494 -23.27 57.74 -21.41
C THR G 494 -22.91 57.42 -22.83
N ARG G 495 -21.62 57.56 -23.16
CA ARG G 495 -21.09 57.20 -24.47
C ARG G 495 -21.72 57.86 -25.67
N ASN G 496 -21.82 59.17 -25.59
CA ASN G 496 -22.42 59.98 -26.66
C ASN G 496 -21.30 60.92 -27.18
N SER G 497 -20.90 60.71 -28.44
CA SER G 497 -19.71 61.36 -28.98
C SER G 497 -19.77 62.87 -28.97
N SER G 498 -20.92 63.45 -29.30
CA SER G 498 -21.08 64.89 -29.30
C SER G 498 -21.44 65.42 -27.93
N SER G 499 -22.61 65.07 -27.42
CA SER G 499 -23.05 65.51 -26.08
C SER G 499 -24.20 64.68 -25.59
N HIS G 500 -24.44 64.73 -24.29
CA HIS G 500 -25.51 63.93 -23.76
C HIS G 500 -26.86 64.52 -24.10
N ILE G 501 -27.03 65.78 -23.73
CA ILE G 501 -28.17 66.57 -24.15
C ILE G 501 -27.73 67.55 -25.23
N PHE G 502 -28.53 67.63 -26.26
CA PHE G 502 -28.33 68.56 -27.36
C PHE G 502 -29.59 69.41 -27.45
N VAL G 503 -29.49 70.67 -26.99
CA VAL G 503 -30.54 71.66 -27.11
C VAL G 503 -30.52 72.21 -28.53
N THR G 504 -31.53 71.90 -29.34
CA THR G 504 -31.52 72.26 -30.75
C THR G 504 -32.94 72.25 -31.30
N LYS G 505 -33.12 72.64 -32.55
CA LYS G 505 -34.42 72.68 -33.19
C LYS G 505 -34.28 71.86 -34.43
N ASP G 506 -35.37 71.41 -35.01
CA ASP G 506 -35.30 70.70 -36.27
C ASP G 506 -35.03 71.67 -37.42
N VAL G 507 -35.50 72.91 -37.28
CA VAL G 507 -35.34 74.04 -38.20
C VAL G 507 -35.38 75.33 -37.37
N ALA G 508 -34.60 76.32 -37.75
CA ALA G 508 -34.58 77.58 -37.01
C ALA G 508 -35.93 78.24 -36.85
N GLU G 509 -36.81 78.04 -37.83
CA GLU G 509 -38.19 78.57 -37.76
C GLU G 509 -38.98 78.07 -36.52
N THR G 510 -38.64 76.91 -35.96
CA THR G 510 -39.36 76.33 -34.81
C THR G 510 -39.13 77.16 -33.55
N ALA G 511 -40.14 77.28 -32.70
CA ALA G 511 -39.96 78.04 -31.46
C ALA G 511 -39.13 77.24 -30.45
N GLN G 512 -38.31 77.93 -29.69
CA GLN G 512 -37.64 77.32 -28.56
C GLN G 512 -38.59 77.53 -27.39
N THR G 513 -38.72 76.56 -26.49
CA THR G 513 -39.48 76.83 -25.26
C THR G 513 -38.63 76.57 -24.03
N SER G 514 -39.22 76.67 -22.84
CA SER G 514 -38.47 76.39 -21.62
C SER G 514 -38.02 74.92 -21.61
N LEU G 515 -36.86 74.70 -21.02
CA LEU G 515 -36.30 73.37 -20.90
C LEU G 515 -35.75 73.28 -19.53
N GLU G 516 -36.23 72.30 -18.75
CA GLU G 516 -35.73 72.04 -17.43
C GLU G 516 -34.91 70.74 -17.50
N ILE G 517 -33.68 70.77 -16.96
CA ILE G 517 -32.82 69.60 -16.87
C ILE G 517 -32.52 69.35 -15.42
N ASP G 518 -33.21 68.36 -14.84
CA ASP G 518 -33.23 68.23 -13.40
C ASP G 518 -32.85 66.82 -13.05
N GLY G 519 -31.83 66.70 -12.25
CA GLY G 519 -31.47 65.41 -11.69
C GLY G 519 -30.96 64.39 -12.65
N VAL G 520 -30.23 64.79 -13.68
CA VAL G 520 -29.81 63.88 -14.73
C VAL G 520 -28.36 63.56 -14.58
N SER G 521 -28.04 62.28 -14.72
CA SER G 521 -26.67 61.80 -14.70
C SER G 521 -26.04 61.94 -16.11
N MET G 522 -25.18 62.94 -16.24
CA MET G 522 -24.50 63.21 -17.52
C MET G 522 -22.98 63.16 -17.34
N ARG G 523 -22.50 62.20 -16.60
CA ARG G 523 -21.07 62.11 -16.29
C ARG G 523 -20.19 62.05 -17.52
N TYR G 524 -18.92 62.44 -17.38
CA TYR G 524 -17.96 62.34 -18.47
C TYR G 524 -17.34 60.97 -18.45
N ASP G 525 -17.24 60.36 -19.63
CA ASP G 525 -16.62 59.07 -19.75
C ASP G 525 -15.63 58.99 -20.93
N GLY G 526 -14.96 60.09 -21.23
CA GLY G 526 -13.98 60.09 -22.33
C GLY G 526 -14.52 60.35 -23.72
N THR G 527 -15.74 60.90 -23.84
CA THR G 527 -16.42 61.11 -25.11
C THR G 527 -16.95 62.56 -25.20
N GLY G 528 -18.24 62.76 -25.49
CA GLY G 528 -18.82 64.07 -25.66
C GLY G 528 -18.97 64.81 -24.37
N ARG G 529 -19.58 65.98 -24.48
CA ARG G 529 -19.72 66.85 -23.35
C ARG G 529 -21.10 66.71 -22.82
N ALA G 530 -21.41 67.38 -21.72
CA ALA G 530 -22.76 67.20 -21.09
C ALA G 530 -23.85 67.83 -21.93
N VAL G 531 -23.85 69.15 -22.06
CA VAL G 531 -24.86 69.82 -22.83
C VAL G 531 -24.26 70.55 -24.01
N TYR G 532 -25.04 70.64 -25.09
CA TYR G 532 -24.65 71.29 -26.33
C TYR G 532 -25.75 72.29 -26.73
N PHE G 533 -25.42 73.59 -26.63
CA PHE G 533 -26.32 74.66 -27.05
C PHE G 533 -26.11 75.02 -28.51
N HIS G 534 -27.19 75.00 -29.28
CA HIS G 534 -27.11 75.18 -30.73
C HIS G 534 -27.46 76.64 -31.12
N GLY G 535 -26.46 77.50 -31.06
CA GLY G 535 -26.65 78.87 -31.51
C GLY G 535 -27.00 78.99 -32.98
N THR G 536 -26.43 78.12 -33.78
CA THR G 536 -26.73 78.11 -35.18
C THR G 536 -28.21 78.20 -35.54
N VAL G 537 -29.13 77.79 -34.68
CA VAL G 537 -30.56 77.87 -35.03
C VAL G 537 -31.29 78.67 -33.98
N GLY G 538 -30.54 79.48 -33.26
CA GLY G 538 -31.12 80.46 -32.35
C GLY G 538 -31.52 79.99 -30.97
N ILE G 539 -30.73 79.08 -30.38
CA ILE G 539 -31.00 78.58 -29.05
C ILE G 539 -30.49 79.63 -28.09
N ASP G 540 -31.33 80.02 -27.16
CA ASP G 540 -30.96 80.95 -26.13
C ASP G 540 -30.81 80.19 -24.84
N PRO G 541 -29.58 80.09 -24.36
CA PRO G 541 -29.29 79.24 -23.19
C PRO G 541 -29.98 79.62 -21.90
N THR G 542 -30.36 80.89 -21.73
CA THR G 542 -31.08 81.27 -20.51
C THR G 542 -32.49 80.68 -20.41
N LEU G 543 -32.97 80.13 -21.50
CA LEU G 543 -34.24 79.44 -21.50
C LEU G 543 -34.15 78.04 -20.90
N VAL G 544 -32.94 77.62 -20.54
CA VAL G 544 -32.67 76.31 -19.95
C VAL G 544 -32.36 76.47 -18.49
N SER G 545 -32.75 75.52 -17.67
CA SER G 545 -32.37 75.53 -16.23
C SER G 545 -31.78 74.19 -15.97
N MET G 546 -30.66 74.16 -15.29
CA MET G 546 -29.99 72.91 -15.01
C MET G 546 -29.90 72.80 -13.50
N SER G 547 -30.60 71.83 -12.92
CA SER G 547 -30.58 71.60 -11.44
C SER G 547 -30.27 70.18 -10.95
N ASN G 548 -29.43 70.11 -9.95
CA ASN G 548 -29.06 68.83 -9.38
C ASN G 548 -28.66 67.71 -10.36
N ASN G 549 -27.87 68.06 -11.32
CA ASN G 549 -27.36 67.04 -12.22
C ASN G 549 -25.92 66.66 -11.86
N ASP G 550 -25.55 65.47 -12.32
CA ASP G 550 -24.24 64.91 -12.08
C ASP G 550 -23.44 65.09 -13.38
N MET G 551 -22.70 66.18 -13.44
CA MET G 551 -21.85 66.45 -14.61
C MET G 551 -20.37 66.13 -14.35
N THR G 552 -20.15 65.25 -13.39
CA THR G 552 -18.84 64.87 -12.92
C THR G 552 -17.86 64.46 -14.00
N GLY G 553 -16.71 65.10 -13.94
CA GLY G 553 -15.60 64.73 -14.79
C GLY G 553 -15.35 65.52 -16.04
N HIS G 554 -16.26 66.42 -16.43
CA HIS G 554 -16.15 67.18 -17.71
C HIS G 554 -15.21 68.40 -17.63
N GLY G 555 -14.89 68.82 -16.40
CA GLY G 555 -14.02 69.97 -16.13
C GLY G 555 -14.53 71.23 -16.78
N LEU G 556 -13.69 71.92 -17.51
CA LEU G 556 -14.10 73.17 -18.11
C LEU G 556 -14.92 72.94 -19.35
N PHE G 557 -15.10 71.68 -19.76
CA PHE G 557 -15.79 71.36 -21.03
C PHE G 557 -17.17 70.70 -20.86
N TRP G 558 -17.88 71.07 -19.78
CA TRP G 558 -19.20 70.53 -19.61
C TRP G 558 -20.17 71.02 -20.67
N ALA G 559 -19.92 72.20 -21.21
CA ALA G 559 -20.76 72.71 -22.29
C ALA G 559 -20.04 72.74 -23.61
N LEU G 560 -20.80 72.47 -24.66
CA LEU G 560 -20.35 72.70 -26.01
C LEU G 560 -21.24 73.74 -26.72
N LEU G 561 -20.62 74.71 -27.39
CA LEU G 561 -21.36 75.77 -28.10
C LEU G 561 -20.98 75.89 -29.55
N SER G 562 -21.89 76.36 -30.36
CA SER G 562 -21.60 76.49 -31.77
C SER G 562 -22.62 77.42 -32.42
N GLY G 563 -22.16 78.24 -33.37
CA GLY G 563 -23.04 79.16 -34.15
C GLY G 563 -23.44 80.44 -33.42
N TYR G 564 -22.83 80.72 -32.27
CA TYR G 564 -23.02 82.00 -31.63
C TYR G 564 -22.07 83.02 -32.25
N THR G 565 -22.55 84.24 -32.40
CA THR G 565 -21.73 85.38 -32.83
C THR G 565 -21.34 86.27 -31.64
N VAL G 566 -22.13 86.19 -30.58
CA VAL G 566 -21.96 86.99 -29.36
C VAL G 566 -22.00 85.98 -28.21
N GLN G 567 -21.08 86.12 -27.28
CA GLN G 567 -21.06 85.27 -26.10
C GLN G 567 -22.42 85.24 -25.39
N PRO G 568 -23.15 84.11 -25.45
CA PRO G 568 -24.48 84.13 -24.85
C PRO G 568 -24.40 84.08 -23.31
N THR G 569 -25.51 84.40 -22.65
CA THR G 569 -25.61 84.32 -21.21
C THR G 569 -25.87 82.85 -20.92
N PRO G 570 -25.24 82.27 -19.88
CA PRO G 570 -25.49 80.85 -19.59
C PRO G 570 -26.88 80.55 -19.02
N PRO G 571 -27.19 79.27 -18.80
CA PRO G 571 -28.47 78.93 -18.19
C PRO G 571 -28.43 79.06 -16.67
N ARG G 572 -29.60 79.09 -16.04
CA ARG G 572 -29.65 79.14 -14.61
C ARG G 572 -29.16 77.80 -14.14
N MET G 573 -28.21 77.78 -13.19
CA MET G 573 -27.56 76.51 -12.75
C MET G 573 -27.45 76.36 -11.25
N SER G 574 -28.15 75.40 -10.70
CA SER G 574 -28.21 75.26 -9.26
C SER G 574 -27.68 73.89 -8.81
N ARG G 575 -26.71 73.94 -7.92
CA ARG G 575 -26.18 72.77 -7.21
C ARG G 575 -25.96 71.52 -8.04
N ASN G 576 -25.28 71.69 -9.17
CA ASN G 576 -24.86 70.58 -10.00
C ASN G 576 -23.46 70.08 -9.62
N LEU G 577 -23.19 68.80 -9.80
CA LEU G 577 -21.88 68.29 -9.45
C LEU G 577 -20.97 68.36 -10.66
N LEU G 578 -19.72 68.81 -10.48
CA LEU G 578 -18.75 68.83 -11.59
C LEU G 578 -17.47 68.02 -11.32
N ASP G 579 -17.01 68.03 -10.07
CA ASP G 579 -15.93 67.12 -9.66
C ASP G 579 -16.31 66.32 -8.42
N ASP G 580 -15.48 65.32 -8.14
CA ASP G 580 -15.68 64.42 -6.99
C ASP G 580 -14.52 64.37 -6.01
N THR G 581 -13.46 65.10 -6.32
CA THR G 581 -12.25 65.22 -5.52
C THR G 581 -12.02 66.69 -5.24
N GLY G 582 -11.66 67.02 -4.02
CA GLY G 582 -11.30 68.39 -3.74
C GLY G 582 -12.48 69.31 -3.97
N ILE G 583 -13.60 68.93 -3.39
CA ILE G 583 -14.86 69.64 -3.57
C ILE G 583 -15.58 69.82 -2.25
N ARG G 584 -14.91 69.42 -1.18
CA ARG G 584 -15.35 69.73 0.16
C ARG G 584 -14.20 69.79 1.17
N GLY G 585 -14.24 70.77 2.06
CA GLY G 585 -13.18 70.94 3.00
C GLY G 585 -13.49 71.98 4.05
N VAL G 586 -12.47 72.33 4.81
CA VAL G 586 -12.60 73.28 5.86
C VAL G 586 -11.36 74.16 5.81
N ALA G 587 -11.56 75.47 5.80
CA ALA G 587 -10.42 76.40 5.78
C ALA G 587 -10.49 77.25 7.06
N THR G 588 -9.34 77.72 7.55
CA THR G 588 -9.33 78.61 8.70
C THR G 588 -8.87 80.00 8.30
N LEU G 589 -9.63 81.01 8.70
CA LEU G 589 -9.29 82.38 8.32
C LEU G 589 -8.22 82.86 9.19
N VAL G 590 -7.42 83.73 8.61
CA VAL G 590 -6.31 84.38 9.31
C VAL G 590 -6.18 85.82 8.79
N ALA G 591 -6.66 86.78 9.61
CA ALA G 591 -6.72 88.17 9.21
C ALA G 591 -7.83 88.33 8.16
N GLY G 592 -8.96 87.68 8.42
CA GLY G 592 -10.09 87.65 7.48
C GLY G 592 -9.84 87.05 6.08
N GLU G 593 -8.86 86.18 5.95
CA GLU G 593 -8.57 85.54 4.67
C GLU G 593 -8.07 84.11 4.80
N ALA G 594 -8.14 83.39 3.69
CA ALA G 594 -7.67 82.02 3.61
C ALA G 594 -7.67 81.62 2.17
N THR G 595 -6.55 81.06 1.74
CA THR G 595 -6.45 80.49 0.39
C THR G 595 -6.64 78.99 0.39
N VAL G 596 -7.59 78.53 -0.41
CA VAL G 596 -8.01 77.15 -0.43
C VAL G 596 -7.64 76.53 -1.75
N ASN G 597 -7.03 75.36 -1.71
CA ASN G 597 -6.85 74.56 -2.88
C ASN G 597 -8.12 73.67 -3.02
N ALA G 598 -8.77 73.78 -4.18
CA ALA G 598 -9.96 72.99 -4.46
C ALA G 598 -10.25 72.99 -5.92
N ARG G 599 -11.17 72.12 -6.35
CA ARG G 599 -11.51 72.03 -7.77
C ARG G 599 -12.60 73.01 -8.16
N VAL G 600 -12.40 74.25 -7.72
CA VAL G 600 -13.21 75.34 -8.15
C VAL G 600 -12.78 75.63 -9.58
N ARG G 601 -13.71 76.05 -10.42
CA ARG G 601 -13.40 76.25 -11.84
C ARG G 601 -14.20 77.39 -12.42
N GLY G 602 -13.89 77.78 -13.64
CA GLY G 602 -14.64 78.84 -14.29
C GLY G 602 -14.09 79.28 -15.62
N ASN G 603 -14.84 80.03 -16.39
CA ASN G 603 -14.33 80.56 -17.65
C ASN G 603 -14.65 81.97 -17.57
N PHE G 604 -13.68 82.84 -17.76
CA PHE G 604 -13.97 84.27 -17.62
C PHE G 604 -13.65 85.02 -18.92
N GLY G 605 -13.32 84.24 -19.93
CA GLY G 605 -12.97 84.77 -21.24
C GLY G 605 -14.22 85.27 -21.90
N SER G 606 -14.13 85.51 -23.20
CA SER G 606 -15.24 86.17 -23.91
C SER G 606 -15.46 85.67 -25.33
N VAL G 607 -14.86 84.53 -25.64
CA VAL G 607 -15.08 83.88 -26.92
C VAL G 607 -16.61 83.73 -27.14
N ALA G 608 -17.04 83.86 -28.38
CA ALA G 608 -18.48 83.78 -28.71
C ALA G 608 -19.10 82.48 -28.24
N ASN G 609 -18.52 81.38 -28.70
CA ASN G 609 -19.02 80.07 -28.33
C ASN G 609 -18.48 79.59 -26.98
N SER G 610 -18.88 80.28 -25.92
CA SER G 610 -18.44 79.93 -24.57
C SER G 610 -19.32 80.66 -23.58
N PHE G 611 -19.30 80.26 -22.31
CA PHE G 611 -20.09 80.92 -21.29
C PHE G 611 -19.20 81.56 -20.32
N LYS G 612 -19.66 82.64 -19.73
CA LYS G 612 -18.93 83.20 -18.65
C LYS G 612 -19.55 82.55 -17.43
N TRP G 613 -18.74 81.82 -16.66
CA TRP G 613 -19.27 81.14 -15.49
C TRP G 613 -18.23 80.77 -14.45
N VAL G 614 -18.72 80.37 -13.28
CA VAL G 614 -17.85 79.98 -12.19
C VAL G 614 -18.59 79.08 -11.21
N SER G 615 -17.85 78.27 -10.49
CA SER G 615 -18.38 77.33 -9.53
C SER G 615 -19.15 78.02 -8.48
N GLU G 616 -20.15 77.32 -7.97
CA GLU G 616 -20.91 77.78 -6.84
C GLU G 616 -20.19 77.18 -5.63
N VAL G 617 -19.66 78.04 -4.76
CA VAL G 617 -19.06 77.58 -3.52
C VAL G 617 -19.96 77.88 -2.36
N LYS G 618 -20.36 76.84 -1.64
CA LYS G 618 -21.23 77.02 -0.52
C LYS G 618 -20.32 77.18 0.69
N LEU G 619 -20.45 78.33 1.38
CA LEU G 619 -19.68 78.61 2.63
C LEU G 619 -20.52 78.60 3.92
N THR G 620 -19.97 77.97 4.96
CA THR G 620 -20.65 77.87 6.24
C THR G 620 -19.65 77.85 7.37
N ARG G 621 -19.94 78.60 8.42
CA ARG G 621 -19.02 78.85 9.52
C ARG G 621 -19.20 77.74 10.55
N LEU G 622 -18.07 77.26 11.08
CA LEU G 622 -18.04 76.16 12.08
C LEU G 622 -17.48 76.57 13.43
N THR G 623 -16.80 77.72 13.50
CA THR G 623 -16.29 78.29 14.77
C THR G 623 -16.81 79.69 14.85
N PHE G 624 -17.07 80.20 16.05
CA PHE G 624 -17.73 81.50 16.11
C PHE G 624 -16.97 82.63 16.81
N PRO G 625 -15.85 83.07 16.20
CA PRO G 625 -15.16 84.18 16.82
C PRO G 625 -16.04 85.46 16.89
N SER G 626 -15.63 86.35 17.79
CA SER G 626 -16.22 87.67 17.92
C SER G 626 -15.95 88.48 16.66
N SER G 627 -14.82 88.23 15.99
CA SER G 627 -14.51 88.91 14.71
C SER G 627 -15.23 88.29 13.50
N ALA G 628 -16.35 87.62 13.74
CA ALA G 628 -17.06 86.93 12.67
C ALA G 628 -17.66 87.93 11.73
N GLY G 629 -17.42 87.73 10.44
CA GLY G 629 -17.85 88.66 9.40
C GLY G 629 -18.49 87.98 8.21
N ALA G 630 -18.96 88.78 7.27
CA ALA G 630 -19.67 88.25 6.11
C ALA G 630 -18.69 87.71 5.13
N LEU G 631 -19.00 86.54 4.56
CA LEU G 631 -18.05 85.74 3.77
C LEU G 631 -18.28 85.85 2.28
N THR G 632 -17.21 85.67 1.52
CA THR G 632 -17.27 85.80 0.06
C THR G 632 -16.14 85.04 -0.56
N VAL G 633 -16.32 84.68 -1.82
CA VAL G 633 -15.30 83.98 -2.57
C VAL G 633 -14.73 84.94 -3.56
N THR G 634 -13.41 84.87 -3.72
CA THR G 634 -12.71 85.72 -4.65
C THR G 634 -11.41 85.05 -5.08
N SER G 635 -10.59 85.77 -5.84
CA SER G 635 -9.30 85.26 -6.36
C SER G 635 -9.36 83.81 -6.78
N VAL G 636 -10.26 83.53 -7.71
CA VAL G 636 -10.42 82.21 -8.24
C VAL G 636 -9.31 82.06 -9.24
N ALA G 637 -8.40 81.14 -8.96
CA ALA G 637 -7.25 80.89 -9.83
C ALA G 637 -7.25 79.44 -10.30
N GLN G 638 -6.85 79.23 -11.54
CA GLN G 638 -6.84 77.90 -12.13
C GLN G 638 -5.47 77.53 -12.69
N ASN G 639 -4.84 76.54 -12.07
CA ASN G 639 -3.53 76.00 -12.45
C ASN G 639 -3.42 75.83 -13.94
N GLN G 640 -2.29 76.21 -14.52
CA GLN G 640 -2.12 76.15 -15.96
C GLN G 640 -0.95 75.34 -16.40
N ASP G 641 -0.72 74.20 -15.76
CA ASP G 641 0.39 73.34 -16.14
C ASP G 641 0.33 72.81 -17.54
N VAL G 642 1.51 72.49 -18.07
CA VAL G 642 1.62 71.83 -19.37
C VAL G 642 2.39 70.49 -19.24
N PRO G 643 1.99 69.50 -20.04
CA PRO G 643 0.95 69.57 -21.07
C PRO G 643 -0.48 69.67 -20.51
N THR G 644 -0.75 69.08 -19.36
CA THR G 644 -2.09 69.05 -18.83
C THR G 644 -2.20 69.78 -17.51
N PRO G 645 -3.16 70.75 -17.41
CA PRO G 645 -3.42 71.45 -16.13
C PRO G 645 -3.81 70.50 -15.05
N ASN G 646 -3.47 70.83 -13.82
CA ASN G 646 -3.81 69.96 -12.73
C ASN G 646 -4.76 70.66 -11.80
N PRO G 647 -6.05 70.43 -11.96
CA PRO G 647 -7.12 71.08 -11.20
C PRO G 647 -7.04 70.95 -9.68
N ASP G 648 -6.25 70.02 -9.18
CA ASP G 648 -6.11 69.92 -7.74
C ASP G 648 -5.33 71.08 -7.20
N LEU G 649 -4.76 71.90 -8.09
CA LEU G 649 -4.01 73.10 -7.67
C LEU G 649 -4.72 74.39 -7.96
N ASN G 650 -5.98 74.28 -8.41
CA ASN G 650 -6.83 75.45 -8.52
C ASN G 650 -7.04 75.95 -7.12
N SER G 651 -7.44 77.19 -6.98
CA SER G 651 -7.63 77.76 -5.68
C SER G 651 -8.60 78.92 -5.70
N PHE G 652 -9.22 79.16 -4.56
CA PHE G 652 -10.03 80.33 -4.37
C PHE G 652 -9.67 80.91 -3.01
N VAL G 653 -10.13 82.13 -2.77
CA VAL G 653 -9.88 82.76 -1.49
C VAL G 653 -11.21 83.03 -0.77
N ILE G 654 -11.26 82.64 0.49
CA ILE G 654 -12.36 83.05 1.29
C ILE G 654 -12.00 84.30 2.05
N ARG G 655 -12.84 85.33 1.90
CA ARG G 655 -12.56 86.59 2.60
C ARG G 655 -13.73 87.04 3.46
N SER G 656 -13.43 87.46 4.67
CA SER G 656 -14.45 88.02 5.55
C SER G 656 -14.57 89.53 5.35
N SER G 657 -15.75 90.07 5.61
CA SER G 657 -15.95 91.50 5.58
C SER G 657 -15.35 92.17 6.81
N ASN G 658 -14.87 91.36 7.76
CA ASN G 658 -14.20 91.80 8.99
C ASN G 658 -12.73 91.35 8.92
N ALA G 659 -11.82 92.30 8.88
CA ALA G 659 -10.41 91.97 8.73
C ALA G 659 -9.71 91.28 9.91
N ALA G 660 -10.42 91.03 11.00
CA ALA G 660 -9.85 90.31 12.13
C ALA G 660 -10.37 88.89 12.22
N ASP G 661 -11.31 88.53 11.34
CA ASP G 661 -11.97 87.20 11.33
C ASP G 661 -10.96 86.05 11.31
N VAL G 662 -11.13 85.12 12.26
CA VAL G 662 -10.38 83.87 12.33
C VAL G 662 -11.30 82.65 12.34
N SER G 663 -12.37 82.76 11.56
CA SER G 663 -13.39 81.73 11.49
C SER G 663 -12.88 80.46 10.84
N GLN G 664 -13.49 79.34 11.23
CA GLN G 664 -13.29 78.06 10.59
C GLN G 664 -14.48 77.96 9.67
N VAL G 665 -14.22 77.82 8.38
CA VAL G 665 -15.26 77.88 7.39
C VAL G 665 -15.25 76.64 6.55
N ALA G 666 -16.34 75.88 6.59
CA ALA G 666 -16.54 74.74 5.70
C ALA G 666 -16.94 75.24 4.32
N TRP G 667 -16.41 74.61 3.27
CA TRP G 667 -16.74 74.97 1.90
C TRP G 667 -17.09 73.72 1.10
N GLU G 668 -18.03 73.87 0.17
CA GLU G 668 -18.44 72.81 -0.73
C GLU G 668 -18.47 73.37 -2.11
N VAL G 669 -18.10 72.59 -3.11
CA VAL G 669 -17.98 73.11 -4.46
C VAL G 669 -19.00 72.47 -5.39
N TYR G 670 -19.81 73.33 -6.00
CA TYR G 670 -20.80 72.88 -6.93
C TYR G 670 -20.63 73.65 -8.23
N LEU G 671 -21.61 73.43 -9.08
CA LEU G 671 -21.76 74.16 -10.30
C LEU G 671 -23.29 74.55 -10.26
N LEU H 26 -80.07 -12.11 -47.03
CA LEU H 26 -79.13 -12.10 -45.87
C LEU H 26 -78.63 -10.68 -45.47
N VAL H 27 -77.86 -10.62 -44.38
CA VAL H 27 -77.55 -9.36 -43.70
C VAL H 27 -76.07 -9.28 -43.38
N ALA H 28 -75.66 -8.04 -43.01
CA ALA H 28 -74.42 -7.71 -42.25
C ALA H 28 -73.29 -7.48 -43.22
N PRO H 29 -72.03 -7.91 -42.88
CA PRO H 29 -71.41 -8.49 -41.68
C PRO H 29 -71.06 -7.39 -40.67
N GLU H 30 -71.43 -7.59 -39.40
CA GLU H 30 -71.23 -6.62 -38.32
C GLU H 30 -70.56 -7.33 -37.16
N ARG H 31 -69.65 -6.67 -36.44
CA ARG H 31 -68.94 -7.36 -35.32
C ARG H 31 -68.62 -6.50 -34.10
N VAL H 32 -69.04 -6.98 -32.96
CA VAL H 32 -69.08 -6.14 -31.80
C VAL H 32 -68.46 -6.83 -30.64
N PHE H 33 -67.60 -6.10 -29.94
CA PHE H 33 -66.87 -6.64 -28.79
C PHE H 33 -67.11 -5.74 -27.59
N SER H 34 -66.99 -6.33 -26.41
CA SER H 34 -67.20 -5.61 -25.15
C SER H 34 -65.89 -5.37 -24.43
N ASP H 35 -64.83 -6.06 -24.84
CA ASP H 35 -63.51 -5.83 -24.28
C ASP H 35 -62.39 -5.92 -25.34
N LEU H 36 -61.34 -5.12 -25.13
CA LEU H 36 -60.26 -4.96 -26.08
C LEU H 36 -59.60 -6.28 -26.39
N ALA H 37 -59.26 -7.01 -25.34
CA ALA H 37 -58.55 -8.28 -25.50
C ALA H 37 -59.23 -9.21 -26.48
N SER H 38 -60.56 -9.21 -26.49
CA SER H 38 -61.33 -10.08 -27.37
C SER H 38 -61.36 -9.54 -28.81
N MET H 39 -61.57 -8.24 -28.99
CA MET H 39 -61.49 -7.64 -30.30
C MET H 39 -60.18 -7.99 -30.97
N VAL H 40 -59.04 -7.80 -30.32
CA VAL H 40 -57.72 -8.08 -30.94
C VAL H 40 -57.39 -9.55 -31.19
N ALA H 41 -58.20 -10.46 -30.65
CA ALA H 41 -58.01 -11.89 -30.74
C ALA H 41 -58.72 -12.48 -31.97
N TYR H 42 -59.92 -11.96 -32.28
CA TYR H 42 -60.77 -12.43 -33.37
C TYR H 42 -59.90 -12.69 -34.60
N PRO H 43 -60.02 -13.86 -35.20
CA PRO H 43 -59.20 -14.13 -36.39
C PRO H 43 -59.82 -14.02 -37.79
N ASN H 44 -61.10 -13.67 -37.90
CA ASN H 44 -61.79 -13.66 -39.18
C ASN H 44 -62.00 -12.28 -39.73
N PHE H 45 -61.35 -11.29 -39.19
CA PHE H 45 -61.62 -9.96 -39.69
C PHE H 45 -61.41 -9.89 -41.17
N GLN H 46 -62.28 -9.15 -41.86
CA GLN H 46 -62.19 -8.99 -43.30
C GLN H 46 -62.45 -7.55 -43.67
N VAL H 47 -61.77 -7.09 -44.72
CA VAL H 47 -61.72 -5.67 -45.10
C VAL H 47 -63.04 -4.90 -44.98
N GLN H 48 -64.15 -5.62 -45.11
CA GLN H 48 -65.51 -5.04 -45.25
C GLN H 48 -66.44 -5.22 -44.04
N ASP H 49 -65.94 -5.92 -43.02
CA ASP H 49 -66.59 -6.01 -41.71
C ASP H 49 -66.87 -4.62 -41.09
N LYS H 50 -67.85 -4.57 -40.23
CA LYS H 50 -68.09 -3.36 -39.48
C LYS H 50 -67.74 -3.75 -38.06
N ILE H 51 -66.70 -3.12 -37.50
CA ILE H 51 -66.12 -3.52 -36.21
C ILE H 51 -66.30 -2.46 -35.18
N THR H 52 -66.75 -2.86 -34.00
CA THR H 52 -67.09 -1.90 -32.95
C THR H 52 -66.66 -2.45 -31.61
N LEU H 53 -66.04 -1.59 -30.83
CA LEU H 53 -65.71 -1.89 -29.44
C LEU H 53 -66.50 -1.03 -28.48
N LEU H 54 -66.96 -1.67 -27.40
CA LEU H 54 -67.73 -1.02 -26.35
C LEU H 54 -66.98 -0.92 -25.05
N GLY H 55 -67.20 0.15 -24.29
CA GLY H 55 -66.48 0.37 -23.05
C GLY H 55 -65.57 1.58 -23.10
N SER H 56 -64.42 1.48 -22.43
CA SER H 56 -63.56 2.65 -22.19
C SER H 56 -62.82 3.13 -23.42
N ALA H 57 -62.24 2.18 -24.14
CA ALA H 57 -61.43 2.51 -25.31
C ALA H 57 -62.32 2.43 -26.48
N GLY H 58 -63.61 2.32 -26.20
CA GLY H 58 -64.64 2.19 -27.21
C GLY H 58 -64.62 3.10 -28.45
N GLY H 59 -65.17 2.57 -29.55
CA GLY H 59 -65.13 3.23 -30.84
C GLY H 59 -65.47 2.30 -31.99
N ASP H 60 -65.24 2.77 -33.21
CA ASP H 60 -65.44 1.97 -34.40
C ASP H 60 -64.14 1.80 -35.14
N PHE H 61 -63.90 0.60 -35.64
CA PHE H 61 -62.66 0.27 -36.34
C PHE H 61 -62.85 -0.26 -37.76
N THR H 62 -61.77 -0.19 -38.52
CA THR H 62 -61.73 -0.74 -39.85
C THR H 62 -60.59 -1.76 -39.88
N PHE H 63 -60.82 -2.90 -40.50
CA PHE H 63 -59.75 -3.86 -40.72
C PHE H 63 -58.99 -3.52 -42.00
N THR H 64 -57.75 -4.02 -42.12
CA THR H 64 -56.91 -3.70 -43.28
C THR H 64 -55.70 -4.57 -43.18
N THR H 65 -54.97 -4.71 -44.28
CA THR H 65 -53.67 -5.38 -44.21
C THR H 65 -52.56 -4.46 -44.65
N THR H 66 -52.92 -3.28 -45.15
CA THR H 66 -51.94 -2.25 -45.44
C THR H 66 -51.11 -2.04 -44.19
N ALA H 67 -49.87 -2.47 -44.25
CA ALA H 67 -49.02 -2.39 -43.06
C ALA H 67 -49.14 -1.02 -42.36
N SER H 68 -49.35 -1.04 -41.05
CA SER H 68 -49.45 0.20 -40.27
C SER H 68 -48.62 0.13 -38.98
N VAL H 69 -48.38 1.29 -38.37
CA VAL H 69 -47.57 1.39 -37.13
C VAL H 69 -48.43 1.22 -35.89
N VAL H 70 -48.35 0.05 -35.30
CA VAL H 70 -49.11 -0.27 -34.12
C VAL H 70 -48.77 0.71 -33.00
N ASP H 71 -49.75 1.04 -32.17
CA ASP H 71 -49.52 1.82 -30.96
C ASP H 71 -50.53 1.56 -29.86
N ASN H 72 -51.36 0.56 -30.05
CA ASN H 72 -52.44 0.18 -29.13
C ASN H 72 -53.33 1.29 -28.59
N GLY H 73 -53.80 2.10 -29.53
CA GLY H 73 -54.68 3.20 -29.22
C GLY H 73 -55.48 3.47 -30.46
N THR H 74 -54.79 3.86 -31.53
CA THR H 74 -55.42 4.11 -32.82
C THR H 74 -55.14 2.99 -33.82
N VAL H 75 -54.17 2.14 -33.51
CA VAL H 75 -53.84 1.10 -34.44
C VAL H 75 -53.52 -0.08 -33.59
N PHE H 76 -54.08 -1.23 -33.93
CA PHE H 76 -53.85 -2.44 -33.18
C PHE H 76 -53.48 -3.48 -34.15
N ALA H 77 -52.66 -4.40 -33.72
CA ALA H 77 -52.36 -5.53 -34.53
C ALA H 77 -53.33 -6.66 -34.23
N VAL H 78 -53.87 -7.28 -35.28
CA VAL H 78 -54.75 -8.44 -35.13
C VAL H 78 -54.37 -9.62 -36.06
N PRO H 79 -54.83 -10.84 -35.74
CA PRO H 79 -54.54 -11.88 -36.71
C PRO H 79 -55.07 -11.43 -38.05
N GLY H 80 -54.18 -11.43 -39.04
CA GLY H 80 -54.54 -11.17 -40.42
C GLY H 80 -54.16 -9.80 -40.84
N GLY H 81 -54.00 -8.87 -39.90
CA GLY H 81 -53.54 -7.50 -40.24
C GLY H 81 -53.68 -6.51 -39.10
N TYR H 82 -54.29 -5.36 -39.39
CA TYR H 82 -54.51 -4.32 -38.40
C TYR H 82 -55.95 -3.82 -38.28
N LEU H 83 -56.27 -3.28 -37.11
CA LEU H 83 -57.53 -2.59 -36.85
C LEU H 83 -57.22 -1.14 -36.72
N LEU H 84 -57.87 -0.34 -37.53
CA LEU H 84 -57.68 1.10 -37.46
C LEU H 84 -58.87 1.84 -36.88
N ARG H 85 -58.62 2.65 -35.87
CA ARG H 85 -59.67 3.39 -35.24
C ARG H 85 -60.05 4.52 -36.13
N LYS H 86 -61.35 4.75 -36.29
CA LYS H 86 -61.77 5.81 -37.20
C LYS H 86 -62.20 7.00 -36.41
N PHE H 87 -61.69 8.17 -36.80
CA PHE H 87 -61.91 9.40 -36.03
C PHE H 87 -61.27 10.68 -36.62
N VAL H 88 -61.79 11.82 -36.25
CA VAL H 88 -61.34 13.09 -36.74
C VAL H 88 -60.98 13.88 -35.48
N GLY H 89 -60.25 14.97 -35.58
CA GLY H 89 -59.93 15.74 -34.40
C GLY H 89 -58.76 15.13 -33.62
N PRO H 90 -58.59 15.52 -32.36
CA PRO H 90 -57.50 15.00 -31.57
C PRO H 90 -57.69 13.54 -31.15
N ALA H 91 -56.69 12.93 -30.54
CA ALA H 91 -56.83 11.57 -29.99
C ALA H 91 -56.92 11.64 -28.48
N TYR H 92 -57.45 10.60 -27.87
CA TYR H 92 -57.58 10.62 -26.41
C TYR H 92 -56.81 9.51 -25.75
N SER H 93 -56.20 9.83 -24.61
CA SER H 93 -55.45 8.81 -23.84
C SER H 93 -56.34 7.60 -23.40
N SER H 94 -57.62 7.85 -23.27
CA SER H 94 -58.60 6.83 -22.93
C SER H 94 -58.73 5.78 -24.00
N TRP H 95 -58.29 6.07 -25.23
CA TRP H 95 -58.30 5.05 -26.29
C TRP H 95 -57.13 4.04 -26.14
N PHE H 96 -56.15 4.29 -25.27
CA PHE H 96 -54.90 3.53 -25.26
C PHE H 96 -54.80 2.45 -24.18
N SER H 97 -54.38 1.25 -24.61
CA SER H 97 -54.08 0.13 -23.70
C SER H 97 -53.09 0.48 -22.63
N ASN H 98 -52.01 1.18 -22.95
CA ASN H 98 -51.00 1.46 -21.92
C ASN H 98 -50.18 2.65 -22.28
N TRP H 99 -49.40 3.07 -21.32
CA TRP H 99 -48.47 4.15 -21.40
C TRP H 99 -47.50 3.94 -22.54
N THR H 100 -47.17 2.73 -22.85
CA THR H 100 -46.13 2.61 -23.87
C THR H 100 -46.71 2.94 -25.27
N GLY H 101 -48.00 2.76 -25.43
CA GLY H 101 -48.67 3.16 -26.67
C GLY H 101 -48.78 4.67 -26.76
N ILE H 102 -49.02 5.29 -25.64
CA ILE H 102 -49.01 6.71 -25.64
C ILE H 102 -47.64 7.20 -26.13
N VAL H 103 -46.58 6.62 -25.60
CA VAL H 103 -45.23 7.05 -25.98
C VAL H 103 -45.01 6.85 -27.47
N THR H 104 -45.42 5.70 -27.99
CA THR H 104 -45.29 5.44 -29.40
C THR H 104 -45.99 6.57 -30.18
N PHE H 105 -47.27 6.81 -29.88
CA PHE H 105 -48.08 7.77 -30.62
C PHE H 105 -47.42 9.12 -30.63
N MET H 106 -46.95 9.61 -29.48
CA MET H 106 -46.43 10.96 -29.49
C MET H 106 -45.07 11.01 -30.10
N SER H 107 -44.50 9.88 -30.46
CA SER H 107 -43.12 9.89 -30.93
C SER H 107 -43.01 10.34 -32.38
N ALA H 108 -44.12 10.61 -33.02
CA ALA H 108 -44.10 11.16 -34.34
C ALA H 108 -44.46 12.61 -34.21
N PRO H 109 -44.10 13.43 -35.26
CA PRO H 109 -44.47 14.84 -35.34
C PRO H 109 -45.91 14.94 -35.79
N ASN H 110 -46.46 16.15 -35.73
CA ASN H 110 -47.89 16.41 -36.03
C ASN H 110 -48.87 15.57 -35.25
N ARG H 111 -48.83 15.58 -33.94
CA ARG H 111 -49.81 14.77 -33.22
C ARG H 111 -50.42 15.56 -32.09
N HIS H 112 -51.77 15.53 -32.02
CA HIS H 112 -52.53 16.16 -30.97
C HIS H 112 -53.20 15.06 -30.16
N LEU H 113 -52.89 15.00 -28.89
CA LEU H 113 -53.47 14.06 -27.93
C LEU H 113 -54.09 14.75 -26.75
N VAL H 114 -55.21 14.22 -26.32
CA VAL H 114 -55.82 14.78 -25.14
C VAL H 114 -55.73 13.78 -23.98
N VAL H 115 -55.14 14.22 -22.90
CA VAL H 115 -54.97 13.35 -21.78
C VAL H 115 -56.20 13.47 -20.89
N ASP H 116 -57.09 12.51 -21.01
CA ASP H 116 -58.38 12.57 -20.31
C ASP H 116 -58.45 11.53 -19.20
N THR H 117 -57.31 10.93 -18.88
CA THR H 117 -57.23 9.94 -17.88
C THR H 117 -55.98 10.09 -17.01
N VAL H 118 -55.86 9.25 -15.99
CA VAL H 118 -54.66 9.28 -15.17
C VAL H 118 -53.67 8.28 -15.72
N LEU H 119 -52.62 8.80 -16.31
CA LEU H 119 -51.60 7.96 -16.94
C LEU H 119 -50.47 7.64 -15.99
N GLN H 120 -49.97 6.42 -16.10
CA GLN H 120 -48.93 5.98 -15.18
C GLN H 120 -47.72 5.73 -16.03
N ALA H 121 -46.78 6.63 -15.90
CA ALA H 121 -45.62 6.58 -16.75
C ALA H 121 -44.60 5.57 -16.24
N THR H 122 -43.94 4.90 -17.19
CA THR H 122 -42.81 4.05 -16.94
C THR H 122 -41.60 4.30 -17.87
N SER H 123 -41.58 5.46 -18.48
CA SER H 123 -40.54 5.86 -19.39
C SER H 123 -40.78 7.32 -19.66
N VAL H 124 -39.92 7.87 -20.47
CA VAL H 124 -39.94 9.26 -20.79
C VAL H 124 -40.95 9.44 -21.92
N LEU H 125 -41.72 10.51 -21.89
CA LEU H 125 -42.50 10.77 -23.04
C LEU H 125 -41.89 11.89 -23.87
N ASN H 126 -41.50 11.56 -25.11
CA ASN H 126 -40.85 12.53 -26.03
C ASN H 126 -41.86 13.12 -26.94
N ILE H 127 -41.82 14.44 -27.03
CA ILE H 127 -42.73 15.14 -27.93
C ILE H 127 -41.96 15.63 -29.12
N LYS H 128 -42.57 15.54 -30.29
CA LYS H 128 -41.94 16.03 -31.48
C LYS H 128 -42.60 17.29 -32.07
N SER H 129 -42.17 17.71 -33.26
CA SER H 129 -42.63 18.95 -33.83
C SER H 129 -44.12 18.97 -34.12
N ASN H 130 -44.70 20.16 -34.00
CA ASN H 130 -46.08 20.44 -34.35
C ASN H 130 -47.02 19.53 -33.65
N SER H 131 -46.84 19.47 -32.33
CA SER H 131 -47.58 18.53 -31.56
C SER H 131 -48.20 19.23 -30.36
N THR H 132 -49.33 18.73 -29.91
CA THR H 132 -50.01 19.35 -28.79
C THR H 132 -50.42 18.28 -27.85
N LEU H 133 -50.14 18.50 -26.58
CA LEU H 133 -50.48 17.60 -25.50
C LEU H 133 -51.36 18.38 -24.60
N GLU H 134 -52.60 17.97 -24.52
CA GLU H 134 -53.63 18.77 -23.86
C GLU H 134 -54.32 17.95 -22.79
N PHE H 135 -54.37 18.51 -21.57
CA PHE H 135 -54.92 17.81 -20.36
C PHE H 135 -56.34 18.25 -20.04
N THR H 136 -57.25 17.30 -19.81
CA THR H 136 -58.57 17.61 -19.31
C THR H 136 -58.36 17.79 -17.85
N ASP H 137 -59.36 18.33 -17.15
CA ASP H 137 -59.29 18.64 -15.70
C ASP H 137 -58.95 17.36 -14.89
N THR H 138 -59.24 16.18 -15.43
CA THR H 138 -58.96 14.92 -14.74
C THR H 138 -57.66 14.25 -15.17
N GLY H 139 -57.10 14.71 -16.30
CA GLY H 139 -55.91 14.10 -16.88
C GLY H 139 -54.67 14.27 -16.04
N ARG H 140 -53.87 13.23 -15.89
CA ARG H 140 -52.66 13.33 -15.06
C ARG H 140 -51.63 12.46 -15.67
N ILE H 141 -50.40 12.79 -15.41
CA ILE H 141 -49.31 11.87 -15.69
C ILE H 141 -48.62 11.68 -14.36
N LEU H 142 -48.74 10.45 -13.85
CA LEU H 142 -48.05 10.06 -12.62
C LEU H 142 -46.75 9.38 -12.93
N PRO H 143 -45.62 9.90 -12.44
CA PRO H 143 -44.28 9.33 -12.58
C PRO H 143 -44.12 7.91 -12.00
N ASP H 144 -43.19 7.12 -12.59
CA ASP H 144 -42.86 5.78 -12.10
C ASP H 144 -42.40 5.89 -10.66
N ALA H 145 -42.97 5.07 -9.82
CA ALA H 145 -42.53 5.06 -8.45
C ALA H 145 -41.30 4.17 -8.28
N ALA H 146 -41.09 3.33 -9.28
CA ALA H 146 -39.97 2.41 -9.30
C ALA H 146 -38.61 3.02 -9.68
N VAL H 147 -38.65 4.06 -10.53
CA VAL H 147 -37.47 4.75 -10.97
C VAL H 147 -37.76 6.24 -11.01
N ALA H 148 -36.92 7.09 -10.40
CA ALA H 148 -37.08 8.54 -10.52
C ALA H 148 -36.38 8.97 -11.82
N ARG H 149 -37.13 9.52 -12.78
CA ARG H 149 -36.59 9.86 -14.07
C ARG H 149 -37.23 11.13 -14.61
N GLN H 150 -37.07 11.38 -15.89
CA GLN H 150 -37.72 12.55 -16.49
C GLN H 150 -39.08 12.27 -17.06
N VAL H 151 -39.93 13.27 -17.08
CA VAL H 151 -41.27 12.99 -17.53
C VAL H 151 -41.49 13.35 -19.03
N LEU H 152 -41.42 14.63 -19.37
CA LEU H 152 -41.58 15.01 -20.77
C LEU H 152 -40.28 15.51 -21.33
N ASN H 153 -39.86 15.02 -22.47
CA ASN H 153 -38.76 15.65 -23.17
C ASN H 153 -39.14 16.20 -24.56
N ILE H 154 -38.71 17.43 -24.80
CA ILE H 154 -38.94 18.06 -26.05
C ILE H 154 -37.57 18.38 -26.55
N THR H 155 -37.06 17.58 -27.46
CA THR H 155 -35.62 17.52 -27.68
C THR H 155 -35.13 17.52 -29.13
N GLY H 156 -34.41 18.57 -29.47
CA GLY H 156 -33.77 18.68 -30.75
C GLY H 156 -32.33 18.31 -30.49
N SER H 157 -31.45 18.66 -31.39
CA SER H 157 -30.04 18.33 -31.24
C SER H 157 -29.19 19.44 -31.83
N ALA H 158 -27.99 19.62 -31.29
CA ALA H 158 -27.03 20.52 -31.81
C ALA H 158 -26.54 20.04 -33.17
N PRO H 159 -25.94 20.94 -33.94
CA PRO H 159 -25.45 20.54 -35.23
C PRO H 159 -24.30 19.54 -35.11
N SER H 160 -24.31 18.62 -36.06
CA SER H 160 -23.31 17.60 -36.21
C SER H 160 -22.01 18.15 -36.87
N VAL H 161 -22.17 19.14 -37.73
CA VAL H 161 -21.03 19.71 -38.42
C VAL H 161 -21.18 21.21 -38.43
N PHE H 162 -20.04 21.90 -38.35
CA PHE H 162 -20.02 23.34 -38.48
C PHE H 162 -19.15 23.82 -39.64
N VAL H 163 -19.52 24.96 -40.25
CA VAL H 163 -18.69 25.57 -41.31
C VAL H 163 -18.33 26.94 -40.84
N PRO H 164 -17.16 27.40 -41.25
CA PRO H 164 -16.78 28.71 -40.81
C PRO H 164 -17.45 29.81 -41.64
N LEU H 165 -17.58 30.98 -41.04
CA LEU H 165 -18.20 32.13 -41.69
C LEU H 165 -17.19 32.60 -42.67
N ALA H 166 -17.69 33.00 -43.82
CA ALA H 166 -16.84 33.58 -44.84
C ALA H 166 -16.27 34.94 -44.43
N ALA H 167 -16.99 35.72 -43.64
CA ALA H 167 -16.45 37.03 -43.20
C ALA H 167 -17.03 37.47 -41.87
N ASP H 168 -16.36 38.39 -41.20
CA ASP H 168 -16.86 38.91 -39.94
C ASP H 168 -18.35 39.28 -40.05
N ALA H 169 -19.10 39.12 -38.95
CA ALA H 169 -20.48 39.58 -38.88
C ALA H 169 -20.65 40.28 -37.56
N ALA H 170 -20.86 41.58 -37.62
CA ALA H 170 -20.90 42.33 -36.38
C ALA H 170 -22.30 42.33 -35.81
N ALA H 171 -22.40 42.78 -34.57
CA ALA H 171 -23.68 42.80 -33.92
C ALA H 171 -24.54 43.74 -34.72
N GLY H 172 -25.75 43.35 -35.04
CA GLY H 172 -26.59 44.12 -35.88
C GLY H 172 -26.78 43.48 -37.24
N SER H 173 -25.89 42.59 -37.63
CA SER H 173 -25.98 41.95 -38.93
C SER H 173 -27.31 41.28 -39.20
N LYS H 174 -27.85 41.48 -40.37
CA LYS H 174 -29.06 40.79 -40.79
C LYS H 174 -28.70 39.55 -41.54
N VAL H 175 -27.50 39.60 -42.10
CA VAL H 175 -26.95 38.54 -42.97
C VAL H 175 -25.60 37.99 -42.51
N ILE H 176 -25.43 36.69 -42.66
CA ILE H 176 -24.15 36.09 -42.47
C ILE H 176 -23.80 35.39 -43.79
N THR H 177 -22.50 35.13 -43.97
CA THR H 177 -22.02 34.51 -45.19
C THR H 177 -21.10 33.35 -44.94
N VAL H 178 -21.23 32.41 -45.85
CA VAL H 178 -20.38 31.25 -45.91
C VAL H 178 -20.06 30.94 -47.35
N ALA H 179 -18.97 30.19 -47.51
CA ALA H 179 -18.52 29.74 -48.80
C ALA H 179 -19.65 29.01 -49.51
N ALA H 180 -19.97 29.43 -50.73
CA ALA H 180 -20.93 28.70 -51.54
C ALA H 180 -20.76 27.18 -51.43
N GLY H 181 -21.87 26.46 -51.33
CA GLY H 181 -21.87 25.00 -51.25
C GLY H 181 -21.47 24.50 -49.88
N ALA H 182 -20.95 25.35 -48.99
CA ALA H 182 -20.48 24.91 -47.67
C ALA H 182 -21.55 24.16 -46.84
N LEU H 183 -22.77 24.68 -46.92
CA LEU H 183 -23.92 24.11 -46.20
C LEU H 183 -25.16 24.52 -46.91
N SER H 184 -26.20 23.73 -46.75
CA SER H 184 -27.48 24.06 -47.32
C SER H 184 -28.46 24.81 -46.35
N ALA H 185 -28.70 26.07 -46.60
CA ALA H 185 -29.64 26.80 -45.78
C ALA H 185 -31.04 26.79 -46.38
N VAL H 186 -31.94 26.03 -45.76
CA VAL H 186 -33.29 25.97 -46.24
C VAL H 186 -34.13 27.04 -45.54
N LYS H 187 -34.80 27.84 -46.32
CA LYS H 187 -35.50 28.92 -45.74
C LYS H 187 -36.56 28.33 -44.84
N GLY H 188 -36.78 28.93 -43.68
CA GLY H 188 -37.71 28.41 -42.71
C GLY H 188 -37.10 27.55 -41.61
N THR H 189 -35.87 27.06 -41.80
CA THR H 189 -35.19 26.17 -40.82
C THR H 189 -34.23 26.99 -40.04
N TYR H 190 -33.45 26.39 -39.14
CA TYR H 190 -32.57 27.19 -38.26
C TYR H 190 -31.04 27.00 -38.40
N LEU H 191 -30.27 27.94 -37.85
CA LEU H 191 -28.85 27.82 -37.83
C LEU H 191 -28.37 28.17 -36.45
N TYR H 192 -27.37 27.44 -35.97
CA TYR H 192 -26.77 27.63 -34.68
C TYR H 192 -25.42 28.26 -34.98
N LEU H 193 -25.14 29.39 -34.37
CA LEU H 193 -23.90 30.08 -34.57
C LEU H 193 -23.09 30.11 -33.32
N ARG H 194 -21.76 30.01 -33.46
CA ARG H 194 -20.88 30.21 -32.30
C ARG H 194 -19.49 30.64 -32.66
N SER H 195 -18.73 31.03 -31.63
CA SER H 195 -17.38 31.55 -31.74
C SER H 195 -16.73 31.37 -30.38
N ASN H 196 -15.49 31.78 -30.25
CA ASN H 196 -14.80 31.54 -29.02
C ASN H 196 -14.84 32.77 -28.24
N LYS H 197 -15.63 33.74 -28.68
CA LYS H 197 -15.77 34.93 -27.87
C LYS H 197 -16.44 34.53 -26.57
N LEU H 198 -16.17 35.24 -25.50
CA LEU H 198 -16.84 34.93 -24.23
C LEU H 198 -18.15 35.69 -24.05
N CYS H 199 -19.15 34.98 -23.53
CA CYS H 199 -20.43 35.56 -23.14
C CYS H 199 -20.18 36.73 -22.25
N ASP H 200 -20.92 37.82 -22.49
CA ASP H 200 -20.62 39.15 -21.86
C ASP H 200 -21.76 39.77 -21.04
N GLY H 201 -22.88 39.07 -20.94
CA GLY H 201 -23.93 39.49 -20.03
C GLY H 201 -23.51 39.82 -18.61
N GLY H 202 -22.50 39.11 -18.11
CA GLY H 202 -22.12 39.23 -16.70
C GLY H 202 -20.74 38.69 -16.55
N PRO H 203 -20.22 38.58 -15.34
CA PRO H 203 -18.85 38.09 -15.03
C PRO H 203 -18.39 36.80 -15.71
N ASN H 204 -19.31 35.95 -16.09
CA ASN H 204 -18.98 34.72 -16.78
C ASN H 204 -17.73 34.03 -16.29
N THR H 205 -17.69 33.59 -15.04
CA THR H 205 -16.47 32.96 -14.50
C THR H 205 -16.14 31.59 -15.00
N TYR H 206 -17.10 30.89 -15.56
CA TYR H 206 -16.86 29.58 -16.09
C TYR H 206 -16.39 29.74 -17.55
N GLY H 207 -16.29 30.99 -17.99
CA GLY H 207 -15.86 31.23 -19.39
C GLY H 207 -16.67 30.51 -20.49
N VAL H 208 -17.99 30.67 -20.44
CA VAL H 208 -18.89 30.11 -21.40
C VAL H 208 -18.75 30.96 -22.61
N LYS H 209 -18.86 30.35 -23.78
CA LYS H 209 -18.64 31.03 -25.07
C LYS H 209 -19.95 31.37 -25.82
N ILE H 210 -19.94 32.33 -26.72
CA ILE H 210 -21.19 32.80 -27.30
C ILE H 210 -21.83 31.90 -28.35
N SER H 211 -23.14 31.80 -28.33
CA SER H 211 -23.87 31.12 -29.39
C SER H 211 -25.25 31.75 -29.55
N GLN H 212 -25.90 31.48 -30.67
CA GLN H 212 -27.23 31.96 -30.95
C GLN H 212 -27.94 31.08 -31.93
N ILE H 213 -29.27 31.04 -31.86
CA ILE H 213 -30.04 30.30 -32.81
C ILE H 213 -30.82 31.31 -33.62
N ARG H 214 -30.86 31.12 -34.94
CA ARG H 214 -31.61 31.97 -35.87
C ARG H 214 -32.27 31.18 -36.96
N LYS H 215 -33.32 31.78 -37.49
CA LYS H 215 -34.14 31.15 -38.54
C LYS H 215 -33.75 31.78 -39.87
N VAL H 216 -33.58 30.93 -40.87
CA VAL H 216 -33.25 31.40 -42.20
C VAL H 216 -34.51 31.92 -42.87
N VAL H 217 -34.47 33.19 -43.27
CA VAL H 217 -35.59 33.81 -44.01
C VAL H 217 -35.30 34.20 -45.46
N GLY H 218 -34.05 34.18 -45.83
CA GLY H 218 -33.64 34.41 -47.22
C GLY H 218 -32.22 33.94 -47.49
N VAL H 219 -32.03 33.37 -48.64
CA VAL H 219 -30.73 32.89 -49.03
C VAL H 219 -30.43 33.21 -50.48
N SER H 220 -29.20 33.64 -50.73
CA SER H 220 -28.74 34.01 -52.07
C SER H 220 -27.22 33.79 -52.20
N THR H 221 -26.84 33.14 -53.29
CA THR H 221 -25.45 32.80 -53.63
C THR H 221 -24.87 33.59 -54.81
N SER H 222 -23.65 34.07 -54.66
CA SER H 222 -23.03 34.87 -55.70
C SER H 222 -21.53 35.12 -55.46
N GLY H 223 -20.71 34.82 -56.46
CA GLY H 223 -19.26 34.97 -56.33
C GLY H 223 -18.66 33.97 -55.33
N GLY H 224 -19.26 32.77 -55.25
CA GLY H 224 -18.73 31.73 -54.41
C GLY H 224 -18.98 32.00 -52.94
N VAL H 225 -19.91 32.91 -52.67
CA VAL H 225 -20.32 33.14 -51.27
C VAL H 225 -21.82 33.09 -51.16
N THR H 226 -22.32 32.38 -50.18
CA THR H 226 -23.74 32.41 -49.92
C THR H 226 -24.06 33.38 -48.78
N SER H 227 -24.98 34.30 -49.04
CA SER H 227 -25.52 35.18 -48.00
C SER H 227 -26.84 34.66 -47.44
N ILE H 228 -26.91 34.59 -46.10
CA ILE H 228 -28.09 34.02 -45.47
C ILE H 228 -28.71 35.16 -44.67
N ARG H 229 -29.96 35.46 -45.02
CA ARG H 229 -30.66 36.47 -44.27
C ARG H 229 -31.43 35.81 -43.14
N LEU H 230 -31.25 36.40 -41.97
CA LEU H 230 -31.78 35.89 -40.71
C LEU H 230 -33.01 36.63 -40.35
N ASP H 231 -33.87 35.93 -39.65
CA ASP H 231 -35.04 36.51 -39.13
C ASP H 231 -34.72 37.62 -38.13
N LYS H 232 -33.75 37.43 -37.22
CA LYS H 232 -33.40 38.48 -36.21
C LYS H 232 -31.91 38.75 -36.27
N THR H 233 -31.52 39.93 -35.88
CA THR H 233 -30.14 40.33 -36.07
C THR H 233 -29.26 39.68 -35.04
N LEU H 234 -27.95 39.74 -35.27
CA LEU H 234 -26.97 39.11 -34.38
C LEU H 234 -26.74 39.99 -33.17
N HIS H 235 -26.44 39.41 -32.01
CA HIS H 235 -26.26 40.19 -30.79
C HIS H 235 -24.89 40.16 -30.17
N TYR H 236 -23.96 39.62 -30.92
CA TYR H 236 -22.56 39.73 -30.56
C TYR H 236 -21.82 39.98 -31.86
N ASN H 237 -20.53 40.18 -31.77
CA ASN H 237 -19.71 40.17 -32.95
C ASN H 237 -19.12 38.81 -33.22
N TYR H 238 -19.49 38.25 -34.35
CA TYR H 238 -18.94 36.97 -34.77
C TYR H 238 -17.77 37.22 -35.67
N TYR H 239 -16.58 37.02 -35.13
CA TYR H 239 -15.29 37.25 -35.83
C TYR H 239 -14.62 35.98 -36.34
N LEU H 240 -13.92 36.10 -37.45
CA LEU H 240 -13.09 35.01 -37.96
C LEU H 240 -11.90 34.76 -37.04
N SER H 241 -11.31 35.81 -36.51
CA SER H 241 -10.30 35.63 -35.48
C SER H 241 -10.77 34.82 -34.21
N ASP H 242 -12.08 34.60 -34.06
CA ASP H 242 -12.68 33.83 -32.95
C ASP H 242 -13.22 32.52 -33.46
N ALA H 243 -12.92 32.20 -34.71
CA ALA H 243 -13.33 30.96 -35.31
C ALA H 243 -14.85 30.85 -35.37
N ALA H 244 -15.49 31.97 -35.70
CA ALA H 244 -16.93 32.01 -35.91
C ALA H 244 -17.40 30.98 -36.89
N GLU H 245 -18.34 30.14 -36.50
CA GLU H 245 -18.80 29.07 -37.36
C GLU H 245 -20.34 28.95 -37.27
N VAL H 246 -20.91 28.13 -38.15
CA VAL H 246 -22.32 28.03 -38.19
C VAL H 246 -22.74 26.64 -38.62
N GLY H 247 -23.85 26.16 -38.07
CA GLY H 247 -24.30 24.80 -38.41
C GLY H 247 -25.78 24.66 -38.31
N ILE H 248 -26.28 23.54 -38.79
CA ILE H 248 -27.74 23.28 -38.80
C ILE H 248 -28.23 22.37 -37.64
N PRO H 249 -28.81 22.98 -36.63
CA PRO H 249 -29.32 22.23 -35.56
C PRO H 249 -30.62 21.67 -36.00
N THR H 250 -31.03 20.58 -35.35
CA THR H 250 -32.30 19.91 -35.56
C THR H 250 -33.23 20.37 -34.48
N MET H 251 -34.27 21.05 -34.86
CA MET H 251 -35.02 21.83 -33.87
C MET H 251 -36.34 21.14 -33.71
N VAL H 252 -36.92 21.13 -32.50
CA VAL H 252 -38.28 20.59 -32.34
C VAL H 252 -39.09 21.84 -32.22
N GLU H 253 -40.05 21.99 -33.09
CA GLU H 253 -40.74 23.25 -33.10
C GLU H 253 -42.26 23.17 -33.09
N ASN H 254 -42.78 24.22 -32.49
CA ASN H 254 -44.17 24.46 -32.41
C ASN H 254 -44.86 23.36 -31.62
N VAL H 255 -44.58 23.37 -30.33
CA VAL H 255 -45.10 22.38 -29.42
C VAL H 255 -45.92 23.10 -28.37
N THR H 256 -47.09 22.57 -28.11
CA THR H 256 -47.91 23.20 -27.11
C THR H 256 -48.37 22.19 -26.06
N LEU H 257 -48.07 22.54 -24.82
CA LEU H 257 -48.52 21.74 -23.69
C LEU H 257 -49.53 22.53 -22.94
N VAL H 258 -50.76 22.04 -23.03
CA VAL H 258 -51.91 22.69 -22.33
C VAL H 258 -52.26 22.05 -20.98
N SER H 259 -52.11 22.83 -19.94
CA SER H 259 -52.41 22.39 -18.59
C SER H 259 -51.82 21.04 -18.17
N PRO H 260 -50.51 20.86 -18.28
CA PRO H 260 -49.91 19.59 -17.88
C PRO H 260 -49.96 19.36 -16.35
N TYR H 261 -50.48 18.22 -15.94
CA TYR H 261 -50.44 17.87 -14.52
C TYR H 261 -49.46 16.72 -14.33
N ILE H 262 -48.38 17.01 -13.64
CA ILE H 262 -47.34 16.02 -13.50
C ILE H 262 -47.29 15.70 -12.07
N ASN H 263 -47.63 14.45 -11.73
CA ASN H 263 -47.67 14.00 -10.32
C ASN H 263 -48.95 14.55 -9.63
N GLU H 264 -49.15 14.20 -8.36
CA GLU H 264 -50.36 14.60 -7.66
C GLU H 264 -49.99 14.60 -6.23
N PHE H 265 -50.69 15.40 -5.41
CA PHE H 265 -50.56 15.38 -3.95
C PHE H 265 -50.70 13.99 -3.31
N GLY H 266 -49.87 13.79 -2.30
CA GLY H 266 -49.71 12.50 -1.69
C GLY H 266 -48.68 11.63 -2.36
N TYR H 267 -47.97 12.16 -3.36
CA TYR H 267 -46.87 11.44 -4.01
C TYR H 267 -45.85 10.99 -2.96
N ASP H 268 -45.60 11.82 -1.97
CA ASP H 268 -44.55 11.51 -0.99
C ASP H 268 -44.85 10.26 -0.11
N ASP H 269 -46.12 10.02 0.17
CA ASP H 269 -46.53 8.79 0.84
C ASP H 269 -46.37 7.55 -0.03
N LEU H 270 -46.28 7.76 -1.33
CA LEU H 270 -46.06 6.69 -2.26
C LEU H 270 -44.61 6.66 -2.79
N ASN H 271 -43.77 7.56 -2.27
CA ASN H 271 -42.36 7.65 -2.71
C ASN H 271 -42.26 7.64 -4.20
N ARG H 272 -43.05 8.53 -4.79
CA ARG H 272 -43.20 8.68 -6.22
C ARG H 272 -42.60 10.02 -6.67
N PHE H 273 -41.43 9.96 -7.29
CA PHE H 273 -40.80 11.17 -7.70
C PHE H 273 -40.43 11.17 -9.16
N PHE H 274 -39.77 12.24 -9.55
CA PHE H 274 -39.27 12.37 -10.91
C PHE H 274 -38.05 13.27 -10.82
N THR H 275 -37.25 13.39 -11.86
CA THR H 275 -36.08 14.25 -11.83
C THR H 275 -36.44 15.59 -12.35
N ILE H 276 -36.75 15.64 -13.64
CA ILE H 276 -37.05 16.87 -14.34
C ILE H 276 -38.38 16.70 -14.94
N GLY H 277 -39.26 17.66 -14.70
CA GLY H 277 -40.59 17.58 -15.20
C GLY H 277 -40.69 17.62 -16.69
N ILE H 278 -40.33 18.77 -17.23
CA ILE H 278 -40.42 19.04 -18.69
C ILE H 278 -39.10 19.61 -19.10
N SER H 279 -38.35 18.82 -19.83
CA SER H 279 -37.03 19.24 -20.20
C SER H 279 -36.99 19.43 -21.69
N ALA H 280 -36.52 20.60 -22.08
CA ALA H 280 -36.47 20.94 -23.50
C ALA H 280 -35.16 21.50 -23.89
N ASN H 281 -34.71 21.11 -25.06
CA ASN H 281 -33.36 21.41 -25.55
C ASN H 281 -33.39 21.51 -27.07
N PHE H 282 -33.00 22.67 -27.60
CA PHE H 282 -33.19 23.00 -29.03
C PHE H 282 -34.64 23.05 -29.48
N ALA H 283 -35.45 23.77 -28.75
CA ALA H 283 -36.87 23.87 -29.04
C ALA H 283 -37.22 25.28 -29.45
N ALA H 284 -38.13 25.40 -30.40
CA ALA H 284 -38.58 26.70 -30.84
C ALA H 284 -40.12 26.80 -30.71
N ASP H 285 -40.61 27.89 -30.15
CA ASP H 285 -42.06 28.07 -30.00
C ASP H 285 -42.67 26.95 -29.14
N LEU H 286 -42.03 26.68 -28.02
CA LEU H 286 -42.55 25.69 -27.11
C LEU H 286 -43.33 26.54 -26.19
N HIS H 287 -44.62 26.21 -26.01
CA HIS H 287 -45.48 27.00 -25.14
C HIS H 287 -46.17 26.14 -24.16
N ILE H 288 -45.95 26.46 -22.89
CA ILE H 288 -46.53 25.72 -21.79
C ILE H 288 -47.53 26.61 -21.09
N GLN H 289 -48.78 26.13 -21.03
CA GLN H 289 -49.89 26.94 -20.56
C GLN H 289 -50.51 26.30 -19.29
N ASP H 290 -50.45 27.04 -18.21
CA ASP H 290 -50.97 26.59 -16.93
C ASP H 290 -50.34 25.23 -16.49
N GLY H 291 -51.17 24.33 -15.97
CA GLY H 291 -50.74 23.08 -15.41
C GLY H 291 -50.29 23.22 -13.96
N VAL H 292 -49.89 22.07 -13.45
CA VAL H 292 -49.33 21.94 -12.11
C VAL H 292 -48.26 20.87 -12.11
N ILE H 293 -47.17 21.15 -11.44
CA ILE H 293 -46.10 20.21 -11.37
C ILE H 293 -45.74 20.07 -9.92
N ILE H 294 -45.91 18.89 -9.37
CA ILE H 294 -45.63 18.70 -7.95
C ILE H 294 -44.65 17.62 -7.66
N GLY H 295 -43.81 17.91 -6.68
CA GLY H 295 -43.07 16.89 -5.97
C GLY H 295 -42.06 16.00 -6.68
N ASN H 296 -40.88 16.58 -6.89
CA ASN H 296 -39.71 15.82 -7.16
C ASN H 296 -38.79 15.90 -5.94
N LYS H 297 -39.37 16.29 -4.85
CA LYS H 297 -38.73 16.20 -3.56
C LYS H 297 -39.79 16.05 -2.45
N ARG H 298 -39.38 15.83 -1.23
CA ARG H 298 -40.38 15.67 -0.24
C ARG H 298 -40.74 17.05 0.22
N PRO H 299 -41.95 17.23 0.80
CA PRO H 299 -42.34 18.55 1.22
C PRO H 299 -41.42 19.12 2.25
N GLY H 300 -40.93 20.30 1.98
CA GLY H 300 -39.98 20.95 2.88
C GLY H 300 -38.60 20.31 2.85
N ALA H 301 -38.35 19.29 2.05
CA ALA H 301 -37.04 18.60 2.08
C ALA H 301 -35.93 19.47 1.55
N SER H 302 -34.73 18.96 1.49
CA SER H 302 -33.62 19.78 1.09
C SER H 302 -33.48 19.53 -0.38
N ASP H 303 -32.52 20.22 -0.97
CA ASP H 303 -32.46 20.39 -2.42
C ASP H 303 -31.74 19.29 -3.08
N ILE H 304 -32.03 19.12 -4.36
CA ILE H 304 -31.42 18.10 -5.19
C ILE H 304 -31.00 18.69 -6.56
N GLU H 305 -29.70 18.64 -6.83
CA GLU H 305 -29.11 19.26 -7.98
C GLU H 305 -29.71 18.79 -9.27
N GLY H 306 -30.17 19.74 -10.08
CA GLY H 306 -30.70 19.49 -11.40
C GLY H 306 -32.14 19.10 -11.53
N ARG H 307 -32.83 18.93 -10.40
CA ARG H 307 -34.25 18.52 -10.40
C ARG H 307 -35.14 19.73 -10.58
N SER H 308 -35.03 20.38 -11.71
CA SER H 308 -35.86 21.50 -12.02
C SER H 308 -37.19 21.00 -12.60
N ALA H 309 -38.25 21.79 -12.36
CA ALA H 309 -39.55 21.38 -12.83
C ALA H 309 -39.57 21.49 -14.33
N ILE H 310 -39.23 22.69 -14.83
CA ILE H 310 -39.16 22.95 -16.26
C ILE H 310 -37.80 23.46 -16.61
N LYS H 311 -37.22 22.93 -17.68
CA LYS H 311 -35.89 23.35 -18.11
C LYS H 311 -35.85 23.71 -19.56
N PHE H 312 -35.41 24.92 -19.86
CA PHE H 312 -35.28 25.38 -21.23
C PHE H 312 -33.80 25.58 -21.49
N ASN H 313 -33.31 24.78 -22.41
CA ASN H 313 -31.94 24.86 -22.86
C ASN H 313 -31.81 25.04 -24.40
N ASN H 314 -31.23 26.17 -24.80
CA ASN H 314 -31.10 26.57 -26.22
C ASN H 314 -32.44 26.56 -26.86
N CYS H 315 -33.37 27.23 -26.21
CA CYS H 315 -34.75 27.35 -26.65
C CYS H 315 -35.05 28.73 -27.14
N VAL H 316 -35.82 28.87 -28.18
CA VAL H 316 -36.12 30.20 -28.65
C VAL H 316 -37.62 30.45 -28.74
N ASP H 317 -38.03 31.65 -28.37
CA ASP H 317 -39.41 32.10 -28.54
C ASP H 317 -40.38 31.20 -27.77
N SER H 318 -39.95 30.84 -26.56
CA SER H 318 -40.66 29.83 -25.79
C SER H 318 -41.11 30.43 -24.49
N THR H 319 -42.21 29.92 -23.98
CA THR H 319 -42.82 30.51 -22.77
C THR H 319 -43.43 29.51 -21.84
N VAL H 320 -43.55 29.96 -20.60
CA VAL H 320 -44.29 29.28 -19.56
C VAL H 320 -45.27 30.31 -18.99
N LYS H 321 -46.57 30.03 -19.07
CA LYS H 321 -47.58 30.98 -18.63
C LYS H 321 -48.59 30.36 -17.72
N GLY H 322 -48.59 30.78 -16.47
CA GLY H 322 -49.61 30.31 -15.52
C GLY H 322 -49.47 29.01 -14.74
N THR H 323 -48.36 28.29 -14.92
CA THR H 323 -48.13 27.00 -14.31
C THR H 323 -47.84 27.13 -12.82
N CYS H 324 -48.38 26.24 -12.00
CA CYS H 324 -48.14 26.28 -10.56
C CYS H 324 -47.10 25.19 -10.25
N PHE H 325 -46.24 25.44 -9.27
CA PHE H 325 -45.16 24.55 -8.84
C PHE H 325 -45.10 24.41 -7.33
N TYR H 326 -45.08 23.14 -6.89
CA TYR H 326 -45.07 22.77 -5.47
C TYR H 326 -43.99 21.74 -5.29
N ASN H 327 -43.18 21.92 -4.25
CA ASN H 327 -42.23 20.88 -3.79
C ASN H 327 -41.24 20.38 -4.82
N ILE H 328 -40.38 21.30 -5.23
CA ILE H 328 -39.41 21.05 -6.27
C ILE H 328 -38.01 21.10 -5.65
N GLY H 329 -37.20 20.12 -6.06
CA GLY H 329 -35.85 19.98 -5.54
C GLY H 329 -34.86 21.01 -6.05
N TRP H 330 -35.07 21.50 -7.24
CA TRP H 330 -34.18 22.49 -7.82
C TRP H 330 -35.03 23.72 -8.25
N TYR H 331 -35.07 24.05 -9.54
CA TYR H 331 -35.70 25.32 -9.97
C TYR H 331 -37.03 25.05 -10.58
N GLY H 332 -37.86 26.08 -10.51
CA GLY H 332 -39.19 25.93 -11.04
C GLY H 332 -39.04 25.91 -12.51
N VAL H 333 -38.59 27.06 -13.00
CA VAL H 333 -38.19 27.22 -14.39
C VAL H 333 -36.71 27.55 -14.52
N GLU H 334 -35.99 26.68 -15.21
CA GLU H 334 -34.59 26.88 -15.39
C GLU H 334 -34.42 27.30 -16.80
N VAL H 335 -33.63 28.34 -17.00
CA VAL H 335 -33.35 28.85 -18.34
C VAL H 335 -31.86 28.95 -18.59
N LEU H 336 -31.38 28.11 -19.53
CA LEU H 336 -29.96 28.09 -19.85
C LEU H 336 -29.70 27.97 -21.36
N GLY H 337 -28.43 28.16 -21.72
CA GLY H 337 -28.04 28.04 -23.11
C GLY H 337 -28.25 29.36 -23.77
N CYS H 338 -28.44 29.35 -25.09
CA CYS H 338 -28.69 30.63 -25.81
C CYS H 338 -30.20 30.73 -26.00
N SER H 339 -30.93 30.56 -24.91
CA SER H 339 -32.35 30.66 -24.96
C SER H 339 -32.61 32.10 -25.18
N GLU H 340 -33.25 32.43 -26.27
CA GLU H 340 -33.50 33.81 -26.58
C GLU H 340 -34.99 34.03 -26.69
N ASP H 341 -35.40 35.20 -26.21
CA ASP H 341 -36.78 35.60 -26.16
C ASP H 341 -37.62 34.57 -25.44
N THR H 342 -37.34 34.39 -24.15
CA THR H 342 -38.07 33.50 -23.28
C THR H 342 -38.92 34.37 -22.38
N GLU H 343 -40.13 33.95 -22.09
CA GLU H 343 -40.98 34.67 -21.16
C GLU H 343 -41.59 33.71 -20.20
N VAL H 344 -41.69 34.13 -18.95
CA VAL H 344 -42.38 33.38 -17.95
C VAL H 344 -43.34 34.32 -17.33
N HIS H 345 -44.64 34.04 -17.53
CA HIS H 345 -45.77 34.87 -16.96
C HIS H 345 -46.59 34.15 -15.91
N ASP H 346 -46.96 34.88 -14.88
CA ASP H 346 -47.99 34.48 -13.91
C ASP H 346 -47.83 33.10 -13.35
N ILE H 347 -46.63 32.68 -12.96
CA ILE H 347 -46.48 31.36 -12.33
C ILE H 347 -46.56 31.53 -10.83
N HIS H 348 -46.89 30.44 -10.15
CA HIS H 348 -46.87 30.39 -8.70
C HIS H 348 -45.98 29.21 -8.31
N ALA H 349 -44.97 29.49 -7.50
CA ALA H 349 -44.02 28.53 -7.10
C ALA H 349 -43.95 28.50 -5.60
N MET H 350 -44.16 27.32 -5.02
CA MET H 350 -44.18 27.15 -3.54
C MET H 350 -43.23 25.99 -3.13
N ASP H 351 -42.29 26.29 -2.23
CA ASP H 351 -41.30 25.31 -1.75
C ASP H 351 -40.42 24.74 -2.89
N VAL H 352 -39.60 25.64 -3.45
CA VAL H 352 -38.67 25.31 -4.51
C VAL H 352 -37.38 26.06 -4.25
N ARG H 353 -36.29 25.70 -4.92
CA ARG H 353 -35.02 26.31 -4.62
C ARG H 353 -35.04 27.74 -5.15
N HIS H 354 -35.46 27.87 -6.42
CA HIS H 354 -35.65 29.15 -7.12
C HIS H 354 -36.89 29.08 -7.98
N ALA H 355 -37.74 30.05 -7.91
CA ALA H 355 -38.91 30.00 -8.81
C ALA H 355 -38.35 29.97 -10.23
N ILE H 356 -37.55 30.96 -10.54
CA ILE H 356 -36.99 31.06 -11.86
C ILE H 356 -35.51 31.19 -11.70
N SER H 357 -34.77 30.58 -12.60
CA SER H 357 -33.35 30.87 -12.59
C SER H 357 -32.65 30.79 -13.92
N LEU H 358 -31.95 31.85 -14.25
CA LEU H 358 -31.21 31.82 -15.49
C LEU H 358 -29.86 31.17 -15.17
N ASN H 359 -29.50 30.10 -15.84
CA ASN H 359 -28.31 29.36 -15.43
C ASN H 359 -27.03 29.62 -16.23
N TRP H 360 -25.92 29.14 -15.68
CA TRP H 360 -24.64 29.06 -16.38
C TRP H 360 -24.40 27.60 -16.71
N GLN H 361 -23.23 27.33 -17.27
CA GLN H 361 -22.85 26.00 -17.62
C GLN H 361 -21.47 25.81 -17.12
N SER H 362 -21.24 24.69 -16.46
CA SER H 362 -19.96 24.44 -15.87
C SER H 362 -19.13 23.89 -17.00
N THR H 363 -17.98 24.56 -17.20
CA THR H 363 -16.99 24.21 -18.19
C THR H 363 -15.88 23.29 -17.63
N ALA H 364 -16.06 22.79 -16.41
CA ALA H 364 -15.15 21.80 -15.81
C ALA H 364 -14.81 20.59 -16.72
N ASP H 365 -15.74 20.17 -17.56
CA ASP H 365 -15.55 18.95 -18.38
C ASP H 365 -15.40 19.23 -19.83
N GLY H 366 -15.18 20.51 -20.12
CA GLY H 366 -15.06 20.98 -21.49
C GLY H 366 -15.83 22.24 -21.74
N ASP H 367 -15.73 22.71 -22.98
CA ASP H 367 -16.31 23.98 -23.37
C ASP H 367 -17.83 24.01 -23.52
N LYS H 368 -18.40 25.17 -23.21
CA LYS H 368 -19.81 25.35 -23.14
C LYS H 368 -20.21 26.59 -23.86
N TRP H 369 -21.36 26.53 -24.53
CA TRP H 369 -21.90 27.68 -25.26
C TRP H 369 -23.30 28.09 -24.91
N GLY H 370 -23.50 29.39 -24.77
CA GLY H 370 -24.83 30.00 -24.73
C GLY H 370 -25.15 30.65 -23.43
N GLU H 371 -25.54 31.90 -23.47
CA GLU H 371 -26.06 32.60 -22.33
C GLU H 371 -27.45 33.01 -22.73
N PRO H 372 -28.41 33.09 -21.78
CA PRO H 372 -29.69 33.52 -22.25
C PRO H 372 -29.67 35.00 -22.64
N ILE H 373 -30.45 35.29 -23.67
CA ILE H 373 -30.57 36.64 -24.11
C ILE H 373 -32.04 37.07 -24.19
N GLU H 374 -32.38 38.19 -23.57
CA GLU H 374 -33.79 38.66 -23.57
C GLU H 374 -34.74 37.74 -22.81
N PHE H 375 -34.90 38.00 -21.54
CA PHE H 375 -35.74 37.15 -20.72
C PHE H 375 -36.70 38.09 -19.99
N LEU H 376 -37.95 37.67 -19.95
CA LEU H 376 -38.96 38.46 -19.26
C LEU H 376 -39.66 37.63 -18.19
N GLY H 377 -39.58 38.09 -16.96
CA GLY H 377 -40.36 37.48 -15.91
C GLY H 377 -41.46 38.46 -15.57
N VAL H 378 -42.70 38.04 -15.65
CA VAL H 378 -43.75 38.97 -15.35
C VAL H 378 -44.91 38.43 -14.48
N ASN H 379 -45.18 39.15 -13.39
CA ASN H 379 -46.34 38.86 -12.54
C ASN H 379 -46.22 37.49 -11.90
N CYS H 380 -45.09 37.22 -11.27
CA CYS H 380 -44.79 35.89 -10.78
C CYS H 380 -44.65 35.86 -9.28
N GLU H 381 -45.11 34.76 -8.71
CA GLU H 381 -45.13 34.59 -7.26
C GLU H 381 -44.23 33.44 -6.81
N ALA H 382 -43.39 33.76 -5.84
CA ALA H 382 -42.61 32.73 -5.18
C ALA H 382 -42.88 32.76 -3.71
N TYR H 383 -43.17 31.59 -3.14
CA TYR H 383 -43.38 31.44 -1.68
C TYR H 383 -42.41 30.44 -1.10
N SER H 384 -41.74 30.83 -0.05
CA SER H 384 -40.83 29.93 0.69
C SER H 384 -39.81 29.23 -0.15
N THR H 385 -38.93 29.95 -0.76
CA THR H 385 -37.89 29.35 -1.58
C THR H 385 -36.74 29.07 -0.68
N THR H 386 -36.04 27.97 -0.99
CA THR H 386 -34.94 27.55 -0.13
C THR H 386 -33.76 28.43 -0.45
N GLN H 387 -33.78 29.01 -1.64
CA GLN H 387 -32.78 29.99 -2.02
C GLN H 387 -33.52 31.17 -2.64
N ALA H 388 -32.85 32.05 -3.36
CA ALA H 388 -33.51 33.25 -3.89
C ALA H 388 -34.80 32.87 -4.54
N GLY H 389 -35.78 33.75 -4.44
CA GLY H 389 -37.03 33.55 -5.12
C GLY H 389 -36.86 33.66 -6.61
N PHE H 390 -36.15 34.70 -7.03
CA PHE H 390 -35.90 34.89 -8.46
C PHE H 390 -34.44 35.10 -8.67
N ASP H 391 -33.83 34.31 -9.59
CA ASP H 391 -32.39 34.39 -9.72
C ASP H 391 -31.78 34.16 -11.05
N THR H 392 -30.65 34.85 -11.25
CA THR H 392 -29.77 34.59 -12.37
C THR H 392 -28.39 34.14 -11.93
N HIS H 393 -27.67 33.48 -12.82
CA HIS H 393 -26.29 33.20 -12.54
C HIS H 393 -25.43 34.30 -13.23
N ASP H 394 -24.12 34.08 -13.44
CA ASP H 394 -23.24 35.21 -13.87
C ASP H 394 -23.12 35.45 -15.37
N ILE H 395 -23.98 34.82 -16.16
CA ILE H 395 -24.14 35.18 -17.56
C ILE H 395 -25.62 35.52 -17.83
N GLY H 396 -25.89 36.07 -19.03
CA GLY H 396 -27.21 36.45 -19.49
C GLY H 396 -27.34 37.93 -19.78
N LYS H 397 -27.97 38.22 -20.91
CA LYS H 397 -28.25 39.61 -21.36
C LYS H 397 -29.74 39.96 -21.43
N ARG H 398 -30.03 41.17 -21.03
CA ARG H 398 -31.38 41.71 -21.13
C ARG H 398 -32.40 40.95 -20.35
N VAL H 399 -32.18 40.92 -19.05
CA VAL H 399 -33.04 40.20 -18.18
C VAL H 399 -33.93 41.24 -17.55
N LYS H 400 -35.21 40.96 -17.50
CA LYS H 400 -36.10 41.91 -16.87
C LYS H 400 -37.18 41.16 -16.08
N PHE H 401 -37.40 41.60 -14.86
CA PHE H 401 -38.50 41.08 -13.98
C PHE H 401 -39.50 42.20 -13.74
N VAL H 402 -40.75 41.97 -14.12
CA VAL H 402 -41.81 42.96 -14.02
C VAL H 402 -42.91 42.44 -13.10
N ARG H 403 -43.09 43.18 -12.02
CA ARG H 403 -44.17 42.95 -11.10
C ARG H 403 -44.14 41.51 -10.52
N CYS H 404 -42.97 41.09 -10.10
CA CYS H 404 -42.85 39.76 -9.56
C CYS H 404 -42.79 39.93 -8.08
N VAL H 405 -43.29 38.94 -7.36
CA VAL H 405 -43.28 39.02 -5.91
C VAL H 405 -42.64 37.81 -5.28
N SER H 406 -41.77 38.05 -4.29
CA SER H 406 -41.19 36.98 -3.48
C SER H 406 -41.60 37.06 -2.03
N TYR H 407 -42.14 35.94 -1.49
CA TYR H 407 -42.51 35.83 -0.06
C TYR H 407 -41.64 34.84 0.70
N ASP H 408 -41.14 35.25 1.84
CA ASP H 408 -40.42 34.37 2.77
C ASP H 408 -39.32 33.44 2.24
N SER H 409 -38.37 33.99 1.52
CA SER H 409 -37.26 33.21 1.01
C SER H 409 -36.29 32.96 2.12
N ALA H 410 -35.64 31.79 2.08
CA ALA H 410 -34.55 31.49 3.01
C ALA H 410 -33.28 32.29 2.76
N ALA H 411 -33.20 32.83 1.57
CA ALA H 411 -32.07 33.61 1.17
C ALA H 411 -32.59 35.02 0.80
N ALA H 412 -32.44 35.45 -0.43
CA ALA H 412 -32.91 36.74 -0.86
C ALA H 412 -34.21 36.53 -1.55
N GLY H 413 -34.89 37.64 -1.83
CA GLY H 413 -36.11 37.60 -2.64
C GLY H 413 -35.63 37.50 -4.08
N PHE H 414 -34.72 38.40 -4.45
CA PHE H 414 -34.20 38.44 -5.80
C PHE H 414 -32.71 38.49 -5.77
N GLN H 415 -32.10 37.69 -6.63
CA GLN H 415 -30.70 37.67 -6.76
C GLN H 415 -30.25 37.87 -8.20
N ALA H 416 -29.42 38.87 -8.41
CA ALA H 416 -28.89 39.11 -9.74
C ALA H 416 -27.44 38.78 -9.67
N ARG H 417 -27.03 37.87 -10.52
CA ARG H 417 -25.64 37.60 -10.67
C ARG H 417 -25.04 37.92 -12.05
N THR H 418 -25.87 38.48 -12.93
CA THR H 418 -25.41 38.96 -14.23
C THR H 418 -25.56 40.47 -14.24
N ASN H 419 -24.84 41.15 -15.12
CA ASN H 419 -24.81 42.63 -15.05
C ASN H 419 -26.07 43.28 -15.61
N GLY H 420 -26.48 44.34 -14.92
CA GLY H 420 -27.64 45.14 -15.30
C GLY H 420 -29.00 44.48 -15.40
N VAL H 421 -29.39 43.74 -14.37
CA VAL H 421 -30.69 43.15 -14.39
C VAL H 421 -31.59 44.28 -14.07
N GLU H 422 -32.77 44.32 -14.70
CA GLU H 422 -33.71 45.42 -14.47
C GLU H 422 -34.94 44.90 -13.75
N TYR H 423 -35.33 45.53 -12.67
CA TYR H 423 -36.54 45.11 -11.94
C TYR H 423 -37.59 46.22 -11.95
N LEU H 424 -38.81 45.88 -12.32
CA LEU H 424 -39.87 46.88 -12.33
C LEU H 424 -41.01 46.49 -11.40
N ASN H 425 -41.27 47.31 -10.41
CA ASN H 425 -42.41 47.11 -9.54
C ASN H 425 -42.44 45.73 -8.84
N CYS H 426 -41.27 45.26 -8.49
CA CYS H 426 -41.16 43.98 -7.82
C CYS H 426 -41.27 44.13 -6.33
N ARG H 427 -41.64 43.04 -5.66
CA ARG H 427 -41.76 43.11 -4.23
C ARG H 427 -41.14 41.92 -3.55
N ALA H 428 -40.46 42.20 -2.44
CA ALA H 428 -39.82 41.19 -1.64
C ALA H 428 -40.32 41.30 -0.23
N TYR H 429 -40.88 40.24 0.33
CA TYR H 429 -41.41 40.28 1.70
C TYR H 429 -40.73 39.22 2.51
N ARG H 430 -40.16 39.64 3.64
CA ARG H 430 -39.67 38.67 4.67
C ARG H 430 -38.59 37.68 4.20
N ALA H 431 -37.65 38.16 3.42
CA ALA H 431 -36.53 37.32 3.08
C ALA H 431 -35.62 37.25 4.30
N ALA H 432 -35.10 36.05 4.54
CA ALA H 432 -34.16 35.81 5.61
C ALA H 432 -32.93 36.70 5.52
N MET H 433 -32.53 37.09 4.29
CA MET H 433 -31.38 37.99 4.09
C MET H 433 -31.84 39.31 3.45
N ASP H 434 -31.61 39.49 2.17
CA ASP H 434 -31.89 40.77 1.54
C ASP H 434 -33.06 40.58 0.58
N GLY H 435 -33.96 41.56 0.56
CA GLY H 435 -35.09 41.56 -0.40
C GLY H 435 -34.56 41.42 -1.81
N PHE H 436 -33.67 42.34 -2.15
CA PHE H 436 -33.04 42.38 -3.44
C PHE H 436 -31.55 42.43 -3.20
N ALA H 437 -30.81 41.56 -3.90
CA ALA H 437 -29.35 41.68 -3.86
C ALA H 437 -28.64 41.41 -5.18
N SER H 438 -27.46 42.01 -5.35
CA SER H 438 -26.57 41.56 -6.41
C SER H 438 -25.61 40.56 -5.81
N ASN H 439 -24.40 40.43 -6.35
CA ASN H 439 -23.40 39.59 -5.72
C ASN H 439 -22.02 39.92 -6.13
N THR H 440 -21.07 39.15 -5.60
CA THR H 440 -19.67 39.34 -5.89
C THR H 440 -19.40 39.54 -7.38
N GLY H 441 -18.80 40.71 -7.69
CA GLY H 441 -18.34 41.02 -9.03
C GLY H 441 -19.44 41.44 -9.93
N VAL H 442 -20.66 41.53 -9.38
CA VAL H 442 -21.80 41.91 -10.21
C VAL H 442 -21.98 43.40 -10.33
N ALA H 443 -22.26 43.86 -11.53
CA ALA H 443 -22.38 45.28 -11.75
C ALA H 443 -23.82 45.76 -11.95
N PHE H 444 -24.13 46.84 -11.22
CA PHE H 444 -25.30 47.73 -11.37
C PHE H 444 -26.62 47.17 -11.78
N PRO H 445 -27.31 46.47 -10.85
CA PRO H 445 -28.70 46.15 -11.04
C PRO H 445 -29.53 47.43 -11.04
N ILE H 446 -30.71 47.40 -11.64
CA ILE H 446 -31.57 48.57 -11.67
C ILE H 446 -32.89 48.20 -11.05
N TYR H 447 -33.29 48.98 -10.06
CA TYR H 447 -34.49 48.79 -9.37
C TYR H 447 -35.32 50.02 -9.59
N ARG H 448 -36.47 49.84 -10.22
CA ARG H 448 -37.47 50.89 -10.40
C ARG H 448 -38.80 50.64 -9.66
N GLU H 449 -39.07 51.50 -8.68
CA GLU H 449 -40.27 51.43 -7.90
C GLU H 449 -40.51 50.05 -7.27
N CYS H 450 -39.43 49.45 -6.79
CA CYS H 450 -39.51 48.17 -6.07
C CYS H 450 -39.68 48.35 -4.59
N LEU H 451 -40.55 47.55 -4.03
CA LEU H 451 -40.85 47.59 -2.61
C LEU H 451 -40.29 46.36 -1.87
N ALA H 452 -39.68 46.66 -0.73
CA ALA H 452 -39.12 45.66 0.12
C ALA H 452 -39.65 45.80 1.54
N TYR H 453 -40.32 44.77 2.02
CA TYR H 453 -40.90 44.79 3.37
C TYR H 453 -40.36 43.70 4.29
N ASP H 454 -39.78 44.11 5.39
CA ASP H 454 -39.44 43.18 6.50
C ASP H 454 -38.44 42.05 6.18
N ASN H 455 -37.47 42.41 5.37
CA ASN H 455 -36.44 41.49 5.04
C ASN H 455 -35.40 41.80 6.11
N VAL H 456 -34.85 40.73 6.67
CA VAL H 456 -34.03 40.83 7.81
C VAL H 456 -32.82 41.70 7.63
N ARG H 457 -31.93 41.36 6.72
CA ARG H 457 -30.68 42.14 6.60
C ARG H 457 -30.82 43.52 5.92
N SER H 458 -31.56 43.56 4.82
CA SER H 458 -31.73 44.81 4.11
C SER H 458 -32.78 44.67 3.01
N GLY H 459 -33.23 45.80 2.48
CA GLY H 459 -34.17 45.75 1.40
C GLY H 459 -33.45 45.59 0.09
N PHE H 460 -32.47 46.44 -0.16
CA PHE H 460 -31.69 46.40 -1.39
C PHE H 460 -30.24 46.38 -1.01
N ASN H 461 -29.55 45.36 -1.48
CA ASN H 461 -28.18 45.16 -1.12
C ASN H 461 -27.36 45.03 -2.34
N CYS H 462 -26.85 46.16 -2.74
CA CYS H 462 -26.03 46.25 -3.95
C CYS H 462 -24.68 46.88 -3.62
N SER H 463 -24.00 46.31 -2.63
CA SER H 463 -22.68 46.76 -2.18
C SER H 463 -21.51 46.02 -2.84
N TYR H 464 -21.81 45.22 -3.85
CA TYR H 464 -20.78 44.43 -4.50
C TYR H 464 -20.19 45.08 -5.73
N GLY H 465 -20.87 46.09 -6.24
CA GLY H 465 -20.46 46.71 -7.50
C GLY H 465 -21.51 47.70 -7.99
N GLY H 466 -22.05 48.44 -7.04
CA GLY H 466 -22.99 49.50 -7.35
C GLY H 466 -24.42 49.12 -7.65
N GLY H 467 -25.29 50.12 -7.54
CA GLY H 467 -26.67 49.98 -7.90
C GLY H 467 -27.35 51.29 -8.24
N TYR H 468 -28.49 51.17 -8.89
CA TYR H 468 -29.34 52.26 -9.25
C TYR H 468 -30.65 51.95 -8.61
N VAL H 469 -30.90 52.63 -7.51
CA VAL H 469 -32.11 52.39 -6.74
C VAL H 469 -33.06 53.56 -6.92
N TYR H 470 -34.00 53.41 -7.84
CA TYR H 470 -34.92 54.50 -8.21
C TYR H 470 -36.33 54.41 -7.66
N ASP H 471 -36.67 55.38 -6.84
CA ASP H 471 -38.01 55.47 -6.27
C ASP H 471 -38.43 54.21 -5.58
N CYS H 472 -37.52 53.59 -4.82
CA CYS H 472 -37.85 52.29 -4.17
C CYS H 472 -38.15 52.46 -2.72
N GLU H 473 -38.76 51.46 -2.14
CA GLU H 473 -39.12 51.50 -0.73
C GLU H 473 -38.67 50.27 0.00
N ALA H 474 -38.01 50.50 1.12
CA ALA H 474 -37.56 49.45 2.04
C ALA H 474 -37.97 49.73 3.50
N HIS H 475 -38.72 48.81 4.08
CA HIS H 475 -39.20 48.94 5.44
C HIS H 475 -38.92 47.69 6.22
N GLY H 476 -38.52 47.89 7.48
CA GLY H 476 -38.31 46.82 8.45
C GLY H 476 -37.08 45.92 8.31
N SER H 477 -35.95 46.49 7.93
CA SER H 477 -34.74 45.72 7.79
C SER H 477 -33.74 46.34 8.72
N GLN H 478 -32.52 45.84 8.73
CA GLN H 478 -31.47 46.48 9.54
C GLN H 478 -31.05 47.74 8.84
N ASN H 479 -30.95 47.63 7.52
CA ASN H 479 -30.73 48.79 6.68
C ASN H 479 -31.63 48.79 5.48
N GLY H 480 -31.98 49.97 4.99
CA GLY H 480 -32.89 50.06 3.86
C GLY H 480 -32.20 49.57 2.62
N VAL H 481 -31.06 50.23 2.37
CA VAL H 481 -30.26 49.99 1.22
C VAL H 481 -28.80 49.88 1.63
N ARG H 482 -28.12 48.86 1.12
CA ARG H 482 -26.66 48.68 1.26
C ARG H 482 -26.06 48.91 -0.09
N ILE H 483 -25.15 49.87 -0.16
CA ILE H 483 -24.70 50.32 -1.47
C ILE H 483 -23.33 50.96 -1.37
N ASN H 484 -22.49 50.74 -2.37
CA ASN H 484 -21.12 51.31 -2.38
C ASN H 484 -20.91 52.33 -3.46
N GLY H 485 -21.97 52.63 -4.21
CA GLY H 485 -21.89 53.54 -5.34
C GLY H 485 -23.05 53.42 -6.34
N GLY H 486 -23.35 54.52 -7.04
CA GLY H 486 -24.47 54.53 -7.95
C GLY H 486 -25.38 55.62 -7.52
N ARG H 487 -26.67 55.31 -7.37
CA ARG H 487 -27.65 56.33 -7.04
C ARG H 487 -28.84 55.79 -6.28
N VAL H 488 -29.33 56.59 -5.36
CA VAL H 488 -30.58 56.29 -4.69
C VAL H 488 -31.39 57.53 -4.92
N LYS H 489 -32.29 57.52 -5.90
CA LYS H 489 -33.08 58.68 -6.22
C LYS H 489 -34.52 58.43 -5.82
N GLY H 490 -35.04 59.31 -4.98
CA GLY H 490 -36.46 59.24 -4.60
C GLY H 490 -36.72 58.09 -3.64
N GLY H 491 -37.96 57.65 -3.55
CA GLY H 491 -38.23 56.49 -2.74
C GLY H 491 -38.31 56.87 -1.28
N ARG H 492 -38.70 55.92 -0.45
CA ARG H 492 -39.05 56.22 0.91
C ARG H 492 -38.65 55.05 1.77
N TYR H 493 -37.97 55.36 2.88
CA TYR H 493 -37.47 54.35 3.79
C TYR H 493 -37.94 54.59 5.23
N THR H 494 -38.44 53.53 5.85
CA THR H 494 -38.93 53.55 7.24
C THR H 494 -38.62 52.22 7.98
N ARG H 495 -38.50 52.31 9.32
CA ARG H 495 -38.29 51.15 10.21
C ARG H 495 -37.04 50.33 9.89
N ASN H 496 -35.90 50.98 9.93
CA ASN H 496 -34.71 50.26 9.66
C ASN H 496 -33.89 50.51 10.88
N SER H 497 -33.59 49.42 11.59
CA SER H 497 -32.86 49.46 12.88
C SER H 497 -31.48 50.12 12.85
N SER H 498 -30.66 49.88 11.84
CA SER H 498 -29.35 50.52 11.84
C SER H 498 -29.40 51.89 11.15
N SER H 499 -29.68 51.89 9.84
CA SER H 499 -29.87 53.14 9.05
C SER H 499 -30.65 52.82 7.82
N HIS H 500 -31.09 53.86 7.12
CA HIS H 500 -31.92 53.68 5.96
C HIS H 500 -31.05 53.37 4.81
N ILE H 501 -30.02 54.18 4.62
CA ILE H 501 -28.97 53.92 3.62
C ILE H 501 -27.65 53.58 4.31
N PHE H 502 -27.01 52.54 3.83
CA PHE H 502 -25.79 52.08 4.44
C PHE H 502 -24.79 52.12 3.33
N VAL H 503 -23.92 53.12 3.39
CA VAL H 503 -22.85 53.18 2.44
C VAL H 503 -21.72 52.26 2.92
N THR H 504 -21.49 51.18 2.18
CA THR H 504 -20.57 50.14 2.59
C THR H 504 -20.10 49.34 1.37
N LYS H 505 -19.25 48.33 1.60
CA LYS H 505 -18.75 47.43 0.53
C LYS H 505 -18.97 46.00 0.96
N ASP H 506 -19.04 45.06 0.04
CA ASP H 506 -19.04 43.64 0.40
C ASP H 506 -17.70 43.23 1.05
N VAL H 507 -16.59 43.68 0.49
CA VAL H 507 -15.25 43.42 0.99
C VAL H 507 -14.40 44.63 0.60
N ALA H 508 -13.54 45.05 1.55
CA ALA H 508 -12.69 46.25 1.38
C ALA H 508 -11.95 46.40 0.00
N GLU H 509 -11.63 45.30 -0.65
CA GLU H 509 -10.97 45.37 -1.98
C GLU H 509 -11.95 45.89 -3.06
N THR H 510 -13.23 45.87 -2.78
CA THR H 510 -14.18 46.44 -3.72
C THR H 510 -14.05 47.96 -3.70
N ALA H 511 -14.10 48.58 -4.90
CA ALA H 511 -13.89 50.00 -5.06
C ALA H 511 -15.15 50.78 -4.83
N GLN H 512 -15.03 51.85 -4.11
CA GLN H 512 -16.14 52.68 -3.82
C GLN H 512 -16.23 53.57 -5.04
N THR H 513 -17.46 53.89 -5.48
CA THR H 513 -17.64 54.93 -6.48
C THR H 513 -18.55 56.01 -5.93
N SER H 514 -18.76 57.02 -6.78
CA SER H 514 -19.64 58.14 -6.53
C SER H 514 -21.04 57.64 -6.21
N LEU H 515 -21.62 58.24 -5.19
CA LEU H 515 -23.00 57.92 -4.83
C LEU H 515 -23.79 59.20 -4.71
N GLU H 516 -24.99 59.19 -5.27
CA GLU H 516 -25.87 60.34 -5.30
C GLU H 516 -27.04 59.88 -4.48
N ILE H 517 -27.43 60.63 -3.49
CA ILE H 517 -28.71 60.42 -2.77
C ILE H 517 -29.57 61.67 -2.89
N ASP H 518 -30.60 61.65 -3.74
CA ASP H 518 -31.28 62.83 -4.21
C ASP H 518 -32.76 62.53 -3.96
N GLY H 519 -33.45 63.40 -3.27
CA GLY H 519 -34.90 63.30 -3.18
C GLY H 519 -35.46 62.12 -2.44
N VAL H 520 -34.72 61.59 -1.51
CA VAL H 520 -35.11 60.38 -0.83
C VAL H 520 -35.75 60.78 0.45
N SER H 521 -36.79 60.05 0.85
CA SER H 521 -37.44 60.26 2.15
C SER H 521 -36.87 59.21 3.12
N MET H 522 -36.04 59.70 4.02
CA MET H 522 -35.43 58.88 5.06
C MET H 522 -35.72 59.56 6.41
N ARG H 523 -37.00 59.67 6.74
CA ARG H 523 -37.39 60.33 7.96
C ARG H 523 -37.19 59.44 9.13
N TYR H 524 -37.08 60.07 10.31
CA TYR H 524 -36.84 59.39 11.57
C TYR H 524 -38.12 58.91 12.13
N ASP H 525 -38.17 57.70 12.63
CA ASP H 525 -39.41 57.18 13.21
C ASP H 525 -39.10 56.34 14.47
N GLY H 526 -38.05 56.74 15.19
CA GLY H 526 -37.65 56.07 16.42
C GLY H 526 -36.88 54.77 16.27
N THR H 527 -36.13 54.62 15.18
CA THR H 527 -35.28 53.44 14.98
C THR H 527 -33.92 53.94 14.52
N GLY H 528 -33.49 53.49 13.36
CA GLY H 528 -32.17 53.82 12.86
C GLY H 528 -32.02 55.27 12.48
N ARG H 529 -30.80 55.58 12.07
CA ARG H 529 -30.44 56.87 11.57
C ARG H 529 -30.67 56.89 10.08
N ALA H 530 -30.27 57.97 9.42
CA ALA H 530 -30.57 58.15 7.97
C ALA H 530 -29.49 57.53 7.10
N VAL H 531 -28.24 57.93 7.33
CA VAL H 531 -27.13 57.44 6.57
C VAL H 531 -26.11 56.82 7.47
N TYR H 532 -25.53 55.72 7.02
CA TYR H 532 -24.49 55.05 7.76
C TYR H 532 -23.22 54.83 6.92
N PHE H 533 -22.14 55.51 7.30
CA PHE H 533 -20.93 55.43 6.52
C PHE H 533 -20.02 54.41 7.16
N HIS H 534 -19.56 53.44 6.36
CA HIS H 534 -18.71 52.38 6.85
C HIS H 534 -17.22 52.66 6.65
N GLY H 535 -16.62 53.34 7.60
CA GLY H 535 -15.16 53.58 7.59
C GLY H 535 -14.32 52.32 7.65
N THR H 536 -14.79 51.32 8.40
CA THR H 536 -14.13 50.03 8.53
C THR H 536 -13.70 49.44 7.20
N VAL H 537 -14.46 49.65 6.12
CA VAL H 537 -14.08 49.12 4.79
C VAL H 537 -13.54 50.18 3.85
N GLY H 538 -13.32 51.38 4.37
CA GLY H 538 -12.65 52.41 3.60
C GLY H 538 -13.63 53.26 2.82
N ILE H 539 -14.82 53.48 3.37
CA ILE H 539 -15.78 54.36 2.74
C ILE H 539 -15.38 55.77 3.06
N ASP H 540 -15.23 56.56 2.00
CA ASP H 540 -15.00 58.00 2.09
C ASP H 540 -16.28 58.79 1.79
N PRO H 541 -16.78 59.50 2.79
CA PRO H 541 -18.01 60.20 2.60
C PRO H 541 -17.98 61.32 1.53
N THR H 542 -16.86 61.94 1.24
CA THR H 542 -16.88 63.01 0.22
C THR H 542 -17.21 62.52 -1.16
N LEU H 543 -17.24 61.21 -1.37
CA LEU H 543 -17.75 60.62 -2.62
C LEU H 543 -19.25 60.39 -2.61
N VAL H 544 -19.95 60.92 -1.63
CA VAL H 544 -21.39 60.86 -1.59
C VAL H 544 -21.90 62.28 -1.65
N SER H 545 -23.02 62.48 -2.37
CA SER H 545 -23.75 63.76 -2.39
C SER H 545 -25.14 63.50 -1.91
N MET H 546 -25.63 64.23 -0.94
CA MET H 546 -27.00 64.11 -0.49
C MET H 546 -27.66 65.42 -0.83
N SER H 547 -28.74 65.38 -1.61
CA SER H 547 -29.52 66.56 -2.01
C SER H 547 -31.01 66.42 -1.87
N ASN H 548 -31.66 67.44 -1.32
CA ASN H 548 -33.11 67.48 -1.25
C ASN H 548 -33.70 66.20 -0.72
N ASN H 549 -33.13 65.71 0.35
CA ASN H 549 -33.72 64.55 0.99
C ASN H 549 -34.54 64.94 2.21
N ASP H 550 -35.44 64.07 2.63
CA ASP H 550 -36.20 64.32 3.86
C ASP H 550 -35.63 63.48 5.00
N MET H 551 -34.78 64.11 5.81
CA MET H 551 -34.17 63.48 6.96
C MET H 551 -34.82 64.05 8.23
N THR H 552 -36.07 64.49 8.11
CA THR H 552 -36.80 64.98 9.29
C THR H 552 -36.70 64.06 10.51
N GLY H 553 -36.44 64.68 11.66
CA GLY H 553 -36.55 64.05 12.95
C GLY H 553 -35.27 63.48 13.57
N HIS H 554 -34.21 63.32 12.76
CA HIS H 554 -32.98 62.67 13.20
C HIS H 554 -32.12 63.57 14.08
N GLY H 555 -32.43 64.87 14.11
CA GLY H 555 -31.62 65.83 14.89
C GLY H 555 -30.13 65.70 14.62
N LEU H 556 -29.31 65.72 15.68
CA LEU H 556 -27.83 65.56 15.57
C LEU H 556 -27.34 64.20 15.08
N PHE H 557 -28.26 63.23 15.03
CA PHE H 557 -27.96 61.84 14.68
C PHE H 557 -28.56 61.41 13.35
N TRP H 558 -28.40 62.24 12.34
CA TRP H 558 -28.76 61.80 11.02
C TRP H 558 -27.77 60.79 10.48
N ALA H 559 -26.51 60.97 10.84
CA ALA H 559 -25.46 60.10 10.34
C ALA H 559 -24.96 59.17 11.44
N LEU H 560 -24.40 58.05 10.98
CA LEU H 560 -23.80 57.08 11.87
C LEU H 560 -22.51 56.67 11.24
N LEU H 561 -21.42 56.80 11.96
CA LEU H 561 -20.15 56.39 11.35
C LEU H 561 -19.57 55.34 12.24
N SER H 562 -18.61 54.61 11.71
CA SER H 562 -17.95 53.55 12.46
C SER H 562 -16.73 53.11 11.71
N GLY H 563 -15.66 52.90 12.47
CA GLY H 563 -14.42 52.41 11.93
C GLY H 563 -13.55 53.50 11.38
N TYR H 564 -13.86 54.74 11.73
CA TYR H 564 -13.02 55.83 11.30
C TYR H 564 -12.02 56.08 12.40
N THR H 565 -10.76 56.34 12.04
CA THR H 565 -9.72 56.69 13.03
C THR H 565 -9.36 58.18 12.94
N VAL H 566 -9.75 58.82 11.84
CA VAL H 566 -9.57 60.24 11.63
C VAL H 566 -10.90 60.78 11.15
N GLN H 567 -11.40 61.82 11.82
CA GLN H 567 -12.67 62.46 11.49
C GLN H 567 -12.69 62.73 9.97
N PRO H 568 -13.66 62.15 9.23
CA PRO H 568 -13.65 62.35 7.79
C PRO H 568 -14.38 63.62 7.38
N THR H 569 -14.10 64.14 6.21
CA THR H 569 -14.86 65.26 5.74
C THR H 569 -16.23 64.74 5.42
N PRO H 570 -17.31 65.52 5.63
CA PRO H 570 -18.63 64.95 5.31
C PRO H 570 -18.95 65.02 3.82
N PRO H 571 -20.10 64.48 3.42
CA PRO H 571 -20.45 64.53 2.01
C PRO H 571 -20.94 65.91 1.64
N ARG H 572 -21.02 66.23 0.36
CA ARG H 572 -21.60 67.49 -0.09
C ARG H 572 -23.10 67.41 0.20
N MET H 573 -23.66 68.45 0.81
CA MET H 573 -25.06 68.41 1.23
C MET H 573 -25.78 69.66 0.85
N SER H 574 -26.87 69.51 0.12
CA SER H 574 -27.57 70.65 -0.45
C SER H 574 -29.06 70.57 -0.23
N ARG H 575 -29.49 71.47 0.61
CA ARG H 575 -30.89 71.69 0.94
C ARG H 575 -31.63 70.46 1.34
N ASN H 576 -31.22 69.81 2.41
CA ASN H 576 -31.98 68.70 2.93
C ASN H 576 -32.86 69.17 4.08
N LEU H 577 -33.81 68.37 4.52
CA LEU H 577 -34.67 68.75 5.63
C LEU H 577 -34.43 67.91 6.85
N LEU H 578 -34.07 68.55 7.94
CA LEU H 578 -33.75 67.84 9.15
C LEU H 578 -34.76 68.09 10.25
N ASP H 579 -35.44 69.26 10.25
CA ASP H 579 -36.51 69.55 11.23
C ASP H 579 -37.71 70.14 10.55
N ASP H 580 -38.85 70.11 11.21
CA ASP H 580 -40.07 70.69 10.64
C ASP H 580 -40.73 71.82 11.47
N THR H 581 -40.03 72.25 12.52
CA THR H 581 -40.51 73.22 13.51
C THR H 581 -39.37 74.21 13.71
N GLY H 582 -39.70 75.48 13.84
CA GLY H 582 -38.65 76.47 14.00
C GLY H 582 -37.54 76.35 12.94
N ILE H 583 -37.96 76.31 11.68
CA ILE H 583 -37.04 76.17 10.55
C ILE H 583 -37.23 77.32 9.54
N ARG H 584 -38.05 78.31 9.89
CA ARG H 584 -38.35 79.44 9.01
C ARG H 584 -38.98 80.58 9.80
N GLY H 585 -38.56 81.78 9.52
CA GLY H 585 -39.13 82.93 10.19
C GLY H 585 -38.53 84.22 9.71
N VAL H 586 -38.79 85.30 10.45
CA VAL H 586 -38.29 86.64 10.09
C VAL H 586 -37.73 87.37 11.29
N ALA H 587 -36.52 87.85 11.12
CA ALA H 587 -35.79 88.54 12.18
C ALA H 587 -35.55 89.99 11.81
N THR H 588 -35.56 90.84 12.83
CA THR H 588 -35.34 92.28 12.67
C THR H 588 -33.99 92.68 13.28
N LEU H 589 -33.05 93.01 12.41
CA LEU H 589 -31.77 93.50 12.89
C LEU H 589 -31.88 94.79 13.71
N VAL H 590 -31.01 94.87 14.71
CA VAL H 590 -30.84 96.04 15.60
C VAL H 590 -29.31 96.23 15.75
N ALA H 591 -28.80 97.30 15.19
CA ALA H 591 -27.37 97.56 15.26
C ALA H 591 -26.65 96.44 14.50
N GLY H 592 -27.25 96.00 13.41
CA GLY H 592 -26.67 94.97 12.55
C GLY H 592 -26.63 93.53 13.05
N GLU H 593 -27.38 93.22 14.12
CA GLU H 593 -27.40 91.87 14.67
C GLU H 593 -28.80 91.49 15.14
N ALA H 594 -29.03 90.19 15.23
CA ALA H 594 -30.29 89.67 15.71
C ALA H 594 -30.03 88.30 16.24
N THR H 595 -30.62 87.97 17.38
CA THR H 595 -30.54 86.62 17.95
C THR H 595 -31.83 85.89 17.61
N VAL H 596 -31.70 84.75 16.95
CA VAL H 596 -32.87 84.04 16.47
C VAL H 596 -32.95 82.71 17.13
N ASN H 597 -34.13 82.37 17.61
CA ASN H 597 -34.35 81.07 18.19
C ASN H 597 -34.89 80.14 17.11
N ALA H 598 -34.16 79.09 16.77
CA ALA H 598 -34.51 78.20 15.64
C ALA H 598 -33.88 76.86 15.81
N ARG H 599 -34.41 75.83 15.15
CA ARG H 599 -33.80 74.49 15.23
C ARG H 599 -32.63 74.34 14.28
N VAL H 600 -31.68 75.25 14.43
CA VAL H 600 -30.43 75.28 13.67
C VAL H 600 -29.52 74.29 14.35
N ARG H 601 -28.73 73.54 13.59
CA ARG H 601 -27.97 72.46 14.20
C ARG H 601 -26.57 72.30 13.62
N GLY H 602 -25.75 71.54 14.33
CA GLY H 602 -24.42 71.24 13.84
C GLY H 602 -23.66 70.44 14.88
N ASN H 603 -22.47 70.02 14.50
CA ASN H 603 -21.52 69.33 15.40
C ASN H 603 -20.18 69.92 15.10
N PHE H 604 -19.53 70.45 16.13
CA PHE H 604 -18.21 71.11 15.95
C PHE H 604 -17.11 70.39 16.70
N GLY H 605 -17.47 69.20 17.19
CA GLY H 605 -16.53 68.29 17.80
C GLY H 605 -15.50 67.75 16.81
N SER H 606 -14.71 66.81 17.29
CA SER H 606 -13.65 66.25 16.45
C SER H 606 -13.41 64.76 16.71
N VAL H 607 -14.41 64.12 17.31
CA VAL H 607 -14.46 62.67 17.41
C VAL H 607 -14.22 62.01 16.04
N ALA H 608 -13.45 60.93 16.00
CA ALA H 608 -13.11 60.29 14.72
C ALA H 608 -14.40 59.90 13.99
N ASN H 609 -15.30 59.22 14.72
CA ASN H 609 -16.57 58.71 14.20
C ASN H 609 -17.70 59.73 14.26
N SER H 610 -17.53 60.81 13.50
CA SER H 610 -18.45 61.91 13.45
C SER H 610 -18.08 62.90 12.31
N PHE H 611 -18.99 63.80 11.97
CA PHE H 611 -18.68 64.83 10.98
C PHE H 611 -18.61 66.18 11.67
N LYS H 612 -17.84 67.08 11.10
CA LYS H 612 -17.95 68.45 11.47
C LYS H 612 -18.93 69.11 10.46
N TRP H 613 -20.09 69.56 10.92
CA TRP H 613 -21.14 70.12 10.02
C TRP H 613 -22.07 71.14 10.73
N VAL H 614 -22.79 71.91 9.92
CA VAL H 614 -23.78 72.86 10.43
C VAL H 614 -24.93 73.03 9.44
N SER H 615 -26.07 73.46 9.96
CA SER H 615 -27.24 73.78 9.13
C SER H 615 -26.91 74.81 8.09
N GLU H 616 -27.58 74.75 6.95
CA GLU H 616 -27.44 75.78 5.93
C GLU H 616 -28.57 76.71 6.19
N VAL H 617 -28.28 77.97 6.50
CA VAL H 617 -29.35 78.94 6.81
C VAL H 617 -29.50 79.91 5.67
N LYS H 618 -30.60 79.81 4.94
CA LYS H 618 -30.81 80.65 3.78
C LYS H 618 -31.33 81.99 4.31
N LEU H 619 -30.72 83.09 3.82
CA LEU H 619 -31.02 84.45 4.31
C LEU H 619 -31.41 85.42 3.20
N THR H 620 -32.64 85.94 3.30
CA THR H 620 -33.09 86.99 2.40
C THR H 620 -33.68 88.21 3.11
N ARG H 621 -33.32 89.36 2.57
CA ARG H 621 -33.75 90.65 3.07
C ARG H 621 -35.17 91.00 2.60
N LEU H 622 -35.98 91.46 3.55
CA LEU H 622 -37.37 91.85 3.28
C LEU H 622 -37.72 93.38 3.38
N THR H 623 -36.80 94.16 3.93
CA THR H 623 -36.92 95.62 4.08
C THR H 623 -35.55 96.15 3.76
N PHE H 624 -35.50 97.32 3.13
CA PHE H 624 -34.24 97.80 2.54
C PHE H 624 -33.76 99.12 3.09
N PRO H 625 -33.35 99.13 4.37
CA PRO H 625 -32.75 100.34 4.90
C PRO H 625 -31.50 100.80 4.10
N SER H 626 -31.11 102.03 4.34
CA SER H 626 -29.93 102.60 3.71
C SER H 626 -28.69 102.03 4.37
N SER H 627 -28.87 101.40 5.53
CA SER H 627 -27.77 100.74 6.26
C SER H 627 -27.62 99.24 5.96
N ALA H 628 -28.21 98.79 4.85
CA ALA H 628 -28.09 97.40 4.41
C ALA H 628 -26.62 96.99 4.18
N GLY H 629 -26.24 95.85 4.74
CA GLY H 629 -24.93 95.23 4.48
C GLY H 629 -25.01 93.77 4.09
N ALA H 630 -23.87 93.13 3.94
CA ALA H 630 -23.84 91.69 3.71
C ALA H 630 -24.21 90.97 4.99
N LEU H 631 -24.98 89.90 4.86
CA LEU H 631 -25.46 89.18 6.02
C LEU H 631 -24.70 87.90 6.16
N THR H 632 -24.65 87.41 7.38
CA THR H 632 -23.91 86.20 7.65
C THR H 632 -24.41 85.59 8.95
N VAL H 633 -24.29 84.27 9.06
CA VAL H 633 -24.69 83.56 10.25
C VAL H 633 -23.48 83.32 11.17
N THR H 634 -23.73 83.45 12.47
CA THR H 634 -22.69 83.24 13.48
C THR H 634 -23.29 82.87 14.84
N SER H 635 -22.40 82.64 15.79
CA SER H 635 -22.77 82.21 17.14
C SER H 635 -23.92 81.19 17.16
N VAL H 636 -23.65 80.03 16.57
CA VAL H 636 -24.63 78.95 16.56
C VAL H 636 -24.61 78.28 17.92
N ALA H 637 -25.75 78.31 18.59
CA ALA H 637 -25.80 77.86 19.96
C ALA H 637 -26.81 76.76 20.02
N GLN H 638 -26.44 75.67 20.67
CA GLN H 638 -27.39 74.56 20.85
C GLN H 638 -27.70 74.31 22.32
N ASN H 639 -28.97 74.23 22.63
CA ASN H 639 -29.40 74.02 23.99
C ASN H 639 -28.94 72.70 24.54
N GLN H 640 -28.45 72.71 25.78
CA GLN H 640 -27.88 71.52 26.42
C GLN H 640 -28.65 70.92 27.62
N ASP H 641 -29.93 71.26 27.77
CA ASP H 641 -30.77 70.73 28.87
C ASP H 641 -30.67 69.23 29.14
N VAL H 642 -30.90 68.89 30.38
CA VAL H 642 -30.82 67.51 30.83
C VAL H 642 -32.16 67.16 31.48
N PRO H 643 -32.59 65.90 31.32
CA PRO H 643 -31.90 64.79 30.68
C PRO H 643 -31.78 64.97 29.17
N THR H 644 -32.83 65.54 28.57
CA THR H 644 -32.95 65.68 27.12
C THR H 644 -33.01 67.14 26.68
N PRO H 645 -32.09 67.52 25.78
CA PRO H 645 -31.99 68.90 25.27
C PRO H 645 -33.25 69.31 24.51
N ASN H 646 -33.53 70.60 24.50
CA ASN H 646 -34.68 71.11 23.76
C ASN H 646 -34.23 72.02 22.60
N PRO H 647 -34.34 71.50 21.39
CA PRO H 647 -33.91 72.14 20.15
C PRO H 647 -34.61 73.48 19.84
N ASP H 648 -35.77 73.69 20.44
CA ASP H 648 -36.48 74.93 20.22
C ASP H 648 -35.72 76.10 20.86
N LEU H 649 -34.77 75.81 21.75
CA LEU H 649 -33.97 76.87 22.38
C LEU H 649 -32.60 76.93 21.81
N ASN H 650 -32.41 76.29 20.66
CA ASN H 650 -31.20 76.51 19.92
C ASN H 650 -31.31 77.93 19.31
N SER H 651 -30.19 78.48 18.89
CA SER H 651 -30.20 79.80 18.34
C SER H 651 -28.98 80.12 17.53
N PHE H 652 -29.12 81.17 16.77
CA PHE H 652 -28.04 81.67 15.97
C PHE H 652 -28.14 83.20 15.88
N VAL H 653 -27.15 83.78 15.23
CA VAL H 653 -27.11 85.20 15.14
C VAL H 653 -26.88 85.60 13.72
N ILE H 654 -27.76 86.48 13.24
CA ILE H 654 -27.59 87.14 11.96
C ILE H 654 -26.82 88.41 12.22
N ARG H 655 -25.69 88.56 11.54
CA ARG H 655 -24.89 89.78 11.65
C ARG H 655 -24.63 90.44 10.31
N SER H 656 -24.82 91.77 10.27
CA SER H 656 -24.59 92.54 9.06
C SER H 656 -23.17 93.07 9.02
N SER H 657 -22.68 93.33 7.80
CA SER H 657 -21.34 93.93 7.60
C SER H 657 -21.38 95.41 7.92
N ASN H 658 -22.61 95.93 8.02
CA ASN H 658 -22.91 97.30 8.32
C ASN H 658 -23.49 97.37 9.73
N ALA H 659 -22.79 98.01 10.66
CA ALA H 659 -23.17 97.95 12.08
C ALA H 659 -24.49 98.66 12.38
N ALA H 660 -24.95 99.47 11.43
CA ALA H 660 -26.18 100.27 11.53
C ALA H 660 -27.42 99.57 10.90
N ASP H 661 -27.19 98.46 10.20
CA ASP H 661 -28.25 97.69 9.52
C ASP H 661 -29.48 97.37 10.43
N VAL H 662 -30.67 97.70 9.96
CA VAL H 662 -31.94 97.42 10.69
C VAL H 662 -32.92 96.56 9.89
N SER H 663 -32.40 95.92 8.84
CA SER H 663 -33.17 95.02 7.98
C SER H 663 -34.06 94.02 8.68
N GLN H 664 -35.11 93.68 7.97
CA GLN H 664 -35.97 92.56 8.32
C GLN H 664 -35.54 91.42 7.45
N VAL H 665 -34.94 90.40 8.06
CA VAL H 665 -34.38 89.33 7.28
C VAL H 665 -35.20 88.08 7.46
N ALA H 666 -35.48 87.41 6.35
CA ALA H 666 -36.11 86.12 6.40
C ALA H 666 -35.05 85.00 6.43
N TRP H 667 -35.27 84.01 7.27
CA TRP H 667 -34.34 82.90 7.40
C TRP H 667 -35.07 81.58 7.20
N GLU H 668 -34.40 80.64 6.51
CA GLU H 668 -34.85 79.25 6.31
C GLU H 668 -33.71 78.34 6.81
N VAL H 669 -34.07 77.26 7.50
CA VAL H 669 -33.10 76.30 7.96
C VAL H 669 -33.13 74.95 7.19
N TYR H 670 -31.99 74.66 6.59
CA TYR H 670 -31.78 73.43 5.86
C TYR H 670 -30.66 72.56 6.49
N LEU H 671 -30.22 71.62 5.68
CA LEU H 671 -29.06 70.78 5.92
C LEU H 671 -28.43 70.63 4.47
N ALA I 28 -80.76 -5.52 -35.76
CA ALA I 28 -80.60 -6.54 -34.68
C ALA I 28 -79.43 -7.48 -34.96
N PRO I 29 -78.27 -7.26 -34.29
CA PRO I 29 -78.02 -6.31 -33.19
C PRO I 29 -78.24 -4.77 -33.36
N GLU I 30 -78.40 -4.25 -34.59
CA GLU I 30 -78.56 -2.76 -34.79
C GLU I 30 -79.98 -2.16 -34.60
N ARG I 31 -80.20 -1.51 -33.45
CA ARG I 31 -81.49 -0.86 -33.13
C ARG I 31 -81.44 0.65 -33.36
N VAL I 32 -82.24 1.15 -34.31
CA VAL I 32 -82.12 2.56 -34.75
C VAL I 32 -83.42 3.35 -34.78
N PHE I 33 -83.49 4.42 -34.01
CA PHE I 33 -84.73 5.20 -33.83
C PHE I 33 -84.59 6.57 -34.45
N SER I 34 -85.71 7.13 -34.89
CA SER I 34 -85.69 8.43 -35.55
C SER I 34 -86.10 9.59 -34.65
N ASP I 35 -86.57 9.29 -33.45
CA ASP I 35 -86.84 10.34 -32.48
C ASP I 35 -86.72 9.86 -31.05
N LEU I 36 -86.48 10.83 -30.19
CA LEU I 36 -86.16 10.56 -28.79
C LEU I 36 -87.23 9.70 -28.18
N ALA I 37 -88.48 10.15 -28.34
CA ALA I 37 -89.69 9.49 -27.78
C ALA I 37 -89.74 7.99 -28.06
N SER I 38 -89.46 7.63 -29.30
CA SER I 38 -89.35 6.24 -29.70
C SER I 38 -88.24 5.49 -28.97
N MET I 39 -87.04 6.07 -28.94
CA MET I 39 -85.90 5.43 -28.30
C MET I 39 -86.14 5.13 -26.80
N VAL I 40 -86.67 6.08 -26.05
CA VAL I 40 -86.89 5.90 -24.58
C VAL I 40 -88.01 4.89 -24.30
N ALA I 41 -88.82 4.64 -25.32
CA ALA I 41 -89.92 3.68 -25.28
C ALA I 41 -89.49 2.20 -25.32
N TYR I 42 -88.89 1.75 -26.43
CA TYR I 42 -88.41 0.37 -26.62
C TYR I 42 -88.12 -0.40 -25.31
N PRO I 43 -88.80 -1.56 -25.11
CA PRO I 43 -88.63 -2.28 -23.83
C PRO I 43 -87.62 -3.44 -23.81
N ASN I 44 -87.09 -3.77 -24.98
CA ASN I 44 -86.24 -4.96 -25.17
C ASN I 44 -84.73 -4.68 -25.15
N PHE I 45 -84.33 -3.51 -24.67
CA PHE I 45 -82.91 -3.15 -24.67
C PHE I 45 -82.13 -4.16 -23.86
N GLN I 46 -81.01 -4.61 -24.43
CA GLN I 46 -80.11 -5.53 -23.76
C GLN I 46 -78.68 -5.01 -23.86
N VAL I 47 -77.87 -5.42 -22.88
CA VAL I 47 -76.51 -4.91 -22.70
C VAL I 47 -75.55 -5.06 -23.89
N GLN I 48 -75.91 -5.82 -24.92
CA GLN I 48 -75.03 -5.93 -26.11
C GLN I 48 -75.61 -5.28 -27.36
N ASP I 49 -76.88 -4.82 -27.31
CA ASP I 49 -77.51 -4.15 -28.45
C ASP I 49 -76.62 -2.94 -28.85
N LYS I 50 -76.72 -2.55 -30.12
CA LYS I 50 -76.07 -1.35 -30.64
C LYS I 50 -77.19 -0.38 -30.94
N ILE I 51 -77.17 0.75 -30.25
CA ILE I 51 -78.28 1.69 -30.30
C ILE I 51 -77.85 2.98 -30.93
N THR I 52 -78.72 3.52 -31.77
CA THR I 52 -78.48 4.76 -32.50
C THR I 52 -79.75 5.64 -32.62
N LEU I 53 -79.58 6.91 -32.26
CA LEU I 53 -80.62 7.92 -32.44
C LEU I 53 -80.29 8.90 -33.58
N LEU I 54 -81.30 9.19 -34.41
CA LEU I 54 -81.19 10.12 -35.54
C LEU I 54 -81.91 11.44 -35.29
N GLY I 55 -81.43 12.54 -35.85
CA GLY I 55 -81.98 13.88 -35.64
C GLY I 55 -81.05 14.79 -34.82
N SER I 56 -81.66 15.70 -34.06
CA SER I 56 -80.94 16.79 -33.35
C SER I 56 -80.15 16.41 -32.09
N ALA I 57 -80.69 15.47 -31.31
CA ALA I 57 -79.96 14.94 -30.15
C ALA I 57 -79.23 13.65 -30.54
N GLY I 58 -79.19 13.40 -31.86
CA GLY I 58 -78.55 12.21 -32.46
C GLY I 58 -77.22 11.73 -31.87
N GLY I 59 -77.05 10.42 -31.81
CA GLY I 59 -75.84 9.84 -31.22
C GLY I 59 -75.94 8.35 -31.04
N ASP I 60 -74.94 7.77 -30.40
CA ASP I 60 -74.92 6.36 -30.14
C ASP I 60 -75.00 6.09 -28.67
N PHE I 61 -75.81 5.07 -28.32
CA PHE I 61 -75.99 4.67 -26.94
C PHE I 61 -75.72 3.21 -26.64
N THR I 62 -75.53 2.97 -25.36
CA THR I 62 -75.21 1.69 -24.78
C THR I 62 -76.29 1.47 -23.74
N PHE I 63 -76.91 0.28 -23.71
CA PHE I 63 -77.82 -0.06 -22.63
C PHE I 63 -77.05 -0.49 -21.41
N THR I 64 -77.65 -0.25 -20.25
CA THR I 64 -77.10 -0.76 -19.01
C THR I 64 -78.17 -0.84 -17.94
N THR I 65 -77.80 -1.52 -16.85
CA THR I 65 -78.62 -1.64 -15.66
C THR I 65 -77.84 -1.14 -14.46
N THR I 66 -76.56 -0.82 -14.63
CA THR I 66 -75.79 -0.21 -13.53
C THR I 66 -76.40 1.16 -13.22
N ALA I 67 -76.91 1.33 -12.01
CA ALA I 67 -77.72 2.53 -11.69
C ALA I 67 -76.96 3.81 -12.00
N SER I 68 -77.54 4.63 -12.88
CA SER I 68 -76.98 5.91 -13.38
C SER I 68 -77.91 7.10 -13.04
N VAL I 69 -77.34 8.31 -12.99
CA VAL I 69 -78.11 9.57 -12.79
C VAL I 69 -78.74 10.16 -14.06
N VAL I 70 -80.05 10.05 -14.20
CA VAL I 70 -80.75 10.54 -15.38
C VAL I 70 -80.60 12.04 -15.57
N ASP I 71 -80.42 12.48 -16.81
CA ASP I 71 -80.28 13.93 -17.14
C ASP I 71 -80.82 14.26 -18.54
N ASN I 72 -81.29 13.26 -19.22
CA ASN I 72 -81.90 13.41 -20.54
C ASN I 72 -81.06 14.19 -21.52
N GLY I 73 -79.79 13.85 -21.53
CA GLY I 73 -78.83 14.40 -22.47
C GLY I 73 -77.73 13.39 -22.70
N THR I 74 -77.19 12.88 -21.59
CA THR I 74 -76.18 11.81 -21.59
C THR I 74 -76.65 10.49 -20.99
N VAL I 75 -77.60 10.60 -20.06
CA VAL I 75 -78.22 9.46 -19.36
C VAL I 75 -79.74 9.54 -19.52
N PHE I 76 -80.30 8.62 -20.29
CA PHE I 76 -81.75 8.44 -20.37
C PHE I 76 -82.24 7.14 -19.66
N ALA I 77 -83.34 7.26 -18.92
CA ALA I 77 -84.03 6.12 -18.29
C ALA I 77 -84.95 5.48 -19.31
N VAL I 78 -84.91 4.15 -19.37
CA VAL I 78 -85.78 3.39 -20.27
C VAL I 78 -86.25 2.11 -19.56
N PRO I 79 -87.30 1.44 -20.11
CA PRO I 79 -87.73 0.14 -19.56
C PRO I 79 -86.55 -0.83 -19.38
N GLY I 80 -86.23 -1.13 -18.13
CA GLY I 80 -85.18 -2.10 -17.81
C GLY I 80 -83.95 -1.48 -17.13
N GLY I 81 -83.68 -0.22 -17.41
CA GLY I 81 -82.45 0.41 -16.90
C GLY I 81 -82.17 1.73 -17.59
N TYR I 82 -80.95 1.90 -18.12
CA TYR I 82 -80.52 3.19 -18.67
C TYR I 82 -79.88 3.13 -20.05
N LEU I 83 -80.12 4.19 -20.82
CA LEU I 83 -79.38 4.45 -22.06
C LEU I 83 -78.28 5.47 -21.83
N LEU I 84 -77.03 5.06 -22.00
CA LEU I 84 -75.90 5.96 -21.81
C LEU I 84 -75.37 6.41 -23.16
N ARG I 85 -75.13 7.71 -23.31
CA ARG I 85 -74.57 8.19 -24.58
C ARG I 85 -73.07 7.93 -24.54
N LYS I 86 -72.55 7.40 -25.64
CA LYS I 86 -71.10 7.19 -25.76
C LYS I 86 -70.48 8.35 -26.56
N PHE I 87 -69.46 8.95 -25.96
CA PHE I 87 -68.84 10.04 -26.63
C PHE I 87 -67.53 10.36 -25.90
N VAL I 88 -66.56 10.93 -26.61
CA VAL I 88 -65.34 11.41 -25.96
C VAL I 88 -65.41 12.89 -26.12
N GLY I 89 -64.64 13.62 -25.35
CA GLY I 89 -64.63 15.04 -25.56
C GLY I 89 -65.66 15.59 -24.65
N PRO I 90 -66.00 16.87 -24.79
CA PRO I 90 -66.99 17.41 -23.90
C PRO I 90 -68.38 17.04 -24.38
N ALA I 91 -69.38 17.34 -23.57
CA ALA I 91 -70.78 17.16 -23.93
C ALA I 91 -71.26 18.46 -24.49
N TYR I 92 -72.33 18.42 -25.28
CA TYR I 92 -72.87 19.60 -25.86
C TYR I 92 -74.25 19.82 -25.31
N SER I 93 -74.60 21.08 -25.04
CA SER I 93 -75.96 21.44 -24.66
C SER I 93 -76.97 21.03 -25.71
N SER I 94 -76.63 21.04 -26.98
CA SER I 94 -77.63 20.67 -27.96
C SER I 94 -78.12 19.23 -27.83
N TRP I 95 -77.47 18.47 -26.94
CA TRP I 95 -77.77 17.05 -26.70
C TRP I 95 -78.92 16.85 -25.70
N PHE I 96 -79.25 17.92 -24.98
CA PHE I 96 -80.23 17.92 -23.93
C PHE I 96 -81.66 18.37 -24.31
N SER I 97 -82.66 17.71 -23.69
CA SER I 97 -84.10 18.04 -23.76
C SER I 97 -84.49 19.38 -23.13
N ASN I 98 -83.88 19.74 -21.99
CA ASN I 98 -84.20 21.01 -21.36
C ASN I 98 -83.20 21.51 -20.32
N TRP I 99 -83.25 22.80 -20.06
CA TRP I 99 -82.43 23.38 -19.03
C TRP I 99 -82.22 22.51 -17.85
N THR I 100 -83.29 21.93 -17.32
CA THR I 100 -83.20 21.03 -16.14
C THR I 100 -82.20 19.91 -16.25
N GLY I 101 -82.15 19.27 -17.41
CA GLY I 101 -81.19 18.18 -17.64
C GLY I 101 -79.75 18.67 -17.57
N ILE I 102 -79.51 19.79 -18.23
CA ILE I 102 -78.22 20.47 -18.15
C ILE I 102 -77.82 20.78 -16.73
N VAL I 103 -78.75 21.27 -15.91
CA VAL I 103 -78.40 21.58 -14.54
C VAL I 103 -78.03 20.32 -13.76
N THR I 104 -78.71 19.21 -14.08
CA THR I 104 -78.48 17.91 -13.40
C THR I 104 -77.09 17.48 -13.77
N PHE I 105 -76.79 17.50 -15.07
CA PHE I 105 -75.46 17.18 -15.60
C PHE I 105 -74.34 17.95 -14.90
N MET I 106 -74.45 19.26 -14.89
CA MET I 106 -73.36 19.97 -14.27
C MET I 106 -73.34 19.84 -12.77
N SER I 107 -74.26 19.08 -12.18
CA SER I 107 -74.38 19.05 -10.69
C SER I 107 -73.33 18.15 -10.06
N ALA I 108 -72.79 17.25 -10.86
CA ALA I 108 -71.67 16.42 -10.49
C ALA I 108 -70.36 17.14 -10.87
N PRO I 109 -69.26 16.86 -10.16
CA PRO I 109 -67.91 17.34 -10.55
C PRO I 109 -67.34 16.61 -11.80
N ASN I 110 -66.23 17.13 -12.33
CA ASN I 110 -65.52 16.52 -13.48
C ASN I 110 -66.28 16.52 -14.77
N ARG I 111 -66.89 17.66 -15.10
CA ARG I 111 -67.78 17.76 -16.26
C ARG I 111 -67.36 18.89 -17.24
N HIS I 112 -67.53 18.62 -18.53
CA HIS I 112 -67.12 19.54 -19.54
C HIS I 112 -68.26 19.57 -20.49
N LEU I 113 -68.90 20.72 -20.53
CA LEU I 113 -70.02 20.91 -21.40
C LEU I 113 -69.79 22.12 -22.26
N VAL I 114 -70.19 22.01 -23.49
CA VAL I 114 -70.12 23.12 -24.39
C VAL I 114 -71.51 23.63 -24.67
N VAL I 115 -71.68 24.91 -24.38
CA VAL I 115 -72.93 25.52 -24.67
C VAL I 115 -72.93 25.95 -26.13
N ASP I 116 -73.59 25.18 -26.98
CA ASP I 116 -73.73 25.52 -28.38
C ASP I 116 -75.14 25.82 -28.82
N THR I 117 -76.01 26.21 -27.90
CA THR I 117 -77.44 26.53 -28.19
C THR I 117 -77.90 27.63 -27.26
N VAL I 118 -79.07 28.21 -27.56
CA VAL I 118 -79.63 29.27 -26.70
C VAL I 118 -80.40 28.61 -25.55
N LEU I 119 -79.86 28.71 -24.36
CA LEU I 119 -80.49 28.06 -23.27
C LEU I 119 -81.40 29.04 -22.59
N GLN I 120 -82.56 28.55 -22.18
CA GLN I 120 -83.47 29.32 -21.41
C GLN I 120 -83.53 28.86 -19.96
N ALA I 121 -82.94 29.62 -19.06
CA ALA I 121 -82.82 29.20 -17.67
C ALA I 121 -84.10 29.40 -16.93
N THR I 122 -84.31 28.57 -15.91
CA THR I 122 -85.51 28.51 -15.04
C THR I 122 -85.10 28.16 -13.61
N SER I 123 -83.77 28.09 -13.38
CA SER I 123 -83.16 27.75 -12.06
C SER I 123 -81.73 28.22 -12.03
N VAL I 124 -81.08 28.19 -10.87
CA VAL I 124 -79.65 28.39 -10.86
C VAL I 124 -78.97 27.16 -11.40
N LEU I 125 -77.83 27.37 -12.05
CA LEU I 125 -76.97 26.30 -12.51
C LEU I 125 -75.81 26.27 -11.57
N ASN I 126 -75.62 25.12 -10.95
CA ASN I 126 -74.48 24.94 -10.05
C ASN I 126 -73.38 24.19 -10.74
N ILE I 127 -72.18 24.77 -10.68
CA ILE I 127 -70.95 24.15 -11.17
C ILE I 127 -70.23 23.53 -9.99
N LYS I 128 -69.59 22.41 -10.26
CA LYS I 128 -68.83 21.66 -9.27
C LYS I 128 -67.36 21.55 -9.66
N SER I 129 -66.52 20.92 -8.84
CA SER I 129 -65.09 20.85 -9.10
C SER I 129 -64.68 20.13 -10.37
N ASN I 130 -63.56 20.61 -10.92
CA ASN I 130 -62.94 20.14 -12.14
C ASN I 130 -63.88 20.09 -13.29
N SER I 131 -64.49 21.23 -13.58
CA SER I 131 -65.51 21.30 -14.59
C SER I 131 -65.32 22.55 -15.35
N THR I 132 -65.89 22.52 -16.54
CA THR I 132 -65.64 23.50 -17.53
C THR I 132 -66.92 23.71 -18.28
N LEU I 133 -67.27 24.98 -18.35
CA LEU I 133 -68.44 25.44 -19.09
C LEU I 133 -67.88 26.37 -20.17
N GLU I 134 -68.15 26.03 -21.41
CA GLU I 134 -67.53 26.64 -22.56
C GLU I 134 -68.57 26.99 -23.59
N PHE I 135 -68.67 28.26 -23.91
CA PHE I 135 -69.69 28.70 -24.86
C PHE I 135 -69.17 28.82 -26.28
N THR I 136 -69.93 28.37 -27.25
CA THR I 136 -69.61 28.70 -28.61
C THR I 136 -70.06 30.14 -28.89
N ASP I 137 -69.79 30.65 -30.09
CA ASP I 137 -70.15 32.04 -30.43
C ASP I 137 -71.69 32.20 -30.43
N THR I 138 -72.41 31.11 -30.73
CA THR I 138 -73.87 31.08 -30.68
C THR I 138 -74.52 30.69 -29.33
N GLY I 139 -73.75 30.17 -28.36
CA GLY I 139 -74.29 29.83 -27.02
C GLY I 139 -74.59 30.98 -26.07
N ARG I 140 -75.65 30.84 -25.30
CA ARG I 140 -76.18 31.92 -24.44
C ARG I 140 -76.99 31.23 -23.33
N ILE I 141 -77.04 31.90 -22.21
CA ILE I 141 -77.90 31.49 -21.18
C ILE I 141 -78.79 32.70 -21.03
N LEU I 142 -80.05 32.54 -21.35
CA LEU I 142 -81.02 33.61 -21.15
C LEU I 142 -81.75 33.40 -19.84
N PRO I 143 -81.62 34.32 -18.88
CA PRO I 143 -82.25 34.26 -17.58
C PRO I 143 -83.79 34.17 -17.64
N ASP I 144 -84.41 33.62 -16.60
CA ASP I 144 -85.87 33.55 -16.54
C ASP I 144 -86.48 34.96 -16.49
N ALA I 145 -87.48 35.18 -17.34
CA ALA I 145 -88.16 36.46 -17.33
C ALA I 145 -89.19 36.51 -16.21
N ALA I 146 -89.66 35.34 -15.78
CA ALA I 146 -90.59 35.19 -14.63
C ALA I 146 -90.05 35.69 -13.28
N VAL I 147 -88.79 35.42 -12.96
CA VAL I 147 -88.26 35.82 -11.70
C VAL I 147 -86.77 36.11 -11.88
N ALA I 148 -86.29 37.11 -11.15
CA ALA I 148 -84.91 37.51 -11.18
C ALA I 148 -84.23 36.63 -10.21
N ARG I 149 -83.40 35.73 -10.72
CA ARG I 149 -82.62 34.84 -9.86
C ARG I 149 -81.15 34.77 -10.26
N GLN I 150 -80.35 33.98 -9.55
CA GLN I 150 -78.97 33.86 -9.92
C GLN I 150 -78.85 32.96 -11.17
N VAL I 151 -77.69 33.08 -11.85
CA VAL I 151 -77.48 32.29 -13.03
C VAL I 151 -76.51 31.13 -12.83
N LEU I 152 -75.26 31.44 -12.48
CA LEU I 152 -74.24 30.42 -12.22
C LEU I 152 -73.76 30.54 -10.78
N ASN I 153 -73.67 29.39 -10.16
CA ASN I 153 -73.24 29.32 -8.79
C ASN I 153 -72.05 28.46 -8.71
N ILE I 154 -71.03 28.93 -7.99
CA ILE I 154 -69.86 28.11 -7.73
C ILE I 154 -69.61 28.11 -6.22
N THR I 155 -70.21 27.15 -5.52
CA THR I 155 -70.24 27.22 -4.04
C THR I 155 -69.62 26.07 -3.25
N GLY I 156 -68.65 26.44 -2.45
CA GLY I 156 -68.12 25.53 -1.48
C GLY I 156 -68.89 25.81 -0.23
N SER I 157 -68.32 25.50 0.93
CA SER I 157 -68.89 25.86 2.22
C SER I 157 -67.82 25.99 3.22
N ALA I 158 -68.10 26.83 4.20
CA ALA I 158 -67.18 27.09 5.26
C ALA I 158 -67.18 25.88 6.17
N PRO I 159 -66.20 25.76 7.03
CA PRO I 159 -66.08 24.56 7.83
C PRO I 159 -67.16 24.46 8.92
N SER I 160 -67.69 23.23 9.07
CA SER I 160 -68.74 22.93 10.08
C SER I 160 -68.17 22.93 11.52
N VAL I 161 -66.90 22.62 11.68
CA VAL I 161 -66.32 22.55 12.98
C VAL I 161 -64.92 23.14 12.90
N PHE I 162 -64.52 23.83 13.97
CA PHE I 162 -63.19 24.41 14.10
C PHE I 162 -62.48 23.80 15.29
N VAL I 163 -61.15 23.64 15.22
CA VAL I 163 -60.27 23.19 16.33
C VAL I 163 -59.23 24.28 16.58
N PRO I 164 -58.82 24.47 17.81
CA PRO I 164 -57.86 25.55 18.04
C PRO I 164 -56.43 25.20 17.66
N LEU I 165 -55.62 26.23 17.48
CA LEU I 165 -54.25 26.05 17.11
C LEU I 165 -53.60 25.63 18.40
N ALA I 166 -52.61 24.74 18.31
CA ALA I 166 -51.85 24.28 19.46
C ALA I 166 -50.99 25.36 20.00
N ALA I 167 -50.51 26.24 19.13
CA ALA I 167 -49.59 27.33 19.52
C ALA I 167 -49.65 28.46 18.48
N ASP I 168 -49.24 29.64 18.94
CA ASP I 168 -49.19 30.82 18.11
C ASP I 168 -48.46 30.54 16.80
N ALA I 169 -48.91 31.26 15.77
CA ALA I 169 -48.33 31.19 14.44
C ALA I 169 -48.22 32.61 13.92
N ALA I 170 -46.99 33.12 13.87
CA ALA I 170 -46.78 34.49 13.44
C ALA I 170 -46.87 34.61 11.91
N ALA I 171 -46.97 35.86 11.46
CA ALA I 171 -47.06 36.13 10.04
C ALA I 171 -45.78 35.59 9.48
N GLY I 172 -45.86 34.91 8.36
CA GLY I 172 -44.65 34.31 7.79
C GLY I 172 -44.50 32.81 8.04
N SER I 173 -45.29 32.27 8.97
CA SER I 173 -45.27 30.85 9.26
C SER I 173 -45.58 29.94 8.07
N LYS I 174 -44.80 28.90 7.88
CA LYS I 174 -45.06 27.98 6.79
C LYS I 174 -45.92 26.85 7.27
N VAL I 175 -45.93 26.71 8.61
CA VAL I 175 -46.48 25.54 9.33
C VAL I 175 -47.43 26.02 10.42
N ILE I 176 -48.59 25.38 10.60
CA ILE I 176 -49.39 25.59 11.84
C ILE I 176 -49.50 24.28 12.59
N THR I 177 -49.75 24.37 13.90
CA THR I 177 -49.91 23.17 14.73
C THR I 177 -51.25 23.04 15.46
N VAL I 178 -51.79 21.83 15.47
CA VAL I 178 -52.96 21.50 16.25
C VAL I 178 -52.67 20.24 17.09
N ALA I 179 -53.56 19.96 18.03
CA ALA I 179 -53.48 18.74 18.80
C ALA I 179 -53.63 17.55 17.87
N ALA I 180 -52.74 16.58 18.05
CA ALA I 180 -52.76 15.40 17.23
C ALA I 180 -54.14 14.84 17.33
N GLY I 181 -54.66 14.37 16.24
CA GLY I 181 -55.99 13.80 16.25
C GLY I 181 -57.10 14.83 16.16
N ALA I 182 -56.84 16.10 16.51
CA ALA I 182 -57.89 17.13 16.52
C ALA I 182 -58.62 17.26 15.19
N LEU I 183 -57.90 17.19 14.07
CA LEU I 183 -58.53 17.17 12.74
C LEU I 183 -57.65 16.46 11.74
N SER I 184 -58.27 15.90 10.71
CA SER I 184 -57.55 15.18 9.68
C SER I 184 -57.15 16.14 8.53
N ALA I 185 -55.87 16.49 8.50
CA ALA I 185 -55.28 17.28 7.41
C ALA I 185 -54.86 16.38 6.26
N VAL I 186 -55.60 16.43 5.17
CA VAL I 186 -55.28 15.67 3.97
C VAL I 186 -54.58 16.57 2.93
N LYS I 187 -53.42 16.11 2.48
CA LYS I 187 -52.54 16.81 1.57
C LYS I 187 -53.25 17.03 0.27
N GLY I 188 -53.24 18.30 -0.17
CA GLY I 188 -53.92 18.70 -1.41
C GLY I 188 -55.28 19.37 -1.27
N THR I 189 -55.73 19.46 -0.03
CA THR I 189 -57.02 20.03 0.33
C THR I 189 -56.78 21.27 1.10
N TYR I 190 -57.84 21.97 1.47
CA TYR I 190 -57.64 23.27 2.07
C TYR I 190 -58.01 23.31 3.54
N LEU I 191 -57.59 24.37 4.19
CA LEU I 191 -57.94 24.71 5.55
C LEU I 191 -58.33 26.18 5.65
N TYR I 192 -59.29 26.51 6.51
CA TYR I 192 -59.78 27.88 6.74
C TYR I 192 -59.33 28.25 8.13
N LEU I 193 -58.62 29.35 8.29
CA LEU I 193 -58.08 29.78 9.58
C LEU I 193 -58.67 31.10 9.91
N ARG I 194 -58.86 31.38 11.19
CA ARG I 194 -59.40 32.68 11.59
C ARG I 194 -59.20 32.89 13.04
N SER I 195 -59.09 34.12 13.42
CA SER I 195 -58.91 34.46 14.78
C SER I 195 -59.95 35.57 15.06
N ASN I 196 -59.85 36.26 16.18
CA ASN I 196 -60.77 37.35 16.48
C ASN I 196 -60.07 38.63 16.24
N LYS I 197 -58.81 38.55 15.83
CA LYS I 197 -58.09 39.74 15.45
C LYS I 197 -58.83 40.42 14.27
N LEU I 198 -58.72 41.74 14.24
CA LEU I 198 -59.42 42.52 13.24
C LEU I 198 -58.61 42.69 11.97
N CYS I 199 -59.30 42.73 10.83
CA CYS I 199 -58.65 43.00 9.56
C CYS I 199 -57.93 44.33 9.69
N ASP I 200 -56.70 44.41 9.20
CA ASP I 200 -55.86 45.62 9.30
C ASP I 200 -55.52 46.28 7.95
N GLY I 201 -56.18 45.87 6.86
CA GLY I 201 -55.88 46.49 5.57
C GLY I 201 -56.24 47.97 5.58
N GLY I 202 -57.31 48.25 6.31
CA GLY I 202 -57.94 49.56 6.35
C GLY I 202 -58.65 49.86 7.63
N PRO I 203 -59.39 50.97 7.68
CA PRO I 203 -60.14 51.35 8.87
C PRO I 203 -61.08 50.30 9.42
N ASN I 204 -61.56 49.38 8.59
CA ASN I 204 -62.35 48.27 9.05
C ASN I 204 -63.36 48.74 10.08
N THR I 205 -64.31 49.53 9.63
CA THR I 205 -65.33 50.08 10.53
C THR I 205 -66.37 49.08 10.93
N TYR I 206 -66.76 48.17 10.06
CA TYR I 206 -67.65 47.09 10.49
C TYR I 206 -66.97 46.05 11.47
N GLY I 207 -65.71 46.27 11.86
CA GLY I 207 -64.94 45.30 12.68
C GLY I 207 -64.89 43.84 12.16
N VAL I 208 -64.51 43.67 10.90
CA VAL I 208 -64.38 42.35 10.32
C VAL I 208 -63.14 41.66 10.91
N LYS I 209 -63.26 40.34 11.03
CA LYS I 209 -62.22 39.55 11.60
C LYS I 209 -61.47 38.73 10.58
N ILE I 210 -60.18 38.56 10.87
CA ILE I 210 -59.25 37.91 9.96
C ILE I 210 -59.56 36.43 9.70
N SER I 211 -59.38 36.04 8.45
CA SER I 211 -59.41 34.67 8.05
C SER I 211 -58.52 34.52 6.81
N GLN I 212 -58.12 33.26 6.53
CA GLN I 212 -57.32 32.84 5.40
C GLN I 212 -57.65 31.44 4.97
N ILE I 213 -57.40 31.14 3.71
CA ILE I 213 -57.58 29.81 3.18
C ILE I 213 -56.20 29.36 2.67
N ARG I 214 -55.79 28.16 3.01
CA ARG I 214 -54.50 27.65 2.63
C ARG I 214 -54.66 26.23 2.17
N LYS I 215 -53.60 25.68 1.58
CA LYS I 215 -53.65 24.32 1.02
C LYS I 215 -52.64 23.49 1.79
N VAL I 216 -53.02 22.28 2.12
CA VAL I 216 -52.10 21.48 2.87
C VAL I 216 -51.15 20.84 1.88
N VAL I 217 -49.88 21.11 2.07
CA VAL I 217 -48.87 20.48 1.22
C VAL I 217 -48.00 19.51 2.01
N GLY I 218 -48.07 19.53 3.33
CA GLY I 218 -47.36 18.58 4.14
C GLY I 218 -47.94 18.45 5.53
N VAL I 219 -47.81 17.26 6.09
CA VAL I 219 -48.35 16.98 7.41
C VAL I 219 -47.48 16.00 8.20
N SER I 220 -47.20 16.32 9.44
CA SER I 220 -46.42 15.44 10.27
C SER I 220 -46.82 15.54 11.74
N THR I 221 -46.95 14.39 12.39
CA THR I 221 -47.26 14.34 13.81
C THR I 221 -46.13 13.77 14.65
N SER I 222 -45.93 14.39 15.81
CA SER I 222 -44.92 13.94 16.74
C SER I 222 -45.04 14.65 18.14
N GLY I 223 -45.24 13.82 19.18
CA GLY I 223 -45.33 14.33 20.54
C GLY I 223 -46.73 14.84 20.80
N GLY I 224 -47.74 14.17 20.23
CA GLY I 224 -49.14 14.60 20.34
C GLY I 224 -49.50 15.92 19.65
N VAL I 225 -48.64 16.39 18.74
CA VAL I 225 -48.84 17.62 18.00
C VAL I 225 -48.68 17.36 16.53
N THR I 226 -49.73 17.66 15.77
CA THR I 226 -49.61 17.59 14.32
C THR I 226 -49.08 18.91 13.69
N SER I 227 -48.07 18.84 12.83
CA SER I 227 -47.58 20.04 12.13
C SER I 227 -48.08 20.03 10.72
N ILE I 228 -48.73 21.12 10.35
CA ILE I 228 -49.27 21.22 9.02
C ILE I 228 -48.49 22.27 8.21
N ARG I 229 -47.98 21.83 7.08
CA ARG I 229 -47.24 22.73 6.22
C ARG I 229 -48.21 23.19 5.16
N LEU I 230 -48.22 24.50 5.02
CA LEU I 230 -49.08 25.16 4.06
C LEU I 230 -48.33 25.63 2.82
N ASP I 231 -49.05 25.61 1.69
CA ASP I 231 -48.57 26.15 0.40
C ASP I 231 -48.01 27.53 0.52
N LYS I 232 -48.75 28.45 1.13
CA LYS I 232 -48.28 29.84 1.28
C LYS I 232 -48.19 30.18 2.73
N THR I 233 -47.32 31.09 3.09
CA THR I 233 -47.27 31.49 4.46
C THR I 233 -48.51 32.25 4.93
N LEU I 234 -48.58 32.50 6.24
CA LEU I 234 -49.69 33.21 6.84
C LEU I 234 -49.44 34.68 6.74
N HIS I 235 -50.50 35.47 6.56
CA HIS I 235 -50.31 36.95 6.43
C HIS I 235 -50.63 37.81 7.62
N TYR I 236 -51.12 37.19 8.68
CA TYR I 236 -51.45 37.86 9.96
C TYR I 236 -50.80 37.07 11.08
N ASN I 237 -50.83 37.60 12.30
CA ASN I 237 -50.46 36.84 13.50
C ASN I 237 -51.66 36.14 14.09
N TYR I 238 -51.67 34.80 14.01
CA TYR I 238 -52.71 33.97 14.61
C TYR I 238 -52.29 33.56 16.04
N TYR I 239 -52.81 34.28 17.03
CA TYR I 239 -52.48 34.09 18.40
C TYR I 239 -53.56 33.31 19.14
N LEU I 240 -53.14 32.67 20.24
CA LEU I 240 -54.07 31.90 21.10
C LEU I 240 -54.95 32.84 21.92
N SER I 241 -54.34 33.94 22.30
CA SER I 241 -55.09 35.00 22.89
C SER I 241 -56.24 35.51 21.97
N ASP I 242 -56.21 35.22 20.67
CA ASP I 242 -57.31 35.65 19.77
C ASP I 242 -58.18 34.44 19.40
N ALA I 243 -58.14 33.37 20.18
CA ALA I 243 -58.90 32.17 19.82
C ALA I 243 -58.62 31.62 18.43
N ALA I 244 -57.38 31.74 17.95
CA ALA I 244 -57.07 31.27 16.60
C ALA I 244 -57.52 29.82 16.48
N GLU I 245 -58.22 29.48 15.40
CA GLU I 245 -58.81 28.16 15.24
C GLU I 245 -58.70 27.78 13.80
N VAL I 246 -58.98 26.54 13.45
CA VAL I 246 -58.87 26.16 12.08
C VAL I 246 -59.80 25.04 11.75
N GLY I 247 -60.31 24.99 10.52
CA GLY I 247 -61.21 23.91 10.13
C GLY I 247 -61.12 23.63 8.66
N ILE I 248 -61.76 22.57 8.21
CA ILE I 248 -61.70 22.14 6.84
C ILE I 248 -62.90 22.59 6.01
N PRO I 249 -62.74 23.68 5.23
CA PRO I 249 -63.79 24.12 4.35
C PRO I 249 -63.93 23.15 3.24
N THR I 250 -65.11 23.06 2.63
CA THR I 250 -65.35 22.33 1.39
C THR I 250 -65.21 23.35 0.24
N MET I 251 -64.17 23.21 -0.58
CA MET I 251 -63.90 24.17 -1.67
C MET I 251 -64.41 23.58 -2.98
N VAL I 252 -64.89 24.41 -3.90
CA VAL I 252 -65.07 23.99 -5.28
C VAL I 252 -63.83 24.40 -6.02
N GLU I 253 -63.10 23.46 -6.59
CA GLU I 253 -61.83 23.84 -7.23
C GLU I 253 -61.67 23.46 -8.67
N ASN I 254 -60.89 24.31 -9.36
CA ASN I 254 -60.49 24.08 -10.74
C ASN I 254 -61.68 24.22 -11.69
N VAL I 255 -62.32 25.36 -11.67
CA VAL I 255 -63.46 25.61 -12.54
C VAL I 255 -63.07 26.64 -13.62
N THR I 256 -63.54 26.41 -14.83
CA THR I 256 -63.21 27.28 -15.91
C THR I 256 -64.47 27.58 -16.68
N LEU I 257 -64.74 28.85 -16.78
CA LEU I 257 -65.88 29.39 -17.54
C LEU I 257 -65.35 30.10 -18.78
N VAL I 258 -65.67 29.55 -19.93
CA VAL I 258 -65.11 30.03 -21.19
C VAL I 258 -66.18 30.75 -22.00
N SER I 259 -66.04 32.07 -22.04
CA SER I 259 -66.89 32.97 -22.83
C SER I 259 -68.32 32.85 -22.41
N PRO I 260 -68.55 32.95 -21.11
CA PRO I 260 -69.95 32.93 -20.69
C PRO I 260 -70.72 34.10 -21.25
N TYR I 261 -71.83 33.79 -21.91
CA TYR I 261 -72.80 34.77 -22.45
C TYR I 261 -74.13 34.75 -21.66
N ILE I 262 -74.26 35.63 -20.68
CA ILE I 262 -75.45 35.71 -19.85
C ILE I 262 -76.38 36.89 -20.22
N ASN I 263 -77.57 36.57 -20.65
CA ASN I 263 -78.49 37.57 -21.19
C ASN I 263 -78.00 38.12 -22.53
N GLU I 264 -78.85 38.93 -23.14
CA GLU I 264 -78.65 39.39 -24.46
C GLU I 264 -79.28 40.75 -24.55
N PHE I 265 -78.82 41.61 -25.44
CA PHE I 265 -79.45 42.91 -25.67
C PHE I 265 -80.89 42.78 -26.12
N GLY I 266 -81.72 43.71 -25.66
CA GLY I 266 -83.16 43.63 -25.84
C GLY I 266 -83.84 42.95 -24.64
N TYR I 267 -83.07 42.56 -23.64
CA TYR I 267 -83.58 41.94 -22.45
C TYR I 267 -84.64 42.86 -21.79
N ASP I 268 -84.36 44.15 -21.76
CA ASP I 268 -85.22 45.11 -21.09
C ASP I 268 -86.62 45.25 -21.70
N ASP I 269 -86.78 44.94 -22.97
CA ASP I 269 -88.11 44.88 -23.58
C ASP I 269 -88.92 43.69 -23.15
N LEU I 270 -88.30 42.65 -22.60
CA LEU I 270 -89.00 41.41 -22.16
C LEU I 270 -89.01 41.28 -20.67
N ASN I 271 -88.52 42.31 -20.01
CA ASN I 271 -88.36 42.32 -18.57
C ASN I 271 -87.70 41.06 -18.05
N ARG I 272 -86.59 40.74 -18.73
CA ARG I 272 -85.75 39.58 -18.45
C ARG I 272 -84.43 39.96 -17.75
N PHE I 273 -84.33 39.69 -16.44
CA PHE I 273 -83.23 40.08 -15.59
C PHE I 273 -82.71 38.93 -14.73
N PHE I 274 -81.93 39.26 -13.72
CA PHE I 274 -81.31 38.25 -12.89
C PHE I 274 -80.66 39.01 -11.77
N THR I 275 -80.19 38.33 -10.74
CA THR I 275 -79.61 39.05 -9.61
C THR I 275 -78.10 39.16 -9.71
N ILE I 276 -77.44 38.03 -9.54
CA ILE I 276 -76.04 37.95 -9.69
C ILE I 276 -75.77 36.96 -10.77
N GLY I 277 -74.81 37.30 -11.65
CA GLY I 277 -74.54 36.51 -12.87
C GLY I 277 -73.73 35.28 -12.59
N ILE I 278 -72.60 35.47 -11.95
CA ILE I 278 -71.80 34.36 -11.54
C ILE I 278 -71.32 34.63 -10.17
N SER I 279 -71.85 33.83 -9.25
CA SER I 279 -71.51 33.96 -7.83
C SER I 279 -70.64 32.76 -7.41
N ALA I 280 -69.58 33.06 -6.69
CA ALA I 280 -68.74 32.06 -6.17
C ALA I 280 -68.35 32.35 -4.75
N ASN I 281 -68.39 31.27 -3.99
CA ASN I 281 -68.01 31.27 -2.60
C ASN I 281 -67.26 29.96 -2.31
N PHE I 282 -66.10 30.14 -1.71
CA PHE I 282 -65.16 29.08 -1.39
C PHE I 282 -64.62 28.33 -2.59
N ALA I 283 -64.10 29.11 -3.54
CA ALA I 283 -63.60 28.48 -4.77
C ALA I 283 -62.13 28.78 -4.96
N ALA I 284 -61.47 27.80 -5.54
CA ALA I 284 -60.05 27.87 -5.78
C ALA I 284 -59.81 27.59 -7.25
N ASP I 285 -59.00 28.43 -7.85
CA ASP I 285 -58.69 28.22 -9.23
C ASP I 285 -59.90 28.32 -10.13
N LEU I 286 -60.68 29.36 -9.90
CA LEU I 286 -61.82 29.61 -10.71
C LEU I 286 -61.29 30.63 -11.68
N HIS I 287 -61.50 30.35 -12.96
CA HIS I 287 -60.99 31.24 -13.99
C HIS I 287 -62.07 31.53 -14.98
N ILE I 288 -62.40 32.81 -15.11
CA ILE I 288 -63.43 33.21 -16.06
C ILE I 288 -62.75 33.95 -17.20
N GLN I 289 -63.01 33.51 -18.42
CA GLN I 289 -62.32 34.05 -19.57
C GLN I 289 -63.29 34.62 -20.53
N ASP I 290 -63.11 35.88 -20.84
CA ASP I 290 -63.93 36.55 -21.84
C ASP I 290 -65.39 36.54 -21.44
N GLY I 291 -66.24 36.46 -22.45
CA GLY I 291 -67.67 36.50 -22.28
C GLY I 291 -68.26 37.87 -22.05
N VAL I 292 -69.58 37.89 -22.00
CA VAL I 292 -70.35 39.12 -21.83
C VAL I 292 -71.50 38.86 -20.91
N ILE I 293 -71.74 39.82 -20.04
CA ILE I 293 -72.82 39.74 -19.03
C ILE I 293 -73.69 41.02 -19.05
N ILE I 294 -74.90 40.88 -19.52
CA ILE I 294 -75.78 42.01 -19.72
C ILE I 294 -77.08 42.05 -18.90
N GLY I 295 -77.37 43.24 -18.43
CA GLY I 295 -78.70 43.58 -17.99
C GLY I 295 -79.41 42.87 -16.88
N ASN I 296 -79.02 43.19 -15.65
CA ASN I 296 -79.72 42.80 -14.45
C ASN I 296 -80.38 44.10 -13.86
N LYS I 297 -80.41 45.16 -14.66
CA LYS I 297 -81.08 46.40 -14.35
C LYS I 297 -81.43 46.97 -15.69
N ARG I 298 -82.30 47.95 -15.75
CA ARG I 298 -82.62 48.51 -17.05
C ARG I 298 -81.60 49.54 -17.43
N PRO I 299 -81.38 49.76 -18.71
CA PRO I 299 -80.41 50.72 -19.17
C PRO I 299 -80.46 52.08 -18.46
N GLY I 300 -79.38 52.51 -17.88
CA GLY I 300 -79.35 53.83 -17.27
C GLY I 300 -80.20 53.97 -16.02
N ALA I 301 -80.80 52.88 -15.57
CA ALA I 301 -81.63 52.87 -14.38
C ALA I 301 -80.80 52.96 -13.16
N SER I 302 -81.44 53.04 -12.01
CA SER I 302 -80.67 53.20 -10.76
C SER I 302 -80.19 51.87 -10.19
N ASP I 303 -79.31 51.94 -9.21
CA ASP I 303 -78.64 50.74 -8.73
C ASP I 303 -79.57 49.81 -8.02
N ILE I 304 -79.20 48.56 -7.94
CA ILE I 304 -79.96 47.59 -7.20
C ILE I 304 -78.99 46.85 -6.33
N GLU I 305 -79.16 46.96 -5.01
CA GLU I 305 -78.20 46.39 -4.06
C GLU I 305 -77.98 44.93 -4.33
N GLY I 306 -76.74 44.53 -4.23
CA GLY I 306 -76.37 43.14 -4.37
C GLY I 306 -76.38 42.55 -5.74
N ARG I 307 -76.91 43.23 -6.75
CA ARG I 307 -76.99 42.64 -8.09
C ARG I 307 -75.71 42.87 -8.90
N SER I 308 -74.62 42.24 -8.45
CA SER I 308 -73.31 42.38 -9.05
C SER I 308 -73.26 41.39 -10.19
N ALA I 309 -72.43 41.64 -11.21
CA ALA I 309 -72.34 40.65 -12.32
C ALA I 309 -71.57 39.37 -11.95
N ILE I 310 -70.41 39.58 -11.34
CA ILE I 310 -69.56 38.52 -10.86
C ILE I 310 -69.16 38.76 -9.42
N LYS I 311 -69.29 37.70 -8.63
CA LYS I 311 -68.99 37.80 -7.23
C LYS I 311 -68.07 36.75 -6.71
N PHE I 312 -67.01 37.21 -6.08
CA PHE I 312 -66.03 36.31 -5.54
C PHE I 312 -65.97 36.58 -4.06
N ASN I 313 -66.43 35.58 -3.35
CA ASN I 313 -66.36 35.54 -1.90
C ASN I 313 -65.54 34.34 -1.44
N ASN I 314 -64.57 34.60 -0.56
CA ASN I 314 -63.61 33.57 -0.11
C ASN I 314 -63.13 32.69 -1.22
N CYS I 315 -62.55 33.33 -2.23
CA CYS I 315 -62.06 32.63 -3.42
C CYS I 315 -60.58 32.72 -3.44
N VAL I 316 -59.92 31.64 -3.75
CA VAL I 316 -58.48 31.76 -3.91
C VAL I 316 -58.05 31.53 -5.34
N ASP I 317 -56.97 32.23 -5.69
CA ASP I 317 -56.25 32.07 -6.96
C ASP I 317 -57.23 32.07 -8.12
N SER I 318 -58.18 32.98 -8.07
CA SER I 318 -59.22 33.06 -9.07
C SER I 318 -59.12 34.35 -9.87
N THR I 319 -59.72 34.35 -11.03
CA THR I 319 -59.51 35.46 -11.93
C THR I 319 -60.62 35.69 -12.92
N VAL I 320 -60.75 36.94 -13.30
CA VAL I 320 -61.57 37.29 -14.48
C VAL I 320 -60.71 37.91 -15.55
N LYS I 321 -60.85 37.46 -16.77
CA LYS I 321 -60.03 38.02 -17.84
C LYS I 321 -60.83 38.30 -19.10
N GLY I 322 -60.90 39.58 -19.44
CA GLY I 322 -61.51 40.06 -20.67
C GLY I 322 -63.00 40.10 -20.76
N THR I 323 -63.68 39.90 -19.65
CA THR I 323 -65.14 39.89 -19.71
C THR I 323 -65.67 41.29 -19.90
N CYS I 324 -66.69 41.40 -20.75
CA CYS I 324 -67.42 42.69 -20.96
C CYS I 324 -68.71 42.75 -20.06
N PHE I 325 -68.94 43.86 -19.37
CA PHE I 325 -70.16 44.10 -18.58
C PHE I 325 -70.92 45.27 -19.12
N TYR I 326 -72.21 45.06 -19.37
CA TYR I 326 -73.12 46.13 -19.74
C TYR I 326 -74.39 46.21 -18.83
N ASN I 327 -74.68 47.35 -18.24
CA ASN I 327 -76.01 47.55 -17.62
C ASN I 327 -76.19 46.62 -16.41
N ILE I 328 -75.48 46.94 -15.34
CA ILE I 328 -75.43 46.10 -14.17
C ILE I 328 -75.83 46.87 -12.94
N GLY I 329 -76.77 46.31 -12.17
CA GLY I 329 -77.35 46.99 -10.96
C GLY I 329 -76.35 47.38 -9.90
N TRP I 330 -75.36 46.52 -9.72
CA TRP I 330 -74.37 46.65 -8.64
C TRP I 330 -72.91 46.67 -9.24
N TYR I 331 -72.02 45.80 -8.81
CA TYR I 331 -70.66 45.80 -9.26
C TYR I 331 -70.43 44.85 -10.44
N GLY I 332 -69.40 45.17 -11.20
CA GLY I 332 -68.98 44.32 -12.29
C GLY I 332 -68.33 43.07 -11.73
N VAL I 333 -67.27 43.29 -10.96
CA VAL I 333 -66.60 42.25 -10.27
C VAL I 333 -66.51 42.63 -8.82
N GLU I 334 -67.14 41.83 -7.96
CA GLU I 334 -67.14 42.14 -6.55
C GLU I 334 -66.23 41.14 -5.93
N VAL I 335 -65.32 41.61 -5.11
CA VAL I 335 -64.44 40.70 -4.42
C VAL I 335 -64.58 40.94 -2.96
N LEU I 336 -64.86 39.89 -2.20
CA LEU I 336 -64.99 40.03 -0.72
C LEU I 336 -64.68 38.76 0.10
N GLY I 337 -64.64 38.87 1.42
CA GLY I 337 -64.18 37.74 2.21
C GLY I 337 -62.67 37.64 2.13
N CYS I 338 -62.12 36.45 2.38
CA CYS I 338 -60.64 36.35 2.36
C CYS I 338 -60.18 35.83 1.00
N SER I 339 -60.65 36.50 -0.02
CA SER I 339 -60.27 36.16 -1.35
C SER I 339 -58.86 36.64 -1.52
N GLU I 340 -57.97 35.68 -1.85
CA GLU I 340 -56.55 35.90 -1.88
C GLU I 340 -56.03 35.56 -3.23
N ASP I 341 -55.13 36.38 -3.71
CA ASP I 341 -54.54 36.17 -5.01
C ASP I 341 -55.52 36.23 -6.16
N THR I 342 -56.20 37.35 -6.31
CA THR I 342 -57.31 37.49 -7.29
C THR I 342 -56.84 38.45 -8.35
N GLU I 343 -57.16 38.16 -9.59
CA GLU I 343 -56.73 39.06 -10.66
C GLU I 343 -57.91 39.39 -11.57
N VAL I 344 -58.07 40.66 -11.90
CA VAL I 344 -59.04 41.02 -12.91
C VAL I 344 -58.27 41.69 -13.96
N HIS I 345 -58.41 41.17 -15.18
CA HIS I 345 -57.62 41.58 -16.35
C HIS I 345 -58.52 41.98 -17.48
N ASP I 346 -58.17 43.11 -18.08
CA ASP I 346 -58.70 43.46 -19.39
C ASP I 346 -60.18 43.41 -19.50
N ILE I 347 -60.93 43.87 -18.51
CA ILE I 347 -62.40 43.85 -18.60
C ILE I 347 -62.87 45.21 -19.06
N HIS I 348 -64.03 45.21 -19.70
CA HIS I 348 -64.71 46.47 -20.06
C HIS I 348 -66.06 46.53 -19.39
N ALA I 349 -66.29 47.56 -18.61
CA ALA I 349 -67.59 47.70 -17.87
C ALA I 349 -68.31 49.01 -18.22
N MET I 350 -69.52 48.87 -18.69
CA MET I 350 -70.32 50.04 -19.13
C MET I 350 -71.68 50.07 -18.43
N ASP I 351 -71.92 51.14 -17.69
CA ASP I 351 -73.22 51.38 -16.94
C ASP I 351 -73.42 50.36 -15.82
N VAL I 352 -72.64 50.54 -14.77
CA VAL I 352 -72.59 49.67 -13.64
C VAL I 352 -72.19 50.59 -12.50
N ARG I 353 -72.35 50.14 -11.28
CA ARG I 353 -72.13 51.04 -10.15
C ARG I 353 -70.63 51.27 -9.96
N HIS I 354 -69.92 50.13 -9.92
CA HIS I 354 -68.46 50.04 -9.82
C HIS I 354 -68.07 48.96 -10.80
N ALA I 355 -67.01 49.14 -11.59
CA ALA I 355 -66.50 48.09 -12.48
C ALA I 355 -65.93 47.00 -11.62
N ILE I 356 -65.13 47.43 -10.65
CA ILE I 356 -64.53 46.55 -9.71
C ILE I 356 -64.69 47.09 -8.32
N SER I 357 -65.08 46.22 -7.41
CA SER I 357 -65.06 46.63 -6.03
C SER I 357 -64.63 45.57 -5.03
N LEU I 358 -63.60 45.92 -4.28
CA LEU I 358 -63.26 45.12 -3.12
C LEU I 358 -64.22 45.57 -2.03
N ASN I 359 -65.09 44.66 -1.63
CA ASN I 359 -66.03 44.93 -0.55
C ASN I 359 -65.63 44.61 0.92
N TRP I 360 -66.50 45.08 1.82
CA TRP I 360 -66.48 44.72 3.24
C TRP I 360 -67.63 43.76 3.54
N GLN I 361 -67.86 43.46 4.80
CA GLN I 361 -69.07 42.68 5.18
C GLN I 361 -69.72 43.33 6.43
N SER I 362 -71.03 43.54 6.28
CA SER I 362 -71.83 44.15 7.31
C SER I 362 -71.97 43.13 8.49
N THR I 363 -71.50 43.56 9.67
CA THR I 363 -71.57 42.78 10.89
C THR I 363 -72.81 43.15 11.73
N ALA I 364 -73.78 43.80 11.08
CA ALA I 364 -75.03 44.22 11.72
C ALA I 364 -75.81 43.05 12.30
N ASP I 365 -75.74 41.92 11.63
CA ASP I 365 -76.43 40.73 12.06
C ASP I 365 -75.47 39.61 12.52
N GLY I 366 -74.27 40.00 12.97
CA GLY I 366 -73.28 39.03 13.52
C GLY I 366 -71.86 39.28 13.09
N ASP I 367 -70.96 38.42 13.56
CA ASP I 367 -69.56 38.45 13.19
C ASP I 367 -69.29 38.03 11.76
N LYS I 368 -68.21 38.57 11.21
CA LYS I 368 -67.86 38.31 9.83
C LYS I 368 -66.36 38.21 9.74
N TRP I 369 -65.89 37.28 8.88
CA TRP I 369 -64.43 37.03 8.70
C TRP I 369 -63.85 37.18 7.29
N GLY I 370 -62.80 37.98 7.15
CA GLY I 370 -62.05 38.02 5.86
C GLY I 370 -62.00 39.35 5.10
N GLU I 371 -60.78 39.82 4.86
CA GLU I 371 -60.53 40.88 3.91
C GLU I 371 -59.79 40.34 2.70
N PRO I 372 -59.97 40.95 1.50
CA PRO I 372 -59.17 40.53 0.38
C PRO I 372 -57.73 40.84 0.60
N ILE I 373 -56.88 39.89 0.20
CA ILE I 373 -55.44 40.07 0.23
C ILE I 373 -54.91 39.78 -1.18
N GLU I 374 -54.00 40.63 -1.68
CA GLU I 374 -53.37 40.40 -2.98
C GLU I 374 -54.38 40.46 -4.08
N PHE I 375 -54.61 41.70 -4.51
CA PHE I 375 -55.53 41.95 -5.59
C PHE I 375 -54.84 42.72 -6.67
N LEU I 376 -55.13 42.32 -7.89
CA LEU I 376 -54.61 43.01 -9.03
C LEU I 376 -55.70 43.30 -10.07
N GLY I 377 -55.86 44.59 -10.37
CA GLY I 377 -56.64 44.99 -11.55
C GLY I 377 -55.70 45.55 -12.61
N VAL I 378 -55.73 44.98 -13.82
CA VAL I 378 -54.80 45.42 -14.83
C VAL I 378 -55.46 45.54 -16.17
N ASN I 379 -55.17 46.64 -16.81
CA ASN I 379 -55.72 46.98 -18.10
C ASN I 379 -57.27 46.95 -18.14
N CYS I 380 -57.91 47.64 -17.22
CA CYS I 380 -59.37 47.54 -17.14
C CYS I 380 -59.96 48.89 -17.45
N GLU I 381 -61.11 48.87 -18.09
CA GLU I 381 -61.75 50.06 -18.66
C GLU I 381 -63.22 50.20 -18.14
N ALA I 382 -63.48 51.34 -17.53
CA ALA I 382 -64.79 51.63 -16.97
C ALA I 382 -65.38 52.84 -17.65
N TYR I 383 -66.56 52.66 -18.19
CA TYR I 383 -67.35 53.74 -18.75
C TYR I 383 -68.68 54.01 -18.00
N SER I 384 -68.88 55.23 -17.59
CA SER I 384 -70.18 55.62 -17.09
C SER I 384 -70.65 54.88 -15.86
N THR I 385 -69.82 54.88 -14.85
CA THR I 385 -70.18 54.27 -13.62
C THR I 385 -71.08 55.22 -12.82
N THR I 386 -72.11 54.69 -12.18
CA THR I 386 -72.99 55.46 -11.27
C THR I 386 -72.29 55.81 -9.96
N GLN I 387 -71.25 55.07 -9.62
CA GLN I 387 -70.35 55.38 -8.51
C GLN I 387 -68.90 55.32 -9.01
N ALA I 388 -67.93 55.25 -8.15
CA ALA I 388 -66.58 55.19 -8.64
C ALA I 388 -66.41 54.08 -9.64
N GLY I 389 -65.44 54.24 -10.56
CA GLY I 389 -65.08 53.18 -11.53
C GLY I 389 -64.42 51.98 -10.89
N PHE I 390 -63.46 52.27 -10.04
CA PHE I 390 -62.68 51.26 -9.42
C PHE I 390 -62.63 51.60 -7.95
N ASP I 391 -63.00 50.63 -7.11
CA ASP I 391 -63.27 51.00 -5.75
C ASP I 391 -62.87 49.92 -4.76
N THR I 392 -62.40 50.29 -3.59
CA THR I 392 -62.27 49.34 -2.47
C THR I 392 -63.08 49.88 -1.31
N HIS I 393 -63.60 49.00 -0.44
CA HIS I 393 -64.18 49.43 0.83
C HIS I 393 -63.10 49.57 1.91
N ASP I 394 -63.42 49.50 3.22
CA ASP I 394 -62.39 49.82 4.27
C ASP I 394 -61.49 48.72 4.79
N ILE I 395 -61.50 47.59 4.13
CA ILE I 395 -60.59 46.51 4.45
C ILE I 395 -59.93 46.09 3.15
N GLY I 396 -58.81 45.38 3.27
CA GLY I 396 -58.09 44.87 2.10
C GLY I 396 -56.64 45.20 2.19
N LYS I 397 -55.83 44.24 1.79
CA LYS I 397 -54.38 44.39 1.88
C LYS I 397 -53.76 44.08 0.49
N ARG I 398 -52.78 44.91 0.12
CA ARG I 398 -52.00 44.73 -1.09
C ARG I 398 -52.84 44.76 -2.31
N VAL I 399 -53.48 45.90 -2.51
CA VAL I 399 -54.44 46.07 -3.61
C VAL I 399 -53.70 46.87 -4.60
N LYS I 400 -53.76 46.51 -5.86
CA LYS I 400 -52.98 47.20 -6.85
C LYS I 400 -53.80 47.45 -8.12
N PHE I 401 -53.79 48.68 -8.58
CA PHE I 401 -54.39 48.98 -9.91
C PHE I 401 -53.29 49.36 -10.90
N VAL I 402 -53.28 48.68 -12.03
CA VAL I 402 -52.25 48.87 -13.05
C VAL I 402 -52.84 49.12 -14.40
N ARG I 403 -52.54 50.30 -14.93
CA ARG I 403 -53.06 50.75 -16.25
C ARG I 403 -54.56 50.66 -16.43
N CYS I 404 -55.30 51.00 -15.41
CA CYS I 404 -56.75 50.94 -15.50
C CYS I 404 -57.27 52.34 -15.85
N VAL I 405 -58.36 52.40 -16.61
CA VAL I 405 -58.90 53.67 -17.01
C VAL I 405 -60.37 53.79 -16.69
N SER I 406 -60.76 54.99 -16.26
CA SER I 406 -62.15 55.32 -15.92
C SER I 406 -62.60 56.55 -16.68
N TYR I 407 -63.71 56.43 -17.37
CA TYR I 407 -64.28 57.50 -18.16
C TYR I 407 -65.64 57.91 -17.63
N ASP I 408 -65.82 59.19 -17.43
CA ASP I 408 -67.15 59.73 -17.13
C ASP I 408 -67.90 59.09 -15.94
N SER I 409 -67.22 58.96 -14.80
CA SER I 409 -67.86 58.48 -13.57
C SER I 409 -68.77 59.54 -12.98
N ALA I 410 -69.90 59.11 -12.44
CA ALA I 410 -70.76 60.02 -11.69
C ALA I 410 -70.21 60.32 -10.34
N ALA I 411 -69.17 59.60 -9.93
CA ALA I 411 -68.49 59.87 -8.68
C ALA I 411 -66.98 60.06 -8.92
N ALA I 412 -66.11 59.31 -8.27
CA ALA I 412 -64.69 59.36 -8.56
C ALA I 412 -64.35 58.37 -9.64
N GLY I 413 -63.21 58.50 -10.29
CA GLY I 413 -62.81 57.48 -11.26
C GLY I 413 -62.39 56.29 -10.41
N PHE I 414 -61.52 56.61 -9.45
CA PHE I 414 -60.95 55.67 -8.51
C PHE I 414 -61.16 56.08 -7.04
N GLN I 415 -61.67 55.14 -6.27
CA GLN I 415 -61.86 55.38 -4.85
C GLN I 415 -61.17 54.33 -4.02
N ALA I 416 -60.25 54.80 -3.18
CA ALA I 416 -59.54 53.95 -2.24
C ALA I 416 -60.15 54.20 -0.89
N ARG I 417 -60.70 53.14 -0.29
CA ARG I 417 -61.19 53.21 1.10
C ARG I 417 -60.43 52.30 2.13
N THR I 418 -59.39 51.62 1.66
CA THR I 418 -58.52 50.82 2.49
C THR I 418 -57.14 51.43 2.36
N ASN I 419 -56.20 51.10 3.22
CA ASN I 419 -54.98 51.88 3.24
C ASN I 419 -53.97 51.42 2.18
N GLY I 420 -53.06 52.33 1.82
CA GLY I 420 -51.98 52.06 0.89
C GLY I 420 -52.32 51.39 -0.42
N VAL I 421 -53.50 51.67 -0.99
CA VAL I 421 -53.79 51.25 -2.39
C VAL I 421 -52.81 51.90 -3.39
N GLU I 422 -52.21 51.07 -4.25
CA GLU I 422 -51.16 51.51 -5.19
C GLU I 422 -51.75 51.56 -6.58
N TYR I 423 -51.51 52.67 -7.25
CA TYR I 423 -51.96 52.81 -8.62
C TYR I 423 -50.76 53.10 -9.51
N LEU I 424 -50.64 52.32 -10.60
CA LEU I 424 -49.54 52.46 -11.57
C LEU I 424 -50.09 52.72 -12.92
N ASN I 425 -49.77 53.91 -13.42
CA ASN I 425 -50.20 54.36 -14.73
C ASN I 425 -51.70 54.38 -15.00
N CYS I 426 -52.47 54.74 -14.00
CA CYS I 426 -53.89 54.78 -14.20
C CYS I 426 -54.36 56.10 -14.75
N ARG I 427 -55.53 56.02 -15.37
CA ARG I 427 -56.14 57.16 -16.01
C ARG I 427 -57.60 57.40 -15.58
N ALA I 428 -57.88 58.59 -15.12
CA ALA I 428 -59.26 59.03 -14.88
C ALA I 428 -59.64 60.27 -15.73
N TYR I 429 -60.63 60.11 -16.60
CA TYR I 429 -61.19 61.20 -17.43
C TYR I 429 -62.58 61.61 -16.97
N ARG I 430 -62.77 62.91 -16.85
CA ARG I 430 -64.13 63.52 -16.73
C ARG I 430 -65.01 62.96 -15.64
N ALA I 431 -64.45 62.72 -14.49
CA ALA I 431 -65.26 62.21 -13.43
C ALA I 431 -65.97 63.39 -12.82
N ALA I 432 -67.26 63.16 -12.49
CA ALA I 432 -68.10 64.18 -11.84
C ALA I 432 -67.45 64.79 -10.60
N MET I 433 -66.67 64.03 -9.84
CA MET I 433 -65.96 64.56 -8.66
C MET I 433 -64.44 64.55 -8.85
N ASP I 434 -63.73 63.56 -8.30
CA ASP I 434 -62.28 63.52 -8.44
C ASP I 434 -61.86 62.39 -9.31
N GLY I 435 -60.72 62.53 -9.96
CA GLY I 435 -60.19 61.41 -10.73
C GLY I 435 -59.89 60.26 -9.81
N PHE I 436 -59.08 60.58 -8.83
CA PHE I 436 -58.68 59.65 -7.82
C PHE I 436 -58.96 60.31 -6.46
N ALA I 437 -59.58 59.55 -5.57
CA ALA I 437 -59.71 60.08 -4.21
C ALA I 437 -59.68 58.97 -3.20
N SER I 438 -59.26 59.32 -1.99
CA SER I 438 -59.38 58.38 -0.87
C SER I 438 -60.67 58.81 -0.15
N ASN I 439 -60.69 58.68 1.18
CA ASN I 439 -61.90 58.98 1.92
C ASN I 439 -61.62 59.09 3.36
N THR I 440 -62.67 59.27 4.13
CA THR I 440 -62.56 59.47 5.59
C THR I 440 -61.72 58.36 6.31
N GLY I 441 -60.67 58.83 6.99
CA GLY I 441 -59.78 57.99 7.75
C GLY I 441 -58.86 57.14 6.92
N VAL I 442 -58.88 57.28 5.59
CA VAL I 442 -58.09 56.41 4.73
C VAL I 442 -56.71 57.01 4.64
N ALA I 443 -55.71 56.14 4.69
CA ALA I 443 -54.31 56.58 4.71
C ALA I 443 -53.50 56.23 3.44
N PHE I 444 -52.71 57.23 3.05
CA PHE I 444 -51.69 57.22 2.01
C PHE I 444 -51.82 56.25 0.86
N PRO I 445 -52.72 56.57 -0.05
CA PRO I 445 -52.67 55.88 -1.33
C PRO I 445 -51.40 56.28 -2.07
N ILE I 446 -50.96 55.43 -2.98
CA ILE I 446 -49.80 55.75 -3.78
C ILE I 446 -50.17 55.81 -5.24
N TYR I 447 -49.95 57.00 -5.83
CA TYR I 447 -50.27 57.28 -7.21
C TYR I 447 -48.94 57.37 -7.93
N ARG I 448 -48.66 56.48 -8.91
CA ARG I 448 -47.42 56.51 -9.71
C ARG I 448 -47.65 56.70 -11.18
N GLU I 449 -47.28 57.86 -11.69
CA GLU I 449 -47.41 58.12 -13.12
C GLU I 449 -48.88 58.00 -13.56
N CYS I 450 -49.75 58.46 -12.68
CA CYS I 450 -51.16 58.49 -12.98
C CYS I 450 -51.59 59.80 -13.61
N LEU I 451 -52.58 59.71 -14.51
CA LEU I 451 -53.11 60.85 -15.30
C LEU I 451 -54.62 61.14 -15.13
N ALA I 452 -54.91 62.36 -14.73
CA ALA I 452 -56.27 62.75 -14.47
C ALA I 452 -56.64 63.89 -15.43
N TYR I 453 -57.62 63.67 -16.28
CA TYR I 453 -58.07 64.67 -17.28
C TYR I 453 -59.50 65.13 -17.04
N ASP I 454 -59.64 66.44 -16.82
CA ASP I 454 -60.94 67.13 -16.90
C ASP I 454 -61.96 66.60 -15.93
N ASN I 455 -61.50 66.28 -14.73
CA ASN I 455 -62.41 65.86 -13.67
C ASN I 455 -62.89 67.12 -12.99
N VAL I 456 -64.17 67.17 -12.64
CA VAL I 456 -64.74 68.41 -12.24
C VAL I 456 -64.10 69.03 -11.05
N ARG I 457 -63.96 68.28 -9.97
CA ARG I 457 -63.48 68.88 -8.72
C ARG I 457 -61.99 68.87 -8.58
N SER I 458 -61.35 67.73 -8.84
CA SER I 458 -59.88 67.62 -8.68
C SER I 458 -59.30 66.38 -9.29
N GLY I 459 -58.01 66.42 -9.59
CA GLY I 459 -57.37 65.28 -10.21
C GLY I 459 -57.21 64.17 -9.20
N PHE I 460 -56.47 64.51 -8.15
CA PHE I 460 -56.15 63.63 -7.03
C PHE I 460 -56.65 64.28 -5.76
N ASN I 461 -57.58 63.61 -5.07
CA ASN I 461 -58.07 64.12 -3.76
C ASN I 461 -57.76 63.12 -2.66
N CYS I 462 -56.67 63.43 -1.98
CA CYS I 462 -56.18 62.59 -0.91
C CYS I 462 -55.89 63.51 0.29
N SER I 463 -56.89 64.30 0.63
CA SER I 463 -56.86 65.27 1.72
C SER I 463 -57.41 64.67 3.01
N TYR I 464 -57.88 63.43 2.91
CA TYR I 464 -58.46 62.77 4.02
C TYR I 464 -57.41 62.21 4.98
N GLY I 465 -56.24 61.90 4.47
CA GLY I 465 -55.20 61.34 5.35
C GLY I 465 -53.89 61.12 4.61
N GLY I 466 -53.49 62.15 3.89
CA GLY I 466 -52.19 62.19 3.22
C GLY I 466 -52.18 61.40 1.94
N GLY I 467 -51.14 61.62 1.13
CA GLY I 467 -50.94 60.85 -0.07
C GLY I 467 -49.56 60.93 -0.63
N TYR I 468 -49.25 60.05 -1.54
CA TYR I 468 -48.05 60.14 -2.24
C TYR I 468 -48.38 60.21 -3.72
N VAL I 469 -48.13 61.38 -4.30
CA VAL I 469 -48.46 61.64 -5.69
C VAL I 469 -47.18 61.75 -6.46
N TYR I 470 -46.80 60.68 -7.17
CA TYR I 470 -45.48 60.61 -7.80
C TYR I 470 -45.57 60.68 -9.28
N ASP I 471 -44.90 61.67 -9.87
CA ASP I 471 -44.87 61.93 -11.30
C ASP I 471 -46.21 61.88 -11.98
N CYS I 472 -47.22 62.42 -11.33
CA CYS I 472 -48.57 62.42 -11.90
C CYS I 472 -48.91 63.74 -12.62
N GLU I 473 -49.99 63.67 -13.39
CA GLU I 473 -50.55 64.76 -14.17
C GLU I 473 -52.05 64.92 -13.98
N ALA I 474 -52.45 66.12 -13.61
CA ALA I 474 -53.85 66.51 -13.47
C ALA I 474 -54.15 67.80 -14.27
N HIS I 475 -54.97 67.65 -15.30
CA HIS I 475 -55.33 68.77 -16.17
C HIS I 475 -56.84 69.01 -16.12
N GLY I 476 -57.23 70.25 -15.96
CA GLY I 476 -58.64 70.62 -16.21
C GLY I 476 -59.57 70.40 -15.04
N SER I 477 -59.11 70.69 -13.85
CA SER I 477 -59.98 70.56 -12.72
C SER I 477 -60.01 71.88 -12.00
N GLN I 478 -60.67 71.94 -10.87
CA GLN I 478 -60.62 73.16 -10.10
C GLN I 478 -59.29 73.19 -9.41
N ASN I 479 -58.84 72.02 -8.92
CA ASN I 479 -57.52 71.89 -8.31
C ASN I 479 -56.90 70.63 -8.84
N GLY I 480 -55.58 70.64 -9.09
CA GLY I 480 -54.92 69.41 -9.54
C GLY I 480 -54.99 68.35 -8.43
N VAL I 481 -54.47 68.74 -7.27
CA VAL I 481 -54.29 67.85 -6.15
C VAL I 481 -54.77 68.54 -4.88
N ARG I 482 -55.62 67.83 -4.16
CA ARG I 482 -56.06 68.24 -2.86
C ARG I 482 -55.42 67.29 -1.91
N ILE I 483 -54.53 67.83 -1.06
CA ILE I 483 -53.71 66.99 -0.18
C ILE I 483 -53.45 67.71 1.16
N ASN I 484 -53.49 66.96 2.25
CA ASN I 484 -53.18 67.53 3.55
C ASN I 484 -51.82 67.15 4.03
N GLY I 485 -51.16 66.19 3.40
CA GLY I 485 -49.81 65.85 3.80
C GLY I 485 -49.29 64.74 2.94
N GLY I 486 -47.95 64.64 2.87
CA GLY I 486 -47.30 63.57 2.13
C GLY I 486 -46.26 64.09 1.17
N ARG I 487 -46.36 63.65 -0.09
CA ARG I 487 -45.44 64.14 -1.12
C ARG I 487 -46.07 64.23 -2.47
N VAL I 488 -45.68 65.28 -3.16
CA VAL I 488 -46.03 65.46 -4.54
C VAL I 488 -44.70 65.67 -5.20
N LYS I 489 -44.19 64.63 -5.83
CA LYS I 489 -42.87 64.70 -6.42
C LYS I 489 -42.92 64.45 -7.90
N GLY I 490 -42.36 65.40 -8.66
CA GLY I 490 -42.44 65.36 -10.11
C GLY I 490 -43.85 65.61 -10.64
N GLY I 491 -44.08 65.33 -11.92
CA GLY I 491 -45.38 65.56 -12.49
C GLY I 491 -45.63 66.91 -13.15
N ARG I 492 -46.82 67.03 -13.69
CA ARG I 492 -47.16 68.18 -14.51
C ARG I 492 -48.65 68.50 -14.39
N TYR I 493 -48.95 69.72 -13.98
CA TYR I 493 -50.33 70.17 -13.75
C TYR I 493 -50.61 71.41 -14.58
N THR I 494 -51.77 71.43 -15.19
CA THR I 494 -52.21 72.56 -16.00
C THR I 494 -53.72 72.68 -16.02
N ARG I 495 -54.20 73.89 -16.32
CA ARG I 495 -55.63 74.17 -16.57
C ARG I 495 -56.46 73.86 -15.35
N ASN I 496 -55.99 74.30 -14.22
CA ASN I 496 -56.73 74.10 -13.03
C ASN I 496 -57.21 75.46 -12.58
N SER I 497 -58.52 75.64 -12.58
CA SER I 497 -59.14 76.95 -12.35
C SER I 497 -58.77 77.62 -11.04
N SER I 498 -58.71 76.90 -9.94
CA SER I 498 -58.33 77.52 -8.68
C SER I 498 -56.82 77.54 -8.46
N SER I 499 -56.23 76.36 -8.28
CA SER I 499 -54.77 76.15 -8.16
C SER I 499 -54.41 74.76 -8.65
N HIS I 500 -53.13 74.55 -8.90
CA HIS I 500 -52.63 73.23 -9.21
C HIS I 500 -52.62 72.29 -7.99
N ILE I 501 -52.04 72.72 -6.90
CA ILE I 501 -52.05 71.91 -5.69
C ILE I 501 -52.70 72.74 -4.59
N PHE I 502 -53.63 72.09 -3.91
CA PHE I 502 -54.40 72.72 -2.87
C PHE I 502 -54.07 71.98 -1.57
N VAL I 503 -53.39 72.66 -0.66
CA VAL I 503 -53.12 72.06 0.64
C VAL I 503 -54.31 72.26 1.54
N THR I 504 -55.12 71.23 1.74
CA THR I 504 -56.29 71.35 2.58
C THR I 504 -56.54 70.05 3.37
N LYS I 505 -57.67 70.00 4.09
CA LYS I 505 -58.12 68.79 4.80
C LYS I 505 -59.56 68.53 4.46
N ASP I 506 -60.03 67.30 4.73
CA ASP I 506 -61.45 66.94 4.48
C ASP I 506 -62.35 67.67 5.50
N VAL I 507 -61.83 67.75 6.73
CA VAL I 507 -62.49 68.38 7.87
C VAL I 507 -61.40 68.88 8.79
N ALA I 508 -61.56 70.07 9.36
CA ALA I 508 -60.47 70.63 10.22
C ALA I 508 -59.91 69.68 11.32
N GLU I 509 -60.73 68.76 11.81
CA GLU I 509 -60.24 67.83 12.83
C GLU I 509 -59.09 66.94 12.34
N THR I 510 -59.02 66.69 11.03
CA THR I 510 -58.00 65.80 10.45
C THR I 510 -56.69 66.52 10.66
N ALA I 511 -55.61 65.77 10.93
CA ALA I 511 -54.27 66.34 11.25
C ALA I 511 -53.53 66.63 9.98
N GLN I 512 -52.87 67.78 9.93
CA GLN I 512 -51.99 68.14 8.84
C GLN I 512 -50.58 67.56 9.08
N THR I 513 -50.01 66.92 8.07
CA THR I 513 -48.67 66.41 8.16
C THR I 513 -47.70 67.17 7.25
N SER I 514 -46.44 66.77 7.30
CA SER I 514 -45.47 67.35 6.40
C SER I 514 -45.84 67.13 4.96
N LEU I 515 -45.59 68.16 4.15
CA LEU I 515 -45.78 68.08 2.71
C LEU I 515 -44.51 68.49 1.99
N GLU I 516 -44.11 67.67 1.03
CA GLU I 516 -42.91 67.90 0.27
C GLU I 516 -43.41 68.07 -1.15
N ILE I 517 -43.10 69.22 -1.75
CA ILE I 517 -43.45 69.48 -3.16
C ILE I 517 -42.17 69.70 -3.95
N ASP I 518 -41.64 68.64 -4.55
CA ASP I 518 -40.35 68.73 -5.21
C ASP I 518 -40.42 68.32 -6.63
N GLY I 519 -39.91 69.16 -7.51
CA GLY I 519 -39.72 68.81 -8.91
C GLY I 519 -40.96 68.84 -9.77
N VAL I 520 -41.97 69.56 -9.30
CA VAL I 520 -43.27 69.57 -9.97
C VAL I 520 -43.33 70.70 -11.00
N SER I 521 -43.93 70.48 -12.16
CA SER I 521 -44.22 71.53 -13.16
C SER I 521 -45.66 72.09 -12.99
N MET I 522 -45.76 73.22 -12.30
CA MET I 522 -47.03 73.84 -11.94
C MET I 522 -47.07 75.22 -12.59
N ARG I 523 -46.97 75.24 -13.92
CA ARG I 523 -46.79 76.50 -14.62
C ARG I 523 -48.09 77.31 -14.74
N TYR I 524 -47.93 78.61 -14.96
CA TYR I 524 -49.08 79.46 -15.22
C TYR I 524 -49.53 79.39 -16.66
N ASP I 525 -50.79 79.14 -16.88
CA ASP I 525 -51.30 79.16 -18.23
C ASP I 525 -52.55 80.03 -18.39
N GLY I 526 -52.83 80.90 -17.43
CA GLY I 526 -53.97 81.80 -17.56
C GLY I 526 -55.19 81.36 -16.80
N THR I 527 -55.01 80.45 -15.87
CA THR I 527 -56.10 79.99 -15.05
C THR I 527 -55.70 80.16 -13.58
N GLY I 528 -55.48 79.06 -12.87
CA GLY I 528 -55.36 79.08 -11.44
C GLY I 528 -53.94 79.33 -11.08
N ARG I 529 -53.69 79.33 -9.79
CA ARG I 529 -52.38 79.62 -9.27
C ARG I 529 -51.58 78.36 -9.05
N ALA I 530 -50.36 78.49 -8.53
CA ALA I 530 -49.60 77.30 -8.25
C ALA I 530 -50.12 76.53 -7.03
N VAL I 531 -50.00 77.12 -5.85
CA VAL I 531 -50.42 76.45 -4.61
C VAL I 531 -51.45 77.23 -3.84
N TYR I 532 -52.45 76.52 -3.30
CA TYR I 532 -53.50 77.17 -2.50
C TYR I 532 -53.40 76.66 -1.07
N PHE I 533 -53.14 77.53 -0.10
CA PHE I 533 -53.09 77.12 1.34
C PHE I 533 -54.40 77.40 2.13
N HIS I 534 -55.06 76.38 2.62
CA HIS I 534 -56.37 76.56 3.20
C HIS I 534 -56.30 76.90 4.67
N GLY I 535 -56.02 78.16 4.98
CA GLY I 535 -56.13 78.64 6.38
C GLY I 535 -57.46 78.26 7.07
N THR I 536 -58.56 78.41 6.36
CA THR I 536 -59.87 78.01 6.88
C THR I 536 -59.93 76.72 7.72
N VAL I 537 -59.16 75.71 7.34
CA VAL I 537 -59.15 74.40 8.04
C VAL I 537 -57.89 74.19 8.84
N GLY I 538 -57.11 75.25 9.00
CA GLY I 538 -55.97 75.22 9.87
C GLY I 538 -54.73 74.73 9.21
N ILE I 539 -54.56 75.00 7.93
CA ILE I 539 -53.29 74.70 7.29
C ILE I 539 -52.15 75.63 7.76
N ASP I 540 -51.07 75.05 8.26
CA ASP I 540 -49.81 75.78 8.54
C ASP I 540 -48.85 75.70 7.36
N PRO I 541 -48.57 76.83 6.69
CA PRO I 541 -47.71 76.75 5.51
C PRO I 541 -46.26 76.35 5.72
N THR I 542 -45.72 76.49 6.92
CA THR I 542 -44.34 76.02 7.19
C THR I 542 -44.23 74.46 7.27
N LEU I 543 -45.33 73.75 7.40
CA LEU I 543 -45.27 72.31 7.28
C LEU I 543 -45.08 71.88 5.82
N VAL I 544 -44.99 72.84 4.91
CA VAL I 544 -44.78 72.58 3.49
C VAL I 544 -43.39 73.03 3.08
N SER I 545 -42.80 72.31 2.13
CA SER I 545 -41.48 72.61 1.58
C SER I 545 -41.59 72.46 0.11
N MET I 546 -41.14 73.47 -0.61
CA MET I 546 -41.32 73.47 -2.04
C MET I 546 -39.95 73.68 -2.65
N SER I 547 -39.47 72.66 -3.36
CA SER I 547 -38.12 72.70 -3.92
C SER I 547 -38.16 72.33 -5.38
N ASN I 548 -37.36 73.02 -6.16
CA ASN I 548 -37.13 72.66 -7.55
C ASN I 548 -38.33 72.49 -8.46
N ASN I 549 -39.33 73.31 -8.17
CA ASN I 549 -40.56 73.36 -8.92
C ASN I 549 -40.52 74.38 -10.01
N ASP I 550 -41.31 74.18 -11.05
CA ASP I 550 -41.40 75.15 -12.11
C ASP I 550 -42.72 75.87 -11.98
N MET I 551 -42.64 77.08 -11.41
CA MET I 551 -43.80 77.97 -11.22
C MET I 551 -43.82 79.12 -12.28
N THR I 552 -43.09 78.97 -13.35
CA THR I 552 -43.01 80.03 -14.33
C THR I 552 -44.33 80.63 -14.72
N GLY I 553 -44.38 81.97 -14.60
CA GLY I 553 -45.48 82.81 -15.13
C GLY I 553 -46.54 83.31 -14.16
N HIS I 554 -46.45 82.89 -12.90
CA HIS I 554 -47.47 83.23 -11.89
C HIS I 554 -47.22 84.62 -11.27
N GLY I 555 -46.03 85.17 -11.53
CA GLY I 555 -45.57 86.42 -10.91
C GLY I 555 -45.83 86.55 -9.42
N LEU I 556 -46.36 87.68 -8.98
CA LEU I 556 -46.70 87.84 -7.57
C LEU I 556 -47.87 86.98 -7.06
N PHE I 557 -48.47 86.17 -7.92
CA PHE I 557 -49.64 85.36 -7.56
C PHE I 557 -49.41 83.87 -7.78
N TRP I 558 -48.32 83.37 -7.21
CA TRP I 558 -48.10 81.93 -7.27
C TRP I 558 -48.76 81.22 -6.10
N ALA I 559 -49.01 81.95 -5.01
CA ALA I 559 -49.68 81.35 -3.87
C ALA I 559 -51.09 81.87 -3.77
N LEU I 560 -52.01 81.07 -3.27
CA LEU I 560 -53.36 81.54 -2.99
C LEU I 560 -53.64 81.21 -1.55
N LEU I 561 -54.10 82.18 -0.78
CA LEU I 561 -54.47 81.95 0.63
C LEU I 561 -55.88 82.42 1.00
N SER I 562 -56.56 81.64 1.84
CA SER I 562 -57.90 81.98 2.27
C SER I 562 -58.15 81.48 3.68
N GLY I 563 -58.83 82.29 4.49
CA GLY I 563 -59.21 81.88 5.86
C GLY I 563 -58.20 82.26 6.93
N TYR I 564 -57.09 82.87 6.55
CA TYR I 564 -56.08 83.29 7.52
C TYR I 564 -56.57 84.62 8.10
N THR I 565 -56.38 84.76 9.42
CA THR I 565 -56.72 85.99 10.17
C THR I 565 -55.42 86.71 10.52
N VAL I 566 -54.31 85.96 10.47
CA VAL I 566 -52.97 86.47 10.72
C VAL I 566 -52.05 86.07 9.58
N GLN I 567 -51.20 87.00 9.13
CA GLN I 567 -50.26 86.68 8.05
C GLN I 567 -49.46 85.47 8.50
N PRO I 568 -49.54 84.36 7.71
CA PRO I 568 -48.86 83.16 8.15
C PRO I 568 -47.45 83.14 7.60
N THR I 569 -46.55 82.38 8.23
CA THR I 569 -45.20 82.28 7.68
C THR I 569 -45.20 81.37 6.46
N PRO I 570 -44.36 81.70 5.47
CA PRO I 570 -44.42 80.91 4.25
C PRO I 570 -43.79 79.54 4.40
N PRO I 571 -43.98 78.66 3.44
CA PRO I 571 -43.26 77.41 3.48
C PRO I 571 -41.76 77.60 3.19
N ARG I 572 -40.93 76.59 3.40
CA ARG I 572 -39.54 76.69 3.00
C ARG I 572 -39.51 76.51 1.53
N MET I 573 -38.77 77.36 0.82
CA MET I 573 -38.74 77.31 -0.64
C MET I 573 -37.33 77.42 -1.13
N SER I 574 -36.98 76.54 -2.05
CA SER I 574 -35.62 76.42 -2.51
C SER I 574 -35.58 76.27 -3.99
N ARG I 575 -34.88 77.21 -4.61
CA ARG I 575 -34.55 77.21 -6.05
C ARG I 575 -35.68 76.82 -7.02
N ASN I 576 -36.87 77.33 -6.78
CA ASN I 576 -37.98 77.12 -7.72
C ASN I 576 -37.81 78.11 -8.84
N LEU I 577 -38.53 77.92 -9.94
CA LEU I 577 -38.51 78.90 -11.02
C LEU I 577 -39.81 79.67 -11.08
N LEU I 578 -39.70 81.01 -11.18
CA LEU I 578 -40.89 81.86 -11.26
C LEU I 578 -40.99 82.60 -12.58
N ASP I 579 -39.85 82.99 -13.13
CA ASP I 579 -39.83 83.68 -14.41
C ASP I 579 -38.81 83.05 -15.34
N ASP I 580 -38.98 83.22 -16.65
CA ASP I 580 -38.03 82.74 -17.67
C ASP I 580 -37.24 83.85 -18.42
N THR I 581 -37.47 85.10 -18.06
CA THR I 581 -36.88 86.24 -18.74
C THR I 581 -36.29 87.09 -17.70
N GLY I 582 -35.15 87.69 -18.00
CA GLY I 582 -34.56 88.64 -17.06
C GLY I 582 -34.40 88.01 -15.69
N ILE I 583 -33.82 86.81 -15.68
CA ILE I 583 -33.64 86.04 -14.47
C ILE I 583 -32.19 85.58 -14.31
N ARG I 584 -31.33 85.97 -15.25
CA ARG I 584 -29.91 85.64 -15.24
C ARG I 584 -29.06 86.71 -15.97
N GLY I 585 -28.01 87.21 -15.33
CA GLY I 585 -27.17 88.17 -16.02
C GLY I 585 -25.89 88.52 -15.29
N VAL I 586 -25.21 89.54 -15.79
CA VAL I 586 -23.96 90.00 -15.19
C VAL I 586 -23.96 91.51 -15.00
N ALA I 587 -23.78 91.92 -13.76
CA ALA I 587 -23.68 93.32 -13.42
C ALA I 587 -22.20 93.68 -13.13
N THR I 588 -21.89 94.97 -13.22
CA THR I 588 -20.60 95.53 -12.80
C THR I 588 -20.73 96.55 -11.65
N LEU I 589 -20.08 96.22 -10.53
CA LEU I 589 -20.05 97.11 -9.37
C LEU I 589 -19.22 98.38 -9.66
N VAL I 590 -19.68 99.48 -9.07
CA VAL I 590 -19.08 100.81 -9.22
C VAL I 590 -19.25 101.41 -7.85
N ALA I 591 -18.15 101.59 -7.13
CA ALA I 591 -18.18 102.06 -5.74
C ALA I 591 -18.92 101.10 -4.80
N GLY I 592 -18.87 99.82 -5.14
CA GLY I 592 -19.42 98.76 -4.31
C GLY I 592 -20.91 98.57 -4.50
N GLU I 593 -21.45 99.12 -5.59
CA GLU I 593 -22.89 98.97 -5.87
C GLU I 593 -23.15 98.83 -7.36
N ALA I 594 -24.33 98.31 -7.67
CA ALA I 594 -24.78 98.18 -9.06
C ALA I 594 -26.27 98.01 -8.98
N THR I 595 -26.97 98.65 -9.91
CA THR I 595 -28.41 98.49 -9.98
C THR I 595 -28.68 97.55 -11.14
N VAL I 596 -29.49 96.52 -10.90
CA VAL I 596 -29.78 95.55 -11.95
C VAL I 596 -31.25 95.60 -12.26
N ASN I 597 -31.57 95.56 -13.53
CA ASN I 597 -32.94 95.34 -13.94
C ASN I 597 -33.14 93.85 -14.06
N ALA I 598 -34.17 93.35 -13.41
CA ALA I 598 -34.45 91.93 -13.49
C ALA I 598 -35.82 91.66 -12.96
N ARG I 599 -36.33 90.45 -13.26
CA ARG I 599 -37.60 90.00 -12.70
C ARG I 599 -37.49 89.41 -11.30
N VAL I 600 -36.83 90.15 -10.43
CA VAL I 600 -36.86 89.92 -9.03
C VAL I 600 -38.28 90.31 -8.60
N ARG I 601 -38.78 89.60 -7.59
CA ARG I 601 -40.13 89.79 -7.11
C ARG I 601 -40.23 89.55 -5.63
N GLY I 602 -41.34 89.98 -5.06
CA GLY I 602 -41.47 89.92 -3.60
C GLY I 602 -42.73 90.59 -3.10
N ASN I 603 -43.21 90.16 -1.95
CA ASN I 603 -44.31 90.86 -1.34
C ASN I 603 -43.89 91.21 0.06
N PHE I 604 -43.98 92.49 0.40
CA PHE I 604 -43.59 92.95 1.74
C PHE I 604 -44.80 93.44 2.51
N GLY I 605 -45.98 93.19 1.96
CA GLY I 605 -47.25 93.54 2.61
C GLY I 605 -47.42 92.82 3.94
N SER I 606 -48.61 92.90 4.48
CA SER I 606 -48.93 92.25 5.77
C SER I 606 -50.37 91.77 5.80
N VAL I 607 -50.99 91.74 4.63
CA VAL I 607 -52.36 91.29 4.50
C VAL I 607 -52.40 89.88 5.11
N ALA I 608 -53.46 89.55 5.84
CA ALA I 608 -53.47 88.23 6.46
C ALA I 608 -53.36 87.09 5.39
N ASN I 609 -54.12 87.16 4.31
CA ASN I 609 -54.11 86.08 3.35
C ASN I 609 -53.03 86.41 2.34
N SER I 610 -51.79 86.27 2.78
CA SER I 610 -50.63 86.61 1.94
C SER I 610 -49.33 86.21 2.63
N PHE I 611 -48.27 86.01 1.85
CA PHE I 611 -46.92 85.72 2.41
C PHE I 611 -46.01 86.90 2.30
N LYS I 612 -45.12 86.99 3.25
CA LYS I 612 -44.05 87.94 3.12
C LYS I 612 -42.94 87.09 2.51
N TRP I 613 -42.47 87.46 1.32
CA TRP I 613 -41.44 86.71 0.62
C TRP I 613 -40.71 87.55 -0.38
N VAL I 614 -39.62 87.02 -0.91
CA VAL I 614 -38.79 87.67 -1.92
C VAL I 614 -38.00 86.64 -2.73
N SER I 615 -37.68 87.00 -3.96
CA SER I 615 -36.81 86.17 -4.80
C SER I 615 -35.51 85.81 -4.13
N GLU I 616 -35.00 84.61 -4.41
CA GLU I 616 -33.68 84.21 -3.96
C GLU I 616 -32.75 84.56 -5.10
N VAL I 617 -31.86 85.53 -4.89
CA VAL I 617 -30.94 85.91 -5.91
C VAL I 617 -29.56 85.29 -5.63
N LYS I 618 -29.11 84.42 -6.52
CA LYS I 618 -27.82 83.76 -6.33
C LYS I 618 -26.74 84.63 -6.91
N LEU I 619 -25.79 85.05 -6.09
CA LEU I 619 -24.71 85.92 -6.57
C LEU I 619 -23.38 85.22 -6.68
N THR I 620 -22.67 85.47 -7.76
CA THR I 620 -21.35 84.88 -7.91
C THR I 620 -20.36 85.78 -8.72
N ARG I 621 -19.23 86.09 -8.06
CA ARG I 621 -18.17 86.98 -8.59
C ARG I 621 -17.41 86.39 -9.77
N LEU I 622 -17.16 87.22 -10.77
CA LEU I 622 -16.47 86.81 -12.02
C LEU I 622 -15.17 87.55 -12.40
N THR I 623 -14.84 88.57 -11.61
CA THR I 623 -13.57 89.23 -11.73
C THR I 623 -13.20 89.45 -10.32
N PHE I 624 -11.89 89.56 -10.13
CA PHE I 624 -11.34 89.56 -8.79
C PHE I 624 -10.46 90.75 -8.44
N PRO I 625 -11.06 91.93 -8.41
CA PRO I 625 -10.35 93.03 -7.83
C PRO I 625 -9.94 92.82 -6.40
N SER I 626 -8.88 93.56 -6.04
CA SER I 626 -8.40 93.63 -4.66
C SER I 626 -9.46 94.17 -3.74
N SER I 627 -10.32 95.03 -4.26
CA SER I 627 -11.45 95.62 -3.51
C SER I 627 -12.68 94.73 -3.36
N ALA I 628 -12.52 93.42 -3.54
CA ALA I 628 -13.63 92.49 -3.38
C ALA I 628 -14.14 92.36 -1.91
N GLY I 629 -15.44 92.42 -1.71
CA GLY I 629 -15.98 92.23 -0.38
C GLY I 629 -17.25 91.42 -0.47
N ALA I 630 -17.88 91.24 0.67
CA ALA I 630 -19.09 90.43 0.72
C ALA I 630 -20.30 91.07 0.00
N LEU I 631 -20.92 90.28 -0.89
CA LEU I 631 -22.09 90.71 -1.67
C LEU I 631 -23.44 90.49 -1.01
N THR I 632 -24.44 91.25 -1.43
CA THR I 632 -25.75 91.21 -0.84
C THR I 632 -26.73 91.94 -1.72
N VAL I 633 -27.98 91.54 -1.61
CA VAL I 633 -29.05 92.12 -2.39
C VAL I 633 -29.83 93.06 -1.51
N THR I 634 -30.20 94.19 -2.09
CA THR I 634 -31.04 95.16 -1.41
C THR I 634 -31.71 96.09 -2.41
N SER I 635 -32.60 96.93 -1.89
CA SER I 635 -33.38 97.87 -2.70
C SER I 635 -34.14 97.17 -3.79
N VAL I 636 -34.95 96.18 -3.42
CA VAL I 636 -35.82 95.49 -4.37
C VAL I 636 -37.01 96.40 -4.71
N ALA I 637 -37.05 96.76 -5.99
CA ALA I 637 -38.02 97.69 -6.54
C ALA I 637 -38.87 97.04 -7.58
N GLN I 638 -40.17 97.08 -7.36
CA GLN I 638 -41.11 96.48 -8.29
C GLN I 638 -41.90 97.53 -9.03
N ASN I 639 -41.73 97.59 -10.34
CA ASN I 639 -42.46 98.51 -11.20
C ASN I 639 -43.98 98.43 -10.98
N GLN I 640 -44.65 99.58 -11.01
CA GLN I 640 -46.06 99.66 -10.63
C GLN I 640 -47.00 100.21 -11.73
N ASP I 641 -46.52 100.30 -12.96
CA ASP I 641 -47.27 100.86 -14.07
C ASP I 641 -48.74 100.44 -14.03
N VAL I 642 -49.53 101.22 -14.75
CA VAL I 642 -50.97 101.03 -14.88
C VAL I 642 -51.27 101.04 -16.39
N PRO I 643 -52.26 100.21 -16.82
CA PRO I 643 -53.13 99.34 -16.01
C PRO I 643 -52.44 98.06 -15.54
N THR I 644 -51.36 97.69 -16.24
CA THR I 644 -50.65 96.45 -15.97
C THR I 644 -49.18 96.71 -15.79
N PRO I 645 -48.63 96.29 -14.64
CA PRO I 645 -47.22 96.49 -14.28
C PRO I 645 -46.25 95.78 -15.20
N ASN I 646 -45.09 96.38 -15.42
CA ASN I 646 -44.11 95.78 -16.28
C ASN I 646 -42.90 95.29 -15.51
N PRO I 647 -42.83 93.98 -15.22
CA PRO I 647 -41.80 93.30 -14.45
C PRO I 647 -40.34 93.35 -14.99
N ASP I 648 -40.13 93.64 -16.27
CA ASP I 648 -38.79 93.86 -16.81
C ASP I 648 -38.15 95.13 -16.25
N LEU I 649 -38.97 96.01 -15.67
CA LEU I 649 -38.48 97.23 -15.00
C LEU I 649 -38.37 97.11 -13.49
N ASN I 650 -38.58 95.91 -12.94
CA ASN I 650 -38.28 95.67 -11.55
C ASN I 650 -36.79 95.68 -11.43
N SER I 651 -36.31 95.78 -10.20
CA SER I 651 -34.89 95.95 -10.00
C SER I 651 -34.46 95.66 -8.58
N PHE I 652 -33.17 95.39 -8.45
CA PHE I 652 -32.60 95.16 -7.17
C PHE I 652 -31.20 95.76 -7.24
N VAL I 653 -30.52 95.82 -6.09
CA VAL I 653 -29.18 96.37 -6.04
C VAL I 653 -28.20 95.42 -5.41
N ILE I 654 -27.07 95.25 -6.06
CA ILE I 654 -26.00 94.46 -5.48
C ILE I 654 -25.07 95.43 -4.76
N ARG I 655 -24.90 95.23 -3.47
CA ARG I 655 -23.97 96.06 -2.71
C ARG I 655 -22.85 95.23 -2.03
N SER I 656 -21.62 95.67 -2.20
CA SER I 656 -20.47 95.00 -1.63
C SER I 656 -20.13 95.60 -0.28
N SER I 657 -19.57 94.78 0.60
CA SER I 657 -19.21 95.22 1.95
C SER I 657 -18.02 96.18 1.89
N ASN I 658 -17.32 96.17 0.77
CA ASN I 658 -16.22 97.07 0.58
C ASN I 658 -16.63 98.16 -0.40
N ALA I 659 -16.76 99.38 0.10
CA ALA I 659 -17.28 100.47 -0.72
C ALA I 659 -16.44 100.79 -1.98
N ALA I 660 -15.33 100.11 -2.18
CA ALA I 660 -14.49 100.33 -3.39
C ALA I 660 -14.67 99.27 -4.44
N ASP I 661 -15.42 98.23 -4.08
CA ASP I 661 -15.55 97.07 -4.91
C ASP I 661 -15.97 97.44 -6.31
N VAL I 662 -15.34 96.82 -7.30
CA VAL I 662 -15.72 97.05 -8.70
C VAL I 662 -15.91 95.74 -9.45
N SER I 663 -16.20 94.68 -8.67
CA SER I 663 -16.32 93.33 -9.19
C SER I 663 -17.36 93.25 -10.27
N GLN I 664 -17.20 92.28 -11.16
CA GLN I 664 -18.25 91.84 -12.08
C GLN I 664 -19.00 90.72 -11.40
N VAL I 665 -20.30 90.87 -11.23
CA VAL I 665 -21.04 89.89 -10.50
C VAL I 665 -22.12 89.28 -11.38
N ALA I 666 -22.17 87.96 -11.37
CA ALA I 666 -23.22 87.20 -12.05
C ALA I 666 -24.33 86.94 -11.05
N TRP I 667 -25.56 87.05 -11.54
CA TRP I 667 -26.75 86.91 -10.74
C TRP I 667 -27.74 85.99 -11.46
N GLU I 668 -28.52 85.28 -10.64
CA GLU I 668 -29.56 84.35 -11.07
C GLU I 668 -30.78 84.45 -10.16
N VAL I 669 -31.96 84.56 -10.75
CA VAL I 669 -33.19 84.76 -9.99
C VAL I 669 -34.03 83.51 -9.83
N TYR I 670 -34.23 83.13 -8.57
CA TYR I 670 -35.04 81.99 -8.19
C TYR I 670 -36.23 82.36 -7.29
N LEU I 671 -36.90 81.33 -6.80
CA LEU I 671 -37.88 81.49 -5.72
C LEU I 671 -37.62 80.40 -4.64
N GLU J 30 37.89 -37.70 -72.60
CA GLU J 30 38.06 -37.70 -71.10
C GLU J 30 38.28 -39.10 -70.52
N ARG J 31 39.29 -39.23 -69.66
CA ARG J 31 39.55 -40.47 -68.92
C ARG J 31 39.46 -40.02 -67.47
N VAL J 32 38.80 -40.80 -66.61
CA VAL J 32 38.67 -40.41 -65.20
C VAL J 32 39.00 -41.57 -64.29
N PHE J 33 39.71 -41.31 -63.20
CA PHE J 33 40.01 -42.35 -62.21
C PHE J 33 39.61 -41.94 -60.83
N SER J 34 39.35 -42.93 -59.97
CA SER J 34 38.88 -42.67 -58.61
C SER J 34 40.04 -42.69 -57.60
N ASP J 35 41.10 -43.42 -57.91
CA ASP J 35 42.24 -43.58 -57.01
C ASP J 35 43.54 -43.44 -57.79
N LEU J 36 44.57 -42.99 -57.08
CA LEU J 36 45.89 -42.80 -57.68
C LEU J 36 46.32 -44.09 -58.38
N ALA J 37 46.43 -45.15 -57.60
CA ALA J 37 46.95 -46.45 -58.06
C ALA J 37 46.44 -46.82 -59.45
N SER J 38 45.17 -46.50 -59.71
CA SER J 38 44.52 -46.77 -61.00
C SER J 38 45.03 -45.86 -62.11
N MET J 39 45.11 -44.56 -61.83
CA MET J 39 45.59 -43.59 -62.82
C MET J 39 47.02 -43.90 -63.28
N VAL J 40 47.88 -44.24 -62.33
CA VAL J 40 49.28 -44.56 -62.65
C VAL J 40 49.44 -45.90 -63.39
N ALA J 41 48.36 -46.68 -63.43
CA ALA J 41 48.34 -48.02 -64.07
C ALA J 41 48.02 -47.99 -65.58
N TYR J 42 46.86 -47.42 -65.94
CA TYR J 42 46.41 -47.27 -67.35
C TYR J 42 47.58 -47.09 -68.32
N PRO J 43 47.68 -47.98 -69.33
CA PRO J 43 48.78 -47.91 -70.30
C PRO J 43 48.49 -47.19 -71.64
N ASN J 44 47.26 -46.69 -71.83
CA ASN J 44 46.82 -46.04 -73.10
C ASN J 44 46.90 -44.53 -73.13
N PHE J 45 47.52 -43.92 -72.14
CA PHE J 45 47.57 -42.48 -72.12
C PHE J 45 48.16 -41.98 -73.45
N GLN J 46 47.59 -40.93 -73.99
CA GLN J 46 48.16 -40.27 -75.16
C GLN J 46 48.08 -38.78 -74.97
N VAL J 47 48.98 -38.08 -75.68
CA VAL J 47 49.24 -36.63 -75.51
C VAL J 47 48.01 -35.69 -75.55
N GLN J 48 46.86 -36.19 -76.02
CA GLN J 48 45.63 -35.35 -76.12
C GLN J 48 44.52 -35.72 -75.12
N ASP J 49 44.62 -36.87 -74.45
CA ASP J 49 43.57 -37.31 -73.53
C ASP J 49 43.28 -36.23 -72.51
N LYS J 50 42.08 -36.27 -71.92
CA LYS J 50 41.75 -35.45 -70.74
C LYS J 50 41.79 -36.36 -69.53
N ILE J 51 42.76 -36.13 -68.64
CA ILE J 51 42.89 -36.96 -67.45
C ILE J 51 42.47 -36.22 -66.19
N THR J 52 41.78 -36.94 -65.30
CA THR J 52 41.27 -36.39 -64.05
C THR J 52 41.25 -37.46 -62.94
N LEU J 53 41.77 -37.05 -61.79
CA LEU J 53 41.78 -37.89 -60.62
C LEU J 53 40.77 -37.36 -59.61
N LEU J 54 40.12 -38.29 -58.90
CA LEU J 54 39.13 -38.00 -57.85
C LEU J 54 39.60 -38.42 -56.44
N GLY J 55 39.25 -37.61 -55.45
CA GLY J 55 39.60 -37.91 -54.06
C GLY J 55 40.51 -36.87 -53.43
N SER J 56 41.47 -37.35 -52.63
CA SER J 56 42.38 -36.53 -51.80
C SER J 56 43.44 -35.75 -52.61
N ALA J 57 44.25 -36.50 -53.36
CA ALA J 57 45.22 -35.91 -54.28
C ALA J 57 44.54 -35.31 -55.55
N GLY J 58 43.23 -35.44 -55.65
CA GLY J 58 42.44 -35.00 -56.81
C GLY J 58 42.88 -33.77 -57.57
N GLY J 59 42.76 -33.85 -58.89
CA GLY J 59 43.16 -32.78 -59.81
C GLY J 59 43.00 -33.17 -61.27
N ASP J 60 43.56 -32.36 -62.15
CA ASP J 60 43.51 -32.59 -63.58
C ASP J 60 44.94 -32.75 -64.12
N PHE J 61 45.14 -33.75 -64.99
CA PHE J 61 46.48 -34.04 -65.52
C PHE J 61 46.57 -34.14 -67.01
N THR J 62 47.79 -33.89 -67.48
CA THR J 62 48.19 -33.94 -68.89
C THR J 62 49.22 -35.04 -69.03
N PHE J 63 49.06 -35.91 -70.03
CA PHE J 63 50.11 -36.86 -70.39
C PHE J 63 51.20 -36.17 -71.20
N THR J 64 52.37 -36.78 -71.22
CA THR J 64 53.48 -36.29 -72.02
C THR J 64 54.58 -37.35 -72.02
N THR J 65 55.54 -37.19 -72.94
CA THR J 65 56.74 -38.03 -72.98
C THR J 65 58.00 -37.21 -72.73
N THR J 66 57.89 -35.89 -72.80
CA THR J 66 59.01 -35.00 -72.48
C THR J 66 59.56 -35.41 -71.10
N ALA J 67 60.69 -36.10 -71.06
CA ALA J 67 61.32 -36.53 -69.80
C ALA J 67 61.25 -35.46 -68.68
N SER J 68 60.67 -35.86 -67.54
CA SER J 68 60.40 -34.99 -66.38
C SER J 68 60.91 -35.65 -65.07
N VAL J 69 60.97 -34.82 -64.02
CA VAL J 69 61.39 -35.25 -62.69
C VAL J 69 60.18 -35.74 -61.86
N VAL J 70 60.10 -37.05 -61.65
CA VAL J 70 59.01 -37.62 -60.90
C VAL J 70 59.14 -37.22 -59.45
N ASP J 71 58.01 -36.90 -58.82
CA ASP J 71 57.96 -36.62 -57.38
C ASP J 71 56.67 -37.08 -56.70
N ASN J 72 55.86 -37.74 -57.48
CA ASN J 72 54.60 -38.31 -57.00
C ASN J 72 53.71 -37.31 -56.27
N GLY J 73 53.67 -36.12 -56.83
CA GLY J 73 52.77 -35.11 -56.36
C GLY J 73 52.24 -34.29 -57.51
N THR J 74 53.17 -33.84 -58.33
CA THR J 74 52.87 -33.01 -59.47
C THR J 74 53.37 -33.64 -60.75
N VAL J 75 54.17 -34.70 -60.60
CA VAL J 75 54.73 -35.43 -61.70
C VAL J 75 54.75 -36.89 -61.30
N PHE J 76 54.07 -37.72 -62.09
CA PHE J 76 53.95 -39.14 -61.85
C PHE J 76 54.45 -39.92 -63.07
N ALA J 77 55.16 -41.01 -62.83
CA ALA J 77 55.62 -41.87 -63.92
C ALA J 77 54.50 -42.85 -64.25
N VAL J 78 54.17 -42.99 -65.54
CA VAL J 78 53.18 -43.98 -66.00
C VAL J 78 53.64 -44.71 -67.26
N PRO J 79 53.06 -45.90 -67.53
CA PRO J 79 53.36 -46.61 -68.76
C PRO J 79 53.35 -45.69 -69.97
N GLY J 80 54.53 -45.42 -70.50
CA GLY J 80 54.66 -44.62 -71.73
C GLY J 80 55.27 -43.26 -71.56
N GLY J 81 55.25 -42.77 -70.32
CA GLY J 81 55.77 -41.43 -70.04
C GLY J 81 55.31 -40.93 -68.68
N TYR J 82 54.83 -39.70 -68.64
CA TYR J 82 54.54 -39.04 -67.38
C TYR J 82 53.13 -38.43 -67.36
N LEU J 83 52.60 -38.25 -66.16
CA LEU J 83 51.41 -37.45 -65.96
C LEU J 83 51.81 -36.22 -65.20
N LEU J 84 51.51 -35.04 -65.75
CA LEU J 84 51.78 -33.76 -65.09
C LEU J 84 50.53 -33.09 -64.56
N ARG J 85 50.57 -32.67 -63.29
CA ARG J 85 49.46 -31.97 -62.68
C ARG J 85 49.49 -30.58 -63.23
N LYS J 86 48.31 -30.16 -63.69
CA LYS J 86 48.10 -28.82 -64.22
C LYS J 86 47.39 -28.02 -63.12
N PHE J 87 48.00 -26.89 -62.77
CA PHE J 87 47.47 -26.04 -61.73
C PHE J 87 48.13 -24.66 -61.76
N VAL J 88 47.47 -23.71 -61.12
CA VAL J 88 48.04 -22.41 -60.88
C VAL J 88 48.08 -22.17 -59.38
N GLY J 89 48.90 -21.23 -58.98
CA GLY J 89 49.05 -20.98 -57.57
C GLY J 89 49.93 -22.06 -57.01
N PRO J 90 49.92 -22.19 -55.69
CA PRO J 90 50.86 -23.09 -55.01
C PRO J 90 50.46 -24.55 -55.12
N ALA J 91 51.40 -25.43 -54.76
CA ALA J 91 51.13 -26.84 -54.69
C ALA J 91 50.85 -27.11 -53.22
N TYR J 92 50.23 -28.26 -52.94
CA TYR J 92 49.83 -28.60 -51.59
C TYR J 92 50.50 -29.87 -51.13
N SER J 93 51.01 -29.88 -49.92
CA SER J 93 51.69 -31.10 -49.51
C SER J 93 50.69 -32.26 -49.67
N SER J 94 49.41 -31.99 -49.49
CA SER J 94 48.43 -33.07 -49.58
C SER J 94 48.46 -33.81 -50.91
N TRP J 95 49.09 -33.23 -51.91
CA TRP J 95 49.07 -33.89 -53.18
C TRP J 95 50.08 -34.97 -53.30
N PHE J 96 51.02 -35.04 -52.35
CA PHE J 96 52.18 -35.90 -52.44
C PHE J 96 52.11 -37.22 -51.67
N SER J 97 52.71 -38.25 -52.26
CA SER J 97 52.64 -39.62 -51.73
C SER J 97 53.44 -39.73 -50.48
N ASN J 98 54.62 -39.12 -50.48
CA ASN J 98 55.44 -39.15 -49.29
C ASN J 98 56.45 -38.06 -49.24
N TRP J 99 57.04 -37.89 -48.08
CA TRP J 99 58.02 -36.83 -47.84
C TRP J 99 59.14 -36.84 -48.81
N THR J 100 59.55 -37.99 -49.30
CA THR J 100 60.56 -37.97 -50.33
C THR J 100 60.18 -37.11 -51.55
N GLY J 101 58.94 -37.29 -52.05
CA GLY J 101 58.41 -36.46 -53.14
C GLY J 101 58.51 -34.96 -52.84
N ILE J 102 58.07 -34.57 -51.64
CA ILE J 102 58.11 -33.21 -51.17
C ILE J 102 59.52 -32.70 -51.29
N VAL J 103 60.50 -33.43 -50.80
CA VAL J 103 61.89 -32.99 -50.90
C VAL J 103 62.38 -32.82 -52.37
N THR J 104 62.00 -33.77 -53.21
CA THR J 104 62.30 -33.69 -54.62
C THR J 104 61.69 -32.40 -55.19
N PHE J 105 60.41 -32.15 -54.87
CA PHE J 105 59.71 -31.02 -55.41
C PHE J 105 60.41 -29.77 -54.96
N MET J 106 60.76 -29.63 -53.70
CA MET J 106 61.35 -28.36 -53.28
C MET J 106 62.80 -28.23 -53.61
N SER J 107 63.36 -29.25 -54.26
CA SER J 107 64.83 -29.25 -54.57
C SER J 107 65.19 -28.34 -55.73
N ALA J 108 64.19 -28.00 -56.52
CA ALA J 108 64.32 -27.02 -57.61
C ALA J 108 63.98 -25.62 -57.09
N PRO J 109 64.44 -24.56 -57.78
CA PRO J 109 64.04 -23.20 -57.40
C PRO J 109 62.69 -22.81 -58.01
N ASN J 110 62.20 -21.66 -57.63
CA ASN J 110 60.89 -21.15 -58.14
C ASN J 110 59.71 -22.09 -57.79
N ARG J 111 59.59 -22.43 -56.51
CA ARG J 111 58.55 -23.33 -55.98
C ARG J 111 57.72 -22.67 -54.91
N HIS J 112 56.44 -22.94 -54.95
CA HIS J 112 55.52 -22.52 -53.88
C HIS J 112 54.71 -23.73 -53.39
N LEU J 113 55.03 -24.15 -52.16
CA LEU J 113 54.38 -25.29 -51.52
C LEU J 113 53.65 -24.87 -50.23
N VAL J 114 52.46 -25.44 -50.08
CA VAL J 114 51.67 -25.17 -48.90
C VAL J 114 51.66 -26.48 -48.16
N VAL J 115 52.04 -26.39 -46.90
CA VAL J 115 52.05 -27.54 -46.08
C VAL J 115 50.69 -27.52 -45.42
N ASP J 116 49.78 -28.35 -45.88
CA ASP J 116 48.44 -28.44 -45.33
C ASP J 116 48.16 -29.80 -44.68
N THR J 117 49.21 -30.57 -44.43
CA THR J 117 49.10 -31.86 -43.75
C THR J 117 50.21 -31.99 -42.78
N VAL J 118 50.27 -33.11 -42.09
CA VAL J 118 51.32 -33.30 -41.07
C VAL J 118 52.37 -34.17 -41.61
N LEU J 119 53.54 -33.62 -41.87
CA LEU J 119 54.55 -34.33 -42.60
C LEU J 119 55.53 -35.04 -41.70
N GLN J 120 55.91 -36.24 -42.14
CA GLN J 120 56.86 -37.02 -41.41
C GLN J 120 58.26 -37.02 -42.09
N ALA J 121 59.14 -36.17 -41.60
CA ALA J 121 60.47 -36.05 -42.21
C ALA J 121 61.36 -37.24 -41.91
N THR J 122 62.12 -37.65 -42.93
CA THR J 122 63.10 -38.73 -42.85
C THR J 122 64.40 -38.33 -43.54
N SER J 123 64.53 -37.05 -43.81
CA SER J 123 65.72 -36.49 -44.43
C SER J 123 65.65 -35.01 -44.28
N VAL J 124 66.68 -34.34 -44.71
CA VAL J 124 66.65 -32.90 -44.71
C VAL J 124 65.82 -32.45 -45.94
N LEU J 125 65.16 -31.28 -45.80
CA LEU J 125 64.38 -30.62 -46.89
C LEU J 125 65.19 -29.45 -47.28
N ASN J 126 65.62 -29.41 -48.54
CA ASN J 126 66.36 -28.24 -49.04
C ASN J 126 65.47 -27.26 -49.81
N ILE J 127 65.64 -25.99 -49.51
CA ILE J 127 64.86 -24.99 -50.14
C ILE J 127 65.79 -24.25 -51.05
N LYS J 128 65.28 -23.96 -52.23
CA LYS J 128 66.03 -23.29 -53.26
C LYS J 128 65.54 -21.88 -53.52
N SER J 129 66.23 -21.16 -54.41
CA SER J 129 65.94 -19.78 -54.66
C SER J 129 64.56 -19.58 -55.17
N ASN J 130 64.02 -18.45 -54.77
CA ASN J 130 62.69 -17.98 -55.21
C ASN J 130 61.65 -19.03 -54.95
N SER J 131 61.61 -19.47 -53.70
CA SER J 131 60.68 -20.48 -53.25
C SER J 131 60.03 -20.07 -51.93
N THR J 132 58.82 -20.52 -51.76
CA THR J 132 58.04 -20.14 -50.62
C THR J 132 57.47 -21.41 -50.02
N LEU J 133 57.79 -21.55 -48.73
CA LEU J 133 57.27 -22.65 -47.92
C LEU J 133 56.24 -22.08 -46.93
N GLU J 134 54.99 -22.49 -47.14
CA GLU J 134 53.84 -21.93 -46.38
C GLU J 134 53.02 -22.98 -45.62
N PHE J 135 52.86 -22.78 -44.32
CA PHE J 135 52.10 -23.72 -43.44
C PHE J 135 50.66 -23.26 -43.14
N THR J 136 49.68 -24.14 -43.28
CA THR J 136 48.34 -23.82 -42.85
C THR J 136 48.38 -24.09 -41.36
N ASP J 137 47.29 -23.86 -40.66
CA ASP J 137 47.31 -24.02 -39.20
C ASP J 137 47.50 -25.50 -38.79
N THR J 138 47.12 -26.43 -39.64
CA THR J 138 47.36 -27.83 -39.36
C THR J 138 48.71 -28.42 -39.86
N GLY J 139 49.38 -27.74 -40.80
CA GLY J 139 50.59 -28.26 -41.41
C GLY J 139 51.65 -28.30 -40.34
N ARG J 140 52.46 -29.34 -40.37
CA ARG J 140 53.53 -29.56 -39.39
C ARG J 140 54.62 -30.32 -40.14
N ILE J 141 55.82 -30.16 -39.64
CA ILE J 141 56.88 -31.05 -40.03
C ILE J 141 57.41 -31.73 -38.78
N LEU J 142 57.20 -33.04 -38.71
CA LEU J 142 57.72 -33.76 -37.61
C LEU J 142 59.03 -34.41 -37.94
N PRO J 143 60.06 -34.10 -37.17
CA PRO J 143 61.35 -34.67 -37.38
C PRO J 143 61.40 -36.17 -37.16
N ASP J 144 62.44 -36.78 -37.73
CA ASP J 144 62.65 -38.24 -37.68
C ASP J 144 62.93 -38.68 -36.25
N ALA J 145 62.19 -39.66 -35.77
CA ALA J 145 62.44 -40.09 -34.38
C ALA J 145 63.58 -41.04 -34.34
N ALA J 146 63.85 -41.65 -35.48
CA ALA J 146 64.96 -42.61 -35.70
C ALA J 146 66.33 -41.96 -35.70
N VAL J 147 66.43 -40.74 -36.26
CA VAL J 147 67.69 -40.02 -36.39
C VAL J 147 67.54 -38.56 -36.06
N ALA J 148 68.35 -38.02 -35.18
CA ALA J 148 68.28 -36.59 -34.93
C ALA J 148 69.13 -35.85 -35.97
N ARG J 149 68.50 -35.03 -36.79
CA ARG J 149 69.17 -34.36 -37.87
C ARG J 149 68.60 -32.96 -38.09
N GLN J 150 68.95 -32.37 -39.21
CA GLN J 150 68.47 -31.03 -39.57
C GLN J 150 67.15 -31.07 -40.30
N VAL J 151 66.30 -30.07 -40.10
CA VAL J 151 64.99 -30.10 -40.76
C VAL J 151 65.02 -29.33 -42.08
N LEU J 152 65.28 -28.05 -42.01
CA LEU J 152 65.28 -27.24 -43.21
C LEU J 152 66.65 -26.70 -43.53
N ASN J 153 67.01 -26.84 -44.79
CA ASN J 153 68.24 -26.20 -45.24
C ASN J 153 67.97 -25.20 -46.32
N ILE J 154 68.57 -24.03 -46.15
CA ILE J 154 68.59 -23.02 -47.21
C ILE J 154 70.08 -22.77 -47.49
N THR J 155 70.62 -23.44 -48.50
CA THR J 155 72.07 -23.48 -48.55
C THR J 155 72.62 -22.98 -49.84
N GLY J 156 73.47 -21.95 -49.77
CA GLY J 156 74.26 -21.58 -50.94
C GLY J 156 75.63 -22.19 -50.81
N SER J 157 76.68 -21.50 -51.27
CA SER J 157 78.07 -21.98 -51.17
C SER J 157 79.07 -20.87 -51.34
N ALA J 158 80.14 -20.96 -50.57
CA ALA J 158 81.25 -20.04 -50.73
C ALA J 158 81.89 -20.24 -52.12
N PRO J 159 82.64 -19.24 -52.56
CA PRO J 159 83.20 -19.24 -53.89
C PRO J 159 84.34 -20.26 -54.02
N SER J 160 84.28 -21.01 -55.11
CA SER J 160 85.28 -22.05 -55.39
C SER J 160 86.69 -21.42 -55.44
N VAL J 161 86.78 -20.32 -56.20
CA VAL J 161 87.99 -19.59 -56.48
C VAL J 161 87.89 -18.07 -56.25
N PHE J 162 88.98 -17.48 -55.80
CA PHE J 162 89.02 -16.04 -55.62
C PHE J 162 90.02 -15.37 -56.62
N VAL J 163 89.91 -14.05 -56.79
CA VAL J 163 90.86 -13.27 -57.59
C VAL J 163 91.17 -12.06 -56.74
N PRO J 164 92.39 -11.57 -56.80
CA PRO J 164 92.73 -10.47 -55.88
C PRO J 164 92.15 -9.12 -56.32
N LEU J 165 92.11 -8.17 -55.40
CA LEU J 165 91.67 -6.84 -55.80
C LEU J 165 92.78 -6.23 -56.64
N ALA J 166 92.42 -5.51 -57.69
CA ALA J 166 93.35 -4.65 -58.46
C ALA J 166 93.94 -3.47 -57.66
N ALA J 167 93.20 -2.93 -56.71
CA ALA J 167 93.73 -1.84 -55.90
C ALA J 167 92.96 -1.75 -54.61
N ASP J 168 93.61 -1.18 -53.60
CA ASP J 168 92.96 -1.02 -52.30
C ASP J 168 91.58 -0.43 -52.47
N ALA J 169 90.69 -0.71 -51.53
CA ALA J 169 89.31 -0.19 -51.55
C ALA J 169 89.06 0.11 -50.09
N ALA J 170 88.88 1.37 -49.78
CA ALA J 170 88.69 1.79 -48.41
C ALA J 170 87.21 1.57 -48.02
N ALA J 171 86.98 1.61 -46.71
CA ALA J 171 85.66 1.60 -46.14
C ALA J 171 84.96 2.79 -46.72
N GLY J 172 83.85 2.57 -47.38
CA GLY J 172 83.13 3.65 -48.00
C GLY J 172 83.01 3.40 -49.47
N SER J 173 83.85 2.54 -50.02
CA SER J 173 83.93 2.42 -51.47
C SER J 173 82.63 1.93 -52.04
N LYS J 174 82.24 2.45 -53.18
CA LYS J 174 81.05 1.97 -53.89
C LYS J 174 81.48 1.02 -54.96
N VAL J 175 82.79 0.94 -55.16
CA VAL J 175 83.35 0.23 -56.30
C VAL J 175 84.60 -0.50 -55.90
N ILE J 176 84.73 -1.68 -56.47
CA ILE J 176 85.96 -2.40 -56.32
C ILE J 176 86.46 -2.63 -57.75
N THR J 177 87.76 -2.95 -57.85
CA THR J 177 88.36 -3.35 -59.13
C THR J 177 89.24 -4.61 -59.09
N VAL J 178 89.16 -5.35 -60.19
CA VAL J 178 89.93 -6.56 -60.42
C VAL J 178 90.60 -6.36 -61.78
N ALA J 179 91.60 -7.15 -62.11
CA ALA J 179 92.16 -7.04 -63.46
C ALA J 179 91.09 -7.47 -64.45
N ALA J 180 91.04 -6.85 -65.62
CA ALA J 180 90.06 -7.25 -66.65
C ALA J 180 90.08 -8.73 -66.91
N GLY J 181 88.93 -9.34 -67.17
CA GLY J 181 88.89 -10.77 -67.46
C GLY J 181 89.06 -11.70 -66.26
N ALA J 182 89.49 -11.19 -65.09
CA ALA J 182 89.80 -12.02 -63.91
C ALA J 182 88.62 -12.91 -63.51
N LEU J 183 87.42 -12.32 -63.48
CA LEU J 183 86.15 -13.01 -63.18
C LEU J 183 85.02 -12.30 -63.89
N SER J 184 83.88 -12.97 -63.98
CA SER J 184 82.70 -12.39 -64.64
C SER J 184 81.72 -11.87 -63.60
N ALA J 185 81.70 -10.56 -63.40
CA ALA J 185 80.71 -9.93 -62.49
C ALA J 185 79.43 -9.72 -63.23
N VAL J 186 78.49 -10.64 -63.08
CA VAL J 186 77.18 -10.46 -63.67
C VAL J 186 76.32 -9.57 -62.78
N LYS J 187 75.59 -8.66 -63.41
CA LYS J 187 74.79 -7.70 -62.70
C LYS J 187 73.67 -8.45 -62.02
N GLY J 188 73.46 -8.15 -60.76
CA GLY J 188 72.32 -8.78 -60.06
C GLY J 188 72.68 -10.01 -59.25
N THR J 189 73.96 -10.38 -59.33
CA THR J 189 74.49 -11.51 -58.63
C THR J 189 75.39 -10.96 -57.58
N TYR J 190 75.95 -11.84 -56.77
CA TYR J 190 76.67 -11.41 -55.57
C TYR J 190 78.17 -11.67 -55.63
N LEU J 191 78.87 -11.04 -54.70
CA LEU J 191 80.28 -11.18 -54.57
C LEU J 191 80.65 -11.36 -53.14
N TYR J 192 81.66 -12.18 -52.90
CA TYR J 192 82.11 -12.47 -51.54
C TYR J 192 83.47 -11.88 -51.48
N LEU J 193 83.74 -11.04 -50.49
CA LEU J 193 85.02 -10.38 -50.34
C LEU J 193 85.61 -10.75 -49.06
N ARG J 194 86.94 -10.74 -48.98
CA ARG J 194 87.68 -10.94 -47.72
C ARG J 194 89.16 -10.52 -47.79
N SER J 195 89.75 -10.44 -46.60
CA SER J 195 91.10 -10.05 -46.45
C SER J 195 91.60 -10.63 -45.16
N ASN J 196 92.87 -10.41 -44.82
CA ASN J 196 93.46 -10.99 -43.59
C ASN J 196 93.37 -10.03 -42.45
N LYS J 197 92.69 -8.93 -42.71
CA LYS J 197 92.41 -7.99 -41.67
C LYS J 197 91.55 -8.71 -40.64
N LEU J 198 91.84 -8.52 -39.36
CA LEU J 198 90.97 -9.11 -38.37
C LEU J 198 89.65 -8.32 -38.26
N CYS J 199 88.56 -9.04 -38.01
CA CYS J 199 87.34 -8.40 -37.52
C CYS J 199 87.66 -7.49 -36.35
N ASP J 200 87.04 -6.31 -36.38
CA ASP J 200 87.22 -5.22 -35.37
C ASP J 200 85.97 -4.86 -34.53
N GLY J 201 84.85 -5.59 -34.71
CA GLY J 201 83.68 -5.41 -33.87
C GLY J 201 83.95 -5.46 -32.36
N GLY J 202 84.90 -6.29 -31.97
CA GLY J 202 85.14 -6.52 -30.53
C GLY J 202 86.48 -7.22 -30.37
N PRO J 203 86.82 -7.68 -29.14
CA PRO J 203 88.08 -8.42 -28.84
C PRO J 203 88.52 -9.51 -29.85
N ASN J 204 87.59 -10.17 -30.50
CA ASN J 204 87.94 -11.15 -31.49
C ASN J 204 89.12 -12.00 -31.12
N THR J 205 88.96 -12.84 -30.09
CA THR J 205 90.07 -13.68 -29.63
C THR J 205 90.29 -14.94 -30.45
N TYR J 206 89.35 -15.35 -31.26
CA TYR J 206 89.65 -16.43 -32.23
C TYR J 206 90.41 -15.86 -33.43
N GLY J 207 90.59 -14.54 -33.46
CA GLY J 207 91.24 -13.86 -34.60
C GLY J 207 90.56 -14.11 -35.94
N VAL J 208 89.24 -13.93 -35.99
CA VAL J 208 88.51 -14.12 -37.22
C VAL J 208 88.77 -13.00 -38.22
N LYS J 209 88.77 -13.34 -39.50
CA LYS J 209 89.12 -12.41 -40.58
C LYS J 209 87.93 -11.77 -41.21
N ILE J 210 88.12 -10.60 -41.80
CA ILE J 210 86.98 -9.85 -42.37
C ILE J 210 86.49 -10.40 -43.72
N SER J 211 85.18 -10.43 -43.87
CA SER J 211 84.57 -10.72 -45.14
C SER J 211 83.23 -10.00 -45.18
N GLN J 212 82.67 -9.88 -46.41
CA GLN J 212 81.39 -9.21 -46.66
C GLN J 212 80.77 -9.72 -47.94
N ILE J 213 79.44 -9.77 -47.97
CA ILE J 213 78.76 -10.15 -49.21
C ILE J 213 78.13 -8.91 -49.86
N ARG J 214 78.26 -8.75 -51.18
CA ARG J 214 77.74 -7.59 -51.88
C ARG J 214 77.17 -7.94 -53.22
N LYS J 215 76.30 -7.07 -53.70
CA LYS J 215 75.57 -7.34 -54.93
C LYS J 215 76.17 -6.47 -56.05
N VAL J 216 76.20 -7.04 -57.24
CA VAL J 216 76.79 -6.41 -58.40
C VAL J 216 75.68 -5.62 -59.08
N VAL J 217 75.81 -4.30 -59.04
CA VAL J 217 74.79 -3.38 -59.63
C VAL J 217 75.28 -2.64 -60.88
N GLY J 218 76.59 -2.48 -60.97
CA GLY J 218 77.23 -1.89 -62.13
C GLY J 218 78.59 -2.51 -62.43
N VAL J 219 78.86 -2.69 -63.72
CA VAL J 219 80.10 -3.27 -64.25
C VAL J 219 80.65 -2.47 -65.43
N SER J 220 81.89 -2.00 -65.33
CA SER J 220 82.57 -1.31 -66.46
C SER J 220 84.08 -1.60 -66.56
N THR J 221 84.52 -2.02 -67.76
CA THR J 221 85.95 -2.32 -67.97
C THR J 221 86.67 -1.25 -68.78
N SER J 222 87.86 -0.85 -68.33
CA SER J 222 88.60 0.20 -69.01
C SER J 222 90.07 0.19 -68.65
N GLY J 223 90.95 -0.11 -69.61
CA GLY J 223 92.41 -0.06 -69.39
C GLY J 223 92.98 -1.30 -68.67
N GLY J 224 92.42 -2.45 -68.97
CA GLY J 224 92.81 -3.67 -68.26
C GLY J 224 92.32 -3.79 -66.81
N VAL J 225 91.37 -2.93 -66.41
CA VAL J 225 90.76 -2.94 -65.06
C VAL J 225 89.22 -2.99 -65.16
N THR J 226 88.61 -4.02 -64.57
CA THR J 226 87.14 -4.04 -64.45
C THR J 226 86.73 -3.35 -63.14
N SER J 227 85.75 -2.44 -63.26
CA SER J 227 85.17 -1.68 -62.11
C SER J 227 83.75 -2.15 -61.79
N ILE J 228 83.64 -2.83 -60.64
CA ILE J 228 82.38 -3.41 -60.18
C ILE J 228 81.70 -2.51 -59.14
N ARG J 229 80.50 -2.08 -59.50
CA ARG J 229 79.76 -1.24 -58.61
C ARG J 229 78.92 -2.13 -57.75
N LEU J 230 79.06 -1.92 -56.46
CA LEU J 230 78.29 -2.60 -55.44
C LEU J 230 76.95 -1.91 -55.06
N ASP J 231 76.03 -2.72 -54.57
CA ASP J 231 74.77 -2.21 -54.00
C ASP J 231 75.04 -1.41 -52.71
N LYS J 232 75.89 -1.94 -51.84
CA LYS J 232 76.15 -1.27 -50.60
C LYS J 232 77.60 -1.05 -50.57
N THR J 233 78.01 -0.16 -49.69
CA THR J 233 79.38 0.21 -49.60
C THR J 233 80.13 -0.69 -48.63
N LEU J 234 81.47 -0.65 -48.67
CA LEU J 234 82.31 -1.54 -47.88
C LEU J 234 82.48 -1.00 -46.48
N HIS J 235 82.57 -1.88 -45.49
CA HIS J 235 82.58 -1.39 -44.12
C HIS J 235 83.90 -1.57 -43.46
N TYR J 236 84.84 -2.07 -44.23
CA TYR J 236 86.20 -2.26 -43.74
C TYR J 236 87.12 -1.77 -44.85
N ASN J 237 88.37 -1.51 -44.46
CA ASN J 237 89.46 -1.32 -45.45
C ASN J 237 90.02 -2.63 -46.05
N TYR J 238 89.77 -2.86 -47.33
CA TYR J 238 90.31 -4.03 -47.99
C TYR J 238 91.58 -3.70 -48.78
N TYR J 239 92.71 -3.80 -48.08
CA TYR J 239 94.05 -3.54 -48.66
C TYR J 239 94.70 -4.72 -49.38
N LEU J 240 95.55 -4.40 -50.36
CA LEU J 240 96.35 -5.40 -51.09
C LEU J 240 97.48 -5.98 -50.25
N SER J 241 97.94 -5.19 -49.28
CA SER J 241 98.77 -5.70 -48.19
C SER J 241 98.13 -6.87 -47.39
N ASP J 242 96.80 -6.99 -47.43
CA ASP J 242 96.07 -8.04 -46.71
C ASP J 242 95.53 -9.08 -47.66
N ALA J 243 96.06 -9.08 -48.87
CA ALA J 243 95.66 -10.06 -49.84
C ALA J 243 94.16 -9.98 -50.02
N ALA J 244 93.61 -8.77 -50.08
CA ALA J 244 92.18 -8.59 -50.36
C ALA J 244 91.83 -9.35 -51.65
N GLU J 245 90.83 -10.22 -51.59
CA GLU J 245 90.44 -11.02 -52.71
C GLU J 245 88.91 -11.06 -52.84
N VAL J 246 88.43 -11.65 -53.94
CA VAL J 246 87.02 -11.65 -54.21
C VAL J 246 86.55 -12.85 -55.00
N GLY J 247 85.40 -13.40 -54.64
CA GLY J 247 84.90 -14.49 -55.45
C GLY J 247 83.41 -14.44 -55.57
N ILE J 248 82.90 -15.29 -56.44
CA ILE J 248 81.48 -15.40 -56.71
C ILE J 248 80.83 -16.54 -55.94
N PRO J 249 80.18 -16.22 -54.82
CA PRO J 249 79.55 -17.26 -54.09
C PRO J 249 78.27 -17.59 -54.77
N THR J 250 77.81 -18.82 -54.63
CA THR J 250 76.49 -19.17 -55.12
C THR J 250 75.51 -18.99 -53.97
N MET J 251 74.54 -18.13 -54.21
CA MET J 251 73.67 -17.65 -53.17
C MET J 251 72.34 -18.36 -53.38
N VAL J 252 71.60 -18.51 -52.28
CA VAL J 252 70.19 -18.91 -52.32
C VAL J 252 69.39 -17.71 -51.92
N GLU J 253 68.50 -17.28 -52.80
CA GLU J 253 67.85 -15.99 -52.54
C GLU J 253 66.37 -15.93 -52.75
N ASN J 254 65.77 -14.97 -52.04
CA ASN J 254 64.32 -14.77 -52.04
C ASN J 254 63.57 -16.10 -51.68
N VAL J 255 63.69 -16.47 -50.41
CA VAL J 255 63.08 -17.67 -49.85
C VAL J 255 62.29 -17.17 -48.67
N THR J 256 61.05 -17.59 -48.63
CA THR J 256 60.12 -17.16 -47.60
C THR J 256 59.50 -18.36 -46.91
N LEU J 257 59.78 -18.43 -45.62
CA LEU J 257 59.11 -19.40 -44.79
C LEU J 257 57.96 -18.73 -44.03
N VAL J 258 56.74 -19.13 -44.41
CA VAL J 258 55.53 -18.62 -43.73
C VAL J 258 54.94 -19.60 -42.70
N SER J 259 55.00 -19.26 -41.41
CA SER J 259 54.47 -20.05 -40.29
C SER J 259 55.00 -21.48 -40.17
N PRO J 260 56.32 -21.65 -40.16
CA PRO J 260 56.82 -22.99 -40.13
C PRO J 260 56.59 -23.60 -38.75
N TYR J 261 55.90 -24.77 -38.71
CA TYR J 261 55.74 -25.57 -37.49
C TYR J 261 56.67 -26.75 -37.57
N ILE J 262 57.68 -26.70 -36.72
CA ILE J 262 58.62 -27.76 -36.62
C ILE J 262 58.57 -28.45 -35.27
N ASN J 263 58.13 -29.69 -35.34
CA ASN J 263 57.96 -30.54 -34.16
C ASN J 263 56.65 -30.14 -33.47
N GLU J 264 56.30 -30.83 -32.40
CA GLU J 264 55.05 -30.57 -31.73
C GLU J 264 55.14 -31.03 -30.29
N PHE J 265 54.41 -30.37 -29.42
CA PHE J 265 54.37 -30.76 -28.04
C PHE J 265 54.01 -32.26 -27.85
N GLY J 266 54.70 -32.88 -26.90
CA GLY J 266 54.69 -34.33 -26.78
C GLY J 266 55.80 -35.08 -27.49
N TYR J 267 56.64 -34.35 -28.17
CA TYR J 267 57.80 -34.93 -28.85
C TYR J 267 58.73 -35.69 -27.90
N ASP J 268 58.91 -35.18 -26.68
CA ASP J 268 59.80 -35.83 -25.72
C ASP J 268 59.29 -37.23 -25.27
N ASP J 269 57.99 -37.45 -25.34
CA ASP J 269 57.49 -38.78 -24.99
C ASP J 269 57.68 -39.75 -26.11
N LEU J 270 57.89 -39.24 -27.32
CA LEU J 270 58.21 -40.08 -28.46
C LEU J 270 59.71 -40.15 -28.72
N ASN J 271 60.47 -39.44 -27.91
CA ASN J 271 61.92 -39.30 -28.08
C ASN J 271 62.28 -38.85 -29.47
N ARG J 272 61.55 -37.82 -29.94
CA ARG J 272 61.63 -37.31 -31.29
C ARG J 272 62.24 -35.96 -31.31
N PHE J 273 63.44 -35.84 -31.87
CA PHE J 273 64.13 -34.56 -31.85
C PHE J 273 64.74 -34.19 -33.21
N PHE J 274 65.64 -33.22 -33.17
CA PHE J 274 66.27 -32.72 -34.36
C PHE J 274 67.49 -31.94 -33.88
N THR J 275 68.42 -31.63 -34.76
CA THR J 275 69.62 -30.89 -34.32
C THR J 275 69.43 -29.41 -34.52
N ILE J 276 69.33 -29.00 -35.78
CA ILE J 276 69.07 -27.61 -36.15
C ILE J 276 67.79 -27.56 -36.95
N GLY J 277 66.95 -26.60 -36.57
CA GLY J 277 65.58 -26.53 -37.10
C GLY J 277 65.64 -25.97 -38.51
N ILE J 278 66.17 -24.75 -38.62
CA ILE J 278 66.30 -24.08 -39.88
C ILE J 278 67.68 -23.54 -40.03
N SER J 279 68.39 -24.12 -40.97
CA SER J 279 69.79 -23.76 -41.21
C SER J 279 69.99 -23.13 -42.57
N ALA J 280 70.52 -21.92 -42.51
CA ALA J 280 70.77 -21.16 -43.70
C ALA J 280 72.24 -20.70 -43.76
N ASN J 281 72.82 -20.81 -44.95
CA ASN J 281 74.20 -20.41 -45.19
C ASN J 281 74.29 -19.87 -46.58
N PHE J 282 74.77 -18.64 -46.71
CA PHE J 282 74.85 -17.97 -48.04
C PHE J 282 73.48 -17.84 -48.63
N ALA J 283 72.62 -17.21 -47.83
CA ALA J 283 71.25 -16.90 -48.22
C ALA J 283 71.08 -15.39 -48.27
N ALA J 284 70.32 -14.99 -49.28
CA ALA J 284 69.98 -13.57 -49.43
C ALA J 284 68.46 -13.40 -49.42
N ASP J 285 67.97 -12.48 -48.57
CA ASP J 285 66.52 -12.15 -48.53
C ASP J 285 65.69 -13.33 -48.14
N LEU J 286 66.11 -13.90 -47.02
CA LEU J 286 65.46 -15.06 -46.46
C LEU J 286 64.58 -14.47 -45.37
N HIS J 287 63.30 -14.76 -45.47
CA HIS J 287 62.30 -14.23 -44.49
C HIS J 287 61.48 -15.29 -43.81
N ILE J 288 61.58 -15.30 -42.49
CA ILE J 288 60.90 -16.33 -41.72
C ILE J 288 59.87 -15.61 -40.89
N GLN J 289 58.62 -15.91 -41.16
CA GLN J 289 57.55 -15.17 -40.55
C GLN J 289 56.80 -16.10 -39.59
N ASP J 290 56.78 -15.73 -38.32
CA ASP J 290 55.99 -16.46 -37.30
C ASP J 290 56.42 -17.92 -37.19
N GLY J 291 55.45 -18.80 -36.96
CA GLY J 291 55.75 -20.19 -36.73
C GLY J 291 56.13 -20.56 -35.30
N VAL J 292 56.37 -21.85 -35.14
CA VAL J 292 56.68 -22.45 -33.84
C VAL J 292 57.71 -23.54 -34.01
N ILE J 293 58.75 -23.46 -33.19
CA ILE J 293 59.82 -24.44 -33.23
C ILE J 293 60.09 -25.04 -31.86
N ILE J 294 59.75 -26.34 -31.72
CA ILE J 294 59.81 -27.01 -30.42
C ILE J 294 60.68 -28.23 -30.35
N GLY J 295 61.41 -28.27 -29.27
CA GLY J 295 61.97 -29.51 -28.83
C GLY J 295 63.05 -30.21 -29.64
N ASN J 296 64.25 -29.68 -29.43
CA ASN J 296 65.38 -30.37 -29.89
C ASN J 296 66.20 -30.64 -28.65
N LYS J 297 65.56 -30.58 -27.50
CA LYS J 297 66.14 -31.00 -26.23
C LYS J 297 64.91 -31.37 -25.36
N ARG J 298 65.11 -32.08 -24.26
CA ARG J 298 63.98 -32.46 -23.41
C ARG J 298 63.60 -31.24 -22.58
N PRO J 299 62.32 -31.11 -22.21
CA PRO J 299 61.88 -29.97 -21.41
C PRO J 299 62.71 -29.76 -20.17
N GLY J 300 63.29 -28.58 -20.02
CA GLY J 300 64.15 -28.29 -18.85
C GLY J 300 65.47 -29.02 -18.78
N ALA J 301 65.78 -29.80 -19.81
CA ALA J 301 67.07 -30.49 -19.94
C ALA J 301 68.25 -29.54 -20.16
N SER J 302 69.45 -30.02 -19.90
CA SER J 302 70.65 -29.23 -20.17
C SER J 302 70.97 -29.06 -21.71
N ASP J 303 72.01 -28.29 -22.00
CA ASP J 303 72.21 -27.86 -23.36
C ASP J 303 73.06 -28.81 -24.21
N ILE J 304 72.85 -28.72 -25.51
CA ILE J 304 73.56 -29.48 -26.49
C ILE J 304 74.17 -28.47 -27.48
N GLU J 305 75.49 -28.46 -27.52
CA GLU J 305 76.24 -27.56 -28.44
C GLU J 305 75.78 -27.63 -29.88
N GLY J 306 75.52 -26.44 -30.49
CA GLY J 306 75.11 -26.28 -31.87
C GLY J 306 73.69 -26.66 -32.25
N ARG J 307 72.86 -27.09 -31.30
CA ARG J 307 71.44 -27.36 -31.60
C ARG J 307 70.54 -26.12 -31.55
N SER J 308 70.78 -25.16 -32.43
CA SER J 308 69.99 -23.96 -32.55
C SER J 308 68.77 -24.18 -33.39
N ALA J 309 67.72 -23.47 -33.01
CA ALA J 309 66.44 -23.52 -33.71
C ALA J 309 66.56 -22.91 -35.11
N ILE J 310 67.09 -21.68 -35.15
CA ILE J 310 67.41 -21.04 -36.42
C ILE J 310 68.84 -20.54 -36.50
N LYS J 311 69.52 -20.87 -37.60
CA LYS J 311 70.91 -20.46 -37.75
C LYS J 311 71.13 -19.76 -39.04
N PHE J 312 71.58 -18.50 -38.92
CA PHE J 312 71.94 -17.63 -40.07
C PHE J 312 73.46 -17.44 -40.08
N ASN J 313 74.06 -18.04 -41.08
CA ASN J 313 75.48 -17.99 -41.35
C ASN J 313 75.78 -17.40 -42.75
N ASN J 314 76.34 -16.18 -42.77
CA ASN J 314 76.66 -15.48 -44.02
C ASN J 314 75.40 -15.25 -44.82
N CYS J 315 74.48 -14.65 -44.09
CA CYS J 315 73.18 -14.31 -44.63
C CYS J 315 72.97 -12.82 -44.70
N VAL J 316 72.41 -12.40 -45.81
CA VAL J 316 72.18 -10.96 -45.99
C VAL J 316 70.70 -10.59 -46.18
N ASP J 317 70.39 -9.46 -45.55
CA ASP J 317 69.07 -8.86 -45.64
C ASP J 317 67.96 -9.87 -45.24
N SER J 318 68.17 -10.54 -44.12
CA SER J 318 67.34 -11.68 -43.75
C SER J 318 66.74 -11.43 -42.40
N THR J 319 65.55 -11.96 -42.22
CA THR J 319 64.78 -11.71 -40.98
C THR J 319 64.02 -12.91 -40.44
N VAL J 320 63.90 -12.84 -39.13
CA VAL J 320 62.97 -13.66 -38.40
C VAL J 320 61.98 -12.74 -37.66
N LYS J 321 60.71 -12.86 -38.00
CA LYS J 321 59.67 -12.01 -37.38
C LYS J 321 58.59 -12.87 -36.74
N GLY J 322 58.44 -12.74 -35.43
CA GLY J 322 57.36 -13.40 -34.68
C GLY J 322 57.36 -14.89 -34.44
N THR J 323 58.46 -15.56 -34.67
CA THR J 323 58.55 -16.98 -34.36
C THR J 323 58.54 -17.27 -32.83
N CYS J 324 57.89 -18.37 -32.44
CA CYS J 324 57.99 -18.90 -31.09
C CYS J 324 59.01 -20.09 -31.03
N PHE J 325 59.85 -20.09 -30.00
CA PHE J 325 60.80 -21.18 -29.73
C PHE J 325 60.57 -21.78 -28.34
N TYR J 326 60.31 -23.07 -28.27
CA TYR J 326 60.17 -23.75 -26.99
C TYR J 326 61.12 -24.96 -26.84
N ASN J 327 61.82 -25.07 -25.70
CA ASN J 327 62.68 -26.27 -25.40
C ASN J 327 63.77 -26.51 -26.40
N ILE J 328 64.76 -25.63 -26.34
CA ILE J 328 65.79 -25.59 -27.36
C ILE J 328 67.15 -25.74 -26.76
N GLY J 329 67.89 -26.63 -27.41
CA GLY J 329 69.21 -27.13 -26.92
C GLY J 329 70.26 -26.07 -26.94
N TRP J 330 70.24 -25.25 -27.99
CA TRP J 330 71.26 -24.25 -28.12
C TRP J 330 70.62 -22.87 -28.16
N TYR J 331 70.69 -22.19 -29.28
CA TYR J 331 70.23 -20.82 -29.35
C TYR J 331 69.01 -20.76 -30.20
N GLY J 332 68.18 -19.77 -29.91
CA GLY J 332 66.91 -19.61 -30.66
C GLY J 332 67.27 -19.19 -32.06
N VAL J 333 67.90 -18.02 -32.08
CA VAL J 333 68.47 -17.53 -33.31
C VAL J 333 69.95 -17.26 -33.17
N GLU J 334 70.71 -18.00 -33.99
CA GLU J 334 72.13 -17.89 -34.08
C GLU J 334 72.50 -17.11 -35.32
N VAL J 335 73.16 -16.00 -35.12
CA VAL J 335 73.67 -15.21 -36.28
C VAL J 335 75.20 -15.18 -36.30
N LEU J 336 75.75 -15.73 -37.36
CA LEU J 336 77.21 -15.78 -37.47
C LEU J 336 77.66 -15.55 -38.88
N GLY J 337 78.96 -15.32 -39.00
CA GLY J 337 79.55 -15.11 -40.31
C GLY J 337 79.43 -13.65 -40.65
N CYS J 338 79.51 -13.36 -41.93
CA CYS J 338 79.42 -11.97 -42.33
C CYS J 338 77.92 -11.62 -42.59
N SER J 339 77.01 -12.13 -41.77
CA SER J 339 75.57 -11.85 -41.91
C SER J 339 75.34 -10.37 -41.75
N GLU J 340 74.76 -9.78 -42.79
CA GLU J 340 74.63 -8.33 -42.80
C GLU J 340 73.20 -7.93 -42.90
N ASP J 341 72.83 -6.93 -42.11
CA ASP J 341 71.51 -6.38 -42.18
C ASP J 341 70.53 -7.46 -41.84
N THR J 342 70.60 -7.93 -40.61
CA THR J 342 69.73 -9.04 -40.22
C THR J 342 68.97 -8.54 -39.05
N GLU J 343 67.67 -8.82 -39.07
CA GLU J 343 66.74 -8.35 -38.03
C GLU J 343 66.01 -9.52 -37.36
N VAL J 344 65.85 -9.41 -36.05
CA VAL J 344 64.95 -10.30 -35.37
C VAL J 344 63.88 -9.53 -34.69
N HIS J 345 62.63 -9.72 -35.11
CA HIS J 345 61.48 -9.04 -34.51
C HIS J 345 60.45 -9.95 -33.80
N ASP J 346 59.99 -9.44 -32.65
CA ASP J 346 58.87 -9.99 -31.89
C ASP J 346 58.91 -11.50 -31.70
N ILE J 347 60.05 -12.07 -31.37
CA ILE J 347 60.12 -13.51 -31.11
C ILE J 347 59.94 -13.79 -29.64
N HIS J 348 59.45 -14.98 -29.36
CA HIS J 348 59.21 -15.46 -27.98
C HIS J 348 60.03 -16.78 -27.78
N ALA J 349 60.99 -16.74 -26.87
CA ALA J 349 61.78 -17.94 -26.63
C ALA J 349 61.68 -18.36 -25.16
N MET J 350 61.19 -19.60 -24.95
CA MET J 350 61.00 -20.13 -23.62
C MET J 350 61.83 -21.41 -23.48
N ASP J 351 62.74 -21.44 -22.49
CA ASP J 351 63.61 -22.59 -22.25
C ASP J 351 64.56 -22.93 -23.41
N VAL J 352 65.54 -22.05 -23.55
CA VAL J 352 66.61 -22.16 -24.55
C VAL J 352 67.87 -21.59 -23.93
N ARG J 353 69.01 -21.68 -24.61
CA ARG J 353 70.28 -21.25 -24.02
C ARG J 353 70.46 -19.73 -24.12
N HIS J 354 70.26 -19.22 -25.32
CA HIS J 354 70.16 -17.79 -25.62
C HIS J 354 69.02 -17.65 -26.65
N ALA J 355 68.19 -16.64 -26.47
CA ALA J 355 67.10 -16.45 -27.39
C ALA J 355 67.72 -16.03 -28.70
N ILE J 356 68.55 -15.02 -28.58
CA ILE J 356 69.34 -14.52 -29.72
C ILE J 356 70.82 -14.55 -29.42
N SER J 357 71.58 -15.10 -30.37
CA SER J 357 73.03 -15.04 -30.25
C SER J 357 73.81 -14.82 -31.53
N LEU J 358 74.61 -13.77 -31.47
CA LEU J 358 75.57 -13.46 -32.50
C LEU J 358 76.90 -14.21 -32.20
N ASN J 359 77.22 -15.16 -33.05
CA ASN J 359 78.30 -16.06 -32.72
C ASN J 359 79.68 -15.62 -33.26
N TRP J 360 80.73 -16.21 -32.70
CA TRP J 360 82.09 -16.20 -33.31
C TRP J 360 82.27 -17.44 -34.13
N GLN J 361 83.50 -17.72 -34.57
CA GLN J 361 83.82 -19.01 -35.23
C GLN J 361 85.14 -19.43 -34.70
N SER J 362 85.23 -20.71 -34.31
CA SER J 362 86.48 -21.27 -33.74
C SER J 362 87.46 -21.52 -34.86
N THR J 363 88.65 -20.92 -34.70
CA THR J 363 89.76 -21.08 -35.66
C THR J 363 90.81 -22.13 -35.23
N ALA J 364 90.49 -22.87 -34.16
CA ALA J 364 91.23 -24.06 -33.76
C ALA J 364 91.55 -24.97 -34.95
N ASP J 365 90.69 -25.02 -35.96
CA ASP J 365 90.88 -25.95 -37.11
C ASP J 365 91.06 -25.28 -38.45
N GLY J 366 91.32 -23.98 -38.40
CA GLY J 366 91.55 -23.26 -39.63
C GLY J 366 91.06 -21.83 -39.59
N ASP J 367 91.38 -21.10 -40.65
CA ASP J 367 90.97 -19.71 -40.76
C ASP J 367 89.47 -19.61 -40.96
N LYS J 368 88.93 -18.55 -40.37
CA LYS J 368 87.52 -18.25 -40.43
C LYS J 368 87.26 -16.79 -40.85
N TRP J 369 86.19 -16.60 -41.62
CA TRP J 369 85.87 -15.28 -42.08
C TRP J 369 84.46 -14.83 -41.79
N GLY J 370 84.36 -13.69 -41.13
CA GLY J 370 83.08 -12.99 -41.01
C GLY J 370 82.63 -12.75 -39.58
N GLU J 371 82.29 -11.50 -39.30
CA GLU J 371 81.57 -11.12 -38.09
C GLU J 371 80.24 -10.54 -38.56
N PRO J 372 79.18 -10.60 -37.71
CA PRO J 372 77.90 -10.01 -38.21
C PRO J 372 77.98 -8.52 -38.19
N ILE J 373 77.40 -7.92 -39.22
CA ILE J 373 77.35 -6.45 -39.33
C ILE J 373 75.92 -5.92 -39.50
N GLU J 374 75.56 -4.96 -38.62
CA GLU J 374 74.21 -4.37 -38.60
C GLU J 374 73.21 -5.41 -38.24
N PHE J 375 73.02 -5.52 -36.93
CA PHE J 375 72.03 -6.41 -36.38
C PHE J 375 71.01 -5.67 -35.51
N LEU J 376 69.76 -6.05 -35.75
CA LEU J 376 68.66 -5.50 -34.98
C LEU J 376 67.75 -6.53 -34.29
N GLY J 377 67.72 -6.43 -32.97
CA GLY J 377 66.76 -7.18 -32.19
C GLY J 377 65.71 -6.22 -31.61
N VAL J 378 64.45 -6.48 -31.91
CA VAL J 378 63.45 -5.55 -31.49
C VAL J 378 62.17 -6.25 -31.05
N ASN J 379 61.85 -5.99 -29.79
CA ASN J 379 60.59 -6.39 -29.24
C ASN J 379 60.52 -7.91 -29.04
N CYS J 380 61.54 -8.43 -28.38
CA CYS J 380 61.77 -9.88 -28.28
C CYS J 380 61.70 -10.26 -26.85
N GLU J 381 61.07 -11.40 -26.63
CA GLU J 381 60.86 -11.84 -25.28
C GLU J 381 61.64 -13.11 -25.09
N ALA J 382 62.24 -13.21 -23.92
CA ALA J 382 62.93 -14.41 -23.50
C ALA J 382 62.59 -14.79 -22.08
N TYR J 383 62.16 -16.04 -21.89
CA TYR J 383 61.82 -16.58 -20.57
C TYR J 383 62.71 -17.74 -20.24
N SER J 384 63.29 -17.71 -19.06
CA SER J 384 63.96 -18.88 -18.56
C SER J 384 64.98 -19.43 -19.50
N THR J 385 66.00 -18.66 -19.72
CA THR J 385 67.14 -19.08 -20.52
C THR J 385 68.19 -19.67 -19.59
N THR J 386 68.78 -20.77 -20.03
CA THR J 386 69.81 -21.48 -19.28
C THR J 386 71.04 -20.62 -19.17
N GLN J 387 71.27 -19.77 -20.18
CA GLN J 387 72.33 -18.74 -20.13
C GLN J 387 71.71 -17.37 -20.43
N ALA J 388 72.50 -16.38 -20.80
CA ALA J 388 71.97 -15.05 -21.11
C ALA J 388 70.80 -15.04 -22.11
N GLY J 389 69.83 -14.17 -21.89
CA GLY J 389 68.70 -14.16 -22.77
C GLY J 389 69.10 -13.76 -24.15
N PHE J 390 69.77 -12.63 -24.23
CA PHE J 390 70.16 -12.08 -25.50
C PHE J 390 71.63 -11.86 -25.47
N ASP J 391 72.35 -12.46 -26.42
CA ASP J 391 73.80 -12.29 -26.38
C ASP J 391 74.62 -12.20 -27.67
N THR J 392 75.83 -11.73 -27.46
CA THR J 392 76.78 -11.65 -28.53
C THR J 392 78.05 -12.33 -28.08
N HIS J 393 78.84 -12.77 -29.05
CA HIS J 393 80.17 -13.25 -28.80
C HIS J 393 81.13 -12.04 -28.98
N ASP J 394 82.45 -12.26 -29.12
CA ASP J 394 83.34 -11.11 -29.21
C ASP J 394 83.67 -10.61 -30.59
N ILE J 395 82.77 -10.77 -31.54
CA ILE J 395 82.88 -10.07 -32.81
C ILE J 395 81.54 -9.37 -33.16
N GLY J 396 81.41 -8.82 -34.36
CA GLY J 396 80.17 -8.26 -34.83
C GLY J 396 80.14 -6.76 -34.62
N LYS J 397 79.54 -6.09 -35.57
CA LYS J 397 79.46 -4.63 -35.56
C LYS J 397 78.05 -4.09 -35.61
N ARG J 398 77.87 -2.96 -34.97
CA ARG J 398 76.63 -2.25 -35.13
C ARG J 398 75.46 -3.10 -34.71
N VAL J 399 75.45 -3.42 -33.42
CA VAL J 399 74.47 -4.39 -32.92
C VAL J 399 73.50 -3.66 -32.05
N LYS J 400 72.20 -3.83 -32.31
CA LYS J 400 71.26 -3.06 -31.55
C LYS J 400 70.08 -3.87 -31.07
N PHE J 401 69.80 -3.69 -29.80
CA PHE J 401 68.67 -4.32 -29.15
C PHE J 401 67.70 -3.24 -28.69
N VAL J 402 66.49 -3.29 -29.25
CA VAL J 402 65.42 -2.32 -29.03
C VAL J 402 64.24 -3.00 -28.37
N ARG J 403 63.90 -2.54 -27.18
CA ARG J 403 62.70 -3.00 -26.49
C ARG J 403 62.64 -4.50 -26.39
N CYS J 404 63.72 -5.11 -25.95
CA CYS J 404 63.77 -6.54 -25.75
C CYS J 404 63.65 -6.74 -24.23
N VAL J 405 63.09 -7.89 -23.84
CA VAL J 405 62.92 -8.18 -22.43
C VAL J 405 63.30 -9.62 -22.18
N SER J 406 64.03 -9.80 -21.07
CA SER J 406 64.39 -11.07 -20.54
C SER J 406 63.89 -11.32 -19.12
N TYR J 407 63.25 -12.47 -18.98
CA TYR J 407 62.69 -12.92 -17.73
C TYR J 407 63.45 -14.14 -17.20
N ASP J 408 63.90 -14.06 -15.96
CA ASP J 408 64.37 -15.21 -15.22
C ASP J 408 65.43 -15.99 -15.93
N SER J 409 66.48 -15.31 -16.32
CA SER J 409 67.62 -15.97 -16.89
C SER J 409 68.38 -16.71 -15.76
N ALA J 410 68.99 -17.83 -16.09
CA ALA J 410 69.92 -18.43 -15.16
C ALA J 410 71.30 -17.69 -15.13
N ALA J 411 71.49 -16.77 -16.07
CA ALA J 411 72.75 -16.08 -16.18
C ALA J 411 72.43 -14.59 -16.18
N ALA J 412 72.81 -13.88 -17.23
CA ALA J 412 72.48 -12.51 -17.35
C ALA J 412 71.16 -12.38 -18.15
N GLY J 413 70.55 -11.19 -18.14
CA GLY J 413 69.48 -10.94 -19.07
C GLY J 413 70.14 -10.75 -20.43
N PHE J 414 71.12 -9.88 -20.45
CA PHE J 414 71.72 -9.41 -21.71
C PHE J 414 73.21 -9.47 -21.53
N GLN J 415 73.86 -10.09 -22.50
CA GLN J 415 75.29 -10.20 -22.42
C GLN J 415 75.90 -9.68 -23.68
N ALA J 416 76.71 -8.62 -23.52
CA ALA J 416 77.52 -8.06 -24.65
C ALA J 416 78.96 -8.48 -24.48
N ARG J 417 79.48 -9.07 -25.55
CA ARG J 417 80.85 -9.47 -25.57
C ARG J 417 81.57 -8.90 -26.76
N THR J 418 80.89 -8.08 -27.55
CA THR J 418 81.52 -7.33 -28.63
C THR J 418 81.37 -5.88 -28.19
N ASN J 419 82.19 -5.01 -28.77
CA ASN J 419 82.21 -3.61 -28.35
C ASN J 419 81.02 -2.79 -28.86
N GLY J 420 80.60 -1.86 -27.99
CA GLY J 420 79.61 -0.82 -28.30
C GLY J 420 78.24 -1.30 -28.68
N VAL J 421 77.75 -2.32 -27.98
CA VAL J 421 76.42 -2.85 -28.28
C VAL J 421 75.49 -1.84 -27.68
N GLU J 422 74.42 -1.51 -28.39
CA GLU J 422 73.49 -0.46 -27.93
C GLU J 422 72.17 -1.14 -27.55
N TYR J 423 71.67 -0.78 -26.37
CA TYR J 423 70.40 -1.31 -25.91
C TYR J 423 69.42 -0.14 -25.66
N LEU J 424 68.30 -0.12 -26.38
CA LEU J 424 67.30 0.93 -26.16
C LEU J 424 66.05 0.34 -25.52
N ASN J 425 65.77 0.76 -24.28
CA ASN J 425 64.49 0.45 -23.61
C ASN J 425 64.24 -1.05 -23.33
N CYS J 426 65.33 -1.71 -22.94
CA CYS J 426 65.31 -3.13 -22.68
C CYS J 426 65.07 -3.31 -21.20
N ARG J 427 64.53 -4.47 -20.88
CA ARG J 427 64.18 -4.77 -19.53
C ARG J 427 64.66 -6.16 -19.23
N ALA J 428 65.12 -6.33 -17.99
CA ALA J 428 65.63 -7.60 -17.50
C ALA J 428 65.12 -7.82 -16.15
N TYR J 429 64.36 -8.90 -15.99
CA TYR J 429 63.76 -9.22 -14.70
C TYR J 429 64.27 -10.53 -14.12
N ARG J 430 64.63 -10.48 -12.83
CA ARG J 430 65.04 -11.66 -12.06
C ARG J 430 66.08 -12.62 -12.70
N ALA J 431 67.12 -12.05 -13.28
CA ALA J 431 68.21 -12.85 -13.73
C ALA J 431 68.90 -13.39 -12.47
N ALA J 432 69.54 -14.54 -12.63
CA ALA J 432 70.36 -15.12 -11.57
C ALA J 432 71.58 -14.28 -11.27
N MET J 433 72.14 -13.61 -12.27
CA MET J 433 73.32 -12.77 -12.06
C MET J 433 73.02 -11.30 -12.23
N ASP J 434 73.28 -10.77 -13.41
CA ASP J 434 73.12 -9.36 -13.67
C ASP J 434 72.02 -9.19 -14.70
N GLY J 435 71.37 -8.03 -14.65
CA GLY J 435 70.38 -7.74 -15.66
C GLY J 435 71.11 -7.66 -16.97
N PHE J 436 71.95 -6.63 -17.02
CA PHE J 436 72.78 -6.35 -18.20
C PHE J 436 74.25 -6.53 -17.85
N ALA J 437 75.04 -7.06 -18.75
CA ALA J 437 76.47 -7.14 -18.45
C ALA J 437 77.28 -7.26 -19.68
N SER J 438 78.48 -6.70 -19.60
CA SER J 438 79.49 -6.94 -20.64
C SER J 438 80.33 -8.09 -20.12
N ASN J 439 81.58 -8.17 -20.57
CA ASN J 439 82.49 -9.20 -20.10
C ASN J 439 83.94 -8.81 -20.30
N THR J 440 84.81 -9.70 -19.80
CA THR J 440 86.28 -9.64 -19.90
C THR J 440 86.84 -8.98 -21.20
N GLY J 441 87.42 -7.79 -20.99
CA GLY J 441 87.94 -6.93 -22.06
C GLY J 441 86.90 -6.46 -23.06
N VAL J 442 85.64 -6.28 -22.64
CA VAL J 442 84.62 -5.79 -23.58
C VAL J 442 84.41 -4.30 -23.36
N ALA J 443 84.43 -3.55 -24.45
CA ALA J 443 84.37 -2.09 -24.34
C ALA J 443 82.96 -1.45 -24.43
N PHE J 444 82.69 -0.57 -23.46
CA PHE J 444 81.53 0.38 -23.41
C PHE J 444 80.26 0.00 -24.16
N PRO J 445 79.44 -0.85 -23.52
CA PRO J 445 78.10 -0.95 -24.01
C PRO J 445 77.36 0.37 -23.69
N ILE J 446 76.28 0.64 -24.41
CA ILE J 446 75.50 1.87 -24.23
C ILE J 446 74.12 1.39 -23.83
N TYR J 447 73.73 1.74 -22.59
CA TYR J 447 72.39 1.43 -22.08
C TYR J 447 71.50 2.69 -22.01
N ARG J 448 70.47 2.75 -22.82
CA ARG J 448 69.55 3.91 -22.82
C ARG J 448 68.14 3.60 -22.30
N GLU J 449 67.81 4.15 -21.15
CA GLU J 449 66.45 3.99 -20.57
C GLU J 449 66.09 2.53 -20.37
N CYS J 450 67.05 1.76 -19.86
CA CYS J 450 66.91 0.32 -19.70
C CYS J 450 66.52 0.10 -18.29
N LEU J 451 65.71 -0.93 -18.05
CA LEU J 451 65.17 -1.19 -16.72
C LEU J 451 65.53 -2.58 -16.22
N ALA J 452 66.07 -2.64 -15.02
CA ALA J 452 66.53 -3.89 -14.43
C ALA J 452 65.83 -4.15 -13.13
N TYR J 453 65.03 -5.20 -13.05
CA TYR J 453 64.26 -5.46 -11.83
C TYR J 453 64.65 -6.75 -11.20
N ASP J 454 64.96 -6.68 -9.92
CA ASP J 454 65.21 -7.87 -9.11
C ASP J 454 66.13 -8.93 -9.71
N ASN J 455 67.22 -8.46 -10.28
CA ASN J 455 68.28 -9.33 -10.70
C ASN J 455 69.13 -9.49 -9.45
N VAL J 456 69.40 -10.72 -9.05
CA VAL J 456 70.21 -11.01 -7.87
C VAL J 456 71.49 -10.10 -7.66
N ARG J 457 72.48 -10.20 -8.53
CA ARG J 457 73.72 -9.53 -8.24
C ARG J 457 73.62 -8.06 -8.58
N SER J 458 73.29 -7.75 -9.83
CA SER J 458 73.24 -6.34 -10.21
C SER J 458 72.38 -5.99 -11.45
N GLY J 459 72.01 -4.72 -11.58
CA GLY J 459 71.22 -4.29 -12.71
C GLY J 459 72.12 -4.26 -13.90
N PHE J 460 73.14 -3.44 -13.76
CA PHE J 460 74.05 -3.25 -14.88
C PHE J 460 75.46 -3.55 -14.41
N ASN J 461 76.13 -4.45 -15.12
CA ASN J 461 77.46 -4.80 -14.79
C ASN J 461 78.37 -4.59 -15.96
N CYS J 462 78.98 -3.43 -15.95
CA CYS J 462 79.91 -3.12 -17.00
C CYS J 462 81.30 -2.69 -16.41
N SER J 463 81.73 -3.43 -15.39
CA SER J 463 82.98 -3.18 -14.67
C SER J 463 84.17 -3.86 -15.36
N TYR J 464 83.95 -4.44 -16.53
CA TYR J 464 85.01 -5.09 -17.27
C TYR J 464 85.82 -4.14 -18.15
N GLY J 465 85.25 -3.03 -18.52
CA GLY J 465 85.91 -2.17 -19.48
C GLY J 465 85.07 -0.97 -19.81
N GLY J 466 84.42 -0.47 -18.76
CA GLY J 466 83.53 0.68 -18.86
C GLY J 466 82.11 0.55 -19.42
N GLY J 467 81.33 1.59 -19.13
CA GLY J 467 79.98 1.70 -19.67
C GLY J 467 79.28 3.06 -19.63
N TYR J 468 78.40 3.23 -20.60
CA TYR J 468 77.49 4.37 -20.60
C TYR J 468 76.07 3.92 -20.14
N VAL J 469 75.72 4.37 -18.96
CA VAL J 469 74.43 4.02 -18.40
C VAL J 469 73.54 5.26 -18.41
N TYR J 470 72.86 5.53 -19.52
CA TYR J 470 72.07 6.76 -19.61
C TYR J 470 70.58 6.57 -19.25
N ASP J 471 70.14 7.13 -18.14
CA ASP J 471 68.70 7.18 -17.77
C ASP J 471 68.08 5.81 -17.54
N CYS J 472 68.88 4.94 -16.94
CA CYS J 472 68.45 3.58 -16.65
C CYS J 472 67.89 3.50 -15.23
N GLU J 473 67.26 2.39 -14.90
CA GLU J 473 66.79 2.14 -13.55
C GLU J 473 67.16 0.74 -13.14
N ALA J 474 67.51 0.58 -11.86
CA ALA J 474 67.84 -0.74 -11.34
C ALA J 474 67.26 -0.85 -9.95
N HIS J 475 66.44 -1.87 -9.73
CA HIS J 475 65.75 -2.06 -8.48
C HIS J 475 65.92 -3.52 -8.07
N GLY J 476 66.18 -3.73 -6.78
CA GLY J 476 66.11 -5.06 -6.16
C GLY J 476 67.29 -5.98 -6.39
N SER J 477 68.47 -5.40 -6.59
CA SER J 477 69.70 -6.17 -6.74
C SER J 477 70.59 -5.94 -5.50
N GLN J 478 71.83 -6.42 -5.58
CA GLN J 478 72.81 -6.17 -4.55
C GLN J 478 73.46 -4.85 -4.81
N ASN J 479 73.74 -4.60 -6.08
CA ASN J 479 74.21 -3.32 -6.51
C ASN J 479 73.46 -2.89 -7.79
N GLY J 480 73.08 -1.63 -7.90
CA GLY J 480 72.33 -1.28 -9.06
C GLY J 480 73.22 -1.47 -10.24
N VAL J 481 74.32 -0.71 -10.18
CA VAL J 481 75.27 -0.65 -11.25
C VAL J 481 76.67 -0.95 -10.70
N ARG J 482 77.38 -1.84 -11.41
CA ARG J 482 78.78 -2.11 -11.23
C ARG J 482 79.51 -1.52 -12.43
N ILE J 483 80.36 -0.55 -12.15
CA ILE J 483 80.99 0.22 -13.18
C ILE J 483 82.43 0.59 -12.71
N ASN J 484 83.41 0.45 -13.62
CA ASN J 484 84.77 0.85 -13.37
C ASN J 484 85.07 2.19 -13.97
N GLY J 485 84.19 2.67 -14.83
CA GLY J 485 84.38 3.96 -15.53
C GLY J 485 83.41 4.20 -16.66
N GLY J 486 83.26 5.46 -17.06
CA GLY J 486 82.32 5.82 -18.12
C GLY J 486 81.37 6.87 -17.57
N ARG J 487 80.05 6.65 -17.72
CA ARG J 487 79.05 7.59 -17.18
C ARG J 487 77.76 6.93 -16.76
N VAL J 488 77.20 7.51 -15.71
CA VAL J 488 75.91 7.16 -15.21
C VAL J 488 75.18 8.48 -15.10
N LYS J 489 74.56 8.86 -16.20
CA LYS J 489 73.76 10.09 -16.34
C LYS J 489 72.28 9.81 -16.16
N GLY J 490 71.61 10.51 -15.25
CA GLY J 490 70.20 10.28 -15.03
C GLY J 490 69.91 8.86 -14.56
N GLY J 491 68.64 8.48 -14.58
CA GLY J 491 68.22 7.20 -14.01
C GLY J 491 67.86 7.28 -12.54
N ARG J 492 67.37 6.16 -12.01
CA ARG J 492 66.87 6.12 -10.68
C ARG J 492 67.17 4.73 -10.17
N TYR J 493 67.51 4.60 -8.89
CA TYR J 493 67.96 3.33 -8.36
C TYR J 493 67.37 3.12 -7.00
N THR J 494 66.76 1.96 -6.79
CA THR J 494 66.08 1.69 -5.51
C THR J 494 66.35 0.27 -5.09
N ARG J 495 66.17 -0.01 -3.80
CA ARG J 495 66.18 -1.38 -3.30
C ARG J 495 67.40 -2.23 -3.72
N ASN J 496 68.58 -1.70 -3.46
CA ASN J 496 69.80 -2.42 -3.69
C ASN J 496 70.52 -2.63 -2.34
N SER J 497 70.58 -3.85 -1.86
CA SER J 497 71.13 -4.16 -0.53
C SER J 497 72.48 -3.53 -0.16
N SER J 498 73.42 -3.54 -1.09
CA SER J 498 74.74 -2.97 -0.84
C SER J 498 74.78 -1.48 -1.25
N SER J 499 74.77 -1.21 -2.54
CA SER J 499 74.81 0.16 -2.99
C SER J 499 74.10 0.32 -4.34
N HIS J 500 73.73 1.53 -4.68
CA HIS J 500 73.08 1.73 -5.94
C HIS J 500 74.21 1.66 -6.98
N ILE J 501 75.20 2.52 -6.86
CA ILE J 501 76.38 2.46 -7.75
C ILE J 501 77.53 1.83 -6.96
N PHE J 502 78.26 0.94 -7.63
CA PHE J 502 79.40 0.18 -7.11
C PHE J 502 80.51 0.43 -8.14
N VAL J 503 81.47 1.25 -7.75
CA VAL J 503 82.61 1.55 -8.62
C VAL J 503 83.63 0.46 -8.33
N THR J 504 83.81 -0.46 -9.27
CA THR J 504 84.70 -1.58 -9.05
C THR J 504 85.20 -2.03 -10.36
N LYS J 505 85.95 -3.14 -10.36
CA LYS J 505 86.54 -3.73 -11.58
C LYS J 505 86.34 -5.22 -11.50
N ASP J 506 86.36 -5.86 -12.67
CA ASP J 506 86.20 -7.31 -12.70
C ASP J 506 87.42 -7.96 -12.07
N VAL J 507 88.60 -7.42 -12.37
CA VAL J 507 89.87 -7.84 -11.74
C VAL J 507 90.75 -6.58 -11.57
N ALA J 508 91.49 -6.47 -10.47
CA ALA J 508 92.43 -5.33 -10.29
C ALA J 508 93.28 -5.00 -11.56
N GLU J 509 93.71 -6.03 -12.28
CA GLU J 509 94.52 -5.84 -13.50
C GLU J 509 93.85 -4.95 -14.54
N THR J 510 92.52 -4.75 -14.45
CA THR J 510 91.78 -3.86 -15.39
C THR J 510 91.89 -2.36 -14.99
N ALA J 511 91.94 -1.52 -16.03
CA ALA J 511 92.20 -0.11 -15.86
C ALA J 511 90.95 0.61 -15.40
N GLN J 512 91.08 1.43 -14.36
CA GLN J 512 90.02 2.31 -13.93
C GLN J 512 90.06 3.53 -14.81
N THR J 513 88.90 4.10 -15.15
CA THR J 513 88.84 5.35 -15.90
C THR J 513 87.85 6.37 -15.24
N SER J 514 87.76 7.51 -15.92
CA SER J 514 86.95 8.61 -15.48
C SER J 514 85.53 8.09 -15.44
N LEU J 515 84.86 8.37 -14.34
CA LEU J 515 83.47 8.04 -14.15
C LEU J 515 82.68 9.28 -13.74
N GLU J 516 81.68 9.64 -14.55
CA GLU J 516 80.82 10.79 -14.29
C GLU J 516 79.54 10.18 -13.72
N ILE J 517 79.10 10.62 -12.54
CA ILE J 517 77.78 10.30 -12.01
C ILE J 517 76.93 11.57 -11.89
N ASP J 518 76.12 11.84 -12.91
CA ASP J 518 75.48 13.15 -13.09
C ASP J 518 73.95 12.99 -13.07
N GLY J 519 73.25 13.69 -12.17
CA GLY J 519 71.76 13.73 -12.15
C GLY J 519 70.98 12.43 -11.95
N VAL J 520 71.43 11.60 -11.03
CA VAL J 520 70.88 10.26 -10.86
C VAL J 520 70.18 10.22 -9.55
N SER J 521 69.00 9.62 -9.52
CA SER J 521 68.27 9.47 -8.27
C SER J 521 68.70 8.21 -7.51
N MET J 522 69.55 8.43 -6.49
CA MET J 522 70.09 7.37 -5.64
C MET J 522 69.61 7.56 -4.22
N ARG J 523 68.30 7.64 -4.03
CA ARG J 523 67.76 8.03 -2.73
C ARG J 523 67.87 6.88 -1.77
N TYR J 524 67.85 7.15 -0.47
CA TYR J 524 67.95 6.10 0.51
C TYR J 524 66.58 5.55 0.79
N ASP J 525 66.45 4.22 0.89
CA ASP J 525 65.15 3.60 1.15
C ASP J 525 65.26 2.45 2.11
N GLY J 526 66.16 2.56 3.08
CA GLY J 526 66.34 1.51 4.11
C GLY J 526 67.24 0.29 3.78
N THR J 527 67.89 0.34 2.63
CA THR J 527 68.68 -0.78 2.11
C THR J 527 70.14 -0.35 2.05
N GLY J 528 70.75 -0.46 0.87
CA GLY J 528 72.14 -0.04 0.67
C GLY J 528 72.43 1.46 0.62
N ARG J 529 73.68 1.78 0.32
CA ARG J 529 74.10 3.17 0.25
C ARG J 529 74.17 3.66 -1.20
N ALA J 530 74.49 4.92 -1.42
CA ALA J 530 74.42 5.43 -2.78
C ALA J 530 75.59 4.92 -3.59
N VAL J 531 76.81 5.24 -3.15
CA VAL J 531 77.99 4.79 -3.85
C VAL J 531 78.87 3.96 -2.96
N TYR J 532 79.52 2.99 -3.61
CA TYR J 532 80.44 2.02 -3.03
C TYR J 532 81.75 2.02 -3.83
N PHE J 533 82.80 2.55 -3.21
CA PHE J 533 84.15 2.53 -3.79
C PHE J 533 84.97 1.31 -3.32
N HIS J 534 85.44 0.54 -4.30
CA HIS J 534 86.14 -0.69 -4.05
C HIS J 534 87.65 -0.48 -4.05
N GLY J 535 88.21 -0.41 -2.84
CA GLY J 535 89.64 -0.15 -2.68
C GLY J 535 90.39 -1.43 -2.98
N THR J 536 89.84 -2.52 -2.45
CA THR J 536 90.39 -3.83 -2.67
C THR J 536 91.00 -4.01 -4.06
N VAL J 537 90.39 -3.45 -5.11
CA VAL J 537 90.91 -3.60 -6.48
C VAL J 537 91.46 -2.28 -7.04
N GLY J 538 91.79 -1.37 -6.14
CA GLY J 538 92.54 -0.18 -6.50
C GLY J 538 91.71 0.94 -7.07
N ILE J 539 90.48 1.08 -6.60
CA ILE J 539 89.67 2.20 -7.06
C ILE J 539 90.12 3.47 -6.37
N ASP J 540 90.42 4.47 -7.20
CA ASP J 540 90.77 5.80 -6.77
C ASP J 540 89.54 6.70 -6.85
N PRO J 541 88.95 7.04 -5.71
CA PRO J 541 87.74 7.86 -5.70
C PRO J 541 87.86 9.20 -6.43
N THR J 542 89.06 9.72 -6.58
CA THR J 542 89.21 11.02 -7.15
C THR J 542 89.00 10.95 -8.64
N LEU J 543 88.89 9.74 -9.19
CA LEU J 543 88.61 9.64 -10.62
C LEU J 543 87.11 9.69 -10.99
N VAL J 544 86.26 9.87 -9.97
CA VAL J 544 84.82 9.96 -10.10
C VAL J 544 84.29 11.33 -9.70
N SER J 545 83.32 11.81 -10.46
CA SER J 545 82.75 13.13 -10.22
C SER J 545 81.30 12.98 -9.96
N MET J 546 80.80 13.56 -8.88
CA MET J 546 79.38 13.44 -8.56
C MET J 546 78.69 14.79 -8.64
N SER J 547 77.88 15.00 -9.65
CA SER J 547 77.12 16.24 -9.80
C SER J 547 75.58 16.10 -9.80
N ASN J 548 74.90 17.00 -9.08
CA ASN J 548 73.45 17.17 -9.14
C ASN J 548 72.65 15.87 -8.93
N ASN J 549 73.08 15.04 -8.02
CA ASN J 549 72.41 13.77 -7.83
C ASN J 549 71.57 13.87 -6.60
N ASP J 550 70.53 13.06 -6.51
CA ASP J 550 69.71 13.05 -5.31
C ASP J 550 70.12 11.87 -4.44
N MET J 551 70.75 12.13 -3.31
CA MET J 551 71.23 11.05 -2.42
C MET J 551 70.46 11.20 -1.13
N THR J 552 69.24 11.65 -1.24
CA THR J 552 68.49 12.03 -0.05
C THR J 552 68.28 10.92 0.97
N GLY J 553 68.64 11.20 2.21
CA GLY J 553 68.25 10.35 3.32
C GLY J 553 69.33 9.39 3.79
N HIS J 554 70.45 9.33 3.05
CA HIS J 554 71.55 8.39 3.37
C HIS J 554 72.35 8.84 4.60
N GLY J 555 72.30 10.14 4.88
CA GLY J 555 73.00 10.72 6.04
C GLY J 555 74.52 10.71 5.99
N LEU J 556 75.14 10.30 7.09
CA LEU J 556 76.60 10.17 7.10
C LEU J 556 77.03 9.06 6.14
N PHE J 557 76.14 8.10 5.91
CA PHE J 557 76.44 6.89 5.18
C PHE J 557 76.06 6.88 3.70
N TRP J 558 76.36 7.94 2.98
CA TRP J 558 76.08 7.90 1.56
C TRP J 558 77.08 7.04 0.84
N ALA J 559 78.30 7.05 1.36
CA ALA J 559 79.38 6.29 0.77
C ALA J 559 79.66 5.00 1.57
N LEU J 560 80.07 3.99 0.82
CA LEU J 560 80.64 2.78 1.37
C LEU J 560 82.02 2.55 0.74
N LEU J 561 82.99 2.24 1.59
CA LEU J 561 84.32 1.98 1.11
C LEU J 561 84.76 0.70 1.75
N SER J 562 85.69 0.03 1.07
CA SER J 562 86.31 -1.18 1.61
C SER J 562 87.65 -1.44 0.92
N GLY J 563 88.53 -2.13 1.66
CA GLY J 563 89.82 -2.50 1.13
C GLY J 563 90.72 -1.28 0.93
N TYR J 564 90.45 -0.22 1.67
CA TYR J 564 91.38 0.90 1.74
C TYR J 564 92.35 0.65 2.94
N THR J 565 93.62 1.01 2.75
CA THR J 565 94.64 0.96 3.82
C THR J 565 94.92 2.38 4.33
N VAL J 566 94.72 3.35 3.45
CA VAL J 566 94.94 4.76 3.71
C VAL J 566 93.69 5.49 3.31
N GLN J 567 93.06 6.25 4.22
CA GLN J 567 91.92 7.11 3.87
C GLN J 567 92.16 7.84 2.55
N PRO J 568 91.31 7.55 1.55
CA PRO J 568 91.56 8.12 0.24
C PRO J 568 90.88 9.48 0.14
N THR J 569 91.26 10.23 -0.87
CA THR J 569 90.62 11.49 -1.18
C THR J 569 89.27 11.21 -1.83
N PRO J 570 88.23 11.97 -1.42
CA PRO J 570 86.90 11.79 -2.03
C PRO J 570 86.82 12.30 -3.48
N PRO J 571 85.74 11.93 -4.18
CA PRO J 571 85.57 12.36 -5.56
C PRO J 571 85.06 13.77 -5.52
N ARG J 572 85.23 14.48 -6.62
CA ARG J 572 84.71 15.84 -6.73
C ARG J 572 83.17 15.80 -6.63
N MET J 573 82.58 16.77 -5.92
CA MET J 573 81.14 16.74 -5.68
C MET J 573 80.49 18.11 -5.74
N SER J 574 79.58 18.24 -6.69
CA SER J 574 78.87 19.47 -6.93
C SER J 574 77.34 19.36 -6.76
N ARG J 575 76.83 20.06 -5.72
CA ARG J 575 75.42 20.35 -5.53
C ARG J 575 74.56 19.11 -5.59
N ASN J 576 74.93 18.11 -4.82
CA ASN J 576 74.12 16.93 -4.68
C ASN J 576 73.15 17.20 -3.54
N LEU J 577 72.10 16.41 -3.37
CA LEU J 577 71.18 16.65 -2.25
C LEU J 577 71.30 15.50 -1.31
N LEU J 578 71.37 15.78 -0.02
CA LEU J 578 71.55 14.73 0.99
C LEU J 578 70.45 14.71 2.08
N ASP J 579 69.80 15.85 2.28
CA ASP J 579 68.63 15.90 3.14
C ASP J 579 67.59 16.78 2.54
N ASP J 580 66.34 16.52 2.91
CA ASP J 580 65.24 17.38 2.44
C ASP J 580 64.51 18.17 3.53
N THR J 581 64.99 18.07 4.78
CA THR J 581 64.55 18.92 5.92
C THR J 581 65.69 19.77 6.50
N GLY J 582 65.39 21.02 6.81
CA GLY J 582 66.41 21.88 7.40
C GLY J 582 67.59 21.94 6.47
N ILE J 583 67.35 22.42 5.26
CA ILE J 583 68.38 22.52 4.24
C ILE J 583 68.34 23.87 3.57
N ARG J 584 67.40 24.71 4.00
CA ARG J 584 67.37 26.09 3.54
C ARG J 584 66.72 26.97 4.61
N GLY J 585 67.23 28.19 4.73
CA GLY J 585 66.74 29.13 5.70
C GLY J 585 67.39 30.48 5.62
N VAL J 586 67.09 31.32 6.61
CA VAL J 586 67.65 32.66 6.71
C VAL J 586 68.14 32.86 8.13
N ALA J 587 69.38 33.33 8.25
CA ALA J 587 70.00 33.60 9.53
C ALA J 587 70.38 35.05 9.56
N THR J 588 70.36 35.64 10.75
CA THR J 588 70.72 37.04 10.89
C THR J 588 71.90 37.20 11.88
N LEU J 589 72.95 37.81 11.34
CA LEU J 589 74.20 37.99 12.05
C LEU J 589 74.15 39.05 13.14
N VAL J 590 74.75 38.69 14.26
CA VAL J 590 74.86 39.57 15.40
C VAL J 590 76.34 39.64 15.78
N ALA J 591 76.97 40.78 15.50
CA ALA J 591 78.41 40.97 15.74
C ALA J 591 79.21 40.04 14.84
N GLY J 592 78.85 40.00 13.55
CA GLY J 592 79.51 39.13 12.54
C GLY J 592 79.40 37.61 12.68
N GLU J 593 78.50 37.14 13.55
CA GLU J 593 78.31 35.71 13.78
C GLU J 593 76.84 35.31 13.91
N ALA J 594 76.61 34.02 13.78
CA ALA J 594 75.29 33.46 13.81
C ALA J 594 75.44 31.96 13.87
N THR J 595 74.70 31.38 14.79
CA THR J 595 74.58 29.93 14.96
C THR J 595 73.28 29.44 14.32
N VAL J 596 73.41 28.59 13.31
CA VAL J 596 72.27 28.11 12.53
C VAL J 596 72.06 26.60 12.70
N ASN J 597 70.85 26.22 13.07
CA ASN J 597 70.49 24.80 13.11
C ASN J 597 70.05 24.30 11.72
N ALA J 598 70.62 23.17 11.34
CA ALA J 598 70.42 22.64 10.00
C ALA J 598 71.01 21.25 9.87
N ARG J 599 70.65 20.58 8.79
CA ARG J 599 71.17 19.25 8.50
C ARG J 599 72.37 19.38 7.59
N VAL J 600 73.33 20.09 8.17
CA VAL J 600 74.67 20.15 7.66
C VAL J 600 75.35 18.90 8.22
N ARG J 601 76.20 18.29 7.41
CA ARG J 601 76.92 17.10 7.83
C ARG J 601 78.38 17.11 7.34
N GLY J 602 79.14 16.15 7.82
CA GLY J 602 80.53 16.04 7.46
C GLY J 602 81.14 14.86 8.19
N ASN J 603 82.28 14.38 7.67
CA ASN J 603 83.08 13.42 8.40
C ASN J 603 84.47 13.97 8.44
N PHE J 604 85.02 14.03 9.65
CA PHE J 604 86.35 14.55 9.84
C PHE J 604 87.30 13.55 10.48
N GLY J 605 86.78 12.35 10.74
CA GLY J 605 87.56 11.24 11.27
C GLY J 605 88.61 10.85 10.26
N SER J 606 89.38 9.81 10.55
CA SER J 606 90.49 9.49 9.66
C SER J 606 90.62 7.99 9.43
N VAL J 607 89.53 7.29 9.65
CA VAL J 607 89.46 5.86 9.35
C VAL J 607 89.95 5.66 7.91
N ALA J 608 90.50 4.50 7.59
CA ALA J 608 91.02 4.25 6.23
C ALA J 608 89.86 4.16 5.24
N ASN J 609 88.90 3.31 5.58
CA ASN J 609 87.64 3.15 4.82
C ASN J 609 86.57 4.21 5.17
N SER J 610 86.84 5.44 4.76
CA SER J 610 85.92 6.57 4.95
C SER J 610 86.50 7.81 4.23
N PHE J 611 85.69 8.84 4.10
CA PHE J 611 86.10 10.08 3.45
C PHE J 611 86.14 11.21 4.47
N LYS J 612 86.99 12.19 4.22
CA LYS J 612 86.96 13.44 4.95
C LYS J 612 86.11 14.38 4.07
N TRP J 613 84.91 14.72 4.53
CA TRP J 613 83.99 15.52 3.74
C TRP J 613 83.05 16.34 4.62
N VAL J 614 82.49 17.37 4.01
CA VAL J 614 81.53 18.24 4.68
C VAL J 614 80.56 18.85 3.69
N SER J 615 79.37 19.16 4.17
CA SER J 615 78.34 19.78 3.35
C SER J 615 78.84 21.00 2.60
N GLU J 616 78.34 21.23 1.39
CA GLU J 616 78.59 22.48 0.71
C GLU J 616 77.47 23.37 1.17
N VAL J 617 77.76 24.42 1.95
CA VAL J 617 76.74 25.42 2.31
C VAL J 617 76.80 26.72 1.49
N LYS J 618 75.82 26.91 0.62
CA LYS J 618 75.77 28.09 -0.24
C LYS J 618 75.17 29.28 0.49
N LEU J 619 75.90 30.40 0.50
CA LEU J 619 75.52 31.58 1.27
C LEU J 619 75.31 32.78 0.38
N THR J 620 74.21 33.49 0.64
CA THR J 620 73.90 34.72 -0.07
C THR J 620 73.30 35.70 0.92
N ARG J 621 73.71 36.95 0.77
CA ARG J 621 73.32 38.03 1.65
C ARG J 621 72.03 38.61 1.11
N LEU J 622 71.10 38.95 2.01
CA LEU J 622 69.77 39.54 1.67
C LEU J 622 69.52 41.00 2.14
N THR J 623 70.25 41.39 3.20
CA THR J 623 70.23 42.74 3.73
C THR J 623 71.63 43.23 3.55
N PHE J 624 71.79 44.52 3.30
CA PHE J 624 73.11 45.01 3.00
C PHE J 624 73.61 46.12 3.96
N PRO J 625 73.72 45.79 5.28
CA PRO J 625 74.27 46.83 6.17
C PRO J 625 75.64 47.28 5.69
N SER J 626 76.08 48.43 6.20
CA SER J 626 77.36 48.99 5.82
C SER J 626 78.49 48.15 6.40
N SER J 627 78.19 47.41 7.46
CA SER J 627 79.15 46.51 8.11
C SER J 627 79.34 45.16 7.37
N ALA J 628 78.93 45.08 6.11
CA ALA J 628 79.00 43.83 5.33
C ALA J 628 80.45 43.33 5.12
N GLY J 629 80.67 42.07 5.47
CA GLY J 629 81.96 41.40 5.27
C GLY J 629 81.84 40.05 4.57
N ALA J 630 82.99 39.48 4.21
CA ALA J 630 83.01 38.18 3.53
C ALA J 630 82.50 37.11 4.48
N LEU J 631 81.73 36.18 3.93
CA LEU J 631 81.04 35.21 4.75
C LEU J 631 81.71 33.88 4.65
N THR J 632 81.59 33.11 5.72
CA THR J 632 82.19 31.81 5.76
C THR J 632 81.58 30.93 6.84
N VAL J 633 81.61 29.65 6.51
CA VAL J 633 81.02 28.62 7.34
C VAL J 633 82.10 28.09 8.26
N THR J 634 81.74 27.79 9.50
CA THR J 634 82.69 27.25 10.43
C THR J 634 81.96 26.63 11.60
N SER J 635 82.72 26.04 12.51
CA SER J 635 82.18 25.38 13.71
C SER J 635 80.99 24.45 13.45
N VAL J 636 81.22 23.49 12.55
CA VAL J 636 80.17 22.55 12.17
C VAL J 636 80.04 21.54 13.28
N ALA J 637 78.86 21.43 13.87
CA ALA J 637 78.62 20.51 15.00
C ALA J 637 77.51 19.55 14.62
N GLN J 638 77.73 18.25 14.90
CA GLN J 638 76.77 17.21 14.58
C GLN J 638 76.31 16.54 15.86
N ASN J 639 75.03 16.71 16.16
CA ASN J 639 74.44 16.14 17.36
C ASN J 639 74.89 14.71 17.57
N GLN J 640 75.06 14.30 18.83
CA GLN J 640 75.50 12.94 19.14
C GLN J 640 74.58 12.16 20.09
N ASP J 641 73.28 12.47 20.09
CA ASP J 641 72.31 11.74 20.93
C ASP J 641 72.42 10.20 20.84
N VAL J 642 71.87 9.55 21.85
CA VAL J 642 71.83 8.07 21.93
C VAL J 642 70.44 7.58 22.39
N PRO J 643 69.95 6.46 21.83
CA PRO J 643 70.59 5.55 20.84
C PRO J 643 70.86 6.15 19.45
N THR J 644 69.93 6.97 18.97
CA THR J 644 69.99 7.55 17.62
C THR J 644 70.16 9.08 17.60
N PRO J 645 71.19 9.59 16.86
CA PRO J 645 71.42 11.02 16.70
C PRO J 645 70.30 11.78 16.00
N ASN J 646 70.09 13.03 16.40
CA ASN J 646 69.04 13.82 15.79
C ASN J 646 69.60 15.00 14.98
N PRO J 647 69.72 14.81 13.67
CA PRO J 647 70.33 15.72 12.69
C PRO J 647 69.67 17.11 12.56
N ASP J 648 68.51 17.27 13.17
CA ASP J 648 67.87 18.57 13.26
C ASP J 648 68.63 19.52 14.21
N LEU J 649 69.35 18.93 15.18
CA LEU J 649 70.17 19.69 16.14
C LEU J 649 71.61 19.85 15.67
N ASN J 650 71.89 19.41 14.44
CA ASN J 650 73.15 19.73 13.81
C ASN J 650 73.19 21.23 13.61
N SER J 651 74.38 21.81 13.58
CA SER J 651 74.53 23.26 13.51
C SER J 651 75.82 23.70 12.84
N PHE J 652 75.79 24.89 12.32
CA PHE J 652 77.01 25.45 11.84
C PHE J 652 76.95 26.94 12.08
N VAL J 653 78.06 27.63 11.91
CA VAL J 653 78.12 29.07 12.17
C VAL J 653 78.57 29.84 10.93
N ILE J 654 77.78 30.84 10.58
CA ILE J 654 78.20 31.77 9.55
C ILE J 654 79.03 32.81 10.29
N ARG J 655 80.18 33.19 9.70
CA ARG J 655 81.04 34.23 10.31
C ARG J 655 81.53 35.22 9.29
N SER J 656 81.35 36.50 9.59
CA SER J 656 81.70 37.55 8.65
C SER J 656 83.08 38.09 8.96
N SER J 657 83.79 38.49 7.92
CA SER J 657 85.15 39.00 8.07
C SER J 657 85.15 40.27 8.92
N ASN J 658 84.06 41.04 8.79
CA ASN J 658 83.82 42.23 9.58
C ASN J 658 83.09 41.87 10.87
N ALA J 659 83.68 42.18 12.03
CA ALA J 659 83.08 41.78 13.30
C ALA J 659 81.75 42.49 13.61
N ALA J 660 81.43 43.55 12.87
CA ALA J 660 80.22 44.38 13.11
C ALA J 660 79.00 44.00 12.29
N ASP J 661 79.24 43.17 11.26
CA ASP J 661 78.23 42.66 10.32
C ASP J 661 76.98 42.13 11.01
N VAL J 662 75.83 42.66 10.55
CA VAL J 662 74.49 42.27 11.06
C VAL J 662 73.59 41.74 9.91
N SER J 663 74.24 41.27 8.85
CA SER J 663 73.59 40.87 7.63
C SER J 663 72.53 39.81 7.90
N GLN J 664 71.63 39.71 6.93
CA GLN J 664 70.71 38.62 6.82
C GLN J 664 71.32 37.75 5.71
N VAL J 665 71.62 36.53 6.09
CA VAL J 665 72.18 35.62 5.13
C VAL J 665 71.30 34.39 4.93
N ALA J 666 71.05 34.12 3.65
CA ALA J 666 70.31 32.96 3.18
C ALA J 666 71.31 31.82 2.99
N TRP J 667 70.98 30.69 3.57
CA TRP J 667 71.77 29.52 3.46
C TRP J 667 71.00 28.38 2.81
N GLU J 668 71.72 27.54 2.07
CA GLU J 668 71.18 26.35 1.43
C GLU J 668 72.21 25.26 1.64
N VAL J 669 71.78 24.06 1.98
CA VAL J 669 72.68 22.94 2.25
C VAL J 669 72.73 21.89 1.13
N TYR J 670 73.92 21.60 0.67
CA TYR J 670 74.11 20.61 -0.36
C TYR J 670 75.05 19.46 0.07
N LEU J 671 75.67 18.87 -0.94
CA LEU J 671 76.74 17.89 -0.84
C LEU J 671 77.60 18.08 -2.11
N GLU K 30 30.18 -38.83 -65.98
CA GLU K 30 30.01 -37.72 -65.00
C GLU K 30 28.59 -37.18 -65.04
N ARG K 31 28.05 -36.85 -63.86
CA ARG K 31 26.76 -36.16 -63.72
C ARG K 31 27.08 -34.68 -63.58
N VAL K 32 26.35 -33.83 -64.29
CA VAL K 32 26.61 -32.40 -64.25
C VAL K 32 25.31 -31.61 -64.16
N PHE K 33 25.29 -30.62 -63.28
CA PHE K 33 24.10 -29.79 -63.08
C PHE K 33 24.52 -28.37 -63.34
N SER K 34 23.52 -27.54 -63.67
CA SER K 34 23.72 -26.12 -63.97
C SER K 34 23.39 -25.21 -62.79
N ASP K 35 22.49 -25.67 -61.92
CA ASP K 35 22.16 -24.92 -60.71
C ASP K 35 22.12 -25.84 -59.50
N LEU K 36 22.14 -25.24 -58.32
CA LEU K 36 22.19 -26.00 -57.08
C LEU K 36 20.92 -26.83 -56.92
N ALA K 37 19.77 -26.16 -56.90
CA ALA K 37 18.48 -26.83 -56.67
C ALA K 37 18.39 -28.19 -57.39
N SER K 38 18.90 -28.24 -58.62
CA SER K 38 18.97 -29.48 -59.39
C SER K 38 19.83 -30.53 -58.71
N MET K 39 21.07 -30.13 -58.41
CA MET K 39 22.06 -31.05 -57.85
C MET K 39 21.53 -31.69 -56.59
N VAL K 40 20.98 -30.89 -55.68
CA VAL K 40 20.43 -31.43 -54.41
C VAL K 40 19.21 -32.34 -54.59
N ALA K 41 18.59 -32.28 -55.78
CA ALA K 41 17.37 -33.02 -56.12
C ALA K 41 17.61 -34.49 -56.57
N TYR K 42 18.32 -34.67 -57.70
CA TYR K 42 18.69 -35.98 -58.27
C TYR K 42 18.75 -37.06 -57.17
N PRO K 43 18.00 -38.17 -57.33
CA PRO K 43 17.97 -39.23 -56.31
C PRO K 43 18.82 -40.50 -56.57
N ASN K 44 19.54 -40.51 -57.70
CA ASN K 44 20.31 -41.70 -58.09
C ASN K 44 21.80 -41.65 -57.77
N PHE K 45 22.20 -40.69 -56.95
CA PHE K 45 23.60 -40.55 -56.65
C PHE K 45 24.15 -41.83 -56.03
N GLN K 46 25.36 -42.19 -56.46
CA GLN K 46 26.05 -43.36 -55.97
C GLN K 46 27.52 -43.01 -55.75
N VAL K 47 28.10 -43.72 -54.82
CA VAL K 47 29.44 -43.45 -54.28
C VAL K 47 30.53 -43.21 -55.33
N GLN K 48 30.32 -43.65 -56.56
CA GLN K 48 31.35 -43.59 -57.62
C GLN K 48 31.02 -42.61 -58.75
N ASP K 49 29.84 -41.98 -58.73
CA ASP K 49 29.53 -40.97 -59.74
C ASP K 49 30.63 -39.91 -59.70
N LYS K 50 30.76 -39.14 -60.77
CA LYS K 50 31.58 -37.94 -60.77
C LYS K 50 30.63 -36.76 -60.91
N ILE K 51 30.51 -35.97 -59.86
CA ILE K 51 29.54 -34.88 -59.84
C ILE K 51 30.24 -33.56 -60.08
N THR K 52 29.56 -32.65 -60.77
CA THR K 52 30.06 -31.30 -61.02
C THR K 52 28.93 -30.26 -61.11
N LEU K 53 29.16 -29.09 -60.48
CA LEU K 53 28.18 -28.00 -60.46
C LEU K 53 28.68 -26.77 -61.17
N LEU K 54 27.77 -26.14 -61.92
CA LEU K 54 28.06 -24.98 -62.77
C LEU K 54 27.43 -23.68 -62.24
N GLY K 55 28.16 -22.59 -62.41
CA GLY K 55 27.67 -21.27 -61.96
C GLY K 55 28.50 -20.67 -60.85
N SER K 56 27.81 -20.03 -59.91
CA SER K 56 28.44 -19.25 -58.81
C SER K 56 29.09 -20.08 -57.69
N ALA K 57 28.32 -21.03 -57.13
CA ALA K 57 28.82 -21.97 -56.13
C ALA K 57 29.59 -23.13 -56.78
N GLY K 58 29.67 -23.13 -58.10
CA GLY K 58 30.28 -24.22 -58.87
C GLY K 58 31.47 -24.88 -58.25
N GLY K 59 31.62 -26.18 -58.52
CA GLY K 59 32.73 -27.00 -57.99
C GLY K 59 32.46 -28.45 -58.28
N ASP K 60 33.27 -29.33 -57.69
CA ASP K 60 33.20 -30.78 -57.93
C ASP K 60 33.00 -31.59 -56.65
N PHE K 61 32.03 -32.48 -56.66
CA PHE K 61 31.61 -33.16 -55.46
C PHE K 61 31.72 -34.68 -55.53
N THR K 62 31.66 -35.29 -54.36
CA THR K 62 31.67 -36.74 -54.20
C THR K 62 30.42 -37.10 -53.40
N PHE K 63 29.71 -38.14 -53.82
CA PHE K 63 28.59 -38.64 -53.02
C PHE K 63 29.14 -39.44 -51.87
N THR K 64 28.37 -39.54 -50.80
CA THR K 64 28.67 -40.45 -49.66
C THR K 64 27.46 -40.68 -48.79
N THR K 65 27.51 -41.73 -47.97
CA THR K 65 26.49 -41.96 -46.94
C THR K 65 27.05 -41.79 -45.57
N THR K 66 28.39 -41.73 -45.47
CA THR K 66 29.10 -41.52 -44.21
C THR K 66 28.61 -40.23 -43.57
N ALA K 67 27.84 -40.34 -42.49
CA ALA K 67 27.10 -39.17 -41.92
C ALA K 67 28.00 -37.92 -41.76
N SER K 68 27.58 -36.82 -42.40
CA SER K 68 28.33 -35.54 -42.45
C SER K 68 27.46 -34.37 -41.90
N VAL K 69 28.15 -33.29 -41.52
CA VAL K 69 27.47 -32.08 -41.00
C VAL K 69 27.11 -31.11 -42.12
N VAL K 70 25.82 -30.95 -42.37
CA VAL K 70 25.37 -30.17 -43.50
C VAL K 70 25.57 -28.70 -43.21
N ASP K 71 26.10 -27.96 -44.19
CA ASP K 71 26.26 -26.49 -44.10
C ASP K 71 25.91 -25.74 -45.36
N ASN K 72 25.57 -26.46 -46.40
CA ASN K 72 25.17 -25.83 -47.67
C ASN K 72 26.21 -24.92 -48.26
N GLY K 73 27.43 -25.41 -48.28
CA GLY K 73 28.51 -24.72 -48.92
C GLY K 73 29.56 -25.72 -49.34
N THR K 74 29.87 -26.65 -48.42
CA THR K 74 30.81 -27.72 -48.65
C THR K 74 30.19 -29.10 -48.45
N VAL K 75 29.12 -29.14 -47.64
CA VAL K 75 28.43 -30.36 -47.35
C VAL K 75 26.94 -30.14 -47.61
N PHE K 76 26.42 -30.82 -48.63
CA PHE K 76 25.01 -30.71 -48.95
C PHE K 76 24.25 -32.01 -48.65
N ALA K 77 23.00 -31.90 -48.21
CA ALA K 77 22.16 -33.07 -48.07
C ALA K 77 21.38 -33.31 -49.36
N VAL K 78 21.30 -34.59 -49.75
CA VAL K 78 20.63 -35.05 -50.95
C VAL K 78 19.91 -36.40 -50.69
N PRO K 79 19.09 -36.85 -51.64
CA PRO K 79 18.41 -38.12 -51.47
C PRO K 79 19.40 -39.27 -51.35
N GLY K 80 19.46 -39.87 -50.16
CA GLY K 80 20.28 -41.07 -49.99
C GLY K 80 21.55 -40.83 -49.20
N GLY K 81 21.99 -39.58 -49.13
CA GLY K 81 23.18 -39.25 -48.36
C GLY K 81 23.61 -37.80 -48.49
N TYR K 82 24.89 -37.59 -48.77
CA TYR K 82 25.42 -36.24 -48.88
C TYR K 82 26.32 -36.08 -50.08
N LEU K 83 26.51 -34.82 -50.42
CA LEU K 83 27.44 -34.37 -51.42
C LEU K 83 28.49 -33.61 -50.68
N LEU K 84 29.74 -34.04 -50.83
CA LEU K 84 30.86 -33.36 -50.25
C LEU K 84 31.64 -32.63 -51.32
N ARG K 85 31.80 -31.33 -51.14
CA ARG K 85 32.64 -30.57 -52.05
C ARG K 85 34.09 -31.02 -51.86
N LYS K 86 34.80 -31.24 -52.96
CA LYS K 86 36.23 -31.62 -52.89
C LYS K 86 36.99 -30.38 -53.32
N PHE K 87 37.94 -29.99 -52.48
CA PHE K 87 38.77 -28.78 -52.71
C PHE K 87 40.00 -28.80 -51.78
N VAL K 88 41.01 -28.06 -52.18
CA VAL K 88 42.23 -27.91 -51.43
C VAL K 88 42.24 -26.43 -51.19
N GLY K 89 43.05 -25.91 -50.29
CA GLY K 89 43.01 -24.49 -50.02
C GLY K 89 41.81 -24.07 -49.21
N PRO K 90 41.61 -22.76 -49.03
CA PRO K 90 40.53 -22.28 -48.18
C PRO K 90 39.19 -22.43 -48.88
N ALA K 91 38.12 -22.25 -48.12
CA ALA K 91 36.82 -22.26 -48.71
C ALA K 91 36.41 -20.83 -48.90
N TYR K 92 35.41 -20.62 -49.77
CA TYR K 92 34.87 -19.28 -49.99
C TYR K 92 33.43 -19.12 -49.55
N SER K 93 33.15 -17.99 -48.92
CA SER K 93 31.80 -17.63 -48.56
C SER K 93 30.89 -17.70 -49.80
N SER K 94 31.42 -17.28 -50.93
CA SER K 94 30.64 -17.38 -52.14
C SER K 94 30.11 -18.78 -52.42
N TRP K 95 30.62 -19.82 -51.75
CA TRP K 95 30.13 -21.18 -52.00
C TRP K 95 28.84 -21.48 -51.28
N PHE K 96 28.54 -20.71 -50.25
CA PHE K 96 27.44 -20.98 -49.34
C PHE K 96 26.08 -20.29 -49.72
N SER K 97 25.01 -20.98 -49.34
CA SER K 97 23.67 -20.51 -49.55
C SER K 97 23.26 -19.49 -48.53
N ASN K 98 23.78 -19.55 -47.30
CA ASN K 98 23.35 -18.58 -46.27
C ASN K 98 24.29 -18.37 -45.07
N TRP K 99 24.10 -17.24 -44.41
CA TRP K 99 24.90 -16.91 -43.27
C TRP K 99 24.86 -18.06 -42.31
N THR K 100 23.77 -18.81 -42.31
CA THR K 100 23.65 -19.86 -41.32
C THR K 100 24.65 -20.95 -41.61
N GLY K 101 24.77 -21.29 -42.87
CA GLY K 101 25.76 -22.28 -43.23
C GLY K 101 27.16 -21.81 -42.87
N ILE K 102 27.51 -20.57 -43.19
CA ILE K 102 28.84 -20.03 -42.84
C ILE K 102 29.08 -20.31 -41.34
N VAL K 103 28.07 -20.06 -40.53
CA VAL K 103 28.18 -20.20 -39.09
C VAL K 103 28.49 -21.63 -38.69
N THR K 104 27.78 -22.56 -39.30
CA THR K 104 27.94 -23.97 -39.03
C THR K 104 29.34 -24.33 -39.45
N PHE K 105 29.74 -23.88 -40.64
CA PHE K 105 31.07 -24.16 -41.12
C PHE K 105 32.10 -23.70 -40.14
N MET K 106 32.01 -22.48 -39.64
CA MET K 106 33.09 -22.01 -38.73
C MET K 106 33.00 -22.50 -37.31
N SER K 107 31.99 -23.32 -37.03
CA SER K 107 31.76 -23.85 -35.66
C SER K 107 32.67 -25.01 -35.29
N ALA K 108 33.37 -25.56 -36.29
CA ALA K 108 34.41 -26.54 -36.06
C ALA K 108 35.77 -25.88 -36.17
N PRO K 109 36.77 -26.50 -35.52
CA PRO K 109 38.16 -26.08 -35.57
C PRO K 109 38.77 -26.47 -36.83
N ASN K 110 39.91 -25.86 -37.18
CA ASN K 110 40.68 -26.13 -38.43
C ASN K 110 39.96 -25.70 -39.70
N ARG K 111 39.48 -24.48 -39.68
CA ARG K 111 38.71 -23.96 -40.78
C ARG K 111 39.42 -22.79 -41.41
N HIS K 112 39.47 -22.76 -42.73
CA HIS K 112 40.01 -21.60 -43.42
C HIS K 112 38.89 -21.12 -44.37
N LEU K 113 38.41 -19.92 -44.08
CA LEU K 113 37.38 -19.32 -44.85
C LEU K 113 37.82 -17.98 -45.37
N VAL K 114 37.59 -17.79 -46.66
CA VAL K 114 37.76 -16.48 -47.29
C VAL K 114 36.39 -15.84 -47.52
N VAL K 115 36.19 -14.68 -46.94
CA VAL K 115 34.96 -13.97 -47.17
C VAL K 115 35.10 -13.11 -48.43
N ASP K 116 34.55 -13.62 -49.52
CA ASP K 116 34.59 -12.98 -50.82
C ASP K 116 33.24 -12.40 -51.24
N THR K 117 32.34 -12.20 -50.32
CA THR K 117 31.05 -11.65 -50.63
C THR K 117 30.61 -10.80 -49.48
N VAL K 118 29.41 -10.22 -49.64
CA VAL K 118 28.86 -9.35 -48.59
C VAL K 118 27.90 -10.16 -47.80
N LEU K 119 28.27 -10.44 -46.56
CA LEU K 119 27.49 -11.37 -45.77
C LEU K 119 26.56 -10.64 -44.83
N GLN K 120 25.36 -11.19 -44.75
CA GLN K 120 24.34 -10.59 -43.97
C GLN K 120 24.05 -11.44 -42.73
N ALA K 121 24.63 -11.02 -41.63
CA ALA K 121 24.54 -11.74 -40.35
C ALA K 121 23.20 -11.67 -39.70
N THR K 122 22.79 -12.79 -39.13
CA THR K 122 21.60 -12.83 -38.33
C THR K 122 21.81 -13.60 -37.04
N SER K 123 23.07 -13.82 -36.66
CA SER K 123 23.44 -14.49 -35.40
C SER K 123 24.91 -14.23 -35.18
N VAL K 124 25.44 -14.66 -34.04
CA VAL K 124 26.88 -14.61 -33.81
C VAL K 124 27.61 -15.69 -34.63
N LEU K 125 28.80 -15.31 -35.11
CA LEU K 125 29.68 -16.21 -35.84
C LEU K 125 30.73 -16.57 -34.83
N ASN K 126 30.83 -17.89 -34.50
CA ASN K 126 31.77 -18.33 -33.49
C ASN K 126 32.92 -18.94 -34.18
N ILE K 127 34.12 -18.61 -33.75
CA ILE K 127 35.28 -19.16 -34.41
C ILE K 127 36.03 -20.09 -33.47
N LYS K 128 36.53 -21.18 -34.01
CA LYS K 128 37.20 -22.16 -33.18
C LYS K 128 38.71 -22.20 -33.38
N SER K 129 39.38 -23.12 -32.70
CA SER K 129 40.83 -23.24 -32.76
C SER K 129 41.35 -23.49 -34.15
N ASN K 130 42.53 -22.94 -34.44
CA ASN K 130 43.27 -23.17 -35.73
C ASN K 130 42.47 -22.82 -36.96
N SER K 131 41.75 -21.72 -36.86
CA SER K 131 40.91 -21.31 -37.90
C SER K 131 41.30 -19.92 -38.27
N THR K 132 41.05 -19.61 -39.54
CA THR K 132 41.37 -18.37 -40.18
C THR K 132 40.18 -17.90 -40.96
N LEU K 133 39.82 -16.68 -40.69
CA LEU K 133 38.78 -15.97 -41.41
C LEU K 133 39.51 -14.80 -42.08
N GLU K 134 39.44 -14.75 -43.40
CA GLU K 134 40.12 -13.69 -44.14
C GLU K 134 39.22 -13.11 -45.18
N PHE K 135 39.29 -11.79 -45.31
CA PHE K 135 38.36 -11.09 -46.18
C PHE K 135 39.09 -10.61 -47.40
N THR K 136 38.46 -10.72 -48.55
CA THR K 136 38.94 -10.07 -49.74
C THR K 136 38.48 -8.60 -49.70
N ASP K 137 38.87 -7.82 -50.69
CA ASP K 137 38.66 -6.37 -50.59
C ASP K 137 37.17 -6.05 -50.70
N THR K 138 36.38 -6.96 -51.23
CA THR K 138 34.93 -6.75 -51.28
C THR K 138 34.09 -7.49 -50.24
N GLY K 139 34.69 -8.46 -49.52
CA GLY K 139 34.03 -9.22 -48.43
C GLY K 139 33.65 -8.34 -47.26
N ARG K 140 32.43 -8.53 -46.75
CA ARG K 140 31.95 -7.71 -45.62
C ARG K 140 31.07 -8.60 -44.77
N ILE K 141 31.03 -8.31 -43.49
CA ILE K 141 30.00 -8.86 -42.66
C ILE K 141 29.19 -7.71 -42.17
N LEU K 142 27.93 -7.71 -42.57
CA LEU K 142 27.01 -6.68 -42.08
C LEU K 142 26.13 -7.21 -40.94
N PRO K 143 26.07 -6.51 -39.81
CA PRO K 143 25.27 -6.93 -38.71
C PRO K 143 23.79 -6.88 -39.05
N ASP K 144 22.97 -7.61 -38.25
CA ASP K 144 21.54 -7.66 -38.40
C ASP K 144 21.01 -6.30 -38.09
N ALA K 145 20.13 -5.84 -38.94
CA ALA K 145 19.49 -4.57 -38.70
C ALA K 145 18.27 -4.71 -37.72
N ALA K 146 17.73 -5.93 -37.61
CA ALA K 146 16.65 -6.26 -36.68
C ALA K 146 17.10 -6.41 -35.23
N VAL K 147 18.36 -6.77 -35.00
CA VAL K 147 18.84 -6.99 -33.64
C VAL K 147 20.26 -6.51 -33.51
N ALA K 148 20.56 -5.66 -32.57
CA ALA K 148 21.91 -5.29 -32.27
C ALA K 148 22.56 -6.38 -31.41
N ARG K 149 23.58 -7.04 -31.90
CA ARG K 149 24.17 -8.14 -31.16
C ARG K 149 25.68 -8.23 -31.52
N GLN K 150 26.34 -9.33 -31.17
CA GLN K 150 27.75 -9.44 -31.32
C GLN K 150 28.03 -9.98 -32.68
N VAL K 151 29.21 -9.70 -33.18
CA VAL K 151 29.53 -10.21 -34.51
C VAL K 151 30.44 -11.46 -34.54
N LEU K 152 31.64 -11.35 -34.00
CA LEU K 152 32.50 -12.54 -33.90
C LEU K 152 32.72 -12.89 -32.45
N ASN K 153 32.65 -14.17 -32.14
CA ASN K 153 33.05 -14.64 -30.84
C ASN K 153 34.13 -15.65 -31.00
N ILE K 154 35.15 -15.45 -30.22
CA ILE K 154 36.22 -16.39 -30.11
C ILE K 154 36.35 -16.73 -28.66
N THR K 155 35.69 -17.81 -28.26
CA THR K 155 35.53 -18.06 -26.83
C THR K 155 35.82 -19.44 -26.38
N GLY K 156 36.68 -19.50 -25.39
CA GLY K 156 36.98 -20.73 -24.69
C GLY K 156 36.21 -20.64 -23.40
N SER K 157 36.64 -21.35 -22.40
CA SER K 157 35.93 -21.35 -21.13
C SER K 157 36.86 -21.56 -19.95
N ALA K 158 36.49 -20.93 -18.85
CA ALA K 158 37.23 -21.08 -17.61
C ALA K 158 37.11 -22.51 -17.10
N PRO K 159 37.99 -22.91 -16.18
CA PRO K 159 38.03 -24.28 -15.74
C PRO K 159 36.79 -24.68 -15.00
N SER K 160 36.33 -25.90 -15.21
CA SER K 160 35.17 -26.43 -14.46
C SER K 160 35.49 -26.76 -13.00
N VAL K 161 36.72 -27.17 -12.72
CA VAL K 161 37.11 -27.48 -11.38
C VAL K 161 38.51 -27.00 -11.14
N PHE K 162 38.84 -26.65 -9.91
CA PHE K 162 40.21 -26.30 -9.53
C PHE K 162 40.79 -27.27 -8.52
N VAL K 163 42.11 -27.44 -8.48
CA VAL K 163 42.75 -28.25 -7.42
C VAL K 163 43.75 -27.35 -6.79
N PRO K 164 44.02 -27.56 -5.52
CA PRO K 164 45.01 -26.68 -4.87
C PRO K 164 46.46 -26.97 -5.20
N LEU K 165 47.31 -26.02 -4.90
CA LEU K 165 48.74 -26.19 -5.13
C LEU K 165 49.29 -26.96 -3.97
N ALA K 166 50.15 -27.92 -4.25
CA ALA K 166 50.74 -28.71 -3.18
C ALA K 166 51.72 -27.84 -2.39
N ALA K 167 52.20 -26.77 -2.97
CA ALA K 167 53.16 -25.94 -2.26
C ALA K 167 53.24 -24.53 -2.83
N ASP K 168 53.70 -23.60 -2.01
CA ASP K 168 53.78 -22.22 -2.43
C ASP K 168 54.66 -22.12 -3.65
N ALA K 169 54.24 -21.28 -4.60
CA ALA K 169 55.01 -21.00 -5.80
C ALA K 169 55.29 -19.51 -5.86
N ALA K 170 56.55 -19.12 -5.68
CA ALA K 170 56.90 -17.70 -5.69
C ALA K 170 57.01 -17.13 -7.10
N ALA K 171 56.89 -15.82 -7.19
CA ALA K 171 57.07 -15.13 -8.45
C ALA K 171 58.40 -15.60 -8.94
N GLY K 172 58.46 -15.93 -10.21
CA GLY K 172 59.66 -16.43 -10.82
C GLY K 172 59.64 -17.91 -11.06
N SER K 173 58.79 -18.63 -10.33
CA SER K 173 58.70 -20.10 -10.48
C SER K 173 58.55 -20.52 -11.95
N LYS K 174 59.25 -21.59 -12.31
CA LYS K 174 59.11 -22.19 -13.63
C LYS K 174 58.15 -23.36 -13.56
N VAL K 175 57.89 -23.78 -12.31
CA VAL K 175 57.15 -25.02 -12.02
C VAL K 175 56.15 -24.75 -10.92
N ILE K 176 54.98 -25.36 -11.00
CA ILE K 176 54.06 -25.40 -9.88
C ILE K 176 53.88 -26.89 -9.53
N THR K 177 53.41 -27.16 -8.30
CA THR K 177 53.14 -28.54 -7.92
C THR K 177 51.72 -28.83 -7.43
N VAL K 178 51.20 -29.99 -7.80
CA VAL K 178 49.91 -30.45 -7.28
C VAL K 178 50.01 -31.88 -6.77
N ALA K 179 48.99 -32.34 -6.10
CA ALA K 179 49.06 -33.74 -5.66
C ALA K 179 49.00 -34.62 -6.91
N ALA K 180 49.84 -35.65 -6.95
CA ALA K 180 49.81 -36.64 -8.06
C ALA K 180 48.41 -37.12 -8.30
N GLY K 181 48.03 -37.27 -9.55
CA GLY K 181 46.66 -37.57 -9.92
C GLY K 181 45.63 -36.48 -9.69
N ALA K 182 45.98 -35.36 -9.05
CA ALA K 182 44.95 -34.33 -8.81
C ALA K 182 44.33 -33.85 -10.11
N LEU K 183 45.18 -33.64 -11.12
CA LEU K 183 44.66 -33.24 -12.41
C LEU K 183 45.59 -33.73 -13.48
N SER K 184 45.08 -33.96 -14.68
CA SER K 184 45.96 -34.30 -15.77
C SER K 184 46.42 -33.08 -16.59
N ALA K 185 47.68 -32.73 -16.40
CA ALA K 185 48.33 -31.70 -17.22
C ALA K 185 48.87 -32.33 -18.50
N VAL K 186 48.26 -32.02 -19.63
CA VAL K 186 48.79 -32.47 -20.93
C VAL K 186 49.79 -31.46 -21.57
N LYS K 187 50.95 -31.91 -21.99
CA LYS K 187 51.92 -30.98 -22.53
C LYS K 187 51.37 -30.29 -23.76
N GLY K 188 51.48 -28.98 -23.80
CA GLY K 188 50.92 -28.23 -24.94
C GLY K 188 49.51 -27.61 -24.77
N THR K 189 48.86 -27.92 -23.65
CA THR K 189 47.61 -27.34 -23.26
C THR K 189 47.85 -26.31 -22.14
N TYR K 190 46.76 -25.69 -21.64
CA TYR K 190 46.96 -24.59 -20.68
C TYR K 190 46.49 -24.89 -19.25
N LEU K 191 46.85 -24.00 -18.36
CA LEU K 191 46.37 -24.00 -17.03
C LEU K 191 46.01 -22.58 -16.62
N TYR K 192 45.02 -22.46 -15.74
CA TYR K 192 44.56 -21.19 -15.21
C TYR K 192 44.88 -21.28 -13.74
N LEU K 193 45.73 -20.40 -13.24
CA LEU K 193 46.07 -20.35 -11.84
C LEU K 193 45.45 -19.18 -11.15
N ARG K 194 45.15 -19.27 -9.86
CA ARG K 194 44.66 -18.08 -9.15
C ARG K 194 44.69 -18.28 -7.66
N SER K 195 44.53 -17.18 -6.95
CA SER K 195 44.53 -17.16 -5.51
C SER K 195 43.66 -16.00 -5.04
N ASN K 196 43.61 -15.75 -3.75
CA ASN K 196 42.85 -14.63 -3.21
C ASN K 196 43.70 -13.40 -3.09
N LYS K 197 44.97 -13.48 -3.45
CA LYS K 197 45.80 -12.29 -3.34
C LYS K 197 45.24 -11.28 -4.34
N LEU K 198 45.39 -10.03 -3.97
CA LEU K 198 44.81 -8.97 -4.77
C LEU K 198 45.80 -8.53 -5.84
N CYS K 199 45.27 -8.27 -7.05
CA CYS K 199 46.01 -7.61 -8.10
C CYS K 199 46.71 -6.40 -7.55
N ASP K 200 47.93 -6.18 -8.00
CA ASP K 200 48.76 -5.17 -7.40
C ASP K 200 49.28 -4.13 -8.40
N GLY K 201 48.84 -4.20 -9.64
CA GLY K 201 49.31 -3.25 -10.69
C GLY K 201 49.09 -1.79 -10.36
N GLY K 202 48.00 -1.55 -9.66
CA GLY K 202 47.55 -0.22 -9.27
C GLY K 202 46.62 -0.36 -8.10
N PRO K 203 45.82 0.69 -7.81
CA PRO K 203 44.96 0.79 -6.63
C PRO K 203 43.95 -0.37 -6.46
N ASN K 204 43.46 -0.93 -7.55
CA ASN K 204 42.57 -2.09 -7.49
C ASN K 204 41.48 -1.91 -6.48
N THR K 205 40.72 -0.86 -6.69
CA THR K 205 39.63 -0.53 -5.78
C THR K 205 38.50 -1.54 -5.76
N TYR K 206 38.22 -2.23 -6.85
CA TYR K 206 37.16 -3.26 -6.79
C TYR K 206 37.68 -4.54 -6.13
N GLY K 207 38.97 -4.59 -5.79
CA GLY K 207 39.54 -5.75 -5.14
C GLY K 207 39.51 -7.01 -5.99
N VAL K 208 39.97 -6.85 -7.23
CA VAL K 208 40.09 -7.96 -8.14
C VAL K 208 41.20 -8.84 -7.65
N LYS K 209 41.02 -10.15 -7.79
CA LYS K 209 42.03 -11.13 -7.37
C LYS K 209 42.96 -11.63 -8.51
N ILE K 210 44.12 -12.17 -8.14
CA ILE K 210 45.11 -12.59 -9.14
C ILE K 210 44.81 -13.90 -9.90
N SER K 211 45.04 -13.88 -11.20
CA SER K 211 44.98 -15.06 -11.97
C SER K 211 45.97 -14.99 -13.12
N GLN K 212 46.41 -16.14 -13.63
CA GLN K 212 47.31 -16.20 -14.82
C GLN K 212 47.01 -17.42 -15.67
N ILE K 213 47.28 -17.34 -16.96
CA ILE K 213 47.17 -18.50 -17.83
C ILE K 213 48.59 -18.92 -18.25
N ARG K 214 48.85 -20.22 -18.30
CA ARG K 214 50.16 -20.72 -18.60
C ARG K 214 50.09 -21.97 -19.45
N LYS K 215 51.09 -22.17 -20.32
CA LYS K 215 51.16 -23.38 -21.15
C LYS K 215 52.02 -24.37 -20.41
N VAL K 216 51.60 -25.63 -20.46
CA VAL K 216 52.35 -26.74 -19.91
C VAL K 216 53.39 -27.17 -20.92
N VAL K 217 54.66 -27.10 -20.55
CA VAL K 217 55.74 -27.60 -21.44
C VAL K 217 56.53 -28.85 -20.95
N GLY K 218 56.36 -29.18 -19.66
CA GLY K 218 56.90 -30.39 -19.11
C GLY K 218 56.05 -30.88 -17.96
N VAL K 219 56.08 -32.20 -17.75
CA VAL K 219 55.37 -32.82 -16.61
C VAL K 219 56.14 -33.98 -15.98
N SER K 220 56.18 -34.03 -14.65
CA SER K 220 56.82 -35.15 -13.98
C SER K 220 56.30 -35.36 -12.57
N THR K 221 55.94 -36.60 -12.29
CA THR K 221 55.45 -37.02 -10.96
C THR K 221 56.44 -37.88 -10.19
N SER K 222 56.53 -37.66 -8.88
CA SER K 222 57.46 -38.36 -8.02
C SER K 222 57.21 -38.03 -6.55
N GLY K 223 57.07 -39.07 -5.72
CA GLY K 223 56.80 -38.87 -4.31
C GLY K 223 55.41 -38.30 -4.05
N GLY K 224 54.42 -38.79 -4.81
CA GLY K 224 53.02 -38.33 -4.73
C GLY K 224 52.80 -36.89 -5.14
N VAL K 225 53.79 -36.30 -5.83
CA VAL K 225 53.67 -34.92 -6.26
C VAL K 225 53.90 -34.77 -7.72
N THR K 226 53.00 -34.12 -8.43
CA THR K 226 53.27 -33.83 -9.84
C THR K 226 53.87 -32.42 -9.99
N SER K 227 54.96 -32.30 -10.73
CA SER K 227 55.55 -31.00 -10.96
C SER K 227 55.37 -30.60 -12.42
N ILE K 228 54.75 -29.43 -12.62
CA ILE K 228 54.39 -28.97 -13.96
C ILE K 228 55.32 -27.84 -14.36
N ARG K 229 55.99 -27.99 -15.48
CA ARG K 229 56.86 -26.95 -15.98
C ARG K 229 56.07 -26.06 -16.91
N LEU K 230 56.14 -24.77 -16.64
CA LEU K 230 55.40 -23.78 -17.40
C LEU K 230 56.23 -23.15 -18.52
N ASP K 231 55.52 -22.61 -19.53
CA ASP K 231 56.17 -21.97 -20.64
C ASP K 231 56.74 -20.69 -20.19
N LYS K 232 56.04 -19.96 -19.33
CA LYS K 232 56.55 -18.73 -18.74
C LYS K 232 56.52 -18.80 -17.26
N THR K 233 57.38 -18.02 -16.63
CA THR K 233 57.45 -18.00 -15.18
C THR K 233 56.26 -17.28 -14.57
N LEU K 234 56.06 -17.40 -13.28
CA LEU K 234 54.92 -16.78 -12.63
C LEU K 234 55.28 -15.37 -12.25
N HIS K 235 54.29 -14.51 -12.22
CA HIS K 235 54.56 -13.11 -11.88
C HIS K 235 53.97 -12.63 -10.55
N TYR K 236 53.27 -13.48 -9.82
CA TYR K 236 52.86 -13.11 -8.45
C TYR K 236 53.32 -14.26 -7.58
N ASN K 237 53.14 -14.09 -6.25
CA ASN K 237 53.27 -15.18 -5.32
C ASN K 237 52.01 -15.99 -5.08
N TYR K 238 52.04 -17.26 -5.47
CA TYR K 238 50.91 -18.11 -5.26
C TYR K 238 51.15 -18.88 -3.97
N TYR K 239 50.62 -18.32 -2.90
CA TYR K 239 50.75 -18.93 -1.58
C TYR K 239 49.56 -19.81 -1.20
N LEU K 240 49.85 -20.83 -0.38
CA LEU K 240 48.78 -21.73 0.09
C LEU K 240 47.84 -21.08 1.09
N SER K 241 48.38 -20.17 1.87
CA SER K 241 47.54 -19.30 2.70
C SER K 241 46.54 -18.48 1.86
N ASP K 242 46.78 -18.30 0.57
CA ASP K 242 45.84 -17.55 -0.27
C ASP K 242 45.06 -18.51 -1.11
N ALA K 243 45.03 -19.76 -0.75
CA ALA K 243 44.20 -20.67 -1.48
C ALA K 243 44.52 -20.72 -2.94
N ALA K 244 45.82 -20.70 -3.26
CA ALA K 244 46.28 -20.87 -4.66
C ALA K 244 45.84 -22.19 -5.20
N GLU K 245 45.30 -22.18 -6.40
CA GLU K 245 44.72 -23.40 -6.94
C GLU K 245 44.86 -23.26 -8.43
N VAL K 246 44.63 -24.34 -9.15
CA VAL K 246 44.81 -24.35 -10.56
C VAL K 246 43.83 -25.24 -11.24
N GLY K 247 43.38 -24.85 -12.43
CA GLY K 247 42.45 -25.70 -13.18
C GLY K 247 42.75 -25.63 -14.64
N ILE K 248 42.10 -26.46 -15.43
CA ILE K 248 42.38 -26.55 -16.82
C ILE K 248 41.32 -25.81 -17.62
N PRO K 249 41.66 -24.62 -18.12
CA PRO K 249 40.72 -23.90 -18.94
C PRO K 249 40.74 -24.45 -20.30
N THR K 250 39.63 -24.28 -21.01
CA THR K 250 39.50 -24.71 -22.37
C THR K 250 39.74 -23.45 -23.20
N MET K 251 40.83 -23.45 -23.94
CA MET K 251 41.31 -22.25 -24.64
C MET K 251 40.95 -22.37 -26.14
N VAL K 252 40.67 -21.24 -26.81
CA VAL K 252 40.53 -21.27 -28.27
C VAL K 252 41.85 -20.74 -28.74
N GLU K 253 42.60 -21.52 -29.53
CA GLU K 253 43.94 -21.10 -29.90
C GLU K 253 44.28 -21.13 -31.36
N ASN K 254 45.12 -20.17 -31.73
CA ASN K 254 45.61 -20.06 -33.08
C ASN K 254 44.49 -19.63 -34.05
N VAL K 255 43.93 -18.45 -33.80
CA VAL K 255 42.92 -17.83 -34.67
C VAL K 255 43.48 -16.56 -35.30
N THR K 256 43.18 -16.40 -36.59
CA THR K 256 43.70 -15.30 -37.36
C THR K 256 42.57 -14.70 -38.18
N LEU K 257 42.26 -13.45 -37.86
CA LEU K 257 41.24 -12.72 -38.56
C LEU K 257 42.01 -11.78 -39.44
N VAL K 258 41.90 -11.96 -40.74
CA VAL K 258 42.64 -11.09 -41.68
C VAL K 258 41.75 -10.11 -42.43
N SER K 259 41.99 -8.81 -42.18
CA SER K 259 41.23 -7.71 -42.78
C SER K 259 39.74 -7.80 -42.50
N PRO K 260 39.36 -7.95 -41.24
CA PRO K 260 37.93 -8.06 -41.04
C PRO K 260 37.17 -6.74 -41.30
N TYR K 261 36.10 -6.79 -42.09
CA TYR K 261 35.23 -5.64 -42.31
C TYR K 261 33.88 -5.87 -41.66
N ILE K 262 33.66 -5.25 -40.55
CA ILE K 262 32.39 -5.37 -39.92
C ILE K 262 31.60 -4.09 -40.15
N ASN K 263 30.43 -4.22 -40.75
CA ASN K 263 29.56 -3.07 -41.07
C ASN K 263 30.17 -2.27 -42.21
N GLU K 264 29.47 -1.24 -42.64
CA GLU K 264 29.85 -0.42 -43.77
C GLU K 264 29.29 0.98 -43.56
N PHE K 265 29.95 1.99 -44.12
CA PHE K 265 29.41 3.35 -43.99
C PHE K 265 27.98 3.50 -44.49
N GLY K 266 27.23 4.42 -43.87
CA GLY K 266 25.78 4.60 -44.17
C GLY K 266 24.86 3.67 -43.38
N TYR K 267 25.47 2.87 -42.51
CA TYR K 267 24.82 2.00 -41.57
C TYR K 267 23.82 2.72 -40.70
N ASP K 268 24.13 3.95 -40.33
CA ASP K 268 23.21 4.68 -39.44
C ASP K 268 21.83 5.04 -40.12
N ASP K 269 21.85 5.16 -41.42
CA ASP K 269 20.64 5.46 -42.16
C ASP K 269 19.74 4.25 -42.21
N LEU K 270 20.33 3.06 -42.06
CA LEU K 270 19.62 1.75 -42.05
C LEU K 270 19.36 1.27 -40.64
N ASN K 271 19.86 2.02 -39.69
CA ASN K 271 19.77 1.75 -38.28
C ASN K 271 20.29 0.39 -37.98
N ARG K 272 21.45 0.12 -38.55
CA ARG K 272 22.08 -1.16 -38.47
C ARG K 272 23.26 -1.00 -37.56
N PHE K 273 23.22 -1.63 -36.40
CA PHE K 273 24.32 -1.65 -35.47
C PHE K 273 24.71 -3.05 -34.94
N PHE K 274 25.51 -3.04 -33.90
CA PHE K 274 25.94 -4.26 -33.26
C PHE K 274 26.35 -3.89 -31.86
N THR K 275 26.68 -4.87 -31.02
CA THR K 275 27.10 -4.61 -29.64
C THR K 275 28.61 -4.52 -29.63
N ILE K 276 29.24 -5.71 -29.69
CA ILE K 276 30.64 -5.92 -29.65
C ILE K 276 31.01 -6.51 -30.96
N GLY K 277 32.08 -6.01 -31.54
CA GLY K 277 32.48 -6.48 -32.87
C GLY K 277 33.18 -7.83 -32.85
N ILE K 278 34.29 -7.88 -32.12
CA ILE K 278 35.04 -9.10 -31.96
C ILE K 278 35.30 -9.27 -30.48
N SER K 279 34.75 -10.34 -29.92
CA SER K 279 34.84 -10.65 -28.50
C SER K 279 35.53 -11.99 -28.29
N ALA K 280 36.57 -11.92 -27.49
CA ALA K 280 37.38 -13.03 -27.25
C ALA K 280 37.54 -13.24 -25.80
N ASN K 281 37.44 -14.51 -25.42
CA ASN K 281 37.60 -14.91 -24.04
C ASN K 281 38.34 -16.22 -23.98
N PHE K 282 39.40 -16.27 -23.16
CA PHE K 282 40.20 -17.50 -23.09
C PHE K 282 40.72 -17.91 -24.48
N ALA K 283 41.39 -16.98 -25.10
CA ALA K 283 41.96 -17.19 -26.40
C ALA K 283 43.45 -17.06 -26.29
N ALA K 284 44.14 -17.83 -27.11
CA ALA K 284 45.58 -17.81 -27.10
C ALA K 284 46.05 -17.71 -28.54
N ASP K 285 46.92 -16.74 -28.79
CA ASP K 285 47.50 -16.50 -30.14
C ASP K 285 46.39 -16.16 -31.13
N LEU K 286 45.58 -15.20 -30.71
CA LEU K 286 44.57 -14.55 -31.54
C LEU K 286 45.20 -13.32 -32.13
N HIS K 287 45.18 -13.24 -33.43
CA HIS K 287 45.80 -12.14 -34.15
C HIS K 287 44.86 -11.50 -35.16
N ILE K 288 44.61 -10.24 -34.93
CA ILE K 288 43.72 -9.47 -35.76
C ILE K 288 44.57 -8.56 -36.60
N GLN K 289 44.43 -8.72 -37.91
CA GLN K 289 45.27 -7.99 -38.84
C GLN K 289 44.40 -7.09 -39.71
N ASP K 290 44.66 -5.79 -39.57
CA ASP K 290 44.01 -4.77 -40.38
C ASP K 290 42.48 -4.84 -40.24
N GLY K 291 41.79 -4.50 -41.33
CA GLY K 291 40.38 -4.42 -41.32
C GLY K 291 39.83 -3.10 -40.82
N VAL K 292 38.50 -3.03 -40.92
CA VAL K 292 37.72 -1.92 -40.45
C VAL K 292 36.44 -2.31 -39.73
N ILE K 293 36.28 -1.74 -38.54
CA ILE K 293 35.05 -1.86 -37.73
C ILE K 293 34.33 -0.48 -37.57
N ILE K 294 33.14 -0.42 -38.14
CA ILE K 294 32.35 0.80 -38.11
C ILE K 294 30.98 0.66 -37.49
N GLY K 295 30.64 1.65 -36.69
CA GLY K 295 29.27 1.94 -36.34
C GLY K 295 28.52 0.98 -35.49
N ASN K 296 28.81 1.05 -34.19
CA ASN K 296 27.95 0.45 -33.21
C ASN K 296 27.37 1.56 -32.31
N LYS K 297 27.36 2.73 -32.90
CA LYS K 297 26.79 3.93 -32.35
C LYS K 297 26.65 4.91 -33.53
N ARG K 298 25.74 5.85 -33.44
CA ARG K 298 25.50 6.79 -34.54
C ARG K 298 26.65 7.81 -34.49
N PRO K 299 26.95 8.44 -35.61
CA PRO K 299 28.05 9.34 -35.61
C PRO K 299 27.96 10.47 -34.63
N GLY K 300 28.94 10.62 -33.78
CA GLY K 300 28.93 11.74 -32.86
C GLY K 300 27.98 11.49 -31.72
N ALA K 301 27.33 10.34 -31.68
CA ALA K 301 26.39 10.10 -30.64
C ALA K 301 27.05 9.85 -29.34
N SER K 302 26.26 9.75 -28.30
CA SER K 302 26.78 9.39 -26.99
C SER K 302 27.18 7.84 -26.87
N ASP K 303 27.90 7.53 -25.80
CA ASP K 303 28.50 6.24 -25.59
C ASP K 303 27.51 5.27 -24.99
N ILE K 304 27.68 4.00 -25.34
CA ILE K 304 26.88 2.93 -24.81
C ILE K 304 27.79 1.91 -24.10
N GLU K 305 27.55 1.69 -22.82
CA GLU K 305 28.41 0.86 -22.01
C GLU K 305 28.52 -0.53 -22.53
N GLY K 306 29.76 -1.01 -22.64
CA GLY K 306 30.09 -2.36 -23.09
C GLY K 306 30.18 -2.61 -24.57
N ARG K 307 29.89 -1.60 -25.39
CA ARG K 307 29.94 -1.74 -26.84
C ARG K 307 31.32 -1.46 -27.44
N SER K 308 32.29 -2.26 -27.03
CA SER K 308 33.63 -2.19 -27.50
C SER K 308 33.75 -2.90 -28.85
N ALA K 309 34.60 -2.40 -29.75
CA ALA K 309 34.73 -2.99 -31.07
C ALA K 309 35.47 -4.33 -31.00
N ILE K 310 36.56 -4.35 -30.23
CA ILE K 310 37.30 -5.55 -30.02
C ILE K 310 37.48 -5.64 -28.55
N LYS K 311 37.35 -6.88 -28.06
CA LYS K 311 37.45 -7.12 -26.64
C LYS K 311 38.24 -8.32 -26.30
N PHE K 312 39.26 -8.15 -25.48
CA PHE K 312 40.14 -9.24 -25.08
C PHE K 312 39.98 -9.47 -23.63
N ASN K 313 39.37 -10.59 -23.30
CA ASN K 313 39.28 -11.03 -21.91
C ASN K 313 40.05 -12.33 -21.67
N ASN K 314 40.89 -12.35 -20.65
CA ASN K 314 41.75 -13.51 -20.39
C ASN K 314 42.35 -14.11 -21.67
N CYS K 315 42.94 -13.24 -22.48
CA CYS K 315 43.62 -13.67 -23.66
C CYS K 315 45.12 -13.69 -23.45
N VAL K 316 45.76 -14.63 -24.11
CA VAL K 316 47.21 -14.61 -24.10
C VAL K 316 47.83 -14.53 -25.50
N ASP K 317 48.94 -13.80 -25.57
CA ASP K 317 49.76 -13.67 -26.77
C ASP K 317 48.90 -13.29 -27.97
N SER K 318 48.04 -12.31 -27.77
CA SER K 318 47.19 -11.92 -28.88
C SER K 318 47.41 -10.45 -29.16
N THR K 319 47.05 -10.08 -30.39
CA THR K 319 47.42 -8.79 -30.92
C THR K 319 46.41 -8.30 -31.89
N VAL K 320 46.43 -6.97 -32.00
CA VAL K 320 45.64 -6.25 -33.02
C VAL K 320 46.61 -5.34 -33.73
N LYS K 321 46.69 -5.50 -35.03
CA LYS K 321 47.62 -4.74 -35.86
C LYS K 321 46.95 -4.11 -37.08
N GLY K 322 46.92 -2.78 -37.04
CA GLY K 322 46.53 -2.00 -38.18
C GLY K 322 45.09 -1.80 -38.45
N THR K 323 44.23 -2.24 -37.56
CA THR K 323 42.79 -2.16 -37.77
C THR K 323 42.35 -0.75 -37.57
N CYS K 324 41.37 -0.34 -38.39
CA CYS K 324 40.79 1.02 -38.30
C CYS K 324 39.42 0.91 -37.62
N PHE K 325 39.16 1.77 -36.62
CA PHE K 325 37.85 1.92 -35.90
C PHE K 325 37.16 3.29 -36.07
N TYR K 326 35.95 3.27 -36.60
CA TYR K 326 35.09 4.44 -36.71
C TYR K 326 33.73 4.29 -35.98
N ASN K 327 33.35 5.30 -35.18
CA ASN K 327 31.99 5.41 -34.62
C ASN K 327 31.59 4.26 -33.68
N ILE K 328 32.23 4.23 -32.52
CA ILE K 328 32.15 3.09 -31.63
C ILE K 328 31.65 3.62 -30.30
N GLY K 329 30.68 2.87 -29.74
CA GLY K 329 29.98 3.22 -28.51
C GLY K 329 30.83 3.12 -27.29
N TRP K 330 31.79 2.22 -27.27
CA TRP K 330 32.62 2.07 -26.08
C TRP K 330 34.11 2.18 -26.55
N TYR K 331 34.92 1.16 -26.27
CA TYR K 331 36.33 1.21 -26.49
C TYR K 331 36.69 0.58 -27.80
N GLY K 332 37.72 1.09 -28.44
CA GLY K 332 38.15 0.49 -29.66
C GLY K 332 38.75 -0.89 -29.38
N VAL K 333 39.79 -0.96 -28.53
CA VAL K 333 40.29 -2.23 -28.06
C VAL K 333 40.22 -2.24 -26.52
N GLU K 334 39.51 -3.25 -26.02
CA GLU K 334 39.35 -3.42 -24.58
C GLU K 334 40.18 -4.62 -24.19
N VAL K 335 40.96 -4.46 -23.12
CA VAL K 335 41.79 -5.54 -22.61
C VAL K 335 41.52 -5.66 -21.14
N LEU K 336 40.95 -6.80 -20.76
CA LEU K 336 40.63 -7.08 -19.35
C LEU K 336 40.85 -8.52 -18.99
N GLY K 337 40.78 -8.78 -17.68
CA GLY K 337 41.11 -10.09 -17.16
C GLY K 337 42.62 -10.24 -17.07
N CYS K 338 43.08 -11.48 -16.90
CA CYS K 338 44.53 -11.73 -16.88
C CYS K 338 45.06 -11.88 -18.32
N SER K 339 44.79 -10.92 -19.20
CA SER K 339 45.33 -11.02 -20.53
C SER K 339 46.81 -10.71 -20.42
N GLU K 340 47.65 -11.59 -20.97
CA GLU K 340 49.09 -11.41 -20.83
C GLU K 340 49.79 -11.39 -22.15
N ASP K 341 50.70 -10.43 -22.28
CA ASP K 341 51.51 -10.28 -23.48
C ASP K 341 50.61 -9.91 -24.63
N THR K 342 49.92 -8.77 -24.51
CA THR K 342 49.03 -8.34 -25.61
C THR K 342 49.58 -7.08 -26.21
N GLU K 343 49.39 -6.98 -27.51
CA GLU K 343 49.95 -5.90 -28.27
C GLU K 343 48.95 -5.32 -29.25
N VAL K 344 48.89 -3.99 -29.26
CA VAL K 344 48.09 -3.24 -30.22
C VAL K 344 49.09 -2.41 -31.00
N HIS K 345 49.10 -2.60 -32.31
CA HIS K 345 49.97 -1.86 -33.23
C HIS K 345 49.20 -1.13 -34.32
N ASP K 346 49.65 0.10 -34.57
CA ASP K 346 49.30 0.88 -35.79
C ASP K 346 47.81 0.98 -35.97
N ILE K 347 47.04 1.27 -34.93
CA ILE K 347 45.57 1.39 -35.14
C ILE K 347 45.18 2.83 -35.23
N HIS K 348 44.08 3.02 -35.92
CA HIS K 348 43.44 4.33 -36.08
C HIS K 348 41.99 4.25 -35.59
N ALA K 349 41.68 5.01 -34.55
CA ALA K 349 40.35 5.02 -33.95
C ALA K 349 39.83 6.40 -33.94
N MET K 350 38.70 6.57 -34.60
CA MET K 350 38.06 7.89 -34.73
C MET K 350 36.64 7.85 -34.10
N ASP K 351 36.36 8.69 -33.13
CA ASP K 351 34.97 8.79 -32.63
C ASP K 351 34.60 7.53 -31.84
N VAL K 352 35.27 7.40 -30.70
CA VAL K 352 35.12 6.25 -29.83
C VAL K 352 35.36 6.74 -28.43
N ARG K 353 35.12 5.93 -27.44
CA ARG K 353 35.26 6.46 -26.10
C ARG K 353 36.73 6.55 -25.69
N HIS K 354 37.40 5.43 -25.90
CA HIS K 354 38.83 5.27 -25.70
C HIS K 354 39.23 4.51 -26.94
N ALA K 355 40.42 4.78 -27.44
CA ALA K 355 40.85 4.00 -28.58
C ALA K 355 41.30 2.67 -28.00
N ILE K 356 42.06 2.74 -26.90
CA ILE K 356 42.48 1.55 -26.19
C ILE K 356 42.16 1.71 -24.71
N SER K 357 41.66 0.63 -24.09
CA SER K 357 41.51 0.65 -22.66
C SER K 357 41.78 -0.68 -21.99
N LEU K 358 42.57 -0.64 -20.93
CA LEU K 358 42.83 -1.78 -20.06
C LEU K 358 41.81 -1.64 -18.96
N ASN K 359 40.98 -2.62 -18.75
CA ASN K 359 39.85 -2.46 -17.86
C ASN K 359 40.03 -3.16 -16.54
N TRP K 360 39.16 -2.80 -15.61
CA TRP K 360 39.01 -3.56 -14.38
C TRP K 360 37.80 -4.45 -14.49
N GLN K 361 37.38 -5.04 -13.37
CA GLN K 361 36.15 -5.82 -13.34
C GLN K 361 35.42 -5.48 -12.09
N SER K 362 34.13 -5.19 -12.26
CA SER K 362 33.27 -4.84 -11.16
C SER K 362 33.00 -6.07 -10.33
N THR K 363 33.33 -5.97 -9.06
CA THR K 363 33.08 -7.05 -8.11
C THR K 363 31.78 -6.90 -7.30
N ALA K 364 30.91 -6.00 -7.75
CA ALA K 364 29.62 -5.76 -7.13
C ALA K 364 28.75 -7.02 -7.03
N ASP K 365 28.86 -7.94 -8.00
CA ASP K 365 28.08 -9.18 -7.98
C ASP K 365 28.95 -10.41 -7.78
N GLY K 366 30.06 -10.28 -7.08
CA GLY K 366 30.97 -11.41 -6.89
C GLY K 366 32.44 -11.19 -7.20
N ASP K 367 33.25 -12.16 -6.80
CA ASP K 367 34.68 -12.12 -7.01
C ASP K 367 35.03 -12.10 -8.52
N LYS K 368 36.08 -11.36 -8.84
CA LYS K 368 36.62 -11.29 -10.19
C LYS K 368 38.13 -11.59 -10.16
N TRP K 369 38.65 -12.15 -11.23
CA TRP K 369 40.07 -12.43 -11.26
C TRP K 369 40.72 -11.91 -12.52
N GLY K 370 41.89 -11.35 -12.36
CA GLY K 370 42.74 -11.01 -13.52
C GLY K 370 42.99 -9.56 -13.81
N GLU K 371 44.27 -9.17 -13.82
CA GLU K 371 44.63 -7.85 -14.35
C GLU K 371 45.51 -8.07 -15.57
N PRO K 372 45.52 -7.11 -16.51
CA PRO K 372 46.39 -7.42 -17.62
C PRO K 372 47.85 -7.31 -17.20
N ILE K 373 48.69 -8.07 -17.86
CA ILE K 373 50.11 -8.12 -17.55
C ILE K 373 50.86 -8.06 -18.86
N GLU K 374 51.85 -7.18 -18.93
CA GLU K 374 52.58 -6.94 -20.18
C GLU K 374 51.62 -6.50 -21.26
N PHE K 375 51.51 -5.18 -21.45
CA PHE K 375 50.73 -4.65 -22.53
C PHE K 375 51.52 -3.60 -23.32
N LEU K 376 51.32 -3.60 -24.61
CA LEU K 376 52.05 -2.70 -25.46
C LEU K 376 51.16 -2.07 -26.49
N GLY K 377 51.15 -0.75 -26.47
CA GLY K 377 50.52 0.01 -27.52
C GLY K 377 51.57 0.77 -28.30
N VAL K 378 51.59 0.58 -29.59
CA VAL K 378 52.64 1.21 -30.32
C VAL K 378 52.14 1.80 -31.64
N ASN K 379 52.50 3.06 -31.88
CA ASN K 379 52.21 3.73 -33.18
C ASN K 379 50.72 3.78 -33.46
N CYS K 380 49.97 4.19 -32.42
CA CYS K 380 48.48 4.24 -32.43
C CYS K 380 47.95 5.67 -32.44
N GLU K 381 46.99 5.90 -33.31
CA GLU K 381 46.43 7.25 -33.55
C GLU K 381 44.95 7.32 -33.19
N ALA K 382 44.58 8.20 -32.26
CA ALA K 382 43.16 8.37 -31.82
C ALA K 382 42.68 9.76 -32.04
N TYR K 383 41.69 9.91 -32.91
CA TYR K 383 41.02 11.22 -33.10
C TYR K 383 39.64 11.36 -32.41
N SER K 384 39.41 12.45 -31.71
CA SER K 384 38.08 12.81 -31.19
C SER K 384 37.44 11.74 -30.30
N THR K 385 38.12 11.33 -29.29
CA THR K 385 37.54 10.42 -28.40
C THR K 385 36.66 11.20 -27.48
N THR K 386 35.64 10.54 -26.94
CA THR K 386 34.69 11.20 -26.03
C THR K 386 35.23 11.12 -24.64
N GLN K 387 36.26 10.30 -24.49
CA GLN K 387 36.95 10.20 -23.26
C GLN K 387 38.43 10.16 -23.59
N ALA K 388 39.25 9.77 -22.64
CA ALA K 388 40.66 9.66 -22.90
C ALA K 388 40.89 8.85 -24.18
N GLY K 389 41.85 9.26 -25.03
CA GLY K 389 42.23 8.42 -26.21
C GLY K 389 42.85 7.07 -25.84
N PHE K 390 43.64 7.05 -24.79
CA PHE K 390 44.37 5.85 -24.36
C PHE K 390 44.29 5.72 -22.86
N ASP K 391 43.69 4.63 -22.41
CA ASP K 391 43.40 4.60 -20.99
C ASP K 391 43.63 3.23 -20.39
N THR K 392 43.89 3.21 -19.07
CA THR K 392 43.81 2.01 -18.24
C THR K 392 42.89 2.32 -17.08
N HIS K 393 42.33 1.29 -16.44
CA HIS K 393 41.68 1.50 -15.20
C HIS K 393 42.69 1.31 -14.09
N ASP K 394 42.29 0.91 -12.90
CA ASP K 394 43.20 0.86 -11.77
C ASP K 394 43.78 -0.50 -11.39
N ILE K 395 43.92 -1.38 -12.39
CA ILE K 395 44.72 -2.60 -12.30
C ILE K 395 45.59 -2.73 -13.56
N GLY K 396 46.57 -3.61 -13.54
CA GLY K 396 47.38 -3.83 -14.74
C GLY K 396 48.85 -3.59 -14.46
N LYS K 397 49.69 -4.56 -14.84
CA LYS K 397 51.15 -4.46 -14.64
C LYS K 397 51.87 -4.39 -15.96
N ARG K 398 52.97 -3.62 -15.97
CA ARG K 398 53.81 -3.49 -17.16
C ARG K 398 53.08 -3.07 -18.40
N VAL K 399 52.58 -1.84 -18.33
CA VAL K 399 51.80 -1.24 -19.40
C VAL K 399 52.70 -0.23 -20.05
N LYS K 400 52.76 -0.27 -21.37
CA LYS K 400 53.65 0.59 -22.13
C LYS K 400 52.92 1.12 -23.35
N PHE K 401 53.01 2.42 -23.55
CA PHE K 401 52.59 3.03 -24.81
C PHE K 401 53.79 3.69 -25.53
N VAL K 402 53.95 3.35 -26.79
CA VAL K 402 55.09 3.75 -27.58
C VAL K 402 54.64 4.46 -28.85
N ARG K 403 55.03 5.72 -28.95
CA ARG K 403 54.77 6.50 -30.17
C ARG K 403 53.29 6.60 -30.56
N CYS K 404 52.43 6.71 -29.57
CA CYS K 404 51.02 6.79 -29.78
C CYS K 404 50.64 8.25 -29.75
N VAL K 405 49.64 8.61 -30.52
CA VAL K 405 49.21 9.97 -30.54
C VAL K 405 47.70 10.16 -30.35
N SER K 406 47.32 11.19 -29.60
CA SER K 406 45.91 11.53 -29.36
C SER K 406 45.53 12.94 -29.79
N TYR K 407 44.62 12.99 -30.73
CA TYR K 407 44.10 14.25 -31.24
C TYR K 407 42.70 14.56 -30.72
N ASP K 408 42.53 15.80 -30.28
CA ASP K 408 41.23 16.37 -29.94
C ASP K 408 40.38 15.52 -29.02
N SER K 409 40.93 15.14 -27.88
CA SER K 409 40.16 14.34 -26.97
C SER K 409 39.20 15.24 -26.21
N ALA K 410 38.10 14.65 -25.80
CA ALA K 410 37.13 15.30 -24.97
C ALA K 410 37.49 15.35 -23.51
N ALA K 411 38.45 14.53 -23.14
CA ALA K 411 38.97 14.45 -21.78
C ALA K 411 40.46 14.54 -22.00
N ALA K 412 41.25 13.66 -21.37
CA ALA K 412 42.70 13.65 -21.51
C ALA K 412 43.05 13.01 -22.85
N GLY K 413 44.28 13.24 -23.36
CA GLY K 413 44.79 12.40 -24.47
C GLY K 413 45.10 11.00 -23.94
N PHE K 414 45.72 10.90 -22.76
CA PHE K 414 46.19 9.65 -22.21
C PHE K 414 45.88 9.70 -20.74
N GLN K 415 45.27 8.63 -20.25
CA GLN K 415 44.91 8.54 -18.85
C GLN K 415 45.46 7.31 -18.25
N ALA K 416 46.08 7.48 -17.10
CA ALA K 416 46.69 6.37 -16.41
C ALA K 416 46.03 6.22 -15.08
N ARG K 417 45.43 5.07 -14.83
CA ARG K 417 44.79 4.82 -13.57
C ARG K 417 45.42 3.68 -12.75
N THR K 418 46.42 2.98 -13.31
CA THR K 418 47.23 1.98 -12.59
C THR K 418 48.66 2.45 -12.48
N ASN K 419 49.41 1.82 -11.61
CA ASN K 419 50.71 2.38 -11.28
C ASN K 419 51.81 2.20 -12.33
N GLY K 420 52.59 3.25 -12.51
CA GLY K 420 53.79 3.17 -13.29
C GLY K 420 53.59 2.78 -14.74
N VAL K 421 52.71 3.51 -15.40
CA VAL K 421 52.49 3.33 -16.82
C VAL K 421 53.65 4.08 -17.47
N GLU K 422 54.21 3.57 -18.55
CA GLU K 422 55.37 4.17 -19.17
C GLU K 422 54.92 4.61 -20.54
N TYR K 423 55.25 5.84 -20.87
CA TYR K 423 54.88 6.38 -22.15
C TYR K 423 56.19 6.83 -22.81
N LEU K 424 56.42 6.46 -24.06
CA LEU K 424 57.65 6.84 -24.73
C LEU K 424 57.34 7.53 -26.00
N ASN K 425 57.67 8.82 -26.07
CA ASN K 425 57.59 9.56 -27.34
C ASN K 425 56.18 9.70 -27.84
N CYS K 426 55.26 9.88 -26.92
CA CYS K 426 53.86 9.95 -27.24
C CYS K 426 53.43 11.39 -27.40
N ARG K 427 52.39 11.59 -28.19
CA ARG K 427 51.92 12.92 -28.50
C ARG K 427 50.42 13.14 -28.19
N ALA K 428 50.17 14.20 -27.43
CA ALA K 428 48.80 14.67 -27.11
C ALA K 428 48.48 16.07 -27.70
N TYR K 429 47.61 16.13 -28.71
CA TYR K 429 47.19 17.43 -29.30
C TYR K 429 45.74 17.81 -28.96
N ARG K 430 45.57 19.00 -28.41
CA ARG K 430 44.26 19.68 -28.25
C ARG K 430 43.26 18.93 -27.41
N ALA K 431 43.69 18.48 -26.26
CA ALA K 431 42.82 17.70 -25.44
C ALA K 431 42.00 18.74 -24.70
N ALA K 432 40.75 18.40 -24.38
CA ALA K 432 39.92 19.28 -23.61
C ALA K 432 40.42 19.48 -22.20
N MET K 433 41.08 18.49 -21.62
CA MET K 433 41.64 18.67 -20.27
C MET K 433 43.19 18.65 -20.27
N ASP K 434 43.79 17.52 -19.92
CA ASP K 434 45.22 17.36 -19.87
C ASP K 434 45.68 16.49 -21.06
N GLY K 435 46.88 16.74 -21.58
CA GLY K 435 47.40 15.86 -22.61
C GLY K 435 47.62 14.46 -22.03
N PHE K 436 48.25 14.42 -20.87
CA PHE K 436 48.64 13.21 -20.17
C PHE K 436 48.22 13.41 -18.74
N ALA K 437 47.57 12.41 -18.15
CA ALA K 437 47.27 12.54 -16.74
C ALA K 437 47.14 11.23 -16.08
N SER K 438 47.35 11.25 -14.78
CA SER K 438 47.06 10.12 -13.93
C SER K 438 45.73 10.42 -13.27
N ASN K 439 45.54 9.93 -12.05
CA ASN K 439 44.27 10.15 -11.37
C ASN K 439 44.38 9.76 -9.91
N THR K 440 43.23 9.74 -9.27
CA THR K 440 43.13 9.53 -7.84
C THR K 440 43.77 8.24 -7.30
N GLY K 441 44.80 8.49 -6.50
CA GLY K 441 45.50 7.44 -5.84
C GLY K 441 46.50 6.76 -6.76
N VAL K 442 46.66 7.27 -7.98
CA VAL K 442 47.58 6.64 -8.90
C VAL K 442 48.99 7.14 -8.64
N ALA K 443 49.97 6.21 -8.71
CA ALA K 443 51.40 6.53 -8.49
C ALA K 443 52.33 6.54 -9.73
N PHE K 444 53.16 7.55 -9.74
CA PHE K 444 54.23 7.77 -10.68
C PHE K 444 54.18 7.14 -12.04
N PRO K 445 53.50 7.81 -12.98
CA PRO K 445 53.64 7.45 -14.39
C PRO K 445 54.97 7.99 -14.91
N ILE K 446 55.50 7.40 -15.97
CA ILE K 446 56.80 7.77 -16.45
C ILE K 446 56.59 8.22 -17.84
N TYR K 447 57.00 9.45 -18.12
CA TYR K 447 56.82 10.02 -19.44
C TYR K 447 58.22 10.29 -19.93
N ARG K 448 58.56 9.74 -21.09
CA ARG K 448 59.87 9.91 -21.66
C ARG K 448 59.70 10.58 -23.01
N GLU K 449 60.13 11.83 -23.12
CA GLU K 449 60.23 12.48 -24.44
C GLU K 449 58.88 12.59 -25.12
N CYS K 450 57.90 12.89 -24.29
CA CYS K 450 56.53 13.01 -24.76
C CYS K 450 56.16 14.44 -25.02
N LEU K 451 55.37 14.66 -26.07
CA LEU K 451 54.99 15.99 -26.49
C LEU K 451 53.51 16.23 -26.30
N ALA K 452 53.22 17.36 -25.69
CA ALA K 452 51.88 17.84 -25.39
C ALA K 452 51.69 19.21 -26.06
N TYR K 453 50.89 19.29 -27.11
CA TYR K 453 50.58 20.59 -27.75
C TYR K 453 49.13 21.05 -27.58
N ASP K 454 48.94 22.19 -26.94
CA ASP K 454 47.66 22.93 -26.93
C ASP K 454 46.56 22.23 -26.19
N ASN K 455 46.88 21.56 -25.11
CA ASN K 455 45.81 20.95 -24.38
C ASN K 455 45.37 22.01 -23.41
N VAL K 456 44.09 22.14 -23.19
CA VAL K 456 43.56 23.25 -22.46
C VAL K 456 44.11 23.36 -21.04
N ARG K 457 43.93 22.35 -20.20
CA ARG K 457 44.28 22.56 -18.79
C ARG K 457 45.78 22.39 -18.52
N SER K 458 46.40 21.40 -19.16
CA SER K 458 47.82 21.15 -19.01
C SER K 458 48.33 20.13 -20.01
N GLY K 459 49.65 19.93 -20.01
CA GLY K 459 50.29 18.90 -20.79
C GLY K 459 50.39 17.65 -19.95
N PHE K 460 50.95 17.75 -18.77
CA PHE K 460 51.16 16.59 -17.97
C PHE K 460 50.59 16.90 -16.62
N ASN K 461 49.62 16.10 -16.21
CA ASN K 461 48.99 16.28 -14.89
C ASN K 461 49.16 15.04 -14.05
N CYS K 462 50.07 15.12 -13.09
CA CYS K 462 50.35 13.98 -12.23
C CYS K 462 50.56 14.45 -10.82
N SER K 463 49.61 15.30 -10.42
CA SER K 463 49.50 15.92 -9.11
C SER K 463 48.78 15.06 -8.09
N TYR K 464 48.34 13.88 -8.52
CA TYR K 464 47.56 12.96 -7.71
C TYR K 464 48.43 11.98 -6.96
N GLY K 465 49.66 11.74 -7.44
CA GLY K 465 50.56 10.80 -6.76
C GLY K 465 51.98 10.71 -7.28
N GLY K 466 52.52 11.85 -7.68
CA GLY K 466 53.87 11.93 -8.19
C GLY K 466 53.95 11.73 -9.67
N GLY K 467 55.06 12.18 -10.23
CA GLY K 467 55.42 11.85 -11.61
C GLY K 467 56.90 11.97 -11.99
N TYR K 468 57.30 11.24 -13.02
CA TYR K 468 58.62 11.35 -13.55
C TYR K 468 58.45 11.81 -15.00
N VAL K 469 58.72 13.10 -15.20
CA VAL K 469 58.57 13.74 -16.51
C VAL K 469 59.95 13.99 -17.06
N TYR K 470 60.39 13.13 -17.96
CA TYR K 470 61.74 13.22 -18.41
C TYR K 470 61.79 13.65 -19.86
N ASP K 471 62.43 14.79 -20.09
CA ASP K 471 62.70 15.32 -21.42
C ASP K 471 61.44 15.53 -22.20
N CYS K 472 60.38 15.97 -21.54
CA CYS K 472 59.10 16.19 -22.21
C CYS K 472 58.88 17.65 -22.59
N GLU K 473 57.90 17.89 -23.44
CA GLU K 473 57.62 19.26 -23.87
C GLU K 473 56.12 19.48 -23.71
N ALA K 474 55.75 20.66 -23.24
CA ALA K 474 54.33 21.08 -23.15
C ALA K 474 54.18 22.55 -23.57
N HIS K 475 53.40 22.76 -24.63
CA HIS K 475 53.11 24.07 -25.21
C HIS K 475 51.64 24.36 -25.25
N GLY K 476 51.28 25.57 -24.90
CA GLY K 476 49.94 26.08 -25.12
C GLY K 476 48.81 25.65 -24.20
N SER K 477 49.13 25.37 -22.94
CA SER K 477 48.14 24.90 -22.01
C SER K 477 48.12 25.96 -20.93
N GLN K 478 47.33 25.78 -19.88
CA GLN K 478 47.40 26.72 -18.81
C GLN K 478 48.62 26.54 -17.99
N ASN K 479 48.90 25.31 -17.61
CA ASN K 479 50.23 24.94 -17.08
C ASN K 479 50.89 23.85 -17.94
N GLY K 480 52.21 23.90 -18.08
CA GLY K 480 52.93 22.80 -18.74
C GLY K 480 52.82 21.46 -18.02
N VAL K 481 53.12 21.46 -16.71
CA VAL K 481 53.04 20.26 -15.92
C VAL K 481 52.45 20.64 -14.61
N ARG K 482 51.58 19.77 -14.09
CA ARG K 482 51.07 19.85 -12.72
C ARG K 482 51.48 18.60 -12.01
N ILE K 483 52.20 18.77 -10.93
CA ILE K 483 52.89 17.67 -10.31
C ILE K 483 53.08 18.00 -8.84
N ASN K 484 52.99 17.03 -7.97
CA ASN K 484 53.16 17.25 -6.54
C ASN K 484 54.43 16.63 -6.00
N GLY K 485 55.12 15.89 -6.86
CA GLY K 485 56.28 15.14 -6.38
C GLY K 485 56.87 14.37 -7.51
N GLY K 486 58.16 14.06 -7.41
CA GLY K 486 58.86 13.32 -8.48
C GLY K 486 59.90 14.14 -9.18
N ARG K 487 59.95 14.07 -10.48
CA ARG K 487 60.98 14.80 -11.18
C ARG K 487 60.52 15.28 -12.55
N VAL K 488 61.11 16.40 -12.92
CA VAL K 488 60.98 17.00 -14.24
C VAL K 488 62.42 17.28 -14.65
N LYS K 489 62.98 16.44 -15.48
CA LYS K 489 64.38 16.58 -15.82
C LYS K 489 64.47 16.69 -17.27
N GLY K 490 64.95 17.84 -17.71
CA GLY K 490 65.06 18.11 -19.13
C GLY K 490 63.73 18.60 -19.67
N GLY K 491 63.59 18.61 -20.98
CA GLY K 491 62.40 19.12 -21.57
C GLY K 491 62.36 20.61 -21.76
N ARG K 492 61.37 21.01 -22.56
CA ARG K 492 61.18 22.39 -22.91
C ARG K 492 59.68 22.82 -22.85
N TYR K 493 59.40 23.92 -22.16
CA TYR K 493 58.01 24.41 -22.00
C TYR K 493 57.78 25.84 -22.52
N THR K 494 56.78 26.06 -23.35
CA THR K 494 56.51 27.39 -23.87
C THR K 494 55.01 27.66 -23.98
N ARG K 495 54.60 28.93 -23.91
CA ARG K 495 53.21 29.33 -24.12
C ARG K 495 52.25 28.75 -23.09
N ASN K 496 52.60 28.80 -21.82
CA ASN K 496 51.67 28.33 -20.84
C ASN K 496 51.20 29.46 -19.95
N SER K 497 49.93 29.87 -20.14
CA SER K 497 49.36 31.14 -19.64
C SER K 497 49.50 31.35 -18.15
N SER K 498 49.38 30.31 -17.35
CA SER K 498 49.63 30.48 -15.94
C SER K 498 51.11 30.32 -15.57
N SER K 499 51.65 29.11 -15.85
CA SER K 499 53.07 28.75 -15.58
C SER K 499 53.50 27.57 -16.42
N HIS K 500 54.79 27.30 -16.44
CA HIS K 500 55.29 26.08 -17.08
C HIS K 500 55.15 24.88 -16.13
N ILE K 501 55.60 25.01 -14.89
CA ILE K 501 55.50 23.89 -13.98
C ILE K 501 54.61 24.43 -12.94
N PHE K 502 53.74 23.59 -12.42
CA PHE K 502 52.81 24.00 -11.39
C PHE K 502 52.81 22.96 -10.25
N VAL K 503 53.44 23.34 -9.15
CA VAL K 503 53.58 22.39 -8.07
C VAL K 503 52.31 22.45 -7.25
N THR K 504 51.48 21.43 -7.35
CA THR K 504 50.16 21.42 -6.71
C THR K 504 49.78 20.00 -6.36
N LYS K 505 48.64 19.85 -5.69
CA LYS K 505 48.07 18.55 -5.39
C LYS K 505 46.66 18.45 -5.97
N ASP K 506 46.16 17.23 -6.11
CA ASP K 506 44.78 17.03 -6.59
C ASP K 506 43.83 17.53 -5.50
N VAL K 507 44.16 17.20 -4.27
CA VAL K 507 43.38 17.54 -3.12
C VAL K 507 44.43 17.72 -2.06
N ALA K 508 44.14 18.57 -1.10
CA ALA K 508 45.10 18.82 -0.01
C ALA K 508 45.51 17.55 0.77
N GLU K 509 44.63 16.54 0.84
CA GLU K 509 44.91 15.34 1.69
C GLU K 509 46.04 14.52 1.11
N THR K 510 46.24 14.63 -0.19
CA THR K 510 47.32 13.94 -0.87
C THR K 510 48.59 14.52 -0.34
N ALA K 511 49.59 13.67 -0.14
CA ALA K 511 50.89 14.07 0.49
C ALA K 511 51.86 14.70 -0.52
N GLN K 512 52.59 15.73 -0.09
CA GLN K 512 53.60 16.34 -0.95
C GLN K 512 54.91 15.54 -0.79
N THR K 513 55.66 15.37 -1.88
CA THR K 513 56.97 14.74 -1.81
C THR K 513 58.03 15.60 -2.50
N SER K 514 59.28 15.14 -2.37
CA SER K 514 60.40 15.80 -3.00
C SER K 514 60.13 15.96 -4.46
N LEU K 515 60.45 17.14 -4.95
CA LEU K 515 60.38 17.41 -6.36
C LEU K 515 61.75 17.95 -6.84
N GLU K 516 62.20 17.45 -7.98
CA GLU K 516 63.48 17.83 -8.51
C GLU K 516 63.21 18.45 -9.86
N ILE K 517 63.63 19.69 -10.08
CA ILE K 517 63.47 20.32 -11.40
C ILE K 517 64.82 20.69 -12.02
N ASP K 518 65.39 19.76 -12.78
CA ASP K 518 66.77 19.76 -13.16
C ASP K 518 66.79 19.84 -14.69
N GLY K 519 67.42 20.87 -15.21
CA GLY K 519 67.81 20.92 -16.60
C GLY K 519 66.72 21.30 -17.54
N VAL K 520 65.73 21.99 -17.04
CA VAL K 520 64.51 22.21 -17.83
C VAL K 520 64.51 23.56 -18.52
N SER K 521 64.12 23.61 -19.79
CA SER K 521 63.97 24.94 -20.44
C SER K 521 62.61 25.61 -20.19
N MET K 522 62.49 26.50 -19.21
CA MET K 522 61.19 27.14 -18.90
C MET K 522 61.26 28.67 -19.16
N ARG K 523 61.77 29.02 -20.34
CA ARG K 523 61.95 30.41 -20.77
C ARG K 523 60.67 31.25 -20.74
N TYR K 524 60.84 32.56 -20.57
CA TYR K 524 59.73 33.50 -20.64
C TYR K 524 59.44 33.92 -22.06
N ASP K 525 58.19 33.81 -22.47
CA ASP K 525 57.83 34.16 -23.82
C ASP K 525 56.61 35.07 -23.89
N GLY K 526 56.34 35.81 -22.82
CA GLY K 526 55.23 36.77 -22.81
C GLY K 526 53.91 36.23 -22.25
N THR K 527 53.99 35.10 -21.59
CA THR K 527 52.83 34.42 -21.08
C THR K 527 53.09 34.23 -19.59
N GLY K 528 53.00 32.98 -19.13
CA GLY K 528 53.04 32.66 -17.74
C GLY K 528 54.44 32.67 -17.21
N ARG K 529 54.50 32.52 -15.90
CA ARG K 529 55.74 32.38 -15.18
C ARG K 529 56.38 30.98 -15.31
N ALA K 530 57.49 30.77 -14.62
CA ALA K 530 58.16 29.51 -14.72
C ALA K 530 57.55 28.50 -13.77
N VAL K 531 57.68 28.76 -12.49
CA VAL K 531 57.15 27.86 -11.50
C VAL K 531 56.03 28.54 -10.70
N TYR K 532 54.98 27.76 -10.39
CA TYR K 532 53.83 28.19 -9.63
C TYR K 532 53.70 27.27 -8.43
N PHE K 533 53.89 27.79 -7.24
CA PHE K 533 53.78 27.00 -6.06
C PHE K 533 52.42 27.26 -5.49
N HIS K 534 51.70 26.18 -5.20
CA HIS K 534 50.32 26.25 -4.74
C HIS K 534 50.17 26.12 -3.22
N GLY K 535 50.44 27.21 -2.53
CA GLY K 535 50.20 27.29 -1.08
C GLY K 535 48.80 26.87 -0.61
N THR K 536 47.79 27.21 -1.41
CA THR K 536 46.39 26.88 -1.09
C THR K 536 46.18 25.40 -0.63
N VAL K 537 46.95 24.46 -1.20
CA VAL K 537 46.80 23.01 -0.88
C VAL K 537 47.89 22.47 0.03
N GLY K 538 48.81 23.34 0.44
CA GLY K 538 49.82 22.97 1.44
C GLY K 538 51.21 22.75 0.88
N ILE K 539 51.45 23.21 -0.35
CA ILE K 539 52.74 23.02 -0.98
C ILE K 539 53.78 23.76 -0.13
N ASP K 540 54.81 23.02 0.28
CA ASP K 540 56.01 23.61 0.87
C ASP K 540 57.16 23.73 -0.14
N PRO K 541 57.61 24.94 -0.43
CA PRO K 541 58.58 25.06 -1.53
C PRO K 541 59.99 24.56 -1.25
N THR K 542 60.33 24.36 0.03
CA THR K 542 61.65 23.78 0.33
C THR K 542 61.78 22.35 -0.12
N LEU K 543 60.66 21.67 -0.31
CA LEU K 543 60.66 20.33 -0.83
C LEU K 543 60.87 20.31 -2.30
N VAL K 544 61.26 21.43 -2.87
CA VAL K 544 61.55 21.49 -4.29
C VAL K 544 62.99 21.97 -4.46
N SER K 545 63.63 21.51 -5.53
CA SER K 545 65.01 21.88 -5.87
C SER K 545 65.15 22.11 -7.34
N MET K 546 65.58 23.29 -7.69
CA MET K 546 65.71 23.67 -9.10
C MET K 546 67.21 23.85 -9.39
N SER K 547 67.73 23.13 -10.37
CA SER K 547 69.18 23.18 -10.70
C SER K 547 69.36 23.33 -12.19
N ASN K 548 70.13 24.29 -12.65
CA ASN K 548 70.53 24.31 -14.07
C ASN K 548 69.40 24.47 -15.08
N ASN K 549 68.33 25.15 -14.69
CA ASN K 549 67.22 25.44 -15.59
C ASN K 549 67.35 26.77 -16.27
N ASP K 550 66.84 26.85 -17.49
CA ASP K 550 66.84 28.10 -18.25
C ASP K 550 65.47 28.84 -18.06
N MET K 551 65.43 29.72 -17.07
CA MET K 551 64.28 30.60 -16.79
C MET K 551 64.53 32.00 -17.40
N THR K 552 65.11 32.03 -18.58
CA THR K 552 65.56 33.29 -19.17
C THR K 552 64.35 34.20 -19.48
N GLY K 553 64.34 35.42 -18.96
CA GLY K 553 63.39 36.47 -19.36
C GLY K 553 62.34 36.81 -18.31
N HIS K 554 62.15 35.94 -17.31
CA HIS K 554 61.09 36.10 -16.31
C HIS K 554 61.30 37.24 -15.32
N GLY K 555 62.55 37.73 -15.24
CA GLY K 555 62.91 38.76 -14.30
C GLY K 555 62.50 38.35 -12.88
N LEU K 556 62.02 39.31 -12.11
CA LEU K 556 61.58 39.11 -10.72
C LEU K 556 60.37 38.19 -10.60
N PHE K 557 59.77 37.86 -11.75
CA PHE K 557 58.54 37.06 -11.82
C PHE K 557 58.79 35.71 -12.46
N TRP K 558 59.73 34.97 -11.89
CA TRP K 558 59.98 33.59 -12.29
C TRP K 558 59.04 32.68 -11.47
N ALA K 559 58.78 33.03 -10.22
CA ALA K 559 57.89 32.23 -9.40
C ALA K 559 56.56 32.90 -9.37
N LEU K 560 55.55 32.11 -9.02
CA LEU K 560 54.19 32.60 -8.81
C LEU K 560 53.65 31.85 -7.63
N LEU K 561 53.18 32.56 -6.61
CA LEU K 561 52.61 31.86 -5.48
C LEU K 561 51.17 32.29 -5.25
N SER K 562 50.45 31.50 -4.45
CA SER K 562 49.05 31.75 -4.10
C SER K 562 48.71 30.89 -2.90
N GLY K 563 47.91 31.41 -1.98
CA GLY K 563 47.43 30.65 -0.84
C GLY K 563 48.35 30.68 0.38
N TYR K 564 49.45 31.39 0.27
CA TYR K 564 50.31 31.52 1.44
C TYR K 564 49.78 32.63 2.34
N THR K 565 49.82 32.37 3.63
CA THR K 565 49.50 33.34 4.66
C THR K 565 50.83 33.93 5.22
N VAL K 566 51.87 33.10 5.20
CA VAL K 566 53.18 33.42 5.74
C VAL K 566 54.13 33.28 4.60
N GLN K 567 55.05 34.23 4.44
CA GLN K 567 56.05 34.08 3.41
C GLN K 567 56.70 32.74 3.64
N PRO K 568 56.71 31.89 2.60
CA PRO K 568 57.39 30.61 2.72
C PRO K 568 58.86 30.74 2.32
N THR K 569 59.64 29.76 2.76
CA THR K 569 61.05 29.66 2.41
C THR K 569 61.15 29.20 0.97
N PRO K 570 62.10 29.71 0.21
CA PRO K 570 62.09 29.28 -1.19
C PRO K 570 62.60 27.83 -1.39
N PRO K 571 62.70 27.40 -2.67
CA PRO K 571 63.31 26.10 -2.93
C PRO K 571 64.84 26.22 -3.07
N ARG K 572 65.58 25.14 -2.82
CA ARG K 572 67.01 25.21 -3.04
C ARG K 572 67.25 25.53 -4.51
N MET K 573 68.08 26.51 -4.81
CA MET K 573 68.30 26.86 -6.22
C MET K 573 69.75 26.92 -6.55
N SER K 574 70.18 26.15 -7.54
CA SER K 574 71.57 26.14 -7.93
C SER K 574 71.75 26.45 -9.42
N ARG K 575 72.58 27.44 -9.68
CA ARG K 575 73.02 27.79 -11.03
C ARG K 575 71.94 27.68 -12.11
N ASN K 576 70.84 28.40 -11.94
CA ASN K 576 69.84 28.51 -13.01
C ASN K 576 70.03 29.79 -13.78
N LEU K 577 69.65 29.83 -15.05
CA LEU K 577 69.76 31.08 -15.84
C LEU K 577 68.51 31.91 -15.79
N LEU K 578 68.66 33.21 -15.54
CA LEU K 578 67.49 34.11 -15.44
C LEU K 578 67.56 35.18 -16.52
N ASP K 579 68.74 35.72 -16.76
CA ASP K 579 68.89 36.76 -17.78
C ASP K 579 70.00 36.32 -18.67
N ASP K 580 70.07 36.95 -19.84
CA ASP K 580 71.07 36.63 -20.85
C ASP K 580 71.81 37.85 -21.38
N THR K 581 71.67 38.97 -20.68
CA THR K 581 72.39 40.22 -20.93
C THR K 581 72.88 40.75 -19.58
N GLY K 582 74.11 41.23 -19.56
CA GLY K 582 74.73 41.73 -18.33
C GLY K 582 74.73 40.72 -17.21
N ILE K 583 75.32 39.56 -17.52
CA ILE K 583 75.33 38.40 -16.60
C ILE K 583 76.74 37.83 -16.36
N ARG K 584 77.71 38.38 -17.10
CA ARG K 584 79.12 38.05 -16.96
C ARG K 584 80.00 39.24 -17.33
N GLY K 585 81.04 39.46 -16.53
CA GLY K 585 82.00 40.53 -16.79
C GLY K 585 83.23 40.52 -15.91
N VAL K 586 83.96 41.64 -15.99
CA VAL K 586 85.23 41.88 -15.26
C VAL K 586 85.22 43.22 -14.55
N ALA K 587 85.33 43.19 -13.23
CA ALA K 587 85.34 44.39 -12.42
C ALA K 587 86.76 44.57 -11.83
N THR K 588 87.22 45.81 -11.68
CA THR K 588 88.52 46.09 -11.04
C THR K 588 88.38 46.84 -9.70
N LEU K 589 88.83 46.21 -8.62
CA LEU K 589 88.71 46.76 -7.26
C LEU K 589 89.58 48.01 -7.08
N VAL K 590 89.15 48.87 -6.17
CA VAL K 590 89.77 50.16 -5.85
C VAL K 590 89.45 50.43 -4.38
N ALA K 591 90.41 50.16 -3.52
CA ALA K 591 90.21 50.33 -2.08
C ALA K 591 89.32 49.20 -1.57
N GLY K 592 89.45 48.06 -2.22
CA GLY K 592 88.71 46.88 -1.84
C GLY K 592 87.24 46.93 -2.21
N GLU K 593 86.88 47.74 -3.20
CA GLU K 593 85.49 47.81 -3.66
C GLU K 593 85.38 48.03 -5.16
N ALA K 594 84.23 47.70 -5.71
CA ALA K 594 83.93 47.92 -7.13
C ALA K 594 82.42 47.81 -7.33
N THR K 595 81.85 48.83 -7.96
CA THR K 595 80.42 48.86 -8.19
C THR K 595 80.18 48.32 -9.61
N VAL K 596 79.36 47.26 -9.67
CA VAL K 596 79.13 46.60 -10.93
C VAL K 596 77.69 46.80 -11.38
N ASN K 597 77.56 47.09 -12.67
CA ASN K 597 76.27 47.21 -13.34
C ASN K 597 75.95 45.86 -13.96
N ALA K 598 74.97 45.17 -13.41
CA ALA K 598 74.63 43.86 -13.92
C ALA K 598 73.17 43.52 -13.60
N ARG K 599 72.59 42.63 -14.39
CA ARG K 599 71.24 42.13 -14.13
C ARG K 599 71.25 41.16 -12.98
N VAL K 600 71.77 41.64 -11.85
CA VAL K 600 71.59 40.92 -10.61
C VAL K 600 70.17 41.19 -10.20
N ARG K 601 69.55 40.28 -9.45
CA ARG K 601 68.18 40.47 -8.99
C ARG K 601 68.00 39.90 -7.63
N GLY K 602 66.81 40.17 -7.10
CA GLY K 602 66.40 39.75 -5.78
C GLY K 602 65.07 40.37 -5.37
N ASN K 603 64.47 39.79 -4.34
CA ASN K 603 63.34 40.34 -3.68
C ASN K 603 63.68 40.20 -2.25
N PHE K 604 63.56 41.31 -1.54
CA PHE K 604 63.84 41.33 -0.12
C PHE K 604 62.59 41.66 0.67
N GLY K 605 61.47 41.86 -0.05
CA GLY K 605 60.12 42.05 0.51
C GLY K 605 59.73 40.92 1.47
N SER K 606 58.51 41.00 2.00
CA SER K 606 58.03 39.93 2.89
C SER K 606 56.52 39.66 2.72
N VAL K 607 56.00 40.08 1.58
CA VAL K 607 54.65 39.72 1.13
C VAL K 607 54.51 38.20 1.24
N ALA K 608 53.38 37.72 1.77
CA ALA K 608 53.23 36.27 2.03
C ALA K 608 53.48 35.47 0.74
N ASN K 609 52.78 35.86 -0.31
CA ASN K 609 52.87 35.15 -1.56
C ASN K 609 54.05 35.58 -2.39
N SER K 610 55.24 35.46 -1.79
CA SER K 610 56.49 35.82 -2.45
C SER K 610 57.68 35.11 -1.80
N PHE K 611 58.83 35.18 -2.45
CA PHE K 611 60.06 34.60 -1.89
C PHE K 611 61.08 35.67 -1.54
N LYS K 612 61.81 35.40 -0.47
CA LYS K 612 62.98 36.19 -0.19
C LYS K 612 64.12 35.52 -0.94
N TRP K 613 64.65 36.18 -1.97
CA TRP K 613 65.70 35.57 -2.75
C TRP K 613 66.60 36.59 -3.43
N VAL K 614 67.74 36.12 -3.92
CA VAL K 614 68.70 36.95 -4.68
C VAL K 614 69.54 36.16 -5.65
N SER K 615 69.91 36.79 -6.75
CA SER K 615 70.84 36.16 -7.70
C SER K 615 72.00 35.51 -6.98
N GLU K 616 72.49 34.42 -7.56
CA GLU K 616 73.74 33.77 -7.14
C GLU K 616 74.85 34.32 -8.03
N VAL K 617 75.79 35.07 -7.42
CA VAL K 617 76.87 35.67 -8.17
C VAL K 617 78.17 34.96 -7.85
N LYS K 618 78.73 34.32 -8.88
CA LYS K 618 79.94 33.51 -8.75
C LYS K 618 81.08 34.45 -8.98
N LEU K 619 82.02 34.45 -8.04
CA LEU K 619 83.14 35.41 -8.06
C LEU K 619 84.50 34.78 -8.11
N THR K 620 85.34 35.24 -9.04
CA THR K 620 86.61 34.59 -9.29
C THR K 620 87.73 35.60 -9.69
N ARG K 621 88.86 35.55 -8.98
CA ARG K 621 89.92 36.55 -9.15
C ARG K 621 90.74 36.30 -10.42
N LEU K 622 91.09 37.38 -11.11
CA LEU K 622 91.90 37.30 -12.32
C LEU K 622 93.29 37.97 -12.28
N THR K 623 93.55 38.79 -11.26
CA THR K 623 94.88 39.36 -11.02
C THR K 623 95.08 39.13 -9.54
N PHE K 624 96.34 39.05 -9.11
CA PHE K 624 96.63 38.59 -7.76
C PHE K 624 97.56 39.55 -7.00
N PRO K 625 97.05 40.76 -6.70
CA PRO K 625 97.84 41.64 -5.86
C PRO K 625 98.04 41.07 -4.45
N SER K 626 99.03 41.62 -3.77
CA SER K 626 99.41 41.24 -2.41
C SER K 626 98.33 41.68 -1.43
N SER K 627 97.51 42.63 -1.89
CA SER K 627 96.39 43.16 -1.11
C SER K 627 95.15 42.29 -1.22
N ALA K 628 95.24 41.15 -1.91
CA ALA K 628 94.12 40.20 -2.06
C ALA K 628 93.42 39.79 -0.71
N GLY K 629 92.10 39.80 -0.73
CA GLY K 629 91.32 39.36 0.43
C GLY K 629 90.16 38.47 0.01
N ALA K 630 89.31 38.12 0.96
CA ALA K 630 88.07 37.36 0.68
C ALA K 630 86.98 38.22 0.03
N LEU K 631 86.49 37.81 -1.15
CA LEU K 631 85.45 38.59 -1.85
C LEU K 631 84.06 38.29 -1.31
N THR K 632 83.10 39.14 -1.65
CA THR K 632 81.71 38.91 -1.25
C THR K 632 80.88 39.89 -2.04
N VAL K 633 79.57 39.69 -2.06
CA VAL K 633 78.68 40.63 -2.76
C VAL K 633 77.83 41.40 -1.76
N THR K 634 77.51 42.64 -2.10
CA THR K 634 76.66 43.44 -1.24
C THR K 634 76.11 44.60 -2.02
N SER K 635 75.25 45.37 -1.33
CA SER K 635 74.59 46.58 -1.86
C SER K 635 74.01 46.30 -3.24
N VAL K 636 73.15 45.29 -3.28
CA VAL K 636 72.47 44.94 -4.52
C VAL K 636 71.36 45.97 -4.72
N ALA K 637 71.33 46.60 -5.87
CA ALA K 637 70.42 47.70 -6.09
C ALA K 637 69.70 47.50 -7.40
N GLN K 638 68.36 47.54 -7.34
CA GLN K 638 67.52 47.37 -8.54
C GLN K 638 66.84 48.66 -8.99
N ASN K 639 67.22 49.09 -10.18
CA ASN K 639 66.69 50.28 -10.80
C ASN K 639 65.17 50.36 -10.67
N GLN K 640 64.66 51.57 -10.43
CA GLN K 640 63.23 51.79 -10.19
C GLN K 640 62.52 52.72 -11.18
N ASP K 641 63.12 52.95 -12.35
CA ASP K 641 62.48 53.76 -13.40
C ASP K 641 60.97 53.50 -13.53
N VAL K 642 60.32 54.49 -14.12
CA VAL K 642 58.88 54.42 -14.37
C VAL K 642 58.58 55.00 -15.75
N PRO K 643 57.65 54.37 -16.50
CA PRO K 643 56.79 53.22 -16.11
C PRO K 643 57.52 51.88 -15.79
N THR K 644 58.48 51.53 -16.65
CA THR K 644 59.16 50.22 -16.65
C THR K 644 60.64 50.27 -16.26
N PRO K 645 60.99 49.57 -15.16
CA PRO K 645 62.36 49.50 -14.69
C PRO K 645 63.31 49.04 -15.78
N ASN K 646 64.56 49.50 -15.72
CA ASN K 646 65.58 49.04 -16.65
C ASN K 646 66.64 48.28 -15.88
N PRO K 647 66.62 46.94 -15.99
CA PRO K 647 67.51 46.03 -15.25
C PRO K 647 69.00 46.18 -15.56
N ASP K 648 69.33 46.68 -16.75
CA ASP K 648 70.70 46.95 -17.09
C ASP K 648 71.33 47.96 -16.15
N LEU K 649 70.53 48.68 -15.37
CA LEU K 649 71.09 49.66 -14.43
C LEU K 649 71.00 49.17 -13.01
N ASN K 650 70.67 47.90 -12.86
CA ASN K 650 70.70 47.29 -11.55
C ASN K 650 72.18 47.23 -11.26
N SER K 651 72.53 46.99 -10.01
CA SER K 651 73.94 46.90 -9.65
C SER K 651 74.18 46.25 -8.28
N PHE K 652 75.36 45.66 -8.16
CA PHE K 652 75.82 45.07 -6.90
C PHE K 652 77.26 45.50 -6.72
N VAL K 653 77.74 45.37 -5.48
CA VAL K 653 79.10 45.75 -5.20
C VAL K 653 79.91 44.57 -4.70
N ILE K 654 81.08 44.42 -5.29
CA ILE K 654 82.10 43.47 -4.81
C ILE K 654 82.89 44.21 -3.71
N ARG K 655 83.05 43.57 -2.55
CA ARG K 655 83.86 44.14 -1.47
C ARG K 655 84.87 43.09 -0.95
N SER K 656 86.15 43.49 -0.86
CA SER K 656 87.21 42.60 -0.34
C SER K 656 87.30 42.74 1.16
N SER K 657 87.80 41.72 1.85
CA SER K 657 88.06 41.78 3.33
C SER K 657 89.32 42.60 3.65
N ASN K 658 90.08 42.89 2.60
CA ASN K 658 91.29 43.68 2.67
C ASN K 658 90.98 45.03 2.02
N ALA K 659 90.88 46.06 2.87
CA ALA K 659 90.49 47.40 2.39
C ALA K 659 91.40 47.95 1.29
N ALA K 660 92.58 47.36 1.11
CA ALA K 660 93.56 47.82 0.12
C ALA K 660 93.44 47.11 -1.25
N ASP K 661 92.67 46.01 -1.29
CA ASP K 661 92.56 45.16 -2.48
C ASP K 661 92.23 45.93 -3.77
N VAL K 662 92.91 45.53 -4.84
CA VAL K 662 92.84 46.16 -6.14
C VAL K 662 92.81 45.11 -7.25
N SER K 663 92.32 43.92 -6.87
CA SER K 663 92.17 42.74 -7.76
C SER K 663 91.27 43.03 -8.95
N GLN K 664 91.52 42.32 -10.04
CA GLN K 664 90.59 42.24 -11.17
C GLN K 664 89.70 41.03 -10.92
N VAL K 665 88.39 41.24 -10.82
CA VAL K 665 87.49 40.15 -10.51
C VAL K 665 86.54 39.90 -11.68
N ALA K 666 86.34 38.60 -11.90
CA ALA K 666 85.39 38.12 -12.88
C ALA K 666 84.13 37.72 -12.09
N TRP K 667 82.98 38.16 -12.62
CA TRP K 667 81.68 37.89 -12.00
C TRP K 667 80.77 37.24 -13.06
N GLU K 668 79.98 36.28 -12.58
CA GLU K 668 78.90 35.65 -13.35
C GLU K 668 77.57 35.70 -12.55
N VAL K 669 76.48 36.05 -13.24
CA VAL K 669 75.17 36.17 -12.60
C VAL K 669 74.25 34.97 -12.87
N TYR K 670 73.86 34.27 -11.79
CA TYR K 670 72.99 33.10 -11.90
C TYR K 670 71.65 33.32 -11.15
N LEU K 671 70.95 32.22 -10.90
CA LEU K 671 69.84 32.17 -9.98
C LEU K 671 70.03 30.84 -9.19
N GLU L 30 29.55 -32.44 -73.38
CA GLU L 30 30.70 -31.63 -72.86
C GLU L 30 31.68 -31.22 -73.99
N ARG L 31 31.98 -29.93 -74.10
CA ARG L 31 32.96 -29.46 -75.10
C ARG L 31 34.32 -29.29 -74.41
N VAL L 32 35.36 -29.85 -74.99
CA VAL L 32 36.71 -29.78 -74.43
C VAL L 32 37.75 -29.47 -75.50
N PHE L 33 38.53 -28.40 -75.31
CA PHE L 33 39.58 -28.00 -76.28
C PHE L 33 40.95 -28.10 -75.66
N SER L 34 41.94 -28.30 -76.52
CA SER L 34 43.32 -28.51 -76.05
C SER L 34 44.11 -27.22 -76.10
N ASP L 35 43.75 -26.34 -77.02
CA ASP L 35 44.41 -25.07 -77.10
C ASP L 35 43.39 -23.94 -77.19
N LEU L 36 43.85 -22.73 -76.86
CA LEU L 36 43.02 -21.53 -76.82
C LEU L 36 42.40 -21.31 -78.19
N ALA L 37 43.24 -21.15 -79.21
CA ALA L 37 42.81 -20.86 -80.60
C ALA L 37 41.60 -21.71 -81.06
N SER L 38 41.55 -22.98 -80.65
CA SER L 38 40.41 -23.88 -80.94
C SER L 38 39.15 -23.42 -80.25
N MET L 39 39.22 -23.25 -78.93
CA MET L 39 38.07 -22.83 -78.10
C MET L 39 37.45 -21.51 -78.59
N VAL L 40 38.26 -20.52 -78.95
CA VAL L 40 37.72 -19.26 -79.45
C VAL L 40 37.12 -19.40 -80.86
N ALA L 41 37.39 -20.52 -81.52
CA ALA L 41 36.94 -20.76 -82.91
C ALA L 41 35.53 -21.38 -83.04
N TYR L 42 35.31 -22.53 -82.38
CA TYR L 42 34.00 -23.23 -82.34
C TYR L 42 32.79 -22.27 -82.38
N PRO L 43 31.89 -22.44 -83.37
CA PRO L 43 30.75 -21.53 -83.50
C PRO L 43 29.40 -21.98 -82.91
N ASN L 44 29.37 -23.14 -82.26
CA ASN L 44 28.09 -23.70 -81.79
C ASN L 44 27.83 -23.59 -80.28
N PHE L 45 28.63 -22.78 -79.60
CA PHE L 45 28.45 -22.59 -78.17
C PHE L 45 27.03 -22.18 -77.82
N GLN L 46 26.43 -22.86 -76.86
CA GLN L 46 25.11 -22.49 -76.38
C GLN L 46 25.19 -22.34 -74.87
N VAL L 47 24.34 -21.47 -74.33
CA VAL L 47 24.34 -21.11 -72.88
C VAL L 47 24.41 -22.27 -71.85
N GLN L 48 24.14 -23.50 -72.28
CA GLN L 48 24.09 -24.67 -71.36
C GLN L 48 25.30 -25.61 -71.48
N ASP L 49 26.06 -25.49 -72.57
CA ASP L 49 27.24 -26.32 -72.79
C ASP L 49 28.11 -26.32 -71.52
N LYS L 50 28.91 -27.36 -71.38
CA LYS L 50 29.99 -27.39 -70.39
C LYS L 50 31.32 -27.25 -71.12
N ILE L 51 32.01 -26.14 -70.93
CA ILE L 51 33.21 -25.89 -71.70
C ILE L 51 34.40 -26.08 -70.79
N THR L 52 35.48 -26.63 -71.34
CA THR L 52 36.72 -26.86 -70.60
C THR L 52 37.98 -26.71 -71.49
N LEU L 53 38.97 -25.94 -71.01
CA LEU L 53 40.24 -25.78 -71.74
C LEU L 53 41.40 -26.50 -71.04
N LEU L 54 42.27 -27.11 -71.85
CA LEU L 54 43.47 -27.83 -71.37
C LEU L 54 44.76 -27.02 -71.63
N GLY L 55 45.69 -27.12 -70.68
CA GLY L 55 47.04 -26.57 -70.86
C GLY L 55 47.41 -25.50 -69.85
N SER L 56 48.10 -24.47 -70.34
CA SER L 56 48.57 -23.34 -69.51
C SER L 56 47.48 -22.37 -69.02
N ALA L 57 46.69 -21.81 -69.95
CA ALA L 57 45.56 -20.94 -69.59
C ALA L 57 44.34 -21.76 -69.14
N GLY L 58 44.53 -23.07 -69.00
CA GLY L 58 43.46 -24.00 -68.66
C GLY L 58 42.45 -23.51 -67.64
N GLY L 59 41.23 -24.03 -67.75
CA GLY L 59 40.15 -23.72 -66.82
C GLY L 59 38.80 -24.19 -67.37
N ASP L 60 37.74 -23.69 -66.74
CA ASP L 60 36.37 -24.03 -67.09
C ASP L 60 35.60 -22.76 -67.41
N PHE L 61 34.84 -22.78 -68.51
CA PHE L 61 34.11 -21.60 -68.95
C PHE L 61 32.62 -21.79 -69.13
N THR L 62 31.96 -20.64 -69.32
CA THR L 62 30.53 -20.55 -69.54
C THR L 62 30.22 -19.63 -70.70
N PHE L 63 29.45 -20.13 -71.67
CA PHE L 63 29.01 -19.28 -72.76
C PHE L 63 27.86 -18.37 -72.37
N THR L 64 27.83 -17.21 -72.98
CA THR L 64 26.76 -16.24 -72.77
C THR L 64 26.76 -15.22 -73.91
N THR L 65 25.66 -14.49 -74.02
CA THR L 65 25.58 -13.34 -74.95
C THR L 65 25.37 -12.04 -74.22
N THR L 66 25.28 -12.11 -72.88
CA THR L 66 25.24 -10.91 -72.02
C THR L 66 26.50 -10.12 -72.26
N ALA L 67 26.41 -9.05 -73.05
CA ALA L 67 27.60 -8.30 -73.47
C ALA L 67 28.64 -8.12 -72.35
N SER L 68 29.89 -8.48 -72.64
CA SER L 68 30.96 -8.46 -71.66
C SER L 68 32.24 -7.79 -72.22
N VAL L 69 33.07 -7.33 -71.29
CA VAL L 69 34.35 -6.68 -71.58
C VAL L 69 35.47 -7.71 -71.81
N VAL L 70 35.83 -7.94 -73.07
CA VAL L 70 36.86 -8.91 -73.43
C VAL L 70 38.25 -8.47 -72.91
N ASP L 71 39.03 -9.41 -72.38
CA ASP L 71 40.42 -9.14 -71.92
C ASP L 71 41.44 -10.23 -72.29
N ASN L 72 40.93 -11.30 -72.88
CA ASN L 72 41.69 -12.48 -73.27
C ASN L 72 42.38 -13.20 -72.12
N GLY L 73 41.65 -13.30 -71.02
CA GLY L 73 42.12 -13.99 -69.83
C GLY L 73 40.95 -14.56 -69.09
N THR L 74 40.01 -13.68 -68.74
CA THR L 74 38.78 -14.01 -67.97
C THR L 74 37.53 -13.89 -68.83
N VAL L 75 37.64 -13.09 -69.89
CA VAL L 75 36.57 -12.94 -70.89
C VAL L 75 37.09 -13.08 -72.32
N PHE L 76 36.61 -14.10 -73.01
CA PHE L 76 36.96 -14.29 -74.41
C PHE L 76 35.79 -14.05 -75.36
N ALA L 77 36.05 -13.33 -76.46
CA ALA L 77 35.08 -13.18 -77.53
C ALA L 77 35.11 -14.39 -78.44
N VAL L 78 33.92 -14.90 -78.77
CA VAL L 78 33.79 -16.05 -79.65
C VAL L 78 32.52 -15.94 -80.48
N PRO L 79 32.48 -16.72 -81.59
CA PRO L 79 31.30 -16.79 -82.46
C PRO L 79 29.97 -16.96 -81.73
N GLY L 80 29.25 -15.85 -81.59
CA GLY L 80 27.90 -15.85 -81.01
C GLY L 80 27.80 -15.05 -79.72
N GLY L 81 28.92 -14.87 -79.06
CA GLY L 81 28.90 -14.16 -77.79
C GLY L 81 30.24 -14.19 -77.09
N TYR L 82 30.19 -14.59 -75.82
CA TYR L 82 31.37 -14.58 -74.94
C TYR L 82 31.58 -15.88 -74.19
N LEU L 83 32.86 -16.13 -73.92
CA LEU L 83 33.29 -17.20 -73.03
C LEU L 83 33.79 -16.57 -71.74
N LEU L 84 33.19 -16.97 -70.63
CA LEU L 84 33.51 -16.44 -69.32
C LEU L 84 34.14 -17.52 -68.44
N ARG L 85 35.35 -17.23 -67.94
CA ARG L 85 36.10 -18.17 -67.10
C ARG L 85 35.40 -18.18 -65.76
N LYS L 86 35.25 -19.36 -65.19
CA LYS L 86 34.59 -19.48 -63.91
C LYS L 86 35.66 -19.84 -62.89
N PHE L 87 35.71 -19.07 -61.83
CA PHE L 87 36.73 -19.29 -60.85
C PHE L 87 36.46 -18.48 -59.62
N VAL L 88 36.97 -18.95 -58.50
CA VAL L 88 36.93 -18.20 -57.26
C VAL L 88 38.34 -17.79 -57.00
N GLY L 89 38.54 -16.87 -56.08
CA GLY L 89 39.88 -16.48 -55.73
C GLY L 89 40.38 -15.59 -56.82
N PRO L 90 41.69 -15.29 -56.82
CA PRO L 90 42.30 -14.31 -57.70
C PRO L 90 42.49 -14.85 -59.08
N ALA L 91 42.76 -13.94 -60.03
CA ALA L 91 42.97 -14.33 -61.43
C ALA L 91 44.44 -14.38 -61.61
N TYR L 92 44.90 -15.05 -62.67
CA TYR L 92 46.35 -15.22 -62.82
C TYR L 92 46.85 -14.63 -64.11
N SER L 93 47.93 -13.85 -64.08
CA SER L 93 48.54 -13.32 -65.31
C SER L 93 48.79 -14.42 -66.35
N SER L 94 49.12 -15.61 -65.87
CA SER L 94 49.36 -16.72 -66.78
C SER L 94 48.14 -17.07 -67.60
N TRP L 95 46.99 -16.52 -67.22
CA TRP L 95 45.70 -16.78 -67.94
C TRP L 95 45.53 -15.94 -69.18
N PHE L 96 46.24 -14.81 -69.22
CA PHE L 96 46.05 -13.84 -70.28
C PHE L 96 46.97 -14.04 -71.47
N SER L 97 46.50 -13.57 -72.64
CA SER L 97 47.28 -13.61 -73.89
C SER L 97 48.31 -12.54 -74.03
N ASN L 98 48.17 -11.43 -73.33
CA ASN L 98 49.11 -10.35 -73.55
C ASN L 98 48.91 -9.26 -72.54
N TRP L 99 49.88 -8.37 -72.45
CA TRP L 99 49.80 -7.26 -71.50
C TRP L 99 48.59 -6.38 -71.70
N THR L 100 48.15 -6.25 -72.93
CA THR L 100 46.96 -5.47 -73.19
C THR L 100 45.73 -6.03 -72.47
N GLY L 101 45.61 -7.33 -72.43
CA GLY L 101 44.50 -7.97 -71.71
C GLY L 101 44.56 -7.78 -70.20
N ILE L 102 45.76 -7.66 -69.68
CA ILE L 102 45.93 -7.50 -68.29
C ILE L 102 45.56 -6.09 -67.96
N VAL L 103 46.04 -5.12 -68.71
CA VAL L 103 45.60 -3.72 -68.50
C VAL L 103 44.07 -3.57 -68.50
N THR L 104 43.44 -4.20 -69.48
CA THR L 104 42.02 -4.15 -69.61
C THR L 104 41.40 -4.56 -68.30
N PHE L 105 41.73 -5.77 -67.81
CA PHE L 105 41.17 -6.41 -66.59
C PHE L 105 41.36 -5.49 -65.40
N MET L 106 42.55 -4.96 -65.22
CA MET L 106 42.82 -4.16 -64.01
C MET L 106 42.21 -2.76 -64.06
N SER L 107 41.64 -2.44 -65.24
CA SER L 107 40.99 -1.14 -65.49
C SER L 107 39.62 -0.98 -64.80
N ALA L 108 39.06 -2.09 -64.31
CA ALA L 108 37.86 -2.05 -63.48
C ALA L 108 38.26 -2.07 -62.00
N PRO L 109 37.35 -1.66 -61.12
CA PRO L 109 37.56 -1.76 -59.66
C PRO L 109 37.30 -3.15 -59.15
N ASN L 110 37.63 -3.45 -57.91
CA ASN L 110 37.41 -4.80 -57.34
C ASN L 110 38.06 -5.97 -58.09
N ARG L 111 39.36 -5.84 -58.35
CA ARG L 111 40.13 -6.89 -59.01
C ARG L 111 41.26 -7.46 -58.14
N HIS L 112 41.49 -8.76 -58.28
CA HIS L 112 42.59 -9.39 -57.60
C HIS L 112 43.41 -10.17 -58.63
N LEU L 113 44.61 -9.69 -58.91
CA LEU L 113 45.48 -10.38 -59.89
C LEU L 113 46.82 -10.85 -59.31
N VAL L 114 47.12 -12.12 -59.61
CA VAL L 114 48.39 -12.66 -59.29
C VAL L 114 49.29 -12.70 -60.52
N VAL L 115 50.40 -11.97 -60.43
CA VAL L 115 51.39 -11.90 -61.46
C VAL L 115 52.34 -13.03 -61.19
N ASP L 116 52.07 -14.11 -61.88
CA ASP L 116 52.85 -15.33 -61.78
C ASP L 116 53.69 -15.59 -63.05
N THR L 117 53.96 -14.55 -63.82
CA THR L 117 54.70 -14.68 -65.06
C THR L 117 55.50 -13.40 -65.27
N VAL L 118 56.30 -13.35 -66.35
CA VAL L 118 57.10 -12.18 -66.65
C VAL L 118 56.38 -11.42 -67.73
N LEU L 119 55.84 -10.27 -67.35
CA LEU L 119 55.06 -9.47 -68.24
C LEU L 119 55.97 -8.45 -68.88
N GLN L 120 55.68 -8.23 -70.15
CA GLN L 120 56.35 -7.20 -70.95
C GLN L 120 55.38 -6.05 -71.16
N ALA L 121 55.58 -4.99 -70.40
CA ALA L 121 54.70 -3.87 -70.51
C ALA L 121 54.91 -3.12 -71.84
N THR L 122 53.83 -2.56 -72.39
CA THR L 122 53.85 -1.66 -73.54
C THR L 122 52.86 -0.48 -73.31
N SER L 123 52.46 -0.29 -72.05
CA SER L 123 51.52 0.76 -71.67
C SER L 123 51.46 0.84 -70.18
N VAL L 124 50.87 1.91 -69.64
CA VAL L 124 50.72 2.04 -68.22
C VAL L 124 49.66 1.03 -67.83
N LEU L 125 49.69 0.62 -66.58
CA LEU L 125 48.67 -0.23 -66.02
C LEU L 125 48.05 0.54 -64.86
N ASN L 126 46.75 0.77 -65.01
CA ASN L 126 45.97 1.47 -64.04
C ASN L 126 45.26 0.51 -63.11
N ILE L 127 45.46 0.76 -61.83
CA ILE L 127 44.82 0.01 -60.80
C ILE L 127 43.63 0.86 -60.30
N LYS L 128 42.49 0.20 -60.10
CA LYS L 128 41.31 0.89 -59.57
C LYS L 128 41.03 0.50 -58.12
N SER L 129 39.90 0.98 -57.61
CA SER L 129 39.56 0.79 -56.18
C SER L 129 39.31 -0.66 -55.74
N ASN L 130 39.68 -0.92 -54.51
CA ASN L 130 39.53 -2.27 -53.91
C ASN L 130 40.15 -3.32 -54.76
N SER L 131 41.39 -3.10 -55.14
CA SER L 131 42.08 -4.01 -56.02
C SER L 131 43.40 -4.47 -55.42
N THR L 132 43.86 -5.60 -55.89
CA THR L 132 45.02 -6.22 -55.33
C THR L 132 45.88 -6.83 -56.41
N LEU L 133 47.08 -6.29 -56.55
CA LEU L 133 48.07 -6.88 -57.43
C LEU L 133 49.10 -7.56 -56.58
N GLU L 134 49.26 -8.82 -56.89
CA GLU L 134 50.12 -9.65 -56.08
C GLU L 134 51.13 -10.37 -56.97
N PHE L 135 52.42 -10.29 -56.64
CA PHE L 135 53.41 -11.02 -57.41
C PHE L 135 53.91 -12.27 -56.70
N THR L 136 54.04 -13.35 -57.46
CA THR L 136 54.72 -14.53 -56.98
C THR L 136 56.21 -14.25 -57.08
N ASP L 137 57.05 -15.17 -56.62
CA ASP L 137 58.50 -14.92 -56.60
C ASP L 137 58.97 -14.71 -58.05
N THR L 138 58.28 -15.36 -59.00
CA THR L 138 58.64 -15.24 -60.42
C THR L 138 58.03 -14.11 -61.26
N GLY L 139 56.90 -13.54 -60.82
CA GLY L 139 56.25 -12.48 -61.60
C GLY L 139 57.09 -11.23 -61.68
N ARG L 140 57.12 -10.66 -62.86
CA ARG L 140 57.91 -9.45 -63.07
C ARG L 140 57.10 -8.59 -63.94
N ILE L 141 57.28 -7.29 -63.79
CA ILE L 141 56.76 -6.39 -64.81
C ILE L 141 57.98 -5.71 -65.42
N LEU L 142 58.21 -6.05 -66.68
CA LEU L 142 59.26 -5.41 -67.42
C LEU L 142 58.76 -4.17 -68.20
N PRO L 143 59.36 -3.00 -67.94
CA PRO L 143 59.09 -1.82 -68.71
C PRO L 143 59.37 -1.97 -70.21
N ASP L 144 58.72 -1.09 -70.98
CA ASP L 144 58.91 -0.99 -72.42
C ASP L 144 60.29 -0.40 -72.71
N ALA L 145 61.04 -1.15 -73.54
CA ALA L 145 62.40 -0.73 -73.93
C ALA L 145 62.36 0.40 -74.96
N ALA L 146 61.29 0.36 -75.78
CA ALA L 146 60.98 1.40 -76.79
C ALA L 146 60.79 2.74 -76.17
N VAL L 147 59.88 2.83 -75.18
CA VAL L 147 59.62 4.11 -74.52
C VAL L 147 59.71 4.09 -73.01
N ALA L 148 60.33 5.13 -72.49
CA ALA L 148 60.34 5.34 -71.09
C ALA L 148 58.96 5.96 -70.74
N ARG L 149 58.10 5.16 -70.08
CA ARG L 149 56.78 5.57 -69.52
C ARG L 149 56.63 5.18 -68.04
N GLN L 150 55.43 5.40 -67.51
CA GLN L 150 55.04 5.02 -66.15
C GLN L 150 54.58 3.58 -66.05
N VAL L 151 54.81 2.93 -64.92
CA VAL L 151 54.50 1.51 -64.90
C VAL L 151 53.11 1.25 -64.29
N LEU L 152 52.95 1.63 -63.02
CA LEU L 152 51.68 1.51 -62.33
C LEU L 152 51.10 2.84 -61.92
N ASN L 153 49.84 2.97 -62.26
CA ASN L 153 49.08 4.17 -62.05
C ASN L 153 47.88 3.93 -61.14
N ILE L 154 47.91 4.60 -59.98
CA ILE L 154 46.80 4.57 -59.03
C ILE L 154 46.34 6.00 -58.87
N THR L 155 45.37 6.36 -59.69
CA THR L 155 45.10 7.80 -59.86
C THR L 155 43.62 8.07 -59.87
N GLY L 156 43.24 8.92 -58.91
CA GLY L 156 41.95 9.58 -58.82
C GLY L 156 42.06 10.98 -59.44
N SER L 157 41.34 11.95 -58.90
CA SER L 157 41.35 13.29 -59.50
C SER L 157 40.67 14.25 -58.59
N ALA L 158 41.24 15.45 -58.59
CA ALA L 158 40.79 16.59 -57.79
C ALA L 158 39.36 16.94 -58.13
N PRO L 159 38.68 17.64 -57.21
CA PRO L 159 37.24 17.87 -57.44
C PRO L 159 37.00 18.75 -58.69
N SER L 160 35.98 18.43 -59.47
CA SER L 160 35.67 19.27 -60.66
C SER L 160 35.00 20.60 -60.32
N VAL L 161 34.52 20.78 -59.09
CA VAL L 161 33.85 22.01 -58.68
C VAL L 161 33.92 22.14 -57.19
N PHE L 162 34.06 23.36 -56.69
CA PHE L 162 34.10 23.57 -55.28
C PHE L 162 32.91 24.43 -54.84
N VAL L 163 32.65 24.44 -53.52
CA VAL L 163 31.60 25.24 -52.92
C VAL L 163 32.25 25.84 -51.67
N PRO L 164 31.90 27.09 -51.36
CA PRO L 164 32.52 27.68 -50.15
C PRO L 164 32.03 27.08 -48.85
N LEU L 165 32.80 27.20 -47.80
CA LEU L 165 32.32 26.89 -46.52
C LEU L 165 31.25 27.91 -46.15
N ALA L 166 30.24 27.50 -45.37
CA ALA L 166 29.23 28.40 -44.80
C ALA L 166 29.70 29.19 -43.57
N ALA L 167 30.74 28.72 -42.92
CA ALA L 167 31.26 29.41 -41.76
C ALA L 167 32.74 29.04 -41.64
N ASP L 168 33.43 29.77 -40.78
CA ASP L 168 34.82 29.46 -40.54
C ASP L 168 34.80 28.11 -39.91
N ALA L 169 35.94 27.43 -39.99
CA ALA L 169 36.20 26.15 -39.37
C ALA L 169 37.62 26.11 -38.75
N ALA L 170 37.73 26.29 -37.44
CA ALA L 170 39.04 26.37 -36.81
C ALA L 170 39.78 25.02 -36.76
N ALA L 171 41.07 25.07 -36.46
CA ALA L 171 41.86 23.85 -36.40
C ALA L 171 41.30 23.14 -35.21
N GLY L 172 40.97 21.87 -35.38
CA GLY L 172 40.30 21.13 -34.32
C GLY L 172 38.87 20.74 -34.64
N SER L 173 38.23 21.46 -35.52
CA SER L 173 36.86 21.14 -35.87
C SER L 173 36.60 19.72 -36.31
N LYS L 174 35.49 19.17 -35.87
CA LYS L 174 35.15 17.83 -36.27
C LYS L 174 34.17 17.87 -37.45
N VAL L 175 33.66 19.08 -37.70
CA VAL L 175 32.55 19.30 -38.62
C VAL L 175 32.81 20.56 -39.41
N ILE L 176 32.42 20.55 -40.66
CA ILE L 176 32.43 21.77 -41.45
C ILE L 176 31.04 21.94 -42.01
N THR L 177 30.69 23.19 -42.31
CA THR L 177 29.38 23.50 -42.88
C THR L 177 29.33 24.06 -44.26
N VAL L 178 28.37 23.61 -45.04
CA VAL L 178 28.06 24.30 -46.31
C VAL L 178 26.58 24.66 -46.43
N ALA L 179 26.25 25.45 -47.44
CA ALA L 179 24.86 25.76 -47.77
C ALA L 179 24.10 24.48 -48.12
N ALA L 180 22.93 24.33 -47.49
CA ALA L 180 22.09 23.20 -47.72
C ALA L 180 22.00 23.01 -49.23
N GLY L 181 22.12 21.75 -49.66
CA GLY L 181 22.04 21.40 -51.08
C GLY L 181 23.26 21.80 -51.87
N ALA L 182 24.22 22.49 -51.26
CA ALA L 182 25.39 22.98 -52.02
C ALA L 182 26.04 21.86 -52.81
N LEU L 183 26.36 20.76 -52.11
CA LEU L 183 26.96 19.54 -52.67
C LEU L 183 26.44 18.36 -51.91
N SER L 184 26.43 17.19 -52.52
CA SER L 184 25.97 16.01 -51.79
C SER L 184 27.14 15.29 -51.10
N ALA L 185 27.17 15.40 -49.77
CA ALA L 185 28.17 14.68 -48.99
C ALA L 185 27.59 13.28 -48.69
N VAL L 186 28.19 12.28 -49.34
CA VAL L 186 27.88 10.87 -49.09
C VAL L 186 28.77 10.24 -48.03
N LYS L 187 28.15 9.67 -47.00
CA LYS L 187 28.88 9.04 -45.87
C LYS L 187 29.80 7.96 -46.46
N GLY L 188 31.08 7.95 -46.02
CA GLY L 188 32.11 7.01 -46.53
C GLY L 188 32.96 7.45 -47.74
N THR L 189 32.65 8.61 -48.28
CA THR L 189 33.40 9.16 -49.37
C THR L 189 34.22 10.30 -48.81
N TYR L 190 34.99 10.92 -49.70
CA TYR L 190 35.97 11.94 -49.34
C TYR L 190 35.61 13.39 -49.73
N LEU L 191 36.26 14.32 -49.04
CA LEU L 191 36.13 15.72 -49.33
C LEU L 191 37.51 16.35 -49.38
N TYR L 192 37.74 17.24 -50.37
CA TYR L 192 39.00 17.98 -50.51
C TYR L 192 38.72 19.40 -50.08
N LEU L 193 39.35 19.89 -49.01
CA LEU L 193 39.11 21.23 -48.55
C LEU L 193 40.32 22.05 -48.84
N ARG L 194 40.18 23.34 -49.16
CA ARG L 194 41.34 24.23 -49.35
C ARG L 194 41.00 25.70 -49.15
N SER L 195 42.02 26.52 -48.98
CA SER L 195 41.88 27.94 -48.79
C SER L 195 43.12 28.59 -49.41
N ASN L 196 43.21 29.91 -49.31
CA ASN L 196 44.36 30.68 -49.80
C ASN L 196 45.25 31.00 -48.59
N LYS L 197 45.03 30.38 -47.46
CA LYS L 197 46.02 30.46 -46.41
C LYS L 197 47.20 29.63 -46.94
N LEU L 198 48.40 29.97 -46.45
CA LEU L 198 49.62 29.31 -46.91
C LEU L 198 49.94 28.19 -45.96
N CYS L 199 50.54 27.11 -46.50
CA CYS L 199 51.10 26.05 -45.66
C CYS L 199 52.01 26.68 -44.60
N ASP L 200 52.05 26.10 -43.41
CA ASP L 200 52.85 26.64 -42.28
C ASP L 200 53.84 25.61 -41.65
N GLY L 201 54.03 24.44 -42.29
CA GLY L 201 55.04 23.47 -41.86
C GLY L 201 56.45 24.06 -41.79
N GLY L 202 56.83 24.72 -42.89
CA GLY L 202 58.14 25.33 -43.03
C GLY L 202 58.08 26.69 -43.70
N PRO L 203 59.22 27.25 -44.05
CA PRO L 203 59.32 28.48 -44.84
C PRO L 203 58.42 28.63 -46.09
N ASN L 204 57.93 27.57 -46.70
CA ASN L 204 57.01 27.67 -47.83
C ASN L 204 57.34 28.81 -48.79
N THR L 205 58.56 28.80 -49.32
CA THR L 205 58.97 29.88 -50.20
C THR L 205 58.17 29.87 -51.48
N TYR L 206 57.83 28.71 -52.02
CA TYR L 206 57.02 28.73 -53.23
C TYR L 206 55.58 29.25 -52.97
N GLY L 207 55.29 29.61 -51.72
CA GLY L 207 53.92 29.98 -51.27
C GLY L 207 52.78 29.00 -51.60
N VAL L 208 52.92 27.78 -51.09
CA VAL L 208 51.90 26.76 -51.34
C VAL L 208 50.71 26.99 -50.42
N LYS L 209 49.54 26.69 -50.97
CA LYS L 209 48.32 26.88 -50.23
C LYS L 209 47.80 25.59 -49.62
N ILE L 210 47.07 25.76 -48.51
CA ILE L 210 46.66 24.62 -47.66
C ILE L 210 45.55 23.80 -48.31
N SER L 211 45.61 22.48 -48.10
CA SER L 211 44.55 21.58 -48.51
C SER L 211 44.60 20.34 -47.64
N GLN L 212 43.47 19.65 -47.56
CA GLN L 212 43.33 18.41 -46.77
C GLN L 212 42.27 17.54 -47.42
N ILE L 213 42.41 16.23 -47.27
CA ILE L 213 41.39 15.32 -47.69
C ILE L 213 40.85 14.67 -46.46
N ARG L 214 39.51 14.52 -46.39
CA ARG L 214 38.83 13.95 -45.23
C ARG L 214 37.73 13.08 -45.71
N LYS L 215 37.31 12.19 -44.83
CA LYS L 215 36.17 11.32 -45.11
C LYS L 215 34.95 11.89 -44.40
N VAL L 216 33.82 11.72 -45.04
CA VAL L 216 32.54 12.09 -44.48
C VAL L 216 32.08 10.92 -43.62
N VAL L 217 31.91 11.17 -42.33
CA VAL L 217 31.37 10.10 -41.45
C VAL L 217 29.95 10.35 -40.89
N GLY L 218 29.55 11.62 -40.90
CA GLY L 218 28.20 12.01 -40.53
C GLY L 218 27.75 13.24 -41.30
N VAL L 219 26.49 13.29 -41.68
CA VAL L 219 25.87 14.42 -42.37
C VAL L 219 24.50 14.80 -41.78
N SER L 220 24.30 16.07 -41.46
CA SER L 220 22.98 16.51 -40.99
C SER L 220 22.69 17.92 -41.47
N THR L 221 21.49 18.11 -41.99
CA THR L 221 21.08 19.41 -42.54
C THR L 221 19.97 20.02 -41.64
N SER L 222 20.07 21.31 -41.39
CA SER L 222 19.15 22.01 -40.51
C SER L 222 19.29 23.53 -40.66
N GLY L 223 18.24 24.13 -41.21
CA GLY L 223 18.06 25.59 -41.22
C GLY L 223 18.87 26.17 -42.34
N GLY L 224 18.77 25.54 -43.50
CA GLY L 224 19.54 25.94 -44.68
C GLY L 224 21.04 25.62 -44.63
N VAL L 225 21.48 24.86 -43.64
CA VAL L 225 22.90 24.50 -43.52
C VAL L 225 23.13 22.98 -43.41
N THR L 226 23.96 22.44 -44.30
CA THR L 226 24.45 21.04 -44.16
C THR L 226 25.72 20.97 -43.32
N SER L 227 25.73 20.22 -42.21
CA SER L 227 26.92 20.00 -41.37
C SER L 227 27.49 18.60 -41.70
N ILE L 228 28.78 18.60 -42.06
CA ILE L 228 29.49 17.40 -42.51
C ILE L 228 30.46 17.09 -41.40
N ARG L 229 30.30 15.88 -40.82
CA ARG L 229 31.18 15.37 -39.78
C ARG L 229 32.28 14.59 -40.44
N LEU L 230 33.49 14.88 -40.00
CA LEU L 230 34.70 14.34 -40.63
C LEU L 230 35.23 13.20 -39.77
N ASP L 231 36.01 12.32 -40.42
CA ASP L 231 36.69 11.25 -39.72
C ASP L 231 37.74 11.79 -38.82
N LYS L 232 38.59 12.69 -39.30
CA LYS L 232 39.66 13.27 -38.49
C LYS L 232 39.53 14.77 -38.42
N THR L 233 40.00 15.40 -37.38
CA THR L 233 39.82 16.85 -37.30
C THR L 233 40.65 17.64 -38.33
N LEU L 234 40.42 18.96 -38.36
CA LEU L 234 41.06 19.85 -39.30
C LEU L 234 42.33 20.35 -38.71
N HIS L 235 43.35 20.55 -39.56
CA HIS L 235 44.71 20.83 -39.04
C HIS L 235 45.19 22.25 -39.29
N TYR L 236 44.31 23.01 -39.87
CA TYR L 236 44.50 24.41 -40.01
C TYR L 236 43.19 25.17 -39.73
N ASN L 237 43.29 26.49 -39.63
CA ASN L 237 42.10 27.37 -39.66
C ASN L 237 41.64 27.65 -41.08
N TYR L 238 40.47 27.14 -41.45
CA TYR L 238 39.89 27.39 -42.77
C TYR L 238 38.88 28.53 -42.70
N TYR L 239 39.33 29.71 -43.07
CA TYR L 239 38.55 30.92 -42.91
C TYR L 239 37.90 31.30 -44.21
N LEU L 240 36.84 32.08 -44.07
CA LEU L 240 36.03 32.56 -45.19
C LEU L 240 36.75 33.73 -45.81
N SER L 241 37.46 34.46 -44.96
CA SER L 241 38.33 35.48 -45.43
C SER L 241 39.29 34.89 -46.48
N ASP L 242 39.80 33.68 -46.28
CA ASP L 242 40.75 33.06 -47.21
C ASP L 242 40.06 32.21 -48.30
N ALA L 243 38.76 32.37 -48.46
CA ALA L 243 38.04 31.66 -49.54
C ALA L 243 37.88 30.15 -49.32
N ALA L 244 37.90 29.73 -48.03
CA ALA L 244 37.86 28.30 -47.71
C ALA L 244 36.76 27.68 -48.50
N GLU L 245 37.03 26.54 -49.12
CA GLU L 245 36.04 25.90 -50.05
C GLU L 245 36.23 24.41 -50.03
N VAL L 246 35.30 23.65 -50.56
CA VAL L 246 35.47 22.21 -50.48
C VAL L 246 34.81 21.57 -51.66
N GLY L 247 35.33 20.43 -52.09
CA GLY L 247 34.77 19.75 -53.23
C GLY L 247 34.93 18.27 -53.08
N ILE L 248 34.36 17.55 -54.02
CA ILE L 248 34.35 16.12 -53.95
C ILE L 248 35.37 15.50 -54.91
N PRO L 249 36.57 15.12 -54.40
CA PRO L 249 37.61 14.50 -55.23
C PRO L 249 37.18 13.19 -55.60
N THR L 250 37.77 12.62 -56.64
CA THR L 250 37.48 11.23 -56.94
C THR L 250 38.67 10.38 -56.48
N MET L 251 38.52 9.61 -55.39
CA MET L 251 39.65 8.88 -54.81
C MET L 251 39.70 7.50 -55.40
N VAL L 252 40.90 6.95 -55.45
CA VAL L 252 41.06 5.53 -55.64
C VAL L 252 41.39 5.01 -54.26
N GLU L 253 40.62 4.01 -53.80
CA GLU L 253 40.86 3.51 -52.45
C GLU L 253 41.02 2.01 -52.28
N ASN L 254 41.62 1.66 -51.15
CA ASN L 254 41.86 0.30 -50.76
C ASN L 254 42.57 -0.51 -51.84
N VAL L 255 43.81 -0.12 -52.13
CA VAL L 255 44.63 -0.82 -53.16
C VAL L 255 45.79 -1.48 -52.50
N THR L 256 45.99 -2.75 -52.79
CA THR L 256 47.16 -3.38 -52.27
C THR L 256 48.04 -3.89 -53.38
N LEU L 257 49.33 -3.54 -53.25
CA LEU L 257 50.41 -4.08 -54.11
C LEU L 257 51.32 -4.93 -53.25
N VAL L 258 51.35 -6.22 -53.52
CA VAL L 258 52.23 -7.12 -52.73
C VAL L 258 53.45 -7.63 -53.50
N SER L 259 54.64 -7.26 -53.03
CA SER L 259 55.87 -7.63 -53.70
C SER L 259 55.87 -7.24 -55.16
N PRO L 260 55.70 -5.95 -55.44
CA PRO L 260 55.78 -5.62 -56.87
C PRO L 260 57.23 -5.66 -57.39
N TYR L 261 57.49 -6.34 -58.50
CA TYR L 261 58.86 -6.42 -59.07
C TYR L 261 58.88 -5.71 -60.41
N ILE L 262 59.29 -4.47 -60.38
CA ILE L 262 59.36 -3.63 -61.58
C ILE L 262 60.78 -3.55 -62.15
N ASN L 263 60.93 -4.21 -63.31
CA ASN L 263 62.21 -4.28 -64.05
C ASN L 263 63.09 -5.31 -63.37
N GLU L 264 64.26 -5.62 -63.93
CA GLU L 264 65.19 -6.59 -63.30
C GLU L 264 66.59 -6.17 -63.61
N PHE L 265 67.56 -6.70 -62.90
CA PHE L 265 68.96 -6.36 -63.19
C PHE L 265 69.38 -6.77 -64.60
N GLY L 266 70.30 -5.96 -65.15
CA GLY L 266 70.69 -6.08 -66.56
C GLY L 266 69.89 -5.23 -67.53
N TYR L 267 68.90 -4.52 -66.99
CA TYR L 267 68.05 -3.59 -67.75
C TYR L 267 68.92 -2.62 -68.53
N ASP L 268 70.03 -2.14 -67.95
CA ASP L 268 70.88 -1.14 -68.61
C ASP L 268 71.49 -1.61 -69.94
N ASP L 269 71.83 -2.88 -70.04
CA ASP L 269 72.33 -3.44 -71.29
C ASP L 269 71.22 -3.58 -72.35
N LEU L 270 69.97 -3.41 -71.97
CA LEU L 270 68.83 -3.49 -72.91
C LEU L 270 68.22 -2.12 -73.11
N ASN L 271 68.88 -1.13 -72.54
CA ASN L 271 68.34 0.21 -72.50
C ASN L 271 66.79 0.21 -72.25
N ARG L 272 66.39 -0.47 -71.18
CA ARG L 272 65.00 -0.65 -70.75
C ARG L 272 64.85 0.12 -69.43
N PHE L 273 64.16 1.27 -69.56
CA PHE L 273 63.86 2.11 -68.45
C PHE L 273 62.33 2.42 -68.29
N PHE L 274 62.06 3.34 -67.37
CA PHE L 274 60.73 3.77 -67.08
C PHE L 274 60.89 5.13 -66.44
N THR L 275 59.77 5.81 -66.29
CA THR L 275 59.79 7.12 -65.69
C THR L 275 59.56 7.02 -64.19
N ILE L 276 58.28 6.86 -63.82
CA ILE L 276 57.84 6.64 -62.43
C ILE L 276 57.28 5.25 -62.26
N GLY L 277 57.77 4.62 -61.18
CA GLY L 277 57.50 3.17 -60.98
C GLY L 277 56.07 2.97 -60.62
N ILE L 278 55.69 3.57 -59.50
CA ILE L 278 54.33 3.53 -59.02
C ILE L 278 53.90 4.92 -58.67
N SER L 279 52.99 5.41 -59.48
CA SER L 279 52.47 6.78 -59.31
C SER L 279 51.06 6.79 -58.75
N ALA L 280 50.90 7.44 -57.60
CA ALA L 280 49.59 7.61 -57.00
C ALA L 280 49.20 9.04 -56.72
N ASN L 281 47.95 9.29 -57.02
CA ASN L 281 47.39 10.63 -56.77
C ASN L 281 45.95 10.46 -56.36
N PHE L 282 45.60 11.14 -55.29
CA PHE L 282 44.23 11.06 -54.76
C PHE L 282 43.89 9.61 -54.41
N ALA L 283 44.77 9.01 -53.61
CA ALA L 283 44.61 7.64 -53.28
C ALA L 283 44.50 7.56 -51.79
N ALA L 284 43.68 6.59 -51.35
CA ALA L 284 43.48 6.34 -49.91
C ALA L 284 43.69 4.88 -49.58
N ASP L 285 44.41 4.62 -48.51
CA ASP L 285 44.65 3.25 -48.12
C ASP L 285 45.28 2.46 -49.25
N LEU L 286 46.36 3.05 -49.79
CA LEU L 286 47.24 2.38 -50.73
C LEU L 286 48.31 1.74 -49.92
N HIS L 287 48.44 0.42 -50.02
CA HIS L 287 49.46 -0.24 -49.26
C HIS L 287 50.39 -1.07 -50.14
N ILE L 288 51.67 -0.72 -50.08
CA ILE L 288 52.69 -1.37 -50.89
C ILE L 288 53.61 -2.20 -49.97
N GLN L 289 53.71 -3.49 -50.27
CA GLN L 289 54.33 -4.45 -49.40
C GLN L 289 55.55 -5.07 -50.05
N ASP L 290 56.72 -4.83 -49.49
CA ASP L 290 57.95 -5.40 -50.04
C ASP L 290 58.12 -5.06 -51.55
N GLY L 291 58.55 -6.04 -52.36
CA GLY L 291 58.92 -5.79 -53.74
C GLY L 291 60.26 -5.11 -54.00
N VAL L 292 60.60 -5.11 -55.27
CA VAL L 292 61.83 -4.56 -55.79
C VAL L 292 61.59 -3.70 -57.02
N ILE L 293 62.10 -2.48 -56.95
CA ILE L 293 62.05 -1.52 -58.06
C ILE L 293 63.47 -1.11 -58.56
N ILE L 294 63.76 -1.48 -59.82
CA ILE L 294 65.10 -1.29 -60.38
C ILE L 294 65.19 -0.45 -61.66
N GLY L 295 66.01 0.57 -61.57
CA GLY L 295 66.63 1.12 -62.79
C GLY L 295 65.78 1.88 -63.77
N ASN L 296 65.61 3.15 -63.45
CA ASN L 296 65.06 4.14 -64.37
C ASN L 296 66.14 5.17 -64.70
N LYS L 297 67.38 4.79 -64.40
CA LYS L 297 68.61 5.52 -64.73
C LYS L 297 69.68 4.44 -64.88
N ARG L 298 70.85 4.79 -65.35
CA ARG L 298 71.91 3.78 -65.48
C ARG L 298 72.70 3.70 -64.19
N PRO L 299 73.30 2.53 -63.90
CA PRO L 299 73.96 2.39 -62.59
C PRO L 299 74.91 3.54 -62.33
N GLY L 300 74.72 4.24 -61.21
CA GLY L 300 75.62 5.31 -60.80
C GLY L 300 75.52 6.54 -61.67
N ALA L 301 74.59 6.51 -62.63
CA ALA L 301 74.37 7.62 -63.56
C ALA L 301 73.98 8.88 -62.81
N SER L 302 73.65 9.92 -63.58
CA SER L 302 73.27 11.19 -62.99
C SER L 302 71.77 11.22 -62.94
N ASP L 303 71.28 12.01 -61.96
CA ASP L 303 69.87 12.17 -61.64
C ASP L 303 69.00 12.55 -62.87
N ILE L 304 67.73 12.15 -62.85
CA ILE L 304 66.78 12.46 -63.89
C ILE L 304 65.49 12.93 -63.23
N GLU L 305 65.14 14.19 -63.45
CA GLU L 305 64.01 14.89 -62.85
C GLU L 305 62.69 14.12 -62.99
N GLY L 306 61.95 14.05 -61.86
CA GLY L 306 60.67 13.35 -61.79
C GLY L 306 60.66 11.85 -62.05
N ARG L 307 61.78 11.18 -61.94
CA ARG L 307 61.76 9.74 -62.13
C ARG L 307 61.84 8.98 -60.80
N SER L 308 60.90 9.27 -59.90
CA SER L 308 60.86 8.64 -58.59
C SER L 308 60.27 7.25 -58.74
N ALA L 309 60.67 6.37 -57.80
CA ALA L 309 60.28 4.96 -57.87
C ALA L 309 58.83 4.86 -57.52
N ILE L 310 58.49 5.46 -56.38
CA ILE L 310 57.12 5.54 -55.92
C ILE L 310 56.77 7.01 -55.56
N LYS L 311 55.64 7.42 -56.10
CA LYS L 311 55.15 8.77 -55.87
C LYS L 311 53.71 8.87 -55.27
N PHE L 312 53.62 9.50 -54.10
CA PHE L 312 52.36 9.73 -53.37
C PHE L 312 51.97 11.19 -53.38
N ASN L 313 50.98 11.45 -54.21
CA ASN L 313 50.38 12.76 -54.34
C ASN L 313 48.96 12.81 -53.80
N ASN L 314 48.77 13.66 -52.80
CA ASN L 314 47.48 13.72 -52.15
C ASN L 314 46.93 12.32 -51.87
N CYS L 315 47.76 11.59 -51.12
CA CYS L 315 47.48 10.24 -50.72
C CYS L 315 47.24 10.23 -49.22
N VAL L 316 46.16 9.56 -48.79
CA VAL L 316 45.85 9.51 -47.38
C VAL L 316 46.03 8.09 -46.88
N ASP L 317 46.50 7.99 -45.63
CA ASP L 317 46.62 6.69 -44.94
C ASP L 317 47.30 5.66 -45.85
N SER L 318 48.39 6.03 -46.50
CA SER L 318 49.05 5.08 -47.40
C SER L 318 50.47 4.80 -46.93
N THR L 319 51.00 3.67 -47.38
CA THR L 319 52.26 3.21 -46.85
C THR L 319 53.08 2.41 -47.78
N VAL L 320 54.36 2.40 -47.46
CA VAL L 320 55.33 1.57 -48.18
C VAL L 320 56.13 0.82 -47.12
N LYS L 321 56.11 -0.51 -47.22
CA LYS L 321 56.80 -1.33 -46.21
C LYS L 321 57.65 -2.38 -46.83
N GLY L 322 58.97 -2.25 -46.61
CA GLY L 322 59.95 -3.28 -46.96
C GLY L 322 60.39 -3.34 -48.40
N THR L 323 60.08 -2.30 -49.17
CA THR L 323 60.42 -2.35 -50.57
C THR L 323 61.91 -2.05 -50.75
N CYS L 324 62.52 -2.70 -51.76
CA CYS L 324 63.93 -2.49 -52.13
C CYS L 324 64.02 -1.63 -53.43
N PHE L 325 64.73 -0.51 -53.33
CA PHE L 325 64.98 0.40 -54.51
C PHE L 325 66.45 0.43 -54.99
N TYR L 326 66.63 0.20 -56.30
CA TYR L 326 67.96 0.20 -56.90
C TYR L 326 68.05 1.04 -58.17
N ASN L 327 68.99 2.00 -58.20
CA ASN L 327 69.33 2.73 -59.46
C ASN L 327 68.20 3.59 -59.93
N ILE L 328 67.89 4.56 -59.09
CA ILE L 328 66.71 5.32 -59.31
C ILE L 328 67.06 6.76 -59.59
N GLY L 329 66.46 7.23 -60.68
CA GLY L 329 66.66 8.58 -61.25
C GLY L 329 66.36 9.72 -60.31
N TRP L 330 65.24 9.60 -59.57
CA TRP L 330 64.82 10.66 -58.72
C TRP L 330 64.75 10.23 -57.27
N TYR L 331 63.57 10.22 -56.66
CA TYR L 331 63.40 9.80 -55.26
C TYR L 331 62.89 8.35 -55.12
N GLY L 332 63.33 7.68 -54.06
CA GLY L 332 62.84 6.32 -53.84
C GLY L 332 61.36 6.39 -53.52
N VAL L 333 61.05 7.13 -52.44
CA VAL L 333 59.67 7.48 -52.15
C VAL L 333 59.47 9.00 -52.05
N GLU L 334 58.60 9.47 -52.91
CA GLU L 334 58.30 10.88 -52.97
C GLU L 334 56.92 11.11 -52.39
N VAL L 335 56.84 11.97 -51.39
CA VAL L 335 55.59 12.38 -50.83
C VAL L 335 55.37 13.88 -50.99
N LEU L 336 54.42 14.22 -51.83
CA LEU L 336 53.94 15.60 -51.97
C LEU L 336 52.36 15.78 -51.98
N GLY L 337 51.93 17.03 -51.95
CA GLY L 337 50.52 17.31 -51.85
C GLY L 337 50.13 17.34 -50.39
N CYS L 338 48.86 17.11 -50.12
CA CYS L 338 48.39 17.06 -48.73
C CYS L 338 48.22 15.60 -48.36
N SER L 339 49.33 14.86 -48.53
CA SER L 339 49.45 13.48 -48.13
C SER L 339 49.53 13.47 -46.63
N GLU L 340 48.58 12.71 -46.05
CA GLU L 340 48.33 12.74 -44.63
C GLU L 340 48.28 11.32 -44.12
N ASP L 341 48.92 11.15 -42.96
CA ASP L 341 49.13 9.84 -42.34
C ASP L 341 49.79 8.87 -43.29
N THR L 342 51.04 9.20 -43.62
CA THR L 342 51.87 8.41 -44.51
C THR L 342 53.01 7.81 -43.74
N GLU L 343 53.29 6.54 -44.02
CA GLU L 343 54.30 5.79 -43.26
C GLU L 343 55.14 5.05 -44.26
N VAL L 344 56.46 5.15 -44.08
CA VAL L 344 57.38 4.28 -44.84
C VAL L 344 58.17 3.41 -43.87
N HIS L 345 58.15 2.10 -44.07
CA HIS L 345 58.81 1.20 -43.12
C HIS L 345 59.80 0.28 -43.77
N ASP L 346 60.95 0.17 -43.12
CA ASP L 346 61.96 -0.86 -43.48
C ASP L 346 62.24 -0.90 -45.00
N ILE L 347 62.41 0.27 -45.62
CA ILE L 347 62.84 0.29 -47.02
C ILE L 347 64.39 0.25 -47.12
N HIS L 348 64.85 -0.20 -48.28
CA HIS L 348 66.26 -0.30 -48.60
C HIS L 348 66.46 0.35 -49.95
N ALA L 349 67.12 1.50 -49.94
CA ALA L 349 67.38 2.30 -51.17
C ALA L 349 68.88 2.47 -51.48
N MET L 350 69.29 1.94 -52.63
CA MET L 350 70.71 1.94 -53.04
C MET L 350 70.77 2.66 -54.39
N ASP L 351 71.50 3.79 -54.42
CA ASP L 351 71.79 4.51 -55.68
C ASP L 351 70.59 5.31 -56.29
N VAL L 352 70.20 6.29 -55.53
CA VAL L 352 69.05 7.09 -55.76
C VAL L 352 69.41 8.47 -55.23
N ARG L 353 68.53 9.43 -55.54
CA ARG L 353 68.75 10.82 -55.17
C ARG L 353 68.46 11.13 -53.70
N HIS L 354 67.27 10.70 -53.31
CA HIS L 354 66.82 10.68 -51.92
C HIS L 354 66.09 9.36 -51.71
N ALA L 355 66.32 8.71 -50.55
CA ALA L 355 65.61 7.45 -50.28
C ALA L 355 64.14 7.81 -50.17
N ILE L 356 63.94 8.79 -49.30
CA ILE L 356 62.64 9.35 -49.01
C ILE L 356 62.66 10.86 -49.15
N SER L 357 61.63 11.38 -49.80
CA SER L 357 61.55 12.83 -49.89
C SER L 357 60.15 13.40 -49.82
N LEU L 358 59.95 14.27 -48.84
CA LEU L 358 58.79 15.11 -48.76
C LEU L 358 59.02 16.34 -49.62
N ASN L 359 58.24 16.44 -50.67
CA ASN L 359 58.40 17.48 -51.66
C ASN L 359 57.48 18.73 -51.48
N TRP L 360 57.88 19.80 -52.14
CA TRP L 360 57.04 20.97 -52.34
C TRP L 360 56.46 20.98 -53.75
N GLN L 361 55.77 22.03 -54.11
CA GLN L 361 55.32 22.18 -55.52
C GLN L 361 55.66 23.59 -56.06
N SER L 362 56.00 23.63 -57.34
CA SER L 362 56.40 24.87 -57.90
C SER L 362 55.16 25.58 -58.38
N THR L 363 55.08 26.81 -57.93
CA THR L 363 54.01 27.70 -58.24
C THR L 363 54.40 28.69 -59.35
N ALA L 364 55.59 28.54 -59.88
CA ALA L 364 55.98 29.27 -61.05
C ALA L 364 54.88 29.25 -62.10
N ASP L 365 54.10 28.17 -62.24
CA ASP L 365 53.11 28.06 -63.33
C ASP L 365 51.68 28.06 -62.82
N GLY L 366 51.54 28.57 -61.62
CA GLY L 366 50.24 28.58 -60.99
C GLY L 366 50.26 28.25 -59.52
N ASP L 367 49.12 28.42 -58.90
CA ASP L 367 48.95 28.09 -57.51
C ASP L 367 48.99 26.60 -57.28
N LYS L 368 49.51 26.22 -56.15
CA LYS L 368 49.60 24.85 -55.79
C LYS L 368 49.05 24.65 -54.40
N TRP L 369 48.52 23.44 -54.14
CA TRP L 369 47.94 23.16 -52.79
C TRP L 369 48.44 21.91 -52.10
N GLY L 370 48.76 22.05 -50.83
CA GLY L 370 48.96 20.88 -49.99
C GLY L 370 50.38 20.63 -49.61
N GLU L 371 50.61 20.55 -48.32
CA GLU L 371 51.82 20.07 -47.78
C GLU L 371 51.54 18.73 -47.06
N PRO L 372 52.54 17.81 -46.97
CA PRO L 372 52.32 16.62 -46.18
C PRO L 372 52.15 16.92 -44.70
N ILE L 373 51.27 16.14 -44.06
CA ILE L 373 51.00 16.23 -42.63
C ILE L 373 51.02 14.82 -42.02
N GLU L 374 51.74 14.66 -40.92
CA GLU L 374 51.95 13.34 -40.34
C GLU L 374 52.66 12.37 -41.27
N PHE L 375 53.96 12.32 -41.10
CA PHE L 375 54.81 11.39 -41.83
C PHE L 375 55.68 10.65 -40.85
N LEU L 376 55.82 9.35 -41.08
CA LEU L 376 56.74 8.52 -40.30
C LEU L 376 57.63 7.75 -41.22
N GLY L 377 58.91 7.91 -40.95
CA GLY L 377 59.91 7.09 -41.59
C GLY L 377 60.46 6.18 -40.55
N VAL L 378 60.33 4.86 -40.72
CA VAL L 378 60.84 4.02 -39.66
C VAL L 378 61.70 2.88 -40.14
N ASN L 379 62.88 2.82 -39.51
CA ASN L 379 63.84 1.78 -39.79
C ASN L 379 64.14 1.67 -41.28
N CYS L 380 64.66 2.77 -41.82
CA CYS L 380 64.98 2.85 -43.25
C CYS L 380 66.46 3.00 -43.46
N GLU L 381 66.93 2.33 -44.50
CA GLU L 381 68.32 2.20 -44.89
C GLU L 381 68.53 2.81 -46.31
N ALA L 382 69.40 3.83 -46.36
CA ALA L 382 69.82 4.46 -47.59
C ALA L 382 71.34 4.34 -47.81
N TYR L 383 71.70 3.84 -48.98
CA TYR L 383 73.10 3.67 -49.35
C TYR L 383 73.37 4.43 -50.59
N SER L 384 74.44 5.22 -50.53
CA SER L 384 74.98 5.91 -51.71
C SER L 384 73.96 6.75 -52.44
N THR L 385 73.50 7.79 -51.77
CA THR L 385 72.48 8.63 -52.36
C THR L 385 73.23 9.78 -53.01
N THR L 386 72.78 10.18 -54.20
CA THR L 386 73.43 11.26 -54.92
C THR L 386 73.17 12.62 -54.27
N GLN L 387 72.08 12.73 -53.53
CA GLN L 387 71.78 13.87 -52.64
C GLN L 387 71.59 13.36 -51.21
N ALA L 388 70.97 14.15 -50.32
CA ALA L 388 70.62 13.67 -48.97
C ALA L 388 69.91 12.32 -49.01
N GLY L 389 70.12 11.52 -47.98
CA GLY L 389 69.48 10.20 -47.92
C GLY L 389 67.99 10.30 -47.62
N PHE L 390 67.71 11.04 -46.54
CA PHE L 390 66.37 11.34 -46.09
C PHE L 390 66.09 12.86 -46.06
N ASP L 391 65.11 13.26 -46.86
CA ASP L 391 64.93 14.66 -47.06
C ASP L 391 63.49 15.19 -47.09
N THR L 392 63.37 16.43 -46.65
CA THR L 392 62.16 17.19 -46.82
C THR L 392 62.47 18.49 -47.54
N HIS L 393 61.48 19.01 -48.22
CA HIS L 393 61.56 20.35 -48.75
C HIS L 393 61.04 21.36 -47.66
N ASP L 394 60.49 22.52 -48.02
CA ASP L 394 60.22 23.52 -46.94
C ASP L 394 58.78 23.68 -46.54
N ILE L 395 57.97 22.70 -46.93
CA ILE L 395 56.68 22.52 -46.35
C ILE L 395 56.65 21.13 -45.72
N GLY L 396 55.58 20.92 -44.95
CA GLY L 396 55.31 19.68 -44.24
C GLY L 396 55.29 19.84 -42.75
N LYS L 397 54.23 19.23 -42.17
CA LYS L 397 53.99 19.31 -40.70
C LYS L 397 54.15 17.95 -40.06
N ARG L 398 54.64 17.91 -38.82
CA ARG L 398 54.71 16.62 -38.06
C ARG L 398 55.40 15.45 -38.76
N VAL L 399 56.66 15.70 -39.12
CA VAL L 399 57.53 14.75 -39.80
C VAL L 399 58.46 14.15 -38.78
N LYS L 400 58.62 12.83 -38.87
CA LYS L 400 59.42 12.08 -37.91
C LYS L 400 60.24 11.00 -38.60
N PHE L 401 61.50 10.89 -38.19
CA PHE L 401 62.37 9.78 -38.65
C PHE L 401 62.77 9.02 -37.42
N VAL L 402 62.41 7.72 -37.43
CA VAL L 402 62.69 6.80 -36.33
C VAL L 402 63.55 5.66 -36.78
N ARG L 403 64.73 5.62 -36.14
CA ARG L 403 65.74 4.63 -36.36
C ARG L 403 66.07 4.49 -37.83
N CYS L 404 66.24 5.59 -38.52
CA CYS L 404 66.67 5.47 -39.91
C CYS L 404 68.22 5.56 -39.96
N VAL L 405 68.77 5.12 -41.10
CA VAL L 405 70.24 5.12 -41.31
C VAL L 405 70.64 5.54 -42.73
N SER L 406 71.54 6.52 -42.75
CA SER L 406 72.20 6.90 -44.03
C SER L 406 73.70 6.53 -44.14
N TYR L 407 74.01 5.75 -45.18
CA TYR L 407 75.38 5.34 -45.50
C TYR L 407 75.88 6.06 -46.73
N ASP L 408 77.03 6.72 -46.59
CA ASP L 408 77.80 7.24 -47.75
C ASP L 408 77.04 8.16 -48.75
N SER L 409 76.49 9.26 -48.24
CA SER L 409 75.69 10.17 -49.04
C SER L 409 76.61 11.20 -49.63
N ALA L 410 76.37 11.48 -50.90
CA ALA L 410 77.08 12.53 -51.64
C ALA L 410 76.78 13.89 -51.09
N ALA L 411 75.64 14.03 -50.45
CA ALA L 411 75.27 15.23 -49.77
C ALA L 411 75.29 14.97 -48.26
N ALA L 412 74.17 15.22 -47.59
CA ALA L 412 74.01 14.94 -46.15
C ALA L 412 73.32 13.59 -45.92
N GLY L 413 73.40 13.07 -44.69
CA GLY L 413 72.68 11.84 -44.35
C GLY L 413 71.22 12.21 -44.35
N PHE L 414 70.91 13.13 -43.46
CA PHE L 414 69.57 13.68 -43.34
C PHE L 414 69.51 15.18 -43.56
N GLN L 415 68.58 15.57 -44.39
CA GLN L 415 68.34 16.97 -44.66
C GLN L 415 66.90 17.40 -44.33
N ALA L 416 66.82 18.42 -43.47
CA ALA L 416 65.56 18.98 -43.04
C ALA L 416 65.44 20.40 -43.58
N ARG L 417 64.50 20.59 -44.51
CA ARG L 417 64.15 21.92 -44.96
C ARG L 417 62.73 22.44 -44.53
N THR L 418 62.05 21.69 -43.67
CA THR L 418 60.80 22.14 -43.06
C THR L 418 61.00 22.20 -41.55
N ASN L 419 60.15 22.96 -40.89
CA ASN L 419 60.38 23.30 -39.50
C ASN L 419 60.14 22.14 -38.53
N GLY L 420 60.91 22.11 -37.44
CA GLY L 420 60.75 21.07 -36.40
C GLY L 420 60.70 19.57 -36.83
N VAL L 421 61.51 19.12 -37.80
CA VAL L 421 61.58 17.70 -38.08
C VAL L 421 62.22 17.03 -36.89
N GLU L 422 61.72 15.86 -36.52
CA GLU L 422 62.17 15.18 -35.31
C GLU L 422 62.80 13.90 -35.79
N TYR L 423 63.91 13.56 -35.11
CA TYR L 423 64.77 12.44 -35.44
C TYR L 423 65.02 11.63 -34.17
N LEU L 424 64.62 10.37 -34.19
CA LEU L 424 64.83 9.49 -33.06
C LEU L 424 65.78 8.38 -33.43
N ASN L 425 66.91 8.36 -32.72
CA ASN L 425 67.88 7.26 -32.88
C ASN L 425 68.26 6.98 -34.29
N CYS L 426 68.54 8.04 -35.02
CA CYS L 426 68.94 7.91 -36.38
C CYS L 426 70.47 7.98 -36.47
N ARG L 427 70.98 7.48 -37.58
CA ARG L 427 72.38 7.25 -37.78
C ARG L 427 72.72 7.72 -39.20
N ALA L 428 73.75 8.57 -39.22
CA ALA L 428 74.41 8.99 -40.47
C ALA L 428 75.90 8.56 -40.48
N TYR L 429 76.29 7.76 -41.49
CA TYR L 429 77.68 7.30 -41.59
C TYR L 429 78.26 7.90 -42.86
N ARG L 430 79.44 8.50 -42.69
CA ARG L 430 80.35 8.84 -43.81
C ARG L 430 79.67 9.66 -44.88
N ALA L 431 79.04 10.77 -44.51
CA ALA L 431 78.36 11.58 -45.50
C ALA L 431 79.38 12.55 -46.03
N ALA L 432 79.29 12.81 -47.35
CA ALA L 432 80.14 13.82 -48.01
C ALA L 432 80.19 15.17 -47.29
N MET L 433 79.04 15.64 -46.78
CA MET L 433 78.95 16.89 -46.03
C MET L 433 78.67 16.71 -44.52
N ASP L 434 77.42 16.92 -44.10
CA ASP L 434 77.00 16.76 -42.70
C ASP L 434 76.16 15.47 -42.51
N GLY L 435 76.16 14.93 -41.28
CA GLY L 435 75.43 13.72 -41.02
C GLY L 435 73.99 14.10 -41.11
N PHE L 436 73.65 15.11 -40.30
CA PHE L 436 72.31 15.70 -40.20
C PHE L 436 72.39 17.19 -40.41
N ALA L 437 71.63 17.73 -41.33
CA ALA L 437 71.59 19.19 -41.45
C ALA L 437 70.20 19.81 -41.65
N SER L 438 70.11 21.07 -41.24
CA SER L 438 68.98 21.94 -41.62
C SER L 438 69.36 22.67 -42.90
N ASN L 439 68.77 23.81 -43.15
CA ASN L 439 69.11 24.59 -44.31
C ASN L 439 68.54 25.93 -44.12
N THR L 440 68.60 26.75 -45.15
CA THR L 440 68.39 28.20 -45.01
C THR L 440 66.99 28.59 -44.51
N GLY L 441 67.00 29.32 -43.41
CA GLY L 441 65.77 29.73 -42.77
C GLY L 441 64.96 28.64 -42.09
N VAL L 442 65.53 27.44 -41.93
CA VAL L 442 64.84 26.31 -41.33
C VAL L 442 65.08 26.33 -39.83
N ALA L 443 64.00 26.13 -39.09
CA ALA L 443 64.00 26.27 -37.63
C ALA L 443 63.89 24.95 -36.87
N PHE L 444 64.74 24.92 -35.86
CA PHE L 444 64.96 23.86 -34.91
C PHE L 444 64.52 22.43 -35.18
N PRO L 445 65.36 21.69 -35.92
CA PRO L 445 65.17 20.28 -35.99
C PRO L 445 65.48 19.78 -34.61
N ILE L 446 64.97 18.59 -34.28
CA ILE L 446 65.20 18.01 -32.95
C ILE L 446 65.82 16.65 -33.14
N TYR L 447 66.98 16.48 -32.50
CA TYR L 447 67.77 15.26 -32.65
C TYR L 447 67.76 14.55 -31.29
N ARG L 448 67.24 13.33 -31.23
CA ARG L 448 67.21 12.59 -29.98
C ARG L 448 67.98 11.32 -30.11
N GLU L 449 69.12 11.25 -29.43
CA GLU L 449 69.96 10.05 -29.36
C GLU L 449 70.39 9.63 -30.75
N CYS L 450 70.79 10.60 -31.54
CA CYS L 450 71.25 10.30 -32.87
C CYS L 450 72.73 10.11 -32.91
N LEU L 451 73.19 9.41 -33.94
CA LEU L 451 74.60 9.10 -34.12
C LEU L 451 75.10 9.46 -35.51
N ALA L 452 76.21 10.19 -35.46
CA ALA L 452 76.92 10.65 -36.63
C ALA L 452 78.37 10.11 -36.60
N TYR L 453 78.69 9.25 -37.56
CA TYR L 453 80.03 8.65 -37.68
C TYR L 453 80.77 9.00 -38.99
N ASP L 454 81.84 9.76 -38.85
CA ASP L 454 82.84 9.98 -39.95
C ASP L 454 82.27 10.74 -41.15
N ASN L 455 81.45 11.74 -40.86
CA ASN L 455 80.94 12.60 -41.92
C ASN L 455 81.93 13.72 -42.10
N VAL L 456 82.14 14.12 -43.34
CA VAL L 456 83.24 15.03 -43.66
C VAL L 456 83.19 16.29 -42.81
N ARG L 457 82.26 17.18 -43.16
CA ARG L 457 82.13 18.47 -42.48
C ARG L 457 81.64 18.41 -41.03
N SER L 458 80.45 17.89 -40.79
CA SER L 458 80.01 17.81 -39.38
C SER L 458 79.03 16.69 -39.12
N GLY L 459 78.83 16.38 -37.84
CA GLY L 459 77.83 15.38 -37.47
C GLY L 459 76.43 15.94 -37.70
N PHE L 460 76.16 16.96 -36.90
CA PHE L 460 74.95 17.77 -36.93
C PHE L 460 75.26 19.20 -37.32
N ASN L 461 74.71 19.60 -38.45
CA ASN L 461 74.72 21.00 -38.90
C ASN L 461 73.33 21.72 -38.87
N CYS L 462 73.13 22.49 -37.81
CA CYS L 462 71.92 23.25 -37.60
C CYS L 462 72.30 24.68 -37.15
N SER L 463 73.08 25.32 -38.02
CA SER L 463 73.58 26.69 -37.83
C SER L 463 72.74 27.72 -38.62
N TYR L 464 71.73 27.22 -39.35
CA TYR L 464 70.86 28.02 -40.20
C TYR L 464 69.77 28.75 -39.42
N GLY L 465 69.58 28.36 -38.19
CA GLY L 465 68.48 28.92 -37.38
C GLY L 465 68.08 28.01 -36.22
N GLY L 466 69.11 27.55 -35.51
CA GLY L 466 68.98 26.73 -34.31
C GLY L 466 68.81 25.22 -34.44
N GLY L 467 68.93 24.56 -33.29
CA GLY L 467 68.73 23.14 -33.19
C GLY L 467 68.65 22.73 -31.73
N TYR L 468 68.06 21.54 -31.53
CA TYR L 468 67.97 20.88 -30.26
C TYR L 468 68.63 19.53 -30.42
N VAL L 469 69.79 19.39 -29.80
CA VAL L 469 70.67 18.24 -30.03
C VAL L 469 70.78 17.54 -28.68
N TYR L 470 69.92 16.54 -28.50
CA TYR L 470 69.75 15.89 -27.20
C TYR L 470 70.38 14.50 -27.18
N ASP L 471 71.33 14.36 -26.27
CA ASP L 471 72.07 13.13 -26.05
C ASP L 471 72.61 12.46 -27.32
N CYS L 472 73.11 13.24 -28.26
CA CYS L 472 73.60 12.69 -29.52
C CYS L 472 75.09 12.42 -29.48
N GLU L 473 75.58 11.76 -30.51
CA GLU L 473 77.00 11.53 -30.68
C GLU L 473 77.45 11.87 -32.09
N ALA L 474 78.57 12.56 -32.19
CA ALA L 474 79.21 12.80 -33.46
C ALA L 474 80.71 12.50 -33.37
N HIS L 475 81.21 11.67 -34.28
CA HIS L 475 82.62 11.28 -34.30
C HIS L 475 83.18 11.35 -35.70
N GLY L 476 84.39 11.89 -35.79
CA GLY L 476 85.15 11.83 -37.03
C GLY L 476 84.83 12.86 -38.09
N SER L 477 84.45 14.06 -37.67
CA SER L 477 84.15 15.14 -38.61
C SER L 477 85.09 16.27 -38.31
N GLN L 478 85.04 17.33 -39.11
CA GLN L 478 85.78 18.55 -38.74
C GLN L 478 85.21 19.13 -37.46
N ASN L 479 83.88 19.26 -37.40
CA ASN L 479 83.18 19.64 -36.16
C ASN L 479 82.05 18.66 -35.81
N GLY L 480 81.87 18.37 -34.53
CA GLY L 480 80.81 17.48 -34.13
C GLY L 480 79.45 18.08 -34.46
N VAL L 481 79.22 19.23 -33.84
CA VAL L 481 78.04 20.04 -34.07
C VAL L 481 78.37 21.48 -34.53
N ARG L 482 77.71 21.92 -35.59
CA ARG L 482 77.67 23.33 -36.01
C ARG L 482 76.34 23.89 -35.60
N ILE L 483 76.34 24.89 -34.74
CA ILE L 483 75.08 25.38 -34.23
C ILE L 483 75.09 26.89 -33.92
N ASN L 484 74.07 27.61 -34.36
CA ASN L 484 73.96 29.01 -33.97
C ASN L 484 73.17 29.30 -32.69
N GLY L 485 72.33 28.36 -32.24
CA GLY L 485 71.50 28.61 -31.06
C GLY L 485 70.62 27.43 -30.74
N GLY L 486 70.17 27.35 -29.50
CA GLY L 486 69.29 26.26 -29.10
C GLY L 486 69.85 25.51 -27.94
N ARG L 487 69.92 24.17 -28.05
CA ARG L 487 70.53 23.36 -26.97
C ARG L 487 71.27 22.13 -27.39
N VAL L 488 72.43 21.91 -26.76
CA VAL L 488 73.14 20.67 -26.88
C VAL L 488 73.19 20.11 -25.48
N LYS L 489 72.43 19.04 -25.25
CA LYS L 489 72.31 18.52 -23.92
C LYS L 489 72.64 17.04 -23.95
N GLY L 490 73.61 16.67 -23.12
CA GLY L 490 74.11 15.30 -23.04
C GLY L 490 74.79 15.01 -24.35
N GLY L 491 75.09 13.73 -24.58
CA GLY L 491 75.75 13.32 -25.81
C GLY L 491 77.24 13.24 -25.57
N ARG L 492 77.95 12.75 -26.57
CA ARG L 492 79.36 12.40 -26.49
C ARG L 492 80.01 12.69 -27.84
N TYR L 493 81.08 13.47 -27.86
CA TYR L 493 81.76 13.86 -29.12
C TYR L 493 83.23 13.57 -29.03
N THR L 494 83.78 13.07 -30.14
CA THR L 494 85.15 12.57 -30.18
C THR L 494 85.64 12.59 -31.62
N ARG L 495 86.97 12.60 -31.77
CA ARG L 495 87.65 12.66 -33.07
C ARG L 495 87.09 13.74 -34.05
N ASN L 496 87.07 14.97 -33.59
CA ASN L 496 86.72 16.06 -34.47
C ASN L 496 87.86 17.02 -34.51
N SER L 497 88.43 17.11 -35.70
CA SER L 497 89.70 17.75 -35.97
C SER L 497 89.73 19.22 -35.52
N SER L 498 88.71 19.99 -35.85
CA SER L 498 88.62 21.38 -35.42
C SER L 498 88.06 21.59 -33.99
N SER L 499 86.79 21.24 -33.81
CA SER L 499 86.14 21.33 -32.51
C SER L 499 84.99 20.35 -32.44
N HIS L 500 84.60 20.00 -31.23
CA HIS L 500 83.47 19.14 -31.02
C HIS L 500 82.22 19.94 -31.33
N ILE L 501 82.11 21.10 -30.67
CA ILE L 501 81.01 22.03 -30.87
C ILE L 501 81.50 23.34 -31.40
N PHE L 502 80.90 23.72 -32.52
CA PHE L 502 81.32 24.88 -33.27
C PHE L 502 80.12 25.87 -33.30
N VAL L 503 80.24 26.91 -32.48
CA VAL L 503 79.26 27.97 -32.47
C VAL L 503 79.39 28.97 -33.66
N THR L 504 78.57 28.81 -34.68
CA THR L 504 78.68 29.60 -35.90
C THR L 504 77.29 29.94 -36.46
N LYS L 505 77.26 30.47 -37.65
CA LYS L 505 76.03 30.75 -38.36
C LYS L 505 76.28 30.36 -39.77
N ASP L 506 75.19 30.29 -40.54
CA ASP L 506 75.33 29.97 -41.95
C ASP L 506 75.82 31.19 -42.72
N VAL L 507 75.42 32.36 -42.22
CA VAL L 507 75.70 33.64 -42.84
C VAL L 507 75.55 34.62 -41.70
N ALA L 508 76.33 35.69 -41.69
CA ALA L 508 76.34 36.65 -40.56
C ALA L 508 74.96 37.30 -40.35
N GLU L 509 74.25 37.40 -41.47
CA GLU L 509 72.87 37.93 -41.53
C GLU L 509 71.88 37.15 -40.62
N THR L 510 72.16 35.87 -40.34
CA THR L 510 71.36 35.05 -39.42
C THR L 510 71.53 35.56 -37.99
N ALA L 511 70.52 35.35 -37.16
CA ALA L 511 70.55 35.79 -35.79
C ALA L 511 71.18 34.74 -34.90
N GLN L 512 72.05 35.18 -34.01
CA GLN L 512 72.52 34.29 -32.98
C GLN L 512 71.52 34.37 -31.86
N THR L 513 71.22 33.24 -31.22
CA THR L 513 70.25 33.15 -30.10
C THR L 513 70.95 32.38 -28.98
N SER L 514 70.33 32.33 -27.80
CA SER L 514 70.84 31.49 -26.67
C SER L 514 71.14 29.99 -26.97
N LEU L 515 72.29 29.57 -26.47
CA LEU L 515 72.79 28.20 -26.63
C LEU L 515 73.15 27.69 -25.22
N GLU L 516 72.47 26.63 -24.85
CA GLU L 516 72.71 25.93 -23.60
C GLU L 516 73.61 24.72 -23.97
N ILE L 517 74.75 24.58 -23.30
CA ILE L 517 75.59 23.40 -23.45
C ILE L 517 75.70 22.80 -22.06
N ASP L 518 74.96 21.71 -21.85
CA ASP L 518 74.83 21.12 -20.52
C ASP L 518 75.10 19.61 -20.58
N GLY L 519 75.93 19.13 -19.67
CA GLY L 519 76.23 17.68 -19.54
C GLY L 519 76.82 16.93 -20.72
N VAL L 520 77.64 17.59 -21.49
CA VAL L 520 78.18 16.97 -22.69
C VAL L 520 79.56 16.37 -22.41
N SER L 521 79.88 15.28 -23.10
CA SER L 521 81.21 14.68 -23.06
C SER L 521 81.91 15.21 -24.28
N MET L 522 82.75 16.23 -24.06
CA MET L 522 83.61 16.80 -25.13
C MET L 522 85.12 16.59 -24.80
N ARG L 523 85.47 15.40 -24.29
CA ARG L 523 86.85 15.11 -23.87
C ARG L 523 87.90 15.34 -24.97
N TYR L 524 89.12 15.66 -24.56
CA TYR L 524 90.25 15.76 -25.51
C TYR L 524 90.85 14.41 -25.89
N ASP L 525 90.96 14.16 -27.18
CA ASP L 525 91.48 12.89 -27.65
C ASP L 525 92.57 13.05 -28.73
N GLY L 526 93.38 14.10 -28.61
CA GLY L 526 94.46 14.34 -29.56
C GLY L 526 94.10 15.03 -30.88
N THR L 527 92.88 15.57 -30.98
CA THR L 527 92.43 16.24 -32.21
C THR L 527 92.00 17.67 -31.86
N GLY L 528 90.77 18.02 -32.24
CA GLY L 528 90.27 19.37 -32.13
C GLY L 528 89.98 19.71 -30.70
N ARG L 529 89.47 20.92 -30.56
CA ARG L 529 89.14 21.56 -29.28
C ARG L 529 87.66 21.40 -28.91
N ALA L 530 87.31 21.60 -27.64
CA ALA L 530 85.91 21.38 -27.23
C ALA L 530 84.96 22.33 -27.99
N VAL L 531 85.06 23.62 -27.68
CA VAL L 531 84.18 24.64 -28.26
C VAL L 531 84.93 25.64 -29.15
N TYR L 532 84.37 25.96 -30.30
CA TYR L 532 84.95 26.92 -31.25
C TYR L 532 83.95 28.05 -31.51
N PHE L 533 84.31 29.26 -31.08
CA PHE L 533 83.49 30.47 -31.24
C PHE L 533 83.87 31.22 -32.51
N HIS L 534 82.93 31.37 -33.43
CA HIS L 534 83.20 32.00 -34.72
C HIS L 534 82.90 33.50 -34.65
N GLY L 535 83.84 34.27 -34.10
CA GLY L 535 83.74 35.74 -34.12
C GLY L 535 83.56 36.31 -35.54
N THR L 536 84.13 35.65 -36.53
CA THR L 536 84.08 36.15 -37.88
C THR L 536 82.66 36.39 -38.37
N VAL L 537 81.67 35.67 -37.86
CA VAL L 537 80.25 35.87 -38.31
C VAL L 537 79.38 36.56 -37.25
N GLY L 538 80.00 37.01 -36.16
CA GLY L 538 79.34 37.84 -35.16
C GLY L 538 78.92 37.09 -33.91
N ILE L 539 79.60 36.01 -33.56
CA ILE L 539 79.14 35.24 -32.43
C ILE L 539 79.54 35.97 -31.17
N ASP L 540 78.58 36.22 -30.31
CA ASP L 540 78.90 36.71 -28.99
C ASP L 540 78.92 35.52 -28.05
N PRO L 541 80.08 35.24 -27.44
CA PRO L 541 80.24 34.12 -26.50
C PRO L 541 79.42 34.18 -25.21
N THR L 542 79.07 35.35 -24.76
CA THR L 542 78.30 35.47 -23.52
C THR L 542 76.87 34.90 -23.64
N LEU L 543 76.40 34.74 -24.89
CA LEU L 543 75.12 34.09 -25.21
C LEU L 543 75.14 32.55 -25.07
N VAL L 544 76.27 31.99 -24.64
CA VAL L 544 76.40 30.55 -24.41
C VAL L 544 76.56 30.26 -22.92
N SER L 545 75.97 29.15 -22.47
CA SER L 545 76.11 28.73 -21.06
C SER L 545 76.56 27.31 -21.05
N MET L 546 77.76 27.09 -20.52
CA MET L 546 78.33 25.78 -20.49
C MET L 546 78.15 25.37 -19.05
N SER L 547 77.52 24.22 -18.85
CA SER L 547 77.30 23.66 -17.50
C SER L 547 77.60 22.16 -17.46
N ASN L 548 78.22 21.73 -16.37
CA ASN L 548 78.58 20.33 -16.11
C ASN L 548 78.98 19.52 -17.30
N ASN L 549 79.84 20.05 -18.13
CA ASN L 549 80.40 19.26 -19.19
C ASN L 549 81.66 18.52 -18.76
N ASP L 550 82.09 17.61 -19.62
CA ASP L 550 83.34 16.92 -19.46
C ASP L 550 84.22 17.35 -20.61
N MET L 551 85.13 18.27 -20.26
CA MET L 551 86.14 18.85 -21.18
C MET L 551 87.58 18.39 -20.82
N THR L 552 87.63 17.32 -20.04
CA THR L 552 88.88 16.70 -19.62
C THR L 552 89.93 16.50 -20.72
N GLY L 553 91.15 16.94 -20.42
CA GLY L 553 92.32 16.79 -21.27
C GLY L 553 92.64 17.91 -22.24
N HIS L 554 91.85 18.98 -22.22
CA HIS L 554 92.03 20.08 -23.18
C HIS L 554 93.01 21.12 -22.64
N GLY L 555 93.23 21.07 -21.33
CA GLY L 555 94.03 22.08 -20.66
C GLY L 555 93.66 23.50 -21.05
N LEU L 556 94.63 24.31 -21.41
CA LEU L 556 94.38 25.70 -21.78
C LEU L 556 93.66 25.82 -23.14
N PHE L 557 93.56 24.74 -23.88
CA PHE L 557 93.07 24.83 -25.25
C PHE L 557 91.69 24.22 -25.42
N TRP L 558 90.80 24.48 -24.47
CA TRP L 558 89.43 23.99 -24.59
C TRP L 558 88.58 24.86 -25.51
N ALA L 559 88.89 26.14 -25.57
CA ALA L 559 88.25 27.00 -26.54
C ALA L 559 89.10 27.28 -27.78
N LEU L 560 88.41 27.54 -28.89
CA LEU L 560 89.03 27.97 -30.14
C LEU L 560 88.28 29.16 -30.68
N LEU L 561 88.93 30.33 -30.72
CA LEU L 561 88.30 31.58 -31.19
C LEU L 561 88.98 32.10 -32.45
N SER L 562 88.21 32.63 -33.39
CA SER L 562 88.74 33.13 -34.67
C SER L 562 87.83 34.25 -35.15
N GLY L 563 88.40 35.29 -35.76
CA GLY L 563 87.62 36.43 -36.25
C GLY L 563 87.38 37.55 -35.23
N TYR L 564 87.72 37.35 -33.95
CA TYR L 564 87.59 38.45 -32.99
C TYR L 564 88.65 39.51 -33.19
N THR L 565 88.27 40.76 -32.97
CA THR L 565 89.16 41.94 -33.04
C THR L 565 89.40 42.52 -31.62
N VAL L 566 88.44 42.32 -30.75
CA VAL L 566 88.56 42.74 -29.39
C VAL L 566 88.30 41.50 -28.58
N GLN L 567 89.06 41.31 -27.51
CA GLN L 567 88.83 40.17 -26.62
C GLN L 567 87.37 40.09 -26.11
N PRO L 568 86.57 39.10 -26.61
CA PRO L 568 85.18 38.98 -26.18
C PRO L 568 85.09 38.34 -24.81
N THR L 569 84.00 38.61 -24.11
CA THR L 569 83.77 38.05 -22.77
C THR L 569 83.42 36.54 -22.89
N PRO L 570 83.83 35.72 -21.90
CA PRO L 570 83.58 34.31 -22.11
C PRO L 570 82.14 33.94 -21.73
N PRO L 571 81.68 32.78 -22.19
CA PRO L 571 80.35 32.33 -21.81
C PRO L 571 80.27 32.05 -20.34
N ARG L 572 79.05 31.93 -19.84
CA ARG L 572 78.84 31.58 -18.45
C ARG L 572 79.26 30.13 -18.29
N MET L 573 80.03 29.82 -17.25
CA MET L 573 80.47 28.43 -17.07
C MET L 573 80.31 27.95 -15.65
N SER L 574 79.65 26.79 -15.50
CA SER L 574 79.41 26.23 -14.19
C SER L 574 79.92 24.82 -14.13
N ARG L 575 80.69 24.54 -13.07
CA ARG L 575 81.23 23.24 -12.70
C ARG L 575 81.47 22.24 -13.84
N ASN L 576 82.25 22.65 -14.83
CA ASN L 576 82.72 21.76 -15.84
C ASN L 576 83.95 21.00 -15.34
N LEU L 577 84.39 19.99 -16.07
CA LEU L 577 85.58 19.26 -15.69
C LEU L 577 86.59 19.53 -16.77
N LEU L 578 87.80 19.90 -16.34
CA LEU L 578 88.88 20.19 -17.28
C LEU L 578 90.08 19.25 -17.12
N ASP L 579 90.34 18.81 -15.88
CA ASP L 579 91.41 17.87 -15.66
C ASP L 579 90.92 16.82 -14.70
N ASP L 580 91.61 15.68 -14.68
CA ASP L 580 91.24 14.53 -13.84
C ASP L 580 92.31 14.13 -12.80
N THR L 581 93.46 14.82 -12.87
CA THR L 581 94.61 14.61 -11.98
C THR L 581 94.81 15.82 -11.06
N GLY L 582 94.89 15.58 -9.75
CA GLY L 582 95.20 16.67 -8.83
C GLY L 582 94.22 17.81 -8.98
N ILE L 583 92.96 17.45 -8.73
CA ILE L 583 91.77 18.31 -8.86
C ILE L 583 91.01 18.31 -7.52
N ARG L 584 91.47 17.51 -6.58
CA ARG L 584 90.89 17.53 -5.26
C ARG L 584 91.91 17.22 -4.19
N GLY L 585 91.81 17.91 -3.08
CA GLY L 585 92.68 17.64 -1.96
C GLY L 585 92.28 18.34 -0.69
N VAL L 586 93.23 18.38 0.24
CA VAL L 586 93.07 19.05 1.53
C VAL L 586 94.37 19.72 1.92
N ALA L 587 94.32 21.04 2.07
CA ALA L 587 95.47 21.85 2.46
C ALA L 587 95.28 22.31 3.91
N THR L 588 96.40 22.62 4.57
CA THR L 588 96.38 23.16 5.92
C THR L 588 96.97 24.58 5.92
N LEU L 589 96.15 25.54 6.34
CA LEU L 589 96.59 26.92 6.41
C LEU L 589 97.62 27.06 7.53
N VAL L 590 98.45 28.08 7.38
CA VAL L 590 99.48 28.44 8.35
C VAL L 590 99.68 29.94 8.28
N ALA L 591 99.24 30.65 9.32
CA ALA L 591 99.19 32.10 9.30
C ALA L 591 98.26 32.55 8.17
N GLY L 592 97.08 31.95 8.12
CA GLY L 592 96.05 32.33 7.16
C GLY L 592 96.37 32.07 5.70
N GLU L 593 97.39 31.25 5.44
CA GLU L 593 97.81 30.91 4.08
C GLU L 593 98.23 29.44 3.88
N ALA L 594 98.27 29.08 2.60
CA ALA L 594 98.73 27.76 2.15
C ALA L 594 98.80 27.80 0.64
N THR L 595 99.89 27.28 0.12
CA THR L 595 100.10 27.18 -1.32
C THR L 595 99.76 25.74 -1.65
N VAL L 596 98.94 25.55 -2.67
CA VAL L 596 98.57 24.21 -3.07
C VAL L 596 99.01 23.92 -4.49
N ASN L 597 99.48 22.69 -4.68
CA ASN L 597 99.80 22.20 -6.00
C ASN L 597 98.55 21.52 -6.54
N ALA L 598 98.04 22.02 -7.65
CA ALA L 598 96.83 21.47 -8.21
C ALA L 598 96.79 21.88 -9.66
N ARG L 599 95.98 21.17 -10.47
CA ARG L 599 95.91 21.50 -11.90
C ARG L 599 95.01 22.74 -12.19
N VAL L 600 95.18 23.80 -11.41
CA VAL L 600 94.40 25.04 -11.59
C VAL L 600 94.90 25.68 -12.84
N ARG L 601 94.03 26.45 -13.49
CA ARG L 601 94.36 26.96 -14.83
C ARG L 601 93.68 28.28 -15.11
N GLY L 602 93.92 28.81 -16.29
CA GLY L 602 93.42 30.11 -16.65
C GLY L 602 94.29 30.79 -17.67
N ASN L 603 93.75 31.83 -18.28
CA ASN L 603 94.49 32.69 -19.18
C ASN L 603 94.18 34.12 -18.74
N PHE L 604 95.23 34.89 -18.56
CA PHE L 604 95.11 36.30 -18.18
C PHE L 604 95.60 37.21 -19.27
N GLY L 605 96.03 36.62 -20.38
CA GLY L 605 96.48 37.38 -21.50
C GLY L 605 95.36 38.28 -21.98
N SER L 606 95.55 38.82 -23.17
CA SER L 606 94.55 39.72 -23.74
C SER L 606 94.56 39.66 -25.26
N VAL L 607 95.00 38.54 -25.81
CA VAL L 607 94.90 38.32 -27.24
C VAL L 607 93.41 38.48 -27.66
N ALA L 608 93.16 38.93 -28.88
CA ALA L 608 91.77 39.10 -29.33
C ALA L 608 91.05 37.73 -29.32
N ASN L 609 91.64 36.78 -30.01
CA ASN L 609 91.10 35.45 -30.12
C ASN L 609 91.45 34.59 -28.91
N SER L 610 90.99 35.02 -27.76
CA SER L 610 91.20 34.31 -26.52
C SER L 610 90.24 34.83 -25.41
N PHE L 611 90.07 34.07 -24.35
CA PHE L 611 89.19 34.47 -23.24
C PHE L 611 90.06 34.77 -22.08
N LYS L 612 89.55 35.61 -21.21
CA LYS L 612 90.21 35.83 -19.96
C LYS L 612 89.44 34.92 -19.09
N TRP L 613 90.11 34.01 -18.41
CA TRP L 613 89.39 33.08 -17.55
C TRP L 613 90.25 32.44 -16.45
N VAL L 614 89.61 31.65 -15.61
CA VAL L 614 90.37 30.93 -14.63
C VAL L 614 89.50 29.87 -14.02
N SER L 615 90.13 28.81 -13.54
CA SER L 615 89.46 27.73 -12.84
C SER L 615 88.59 28.13 -11.60
N GLU L 616 87.46 27.45 -11.47
CA GLU L 616 86.59 27.62 -10.32
C GLU L 616 87.13 26.65 -9.31
N VAL L 617 87.51 27.16 -8.16
CA VAL L 617 87.98 26.31 -7.12
C VAL L 617 86.99 26.37 -6.00
N LYS L 618 86.42 25.22 -5.65
CA LYS L 618 85.46 25.13 -4.55
C LYS L 618 86.28 24.89 -3.30
N LEU L 619 85.98 25.62 -2.22
CA LEU L 619 86.74 25.48 -0.97
C LEU L 619 85.79 25.27 0.12
N THR L 620 86.06 24.27 0.94
CA THR L 620 85.21 23.95 2.09
C THR L 620 86.08 23.71 3.31
N ARG L 621 85.62 24.12 4.48
CA ARG L 621 86.38 23.96 5.72
C ARG L 621 86.15 22.60 6.39
N LEU L 622 87.24 21.95 6.84
CA LEU L 622 87.19 20.63 7.53
C LEU L 622 87.61 20.62 9.03
N THR L 623 88.31 21.66 9.48
CA THR L 623 88.67 21.87 10.90
C THR L 623 88.17 23.25 11.33
N PHE L 624 87.81 23.39 12.60
CA PHE L 624 87.12 24.62 13.03
C PHE L 624 87.87 25.35 14.13
N PRO L 625 89.01 25.97 13.75
CA PRO L 625 89.76 26.77 14.70
C PRO L 625 89.08 28.13 14.96
N SER L 626 89.31 28.66 16.16
CA SER L 626 88.76 29.94 16.57
C SER L 626 89.24 31.04 15.67
N SER L 627 90.34 30.82 14.96
CA SER L 627 90.81 31.82 14.00
C SER L 627 90.23 31.66 12.58
N ALA L 628 89.13 30.91 12.45
CA ALA L 628 88.45 30.72 11.16
C ALA L 628 88.01 32.02 10.47
N GLY L 629 88.43 32.21 9.21
CA GLY L 629 88.13 33.39 8.43
C GLY L 629 87.68 33.07 7.03
N ALA L 630 87.21 34.10 6.34
CA ALA L 630 86.68 33.97 4.98
C ALA L 630 87.78 33.55 4.03
N LEU L 631 87.54 32.48 3.29
CA LEU L 631 88.56 31.92 2.40
C LEU L 631 88.49 32.50 1.00
N THR L 632 89.62 32.43 0.31
CA THR L 632 89.68 32.91 -1.05
C THR L 632 90.84 32.29 -1.76
N VAL L 633 90.82 32.39 -3.08
CA VAL L 633 91.87 31.89 -3.94
C VAL L 633 92.64 33.06 -4.55
N THR L 634 93.95 32.95 -4.61
CA THR L 634 94.78 33.94 -5.30
C THR L 634 96.10 33.35 -5.72
N SER L 635 96.91 34.20 -6.35
CA SER L 635 98.27 33.86 -6.82
C SER L 635 98.29 32.56 -7.58
N VAL L 636 97.46 32.51 -8.60
CA VAL L 636 97.39 31.35 -9.47
C VAL L 636 98.70 31.41 -10.29
N ALA L 637 99.51 30.35 -10.18
CA ALA L 637 100.79 30.29 -10.87
C ALA L 637 100.83 29.05 -11.72
N GLN L 638 101.08 29.25 -13.02
CA GLN L 638 101.09 28.16 -14.00
C GLN L 638 102.46 27.87 -14.56
N ASN L 639 102.98 26.70 -14.17
CA ASN L 639 104.30 26.23 -14.60
C ASN L 639 104.51 26.40 -16.10
N GLN L 640 105.69 26.82 -16.49
CA GLN L 640 105.98 27.07 -17.92
C GLN L 640 107.22 26.37 -18.47
N ASP L 641 107.55 25.20 -17.91
CA ASP L 641 108.64 24.38 -18.44
C ASP L 641 108.66 24.37 -19.97
N VAL L 642 109.79 23.88 -20.49
CA VAL L 642 109.98 23.77 -21.94
C VAL L 642 110.68 22.42 -22.19
N PRO L 643 110.40 21.78 -23.35
CA PRO L 643 109.48 22.21 -24.41
C PRO L 643 108.01 22.14 -24.02
N THR L 644 107.64 21.21 -23.12
CA THR L 644 106.24 21.06 -22.71
C THR L 644 105.99 21.28 -21.21
N PRO L 645 105.08 22.22 -20.86
CA PRO L 645 104.81 22.60 -19.45
C PRO L 645 104.32 21.43 -18.62
N ASN L 646 104.54 21.49 -17.32
CA ASN L 646 104.03 20.44 -16.46
C ASN L 646 102.96 20.94 -15.50
N PRO L 647 101.68 20.77 -15.87
CA PRO L 647 100.55 21.30 -15.10
C PRO L 647 100.46 20.84 -13.65
N ASP L 648 101.13 19.74 -13.29
CA ASP L 648 101.10 19.22 -11.90
C ASP L 648 101.83 20.18 -10.97
N LEU L 649 102.65 21.06 -11.55
CA LEU L 649 103.41 22.06 -10.81
C LEU L 649 102.76 23.43 -10.86
N ASN L 650 101.57 23.50 -11.42
CA ASN L 650 100.74 24.70 -11.29
C ASN L 650 100.36 24.82 -9.81
N SER L 651 99.98 26.02 -9.40
CA SER L 651 99.66 26.22 -8.00
C SER L 651 98.77 27.42 -7.78
N PHE L 652 98.13 27.40 -6.62
CA PHE L 652 97.23 28.46 -6.17
C PHE L 652 97.36 28.63 -4.65
N VAL L 653 96.88 29.77 -4.15
CA VAL L 653 97.03 30.11 -2.75
C VAL L 653 95.73 30.42 -2.04
N ILE L 654 95.47 29.61 -1.03
CA ILE L 654 94.29 29.76 -0.22
C ILE L 654 94.61 30.75 0.88
N ARG L 655 94.08 31.98 0.78
CA ARG L 655 94.28 32.99 1.84
C ARG L 655 93.00 33.20 2.69
N SER L 656 93.17 33.16 4.00
CA SER L 656 92.06 33.43 4.93
C SER L 656 92.02 34.96 5.23
N SER L 657 90.85 35.51 5.61
CA SER L 657 90.73 36.96 5.97
C SER L 657 91.17 37.22 7.42
N ASN L 658 91.29 36.14 8.18
CA ASN L 658 91.94 36.15 9.48
C ASN L 658 93.36 35.70 9.16
N ALA L 659 94.37 36.49 9.53
CA ALA L 659 95.77 36.10 9.32
C ALA L 659 96.30 35.09 10.38
N ALA L 660 95.49 34.72 11.36
CA ALA L 660 95.86 33.67 12.32
C ALA L 660 95.31 32.28 11.95
N ASP L 661 94.49 32.22 10.90
CA ASP L 661 93.83 30.99 10.41
C ASP L 661 94.81 29.81 10.26
N VAL L 662 94.39 28.65 10.80
CA VAL L 662 95.12 27.37 10.67
C VAL L 662 94.22 26.20 10.19
N SER L 663 93.11 26.58 9.56
CA SER L 663 92.07 25.65 9.14
C SER L 663 92.55 24.69 8.10
N GLN L 664 91.97 23.48 8.12
CA GLN L 664 92.16 22.55 7.03
C GLN L 664 91.05 22.82 5.99
N VAL L 665 91.50 23.04 4.76
CA VAL L 665 90.61 23.36 3.66
C VAL L 665 90.61 22.33 2.54
N ALA L 666 89.42 21.81 2.24
CA ALA L 666 89.21 20.90 1.14
C ALA L 666 88.93 21.72 -0.10
N TRP L 667 89.61 21.39 -1.17
CA TRP L 667 89.52 22.16 -2.41
C TRP L 667 89.19 21.21 -3.53
N GLU L 668 88.51 21.72 -4.55
CA GLU L 668 88.14 20.94 -5.73
C GLU L 668 88.34 21.88 -6.90
N VAL L 669 88.69 21.36 -8.05
CA VAL L 669 88.98 22.25 -9.18
C VAL L 669 88.04 21.96 -10.33
N TYR L 670 87.28 22.99 -10.71
CA TYR L 670 86.33 22.90 -11.81
C TYR L 670 86.74 23.85 -12.93
N LEU L 671 85.84 24.05 -13.87
CA LEU L 671 85.89 25.12 -14.86
C LEU L 671 84.44 25.78 -14.93
C1 CIT M . 17.16 -15.24 -28.90
O1 CIT M . 18.08 -14.68 -29.54
O2 CIT M . 16.96 -15.14 -27.68
C2 CIT M . 16.19 -16.14 -29.64
C3 CIT M . 15.01 -15.31 -30.16
O7 CIT M . 15.52 -14.36 -31.05
C4 CIT M . 14.17 -16.33 -30.97
C5 CIT M . 12.97 -15.79 -31.74
O3 CIT M . 13.12 -15.74 -32.99
O4 CIT M . 11.90 -15.59 -31.09
C6 CIT M . 14.23 -14.60 -28.97
O5 CIT M . 13.24 -15.17 -28.46
O6 CIT M . 14.64 -13.46 -28.60
C1 CIT N . 17.61 2.90 -31.28
O1 CIT N . 17.22 3.09 -32.46
O2 CIT N . 16.86 2.79 -30.31
C2 CIT N . 19.13 2.65 -30.98
C3 CIT N . 19.75 3.73 -30.08
O7 CIT N . 18.76 4.04 -29.11
C4 CIT N . 21.03 3.22 -29.37
C5 CIT N . 21.20 3.65 -27.88
O3 CIT N . 20.61 2.97 -27.05
O4 CIT N . 21.96 4.59 -27.56
C6 CIT N . 20.16 4.93 -30.99
O5 CIT N . 19.47 5.98 -31.00
O6 CIT N . 21.17 4.74 -31.69
C1 CIT O . -32.14 1.22 -18.95
O1 CIT O . -33.25 1.66 -18.60
O2 CIT O . -31.11 1.90 -19.19
C2 CIT O . -32.04 -0.31 -19.07
C3 CIT O . -32.22 -1.02 -17.71
O7 CIT O . -33.62 -1.14 -17.50
C4 CIT O . -31.54 -2.44 -17.67
C5 CIT O . -32.43 -3.67 -17.35
O3 CIT O . -33.50 -3.84 -17.99
O4 CIT O . -31.95 -4.47 -16.50
C6 CIT O . -31.55 -0.18 -16.58
O5 CIT O . -32.29 0.25 -15.71
O6 CIT O . -30.32 -0.04 -16.60
C1 CIT P . -36.35 10.56 -0.12
O1 CIT P . -36.79 9.76 0.71
O2 CIT P . -36.01 11.69 0.15
C2 CIT P . -36.30 10.13 -1.55
C3 CIT P . -35.50 11.10 -2.37
O7 CIT P . -35.98 12.41 -2.04
C4 CIT P . -34.01 10.88 -1.98
C5 CIT P . -33.08 12.09 -2.29
O3 CIT P . -32.10 11.94 -3.04
O4 CIT P . -33.31 13.16 -1.73
C6 CIT P . -35.78 10.86 -3.92
O5 CIT P . -35.92 11.87 -4.64
O6 CIT P . -35.92 9.69 -4.39
C1 CIT Q . -9.02 -32.91 13.80
O1 CIT Q . -9.72 -31.90 14.01
O2 CIT Q . -8.08 -33.29 14.53
C2 CIT Q . -9.32 -33.79 12.53
C3 CIT Q . -8.02 -34.31 11.87
O7 CIT Q . -7.44 -35.18 12.85
C4 CIT Q . -8.38 -35.14 10.58
C5 CIT Q . -7.25 -35.69 9.62
O3 CIT Q . -7.16 -35.19 8.45
O4 CIT Q . -6.56 -36.65 10.05
C6 CIT Q . -7.09 -33.07 11.48
O5 CIT Q . -7.24 -32.57 10.33
O6 CIT Q . -6.30 -32.62 12.36
C CO3 R . -1.46 -25.76 23.74
O1 CO3 R . -2.19 -25.37 22.78
O2 CO3 R . -2.06 -25.88 24.85
O3 CO3 R . -0.20 -26.05 23.59
C1 CIT S . 19.22 -48.73 72.82
O1 CIT S . 19.80 -48.00 71.98
O2 CIT S . 19.53 -48.78 74.04
C2 CIT S . 18.04 -49.64 72.34
C3 CIT S . 16.92 -48.76 71.82
O7 CIT S . 17.27 -48.28 70.53
C4 CIT S . 15.58 -49.46 71.73
C5 CIT S . 14.32 -48.55 71.95
O3 CIT S . 13.28 -49.17 72.10
O4 CIT S . 14.36 -47.31 71.95
C6 CIT S . 16.76 -47.63 72.78
O5 CIT S . 17.15 -46.53 72.36
O6 CIT S . 16.22 -47.89 73.87
C1 CIT T . -34.31 -33.16 74.39
O1 CIT T . -35.13 -32.57 73.68
O2 CIT T . -34.62 -33.74 75.48
C2 CIT T . -32.82 -33.08 73.93
C3 CIT T . -32.70 -33.28 72.41
O7 CIT T . -33.53 -32.41 71.68
C4 CIT T . -31.34 -32.93 71.93
C5 CIT T . -31.24 -32.72 70.41
O3 CIT T . -31.90 -33.43 69.60
O4 CIT T . -30.40 -31.86 70.11
C6 CIT T . -32.99 -34.72 72.07
O5 CIT T . -33.92 -34.90 71.25
O6 CIT T . -32.25 -35.61 72.60
C1 CIT U . 9.01 -28.86 23.78
O1 CIT U . 9.67 -29.03 22.67
O2 CIT U . 9.46 -28.66 24.96
C2 CIT U . 7.46 -28.93 23.75
C3 CIT U . 6.83 -28.19 22.54
O7 CIT U . 7.60 -28.50 21.35
C4 CIT U . 5.33 -28.58 22.46
C5 CIT U . 4.93 -30.04 22.51
O3 CIT U . 4.41 -30.59 21.50
O4 CIT U . 5.11 -30.54 23.62
C6 CIT U . 6.76 -26.62 22.58
O5 CIT U . 6.78 -26.05 21.47
O6 CIT U . 6.54 -25.98 23.63
C1 CIT V . -1.68 -16.02 34.54
O1 CIT V . -2.64 -16.82 34.67
O2 CIT V . -1.13 -15.72 33.45
C2 CIT V . -1.13 -15.40 35.83
C3 CIT V . 0.23 -16.04 36.18
O7 CIT V . 0.95 -16.21 34.98
C4 CIT V . 0.96 -15.02 37.08
C5 CIT V . 2.10 -15.57 37.96
O3 CIT V . 1.86 -16.38 38.91
O4 CIT V . 3.20 -15.05 37.69
C6 CIT V . 0.08 -17.46 36.78
O5 CIT V . 0.38 -18.40 36.02
O6 CIT V . -0.29 -17.57 37.98
C1 CIT W . -46.83 56.93 -47.79
O1 CIT W . -47.60 56.26 -48.55
O2 CIT W . -46.60 58.15 -47.87
C2 CIT W . -45.99 56.16 -46.73
C3 CIT W . -46.09 56.66 -45.25
O7 CIT W . -47.37 57.26 -45.05
C4 CIT W . -45.91 55.45 -44.27
C5 CIT W . -44.65 55.47 -43.42
O3 CIT W . -43.66 54.96 -43.95
O4 CIT W . -44.69 55.93 -42.28
C6 CIT W . -45.01 57.68 -44.91
O5 CIT W . -44.19 58.02 -45.79
O6 CIT W . -44.98 58.07 -43.73
C CO3 X . -30.83 13.28 -9.62
O1 CO3 X . -31.15 14.18 -10.48
O2 CO3 X . -29.77 12.60 -9.80
O3 CO3 X . -31.55 13.07 -8.59
C1 CIT Y . -24.11 25.05 -7.05
O1 CIT Y . -23.66 25.44 -8.17
O2 CIT Y . -23.53 24.26 -6.26
C2 CIT Y . -25.54 25.50 -6.62
C3 CIT Y . -26.06 26.88 -7.17
O7 CIT Y . -25.95 26.97 -8.63
C4 CIT Y . -27.53 27.07 -6.68
C5 CIT Y . -27.98 28.54 -6.56
O3 CIT Y . -28.43 29.03 -7.61
O4 CIT Y . -27.89 29.15 -5.47
C6 CIT Y . -25.20 27.94 -6.56
O5 CIT Y . -24.58 28.67 -7.35
O6 CIT Y . -25.15 27.98 -5.32
C1 CIT Z . -72.50 52.90 1.71
O1 CIT Z . -73.65 52.42 1.67
O2 CIT Z . -72.23 54.04 2.15
C2 CIT Z . -71.31 52.05 1.16
C3 CIT Z . -71.40 51.79 -0.37
O7 CIT Z . -72.09 52.79 -1.06
C4 CIT Z . -70.02 51.82 -0.97
C5 CIT Z . -70.02 51.94 -2.53
O3 CIT Z . -70.75 51.17 -3.25
O4 CIT Z . -69.22 52.82 -2.94
C6 CIT Z . -72.07 50.43 -0.64
O5 CIT Z . -72.96 50.41 -1.51
O6 CIT Z . -71.63 49.45 -0.01
C1 CIT AA . 80.68 -21.00 -25.93
O1 CIT AA . 80.75 -20.92 -27.17
O2 CIT AA . 80.75 -22.03 -25.24
C2 CIT AA . 80.50 -19.68 -25.18
C3 CIT AA . 79.24 -19.68 -24.29
O7 CIT AA . 79.36 -20.77 -23.39
C4 CIT AA . 79.29 -18.35 -23.51
C5 CIT AA . 78.45 -18.20 -22.24
O3 CIT AA . 77.39 -17.55 -22.35
O4 CIT AA . 78.99 -18.64 -21.21
C6 CIT AA . 77.91 -19.77 -25.12
O5 CIT AA . 78.00 -19.86 -26.35
O6 CIT AA . 76.82 -19.72 -24.50
C1 CIT BA . 23.05 5.47 -30.90
O1 CIT BA . 22.57 6.57 -31.30
O2 CIT BA . 24.21 5.15 -31.02
C2 CIT BA . 22.15 4.48 -30.15
C3 CIT BA . 21.43 3.53 -31.11
O7 CIT BA . 22.37 3.11 -32.09
C4 CIT BA . 21.01 2.24 -30.38
C5 CIT BA . 21.33 0.99 -31.25
O3 CIT BA . 20.45 0.11 -31.40
O4 CIT BA . 22.45 0.99 -31.75
C6 CIT BA . 20.13 4.31 -31.56
O5 CIT BA . 20.09 5.01 -32.61
O6 CIT BA . 19.18 4.23 -30.74
C CO3 CA . 24.06 -3.00 -25.07
O1 CO3 CA . 23.87 -2.15 -26.01
O2 CO3 CA . 23.08 -3.40 -24.39
O3 CO3 CA . 25.23 -3.46 -24.78
C1 CIT DA . 31.21 4.36 -16.31
O1 CIT DA . 30.96 3.56 -17.22
O2 CIT DA . 30.37 4.56 -15.39
C2 CIT DA . 32.58 5.22 -16.30
C3 CIT DA . 33.89 4.57 -16.93
O7 CIT DA . 33.72 4.46 -18.36
C4 CIT DA . 35.10 5.53 -16.75
C5 CIT DA . 36.04 5.52 -18.02
O3 CIT DA . 35.82 4.67 -18.94
O4 CIT DA . 36.95 6.39 -18.08
C6 CIT DA . 34.21 3.20 -16.25
O5 CIT DA . 34.01 2.12 -16.88
O6 CIT DA . 34.64 3.25 -15.08
C1 CIT EA . 65.73 22.42 -56.65
O1 CIT EA . 65.09 22.26 -57.72
O2 CIT EA . 66.75 23.10 -56.54
C2 CIT EA . 65.24 21.77 -55.33
C3 CIT EA . 65.83 20.38 -55.15
O7 CIT EA . 67.23 20.45 -55.22
C4 CIT EA . 65.47 19.80 -53.80
C5 CIT EA . 66.26 18.48 -53.46
O3 CIT EA . 66.05 17.44 -54.17
O4 CIT EA . 67.02 18.56 -52.45
C6 CIT EA . 65.31 19.44 -56.21
O5 CIT EA . 64.16 19.66 -56.65
O6 CIT EA . 66.05 18.46 -56.50
#